data_4FMI
#
_entry.id   4FMI
#
_cell.length_a   85.040
_cell.length_b   85.700
_cell.length_c   248.730
_cell.angle_alpha   93.02
_cell.angle_beta   100.41
_cell.angle_gamma   108.07
#
_symmetry.space_group_name_H-M   'P 1'
#
loop_
_entity.id
_entity.type
_entity.pdbx_description
1 polymer VP1
2 branched 'N-acetyl-alpha-neuraminic acid-(2-3)-beta-D-galactopyranose-(1-4)-2-acetamido-2-deoxy-beta-D-glucopyranose'
3 branched 'N-acetyl-alpha-neuraminic acid-(2-3)-beta-D-galactopyranose'
4 non-polymer GLYCEROL
5 non-polymer 'CHLORIDE ION'
6 non-polymer 'N-acetyl-alpha-neuraminic acid'
7 water water
#
_entity_poly.entity_id   1
_entity_poly.type   'polypeptide(L)'
_entity_poly.pdbx_seq_one_letter_code
;GSHMLEGGVEVLSVVTGEDSITQIELYLNPRMGVNSPDLPTTSNWYTYTYDLQPKGSSPDQPIKENLPAYSVARVSLPML
NEDITCDTLQMWEAISVKTEVVGISSLINVHYWDMKRVHDYGAGIPVSGVNYHMFAIGGEPLDLQGLVLDYQTQYPKTTN
GGPITIETVLGRKMTPKNQGLDPQAKAKLDKDGNYPIEVWCPDPSKNENSRYYGSIQTGSQTPTVLQFSNTLTTVLLDEN
GVGPLCKGDGLFISCADIVGFLFKTSGKMALHGLPRYFNVTLRKRWVKN
;
_entity_poly.pdbx_strand_id   A,B,C,D,E,F,G,H,I,J,K,L,M,N,O,P,Q,R,S,T
#
# COMPACT_ATOMS: atom_id res chain seq x y z
N GLU A 10 47.90 69.27 -15.63
CA GLU A 10 47.61 68.07 -14.80
C GLU A 10 46.93 66.97 -15.62
N VAL A 11 47.46 65.75 -15.49
CA VAL A 11 46.93 64.59 -16.20
C VAL A 11 45.94 63.84 -15.29
N LEU A 12 44.72 63.68 -15.75
CA LEU A 12 43.69 62.96 -14.99
C LEU A 12 43.54 61.52 -15.47
N SER A 13 42.31 61.02 -15.50
CA SER A 13 42.03 59.63 -15.79
C SER A 13 41.91 59.34 -17.28
N VAL A 14 42.23 58.11 -17.65
CA VAL A 14 42.03 57.61 -19.01
C VAL A 14 40.54 57.55 -19.34
N VAL A 15 40.16 58.08 -20.49
CA VAL A 15 38.76 58.08 -20.95
C VAL A 15 38.27 56.65 -21.18
N THR A 16 37.09 56.34 -20.64
CA THR A 16 36.44 55.05 -20.90
C THR A 16 35.26 55.26 -21.85
N GLY A 17 35.02 54.26 -22.69
CA GLY A 17 33.89 54.32 -23.61
C GLY A 17 34.14 53.63 -24.93
N GLU A 18 33.16 53.74 -25.83
CA GLU A 18 33.13 53.02 -27.10
C GLU A 18 34.34 53.26 -28.02
N ASP A 19 34.61 54.52 -28.36
CA ASP A 19 35.62 54.83 -29.37
C ASP A 19 36.84 55.56 -28.80
N SER A 20 37.37 55.06 -27.68
CA SER A 20 38.43 55.77 -26.96
C SER A 20 39.84 55.53 -27.50
N ILE A 21 40.02 54.47 -28.29
CA ILE A 21 41.34 54.13 -28.85
C ILE A 21 41.34 54.28 -30.38
N THR A 22 42.35 54.96 -30.90
CA THR A 22 42.54 55.08 -32.34
C THR A 22 43.94 54.70 -32.80
N GLN A 23 44.06 54.33 -34.07
CA GLN A 23 45.35 53.98 -34.63
C GLN A 23 45.72 54.90 -35.79
N ILE A 24 46.95 55.43 -35.74
CA ILE A 24 47.49 56.30 -36.78
C ILE A 24 48.63 55.61 -37.52
N GLU A 25 48.52 55.57 -38.84
CA GLU A 25 49.44 54.87 -39.70
C GLU A 25 50.08 55.86 -40.68
N LEU A 26 51.40 55.80 -40.82
CA LEU A 26 52.11 56.59 -41.84
C LEU A 26 53.52 56.07 -42.12
N TYR A 27 54.08 56.53 -43.24
CA TYR A 27 55.47 56.30 -43.57
C TYR A 27 56.16 57.63 -43.91
N LEU A 28 57.48 57.65 -43.75
CA LEU A 28 58.28 58.82 -44.10
C LEU A 28 59.44 58.42 -44.99
N ASN A 29 59.51 59.05 -46.17
CA ASN A 29 60.63 58.85 -47.09
C ASN A 29 61.87 59.64 -46.65
N PRO A 30 63.08 59.08 -46.89
CA PRO A 30 64.29 59.66 -46.36
C PRO A 30 64.67 60.98 -47.03
N ARG A 31 65.28 61.88 -46.26
CA ARG A 31 65.65 63.20 -46.75
C ARG A 31 67.17 63.40 -46.70
N MET A 32 67.86 62.65 -47.56
CA MET A 32 69.32 62.56 -47.55
C MET A 32 70.05 63.75 -48.19
N GLY A 33 69.35 64.53 -49.01
CA GLY A 33 69.97 65.63 -49.74
C GLY A 33 69.26 65.86 -51.06
N VAL A 34 69.16 64.80 -51.86
CA VAL A 34 68.23 64.79 -52.98
C VAL A 34 66.92 64.30 -52.41
N ASN A 35 66.04 65.23 -52.09
CA ASN A 35 64.90 64.97 -51.22
C ASN A 35 63.60 64.62 -51.95
N SER A 36 63.56 64.89 -53.24
CA SER A 36 62.35 64.71 -54.03
C SER A 36 62.58 63.78 -55.21
N PRO A 37 61.61 62.88 -55.48
CA PRO A 37 61.65 62.02 -56.65
C PRO A 37 61.12 62.71 -57.91
N ASP A 38 60.68 63.97 -57.78
CA ASP A 38 59.90 64.64 -58.83
C ASP A 38 60.63 65.77 -59.57
N LEU A 39 61.96 65.71 -59.60
CA LEU A 39 62.78 66.79 -60.20
C LEU A 39 63.16 66.48 -61.65
N PRO A 40 63.38 67.54 -62.46
CA PRO A 40 63.68 67.41 -63.90
C PRO A 40 64.75 66.37 -64.25
N THR A 41 65.90 66.41 -63.60
CA THR A 41 67.05 65.58 -63.97
C THR A 41 67.95 65.09 -62.82
N THR A 42 67.64 65.51 -61.59
CA THR A 42 68.49 65.17 -60.45
C THR A 42 67.87 64.12 -59.51
N SER A 43 66.62 63.75 -59.76
CA SER A 43 65.90 62.81 -58.91
C SER A 43 66.41 61.37 -58.98
N ASN A 44 67.28 61.07 -59.94
CA ASN A 44 67.89 59.75 -60.05
CA ASN A 44 67.87 59.74 -60.02
C ASN A 44 68.66 59.39 -58.76
N TRP A 45 69.04 60.42 -58.00
CA TRP A 45 69.78 60.27 -56.74
C TRP A 45 68.91 60.45 -55.50
N TYR A 46 67.59 60.49 -55.69
CA TYR A 46 66.63 60.53 -54.58
C TYR A 46 66.93 59.40 -53.61
N THR A 47 66.94 59.74 -52.31
CA THR A 47 67.34 58.88 -51.18
C THR A 47 68.86 58.73 -50.98
N TYR A 48 69.63 59.55 -51.71
CA TYR A 48 71.08 59.60 -51.56
C TYR A 48 71.56 61.05 -51.39
N THR A 49 72.83 61.19 -50.97
CA THR A 49 73.55 62.47 -51.08
C THR A 49 74.22 62.58 -52.45
N TYR A 50 74.90 63.70 -52.68
CA TYR A 50 75.91 63.79 -53.73
C TYR A 50 77.21 63.18 -53.18
N ASP A 51 78.35 63.42 -53.82
CA ASP A 51 79.57 62.76 -53.36
C ASP A 51 80.21 63.48 -52.20
N LEU A 52 80.50 62.74 -51.14
CA LEU A 52 81.09 63.33 -49.94
C LEU A 52 82.61 63.30 -50.01
N GLN A 53 83.21 64.46 -49.85
CA GLN A 53 84.64 64.68 -50.10
C GLN A 53 85.17 65.81 -49.23
N PRO A 54 86.13 65.49 -48.35
CA PRO A 54 86.87 66.55 -47.68
C PRO A 54 87.58 67.36 -48.77
N LYS A 55 87.45 68.69 -48.71
CA LYS A 55 87.98 69.56 -49.75
C LYS A 55 89.51 69.56 -49.81
N GLY A 56 90.15 69.45 -48.66
CA GLY A 56 91.61 69.58 -48.59
C GLY A 56 92.07 71.01 -48.37
N SER A 57 91.12 71.95 -48.35
N SER A 57 91.12 71.95 -48.35
CA SER A 57 91.40 73.35 -48.05
CA SER A 57 91.38 73.36 -48.07
C SER A 57 90.19 73.97 -47.34
C SER A 57 90.19 73.97 -47.32
N SER A 58 90.45 75.04 -46.56
CA SER A 58 89.42 75.63 -45.68
C SER A 58 88.82 76.93 -46.22
N PRO A 59 87.55 77.23 -45.85
CA PRO A 59 86.64 76.41 -45.04
C PRO A 59 85.85 75.39 -45.86
N ASP A 60 85.28 74.41 -45.17
CA ASP A 60 84.29 73.53 -45.75
C ASP A 60 83.04 74.36 -46.09
N GLN A 61 82.51 74.14 -47.29
CA GLN A 61 81.29 74.81 -47.72
C GLN A 61 80.35 73.72 -48.25
N PRO A 62 79.73 72.96 -47.34
CA PRO A 62 78.97 71.78 -47.80
C PRO A 62 77.71 72.19 -48.58
N ILE A 63 77.37 71.44 -49.61
CA ILE A 63 76.16 71.69 -50.37
C ILE A 63 74.95 70.99 -49.73
N LYS A 64 73.75 71.52 -49.95
CA LYS A 64 72.55 70.98 -49.33
C LYS A 64 72.28 69.52 -49.71
N GLU A 65 72.76 69.10 -50.90
CA GLU A 65 72.64 67.69 -51.35
C GLU A 65 73.53 66.75 -50.52
N ASN A 66 74.49 67.30 -49.79
CA ASN A 66 75.40 66.52 -48.96
C ASN A 66 75.11 66.62 -47.44
N LEU A 67 73.92 67.11 -47.11
CA LEU A 67 73.48 67.24 -45.71
C LEU A 67 72.17 66.47 -45.45
N PRO A 68 72.27 65.16 -45.14
CA PRO A 68 71.06 64.42 -44.77
C PRO A 68 70.34 65.11 -43.62
N ALA A 69 69.01 65.16 -43.71
CA ALA A 69 68.20 65.88 -42.73
C ALA A 69 67.14 64.95 -42.14
N TYR A 70 66.58 65.36 -40.99
CA TYR A 70 65.51 64.61 -40.33
C TYR A 70 64.21 64.68 -41.14
N SER A 71 63.51 63.55 -41.21
CA SER A 71 62.13 63.45 -41.68
C SER A 71 61.22 63.84 -40.54
N VAL A 72 60.14 64.55 -40.84
CA VAL A 72 59.14 64.90 -39.82
C VAL A 72 57.77 65.06 -40.45
N ALA A 73 56.75 64.59 -39.73
CA ALA A 73 55.37 64.78 -40.12
C ALA A 73 54.56 65.08 -38.88
N ARG A 74 53.62 66.01 -39.04
CA ARG A 74 52.57 66.21 -38.05
C ARG A 74 51.28 65.60 -38.60
N VAL A 75 50.75 64.60 -37.90
CA VAL A 75 49.47 64.00 -38.26
C VAL A 75 48.32 64.65 -37.48
N SER A 76 47.27 65.00 -38.21
CA SER A 76 46.07 65.55 -37.59
C SER A 76 45.27 64.38 -37.01
N LEU A 77 44.90 64.51 -35.75
CA LEU A 77 44.09 63.50 -35.08
C LEU A 77 42.66 64.04 -34.95
N PRO A 78 41.66 63.13 -34.92
CA PRO A 78 40.27 63.57 -34.78
C PRO A 78 40.09 64.56 -33.63
N MET A 79 39.32 65.61 -33.88
CA MET A 79 39.03 66.63 -32.87
C MET A 79 38.27 65.99 -31.70
N LEU A 80 38.51 66.52 -30.50
CA LEU A 80 37.95 65.92 -29.27
C LEU A 80 37.07 66.87 -28.48
N ASN A 81 37.38 68.16 -28.55
CA ASN A 81 36.71 69.17 -27.73
C ASN A 81 36.00 70.23 -28.56
N THR A 88 39.32 71.87 -18.36
CA THR A 88 39.31 70.40 -18.43
C THR A 88 38.91 69.92 -19.83
N LEU A 89 39.85 69.23 -20.49
CA LEU A 89 39.65 68.78 -21.87
C LEU A 89 40.16 67.35 -22.04
N GLN A 90 39.82 66.73 -23.17
CA GLN A 90 40.41 65.46 -23.58
C GLN A 90 41.59 65.68 -24.53
N MET A 91 42.58 64.80 -24.46
CA MET A 91 43.72 64.82 -25.37
C MET A 91 44.05 63.40 -25.81
N TRP A 92 44.52 63.25 -27.04
CA TRP A 92 45.08 61.96 -27.46
C TRP A 92 46.43 61.72 -26.78
N GLU A 93 46.62 60.50 -26.32
CA GLU A 93 47.83 60.08 -25.64
C GLU A 93 48.45 58.92 -26.43
N ALA A 94 49.66 59.12 -26.92
CA ALA A 94 50.36 58.06 -27.64
C ALA A 94 50.86 57.04 -26.62
N ILE A 95 50.49 55.78 -26.80
CA ILE A 95 50.80 54.77 -25.79
C ILE A 95 51.76 53.69 -26.29
N SER A 96 51.74 53.45 -27.59
CA SER A 96 52.64 52.47 -28.21
C SER A 96 52.86 52.73 -29.71
N VAL A 97 53.96 52.21 -30.24
CA VAL A 97 54.22 52.32 -31.68
C VAL A 97 54.88 51.05 -32.23
N LYS A 98 54.43 50.63 -33.40
CA LYS A 98 55.18 49.68 -34.20
C LYS A 98 55.87 50.49 -35.29
N THR A 99 57.19 50.45 -35.30
CA THR A 99 57.97 51.12 -36.33
C THR A 99 58.96 50.19 -37.02
N GLU A 100 59.20 50.44 -38.31
CA GLU A 100 60.07 49.57 -39.11
C GLU A 100 60.75 50.37 -40.21
N VAL A 101 62.04 50.09 -40.42
CA VAL A 101 62.75 50.58 -41.60
C VAL A 101 62.40 49.68 -42.79
N VAL A 102 61.88 50.28 -43.85
CA VAL A 102 61.44 49.57 -45.06
C VAL A 102 62.53 49.57 -46.15
N GLY A 103 62.57 48.50 -46.94
CA GLY A 103 63.53 48.37 -48.03
C GLY A 103 64.90 47.83 -47.63
N ILE A 104 64.99 47.27 -46.44
CA ILE A 104 66.27 46.73 -45.97
C ILE A 104 66.83 45.69 -46.96
N SER A 105 65.97 44.83 -47.48
CA SER A 105 66.36 43.78 -48.44
C SER A 105 67.02 44.31 -49.73
N SER A 106 66.76 45.57 -50.08
CA SER A 106 67.31 46.19 -51.29
C SER A 106 68.83 46.29 -51.23
N LEU A 107 69.37 46.23 -50.01
CA LEU A 107 70.78 46.44 -49.76
C LEU A 107 71.62 45.20 -50.00
N ILE A 108 71.00 44.09 -50.37
CA ILE A 108 71.77 42.91 -50.83
C ILE A 108 72.33 43.09 -52.24
N ASN A 109 71.91 44.14 -52.94
CA ASN A 109 72.35 44.42 -54.31
C ASN A 109 73.82 44.80 -54.34
N VAL A 110 74.66 43.89 -54.85
CA VAL A 110 76.09 44.12 -54.99
C VAL A 110 76.49 44.25 -56.48
N HIS A 111 75.55 44.72 -57.28
CA HIS A 111 75.76 44.87 -58.73
C HIS A 111 75.13 46.14 -59.30
N TYR A 112 75.16 47.21 -58.52
CA TYR A 112 74.92 48.55 -59.06
C TYR A 112 75.94 48.76 -60.21
N TRP A 113 75.48 49.32 -61.32
CA TRP A 113 76.31 49.38 -62.55
C TRP A 113 77.64 50.10 -62.34
N ASP A 114 77.62 51.16 -61.52
CA ASP A 114 78.80 51.94 -61.24
C ASP A 114 79.39 51.68 -59.83
N MET A 115 79.30 50.44 -59.36
CA MET A 115 79.74 50.10 -58.00
C MET A 115 81.23 49.76 -58.01
N LYS A 116 81.98 50.34 -57.06
CA LYS A 116 83.37 49.97 -56.85
C LYS A 116 83.46 48.49 -56.44
N ARG A 117 84.41 47.77 -57.03
CA ARG A 117 84.58 46.34 -56.70
C ARG A 117 85.39 46.12 -55.41
N VAL A 118 85.15 44.99 -54.74
CA VAL A 118 85.91 44.62 -53.56
C VAL A 118 87.34 44.23 -53.95
N HIS A 119 87.47 43.66 -55.14
CA HIS A 119 88.74 43.37 -55.80
C HIS A 119 88.45 43.13 -57.28
N ASP A 120 89.48 42.99 -58.10
CA ASP A 120 89.28 42.74 -59.55
C ASP A 120 88.40 41.53 -59.80
N TYR A 121 87.43 41.71 -60.70
CA TYR A 121 86.46 40.68 -61.08
C TYR A 121 85.42 40.37 -59.99
N GLY A 122 85.55 41.06 -58.86
CA GLY A 122 84.68 40.82 -57.71
C GLY A 122 83.35 41.55 -57.80
N ALA A 123 82.49 41.30 -56.82
CA ALA A 123 81.22 41.97 -56.74
C ALA A 123 81.42 43.37 -56.17
N GLY A 124 80.37 44.17 -56.18
CA GLY A 124 80.46 45.53 -55.66
C GLY A 124 80.56 45.54 -54.16
N ILE A 125 81.21 46.57 -53.62
CA ILE A 125 81.19 46.81 -52.18
C ILE A 125 79.75 47.16 -51.77
N PRO A 126 79.18 46.39 -50.82
CA PRO A 126 77.82 46.62 -50.38
C PRO A 126 77.65 47.96 -49.65
N VAL A 127 76.42 48.48 -49.65
CA VAL A 127 76.10 49.66 -48.84
C VAL A 127 76.43 49.36 -47.37
N SER A 128 77.34 50.16 -46.82
CA SER A 128 77.95 49.93 -45.52
C SER A 128 78.70 51.18 -45.07
N GLY A 129 79.14 51.18 -43.81
CA GLY A 129 79.82 52.31 -43.22
C GLY A 129 78.93 53.03 -42.26
N VAL A 130 78.89 54.35 -42.35
CA VAL A 130 78.13 55.15 -41.40
C VAL A 130 76.65 54.81 -41.41
N ASN A 131 76.14 54.40 -40.24
CA ASN A 131 74.71 54.30 -40.00
C ASN A 131 74.27 55.34 -38.97
N TYR A 132 73.04 55.80 -39.09
CA TYR A 132 72.44 56.66 -38.08
C TYR A 132 70.95 56.37 -38.09
N HIS A 133 70.42 55.93 -36.96
CA HIS A 133 69.02 55.58 -36.87
C HIS A 133 68.41 56.22 -35.66
N MET A 134 67.30 56.93 -35.89
CA MET A 134 66.55 57.51 -34.79
C MET A 134 65.08 57.63 -35.16
N PHE A 135 64.20 57.47 -34.18
CA PHE A 135 62.82 57.85 -34.35
C PHE A 135 62.31 58.53 -33.10
N ALA A 136 61.27 59.35 -33.27
CA ALA A 136 60.65 60.08 -32.17
C ALA A 136 59.15 60.20 -32.40
N ILE A 137 58.39 60.05 -31.31
CA ILE A 137 56.95 60.25 -31.30
C ILE A 137 56.68 61.27 -30.18
N GLY A 138 55.85 62.28 -30.45
CA GLY A 138 55.59 63.31 -29.45
C GLY A 138 54.32 64.09 -29.73
N GLY A 139 53.89 64.88 -28.74
CA GLY A 139 52.67 65.70 -28.85
C GLY A 139 52.97 67.14 -29.23
N GLU A 140 54.22 67.38 -29.62
CA GLU A 140 54.70 68.67 -30.10
C GLU A 140 55.99 68.38 -30.88
N PRO A 141 56.55 69.39 -31.57
CA PRO A 141 57.78 69.13 -32.33
C PRO A 141 58.93 68.73 -31.42
N LEU A 142 59.79 67.83 -31.91
CA LEU A 142 60.98 67.41 -31.18
C LEU A 142 61.92 68.59 -30.92
N ASP A 143 62.41 68.68 -29.69
CA ASP A 143 63.40 69.69 -29.32
C ASP A 143 64.80 69.27 -29.75
N LEU A 144 65.51 70.20 -30.40
CA LEU A 144 66.81 69.92 -31.00
C LEU A 144 67.89 70.75 -30.35
N GLN A 145 69.04 70.12 -30.13
CA GLN A 145 70.23 70.81 -29.67
C GLN A 145 71.25 70.84 -30.82
N GLY A 146 71.83 72.02 -31.02
CA GLY A 146 72.88 72.19 -32.04
C GLY A 146 74.28 71.86 -31.56
N LEU A 147 74.99 71.06 -32.34
CA LEU A 147 76.40 70.77 -32.10
C LEU A 147 77.06 70.27 -33.38
N VAL A 148 78.20 70.87 -33.73
CA VAL A 148 78.89 70.54 -34.97
C VAL A 148 80.35 70.09 -34.75
N LEU A 149 80.81 69.20 -35.61
CA LEU A 149 82.20 68.77 -35.64
C LEU A 149 83.17 69.96 -35.76
N ASP A 150 82.83 70.92 -36.63
CA ASP A 150 83.70 72.05 -36.97
C ASP A 150 82.88 73.34 -37.06
N TYR A 151 83.06 74.23 -36.09
CA TYR A 151 82.29 75.48 -36.02
C TYR A 151 82.61 76.42 -37.19
N GLN A 152 83.72 76.16 -37.88
CA GLN A 152 84.12 77.00 -39.02
C GLN A 152 83.46 76.57 -40.32
N THR A 153 82.67 75.51 -40.25
CA THR A 153 81.91 75.02 -41.41
C THR A 153 80.94 76.11 -41.91
N GLN A 154 81.02 76.42 -43.20
CA GLN A 154 80.12 77.38 -43.84
C GLN A 154 78.94 76.65 -44.48
N TYR A 155 77.87 76.47 -43.72
CA TYR A 155 76.67 75.84 -44.21
C TYR A 155 75.91 76.81 -45.12
N PRO A 156 75.11 76.29 -46.07
CA PRO A 156 74.31 77.21 -46.90
C PRO A 156 73.33 77.99 -46.04
N LYS A 157 72.94 79.19 -46.47
CA LYS A 157 71.92 79.97 -45.75
C LYS A 157 70.52 79.48 -46.17
N THR A 158 69.50 79.94 -45.45
CA THR A 158 68.11 79.66 -45.86
C THR A 158 67.63 80.74 -46.84
N GLY A 162 65.91 75.33 -47.97
CA GLY A 162 67.23 75.66 -47.43
C GLY A 162 67.44 75.07 -46.04
N PRO A 163 68.67 74.64 -45.73
CA PRO A 163 68.91 74.04 -44.40
C PRO A 163 68.91 75.06 -43.27
N ILE A 164 68.32 74.69 -42.15
CA ILE A 164 68.37 75.51 -40.94
C ILE A 164 69.50 74.94 -40.08
N THR A 165 70.49 75.78 -39.80
CA THR A 165 71.64 75.39 -38.99
C THR A 165 71.82 76.38 -37.85
N ILE A 166 72.93 76.30 -37.13
CA ILE A 166 73.13 77.10 -35.91
C ILE A 166 73.20 78.60 -36.21
N GLU A 167 73.83 78.96 -37.34
CA GLU A 167 73.88 80.36 -37.76
C GLU A 167 72.48 80.95 -37.99
N THR A 168 71.62 80.18 -38.66
CA THR A 168 70.22 80.55 -38.90
C THR A 168 69.48 80.90 -37.61
N VAL A 169 69.65 80.07 -36.59
N VAL A 169 69.63 80.05 -36.60
CA VAL A 169 68.90 80.24 -35.33
CA VAL A 169 68.93 80.22 -35.32
C VAL A 169 69.49 81.32 -34.43
C VAL A 169 69.48 81.38 -34.51
N LEU A 170 70.81 81.46 -34.43
CA LEU A 170 71.48 82.50 -33.63
C LEU A 170 71.47 83.88 -34.29
N GLY A 171 71.49 83.92 -35.62
CA GLY A 171 71.56 85.18 -36.38
C GLY A 171 72.96 85.78 -36.41
N ARG A 172 73.96 84.95 -36.11
CA ARG A 172 75.37 85.35 -36.11
C ARG A 172 76.20 84.08 -36.32
N LYS A 173 77.48 84.25 -36.66
CA LYS A 173 78.39 83.12 -36.89
C LYS A 173 78.59 82.24 -35.65
N MET A 174 78.71 80.93 -35.89
CA MET A 174 79.14 79.99 -34.87
C MET A 174 80.49 80.41 -34.30
N THR A 175 80.69 80.16 -33.02
CA THR A 175 81.98 80.36 -32.39
C THR A 175 82.47 78.99 -31.91
N PRO A 176 83.73 78.89 -31.43
CA PRO A 176 84.21 77.59 -30.95
C PRO A 176 83.27 76.84 -29.97
N LYS A 177 82.50 77.57 -29.17
CA LYS A 177 81.56 76.92 -28.22
C LYS A 177 80.55 75.95 -28.88
N ASN A 178 80.30 76.11 -30.17
CA ASN A 178 79.34 75.26 -30.87
C ASN A 178 79.90 73.89 -31.27
N GLN A 179 81.17 73.67 -30.96
CA GLN A 179 81.76 72.34 -31.03
C GLN A 179 81.41 71.56 -29.76
N GLY A 180 80.93 72.28 -28.75
CA GLY A 180 80.38 71.70 -27.53
C GLY A 180 78.90 72.02 -27.41
N LEU A 181 78.38 71.97 -26.18
CA LEU A 181 76.97 72.26 -25.94
C LEU A 181 76.77 73.75 -25.66
N ASP A 182 76.12 74.44 -26.60
CA ASP A 182 75.74 75.84 -26.47
C ASP A 182 74.24 75.90 -26.15
N PRO A 183 73.90 76.38 -24.94
CA PRO A 183 72.49 76.51 -24.54
C PRO A 183 71.64 77.35 -25.49
N GLN A 184 72.27 78.26 -26.24
CA GLN A 184 71.54 79.12 -27.17
C GLN A 184 71.29 78.43 -28.52
N ALA A 185 72.05 77.38 -28.80
CA ALA A 185 71.95 76.64 -30.06
C ALA A 185 70.85 75.59 -30.01
N LYS A 186 69.61 76.05 -30.05
CA LYS A 186 68.43 75.18 -29.95
C LYS A 186 67.41 75.52 -31.04
N ALA A 187 66.67 74.50 -31.45
CA ALA A 187 65.62 74.63 -32.45
C ALA A 187 64.53 73.55 -32.23
N LYS A 188 63.40 73.72 -32.92
CA LYS A 188 62.33 72.73 -32.93
C LYS A 188 62.25 72.07 -34.31
N LEU A 189 62.12 70.75 -34.34
CA LEU A 189 62.01 70.01 -35.60
C LEU A 189 60.61 70.17 -36.20
N ASP A 190 60.40 71.30 -36.86
CA ASP A 190 59.09 71.70 -37.40
C ASP A 190 58.97 71.60 -38.93
N LYS A 191 60.06 71.23 -39.61
CA LYS A 191 60.08 71.12 -41.07
C LYS A 191 60.83 69.89 -41.60
N ASP A 192 60.19 69.16 -42.50
CA ASP A 192 60.73 67.93 -43.09
C ASP A 192 61.90 68.22 -44.03
N GLY A 193 62.97 67.45 -43.92
CA GLY A 193 64.18 67.62 -44.75
C GLY A 193 64.87 68.98 -44.73
N ASN A 194 64.81 69.68 -43.60
CA ASN A 194 65.38 71.03 -43.48
C ASN A 194 66.44 71.16 -42.37
N TYR A 195 66.44 70.23 -41.43
CA TYR A 195 67.36 70.28 -40.30
C TYR A 195 68.42 69.20 -40.45
N PRO A 196 69.66 69.60 -40.80
CA PRO A 196 70.71 68.60 -41.01
C PRO A 196 71.01 67.77 -39.75
N ILE A 197 71.22 66.48 -39.98
CA ILE A 197 71.56 65.56 -38.92
C ILE A 197 72.92 65.89 -38.30
N GLU A 198 73.88 66.32 -39.12
CA GLU A 198 75.23 66.58 -38.61
C GLU A 198 75.30 67.86 -37.75
N VAL A 199 74.20 68.61 -37.71
CA VAL A 199 74.11 69.86 -36.96
C VAL A 199 73.22 69.70 -35.72
N TRP A 200 72.11 68.97 -35.87
CA TRP A 200 71.11 68.89 -34.82
C TRP A 200 70.97 67.47 -34.25
N CYS A 201 70.87 67.39 -32.93
CA CYS A 201 70.53 66.15 -32.22
C CYS A 201 69.36 66.42 -31.27
N PRO A 202 68.65 65.36 -30.81
CA PRO A 202 67.58 65.56 -29.82
C PRO A 202 68.12 66.22 -28.55
N ASP A 203 67.38 67.21 -28.05
CA ASP A 203 67.77 67.91 -26.85
C ASP A 203 67.25 67.18 -25.60
N PRO A 204 68.17 66.61 -24.78
CA PRO A 204 67.75 65.85 -23.59
C PRO A 204 67.26 66.72 -22.43
N SER A 205 67.52 68.03 -22.52
CA SER A 205 67.12 69.01 -21.48
C SER A 205 65.68 69.48 -21.62
N LYS A 206 65.04 69.04 -22.70
CA LYS A 206 63.63 69.32 -22.94
C LYS A 206 62.98 68.00 -23.35
N ASN A 207 62.11 68.01 -24.36
CA ASN A 207 61.48 66.78 -24.87
C ASN A 207 60.72 65.94 -23.81
N GLU A 208 60.09 66.63 -22.86
CA GLU A 208 59.28 65.99 -21.83
C GLU A 208 58.05 65.31 -22.42
N ASN A 209 57.56 65.89 -23.52
CA ASN A 209 56.35 65.42 -24.16
C ASN A 209 56.61 64.66 -25.47
N SER A 210 57.82 64.11 -25.58
CA SER A 210 58.19 63.23 -26.69
C SER A 210 58.97 62.04 -26.17
N ARG A 211 59.03 60.97 -26.96
CA ARG A 211 59.94 59.85 -26.70
C ARG A 211 60.83 59.68 -27.93
N TYR A 212 62.15 59.67 -27.73
CA TYR A 212 63.07 59.45 -28.85
C TYR A 212 64.08 58.33 -28.59
N TYR A 213 64.45 57.62 -29.65
CA TYR A 213 65.37 56.46 -29.57
C TYR A 213 66.32 56.49 -30.77
N GLY A 214 67.62 56.47 -30.50
CA GLY A 214 68.59 56.64 -31.59
C GLY A 214 69.91 55.94 -31.40
N SER A 215 70.65 55.77 -32.48
CA SER A 215 72.00 55.22 -32.41
C SER A 215 72.85 55.70 -33.60
N ILE A 216 74.17 55.65 -33.43
CA ILE A 216 75.12 55.90 -34.52
C ILE A 216 76.10 54.73 -34.64
N GLN A 217 76.64 54.56 -35.84
CA GLN A 217 77.68 53.57 -36.12
C GLN A 217 78.65 54.23 -37.11
N THR A 218 79.93 54.36 -36.72
CA THR A 218 80.89 55.00 -37.62
C THR A 218 81.81 53.98 -38.28
N GLY A 219 82.75 54.46 -39.07
CA GLY A 219 83.52 53.58 -39.95
C GLY A 219 83.08 53.74 -41.39
N SER A 220 83.95 53.33 -42.32
CA SER A 220 83.68 53.53 -43.74
C SER A 220 83.05 52.32 -44.38
N GLN A 221 83.46 51.12 -43.96
CA GLN A 221 82.88 49.89 -44.48
C GLN A 221 82.24 49.00 -43.42
N THR A 222 81.88 49.59 -42.29
CA THR A 222 81.29 48.85 -41.17
C THR A 222 79.98 48.20 -41.57
N PRO A 223 79.85 46.88 -41.33
CA PRO A 223 78.64 46.18 -41.75
C PRO A 223 77.38 46.92 -41.32
N THR A 224 76.45 47.04 -42.26
CA THR A 224 75.11 47.52 -41.93
C THR A 224 74.32 46.31 -41.44
N VAL A 225 73.88 46.41 -40.19
CA VAL A 225 73.24 45.30 -39.48
C VAL A 225 71.90 45.82 -38.99
N LEU A 226 70.84 45.39 -39.65
CA LEU A 226 69.48 45.85 -39.33
C LEU A 226 68.52 44.69 -39.16
N GLN A 227 67.49 44.92 -38.35
CA GLN A 227 66.47 43.90 -38.12
C GLN A 227 65.10 44.45 -38.53
N PHE A 228 64.22 43.53 -38.89
CA PHE A 228 62.84 43.89 -39.21
C PHE A 228 61.88 42.79 -38.77
N SER A 229 60.81 43.20 -38.09
CA SER A 229 59.80 42.27 -37.61
C SER A 229 58.50 43.02 -37.29
N ASN A 230 57.36 42.46 -37.68
CA ASN A 230 56.06 43.05 -37.30
C ASN A 230 55.56 42.61 -35.93
N THR A 231 56.46 42.10 -35.09
CA THR A 231 56.10 41.63 -33.74
C THR A 231 56.70 42.51 -32.66
N LEU A 232 57.44 43.53 -33.09
CA LEU A 232 58.11 44.44 -32.16
C LEU A 232 57.29 45.70 -31.90
N THR A 233 56.99 45.95 -30.64
CA THR A 233 56.24 47.14 -30.24
C THR A 233 57.05 47.95 -29.21
N THR A 234 57.09 49.27 -29.40
CA THR A 234 57.67 50.16 -28.39
C THR A 234 56.57 50.78 -27.55
N VAL A 235 56.71 50.68 -26.22
CA VAL A 235 55.75 51.28 -25.31
C VAL A 235 56.17 52.71 -25.04
N LEU A 236 55.24 53.64 -25.16
CA LEU A 236 55.56 55.08 -25.13
C LEU A 236 55.28 55.77 -23.81
N LEU A 237 54.76 55.02 -22.85
CA LEU A 237 54.44 55.54 -21.53
C LEU A 237 55.70 55.84 -20.73
N ASP A 238 55.70 56.94 -20.00
CA ASP A 238 56.83 57.24 -19.12
C ASP A 238 56.74 56.46 -17.80
N GLU A 239 57.60 56.81 -16.84
CA GLU A 239 57.65 56.12 -15.55
C GLU A 239 56.36 56.24 -14.74
N ASN A 240 55.54 57.25 -15.06
CA ASN A 240 54.25 57.45 -14.41
C ASN A 240 53.07 56.88 -15.20
N GLY A 241 53.37 56.19 -16.31
CA GLY A 241 52.34 55.52 -17.12
C GLY A 241 51.65 56.43 -18.11
N VAL A 242 52.29 57.55 -18.42
CA VAL A 242 51.72 58.59 -19.27
C VAL A 242 52.52 58.64 -20.57
N GLY A 243 51.82 58.58 -21.70
CA GLY A 243 52.47 58.75 -23.00
C GLY A 243 52.47 60.22 -23.39
N PRO A 244 53.08 60.54 -24.56
CA PRO A 244 53.02 61.89 -25.10
C PRO A 244 51.59 62.36 -25.29
N LEU A 245 51.31 63.56 -24.81
CA LEU A 245 49.99 64.16 -24.94
C LEU A 245 49.96 65.12 -26.14
N CYS A 246 49.00 64.91 -27.04
CA CYS A 246 48.97 65.61 -28.34
C CYS A 246 48.29 66.98 -28.29
N LYS A 247 49.12 68.01 -28.16
CA LYS A 247 48.65 69.41 -28.08
C LYS A 247 48.07 69.88 -29.41
N GLY A 248 46.89 70.49 -29.34
CA GLY A 248 46.16 70.92 -30.53
C GLY A 248 45.86 69.77 -31.47
N ASP A 249 45.54 68.62 -30.90
CA ASP A 249 45.21 67.40 -31.64
C ASP A 249 46.20 67.06 -32.76
N GLY A 250 47.49 67.10 -32.43
CA GLY A 250 48.55 66.90 -33.42
C GLY A 250 49.65 65.98 -32.94
N LEU A 251 49.89 64.92 -33.71
CA LEU A 251 50.94 63.94 -33.41
C LEU A 251 52.17 64.17 -34.29
N PHE A 252 53.32 64.35 -33.65
CA PHE A 252 54.58 64.58 -34.36
C PHE A 252 55.45 63.34 -34.43
N ILE A 253 55.82 62.98 -35.65
CA ILE A 253 56.63 61.81 -35.90
C ILE A 253 57.87 62.21 -36.69
N SER A 254 59.04 61.87 -36.16
CA SER A 254 60.31 62.31 -36.72
C SER A 254 61.24 61.12 -36.79
N CYS A 255 62.16 61.12 -37.75
CA CYS A 255 63.13 60.03 -37.87
C CYS A 255 64.28 60.37 -38.78
N ALA A 256 65.24 59.45 -38.85
CA ALA A 256 66.36 59.53 -39.79
C ALA A 256 66.92 58.12 -39.86
N ASP A 257 67.24 57.66 -41.06
CA ASP A 257 67.79 56.31 -41.22
C ASP A 257 68.85 56.24 -42.34
N ILE A 258 70.06 56.69 -42.01
CA ILE A 258 71.20 56.54 -42.90
C ILE A 258 71.70 55.11 -42.77
N VAL A 259 71.83 54.43 -43.92
CA VAL A 259 72.19 53.01 -43.94
C VAL A 259 73.60 52.69 -44.47
N GLY A 260 74.35 53.71 -44.84
CA GLY A 260 75.73 53.53 -45.30
C GLY A 260 75.98 54.17 -46.64
N PHE A 261 77.17 53.94 -47.18
CA PHE A 261 77.65 54.56 -48.42
C PHE A 261 77.41 53.70 -49.64
N LEU A 262 77.03 54.35 -50.74
CA LEU A 262 77.17 53.74 -52.05
C LEU A 262 78.58 54.07 -52.55
N PHE A 263 79.36 53.01 -52.76
CA PHE A 263 80.74 53.11 -53.24
C PHE A 263 80.80 53.07 -54.77
N LYS A 264 81.18 54.18 -55.37
CA LYS A 264 81.26 54.30 -56.82
C LYS A 264 82.65 53.95 -57.35
N THR A 265 82.68 53.41 -58.56
CA THR A 265 83.91 52.99 -59.28
C THR A 265 85.08 53.97 -59.14
N SER A 266 84.78 55.27 -59.33
CA SER A 266 85.76 56.35 -59.26
C SER A 266 86.43 56.49 -57.91
N GLY A 267 85.87 55.86 -56.88
CA GLY A 267 86.32 56.07 -55.51
C GLY A 267 85.37 56.99 -54.75
N LYS A 268 84.50 57.68 -55.47
CA LYS A 268 83.53 58.58 -54.83
C LYS A 268 82.48 57.78 -54.05
N MET A 269 81.91 58.42 -53.03
CA MET A 269 80.97 57.75 -52.11
C MET A 269 79.82 58.68 -51.77
N ALA A 270 78.61 58.12 -51.74
CA ALA A 270 77.43 58.87 -51.34
C ALA A 270 76.76 58.19 -50.17
N LEU A 271 76.26 58.97 -49.20
CA LEU A 271 75.42 58.37 -48.16
C LEU A 271 74.01 58.06 -48.67
N HIS A 272 73.39 57.04 -48.08
CA HIS A 272 72.11 56.54 -48.56
C HIS A 272 71.20 56.31 -47.38
N GLY A 273 69.91 56.57 -47.59
CA GLY A 273 68.90 56.38 -46.55
C GLY A 273 67.74 55.48 -46.95
N LEU A 274 66.98 55.04 -45.96
CA LEU A 274 65.80 54.22 -46.18
C LEU A 274 64.59 54.79 -45.45
N PRO A 275 63.38 54.60 -46.01
CA PRO A 275 62.14 55.09 -45.41
C PRO A 275 61.81 54.35 -44.12
N ARG A 276 60.93 54.93 -43.32
CA ARG A 276 60.50 54.30 -42.08
C ARG A 276 58.98 54.34 -41.94
N TYR A 277 58.42 53.23 -41.45
CA TYR A 277 56.98 53.08 -41.27
C TYR A 277 56.61 53.18 -39.80
N PHE A 278 55.41 53.71 -39.55
CA PHE A 278 54.90 53.89 -38.20
C PHE A 278 53.44 53.48 -38.08
N ASN A 279 53.12 52.77 -37.00
CA ASN A 279 51.73 52.55 -36.58
C ASN A 279 51.64 52.89 -35.09
N VAL A 280 51.01 54.02 -34.79
CA VAL A 280 50.91 54.52 -33.43
C VAL A 280 49.51 54.25 -32.89
N THR A 281 49.44 53.68 -31.69
CA THR A 281 48.20 53.49 -30.97
C THR A 281 48.03 54.65 -29.96
N LEU A 282 46.89 55.33 -30.05
CA LEU A 282 46.61 56.45 -29.17
C LEU A 282 45.32 56.20 -28.41
N ARG A 283 45.23 56.76 -27.21
CA ARG A 283 44.00 56.71 -26.41
C ARG A 283 43.60 58.10 -25.95
N LYS A 284 42.34 58.25 -25.57
CA LYS A 284 41.83 59.51 -25.07
C LYS A 284 42.15 59.64 -23.58
N ARG A 285 42.60 60.82 -23.17
CA ARG A 285 42.97 61.07 -21.79
C ARG A 285 42.44 62.43 -21.31
N TRP A 286 41.80 62.45 -20.15
CA TRP A 286 41.36 63.69 -19.53
C TRP A 286 42.54 64.46 -18.97
N VAL A 287 42.56 65.77 -19.22
CA VAL A 287 43.60 66.66 -18.68
C VAL A 287 42.99 67.98 -18.20
N LYS A 288 43.59 68.57 -17.18
CA LYS A 288 43.23 69.92 -16.74
C LYS A 288 44.42 70.87 -16.94
N GLU B 10 35.34 38.22 -36.32
CA GLU B 10 35.56 38.05 -34.85
C GLU B 10 36.23 36.72 -34.53
N VAL B 11 37.27 36.78 -33.70
CA VAL B 11 37.91 35.59 -33.17
C VAL B 11 37.17 35.19 -31.88
N LEU B 12 36.76 33.93 -31.81
CA LEU B 12 36.11 33.41 -30.62
C LEU B 12 37.07 32.49 -29.86
N SER B 13 36.53 31.51 -29.12
CA SER B 13 37.30 30.69 -28.21
C SER B 13 38.11 29.60 -28.91
N VAL B 14 39.20 29.19 -28.27
CA VAL B 14 40.00 28.07 -28.74
C VAL B 14 39.15 26.82 -28.63
N VAL B 15 39.22 25.96 -29.65
CA VAL B 15 38.47 24.71 -29.63
C VAL B 15 39.04 23.74 -28.60
N THR B 16 38.17 23.27 -27.70
CA THR B 16 38.56 22.25 -26.73
C THR B 16 38.18 20.89 -27.29
N GLY B 17 39.08 19.93 -27.17
CA GLY B 17 38.80 18.58 -27.64
C GLY B 17 40.02 17.70 -27.85
N GLU B 18 39.78 16.60 -28.56
CA GLU B 18 40.77 15.54 -28.78
C GLU B 18 41.92 16.03 -29.66
N ASP B 19 41.74 15.93 -30.98
CA ASP B 19 42.78 16.29 -31.94
C ASP B 19 42.80 17.78 -32.25
N SER B 20 42.70 18.60 -31.20
CA SER B 20 42.65 20.05 -31.34
C SER B 20 43.98 20.69 -31.77
N ILE B 21 45.08 19.96 -31.62
CA ILE B 21 46.42 20.45 -31.97
C ILE B 21 47.05 19.56 -33.05
N THR B 22 47.67 20.19 -34.05
CA THR B 22 48.37 19.46 -35.10
C THR B 22 49.73 20.13 -35.38
N GLN B 23 50.65 19.36 -35.96
CA GLN B 23 51.99 19.84 -36.31
C GLN B 23 52.21 19.75 -37.80
N ILE B 24 52.84 20.75 -38.38
CA ILE B 24 53.19 20.75 -39.80
C ILE B 24 54.70 20.88 -39.98
N GLU B 25 55.29 19.85 -40.60
CA GLU B 25 56.72 19.80 -40.88
C GLU B 25 56.99 20.03 -42.35
N LEU B 26 57.96 20.90 -42.64
CA LEU B 26 58.47 21.09 -44.00
C LEU B 26 59.82 21.78 -44.00
N TYR B 27 60.48 21.69 -45.14
CA TYR B 27 61.71 22.41 -45.41
C TYR B 27 61.56 23.16 -46.72
N LEU B 28 62.34 24.22 -46.86
CA LEU B 28 62.39 24.98 -48.11
C LEU B 28 63.85 25.10 -48.53
N ASN B 29 64.15 24.59 -49.73
CA ASN B 29 65.48 24.74 -50.32
C ASN B 29 65.65 26.14 -50.89
N PRO B 30 66.88 26.69 -50.83
CA PRO B 30 67.03 28.09 -51.20
C PRO B 30 66.87 28.31 -52.70
N ARG B 31 66.41 29.50 -53.06
CA ARG B 31 66.27 29.91 -54.46
C ARG B 31 67.18 31.12 -54.76
N MET B 32 68.47 30.84 -54.87
CA MET B 32 69.50 31.88 -55.01
C MET B 32 69.64 32.47 -56.42
N GLY B 33 69.15 31.73 -57.41
CA GLY B 33 69.25 32.15 -58.80
C GLY B 33 69.25 30.93 -59.68
N VAL B 34 70.15 29.99 -59.38
CA VAL B 34 70.08 28.63 -59.93
C VAL B 34 69.17 27.83 -58.99
N ASN B 35 67.91 27.68 -59.40
CA ASN B 35 66.84 27.25 -58.50
C ASN B 35 66.45 25.77 -58.55
N SER B 36 66.96 25.05 -59.55
CA SER B 36 66.68 23.63 -59.68
C SER B 36 67.96 22.80 -59.65
N PRO B 37 67.93 21.64 -58.96
CA PRO B 37 69.03 20.70 -59.04
C PRO B 37 68.91 19.75 -60.24
N ASP B 38 67.87 19.93 -61.04
CA ASP B 38 67.48 18.95 -62.08
C ASP B 38 67.80 19.34 -63.52
N LEU B 39 68.26 20.58 -63.72
CA LEU B 39 68.58 21.06 -65.07
C LEU B 39 69.82 20.35 -65.61
N PRO B 40 69.82 20.03 -66.92
CA PRO B 40 70.83 19.13 -67.50
C PRO B 40 72.29 19.61 -67.38
N THR B 41 72.49 20.93 -67.45
CA THR B 41 73.85 21.49 -67.56
C THR B 41 74.23 22.48 -66.46
N THR B 42 73.26 23.30 -66.02
CA THR B 42 73.54 24.43 -65.15
C THR B 42 73.43 24.13 -63.65
N SER B 43 72.87 22.97 -63.31
CA SER B 43 72.48 22.66 -61.93
C SER B 43 73.61 22.50 -60.89
N ASN B 44 74.86 22.49 -61.33
N ASN B 44 74.86 22.47 -61.36
CA ASN B 44 75.98 22.43 -60.39
CA ASN B 44 76.03 22.46 -60.48
C ASN B 44 76.10 23.71 -59.54
C ASN B 44 76.05 23.67 -59.54
N TRP B 45 75.47 24.78 -59.99
CA TRP B 45 75.42 26.03 -59.21
C TRP B 45 74.15 26.20 -58.38
N TYR B 46 73.42 25.09 -58.23
CA TYR B 46 72.23 25.05 -57.34
C TYR B 46 72.57 25.50 -55.91
N THR B 47 71.78 26.43 -55.41
CA THR B 47 71.93 27.12 -54.10
C THR B 47 72.91 28.28 -54.18
N TYR B 48 73.33 28.60 -55.39
CA TYR B 48 74.21 29.73 -55.66
C TYR B 48 73.63 30.62 -56.75
N THR B 49 74.10 31.86 -56.77
CA THR B 49 73.94 32.75 -57.90
C THR B 49 75.04 32.43 -58.91
N TYR B 50 75.04 33.16 -60.02
CA TYR B 50 76.18 33.18 -60.94
C TYR B 50 77.14 34.25 -60.42
N ASP B 51 78.08 34.67 -61.25
CA ASP B 51 79.03 35.67 -60.80
C ASP B 51 78.40 37.05 -60.77
N LEU B 52 78.53 37.70 -59.62
CA LEU B 52 77.96 39.02 -59.37
C LEU B 52 78.99 40.11 -59.64
N GLN B 53 78.67 41.01 -60.56
CA GLN B 53 79.60 42.03 -61.02
C GLN B 53 78.88 43.34 -61.32
N PRO B 54 79.49 44.48 -60.95
CA PRO B 54 78.99 45.72 -61.54
C PRO B 54 79.32 45.73 -63.04
N LYS B 55 78.32 46.06 -63.86
CA LYS B 55 78.44 46.07 -65.32
C LYS B 55 79.53 47.03 -65.81
N GLY B 56 79.64 48.18 -65.15
CA GLY B 56 80.65 49.18 -65.53
C GLY B 56 80.09 50.24 -66.45
N SER B 57 78.92 49.97 -67.03
CA SER B 57 78.17 50.94 -67.83
C SER B 57 76.67 50.81 -67.55
N SER B 58 75.94 51.89 -67.80
N SER B 58 75.94 51.89 -67.76
CA SER B 58 74.50 51.97 -67.57
CA SER B 58 74.49 51.92 -67.53
C SER B 58 73.72 51.45 -68.78
C SER B 58 73.73 51.43 -68.75
N PRO B 59 72.57 50.76 -68.54
CA PRO B 59 72.01 50.40 -67.22
C PRO B 59 72.38 48.99 -66.80
N ASP B 60 72.22 48.71 -65.51
CA ASP B 60 72.28 47.35 -65.00
C ASP B 60 71.15 46.57 -65.68
N GLN B 61 71.48 45.37 -66.13
CA GLN B 61 70.51 44.47 -66.77
C GLN B 61 70.74 43.07 -66.21
N PRO B 62 70.41 42.88 -64.92
CA PRO B 62 70.79 41.65 -64.21
C PRO B 62 70.11 40.40 -64.78
N ILE B 63 70.80 39.27 -64.73
CA ILE B 63 70.19 38.00 -65.16
C ILE B 63 69.48 37.28 -63.99
N LYS B 64 68.46 36.50 -64.33
CA LYS B 64 67.74 35.66 -63.37
C LYS B 64 68.65 34.99 -62.35
N GLU B 65 69.78 34.44 -62.84
CA GLU B 65 70.68 33.64 -62.02
C GLU B 65 71.37 34.44 -60.92
N ASN B 66 71.33 35.76 -61.07
CA ASN B 66 71.97 36.68 -60.12
C ASN B 66 70.97 37.43 -59.22
N LEU B 67 69.76 36.87 -59.11
CA LEU B 67 68.68 37.48 -58.34
C LEU B 67 68.06 36.48 -57.34
N PRO B 68 68.72 36.29 -56.17
CA PRO B 68 68.16 35.49 -55.08
C PRO B 68 66.72 35.91 -54.75
N ALA B 69 65.86 34.92 -54.60
CA ALA B 69 64.45 35.17 -54.36
C ALA B 69 63.98 34.49 -53.08
N TYR B 70 62.82 34.92 -52.58
CA TYR B 70 62.19 34.29 -51.43
C TYR B 70 61.74 32.87 -51.69
N SER B 71 61.89 32.00 -50.70
CA SER B 71 61.28 30.69 -50.74
C SER B 71 59.88 30.80 -50.16
N VAL B 72 58.94 30.05 -50.70
CA VAL B 72 57.58 30.01 -50.16
C VAL B 72 56.84 28.71 -50.48
N ALA B 73 56.05 28.25 -49.52
CA ALA B 73 55.13 27.14 -49.73
C ALA B 73 53.77 27.40 -49.07
N ARG B 74 52.72 26.93 -49.72
CA ARG B 74 51.40 26.84 -49.12
C ARG B 74 51.18 25.38 -48.68
N VAL B 75 50.84 25.18 -47.41
CA VAL B 75 50.59 23.83 -46.92
C VAL B 75 49.10 23.64 -46.69
N SER B 76 48.54 22.60 -47.29
CA SER B 76 47.13 22.26 -47.14
C SER B 76 46.87 21.63 -45.79
N LEU B 77 45.95 22.24 -45.05
CA LEU B 77 45.60 21.78 -43.71
C LEU B 77 44.32 20.96 -43.73
N PRO B 78 44.20 19.98 -42.81
CA PRO B 78 43.01 19.14 -42.74
C PRO B 78 41.74 19.98 -42.69
N MET B 79 40.75 19.61 -43.49
CA MET B 79 39.44 20.29 -43.54
C MET B 79 38.72 20.20 -42.20
N LEU B 80 38.18 21.33 -41.74
CA LEU B 80 37.60 21.43 -40.40
C LEU B 80 36.07 21.54 -40.37
N ASN B 81 35.51 22.06 -41.47
CA ASN B 81 34.09 22.40 -41.48
C ASN B 81 33.26 21.64 -42.52
N GLU B 82 32.40 20.74 -42.04
CA GLU B 82 31.46 19.99 -42.88
C GLU B 82 30.49 20.92 -43.60
N ASP B 83 29.97 21.90 -42.86
CA ASP B 83 29.08 22.91 -43.42
C ASP B 83 29.85 24.22 -43.51
N ILE B 84 30.12 24.65 -44.73
CA ILE B 84 30.93 25.85 -44.99
C ILE B 84 30.07 27.12 -45.07
N THR B 85 28.75 26.97 -44.92
CA THR B 85 27.82 28.10 -44.99
C THR B 85 27.68 28.84 -43.67
N CYS B 86 27.88 28.13 -42.55
CA CYS B 86 27.76 28.68 -41.19
C CYS B 86 28.57 29.95 -40.98
N ASP B 87 28.01 30.89 -40.22
CA ASP B 87 28.72 32.12 -39.83
C ASP B 87 29.97 31.80 -39.02
N THR B 88 29.81 30.91 -38.04
CA THR B 88 30.87 30.53 -37.12
C THR B 88 31.56 29.24 -37.59
N LEU B 89 32.87 29.32 -37.77
CA LEU B 89 33.64 28.20 -38.30
C LEU B 89 34.91 27.99 -37.50
N GLN B 90 35.49 26.80 -37.62
CA GLN B 90 36.80 26.50 -37.06
C GLN B 90 37.88 26.78 -38.10
N MET B 91 38.94 27.46 -37.66
CA MET B 91 40.12 27.69 -38.48
C MET B 91 41.36 27.23 -37.73
N TRP B 92 42.37 26.80 -38.47
CA TRP B 92 43.65 26.48 -37.88
C TRP B 92 44.41 27.76 -37.53
N GLU B 93 44.93 27.79 -36.31
CA GLU B 93 45.62 28.94 -35.77
C GLU B 93 47.03 28.52 -35.43
N ALA B 94 48.01 29.11 -36.12
CA ALA B 94 49.42 28.81 -35.90
C ALA B 94 49.88 29.51 -34.63
N ILE B 95 50.38 28.73 -33.67
CA ILE B 95 50.70 29.30 -32.36
C ILE B 95 52.19 29.38 -32.03
N SER B 96 52.98 28.44 -32.55
CA SER B 96 54.42 28.51 -32.44
C SER B 96 55.09 27.78 -33.60
N VAL B 97 56.39 28.06 -33.77
CA VAL B 97 57.21 27.42 -34.78
C VAL B 97 58.64 27.20 -34.24
N LYS B 98 59.17 26.02 -34.51
CA LYS B 98 60.60 25.75 -34.39
C LYS B 98 61.15 25.78 -35.80
N THR B 99 62.11 26.66 -36.03
CA THR B 99 62.69 26.78 -37.34
C THR B 99 64.21 26.80 -37.23
N GLU B 100 64.89 26.30 -38.26
CA GLU B 100 66.33 26.17 -38.25
C GLU B 100 66.89 26.26 -39.67
N VAL B 101 67.99 26.98 -39.82
CA VAL B 101 68.76 26.97 -41.05
C VAL B 101 69.56 25.66 -41.07
N VAL B 102 69.38 24.86 -42.12
CA VAL B 102 69.99 23.54 -42.24
C VAL B 102 71.30 23.62 -42.99
N GLY B 103 72.26 22.78 -42.64
CA GLY B 103 73.53 22.70 -43.36
C GLY B 103 74.54 23.78 -43.04
N ILE B 104 74.39 24.41 -41.87
CA ILE B 104 75.31 25.46 -41.41
C ILE B 104 76.76 24.96 -41.33
N SER B 105 76.94 23.73 -40.84
CA SER B 105 78.27 23.12 -40.72
C SER B 105 79.03 23.01 -42.05
N SER B 106 78.30 23.02 -43.17
CA SER B 106 78.93 22.88 -44.49
C SER B 106 79.88 24.02 -44.76
N LEU B 107 79.60 25.17 -44.14
CA LEU B 107 80.39 26.38 -44.33
C LEU B 107 81.79 26.38 -43.69
N ILE B 108 82.19 25.29 -43.05
CA ILE B 108 83.57 25.18 -42.55
C ILE B 108 84.54 24.76 -43.67
N ASN B 109 83.97 24.35 -44.80
CA ASN B 109 84.75 23.97 -45.98
C ASN B 109 85.52 25.18 -46.52
N VAL B 110 86.84 25.17 -46.32
CA VAL B 110 87.68 26.25 -46.84
C VAL B 110 88.66 25.73 -47.89
N HIS B 111 88.23 24.69 -48.61
CA HIS B 111 89.07 24.00 -49.59
C HIS B 111 88.27 23.64 -50.83
N TYR B 112 87.33 24.52 -51.21
CA TYR B 112 86.63 24.43 -52.49
C TYR B 112 87.69 24.52 -53.59
N TRP B 113 87.61 23.65 -54.61
CA TRP B 113 88.73 23.51 -55.56
C TRP B 113 89.15 24.83 -56.22
N ASP B 114 88.18 25.70 -56.45
CA ASP B 114 88.43 26.99 -57.09
C ASP B 114 88.25 28.17 -56.12
N MET B 115 88.50 27.91 -54.84
CA MET B 115 88.37 28.92 -53.82
C MET B 115 89.54 29.89 -53.88
N LYS B 116 89.25 31.19 -53.89
CA LYS B 116 90.28 32.22 -53.72
C LYS B 116 90.96 32.02 -52.37
N ARG B 117 92.29 32.05 -52.34
CA ARG B 117 93.02 31.92 -51.07
C ARG B 117 93.00 33.23 -50.28
N VAL B 118 93.13 33.15 -48.96
CA VAL B 118 93.25 34.36 -48.13
C VAL B 118 94.63 35.01 -48.34
N HIS B 119 95.65 34.17 -48.53
CA HIS B 119 96.98 34.59 -48.98
C HIS B 119 97.68 33.40 -49.62
N ASP B 120 98.87 33.63 -50.18
CA ASP B 120 99.63 32.59 -50.86
C ASP B 120 99.79 31.36 -49.95
N TYR B 121 99.49 30.19 -50.51
CA TYR B 121 99.61 28.89 -49.81
C TYR B 121 98.57 28.63 -48.70
N GLY B 122 97.73 29.63 -48.42
CA GLY B 122 96.71 29.53 -47.39
C GLY B 122 95.44 28.80 -47.81
N ALA B 123 94.51 28.70 -46.86
CA ALA B 123 93.19 28.15 -47.10
C ALA B 123 92.31 29.13 -47.88
N GLY B 124 91.22 28.62 -48.44
CA GLY B 124 90.24 29.45 -49.13
C GLY B 124 89.57 30.46 -48.20
N ILE B 125 89.19 31.61 -48.76
CA ILE B 125 88.33 32.55 -48.04
C ILE B 125 86.98 31.85 -47.79
N PRO B 126 86.61 31.68 -46.51
CA PRO B 126 85.35 31.02 -46.17
C PRO B 126 84.14 31.80 -46.68
N VAL B 127 83.06 31.08 -46.98
CA VAL B 127 81.80 31.72 -47.33
C VAL B 127 81.50 32.74 -46.23
N SER B 128 81.42 34.01 -46.63
CA SER B 128 81.35 35.14 -45.72
C SER B 128 80.85 36.36 -46.48
N GLY B 129 80.60 37.46 -45.77
CA GLY B 129 80.08 38.68 -46.38
C GLY B 129 78.59 38.88 -46.20
N VAL B 130 77.90 39.27 -47.29
CA VAL B 130 76.49 39.63 -47.20
C VAL B 130 75.62 38.48 -46.72
N ASN B 131 74.90 38.72 -45.64
CA ASN B 131 73.88 37.83 -45.12
C ASN B 131 72.51 38.51 -45.16
N TYR B 132 71.49 37.70 -45.43
CA TYR B 132 70.10 38.13 -45.31
C TYR B 132 69.28 36.94 -44.80
N HIS B 133 68.61 37.14 -43.66
CA HIS B 133 67.83 36.06 -43.07
C HIS B 133 66.47 36.53 -42.63
N MET B 134 65.46 35.82 -43.11
CA MET B 134 64.09 36.05 -42.68
C MET B 134 63.25 34.78 -42.77
N PHE B 135 62.25 34.68 -41.89
CA PHE B 135 61.18 33.71 -42.09
C PHE B 135 59.84 34.34 -41.71
N ALA B 136 58.77 33.78 -42.26
CA ALA B 136 57.41 34.26 -42.03
C ALA B 136 56.45 33.09 -42.02
N ILE B 137 55.53 33.14 -41.06
CA ILE B 137 54.43 32.19 -40.95
C ILE B 137 53.17 33.03 -41.02
N GLY B 138 52.24 32.65 -41.89
CA GLY B 138 51.01 33.39 -42.04
C GLY B 138 49.84 32.54 -42.47
N GLY B 139 48.64 33.12 -42.37
CA GLY B 139 47.40 32.46 -42.77
C GLY B 139 47.02 32.80 -44.19
N GLU B 140 47.89 33.58 -44.83
CA GLU B 140 47.70 34.06 -46.20
C GLU B 140 49.08 34.49 -46.73
N PRO B 141 49.21 34.71 -48.06
CA PRO B 141 50.52 35.08 -48.58
C PRO B 141 51.09 36.32 -47.91
N LEU B 142 52.40 36.31 -47.67
CA LEU B 142 53.12 37.46 -47.14
C LEU B 142 52.95 38.69 -48.03
N ASP B 143 52.58 39.82 -47.42
CA ASP B 143 52.45 41.08 -48.14
C ASP B 143 53.84 41.69 -48.34
N LEU B 144 54.10 42.08 -49.58
CA LEU B 144 55.41 42.61 -49.97
C LEU B 144 55.37 44.08 -50.37
N GLN B 145 56.47 44.77 -50.09
CA GLN B 145 56.64 46.16 -50.48
C GLN B 145 57.88 46.27 -51.35
N GLY B 146 57.73 46.85 -52.53
CA GLY B 146 58.86 47.04 -53.44
C GLY B 146 59.67 48.28 -53.14
N LEU B 147 60.99 48.13 -53.18
CA LEU B 147 61.95 49.25 -53.08
C LEU B 147 63.28 48.74 -53.60
N VAL B 148 63.91 49.50 -54.48
CA VAL B 148 65.18 49.07 -55.07
C VAL B 148 66.28 50.11 -54.86
N LEU B 149 67.52 49.65 -54.91
CA LEU B 149 68.70 50.49 -54.83
C LEU B 149 68.75 51.50 -55.98
N ASP B 150 68.46 51.02 -57.20
CA ASP B 150 68.57 51.82 -58.41
C ASP B 150 67.34 51.62 -59.29
N TYR B 151 66.52 52.67 -59.44
CA TYR B 151 65.26 52.55 -60.21
C TYR B 151 65.47 52.29 -61.72
N GLN B 152 66.68 52.55 -62.21
CA GLN B 152 66.99 52.39 -63.61
C GLN B 152 67.38 50.95 -63.95
N THR B 153 67.37 50.08 -62.95
CA THR B 153 67.73 48.68 -63.13
C THR B 153 66.70 47.98 -64.05
N GLN B 154 67.20 47.31 -65.07
CA GLN B 154 66.30 46.66 -66.02
C GLN B 154 66.25 45.18 -65.71
N TYR B 155 65.30 44.80 -64.85
CA TYR B 155 65.15 43.39 -64.48
C TYR B 155 64.57 42.64 -65.67
N PRO B 156 64.88 41.33 -65.79
CA PRO B 156 64.32 40.56 -66.90
C PRO B 156 62.81 40.56 -66.82
N LYS B 157 62.15 40.71 -67.96
CA LYS B 157 60.69 40.83 -68.01
C LYS B 157 60.01 39.53 -67.58
N THR B 158 58.98 39.65 -66.76
CA THR B 158 58.21 38.48 -66.32
C THR B 158 57.69 37.65 -67.51
N THR B 159 57.14 38.33 -68.50
CA THR B 159 56.67 37.70 -69.75
C THR B 159 57.77 36.92 -70.48
N ASN B 160 59.01 37.38 -70.35
CA ASN B 160 60.17 36.67 -70.90
C ASN B 160 60.70 35.53 -70.02
N GLY B 161 59.96 35.19 -68.96
CA GLY B 161 60.36 34.13 -68.04
C GLY B 161 61.15 34.63 -66.84
N GLY B 162 61.21 35.96 -66.69
CA GLY B 162 61.88 36.59 -65.55
C GLY B 162 61.07 36.55 -64.27
N PRO B 163 61.65 37.07 -63.18
CA PRO B 163 60.97 37.20 -61.89
C PRO B 163 59.90 38.29 -61.93
N ILE B 164 59.04 38.31 -60.91
CA ILE B 164 58.08 39.41 -60.75
C ILE B 164 58.71 40.54 -59.96
N THR B 165 58.71 41.73 -60.56
CA THR B 165 59.35 42.91 -59.98
C THR B 165 58.39 44.11 -60.02
N ILE B 166 58.87 45.29 -59.65
CA ILE B 166 58.01 46.46 -59.51
C ILE B 166 57.34 46.82 -60.83
N GLU B 167 58.13 46.84 -61.91
CA GLU B 167 57.58 47.05 -63.26
C GLU B 167 56.41 46.11 -63.54
N THR B 168 56.56 44.84 -63.18
CA THR B 168 55.49 43.84 -63.37
C THR B 168 54.18 44.29 -62.71
N VAL B 169 54.25 44.77 -61.47
CA VAL B 169 53.02 45.11 -60.75
C VAL B 169 52.44 46.45 -61.20
N LEU B 170 53.30 47.41 -61.54
CA LEU B 170 52.86 48.73 -61.99
C LEU B 170 52.32 48.72 -63.43
N GLY B 171 52.81 47.77 -64.23
CA GLY B 171 52.48 47.72 -65.65
C GLY B 171 53.20 48.78 -66.48
N ARG B 172 54.23 49.39 -65.87
CA ARG B 172 55.00 50.47 -66.48
C ARG B 172 56.39 50.49 -65.81
N LYS B 173 57.33 51.24 -66.40
CA LYS B 173 58.68 51.33 -65.87
C LYS B 173 58.72 51.98 -64.48
N MET B 174 59.74 51.64 -63.70
CA MET B 174 59.98 52.28 -62.42
C MET B 174 60.36 53.74 -62.62
N THR B 175 60.06 54.57 -61.63
CA THR B 175 60.50 55.96 -61.61
C THR B 175 61.35 56.15 -60.34
N PRO B 176 62.02 57.33 -60.18
CA PRO B 176 62.89 57.52 -59.01
C PRO B 176 62.23 57.23 -57.66
N LYS B 177 60.91 57.32 -57.58
CA LYS B 177 60.21 57.12 -56.31
C LYS B 177 60.27 55.68 -55.79
N ASN B 178 60.62 54.75 -56.67
CA ASN B 178 60.81 53.35 -56.27
C ASN B 178 62.16 53.08 -55.57
N GLN B 179 62.99 54.10 -55.48
CA GLN B 179 64.19 54.03 -54.62
C GLN B 179 63.77 54.36 -53.19
N GLY B 180 62.55 54.88 -53.05
CA GLY B 180 61.90 55.09 -51.74
C GLY B 180 60.66 54.22 -51.61
N LEU B 181 59.75 54.59 -50.71
CA LEU B 181 58.53 53.81 -50.51
C LEU B 181 57.40 54.33 -51.41
N ASP B 182 57.13 53.57 -52.47
CA ASP B 182 56.01 53.85 -53.34
C ASP B 182 54.86 52.93 -52.94
N PRO B 183 53.75 53.52 -52.46
CA PRO B 183 52.65 52.69 -51.96
C PRO B 183 51.97 51.84 -53.04
N GLN B 184 52.27 52.11 -54.31
CA GLN B 184 51.73 51.30 -55.41
C GLN B 184 52.63 50.10 -55.72
N ALA B 185 53.87 50.11 -55.25
CA ALA B 185 54.78 48.99 -55.42
C ALA B 185 54.55 47.89 -54.36
N LYS B 186 53.42 47.20 -54.48
CA LYS B 186 53.06 46.12 -53.57
C LYS B 186 52.79 44.82 -54.32
N ALA B 187 53.03 43.71 -53.66
CA ALA B 187 52.73 42.39 -54.21
C ALA B 187 52.43 41.42 -53.08
N LYS B 188 52.09 40.19 -53.42
CA LYS B 188 51.97 39.12 -52.44
C LYS B 188 52.92 37.99 -52.77
N LEU B 189 53.62 37.47 -51.75
CA LEU B 189 54.56 36.37 -51.95
C LEU B 189 53.81 35.06 -52.18
N ASP B 190 53.49 34.79 -53.45
CA ASP B 190 52.62 33.65 -53.80
C ASP B 190 53.30 32.64 -54.73
N LYS B 191 54.60 32.83 -54.94
CA LYS B 191 55.34 32.05 -55.92
C LYS B 191 56.78 31.81 -55.44
N ASP B 192 57.16 30.54 -55.36
CA ASP B 192 58.50 30.14 -54.91
C ASP B 192 59.54 30.61 -55.92
N GLY B 193 60.63 31.20 -55.42
CA GLY B 193 61.74 31.64 -56.27
C GLY B 193 61.42 32.57 -57.44
N ASN B 194 60.44 33.45 -57.25
CA ASN B 194 60.06 34.42 -58.30
C ASN B 194 60.01 35.89 -57.87
N TYR B 195 60.14 36.14 -56.58
CA TYR B 195 60.17 37.52 -56.09
C TYR B 195 61.57 37.82 -55.55
N PRO B 196 62.36 38.65 -56.26
CA PRO B 196 63.72 38.94 -55.83
C PRO B 196 63.82 39.66 -54.49
N ILE B 197 64.76 39.21 -53.68
CA ILE B 197 65.01 39.77 -52.37
C ILE B 197 65.42 41.25 -52.47
N GLU B 198 66.20 41.60 -53.52
CA GLU B 198 66.68 42.97 -53.68
C GLU B 198 65.60 43.96 -54.12
N VAL B 199 64.43 43.45 -54.49
CA VAL B 199 63.29 44.27 -54.93
C VAL B 199 62.21 44.36 -53.87
N TRP B 200 61.99 43.25 -53.16
CA TRP B 200 60.81 43.09 -52.29
C TRP B 200 61.16 42.81 -50.83
N CYS B 201 60.58 43.58 -49.92
CA CYS B 201 60.71 43.37 -48.48
C CYS B 201 59.31 43.17 -47.89
N PRO B 202 59.20 42.59 -46.67
CA PRO B 202 57.85 42.48 -46.08
C PRO B 202 57.18 43.86 -45.91
N ASP B 203 55.88 43.92 -46.18
CA ASP B 203 55.12 45.15 -46.05
C ASP B 203 54.58 45.32 -44.62
N PRO B 204 55.11 46.31 -43.88
CA PRO B 204 54.68 46.50 -42.50
C PRO B 204 53.33 47.17 -42.36
N SER B 205 52.78 47.71 -43.45
CA SER B 205 51.48 48.39 -43.40
C SER B 205 50.34 47.39 -43.53
N LYS B 206 50.70 46.14 -43.83
CA LYS B 206 49.75 45.05 -43.92
C LYS B 206 50.20 43.90 -43.02
N ASN B 207 50.18 42.67 -43.53
CA ASN B 207 50.62 41.48 -42.80
C ASN B 207 50.05 41.28 -41.38
N GLU B 208 48.79 41.68 -41.20
CA GLU B 208 48.09 41.50 -39.91
C GLU B 208 47.92 40.03 -39.57
N ASN B 209 47.83 39.19 -40.60
CA ASN B 209 47.60 37.76 -40.41
C ASN B 209 48.85 36.93 -40.73
N SER B 210 50.01 37.56 -40.55
CA SER B 210 51.33 36.93 -40.71
C SER B 210 52.23 37.39 -39.57
N ARG B 211 53.22 36.57 -39.24
CA ARG B 211 54.32 37.01 -38.38
C ARG B 211 55.61 36.86 -39.16
N TYR B 212 56.38 37.94 -39.29
CA TYR B 212 57.69 37.86 -39.96
C TYR B 212 58.82 38.39 -39.09
N TYR B 213 60.01 37.82 -39.29
CA TYR B 213 61.22 38.11 -38.50
C TYR B 213 62.41 38.09 -39.45
N GLY B 214 63.14 39.19 -39.53
CA GLY B 214 64.26 39.28 -40.48
C GLY B 214 65.46 40.12 -40.07
N SER B 215 66.58 39.88 -40.74
CA SER B 215 67.81 40.66 -40.55
C SER B 215 68.65 40.71 -41.82
N ILE B 216 69.43 41.78 -41.93
CA ILE B 216 70.47 41.89 -42.94
C ILE B 216 71.84 42.12 -42.28
N GLN B 217 72.88 41.71 -43.00
CA GLN B 217 74.29 41.99 -42.69
C GLN B 217 75.00 42.25 -44.01
N THR B 218 75.51 43.47 -44.19
CA THR B 218 76.34 43.80 -45.37
C THR B 218 77.85 43.73 -45.07
N GLY B 219 78.67 44.25 -45.97
CA GLY B 219 80.13 44.10 -45.88
C GLY B 219 80.53 42.92 -46.75
N SER B 220 81.80 42.89 -47.17
CA SER B 220 82.22 41.91 -48.18
C SER B 220 82.74 40.57 -47.63
N GLN B 221 83.45 40.61 -46.51
CA GLN B 221 84.02 39.40 -45.90
C GLN B 221 83.58 39.29 -44.45
N THR B 222 82.45 39.90 -44.14
CA THR B 222 81.89 39.92 -42.79
C THR B 222 81.61 38.50 -42.31
N PRO B 223 82.06 38.17 -41.08
CA PRO B 223 81.83 36.83 -40.61
C PRO B 223 80.35 36.45 -40.71
N THR B 224 80.09 35.26 -41.26
CA THR B 224 78.79 34.65 -41.12
C THR B 224 78.72 34.00 -39.74
N VAL B 225 77.83 34.53 -38.90
CA VAL B 225 77.64 34.06 -37.53
C VAL B 225 76.18 33.56 -37.37
N LEU B 226 76.01 32.24 -37.33
CA LEU B 226 74.68 31.61 -37.22
C LEU B 226 74.61 30.60 -36.09
N GLN B 227 73.43 30.48 -35.49
CA GLN B 227 73.20 29.50 -34.44
C GLN B 227 72.19 28.47 -34.90
N PHE B 228 72.23 27.30 -34.26
CA PHE B 228 71.26 26.25 -34.49
C PHE B 228 71.03 25.45 -33.22
N SER B 229 69.76 25.22 -32.90
CA SER B 229 69.38 24.38 -31.76
C SER B 229 67.94 23.93 -31.94
N ASN B 230 67.65 22.71 -31.48
CA ASN B 230 66.27 22.24 -31.50
C ASN B 230 65.50 22.56 -30.21
N THR B 231 65.99 23.55 -29.47
CA THR B 231 65.37 23.94 -28.20
C THR B 231 64.73 25.31 -28.31
N LEU B 232 64.87 25.95 -29.48
CA LEU B 232 64.40 27.31 -29.67
C LEU B 232 63.05 27.37 -30.38
N THR B 233 62.08 28.01 -29.72
CA THR B 233 60.71 28.11 -30.19
C THR B 233 60.31 29.59 -30.31
N THR B 234 59.73 29.96 -31.46
CA THR B 234 59.15 31.30 -31.64
C THR B 234 57.64 31.24 -31.41
N VAL B 235 57.14 32.10 -30.53
CA VAL B 235 55.71 32.19 -30.26
C VAL B 235 55.04 33.11 -31.30
N LEU B 236 53.98 32.62 -31.94
CA LEU B 236 53.34 33.33 -33.06
C LEU B 236 52.11 34.16 -32.65
N LEU B 237 51.77 34.11 -31.37
CA LEU B 237 50.63 34.84 -30.84
C LEU B 237 50.90 36.34 -30.77
N ASP B 238 49.89 37.13 -31.08
CA ASP B 238 50.00 38.59 -30.99
C ASP B 238 49.71 39.06 -29.57
N GLU B 239 49.62 40.38 -29.38
CA GLU B 239 49.38 40.98 -28.07
C GLU B 239 48.02 40.63 -27.47
N ASN B 240 47.10 40.16 -28.31
CA ASN B 240 45.80 39.69 -27.83
C ASN B 240 45.73 38.17 -27.65
N GLY B 241 46.83 37.48 -27.92
CA GLY B 241 46.89 36.02 -27.77
C GLY B 241 46.36 35.25 -28.98
N VAL B 242 46.40 35.87 -30.16
CA VAL B 242 45.90 35.24 -31.38
C VAL B 242 47.01 35.12 -32.43
N GLY B 243 47.20 33.91 -32.94
CA GLY B 243 48.17 33.65 -34.00
C GLY B 243 47.57 33.75 -35.38
N PRO B 244 48.40 33.62 -36.42
CA PRO B 244 47.86 33.68 -37.78
C PRO B 244 46.71 32.70 -37.97
N LEU B 245 45.65 33.15 -38.63
CA LEU B 245 44.49 32.31 -38.88
C LEU B 245 44.47 31.87 -40.35
N CYS B 246 44.48 30.56 -40.55
CA CYS B 246 44.68 29.98 -41.87
C CYS B 246 43.43 30.00 -42.74
N LYS B 247 43.36 31.02 -43.59
CA LYS B 247 42.28 31.16 -44.57
C LYS B 247 42.36 30.06 -45.61
N GLY B 248 41.19 29.57 -46.02
CA GLY B 248 41.08 28.50 -47.02
C GLY B 248 41.84 27.25 -46.66
N ASP B 249 42.06 27.05 -45.36
CA ASP B 249 42.85 25.92 -44.82
C ASP B 249 44.27 25.85 -45.38
N GLY B 250 44.87 27.01 -45.59
CA GLY B 250 46.23 27.12 -46.10
C GLY B 250 47.16 27.84 -45.15
N LEU B 251 48.27 27.18 -44.83
CA LEU B 251 49.35 27.74 -44.03
C LEU B 251 50.44 28.25 -44.96
N PHE B 252 50.79 29.52 -44.81
CA PHE B 252 51.82 30.11 -45.65
C PHE B 252 53.16 30.25 -44.96
N ILE B 253 54.18 29.64 -45.55
CA ILE B 253 55.53 29.61 -44.98
C ILE B 253 56.53 30.16 -45.99
N SER B 254 57.22 31.23 -45.58
CA SER B 254 58.15 31.96 -46.44
C SER B 254 59.50 32.06 -45.75
N CYS B 255 60.58 32.15 -46.54
CA CYS B 255 61.89 32.44 -45.97
C CYS B 255 62.91 32.93 -46.99
N ALA B 256 64.08 33.28 -46.48
CA ALA B 256 65.24 33.66 -47.29
C ALA B 256 66.46 33.55 -46.39
N ASP B 257 67.47 32.80 -46.83
CA ASP B 257 68.69 32.66 -46.03
C ASP B 257 69.97 32.75 -46.85
N ILE B 258 70.38 33.99 -47.15
CA ILE B 258 71.66 34.22 -47.83
C ILE B 258 72.79 34.20 -46.79
N VAL B 259 73.78 33.36 -47.02
CA VAL B 259 74.82 33.13 -46.00
C VAL B 259 76.21 33.65 -46.38
N GLY B 260 76.33 34.29 -47.54
CA GLY B 260 77.60 34.89 -47.94
C GLY B 260 78.04 34.58 -49.35
N PHE B 261 79.28 34.98 -49.67
CA PHE B 261 79.85 34.84 -51.00
C PHE B 261 80.73 33.58 -51.07
N LEU B 262 80.65 32.85 -52.18
CA LEU B 262 81.72 31.93 -52.53
C LEU B 262 82.76 32.76 -53.30
N PHE B 263 83.96 32.87 -52.74
CA PHE B 263 85.06 33.62 -53.37
C PHE B 263 85.86 32.71 -54.28
N LYS B 264 85.80 33.01 -55.58
CA LYS B 264 86.48 32.18 -56.59
C LYS B 264 87.87 32.74 -56.89
N THR B 265 88.77 31.87 -57.36
CA THR B 265 90.18 32.17 -57.59
C THR B 265 90.43 33.41 -58.46
N SER B 266 89.64 33.55 -59.52
CA SER B 266 89.75 34.66 -60.46
C SER B 266 89.37 36.00 -59.83
N GLY B 267 88.65 35.95 -58.71
CA GLY B 267 88.13 37.15 -58.08
C GLY B 267 86.62 37.26 -58.23
N LYS B 268 86.06 36.45 -59.12
CA LYS B 268 84.61 36.35 -59.28
C LYS B 268 83.99 35.92 -57.96
N MET B 269 82.75 36.36 -57.72
CA MET B 269 82.04 36.09 -56.47
C MET B 269 80.57 35.79 -56.75
N ALA B 270 80.02 34.88 -55.96
CA ALA B 270 78.64 34.43 -56.13
C ALA B 270 78.03 34.27 -54.75
N LEU B 271 76.77 34.65 -54.61
CA LEU B 271 76.09 34.49 -53.32
C LEU B 271 75.59 33.05 -53.13
N HIS B 272 75.39 32.67 -51.87
CA HIS B 272 75.07 31.31 -51.50
C HIS B 272 73.98 31.33 -50.44
N GLY B 273 73.08 30.36 -50.52
CA GLY B 273 72.03 30.21 -49.53
C GLY B 273 71.97 28.82 -48.94
N LEU B 274 71.22 28.72 -47.83
CA LEU B 274 70.99 27.43 -47.18
C LEU B 274 69.48 27.16 -47.02
N PRO B 275 69.09 25.87 -46.95
CA PRO B 275 67.69 25.52 -46.71
C PRO B 275 67.26 25.84 -45.29
N ARG B 276 65.94 25.90 -45.09
CA ARG B 276 65.40 26.17 -43.79
C ARG B 276 64.30 25.16 -43.47
N TYR B 277 64.32 24.69 -42.23
CA TYR B 277 63.33 23.74 -41.72
C TYR B 277 62.33 24.44 -40.81
N PHE B 278 61.08 23.97 -40.84
CA PHE B 278 60.00 24.49 -40.02
C PHE B 278 59.23 23.33 -39.35
N ASN B 279 58.87 23.53 -38.09
CA ASN B 279 57.86 22.69 -37.42
C ASN B 279 56.85 23.60 -36.73
N VAL B 280 55.68 23.76 -37.36
CA VAL B 280 54.65 24.70 -36.90
C VAL B 280 53.55 23.96 -36.13
N THR B 281 53.27 24.43 -34.92
CA THR B 281 52.20 23.90 -34.10
C THR B 281 50.99 24.77 -34.31
N LEU B 282 49.86 24.12 -34.64
CA LEU B 282 48.60 24.83 -34.86
C LEU B 282 47.50 24.25 -33.97
N ARG B 283 46.57 25.10 -33.57
CA ARG B 283 45.38 24.66 -32.83
C ARG B 283 44.09 25.12 -33.55
N LYS B 284 42.98 24.49 -33.22
CA LYS B 284 41.69 24.84 -33.79
C LYS B 284 41.08 26.04 -33.06
N ARG B 285 40.59 27.01 -33.82
CA ARG B 285 40.01 28.22 -33.27
C ARG B 285 38.65 28.55 -33.89
N TRP B 286 37.65 28.80 -33.05
CA TRP B 286 36.34 29.29 -33.50
C TRP B 286 36.44 30.74 -33.93
N VAL B 287 35.91 31.04 -35.11
CA VAL B 287 35.86 32.42 -35.65
C VAL B 287 34.48 32.74 -36.22
N LYS B 288 34.06 33.99 -36.04
CA LYS B 288 32.75 34.45 -36.47
C LYS B 288 32.86 35.09 -37.85
N VAL C 9 55.32 5.43 -26.20
CA VAL C 9 56.46 5.93 -25.38
C VAL C 9 55.96 6.96 -24.36
N GLU C 10 54.97 6.56 -23.56
CA GLU C 10 54.31 7.47 -22.61
C GLU C 10 55.12 7.74 -21.34
N VAL C 11 55.32 9.02 -21.04
CA VAL C 11 56.10 9.46 -19.90
C VAL C 11 55.19 9.61 -18.68
N LEU C 12 55.56 8.98 -17.59
CA LEU C 12 54.77 9.05 -16.36
C LEU C 12 55.45 9.95 -15.34
N SER C 13 55.32 9.63 -14.06
CA SER C 13 55.87 10.46 -13.00
C SER C 13 57.37 10.23 -12.78
N VAL C 14 58.03 11.29 -12.32
CA VAL C 14 59.42 11.22 -11.86
C VAL C 14 59.48 10.30 -10.64
N VAL C 15 60.44 9.39 -10.62
CA VAL C 15 60.61 8.45 -9.51
C VAL C 15 61.05 9.20 -8.25
N THR C 16 60.43 8.87 -7.11
CA THR C 16 60.88 9.37 -5.81
C THR C 16 61.74 8.31 -5.12
N GLY C 17 62.62 8.74 -4.22
CA GLY C 17 63.47 7.82 -3.48
C GLY C 17 64.91 8.28 -3.39
N GLU C 18 65.69 7.57 -2.58
CA GLU C 18 67.07 7.94 -2.23
C GLU C 18 67.97 8.23 -3.44
N ASP C 19 68.42 7.19 -4.11
CA ASP C 19 69.38 7.34 -5.20
C ASP C 19 68.70 7.46 -6.57
N SER C 20 67.73 8.37 -6.66
CA SER C 20 66.99 8.59 -7.89
C SER C 20 67.68 9.58 -8.84
N ILE C 21 68.72 10.24 -8.34
CA ILE C 21 69.52 11.19 -9.12
C ILE C 21 70.96 10.69 -9.25
N THR C 22 71.51 10.75 -10.46
CA THR C 22 72.92 10.41 -10.65
C THR C 22 73.64 11.38 -11.56
N GLN C 23 74.98 11.40 -11.50
N GLN C 23 74.97 11.33 -11.52
CA GLN C 23 75.78 12.31 -12.32
CA GLN C 23 75.84 12.24 -12.26
C GLN C 23 76.79 11.57 -13.19
C GLN C 23 76.68 11.43 -13.25
N ILE C 24 76.86 11.98 -14.45
CA ILE C 24 77.77 11.38 -15.42
C ILE C 24 78.79 12.42 -15.93
N GLU C 25 80.07 12.13 -15.71
CA GLU C 25 81.18 12.99 -16.11
C GLU C 25 81.98 12.33 -17.21
N LEU C 26 82.41 13.13 -18.17
CA LEU C 26 83.31 12.68 -19.23
C LEU C 26 83.91 13.86 -19.98
N TYR C 27 84.98 13.56 -20.70
CA TYR C 27 85.54 14.52 -21.65
C TYR C 27 85.64 13.88 -23.02
N LEU C 28 85.53 14.71 -24.05
CA LEU C 28 85.73 14.25 -25.41
C LEU C 28 86.86 15.05 -26.03
N ASN C 29 87.91 14.34 -26.45
CA ASN C 29 89.01 14.97 -27.17
C ASN C 29 88.62 15.22 -28.63
N PRO C 30 89.09 16.34 -29.21
CA PRO C 30 88.67 16.72 -30.56
C PRO C 30 89.19 15.77 -31.65
N ARG C 31 88.42 15.62 -32.72
CA ARG C 31 88.79 14.76 -33.83
C ARG C 31 88.90 15.58 -35.11
N MET C 32 89.97 16.35 -35.22
CA MET C 32 90.17 17.33 -36.29
C MET C 32 90.67 16.78 -37.63
N GLY C 33 91.14 15.54 -37.62
CA GLY C 33 91.70 14.91 -38.82
C GLY C 33 92.88 14.04 -38.45
N VAL C 34 93.77 14.59 -37.63
CA VAL C 34 94.79 13.81 -36.94
C VAL C 34 94.17 13.45 -35.58
N ASN C 35 93.52 12.29 -35.55
CA ASN C 35 92.62 11.94 -34.46
C ASN C 35 93.23 11.15 -33.31
N SER C 36 94.47 10.74 -33.48
CA SER C 36 95.17 9.95 -32.46
C SER C 36 96.46 10.61 -32.00
N PRO C 37 96.72 10.59 -30.68
CA PRO C 37 98.01 11.03 -30.15
C PRO C 37 99.07 9.92 -30.10
N ASP C 38 98.71 8.72 -30.56
CA ASP C 38 99.54 7.52 -30.34
C ASP C 38 100.24 6.94 -31.57
N LEU C 39 100.45 7.77 -32.60
CA LEU C 39 101.06 7.32 -33.85
C LEU C 39 102.47 7.88 -34.07
N PRO C 40 103.37 7.09 -34.69
CA PRO C 40 104.70 7.59 -35.02
C PRO C 40 104.68 8.62 -36.16
N THR C 42 103.39 11.43 -36.98
CA THR C 42 102.29 12.28 -37.44
C THR C 42 101.42 12.78 -36.29
N SER C 43 101.49 12.10 -35.15
CA SER C 43 100.70 12.47 -33.97
C SER C 43 101.06 13.85 -33.40
N ASN C 44 102.13 14.47 -33.93
CA ASN C 44 102.51 15.82 -33.56
CA ASN C 44 102.50 15.82 -33.53
C ASN C 44 101.44 16.83 -33.95
N TRP C 45 100.60 16.44 -34.91
CA TRP C 45 99.48 17.27 -35.36
C TRP C 45 98.11 16.86 -34.77
N TYR C 46 98.15 16.00 -33.76
CA TYR C 46 96.96 15.68 -32.96
C TYR C 46 96.22 16.96 -32.49
N THR C 47 94.91 17.00 -32.76
CA THR C 47 94.01 18.18 -32.51
C THR C 47 94.06 19.24 -33.62
N TYR C 48 94.76 18.93 -34.70
CA TYR C 48 94.82 19.80 -35.87
C TYR C 48 94.48 18.98 -37.10
N THR C 49 94.09 19.69 -38.16
CA THR C 49 94.05 19.13 -39.52
C THR C 49 95.45 19.22 -40.09
N TYR C 50 95.62 18.75 -41.33
CA TYR C 50 96.78 19.14 -42.13
C TYR C 50 96.54 20.51 -42.77
N ASP C 51 97.35 20.84 -43.76
CA ASP C 51 97.24 22.13 -44.44
C ASP C 51 96.03 22.20 -45.39
N LEU C 52 95.17 23.18 -45.15
CA LEU C 52 93.95 23.32 -45.92
C LEU C 52 94.22 24.25 -47.09
N GLN C 53 94.04 23.71 -48.31
CA GLN C 53 94.30 24.46 -49.54
C GLN C 53 93.30 24.11 -50.63
N PRO C 54 92.81 25.13 -51.36
CA PRO C 54 92.09 24.83 -52.60
C PRO C 54 93.02 24.19 -53.61
N LYS C 55 92.60 23.05 -54.16
CA LYS C 55 93.41 22.26 -55.11
C LYS C 55 93.83 23.05 -56.36
N GLY C 56 92.97 23.95 -56.83
CA GLY C 56 93.27 24.77 -58.01
C GLY C 56 92.74 24.19 -59.31
N SER C 57 92.33 22.93 -59.27
CA SER C 57 91.72 22.24 -60.42
C SER C 57 90.69 21.23 -59.91
N SER C 58 89.80 20.82 -60.81
N SER C 58 89.77 20.83 -60.78
CA SER C 58 88.68 19.93 -60.48
CA SER C 58 88.68 19.93 -60.41
C SER C 58 89.05 18.43 -60.63
C SER C 58 89.05 18.45 -60.61
N PRO C 59 88.51 17.56 -59.75
CA PRO C 59 87.68 17.88 -58.59
C PRO C 59 88.49 17.90 -57.31
N ASP C 60 87.91 18.47 -56.25
CA ASP C 60 88.49 18.39 -54.91
C ASP C 60 88.47 16.93 -54.44
N GLN C 61 89.61 16.48 -53.92
CA GLN C 61 89.71 15.14 -53.35
C GLN C 61 90.37 15.28 -51.98
N PRO C 62 89.61 15.74 -50.97
CA PRO C 62 90.21 16.03 -49.67
C PRO C 62 90.67 14.78 -48.97
N ILE C 63 91.71 14.91 -48.16
CA ILE C 63 92.24 13.81 -47.38
C ILE C 63 91.57 13.79 -45.99
N LYS C 64 91.51 12.61 -45.38
CA LYS C 64 90.81 12.45 -44.08
C LYS C 64 91.39 13.36 -42.99
N GLU C 65 92.68 13.67 -43.11
CA GLU C 65 93.36 14.57 -42.18
C GLU C 65 92.82 15.99 -42.24
N ASN C 66 92.13 16.31 -43.33
CA ASN C 66 91.59 17.65 -43.55
C ASN C 66 90.08 17.73 -43.38
N LEU C 67 89.53 16.73 -42.68
CA LEU C 67 88.09 16.65 -42.45
C LEU C 67 87.77 16.50 -40.96
N PRO C 68 87.75 17.63 -40.23
CA PRO C 68 87.33 17.62 -38.82
C PRO C 68 86.00 16.91 -38.67
N ALA C 69 85.88 16.12 -37.61
CA ALA C 69 84.75 15.24 -37.44
C ALA C 69 84.14 15.40 -36.06
N TYR C 70 82.88 15.02 -35.94
CA TYR C 70 82.19 15.07 -34.66
C TYR C 70 82.82 14.10 -33.67
N SER C 71 82.84 14.52 -32.40
CA SER C 71 83.18 13.60 -31.31
C SER C 71 81.87 13.03 -30.81
N VAL C 72 81.87 11.74 -30.45
CA VAL C 72 80.72 11.11 -29.77
C VAL C 72 81.14 10.02 -28.79
N ALA C 73 80.40 9.88 -27.70
CA ALA C 73 80.53 8.74 -26.82
C ALA C 73 79.15 8.26 -26.34
N ARG C 74 79.02 6.96 -26.18
CA ARG C 74 77.86 6.36 -25.53
C ARG C 74 78.30 5.97 -24.13
N VAL C 75 77.64 6.52 -23.13
CA VAL C 75 77.94 6.19 -21.73
C VAL C 75 76.90 5.21 -21.20
N SER C 76 77.37 4.05 -20.74
CA SER C 76 76.50 3.04 -20.12
C SER C 76 76.03 3.48 -18.75
N LEU C 77 74.73 3.32 -18.48
CA LEU C 77 74.13 3.77 -17.24
C LEU C 77 73.73 2.60 -16.35
N PRO C 78 73.54 2.85 -15.03
CA PRO C 78 73.05 1.81 -14.13
C PRO C 78 71.75 1.17 -14.62
N MET C 79 71.74 -0.16 -14.72
CA MET C 79 70.54 -0.93 -15.08
C MET C 79 69.49 -0.76 -13.97
N LEU C 80 68.26 -0.45 -14.37
CA LEU C 80 67.23 -0.05 -13.42
C LEU C 80 66.12 -1.09 -13.22
N ASN C 81 65.92 -1.93 -14.23
CA ASN C 81 64.75 -2.81 -14.28
C ASN C 81 65.14 -4.28 -14.19
N GLU C 82 64.62 -4.95 -13.18
CA GLU C 82 64.89 -6.39 -13.02
C GLU C 82 64.14 -7.19 -14.10
N ASP C 83 62.87 -6.88 -14.28
CA ASP C 83 62.04 -7.52 -15.30
C ASP C 83 61.74 -6.51 -16.41
N ILE C 84 62.38 -6.68 -17.57
CA ILE C 84 62.19 -5.78 -18.71
C ILE C 84 60.93 -6.02 -19.57
N THR C 85 60.15 -7.04 -19.22
CA THR C 85 58.92 -7.35 -19.97
C THR C 85 57.70 -6.60 -19.41
N CYS C 86 57.88 -5.91 -18.29
CA CYS C 86 56.84 -5.07 -17.71
C CYS C 86 56.61 -3.84 -18.59
N ASP C 87 55.33 -3.50 -18.81
CA ASP C 87 54.95 -2.32 -19.59
C ASP C 87 55.52 -1.03 -19.03
N THR C 88 55.53 -0.93 -17.70
CA THR C 88 56.04 0.25 -17.01
C THR C 88 57.43 -0.01 -16.42
N LEU C 89 58.39 0.77 -16.89
CA LEU C 89 59.80 0.64 -16.53
C LEU C 89 60.38 2.00 -16.14
N GLN C 90 61.45 1.98 -15.35
CA GLN C 90 62.23 3.19 -15.07
C GLN C 90 63.28 3.41 -16.16
N MET C 91 63.46 4.67 -16.55
CA MET C 91 64.51 5.08 -17.49
C MET C 91 65.23 6.31 -16.96
N TRP C 92 66.53 6.41 -17.25
CA TRP C 92 67.29 7.62 -16.92
C TRP C 92 66.90 8.76 -17.85
N GLU C 93 66.61 9.91 -17.26
CA GLU C 93 66.21 11.10 -17.99
C GLU C 93 67.28 12.14 -17.67
N ALA C 94 67.91 12.68 -18.72
CA ALA C 94 68.90 13.74 -18.57
C ALA C 94 68.18 15.08 -18.39
N ILE C 95 68.48 15.77 -17.30
CA ILE C 95 67.70 16.96 -16.97
C ILE C 95 68.51 18.24 -17.05
N SER C 96 69.83 18.12 -17.00
CA SER C 96 70.72 19.26 -17.08
C SER C 96 72.15 18.84 -17.37
N VAL C 97 72.95 19.79 -17.85
CA VAL C 97 74.35 19.54 -18.13
C VAL C 97 75.16 20.80 -17.89
N LYS C 98 76.32 20.62 -17.25
CA LYS C 98 77.37 21.63 -17.24
C LYS C 98 78.40 21.14 -18.24
N THR C 99 78.69 21.99 -19.23
CA THR C 99 79.66 21.65 -20.25
C THR C 99 80.61 22.81 -20.52
N GLU C 100 81.87 22.50 -20.81
CA GLU C 100 82.89 23.52 -20.93
C GLU C 100 83.92 23.11 -21.97
N VAL C 101 84.34 24.07 -22.76
CA VAL C 101 85.48 23.87 -23.66
C VAL C 101 86.78 24.01 -22.85
N VAL C 102 87.58 22.96 -22.87
CA VAL C 102 88.79 22.85 -22.06
C VAL C 102 90.00 23.37 -22.86
N GLY C 103 90.96 23.96 -22.15
CA GLY C 103 92.22 24.40 -22.78
C GLY C 103 92.12 25.70 -23.55
N ILE C 104 91.09 26.51 -23.26
CA ILE C 104 90.91 27.79 -23.93
C ILE C 104 92.12 28.71 -23.76
N SER C 105 92.66 28.76 -22.55
CA SER C 105 93.84 29.59 -22.22
C SER C 105 95.09 29.27 -23.06
N SER C 106 95.20 28.04 -23.56
CA SER C 106 96.32 27.66 -24.40
C SER C 106 96.42 28.51 -25.68
N LEU C 107 95.31 29.14 -26.07
CA LEU C 107 95.29 29.95 -27.28
C LEU C 107 95.92 31.33 -27.15
N ILE C 108 96.44 31.69 -25.96
CA ILE C 108 97.16 32.96 -25.84
C ILE C 108 98.58 32.88 -26.40
N ASN C 109 99.00 31.67 -26.79
CA ASN C 109 100.34 31.40 -27.31
C ASN C 109 100.48 32.02 -28.70
N VAL C 110 101.36 33.02 -28.80
CA VAL C 110 101.65 33.74 -30.04
C VAL C 110 103.15 33.64 -30.40
N HIS C 111 103.79 32.57 -29.94
CA HIS C 111 105.23 32.38 -30.15
C HIS C 111 105.57 30.96 -30.59
N TYR C 112 104.57 30.20 -31.04
CA TYR C 112 104.82 28.92 -31.70
C TYR C 112 105.89 29.14 -32.77
N TRP C 113 106.88 28.24 -32.84
CA TRP C 113 108.09 28.49 -33.63
C TRP C 113 107.79 28.72 -35.11
N ASP C 114 106.76 28.05 -35.62
CA ASP C 114 106.42 28.19 -37.02
C ASP C 114 105.14 28.98 -37.24
N MET C 115 104.84 29.91 -36.32
CA MET C 115 103.71 30.81 -36.51
C MET C 115 104.05 31.97 -37.43
N LYS C 116 103.19 32.22 -38.42
CA LYS C 116 103.30 33.41 -39.25
C LYS C 116 103.26 34.64 -38.35
N ARG C 117 104.21 35.55 -38.52
CA ARG C 117 104.20 36.79 -37.74
C ARG C 117 103.18 37.75 -38.33
N VAL C 118 102.46 38.45 -37.46
CA VAL C 118 101.41 39.36 -37.90
C VAL C 118 101.97 40.45 -38.83
N HIS C 119 103.18 40.90 -38.56
CA HIS C 119 103.93 41.77 -39.45
C HIS C 119 105.39 41.55 -39.15
N ASP C 120 106.28 42.22 -39.87
CA ASP C 120 107.73 41.97 -39.68
C ASP C 120 108.15 42.19 -38.22
N TYR C 121 108.78 41.15 -37.69
CA TYR C 121 109.34 41.09 -36.32
C TYR C 121 108.28 40.99 -35.19
N GLY C 122 107.02 40.84 -35.57
CA GLY C 122 105.91 40.83 -34.61
C GLY C 122 105.60 39.48 -33.98
N ALA C 123 104.57 39.47 -33.12
CA ALA C 123 104.08 38.23 -32.54
C ALA C 123 103.34 37.43 -33.62
N GLY C 124 103.12 36.14 -33.35
CA GLY C 124 102.39 35.28 -34.28
C GLY C 124 100.93 35.66 -34.37
N ILE C 125 100.32 35.38 -35.52
CA ILE C 125 98.87 35.52 -35.66
C ILE C 125 98.27 34.45 -34.76
N PRO C 126 97.48 34.85 -33.75
CA PRO C 126 96.92 33.84 -32.85
C PRO C 126 95.90 32.95 -33.54
N VAL C 127 95.62 31.79 -32.95
CA VAL C 127 94.57 30.91 -33.42
C VAL C 127 93.26 31.70 -33.52
N SER C 128 92.77 31.82 -34.73
CA SER C 128 91.62 32.67 -35.04
CA SER C 128 91.65 32.70 -35.07
C SER C 128 91.03 32.22 -36.37
N GLY C 129 89.86 32.77 -36.69
CA GLY C 129 89.19 32.45 -37.94
C GLY C 129 87.92 31.65 -37.79
N VAL C 130 87.80 30.57 -38.57
CA VAL C 130 86.59 29.75 -38.59
C VAL C 130 86.43 29.05 -37.24
N ASN C 131 85.25 29.25 -36.63
CA ASN C 131 84.88 28.52 -35.43
C ASN C 131 83.62 27.71 -35.71
N TYR C 132 83.54 26.54 -35.11
CA TYR C 132 82.31 25.77 -35.12
C TYR C 132 82.21 25.09 -33.76
N HIS C 133 81.07 25.30 -33.10
CA HIS C 133 80.90 24.84 -31.75
C HIS C 133 79.51 24.25 -31.60
N MET C 134 79.45 22.98 -31.22
CA MET C 134 78.17 22.35 -30.92
C MET C 134 78.31 21.26 -29.86
N PHE C 135 77.25 21.06 -29.09
CA PHE C 135 77.15 19.89 -28.25
C PHE C 135 75.73 19.35 -28.24
N ALA C 136 75.61 18.06 -27.99
CA ALA C 136 74.32 17.40 -27.94
C ALA C 136 74.30 16.33 -26.85
N ILE C 137 73.18 16.28 -26.14
CA ILE C 137 72.92 15.26 -25.14
C ILE C 137 71.64 14.54 -25.56
N GLY C 138 71.71 13.22 -25.70
CA GLY C 138 70.58 12.44 -26.19
C GLY C 138 70.42 11.09 -25.53
N GLY C 139 69.22 10.51 -25.67
CA GLY C 139 68.96 9.14 -25.19
C GLY C 139 69.19 8.08 -26.26
N GLU C 140 69.65 8.55 -27.42
CA GLU C 140 69.96 7.73 -28.59
C GLU C 140 70.95 8.52 -29.46
N PRO C 141 71.53 7.86 -30.50
CA PRO C 141 72.47 8.58 -31.37
C PRO C 141 71.85 9.86 -31.94
N LEU C 142 72.68 10.88 -32.16
CA LEU C 142 72.22 12.11 -32.80
C LEU C 142 71.84 11.82 -34.25
N ASP C 143 70.70 12.35 -34.69
CA ASP C 143 70.32 12.23 -36.12
C ASP C 143 71.00 13.32 -36.94
N LEU C 144 71.54 12.91 -38.09
CA LEU C 144 72.31 13.82 -38.94
C LEU C 144 71.67 14.02 -40.31
N GLN C 145 71.78 15.24 -40.80
CA GLN C 145 71.40 15.59 -42.17
C GLN C 145 72.65 15.94 -42.96
N GLY C 146 72.76 15.36 -44.15
CA GLY C 146 73.88 15.66 -45.05
C GLY C 146 73.62 16.86 -45.96
N LEU C 147 74.61 17.74 -46.06
CA LEU C 147 74.61 18.86 -46.99
C LEU C 147 76.04 19.34 -47.20
N VAL C 148 76.45 19.49 -48.46
CA VAL C 148 77.82 19.92 -48.78
C VAL C 148 77.89 21.20 -49.59
N LEU C 149 79.02 21.89 -49.49
CA LEU C 149 79.28 23.11 -50.26
C LEU C 149 79.34 22.80 -51.77
N ASP C 150 79.86 21.63 -52.10
CA ASP C 150 80.11 21.24 -53.48
C ASP C 150 79.84 19.75 -53.63
N TYR C 151 78.81 19.41 -54.40
CA TYR C 151 78.39 18.03 -54.56
C TYR C 151 79.41 17.20 -55.35
N GLN C 152 80.31 17.87 -56.05
CA GLN C 152 81.33 17.22 -56.87
C GLN C 152 82.54 16.77 -56.06
N THR C 153 82.68 17.27 -54.83
CA THR C 153 83.76 16.86 -53.94
C THR C 153 83.85 15.32 -53.88
N GLN C 154 85.06 14.81 -54.02
CA GLN C 154 85.29 13.37 -53.98
C GLN C 154 85.88 12.96 -52.63
N TYR C 155 85.00 12.67 -51.68
CA TYR C 155 85.42 12.29 -50.35
C TYR C 155 86.08 10.90 -50.32
N PRO C 156 87.00 10.67 -49.38
CA PRO C 156 87.72 9.39 -49.35
C PRO C 156 86.80 8.18 -49.18
N LYS C 157 87.00 7.17 -50.02
CA LYS C 157 86.36 5.88 -49.83
C LYS C 157 87.35 5.01 -49.05
N THR C 158 86.86 4.42 -47.97
CA THR C 158 87.70 3.62 -47.07
C THR C 158 87.14 2.23 -46.82
N THR C 159 87.93 1.42 -46.12
CA THR C 159 87.54 0.05 -45.77
C THR C 159 87.40 -0.14 -44.25
N ASN C 160 87.75 0.89 -43.49
CA ASN C 160 87.77 0.82 -42.02
C ASN C 160 86.74 1.70 -41.32
N GLY C 161 85.68 2.05 -42.05
CA GLY C 161 84.53 2.75 -41.48
C GLY C 161 84.67 4.24 -41.17
N GLY C 162 85.59 4.92 -41.85
CA GLY C 162 85.74 6.38 -41.71
C GLY C 162 86.64 7.03 -42.75
N PRO C 163 86.25 8.19 -43.29
CA PRO C 163 85.05 8.99 -42.97
C PRO C 163 83.79 8.55 -43.71
N ILE C 164 82.66 8.56 -43.00
CA ILE C 164 81.35 8.28 -43.60
C ILE C 164 80.76 9.59 -44.13
N THR C 165 80.53 9.62 -45.44
CA THR C 165 79.94 10.79 -46.10
C THR C 165 78.63 10.43 -46.84
N ILE C 166 78.10 11.36 -47.63
CA ILE C 166 76.81 11.14 -48.30
C ILE C 166 76.88 9.97 -49.28
N GLU C 167 77.95 9.90 -50.07
CA GLU C 167 78.13 8.78 -50.99
C GLU C 167 78.11 7.45 -50.22
N THR C 168 78.79 7.40 -49.08
CA THR C 168 78.80 6.22 -48.21
C THR C 168 77.38 5.72 -47.86
N VAL C 169 76.50 6.63 -47.44
N VAL C 169 76.50 6.64 -47.44
CA VAL C 169 75.14 6.23 -47.02
CA VAL C 169 75.15 6.28 -47.02
C VAL C 169 74.19 5.98 -48.19
C VAL C 169 74.23 5.94 -48.20
N LEU C 170 74.37 6.70 -49.29
CA LEU C 170 73.51 6.53 -50.46
C LEU C 170 73.87 5.29 -51.29
N GLY C 171 75.14 4.89 -51.24
CA GLY C 171 75.62 3.79 -52.07
C GLY C 171 75.75 4.20 -53.53
N ARG C 172 75.87 5.51 -53.77
CA ARG C 172 75.96 6.12 -55.11
C ARG C 172 76.49 7.55 -55.00
N LYS C 173 76.96 8.11 -56.12
CA LYS C 173 77.51 9.47 -56.16
C LYS C 173 76.49 10.52 -55.75
N MET C 174 76.97 11.60 -55.10
CA MET C 174 76.14 12.77 -54.86
C MET C 174 75.68 13.38 -56.19
N THR C 175 74.53 14.04 -56.15
CA THR C 175 74.03 14.84 -57.25
C THR C 175 73.90 16.27 -56.74
N PRO C 176 73.57 17.23 -57.63
CA PRO C 176 73.41 18.63 -57.22
C PRO C 176 72.49 18.88 -56.03
N LYS C 177 71.45 18.06 -55.85
CA LYS C 177 70.50 18.23 -54.74
C LYS C 177 71.15 18.14 -53.35
N ASN C 178 72.34 17.55 -53.30
CA ASN C 178 73.10 17.44 -52.05
C ASN C 178 73.80 18.74 -51.63
N GLN C 179 73.72 19.77 -52.48
CA GLN C 179 74.10 21.11 -52.07
C GLN C 179 72.94 21.76 -51.31
N GLY C 180 71.75 21.15 -51.44
CA GLY C 180 70.57 21.50 -50.66
C GLY C 180 70.17 20.37 -49.72
N LEU C 181 68.94 20.42 -49.22
CA LEU C 181 68.47 19.41 -48.28
C LEU C 181 67.79 18.29 -49.05
N ASP C 182 68.47 17.14 -49.06
CA ASP C 182 68.01 15.90 -49.67
C ASP C 182 67.61 14.97 -48.53
N PRO C 183 66.30 14.59 -48.47
CA PRO C 183 65.78 13.76 -47.36
C PRO C 183 66.40 12.36 -47.26
N GLN C 184 67.00 11.87 -48.34
CA GLN C 184 67.70 10.58 -48.32
C GLN C 184 69.09 10.68 -47.70
N ALA C 185 69.68 11.87 -47.70
CA ALA C 185 71.01 12.05 -47.11
C ALA C 185 70.89 12.20 -45.59
N LYS C 186 70.75 11.06 -44.90
CA LYS C 186 70.54 11.02 -43.45
C LYS C 186 71.39 9.92 -42.80
N ALA C 187 71.87 10.20 -41.60
CA ALA C 187 72.70 9.24 -40.87
C ALA C 187 72.55 9.42 -39.36
N LYS C 188 73.10 8.46 -38.61
CA LYS C 188 73.14 8.59 -37.16
C LYS C 188 74.58 8.77 -36.69
N LEU C 189 74.78 9.67 -35.74
CA LEU C 189 76.12 9.93 -35.20
C LEU C 189 76.49 8.82 -34.21
N ASP C 190 76.95 7.70 -34.77
CA ASP C 190 77.18 6.51 -33.96
C ASP C 190 78.64 6.09 -33.85
N LYS C 191 79.55 6.85 -34.46
CA LYS C 191 80.98 6.58 -34.35
C LYS C 191 81.80 7.85 -34.18
N ASP C 192 82.72 7.80 -33.21
CA ASP C 192 83.63 8.90 -32.89
C ASP C 192 84.62 9.16 -34.01
N GLY C 193 84.70 10.42 -34.45
CA GLY C 193 85.70 10.87 -35.40
C GLY C 193 85.52 10.37 -36.83
N ASN C 194 84.34 9.87 -37.16
CA ASN C 194 84.09 9.33 -38.49
C ASN C 194 83.11 10.13 -39.37
N TYR C 195 82.35 11.04 -38.77
CA TYR C 195 81.36 11.82 -39.51
C TYR C 195 81.84 13.26 -39.63
N PRO C 196 82.32 13.65 -40.83
CA PRO C 196 82.88 14.99 -41.08
C PRO C 196 81.90 16.12 -40.84
N ILE C 197 82.36 17.13 -40.12
CA ILE C 197 81.55 18.31 -39.84
C ILE C 197 81.05 18.99 -41.14
N GLU C 198 81.91 19.10 -42.15
CA GLU C 198 81.54 19.79 -43.39
C GLU C 198 80.48 19.05 -44.24
N VAL C 199 80.13 17.83 -43.84
CA VAL C 199 79.15 17.02 -44.57
C VAL C 199 77.85 16.89 -43.78
N TRP C 200 77.98 16.72 -42.47
CA TRP C 200 76.84 16.41 -41.61
C TRP C 200 76.53 17.52 -40.61
N CYS C 201 75.26 17.86 -40.49
CA CYS C 201 74.75 18.76 -39.45
C CYS C 201 73.61 18.03 -38.71
N PRO C 202 73.16 18.54 -37.53
CA PRO C 202 72.07 17.86 -36.84
C PRO C 202 70.78 17.96 -37.64
N ASP C 203 70.02 16.86 -37.67
CA ASP C 203 68.75 16.82 -38.39
C ASP C 203 67.61 17.41 -37.55
N PRO C 204 67.15 18.62 -37.91
CA PRO C 204 66.12 19.27 -37.09
C PRO C 204 64.73 18.62 -37.23
N SER C 205 64.59 17.70 -38.20
CA SER C 205 63.31 17.02 -38.45
C SER C 205 63.17 15.75 -37.63
N LYS C 206 64.25 15.35 -36.95
CA LYS C 206 64.21 14.25 -36.00
C LYS C 206 64.75 14.72 -34.66
N ASN C 207 65.60 13.92 -34.03
CA ASN C 207 66.21 14.31 -32.76
C ASN C 207 65.22 14.73 -31.65
N GLU C 208 64.05 14.09 -31.62
CA GLU C 208 63.07 14.36 -30.58
C GLU C 208 63.58 13.95 -29.18
N ASN C 209 64.44 12.93 -29.15
CA ASN C 209 65.04 12.45 -27.92
C ASN C 209 66.48 12.95 -27.69
N SER C 210 66.81 14.09 -28.31
CA SER C 210 68.11 14.76 -28.08
C SER C 210 67.92 16.27 -27.97
N ARG C 211 68.84 16.93 -27.25
CA ARG C 211 68.96 18.39 -27.28
C ARG C 211 70.33 18.71 -27.85
N TYR C 212 70.38 19.64 -28.82
CA TYR C 212 71.66 20.13 -29.36
C TYR C 212 71.66 21.64 -29.47
N TYR C 213 72.85 22.22 -29.40
CA TYR C 213 73.07 23.67 -29.37
C TYR C 213 74.35 23.92 -30.16
N GLY C 214 74.33 24.87 -31.09
CA GLY C 214 75.49 25.08 -31.95
C GLY C 214 75.61 26.44 -32.61
N SER C 215 76.80 26.75 -33.08
CA SER C 215 77.03 27.98 -33.81
C SER C 215 78.20 27.81 -34.75
N ILE C 216 78.26 28.69 -35.74
CA ILE C 216 79.41 28.78 -36.62
C ILE C 216 79.84 30.24 -36.62
N GLN C 217 81.12 30.43 -36.92
CA GLN C 217 81.66 31.74 -37.23
C GLN C 217 82.63 31.55 -38.40
N THR C 218 82.37 32.23 -39.53
CA THR C 218 83.32 32.23 -40.64
C THR C 218 84.24 33.46 -40.61
N GLY C 219 84.99 33.68 -41.69
CA GLY C 219 86.03 34.71 -41.70
C GLY C 219 87.38 34.05 -41.50
N SER C 220 88.44 34.69 -41.98
CA SER C 220 89.76 34.04 -41.97
C SER C 220 90.56 34.32 -40.71
N GLN C 221 90.43 35.52 -40.16
CA GLN C 221 91.17 35.89 -38.95
C GLN C 221 90.26 36.46 -37.88
N THR C 222 88.97 36.15 -37.99
CA THR C 222 87.97 36.55 -37.04
C THR C 222 88.37 36.10 -35.63
N PRO C 223 88.27 37.02 -34.65
CA PRO C 223 88.55 36.73 -33.25
C PRO C 223 87.86 35.46 -32.75
N THR C 224 88.64 34.59 -32.12
CA THR C 224 88.04 33.49 -31.37
C THR C 224 87.69 34.04 -30.02
N VAL C 225 86.40 33.98 -29.70
CA VAL C 225 85.86 34.61 -28.49
C VAL C 225 85.07 33.54 -27.76
N LEU C 226 85.59 33.12 -26.61
CA LEU C 226 85.01 32.03 -25.84
C LEU C 226 84.98 32.36 -24.37
N GLN C 227 83.95 31.84 -23.68
CA GLN C 227 83.85 31.97 -22.23
C GLN C 227 83.96 30.59 -21.59
N PHE C 228 84.34 30.58 -20.31
CA PHE C 228 84.35 29.37 -19.48
C PHE C 228 83.98 29.76 -18.06
N SER C 229 83.04 29.02 -17.50
CA SER C 229 82.64 29.20 -16.12
C SER C 229 81.98 27.94 -15.62
N ASN C 230 82.36 27.52 -14.42
CA ASN C 230 81.74 26.34 -13.80
C ASN C 230 80.43 26.66 -13.10
N THR C 231 79.91 27.88 -13.32
CA THR C 231 78.61 28.28 -12.81
C THR C 231 77.48 28.17 -13.85
N LEU C 232 77.82 27.75 -15.07
CA LEU C 232 76.85 27.71 -16.18
C LEU C 232 76.24 26.33 -16.42
N THR C 233 74.92 26.29 -16.34
CA THR C 233 74.14 25.07 -16.47
C THR C 233 73.13 25.18 -17.62
N THR C 234 73.07 24.13 -18.43
CA THR C 234 72.06 24.00 -19.47
C THR C 234 70.94 23.04 -19.05
N VAL C 235 69.73 23.56 -18.96
CA VAL C 235 68.56 22.73 -18.68
C VAL C 235 68.20 21.97 -19.95
N LEU C 236 67.95 20.67 -19.80
CA LEU C 236 67.74 19.75 -20.92
C LEU C 236 66.28 19.32 -21.08
N LEU C 237 65.41 19.93 -20.28
CA LEU C 237 63.99 19.61 -20.33
C LEU C 237 63.32 20.31 -21.52
N ASP C 238 62.45 19.58 -22.21
CA ASP C 238 61.62 20.22 -23.24
C ASP C 238 60.49 21.05 -22.61
N GLU C 239 59.58 21.57 -23.43
CA GLU C 239 58.50 22.44 -22.94
C GLU C 239 57.54 21.72 -21.99
N ASN C 240 57.45 20.39 -22.12
CA ASN C 240 56.63 19.57 -21.20
C ASN C 240 57.37 19.16 -19.93
N GLY C 241 58.60 19.64 -19.77
CA GLY C 241 59.40 19.35 -18.58
C GLY C 241 60.09 17.99 -18.64
N VAL C 242 60.25 17.46 -19.84
CA VAL C 242 60.81 16.13 -20.04
C VAL C 242 62.16 16.22 -20.77
N GLY C 243 63.19 15.61 -20.16
CA GLY C 243 64.49 15.53 -20.79
C GLY C 243 64.65 14.25 -21.62
N PRO C 244 65.76 14.14 -22.36
CA PRO C 244 66.06 12.93 -23.13
C PRO C 244 65.96 11.68 -22.26
N LEU C 245 65.28 10.67 -22.79
CA LEU C 245 65.15 9.39 -22.11
C LEU C 245 66.13 8.39 -22.71
N CYS C 246 66.99 7.84 -21.87
CA CYS C 246 68.07 6.98 -22.33
C CYS C 246 67.59 5.55 -22.51
N LYS C 247 67.27 5.22 -23.76
CA LYS C 247 66.91 3.85 -24.11
C LYS C 247 68.15 2.98 -24.13
N GLY C 248 67.98 1.74 -23.69
CA GLY C 248 69.08 0.78 -23.57
C GLY C 248 70.06 1.15 -22.47
N ASP C 249 69.62 2.00 -21.54
CA ASP C 249 70.46 2.55 -20.47
C ASP C 249 71.75 3.20 -21.02
N GLY C 250 71.60 3.94 -22.13
CA GLY C 250 72.72 4.59 -22.79
C GLY C 250 72.51 6.07 -22.98
N LEU C 251 73.49 6.86 -22.52
CA LEU C 251 73.51 8.31 -22.73
C LEU C 251 74.49 8.68 -23.84
N PHE C 252 73.96 9.34 -24.88
CA PHE C 252 74.78 9.74 -26.00
C PHE C 252 75.19 11.20 -25.87
N ILE C 253 76.49 11.41 -25.97
CA ILE C 253 77.07 12.76 -25.87
C ILE C 253 77.92 13.02 -27.10
N SER C 254 77.62 14.11 -27.78
CA SER C 254 78.26 14.49 -29.05
C SER C 254 78.72 15.95 -29.03
N CYS C 255 79.78 16.25 -29.79
CA CYS C 255 80.26 17.63 -29.84
C CYS C 255 81.28 17.89 -30.97
N ALA C 256 81.56 19.18 -31.18
CA ALA C 256 82.64 19.65 -32.08
C ALA C 256 83.03 21.05 -31.66
N ASP C 257 84.34 21.32 -31.61
CA ASP C 257 84.81 22.63 -31.17
C ASP C 257 86.03 23.09 -31.95
N ILE C 258 85.79 23.54 -33.17
CA ILE C 258 86.83 24.13 -33.99
C ILE C 258 87.03 25.56 -33.49
N VAL C 259 88.28 25.91 -33.17
CA VAL C 259 88.58 27.21 -32.55
C VAL C 259 89.42 28.12 -33.46
N GLY C 260 89.69 27.66 -34.69
CA GLY C 260 90.37 28.52 -35.67
C GLY C 260 91.56 27.91 -36.37
N PHE C 261 92.30 28.77 -37.08
CA PHE C 261 93.46 28.35 -37.85
C PHE C 261 94.78 28.54 -37.08
N LEU C 262 95.69 27.61 -37.26
CA LEU C 262 97.08 27.85 -36.95
C LEU C 262 97.71 28.44 -38.22
N PHE C 263 98.14 29.69 -38.15
CA PHE C 263 98.81 30.32 -39.28
C PHE C 263 100.30 29.99 -39.27
N LYS C 264 100.74 29.25 -40.28
CA LYS C 264 102.12 28.83 -40.39
C LYS C 264 102.93 29.85 -41.21
N THR C 265 104.23 29.91 -40.96
CA THR C 265 105.17 30.83 -41.61
C THR C 265 105.06 30.86 -43.15
N SER C 266 105.01 29.69 -43.77
CA SER C 266 104.92 29.52 -45.22
C SER C 266 103.64 30.10 -45.82
N GLY C 267 102.63 30.30 -44.97
CA GLY C 267 101.33 30.80 -45.41
C GLY C 267 100.27 29.74 -45.31
N LYS C 268 100.70 28.49 -45.14
CA LYS C 268 99.82 27.35 -44.94
C LYS C 268 99.02 27.53 -43.65
N MET C 269 97.85 26.87 -43.61
CA MET C 269 96.91 27.02 -42.51
C MET C 269 96.20 25.69 -42.22
N ALA C 270 96.11 25.38 -40.93
CA ALA C 270 95.44 24.19 -40.44
C ALA C 270 94.39 24.58 -39.39
N LEU C 271 93.26 23.89 -39.40
CA LEU C 271 92.25 24.14 -38.38
C LEU C 271 92.62 23.41 -37.09
N HIS C 272 92.16 23.96 -35.97
CA HIS C 272 92.49 23.46 -34.66
C HIS C 272 91.21 23.28 -33.83
N GLY C 273 91.20 22.26 -32.99
CA GLY C 273 90.07 22.00 -32.12
C GLY C 273 90.51 21.89 -30.67
N LEU C 274 89.53 21.98 -29.77
CA LEU C 274 89.77 21.82 -28.34
C LEU C 274 88.79 20.78 -27.75
N PRO C 275 89.22 20.08 -26.67
CA PRO C 275 88.33 19.13 -26.00
C PRO C 275 87.18 19.78 -25.22
N ARG C 276 86.20 18.95 -24.86
CA ARG C 276 85.03 19.45 -24.17
C ARG C 276 84.68 18.54 -22.99
N TYR C 277 84.36 19.16 -21.87
CA TYR C 277 83.98 18.47 -20.67
C TYR C 277 82.47 18.51 -20.50
N PHE C 278 81.93 17.46 -19.89
CA PHE C 278 80.49 17.33 -19.64
C PHE C 278 80.23 16.77 -18.24
N ASN C 279 79.28 17.38 -17.54
CA ASN C 279 78.73 16.82 -16.31
C ASN C 279 77.21 16.82 -16.44
N VAL C 280 76.65 15.63 -16.70
CA VAL C 280 75.22 15.46 -16.94
C VAL C 280 74.53 14.91 -15.69
N THR C 281 73.49 15.62 -15.25
CA THR C 281 72.64 15.17 -14.17
C THR C 281 71.48 14.41 -14.77
N LEU C 282 71.26 13.19 -14.28
CA LEU C 282 70.12 12.38 -14.73
C LEU C 282 69.20 12.01 -13.57
N ARG C 283 67.93 11.75 -13.88
CA ARG C 283 66.97 11.29 -12.88
C ARG C 283 66.17 10.09 -13.39
N LYS C 284 65.69 9.28 -12.46
CA LYS C 284 64.87 8.14 -12.80
C LYS C 284 63.44 8.59 -13.10
N ARG C 285 62.90 8.10 -14.20
CA ARG C 285 61.56 8.44 -14.67
C ARG C 285 60.79 7.18 -15.03
N TRP C 286 59.56 7.09 -14.51
CA TRP C 286 58.65 6.04 -14.94
C TRP C 286 58.16 6.33 -16.35
N VAL C 287 58.26 5.34 -17.22
CA VAL C 287 57.70 5.42 -18.57
C VAL C 287 56.88 4.17 -18.89
N LYS C 288 55.96 4.30 -19.85
CA LYS C 288 55.00 3.25 -20.16
C LYS C 288 55.22 2.70 -21.57
N VAL D 9 81.50 16.34 3.29
CA VAL D 9 81.15 17.35 4.34
C VAL D 9 79.75 17.93 4.16
N GLU D 10 78.81 17.53 5.03
CA GLU D 10 77.43 18.02 4.95
C GLU D 10 77.24 19.44 5.51
N VAL D 11 76.54 20.28 4.74
CA VAL D 11 76.37 21.70 5.03
C VAL D 11 75.10 21.89 5.86
N LEU D 12 75.22 22.54 7.01
CA LEU D 12 74.05 22.79 7.87
C LEU D 12 73.53 24.21 7.69
N SER D 13 73.02 24.79 8.76
CA SER D 13 72.37 26.10 8.69
C SER D 13 73.37 27.26 8.66
N VAL D 14 72.94 28.36 8.09
CA VAL D 14 73.66 29.63 8.14
C VAL D 14 73.62 30.16 9.57
N VAL D 15 74.76 30.63 10.07
CA VAL D 15 74.86 31.18 11.41
C VAL D 15 74.19 32.55 11.52
N THR D 16 73.51 32.80 12.64
CA THR D 16 72.88 34.10 12.89
C THR D 16 73.55 34.76 14.10
N GLY D 17 73.60 36.10 14.08
CA GLY D 17 74.24 36.85 15.16
C GLY D 17 74.83 38.18 14.69
N GLU D 18 75.43 38.91 15.62
CA GLU D 18 75.95 40.25 15.35
C GLU D 18 77.13 40.25 14.37
N ASP D 19 78.14 39.43 14.65
CA ASP D 19 79.34 39.36 13.81
C ASP D 19 79.29 38.16 12.87
N SER D 20 78.19 38.05 12.14
CA SER D 20 77.96 36.90 11.25
C SER D 20 78.55 37.10 9.84
N ILE D 21 78.66 38.36 9.42
CA ILE D 21 79.16 38.70 8.09
C ILE D 21 80.49 39.43 8.19
N THR D 22 81.35 39.26 7.18
CA THR D 22 82.58 40.04 7.06
C THR D 22 82.92 40.32 5.58
N GLN D 23 83.73 41.34 5.34
N GLN D 23 83.71 41.36 5.36
CA GLN D 23 84.15 41.70 3.98
CA GLN D 23 84.20 41.73 4.03
C GLN D 23 85.67 41.68 3.83
C GLN D 23 85.69 41.52 3.94
N ILE D 24 86.14 40.93 2.83
CA ILE D 24 87.56 40.81 2.56
C ILE D 24 87.85 41.63 1.31
N GLU D 25 88.76 42.59 1.44
CA GLU D 25 89.22 43.43 0.34
C GLU D 25 90.66 43.09 -0.04
N LEU D 26 90.93 43.00 -1.35
CA LEU D 26 92.30 42.92 -1.84
C LEU D 26 92.42 43.28 -3.30
N TYR D 27 93.64 43.56 -3.72
CA TYR D 27 93.95 43.70 -5.14
C TYR D 27 95.04 42.70 -5.50
N LEU D 28 95.10 42.31 -6.76
CA LEU D 28 96.17 41.46 -7.25
C LEU D 28 96.82 42.09 -8.48
N ASN D 29 98.11 42.37 -8.36
CA ASN D 29 98.88 42.92 -9.48
C ASN D 29 99.25 41.87 -10.51
N PRO D 30 99.31 42.26 -11.80
CA PRO D 30 99.44 41.26 -12.85
C PRO D 30 100.82 40.61 -12.89
N ARG D 31 100.87 39.36 -13.31
CA ARG D 31 102.12 38.62 -13.42
C ARG D 31 102.36 38.18 -14.86
N MET D 32 102.78 39.15 -15.67
CA MET D 32 102.88 38.97 -17.12
C MET D 32 104.17 38.33 -17.61
N GLY D 33 105.18 38.30 -16.75
CA GLY D 33 106.50 37.82 -17.14
C GLY D 33 107.58 38.58 -16.39
N VAL D 34 107.49 39.90 -16.45
CA VAL D 34 108.23 40.75 -15.52
C VAL D 34 107.30 41.01 -14.33
N ASN D 35 107.52 40.24 -13.26
CA ASN D 35 106.55 40.11 -12.16
C ASN D 35 106.79 40.98 -10.93
N SER D 36 107.93 41.67 -10.90
CA SER D 36 108.29 42.52 -9.78
C SER D 36 108.62 43.95 -10.24
N PRO D 37 108.19 44.97 -9.46
CA PRO D 37 108.54 46.35 -9.70
C PRO D 37 109.77 46.81 -8.93
N ASP D 38 110.38 45.89 -8.18
CA ASP D 38 111.45 46.24 -7.22
C ASP D 38 112.84 45.80 -7.66
N LEU D 39 113.03 45.62 -8.96
CA LEU D 39 114.33 45.19 -9.49
C LEU D 39 114.96 46.22 -10.41
N THR D 42 115.47 45.83 -14.47
CA THR D 42 114.54 45.23 -15.42
C THR D 42 113.07 45.52 -15.11
N SER D 43 112.81 46.22 -13.99
CA SER D 43 111.44 46.49 -13.56
C SER D 43 110.66 47.51 -14.40
N ASN D 44 111.35 48.20 -15.31
CA ASN D 44 110.70 49.10 -16.27
CA ASN D 44 110.69 49.10 -16.27
C ASN D 44 109.58 48.40 -17.07
N TRP D 45 109.73 47.09 -17.28
CA TRP D 45 108.75 46.29 -18.00
C TRP D 45 107.77 45.52 -17.11
N TYR D 46 107.70 45.89 -15.83
CA TYR D 46 106.69 45.36 -14.92
C TYR D 46 105.28 45.56 -15.51
N THR D 47 104.46 44.51 -15.42
CA THR D 47 103.10 44.37 -16.03
C THR D 47 103.11 44.11 -17.53
N TYR D 48 104.29 43.80 -18.07
CA TYR D 48 104.44 43.42 -19.47
C TYR D 48 105.23 42.13 -19.60
N THR D 49 105.13 41.50 -20.77
CA THR D 49 106.05 40.44 -21.13
C THR D 49 107.28 41.08 -21.78
N TYR D 50 108.20 40.24 -22.22
CA TYR D 50 109.23 40.67 -23.14
C TYR D 50 108.66 40.52 -24.55
N ASP D 51 109.48 40.68 -25.58
CA ASP D 51 108.96 40.68 -26.96
C ASP D 51 108.60 39.27 -27.42
N LEU D 52 107.34 39.10 -27.81
CA LEU D 52 106.82 37.80 -28.18
C LEU D 52 106.99 37.63 -29.66
N GLN D 53 107.76 36.61 -30.07
CA GLN D 53 108.14 36.51 -31.47
C GLN D 53 108.46 35.10 -31.93
N PRO D 54 107.59 34.49 -32.75
CA PRO D 54 107.89 33.18 -33.32
C PRO D 54 109.27 33.20 -33.95
N LYS D 55 110.10 32.22 -33.59
CA LYS D 55 111.50 32.22 -34.00
C LYS D 55 111.64 32.03 -35.51
N GLY D 56 110.76 31.22 -36.10
CA GLY D 56 110.88 30.83 -37.49
C GLY D 56 111.58 29.48 -37.67
N SER D 57 112.25 29.02 -36.62
CA SER D 57 112.95 27.72 -36.63
C SER D 57 112.71 26.99 -35.31
N SER D 58 112.79 25.65 -35.34
CA SER D 58 112.50 24.83 -34.16
C SER D 58 113.76 24.57 -33.30
N PRO D 59 113.58 24.25 -32.00
CA PRO D 59 112.35 24.24 -31.22
C PRO D 59 112.05 25.62 -30.60
N ASP D 60 110.84 25.78 -30.06
CA ASP D 60 110.52 26.95 -29.28
C ASP D 60 110.93 26.70 -27.83
N GLN D 61 111.76 27.60 -27.30
CA GLN D 61 112.22 27.55 -25.91
C GLN D 61 111.88 28.87 -25.21
N PRO D 62 110.59 29.06 -24.85
CA PRO D 62 110.19 30.38 -24.38
C PRO D 62 110.91 30.77 -23.10
N ILE D 63 111.15 32.06 -22.91
CA ILE D 63 111.74 32.54 -21.67
C ILE D 63 110.64 32.81 -20.64
N LYS D 64 111.02 32.84 -19.36
CA LYS D 64 110.04 33.06 -18.30
C LYS D 64 109.32 34.40 -18.43
N GLU D 65 110.02 35.40 -18.99
CA GLU D 65 109.44 36.74 -19.18
C GLU D 65 108.37 36.79 -20.26
N ASN D 66 108.27 35.73 -21.07
CA ASN D 66 107.26 35.66 -22.11
C ASN D 66 106.08 34.74 -21.75
N LEU D 67 105.96 34.39 -20.48
CA LEU D 67 104.87 33.53 -20.03
C LEU D 67 104.03 34.18 -18.93
N PRO D 68 102.97 34.92 -19.34
CA PRO D 68 102.00 35.44 -18.38
C PRO D 68 101.41 34.31 -17.54
N ALA D 69 101.27 34.60 -16.25
CA ALA D 69 100.86 33.61 -15.27
C ALA D 69 99.68 34.11 -14.44
N TYR D 70 98.96 33.16 -13.84
CA TYR D 70 97.85 33.50 -12.94
C TYR D 70 98.35 34.21 -11.69
N SER D 71 97.59 35.23 -11.28
CA SER D 71 97.76 35.85 -9.98
C SER D 71 96.99 34.99 -8.98
N VAL D 72 97.50 34.88 -7.76
CA VAL D 72 96.74 34.22 -6.69
C VAL D 72 97.14 34.74 -5.31
N ALA D 73 96.17 34.77 -4.41
CA ALA D 73 96.44 35.00 -3.00
C ALA D 73 95.55 34.11 -2.13
N ARG D 74 96.13 33.57 -1.06
CA ARG D 74 95.35 32.95 0.01
C ARG D 74 95.11 34.01 1.08
N VAL D 75 93.85 34.23 1.42
CA VAL D 75 93.53 35.22 2.45
C VAL D 75 93.18 34.48 3.73
N SER D 76 93.94 34.74 4.78
CA SER D 76 93.66 34.17 6.09
C SER D 76 92.48 34.91 6.69
N LEU D 77 91.47 34.12 7.06
CA LEU D 77 90.24 34.63 7.60
C LEU D 77 90.24 34.52 9.12
N PRO D 78 89.46 35.36 9.80
CA PRO D 78 89.32 35.30 11.26
C PRO D 78 89.00 33.88 11.69
N MET D 79 89.79 33.32 12.59
CA MET D 79 89.57 31.96 13.06
C MET D 79 88.24 31.86 13.78
N LEU D 80 87.58 30.70 13.63
CA LEU D 80 86.18 30.54 14.05
C LEU D 80 85.95 29.51 15.17
N ASN D 81 86.78 28.47 15.18
CA ASN D 81 86.58 27.32 16.07
C ASN D 81 87.69 27.22 17.13
N THR D 88 81.77 18.81 13.92
CA THR D 88 80.77 19.86 13.69
C THR D 88 81.33 21.26 14.01
N LEU D 89 81.43 22.11 12.99
CA LEU D 89 82.17 23.38 13.11
C LEU D 89 81.66 24.49 12.19
N GLN D 90 82.11 25.72 12.46
CA GLN D 90 81.80 26.85 11.61
C GLN D 90 82.88 27.07 10.55
N MET D 91 82.43 27.30 9.31
CA MET D 91 83.31 27.72 8.22
C MET D 91 82.82 29.02 7.60
N TRP D 92 83.74 29.83 7.10
CA TRP D 92 83.39 30.99 6.30
C TRP D 92 82.90 30.54 4.92
N GLU D 93 81.78 31.11 4.50
CA GLU D 93 81.18 30.82 3.19
C GLU D 93 81.21 32.10 2.35
N ALA D 94 81.87 32.04 1.19
CA ALA D 94 81.90 33.19 0.28
C ALA D 94 80.57 33.30 -0.47
N ILE D 95 79.85 34.41 -0.29
CA ILE D 95 78.49 34.49 -0.82
C ILE D 95 78.34 35.40 -2.03
N SER D 96 79.24 36.38 -2.14
CA SER D 96 79.24 37.32 -3.25
C SER D 96 80.58 38.03 -3.39
N VAL D 97 80.81 38.62 -4.56
CA VAL D 97 82.03 39.39 -4.82
C VAL D 97 81.80 40.56 -5.77
N LYS D 98 82.37 41.70 -5.42
CA LYS D 98 82.51 42.81 -6.34
C LYS D 98 83.95 42.75 -6.81
N THR D 99 84.16 42.64 -8.11
CA THR D 99 85.51 42.58 -8.65
C THR D 99 85.58 43.52 -9.84
N GLU D 100 86.77 44.07 -10.07
CA GLU D 100 86.93 45.08 -11.10
C GLU D 100 88.37 45.11 -11.61
N VAL D 101 88.52 45.25 -12.92
CA VAL D 101 89.84 45.51 -13.52
C VAL D 101 90.22 46.98 -13.29
N VAL D 102 91.38 47.19 -12.67
CA VAL D 102 91.87 48.51 -12.29
C VAL D 102 92.80 49.05 -13.38
N GLY D 103 92.76 50.36 -13.61
CA GLY D 103 93.67 51.01 -14.57
C GLY D 103 93.27 50.91 -16.04
N ILE D 104 92.00 50.59 -16.30
CA ILE D 104 91.50 50.41 -17.67
C ILE D 104 91.74 51.70 -18.46
N SER D 105 91.54 52.84 -17.81
CA SER D 105 91.66 54.15 -18.45
C SER D 105 93.06 54.44 -19.01
N SER D 106 94.09 53.82 -18.42
CA SER D 106 95.47 54.06 -18.86
C SER D 106 95.67 53.64 -20.31
N LEU D 107 94.79 52.78 -20.80
CA LEU D 107 94.88 52.25 -22.15
C LEU D 107 94.47 53.22 -23.27
N ILE D 108 94.00 54.42 -22.92
CA ILE D 108 93.76 55.46 -23.94
C ILE D 108 95.05 56.13 -24.45
N ASN D 109 96.16 55.88 -23.74
CA ASN D 109 97.49 56.38 -24.11
C ASN D 109 97.93 55.83 -25.46
N VAL D 110 97.95 56.70 -26.46
CA VAL D 110 98.38 56.32 -27.81
C VAL D 110 99.67 57.05 -28.20
N HIS D 111 100.47 57.37 -27.19
CA HIS D 111 101.68 58.18 -27.38
C HIS D 111 102.83 57.67 -26.49
N TYR D 112 102.90 56.35 -26.35
CA TYR D 112 104.07 55.72 -25.77
C TYR D 112 105.24 56.07 -26.69
N TRP D 113 106.39 56.40 -26.10
CA TRP D 113 107.50 57.01 -26.86
C TRP D 113 107.96 56.10 -27.98
N ASP D 114 107.90 54.79 -27.75
CA ASP D 114 108.33 53.81 -28.74
C ASP D 114 107.17 53.03 -29.35
N MET D 115 106.02 53.69 -29.50
CA MET D 115 104.82 53.02 -30.02
C MET D 115 104.83 52.98 -31.54
N LYS D 116 104.55 51.81 -32.12
CA LYS D 116 104.37 51.72 -33.56
C LYS D 116 103.14 52.52 -33.99
N ARG D 117 103.28 53.30 -35.06
CA ARG D 117 102.21 54.16 -35.56
C ARG D 117 101.21 53.40 -36.43
N VAL D 118 99.95 53.84 -36.41
N VAL D 118 99.95 53.82 -36.40
CA VAL D 118 98.93 53.26 -37.29
CA VAL D 118 98.94 53.27 -37.29
C VAL D 118 99.24 53.56 -38.76
C VAL D 118 99.31 53.53 -38.75
N HIS D 119 99.84 54.73 -39.00
CA HIS D 119 100.33 55.14 -40.33
C HIS D 119 101.28 56.31 -40.10
N ASP D 120 101.91 56.78 -41.19
CA ASP D 120 102.83 57.93 -41.11
C ASP D 120 102.17 59.12 -40.44
N TYR D 121 102.87 59.66 -39.44
CA TYR D 121 102.45 60.87 -38.71
C TYR D 121 101.28 60.62 -37.76
N GLY D 122 100.87 59.35 -37.67
CA GLY D 122 99.71 58.98 -36.87
C GLY D 122 100.01 58.74 -35.41
N ALA D 123 98.96 58.49 -34.65
CA ALA D 123 99.07 58.09 -33.27
C ALA D 123 99.59 56.65 -33.19
N GLY D 124 100.03 56.25 -32.00
CA GLY D 124 100.40 54.85 -31.77
C GLY D 124 99.21 53.91 -31.91
N ILE D 125 99.49 52.68 -32.31
CA ILE D 125 98.50 51.61 -32.25
C ILE D 125 98.20 51.36 -30.77
N PRO D 126 96.94 51.52 -30.36
CA PRO D 126 96.61 51.32 -28.94
C PRO D 126 96.74 49.87 -28.51
N VAL D 127 96.94 49.65 -27.22
CA VAL D 127 96.94 48.31 -26.64
C VAL D 127 95.65 47.65 -27.10
N SER D 128 95.77 46.51 -27.77
N SER D 128 95.78 46.54 -27.82
CA SER D 128 94.66 45.83 -28.41
CA SER D 128 94.66 45.83 -28.43
C SER D 128 95.18 44.44 -28.79
C SER D 128 95.18 44.45 -28.83
N GLY D 129 94.29 43.58 -29.29
CA GLY D 129 94.68 42.20 -29.68
C GLY D 129 94.26 41.18 -28.63
N VAL D 130 95.15 40.24 -28.30
CA VAL D 130 94.80 39.13 -27.42
C VAL D 130 94.42 39.62 -26.01
N ASN D 131 93.19 39.27 -25.60
CA ASN D 131 92.71 39.45 -24.22
C ASN D 131 92.43 38.09 -23.59
N TYR D 132 92.69 37.97 -22.28
CA TYR D 132 92.33 36.80 -21.50
C TYR D 132 91.97 37.30 -20.10
N HIS D 133 90.70 37.13 -19.73
CA HIS D 133 90.18 37.57 -18.44
C HIS D 133 89.50 36.44 -17.68
N MET D 134 89.88 36.27 -16.43
CA MET D 134 89.28 35.28 -15.56
C MET D 134 89.51 35.68 -14.12
N PHE D 135 88.60 35.27 -13.26
CA PHE D 135 88.81 35.41 -11.83
C PHE D 135 88.12 34.24 -11.16
N ALA D 136 88.66 33.85 -10.02
CA ALA D 136 88.10 32.76 -9.26
C ALA D 136 88.10 33.08 -7.78
N ILE D 137 87.03 32.65 -7.12
CA ILE D 137 86.88 32.72 -5.68
C ILE D 137 86.63 31.32 -5.21
N GLY D 138 87.44 30.86 -4.24
CA GLY D 138 87.34 29.49 -3.75
C GLY D 138 87.75 29.31 -2.29
N GLY D 139 87.39 28.17 -1.71
CA GLY D 139 87.73 27.83 -0.33
C GLY D 139 88.91 26.88 -0.24
N GLU D 140 89.58 26.69 -1.39
CA GLU D 140 90.80 25.90 -1.52
C GLU D 140 91.44 26.33 -2.86
N PRO D 141 92.68 25.87 -3.16
CA PRO D 141 93.29 26.31 -4.42
C PRO D 141 92.45 25.94 -5.64
N LEU D 142 92.54 26.77 -6.68
CA LEU D 142 91.87 26.50 -7.94
C LEU D 142 92.50 25.26 -8.57
N ASP D 143 91.68 24.33 -9.04
CA ASP D 143 92.19 23.14 -9.72
C ASP D 143 92.46 23.45 -11.17
N LEU D 144 93.63 23.04 -11.65
CA LEU D 144 94.07 23.34 -13.00
C LEU D 144 94.21 22.10 -13.85
N GLN D 145 93.93 22.26 -15.13
CA GLN D 145 94.14 21.23 -16.14
C GLN D 145 95.15 21.79 -17.13
N GLY D 146 96.12 20.96 -17.51
CA GLY D 146 97.14 21.36 -18.46
C GLY D 146 96.76 20.95 -19.86
N LEU D 147 96.99 21.87 -20.80
CA LEU D 147 96.79 21.64 -22.22
C LEU D 147 97.60 22.71 -22.94
N VAL D 148 98.44 22.27 -23.88
CA VAL D 148 99.27 23.23 -24.63
C VAL D 148 98.98 23.23 -26.12
N LEU D 149 99.19 24.37 -26.75
CA LEU D 149 99.12 24.50 -28.20
C LEU D 149 100.09 23.53 -28.90
N ASP D 150 101.31 23.44 -28.38
CA ASP D 150 102.35 22.57 -28.96
C ASP D 150 103.11 21.79 -27.85
N TYR D 151 103.02 20.47 -27.88
CA TYR D 151 103.68 19.65 -26.85
C TYR D 151 105.21 19.69 -26.98
N GLN D 152 105.70 20.18 -28.11
CA GLN D 152 107.13 20.30 -28.36
C GLN D 152 107.73 21.58 -27.76
N THR D 153 106.85 22.48 -27.29
CA THR D 153 107.30 23.69 -26.60
C THR D 153 108.14 23.30 -25.38
N GLN D 154 109.36 23.86 -25.32
CA GLN D 154 110.27 23.58 -24.22
C GLN D 154 110.26 24.73 -23.22
N TYR D 155 109.44 24.55 -22.18
CA TYR D 155 109.30 25.56 -21.15
C TYR D 155 110.52 25.53 -20.24
N PRO D 156 110.86 26.66 -19.61
CA PRO D 156 112.02 26.66 -18.73
C PRO D 156 111.76 25.78 -17.50
N LYS D 157 112.81 25.10 -17.03
CA LYS D 157 112.71 24.24 -15.85
C LYS D 157 112.44 25.06 -14.60
N THR D 158 111.76 24.44 -13.64
CA THR D 158 111.38 25.09 -12.39
C THR D 158 112.61 25.30 -11.50
N THR D 159 113.09 26.54 -11.45
CA THR D 159 114.23 26.93 -10.61
C THR D 159 114.24 28.43 -10.39
N GLY D 162 111.34 30.18 -11.81
CA GLY D 162 110.97 29.01 -12.61
C GLY D 162 109.48 28.71 -12.57
N PRO D 163 108.85 28.52 -13.75
CA PRO D 163 107.41 28.22 -13.80
C PRO D 163 107.10 26.73 -13.72
N ILE D 164 105.92 26.44 -13.16
CA ILE D 164 105.45 25.06 -13.09
C ILE D 164 104.63 24.78 -14.34
N THR D 165 105.03 23.73 -15.07
CA THR D 165 104.34 23.34 -16.30
C THR D 165 104.07 21.82 -16.26
N ILE D 166 103.54 21.28 -17.35
CA ILE D 166 103.16 19.87 -17.44
C ILE D 166 104.36 18.92 -17.18
N GLU D 167 105.52 19.23 -17.74
CA GLU D 167 106.73 18.41 -17.51
C GLU D 167 107.10 18.37 -16.04
N THR D 168 106.86 19.48 -15.34
CA THR D 168 107.14 19.59 -13.91
C THR D 168 106.25 18.63 -13.13
N VAL D 169 104.97 18.59 -13.46
CA VAL D 169 104.02 17.74 -12.72
C VAL D 169 104.15 16.25 -13.10
N LEU D 170 104.40 15.97 -14.39
CA LEU D 170 104.55 14.59 -14.86
C LEU D 170 105.87 13.90 -14.48
N GLY D 171 106.93 14.68 -14.29
CA GLY D 171 108.27 14.13 -14.03
C GLY D 171 108.90 13.53 -15.28
N ARG D 172 108.42 13.98 -16.44
CA ARG D 172 108.86 13.51 -17.75
C ARG D 172 108.28 14.47 -18.80
N LYS D 173 108.81 14.39 -20.01
CA LYS D 173 108.42 15.31 -21.09
C LYS D 173 106.98 15.09 -21.54
N MET D 174 106.37 16.14 -22.08
CA MET D 174 105.05 16.04 -22.69
C MET D 174 105.13 15.13 -23.90
N THR D 175 103.98 14.57 -24.24
CA THR D 175 103.79 13.79 -25.47
C THR D 175 102.62 14.44 -26.22
N PRO D 176 102.35 14.00 -27.46
CA PRO D 176 101.23 14.57 -28.21
C PRO D 176 99.91 14.68 -27.44
N LYS D 177 99.62 13.77 -26.51
CA LYS D 177 98.36 13.82 -25.75
C LYS D 177 98.16 15.12 -24.96
N ASN D 178 99.21 15.90 -24.75
CA ASN D 178 99.11 17.18 -24.03
C ASN D 178 98.69 18.36 -24.91
N GLN D 179 98.44 18.08 -26.18
CA GLN D 179 97.70 19.00 -27.03
C GLN D 179 96.20 18.82 -26.85
N GLY D 180 95.81 17.67 -26.30
CA GLY D 180 94.45 17.39 -25.86
C GLY D 180 94.36 17.28 -24.34
N LEU D 181 93.25 16.75 -23.84
CA LEU D 181 93.04 16.64 -22.41
C LEU D 181 93.64 15.36 -21.89
N ASP D 182 94.75 15.50 -21.16
CA ASP D 182 95.41 14.40 -20.48
C ASP D 182 95.05 14.47 -18.99
N PRO D 183 94.29 13.48 -18.50
CA PRO D 183 93.84 13.50 -17.09
C PRO D 183 95.01 13.49 -16.08
N GLN D 184 96.20 13.11 -16.52
CA GLN D 184 97.39 13.19 -15.67
C GLN D 184 97.92 14.62 -15.51
N ALA D 185 97.67 15.47 -16.51
CA ALA D 185 98.18 16.86 -16.49
C ALA D 185 97.33 17.76 -15.60
N LYS D 186 97.50 17.60 -14.28
CA LYS D 186 96.71 18.35 -13.31
C LYS D 186 97.58 19.03 -12.26
N ALA D 187 97.13 20.17 -11.78
CA ALA D 187 97.88 20.94 -10.79
C ALA D 187 96.94 21.75 -9.96
N LYS D 188 97.48 22.37 -8.92
CA LYS D 188 96.71 23.29 -8.11
C LYS D 188 97.35 24.67 -8.15
N LEU D 189 96.51 25.69 -8.25
CA LEU D 189 96.98 27.06 -8.31
C LEU D 189 97.35 27.54 -6.90
N ASP D 190 98.52 27.14 -6.44
CA ASP D 190 98.96 27.44 -5.08
C ASP D 190 100.03 28.53 -4.98
N LYS D 191 100.55 29.00 -6.12
CA LYS D 191 101.67 29.95 -6.13
C LYS D 191 101.43 31.10 -7.11
N ASP D 192 101.58 32.33 -6.60
CA ASP D 192 101.43 33.56 -7.39
C ASP D 192 102.51 33.64 -8.47
N GLY D 193 102.09 33.95 -9.69
CA GLY D 193 103.02 34.18 -10.80
C GLY D 193 103.82 32.99 -11.32
N ASN D 194 103.42 31.78 -10.98
CA ASN D 194 104.21 30.57 -11.31
C ASN D 194 103.55 29.58 -12.27
N TYR D 195 102.27 29.78 -12.54
CA TYR D 195 101.54 28.88 -13.43
C TYR D 195 101.19 29.57 -14.74
N PRO D 196 101.94 29.26 -15.82
CA PRO D 196 101.69 29.88 -17.12
C PRO D 196 100.25 29.69 -17.60
N ILE D 197 99.67 30.81 -18.03
CA ILE D 197 98.33 30.85 -18.59
C ILE D 197 98.19 29.97 -19.84
N GLU D 198 99.23 29.94 -20.68
CA GLU D 198 99.15 29.19 -21.95
C GLU D 198 99.25 27.69 -21.75
N VAL D 199 99.58 27.30 -20.51
CA VAL D 199 99.74 25.89 -20.13
C VAL D 199 98.53 25.39 -19.33
N TRP D 200 97.98 26.28 -18.48
CA TRP D 200 96.96 25.89 -17.48
C TRP D 200 95.65 26.63 -17.61
N CYS D 201 94.57 25.87 -17.51
CA CYS D 201 93.22 26.40 -17.52
C CYS D 201 92.47 25.79 -16.33
N PRO D 202 91.37 26.44 -15.88
CA PRO D 202 90.60 25.84 -14.79
C PRO D 202 90.09 24.45 -15.13
N ASP D 203 90.20 23.53 -14.18
CA ASP D 203 89.76 22.16 -14.40
C ASP D 203 88.26 22.01 -14.07
N PRO D 204 87.42 21.83 -15.10
CA PRO D 204 85.98 21.74 -14.85
C PRO D 204 85.54 20.40 -14.25
N SER D 205 86.45 19.43 -14.24
CA SER D 205 86.13 18.11 -13.68
C SER D 205 86.28 18.14 -12.16
N LYS D 206 86.92 19.20 -11.64
CA LYS D 206 87.07 19.39 -10.20
C LYS D 206 86.48 20.77 -9.81
N ASN D 207 87.11 21.49 -8.88
CA ASN D 207 86.64 22.84 -8.54
C ASN D 207 85.21 22.94 -8.00
N GLU D 208 84.75 21.89 -7.32
CA GLU D 208 83.41 21.89 -6.75
C GLU D 208 83.28 22.98 -5.69
N ASN D 209 84.40 23.36 -5.10
CA ASN D 209 84.42 24.32 -3.98
C ASN D 209 85.05 25.67 -4.38
N SER D 210 85.06 25.94 -5.69
CA SER D 210 85.47 27.24 -6.25
C SER D 210 84.47 27.68 -7.30
N ARG D 211 84.30 28.99 -7.47
CA ARG D 211 83.57 29.52 -8.62
C ARG D 211 84.55 30.26 -9.53
N TYR D 212 84.57 29.93 -10.81
CA TYR D 212 85.43 30.66 -11.78
C TYR D 212 84.68 31.15 -13.02
N TYR D 213 85.15 32.29 -13.57
CA TYR D 213 84.51 32.99 -14.67
C TYR D 213 85.60 33.53 -15.58
N GLY D 214 85.53 33.22 -16.87
CA GLY D 214 86.59 33.65 -17.77
C GLY D 214 86.21 33.77 -19.23
N SER D 215 87.07 34.46 -19.98
CA SER D 215 86.87 34.65 -21.41
C SER D 215 88.23 34.74 -22.10
N ILE D 216 88.23 34.47 -23.41
CA ILE D 216 89.38 34.79 -24.25
C ILE D 216 88.93 35.56 -25.47
N GLN D 217 89.84 36.36 -26.01
CA GLN D 217 89.65 37.07 -27.26
C GLN D 217 90.96 36.96 -28.03
N THR D 218 90.97 36.25 -29.15
CA THR D 218 92.20 36.19 -29.96
C THR D 218 92.15 37.24 -31.07
N GLY D 219 93.28 37.47 -31.74
CA GLY D 219 93.42 38.49 -32.78
C GLY D 219 94.60 39.40 -32.46
N SER D 220 95.09 40.14 -33.43
CA SER D 220 96.29 40.96 -33.22
C SER D 220 95.99 42.41 -32.83
N GLN D 221 95.00 43.02 -33.48
CA GLN D 221 94.58 44.38 -33.12
C GLN D 221 93.11 44.43 -32.76
N THR D 222 92.55 43.27 -32.42
CA THR D 222 91.18 43.16 -31.95
C THR D 222 90.98 44.11 -30.78
N PRO D 223 89.99 45.01 -30.89
CA PRO D 223 89.79 46.00 -29.83
C PRO D 223 89.65 45.40 -28.41
N THR D 224 90.25 46.08 -27.45
CA THR D 224 90.05 45.77 -26.06
C THR D 224 88.84 46.56 -25.61
N VAL D 225 87.82 45.80 -25.21
CA VAL D 225 86.54 46.32 -24.82
C VAL D 225 86.29 45.79 -23.40
N LEU D 226 86.30 46.70 -22.42
CA LEU D 226 86.15 46.34 -21.02
C LEU D 226 85.22 47.34 -20.33
N GLN D 227 84.46 46.88 -19.34
CA GLN D 227 83.60 47.77 -18.58
C GLN D 227 84.05 47.83 -17.13
N PHE D 228 83.64 48.89 -16.44
CA PHE D 228 83.93 49.02 -15.02
C PHE D 228 82.81 49.79 -14.35
N SER D 229 82.36 49.27 -13.21
CA SER D 229 81.31 49.90 -12.42
C SER D 229 81.34 49.31 -11.02
N ASN D 230 81.13 50.15 -10.01
CA ASN D 230 81.06 49.66 -8.63
C ASN D 230 79.67 49.21 -8.18
N THR D 231 78.80 48.97 -9.15
CA THR D 231 77.42 48.59 -8.88
C THR D 231 77.21 47.13 -9.24
N LEU D 232 78.26 46.46 -9.72
CA LEU D 232 78.15 45.10 -10.23
C LEU D 232 78.64 44.05 -9.23
N THR D 233 77.76 43.09 -8.90
CA THR D 233 78.02 42.06 -7.92
C THR D 233 77.90 40.68 -8.57
N THR D 234 78.82 39.78 -8.24
CA THR D 234 78.68 38.38 -8.65
C THR D 234 78.28 37.49 -7.46
N VAL D 235 77.11 36.86 -7.57
CA VAL D 235 76.63 35.92 -6.57
C VAL D 235 77.41 34.62 -6.70
N LEU D 236 77.94 34.11 -5.59
CA LEU D 236 78.82 32.94 -5.58
C LEU D 236 78.13 31.66 -5.09
N LEU D 237 76.85 31.79 -4.76
CA LEU D 237 76.06 30.66 -4.30
C LEU D 237 75.79 29.71 -5.46
N ASP D 238 75.86 28.40 -5.19
CA ASP D 238 75.52 27.42 -6.21
C ASP D 238 74.01 27.20 -6.31
N GLU D 239 73.60 26.20 -7.08
CA GLU D 239 72.17 25.92 -7.31
C GLU D 239 71.45 25.48 -6.05
N ASN D 240 72.22 25.06 -5.04
CA ASN D 240 71.68 24.69 -3.73
C ASN D 240 71.73 25.82 -2.70
N GLY D 241 72.30 26.96 -3.08
CA GLY D 241 72.34 28.14 -2.20
C GLY D 241 73.58 28.18 -1.34
N VAL D 242 74.60 27.41 -1.74
CA VAL D 242 75.85 27.29 -0.98
C VAL D 242 77.02 27.90 -1.74
N GLY D 243 77.72 28.83 -1.11
CA GLY D 243 78.94 29.37 -1.68
C GLY D 243 80.16 28.56 -1.29
N PRO D 244 81.34 28.89 -1.87
CA PRO D 244 82.60 28.23 -1.53
C PRO D 244 82.87 28.27 -0.03
N LEU D 245 83.33 27.14 0.49
CA LEU D 245 83.58 26.96 1.92
C LEU D 245 85.07 26.90 2.21
N CYS D 246 85.49 27.79 3.10
CA CYS D 246 86.91 28.10 3.31
C CYS D 246 87.60 27.18 4.31
N LYS D 247 88.22 26.14 3.76
CA LYS D 247 88.97 25.14 4.50
C LYS D 247 90.19 25.76 5.14
N GLY D 248 90.42 25.41 6.41
CA GLY D 248 91.49 25.98 7.22
C GLY D 248 91.43 27.50 7.33
N ASP D 249 90.22 28.05 7.20
CA ASP D 249 89.99 29.50 7.24
C ASP D 249 90.75 30.30 6.15
N GLY D 250 90.97 29.66 5.01
CA GLY D 250 91.68 30.28 3.89
C GLY D 250 90.77 30.52 2.70
N LEU D 251 90.74 31.77 2.24
CA LEU D 251 90.00 32.14 1.03
C LEU D 251 91.00 32.27 -0.12
N PHE D 252 90.77 31.54 -1.20
CA PHE D 252 91.64 31.59 -2.36
C PHE D 252 91.08 32.49 -3.45
N ILE D 253 91.88 33.45 -3.88
CA ILE D 253 91.52 34.42 -4.90
C ILE D 253 92.55 34.35 -6.02
N SER D 254 92.06 34.08 -7.23
CA SER D 254 92.89 33.86 -8.41
C SER D 254 92.35 34.70 -9.56
N CYS D 255 93.24 35.15 -10.45
CA CYS D 255 92.81 35.90 -11.65
C CYS D 255 93.89 36.03 -12.71
N ALA D 256 93.48 36.50 -13.88
CA ALA D 256 94.37 36.82 -14.99
C ALA D 256 93.65 37.85 -15.84
N ASP D 257 94.38 38.87 -16.29
CA ASP D 257 93.79 39.97 -17.05
C ASP D 257 94.75 40.55 -18.11
N ILE D 258 94.99 39.77 -19.16
CA ILE D 258 95.76 40.22 -20.33
C ILE D 258 94.87 41.15 -21.17
N VAL D 259 95.36 42.35 -21.46
CA VAL D 259 94.55 43.37 -22.14
C VAL D 259 95.03 43.73 -23.57
N GLY D 260 95.95 42.94 -24.10
CA GLY D 260 96.44 43.18 -25.45
C GLY D 260 97.93 43.50 -25.55
N PHE D 261 98.35 43.83 -26.78
CA PHE D 261 99.75 44.05 -27.09
C PHE D 261 100.15 45.51 -27.04
N LEU D 262 101.34 45.77 -26.51
CA LEU D 262 102.05 47.01 -26.73
C LEU D 262 102.85 46.81 -28.02
N PHE D 263 102.54 47.62 -29.02
CA PHE D 263 103.15 47.54 -30.35
C PHE D 263 104.32 48.52 -30.40
N LYS D 264 105.53 47.99 -30.61
CA LYS D 264 106.74 48.81 -30.62
C LYS D 264 107.20 49.14 -32.04
N THR D 265 107.91 50.26 -32.18
CA THR D 265 108.37 50.78 -33.48
C THR D 265 109.04 49.73 -34.39
N SER D 266 110.02 49.02 -33.85
CA SER D 266 110.71 47.95 -34.59
C SER D 266 109.76 46.94 -35.24
N GLY D 267 108.61 46.71 -34.60
CA GLY D 267 107.66 45.70 -35.04
C GLY D 267 107.45 44.67 -33.96
N LYS D 268 108.35 44.66 -32.98
CA LYS D 268 108.23 43.82 -31.79
C LYS D 268 106.96 44.09 -30.99
N MET D 269 106.48 43.07 -30.30
CA MET D 269 105.21 43.13 -29.59
C MET D 269 105.32 42.45 -28.22
N ALA D 270 104.69 43.07 -27.22
CA ALA D 270 104.67 42.52 -25.88
C ALA D 270 103.25 42.56 -25.33
N LEU D 271 102.85 41.48 -24.64
CA LEU D 271 101.54 41.49 -23.98
C LEU D 271 101.58 42.37 -22.73
N HIS D 272 100.42 42.92 -22.37
CA HIS D 272 100.30 43.80 -21.22
C HIS D 272 99.14 43.30 -20.35
N GLY D 273 99.27 43.46 -19.04
CA GLY D 273 98.22 43.08 -18.09
C GLY D 273 97.82 44.21 -17.16
N LEU D 274 96.66 44.06 -16.53
CA LEU D 274 96.15 45.03 -15.55
C LEU D 274 95.81 44.34 -14.23
N PRO D 275 95.82 45.11 -13.12
CA PRO D 275 95.49 44.54 -11.81
C PRO D 275 93.99 44.33 -11.64
N ARG D 276 93.63 43.53 -10.64
CA ARG D 276 92.23 43.28 -10.33
C ARG D 276 91.94 43.48 -8.85
N TYR D 277 90.83 44.16 -8.57
CA TYR D 277 90.37 44.41 -7.23
C TYR D 277 89.25 43.42 -6.88
N PHE D 278 89.20 43.01 -5.63
CA PHE D 278 88.13 42.14 -5.16
C PHE D 278 87.58 42.64 -3.84
N ASN D 279 86.26 42.51 -3.68
CA ASN D 279 85.62 42.68 -2.39
C ASN D 279 84.65 41.52 -2.18
N VAL D 280 85.02 40.62 -1.27
CA VAL D 280 84.30 39.38 -1.09
C VAL D 280 83.51 39.45 0.20
N THR D 281 82.22 39.14 0.12
CA THR D 281 81.36 39.06 1.30
C THR D 281 81.26 37.61 1.73
N LEU D 282 81.51 37.37 3.02
CA LEU D 282 81.45 36.02 3.56
C LEU D 282 80.54 35.97 4.79
N ARG D 283 79.91 34.81 4.99
CA ARG D 283 79.07 34.58 6.17
C ARG D 283 79.51 33.29 6.84
N LYS D 284 79.19 33.16 8.13
CA LYS D 284 79.53 31.97 8.89
C LYS D 284 78.51 30.89 8.58
N ARG D 285 78.99 29.65 8.47
CA ARG D 285 78.14 28.53 8.10
C ARG D 285 78.46 27.29 8.94
N TRP D 286 77.43 26.68 9.53
CA TRP D 286 77.60 25.43 10.25
C TRP D 286 77.84 24.28 9.26
N VAL D 287 78.87 23.49 9.53
CA VAL D 287 79.17 22.30 8.74
C VAL D 287 79.52 21.13 9.66
N LYS D 288 79.42 19.92 9.13
CA LYS D 288 79.62 18.70 9.91
C LYS D 288 80.79 17.89 9.37
N VAL E 9 78.02 57.28 9.32
CA VAL E 9 76.61 57.69 9.04
C VAL E 9 75.65 56.50 9.03
N GLU E 10 74.74 56.45 10.01
CA GLU E 10 73.67 55.46 10.03
C GLU E 10 72.44 56.01 9.30
N VAL E 11 71.96 55.27 8.32
CA VAL E 11 70.83 55.71 7.49
C VAL E 11 69.51 55.34 8.13
N LEU E 12 68.64 56.34 8.31
CA LEU E 12 67.31 56.14 8.86
C LEU E 12 66.27 56.09 7.74
N SER E 13 65.11 56.69 7.97
CA SER E 13 64.00 56.62 7.03
C SER E 13 63.97 57.75 6.02
N VAL E 14 63.33 57.48 4.89
CA VAL E 14 63.02 58.45 3.85
C VAL E 14 62.00 59.46 4.40
N VAL E 15 62.36 60.74 4.34
CA VAL E 15 61.50 61.81 4.82
C VAL E 15 60.21 61.84 4.00
N THR E 16 59.08 62.06 4.68
CA THR E 16 57.80 62.25 4.00
C THR E 16 57.38 63.72 4.09
N GLY E 17 56.69 64.20 3.07
CA GLY E 17 56.18 65.56 3.07
C GLY E 17 55.92 66.06 1.67
N GLU E 18 55.49 67.32 1.56
CA GLU E 18 55.16 67.95 0.28
C GLU E 18 56.35 68.03 -0.69
N ASP E 19 57.45 68.60 -0.23
CA ASP E 19 58.61 68.85 -1.10
C ASP E 19 59.83 68.06 -0.67
N SER E 20 59.68 66.75 -0.60
CA SER E 20 60.78 65.86 -0.22
C SER E 20 61.65 65.46 -1.42
N ILE E 21 61.15 65.69 -2.63
CA ILE E 21 61.86 65.33 -3.87
C ILE E 21 62.27 66.56 -4.67
N THR E 22 63.51 66.56 -5.17
CA THR E 22 63.99 67.59 -6.08
C THR E 22 64.73 66.99 -7.29
N GLN E 23 64.79 67.75 -8.38
CA GLN E 23 65.51 67.33 -9.57
C GLN E 23 66.59 68.33 -9.95
N ILE E 24 67.76 67.80 -10.33
CA ILE E 24 68.91 68.60 -10.68
C ILE E 24 69.32 68.29 -12.14
N GLU E 25 69.36 69.33 -12.96
CA GLU E 25 69.78 69.24 -14.35
C GLU E 25 71.12 69.93 -14.53
N LEU E 26 71.97 69.34 -15.35
CA LEU E 26 73.19 70.01 -15.79
C LEU E 26 73.79 69.29 -16.99
N TYR E 27 74.70 69.98 -17.67
CA TYR E 27 75.51 69.38 -18.71
C TYR E 27 76.97 69.69 -18.40
N LEU E 28 77.86 68.78 -18.80
CA LEU E 28 79.30 69.02 -18.66
C LEU E 28 79.93 68.94 -20.03
N ASN E 29 80.66 70.00 -20.41
CA ASN E 29 81.38 70.05 -21.67
C ASN E 29 82.72 69.33 -21.59
N PRO E 30 83.12 68.66 -22.68
CA PRO E 30 84.27 67.75 -22.58
C PRO E 30 85.61 68.49 -22.42
N ARG E 31 86.52 67.89 -21.65
CA ARG E 31 87.84 68.49 -21.36
C ARG E 31 88.95 67.65 -22.00
N MET E 32 89.11 67.82 -23.32
CA MET E 32 89.95 66.93 -24.12
C MET E 32 91.42 67.36 -24.21
N GLY E 33 91.72 68.56 -23.74
CA GLY E 33 93.08 69.09 -23.83
C GLY E 33 93.07 70.57 -24.14
N VAL E 34 92.38 70.94 -25.21
CA VAL E 34 91.98 72.32 -25.43
C VAL E 34 90.64 72.42 -24.74
N ASN E 35 90.65 72.98 -23.54
CA ASN E 35 89.55 72.85 -22.59
C ASN E 35 88.62 74.05 -22.53
N SER E 36 88.99 75.12 -23.21
CA SER E 36 88.16 76.32 -23.22
C SER E 36 87.85 76.81 -24.64
N PRO E 37 86.63 77.32 -24.86
CA PRO E 37 86.25 77.92 -26.14
C PRO E 37 86.48 79.45 -26.23
N ASP E 38 86.90 80.07 -25.13
CA ASP E 38 86.93 81.53 -25.02
C ASP E 38 88.29 82.16 -25.33
N LEU E 39 89.25 81.33 -25.71
CA LEU E 39 90.57 81.82 -26.14
C LEU E 39 90.54 82.10 -27.64
N PRO E 40 90.57 83.39 -28.03
CA PRO E 40 90.55 83.76 -29.45
C PRO E 40 91.75 83.17 -30.20
N THR E 41 92.81 82.89 -29.47
CA THR E 41 94.06 82.38 -30.02
C THR E 41 93.99 80.91 -30.50
N THR E 42 93.48 80.01 -29.66
CA THR E 42 93.59 78.56 -29.91
C THR E 42 92.31 77.72 -29.74
N SER E 43 91.17 78.36 -29.51
CA SER E 43 89.92 77.65 -29.20
C SER E 43 89.27 76.91 -30.39
N ASN E 44 89.86 77.02 -31.58
CA ASN E 44 89.39 76.24 -32.73
C ASN E 44 89.40 74.75 -32.43
N TRP E 45 90.33 74.30 -31.58
CA TRP E 45 90.45 72.89 -31.25
C TRP E 45 89.73 72.45 -29.96
N TYR E 46 88.91 73.36 -29.43
CA TYR E 46 87.99 73.04 -28.32
C TYR E 46 87.25 71.73 -28.58
N THR E 47 87.29 70.84 -27.58
CA THR E 47 86.72 69.48 -27.58
C THR E 47 87.60 68.45 -28.31
N TYR E 48 88.84 68.84 -28.63
CA TYR E 48 89.81 67.92 -29.21
C TYR E 48 91.14 68.00 -28.48
N THR E 49 91.99 66.98 -28.68
CA THR E 49 93.40 67.06 -28.34
C THR E 49 94.13 67.80 -29.46
N TYR E 50 95.44 67.95 -29.27
CA TYR E 50 96.33 68.27 -30.36
C TYR E 50 96.73 66.94 -30.98
N ASP E 51 97.78 66.93 -31.79
CA ASP E 51 98.13 65.74 -32.53
C ASP E 51 98.88 64.76 -31.64
N LEU E 52 98.33 63.55 -31.54
CA LEU E 52 98.93 62.50 -30.72
C LEU E 52 99.92 61.71 -31.55
N GLN E 53 101.16 61.66 -31.07
CA GLN E 53 102.24 60.96 -31.76
C GLN E 53 103.19 60.37 -30.73
N PRO E 54 103.71 59.17 -31.01
CA PRO E 54 104.87 58.65 -30.29
C PRO E 54 106.10 59.52 -30.60
N LYS E 55 106.84 59.91 -29.57
CA LYS E 55 107.99 60.80 -29.72
C LYS E 55 109.14 60.15 -30.52
N GLY E 56 109.32 58.85 -30.35
CA GLY E 56 110.38 58.13 -31.07
C GLY E 56 111.68 58.04 -30.28
N SER E 57 111.78 58.82 -29.22
CA SER E 57 112.89 58.74 -28.27
C SER E 57 112.37 58.96 -26.85
N SER E 58 113.14 58.52 -25.86
N SER E 58 113.15 58.54 -25.86
CA SER E 58 112.74 58.61 -24.45
CA SER E 58 112.78 58.60 -24.45
C SER E 58 113.27 59.88 -23.79
C SER E 58 113.28 59.88 -23.78
N PRO E 59 112.51 60.45 -22.83
CA PRO E 59 111.20 60.00 -22.38
C PRO E 59 110.06 60.71 -23.10
N ASP E 60 108.84 60.14 -23.02
CA ASP E 60 107.66 60.86 -23.46
C ASP E 60 107.48 62.05 -22.53
N GLN E 61 107.24 63.21 -23.12
CA GLN E 61 107.01 64.44 -22.36
C GLN E 61 105.71 65.08 -22.87
N PRO E 62 104.55 64.45 -22.57
CA PRO E 62 103.31 64.89 -23.18
C PRO E 62 102.91 66.31 -22.76
N ILE E 63 102.24 67.03 -23.68
CA ILE E 63 101.72 68.37 -23.40
C ILE E 63 100.30 68.30 -22.84
N LYS E 64 99.82 69.37 -22.21
CA LYS E 64 98.49 69.34 -21.59
C LYS E 64 97.33 69.19 -22.59
N GLU E 65 97.55 69.67 -23.81
CA GLU E 65 96.57 69.61 -24.88
C GLU E 65 96.38 68.20 -25.40
N ASN E 66 97.30 67.31 -25.04
CA ASN E 66 97.19 65.89 -25.39
C ASN E 66 96.78 64.99 -24.24
N LEU E 67 96.24 65.59 -23.18
CA LEU E 67 95.77 64.81 -22.04
C LEU E 67 94.27 65.07 -21.74
N PRO E 68 93.37 64.31 -22.40
CA PRO E 68 91.96 64.31 -22.02
C PRO E 68 91.80 64.05 -20.52
N ALA E 69 90.95 64.86 -19.89
CA ALA E 69 90.73 64.81 -18.45
C ALA E 69 89.24 64.66 -18.14
N TYR E 70 88.95 64.29 -16.89
CA TYR E 70 87.59 64.13 -16.42
C TYR E 70 86.92 65.49 -16.28
N SER E 71 85.63 65.51 -16.60
CA SER E 71 84.77 66.65 -16.29
C SER E 71 84.20 66.43 -14.89
N VAL E 72 84.04 67.51 -14.13
CA VAL E 72 83.49 67.43 -12.79
C VAL E 72 82.69 68.67 -12.49
N ALA E 73 81.53 68.50 -11.87
CA ALA E 73 80.88 69.63 -11.21
C ALA E 73 80.37 69.20 -9.85
N ARG E 74 80.53 70.10 -8.87
CA ARG E 74 79.82 70.00 -7.61
C ARG E 74 78.62 70.93 -7.70
N VAL E 75 77.43 70.37 -7.53
CA VAL E 75 76.18 71.10 -7.56
C VAL E 75 75.71 71.36 -6.13
N SER E 76 75.48 72.63 -5.81
CA SER E 76 74.98 73.03 -4.49
C SER E 76 73.50 72.73 -4.35
N LEU E 77 73.15 71.97 -3.32
CA LEU E 77 71.78 71.57 -3.05
C LEU E 77 71.20 72.42 -1.91
N PRO E 78 69.85 72.55 -1.84
CA PRO E 78 69.26 73.38 -0.79
C PRO E 78 69.63 72.90 0.60
N MET E 79 69.91 73.85 1.50
CA MET E 79 70.26 73.56 2.88
C MET E 79 69.05 72.94 3.59
N LEU E 80 69.26 71.81 4.26
CA LEU E 80 68.18 71.07 4.90
C LEU E 80 68.08 71.30 6.41
N ASN E 81 69.21 71.56 7.04
CA ASN E 81 69.29 71.64 8.49
C ASN E 81 69.69 73.03 9.01
N THR E 88 71.78 63.78 14.16
CA THR E 88 70.57 63.35 13.46
C THR E 88 70.01 64.47 12.58
N LEU E 89 70.22 64.33 11.28
CA LEU E 89 69.91 65.39 10.32
C LEU E 89 69.48 64.83 8.97
N GLN E 90 69.00 65.70 8.09
CA GLN E 90 68.55 65.31 6.75
C GLN E 90 69.65 65.50 5.72
N MET E 91 69.70 64.58 4.75
CA MET E 91 70.64 64.66 3.64
C MET E 91 69.90 64.33 2.36
N TRP E 92 70.29 64.99 1.28
CA TRP E 92 69.79 64.66 -0.04
C TRP E 92 70.38 63.32 -0.49
N GLU E 93 69.51 62.45 -0.99
CA GLU E 93 69.88 61.15 -1.50
C GLU E 93 69.56 61.07 -2.98
N ALA E 94 70.58 60.81 -3.80
CA ALA E 94 70.37 60.63 -5.23
C ALA E 94 69.83 59.24 -5.52
N ILE E 95 68.62 59.18 -6.08
CA ILE E 95 67.97 57.89 -6.28
C ILE E 95 68.00 57.39 -7.73
N SER E 96 68.00 58.32 -8.69
CA SER E 96 68.09 57.97 -10.10
C SER E 96 68.77 59.06 -10.91
N VAL E 97 69.24 58.69 -12.10
CA VAL E 97 69.75 59.68 -13.06
C VAL E 97 69.36 59.31 -14.48
N LYS E 98 68.91 60.31 -15.24
CA LYS E 98 68.87 60.20 -16.69
C LYS E 98 70.08 60.91 -17.25
N THR E 99 70.88 60.17 -18.00
CA THR E 99 72.08 60.73 -18.62
C THR E 99 72.21 60.38 -20.11
N GLU E 100 72.81 61.30 -20.86
CA GLU E 100 72.91 61.17 -22.31
C GLU E 100 74.15 61.86 -22.84
N VAL E 101 74.84 61.21 -23.78
CA VAL E 101 75.88 61.90 -24.52
C VAL E 101 75.23 62.76 -25.61
N VAL E 102 75.46 64.07 -25.53
CA VAL E 102 74.87 65.03 -26.46
C VAL E 102 75.75 65.26 -27.71
N GLY E 103 75.08 65.45 -28.86
CA GLY E 103 75.75 65.76 -30.11
C GLY E 103 76.27 64.55 -30.87
N ILE E 104 75.70 63.38 -30.61
CA ILE E 104 76.15 62.16 -31.26
C ILE E 104 76.02 62.25 -32.79
N SER E 105 74.88 62.77 -33.26
CA SER E 105 74.63 63.04 -34.68
C SER E 105 75.72 63.82 -35.44
N SER E 106 76.49 64.65 -34.73
CA SER E 106 77.53 65.46 -35.37
C SER E 106 78.59 64.58 -36.02
N LEU E 107 78.69 63.35 -35.52
CA LEU E 107 79.70 62.40 -36.00
C LEU E 107 79.40 61.75 -37.36
N ILE E 108 78.31 62.14 -38.01
CA ILE E 108 78.04 61.65 -39.38
C ILE E 108 78.82 62.43 -40.43
N ASN E 109 79.32 63.61 -40.04
CA ASN E 109 80.14 64.47 -40.90
C ASN E 109 81.42 63.76 -41.37
N VAL E 110 81.49 63.45 -42.66
CA VAL E 110 82.65 62.79 -43.25
C VAL E 110 83.31 63.68 -44.30
N HIS E 111 83.16 64.98 -44.10
CA HIS E 111 83.65 65.96 -45.05
C HIS E 111 84.26 67.17 -44.32
N TYR E 112 84.85 66.94 -43.15
CA TYR E 112 85.72 67.93 -42.50
C TYR E 112 86.80 68.31 -43.54
N TRP E 113 87.10 69.61 -43.66
CA TRP E 113 87.94 70.07 -44.78
C TRP E 113 89.30 69.37 -44.85
N ASP E 114 89.87 69.03 -43.69
CA ASP E 114 91.19 68.41 -43.63
C ASP E 114 91.10 66.97 -43.16
N MET E 115 90.03 66.29 -43.59
CA MET E 115 89.83 64.90 -43.19
C MET E 115 90.59 63.98 -44.12
N LYS E 116 91.36 63.07 -43.55
CA LYS E 116 92.00 62.02 -44.35
C LYS E 116 90.92 61.21 -45.06
N ARG E 117 91.11 61.01 -46.35
CA ARG E 117 90.17 60.26 -47.16
CA ARG E 117 90.17 60.26 -47.17
C ARG E 117 90.38 58.75 -46.98
N VAL E 118 89.30 57.99 -47.12
CA VAL E 118 89.36 56.53 -46.97
C VAL E 118 90.17 55.91 -48.11
N HIS E 119 89.96 56.45 -49.31
CA HIS E 119 90.76 56.14 -50.48
C HIS E 119 90.65 57.37 -51.38
N ASP E 120 91.37 57.38 -52.50
CA ASP E 120 91.35 58.50 -53.45
C ASP E 120 89.92 58.87 -53.87
N TYR E 121 89.56 60.15 -53.77
CA TYR E 121 88.24 60.68 -54.15
C TYR E 121 87.08 60.27 -53.24
N GLY E 122 87.39 59.50 -52.21
CA GLY E 122 86.39 59.00 -51.27
C GLY E 122 86.09 59.97 -50.16
N ALA E 123 85.16 59.57 -49.28
CA ALA E 123 84.79 60.37 -48.12
C ALA E 123 85.88 60.33 -47.06
N GLY E 124 85.77 61.20 -46.07
CA GLY E 124 86.69 61.19 -44.94
C GLY E 124 86.53 59.94 -44.08
N ILE E 125 87.62 59.53 -43.41
CA ILE E 125 87.51 58.52 -42.36
C ILE E 125 86.71 59.15 -41.21
N PRO E 126 85.56 58.55 -40.86
CA PRO E 126 84.73 59.17 -39.81
C PRO E 126 85.40 59.06 -38.45
N VAL E 127 85.00 59.94 -37.53
CA VAL E 127 85.48 59.87 -36.16
C VAL E 127 85.25 58.46 -35.61
N SER E 128 86.34 57.82 -35.19
CA SER E 128 86.33 56.40 -34.85
C SER E 128 87.62 56.03 -34.12
N GLY E 129 87.66 54.81 -33.61
CA GLY E 129 88.84 54.29 -32.89
C GLY E 129 88.59 54.29 -31.39
N VAL E 130 89.56 54.82 -30.64
CA VAL E 130 89.52 54.77 -29.17
C VAL E 130 88.33 55.53 -28.58
N ASN E 131 87.52 54.78 -27.82
CA ASN E 131 86.40 55.30 -27.05
C ASN E 131 86.66 54.97 -25.58
N TYR E 132 86.24 55.90 -24.72
CA TYR E 132 86.24 55.74 -23.28
C TYR E 132 85.05 56.54 -22.77
N HIS E 133 84.12 55.87 -22.09
CA HIS E 133 82.92 56.52 -21.61
C HIS E 133 82.67 56.15 -20.18
N MET E 134 82.50 57.16 -19.34
CA MET E 134 82.12 56.92 -17.95
C MET E 134 81.37 58.12 -17.40
N PHE E 135 80.51 57.84 -16.43
CA PHE E 135 79.86 58.87 -15.64
C PHE E 135 79.75 58.40 -14.20
N ALA E 136 79.57 59.34 -13.28
CA ALA E 136 79.54 59.05 -11.86
C ALA E 136 78.68 60.07 -11.12
N ILE E 137 77.89 59.57 -10.17
CA ILE E 137 77.07 60.39 -9.28
C ILE E 137 77.43 60.01 -7.85
N GLY E 138 77.69 61.02 -7.00
CA GLY E 138 78.12 60.79 -5.62
C GLY E 138 77.80 61.93 -4.67
N GLY E 139 77.91 61.67 -3.37
CA GLY E 139 77.67 62.70 -2.34
C GLY E 139 78.96 63.35 -1.91
N GLU E 140 80.03 63.08 -2.67
CA GLU E 140 81.37 63.57 -2.42
C GLU E 140 82.21 63.31 -3.67
N PRO E 141 83.43 63.90 -3.75
CA PRO E 141 84.27 63.72 -4.94
C PRO E 141 84.55 62.24 -5.21
N LEU E 142 84.65 61.87 -6.48
CA LEU E 142 84.99 60.52 -6.88
C LEU E 142 86.41 60.16 -6.44
N ASP E 143 86.57 58.96 -5.90
CA ASP E 143 87.89 58.47 -5.52
C ASP E 143 88.60 57.89 -6.74
N LEU E 144 89.84 58.33 -6.93
CA LEU E 144 90.66 57.97 -8.08
C LEU E 144 91.87 57.15 -7.67
N GLN E 145 92.14 56.11 -8.46
CA GLN E 145 93.36 55.31 -8.36
C GLN E 145 94.28 55.68 -9.51
N GLY E 146 95.57 55.83 -9.23
CA GLY E 146 96.56 56.14 -10.25
C GLY E 146 97.16 54.89 -10.85
N LEU E 147 97.26 54.87 -12.18
CA LEU E 147 97.94 53.80 -12.94
C LEU E 147 98.16 54.26 -14.37
N VAL E 148 99.42 54.20 -14.81
CA VAL E 148 99.85 54.69 -16.11
C VAL E 148 100.48 53.54 -16.93
N LEU E 149 100.38 53.65 -18.25
CA LEU E 149 101.02 52.72 -19.20
C LEU E 149 102.54 52.64 -19.03
N ASP E 150 103.16 53.80 -18.79
CA ASP E 150 104.62 53.89 -18.69
C ASP E 150 104.97 54.86 -17.55
N TYR E 151 105.69 54.35 -16.54
CA TYR E 151 106.03 55.15 -15.36
C TYR E 151 107.07 56.23 -15.65
N GLN E 152 107.83 56.06 -16.73
CA GLN E 152 108.87 57.03 -17.11
C GLN E 152 108.31 58.25 -17.86
N THR E 153 106.99 58.27 -18.04
CA THR E 153 106.33 59.42 -18.67
C THR E 153 106.50 60.64 -17.75
N GLN E 154 106.93 61.74 -18.36
CA GLN E 154 107.16 62.98 -17.66
C GLN E 154 106.01 63.93 -17.98
N TYR E 155 104.95 63.83 -17.17
CA TYR E 155 103.76 64.66 -17.34
C TYR E 155 104.08 66.11 -17.01
N PRO E 156 103.30 67.06 -17.55
CA PRO E 156 103.61 68.46 -17.22
C PRO E 156 103.50 68.70 -15.73
N LYS E 157 104.32 69.62 -15.22
CA LYS E 157 104.26 70.02 -13.82
C LYS E 157 102.96 70.78 -13.50
N THR E 158 102.49 70.67 -12.26
CA THR E 158 101.33 71.42 -11.80
C THR E 158 101.74 72.81 -11.29
N GLY E 162 98.80 73.24 -14.18
CA GLY E 162 98.49 72.21 -15.17
C GLY E 162 97.80 70.99 -14.58
N PRO E 163 98.08 69.79 -15.15
CA PRO E 163 97.42 68.58 -14.67
C PRO E 163 97.97 68.04 -13.36
N ILE E 164 97.09 67.45 -12.56
CA ILE E 164 97.48 66.74 -11.36
C ILE E 164 97.65 65.27 -11.74
N THR E 165 98.87 64.75 -11.53
CA THR E 165 99.19 63.35 -11.87
C THR E 165 99.79 62.64 -10.64
N ILE E 166 100.20 61.38 -10.81
CA ILE E 166 100.75 60.58 -9.71
C ILE E 166 101.95 61.26 -9.03
N GLU E 167 102.85 61.85 -9.83
CA GLU E 167 103.99 62.60 -9.29
C GLU E 167 103.55 63.76 -8.37
N THR E 168 102.49 64.46 -8.77
CA THR E 168 101.91 65.54 -7.96
C THR E 168 101.51 65.07 -6.55
N VAL E 169 100.76 63.97 -6.47
CA VAL E 169 100.24 63.51 -5.18
C VAL E 169 101.30 62.85 -4.30
N LEU E 170 102.22 62.13 -4.92
CA LEU E 170 103.28 61.45 -4.18
C LEU E 170 104.35 62.43 -3.67
N GLY E 171 104.53 63.53 -4.40
CA GLY E 171 105.59 64.50 -4.11
C GLY E 171 106.96 63.98 -4.50
N ARG E 172 106.98 62.98 -5.38
CA ARG E 172 108.20 62.34 -5.84
C ARG E 172 107.95 61.63 -7.17
N LYS E 173 109.03 61.25 -7.85
CA LYS E 173 108.94 60.56 -9.15
C LYS E 173 108.24 59.20 -9.02
N MET E 174 107.40 58.89 -10.01
CA MET E 174 106.86 57.54 -10.16
C MET E 174 107.96 56.51 -10.23
N THR E 175 107.63 55.29 -9.81
CA THR E 175 108.54 54.15 -9.93
C THR E 175 107.78 53.08 -10.73
N PRO E 176 108.46 51.99 -11.14
CA PRO E 176 107.76 50.96 -11.92
C PRO E 176 106.41 50.49 -11.33
N LYS E 177 106.29 50.50 -10.00
CA LYS E 177 105.07 50.07 -9.34
C LYS E 177 103.81 50.82 -9.80
N ASN E 178 103.99 52.02 -10.35
CA ASN E 178 102.87 52.82 -10.86
C ASN E 178 102.37 52.37 -12.23
N GLN E 179 102.96 51.30 -12.77
CA GLN E 179 102.41 50.62 -13.95
C GLN E 179 101.42 49.54 -13.51
N GLY E 180 101.44 49.20 -12.22
CA GLY E 180 100.38 48.39 -11.59
C GLY E 180 99.67 49.23 -10.54
N LEU E 181 98.99 48.57 -9.60
CA LEU E 181 98.27 49.27 -8.54
C LEU E 181 99.20 49.61 -7.38
N ASP E 182 99.39 50.91 -7.15
CA ASP E 182 100.15 51.42 -6.04
C ASP E 182 99.19 52.16 -5.11
N PRO E 183 98.90 51.57 -3.92
CA PRO E 183 97.91 52.09 -2.99
C PRO E 183 98.16 53.54 -2.52
N GLN E 184 99.37 54.05 -2.72
CA GLN E 184 99.67 55.46 -2.43
C GLN E 184 99.24 56.41 -3.55
N ALA E 185 99.09 55.88 -4.76
CA ALA E 185 98.71 56.68 -5.92
C ALA E 185 97.21 56.92 -5.94
N LYS E 186 96.77 57.81 -5.06
CA LYS E 186 95.35 58.09 -4.91
C LYS E 186 95.07 59.58 -4.94
N ALA E 187 93.88 59.92 -5.40
CA ALA E 187 93.42 61.30 -5.45
C ALA E 187 91.90 61.34 -5.45
N LYS E 188 91.37 62.54 -5.22
CA LYS E 188 89.95 62.81 -5.36
C LYS E 188 89.69 63.69 -6.59
N LEU E 189 88.63 63.34 -7.33
CA LEU E 189 88.25 64.11 -8.49
C LEU E 189 87.51 65.39 -8.10
N ASP E 190 88.27 66.39 -7.65
CA ASP E 190 87.69 67.63 -7.13
C ASP E 190 87.79 68.85 -8.07
N LYS E 191 88.39 68.65 -9.26
CA LYS E 191 88.72 69.75 -10.17
C LYS E 191 88.45 69.41 -11.65
N ASP E 192 87.61 70.22 -12.29
CA ASP E 192 87.26 70.06 -13.70
C ASP E 192 88.48 70.19 -14.63
N GLY E 193 88.57 69.29 -15.60
CA GLY E 193 89.62 69.31 -16.62
C GLY E 193 91.06 69.21 -16.15
N ASN E 194 91.27 68.62 -14.97
CA ASN E 194 92.58 68.63 -14.32
C ASN E 194 93.18 67.26 -14.09
N TYR E 195 92.36 66.23 -14.09
CA TYR E 195 92.85 64.87 -13.87
C TYR E 195 92.85 64.07 -15.18
N PRO E 196 94.05 63.84 -15.74
CA PRO E 196 94.15 63.11 -16.99
C PRO E 196 93.55 61.73 -16.91
N ILE E 197 92.71 61.42 -17.89
CA ILE E 197 92.06 60.12 -17.99
C ILE E 197 93.10 58.97 -18.07
N GLU E 198 94.19 59.19 -18.81
CA GLU E 198 95.21 58.15 -18.98
C GLU E 198 96.02 57.87 -17.70
N VAL E 199 95.88 58.76 -16.71
CA VAL E 199 96.58 58.59 -15.43
C VAL E 199 95.67 58.02 -14.34
N TRP E 200 94.40 58.45 -14.33
CA TRP E 200 93.47 58.17 -13.24
C TRP E 200 92.28 57.32 -13.68
N CYS E 201 91.86 56.39 -12.82
CA CYS E 201 90.65 55.61 -13.02
C CYS E 201 89.88 55.61 -11.70
N PRO E 202 88.56 55.33 -11.74
CA PRO E 202 87.85 55.24 -10.46
C PRO E 202 88.45 54.19 -9.54
N ASP E 203 88.63 54.53 -8.26
CA ASP E 203 89.10 53.59 -7.25
C ASP E 203 87.94 52.71 -6.73
N PRO E 204 87.99 51.40 -7.04
CA PRO E 204 86.94 50.50 -6.56
C PRO E 204 87.07 50.13 -5.07
N SER E 205 88.21 50.46 -4.46
CA SER E 205 88.42 50.19 -3.03
C SER E 205 87.81 51.29 -2.16
N LYS E 206 87.38 52.38 -2.79
CA LYS E 206 86.70 53.44 -2.06
C LYS E 206 85.35 53.69 -2.71
N ASN E 207 84.90 54.94 -2.80
CA ASN E 207 83.68 55.27 -3.55
C ASN E 207 82.42 54.57 -3.08
N GLU E 208 82.33 54.33 -1.78
CA GLU E 208 81.12 53.78 -1.18
C GLU E 208 79.93 54.72 -1.37
N ASN E 209 80.18 56.03 -1.35
CA ASN E 209 79.15 57.05 -1.49
C ASN E 209 79.02 57.61 -2.92
N SER E 210 79.44 56.84 -3.91
CA SER E 210 79.33 57.20 -5.33
C SER E 210 78.94 55.98 -6.17
N ARG E 211 78.23 56.23 -7.27
CA ARG E 211 78.00 55.20 -8.28
C ARG E 211 78.66 55.63 -9.60
N TYR E 212 79.50 54.77 -10.15
CA TYR E 212 80.15 55.04 -11.42
C TYR E 212 80.00 53.87 -12.39
N TYR E 213 79.97 54.21 -13.68
CA TYR E 213 79.74 53.26 -14.78
C TYR E 213 80.61 53.75 -15.95
N GLY E 214 81.38 52.84 -16.53
CA GLY E 214 82.25 53.21 -17.64
C GLY E 214 82.66 52.04 -18.52
N SER E 215 83.37 52.35 -19.60
CA SER E 215 83.89 51.32 -20.49
C SER E 215 84.98 51.94 -21.35
N ILE E 216 85.71 51.09 -22.06
CA ILE E 216 86.74 51.49 -23.01
C ILE E 216 86.61 50.63 -24.26
N GLN E 217 87.09 51.16 -25.38
CA GLN E 217 87.23 50.42 -26.60
C GLN E 217 88.49 50.95 -27.25
N THR E 218 89.45 50.06 -27.48
CA THR E 218 90.69 50.42 -28.15
C THR E 218 90.63 49.97 -29.64
N GLY E 219 91.74 50.12 -30.36
CA GLY E 219 91.74 49.94 -31.81
C GLY E 219 91.84 51.31 -32.44
N SER E 220 92.31 51.38 -33.68
CA SER E 220 92.56 52.69 -34.33
C SER E 220 91.34 53.24 -35.05
N GLN E 221 90.64 52.39 -35.79
CA GLN E 221 89.48 52.82 -36.60
C GLN E 221 88.20 52.09 -36.21
N THR E 222 88.21 51.53 -35.01
CA THR E 222 87.07 50.78 -34.48
C THR E 222 85.82 51.66 -34.49
N PRO E 223 84.70 51.13 -35.04
CA PRO E 223 83.47 51.91 -35.13
C PRO E 223 83.06 52.55 -33.80
N THR E 224 82.74 53.84 -33.83
CA THR E 224 82.10 54.49 -32.69
C THR E 224 80.62 54.13 -32.73
N VAL E 225 80.16 53.41 -31.71
CA VAL E 225 78.78 52.93 -31.61
C VAL E 225 78.16 53.46 -30.32
N LEU E 226 77.21 54.36 -30.44
CA LEU E 226 76.59 54.98 -29.27
C LEU E 226 75.08 55.04 -29.42
N GLN E 227 74.37 55.06 -28.29
CA GLN E 227 72.92 55.19 -28.28
C GLN E 227 72.50 56.45 -27.53
N PHE E 228 71.27 56.87 -27.76
CA PHE E 228 70.69 58.02 -27.05
C PHE E 228 69.19 57.85 -27.06
N SER E 229 68.60 58.03 -25.88
CA SER E 229 67.16 57.97 -25.71
C SER E 229 66.83 58.74 -24.45
N ASN E 230 65.66 59.37 -24.41
CA ASN E 230 65.24 60.06 -23.19
C ASN E 230 64.32 59.19 -22.32
N THR E 231 64.33 57.88 -22.59
CA THR E 231 63.49 56.93 -21.86
C THR E 231 64.31 56.05 -20.93
N LEU E 232 65.62 56.28 -20.86
CA LEU E 232 66.52 55.44 -20.10
C LEU E 232 66.96 56.07 -18.79
N THR E 233 66.62 55.40 -17.69
CA THR E 233 66.95 55.85 -16.35
C THR E 233 67.94 54.87 -15.71
N THR E 234 68.89 55.40 -14.95
CA THR E 234 69.77 54.57 -14.15
C THR E 234 69.40 54.74 -12.68
N VAL E 235 69.11 53.63 -12.01
CA VAL E 235 68.76 53.62 -10.60
C VAL E 235 70.06 53.67 -9.81
N LEU E 236 70.14 54.59 -8.85
CA LEU E 236 71.37 54.82 -8.09
C LEU E 236 71.41 54.18 -6.69
N LEU E 237 70.33 53.48 -6.33
CA LEU E 237 70.23 52.81 -5.02
C LEU E 237 71.13 51.60 -4.96
N ASP E 238 71.81 51.43 -3.82
CA ASP E 238 72.61 50.23 -3.61
C ASP E 238 71.73 49.02 -3.26
N GLU E 239 72.36 47.92 -2.88
CA GLU E 239 71.66 46.67 -2.55
C GLU E 239 70.75 46.81 -1.32
N ASN E 240 71.00 47.85 -0.52
CA ASN E 240 70.20 48.16 0.67
C ASN E 240 69.15 49.25 0.43
N GLY E 241 68.98 49.62 -0.84
CA GLY E 241 68.01 50.63 -1.23
C GLY E 241 68.40 52.05 -0.82
N VAL E 242 69.72 52.29 -0.78
CA VAL E 242 70.25 53.60 -0.41
C VAL E 242 71.07 54.19 -1.56
N GLY E 243 70.81 55.45 -1.88
CA GLY E 243 71.56 56.15 -2.92
C GLY E 243 72.69 56.95 -2.29
N PRO E 244 73.53 57.60 -3.13
CA PRO E 244 74.58 58.42 -2.56
C PRO E 244 73.98 59.56 -1.73
N LEU E 245 74.59 59.82 -0.59
CA LEU E 245 74.12 60.80 0.38
C LEU E 245 75.04 62.02 0.36
N CYS E 246 74.43 63.18 0.13
CA CYS E 246 75.18 64.39 -0.21
C CYS E 246 75.70 65.15 1.00
N LYS E 247 76.97 64.87 1.33
CA LYS E 247 77.68 65.51 2.44
C LYS E 247 77.82 67.00 2.21
N GLY E 248 77.41 67.79 3.21
CA GLY E 248 77.44 69.25 3.10
C GLY E 248 76.59 69.80 1.96
N ASP E 249 75.55 69.07 1.59
CA ASP E 249 74.58 69.48 0.55
C ASP E 249 75.19 69.73 -0.83
N GLY E 250 76.20 68.92 -1.16
CA GLY E 250 76.84 68.98 -2.47
C GLY E 250 76.69 67.66 -3.20
N LEU E 251 76.29 67.76 -4.47
CA LEU E 251 76.16 66.60 -5.35
C LEU E 251 77.29 66.65 -6.37
N PHE E 252 78.04 65.55 -6.48
CA PHE E 252 79.17 65.50 -7.40
C PHE E 252 78.83 64.71 -8.65
N ILE E 253 79.08 65.32 -9.80
CA ILE E 253 78.81 64.66 -11.08
C ILE E 253 80.09 64.67 -11.89
N SER E 254 80.47 63.50 -12.40
CA SER E 254 81.72 63.35 -13.13
C SER E 254 81.53 62.49 -14.39
N CYS E 255 82.31 62.78 -15.43
CA CYS E 255 82.24 62.01 -16.67
C CYS E 255 83.44 62.18 -17.58
N ALA E 256 83.52 61.29 -18.57
CA ALA E 256 84.44 61.40 -19.69
C ALA E 256 83.78 60.73 -20.88
N ASP E 257 83.89 61.34 -22.05
CA ASP E 257 83.32 60.76 -23.26
C ASP E 257 84.20 61.04 -24.47
N ILE E 258 85.26 60.27 -24.60
CA ILE E 258 86.10 60.28 -25.81
C ILE E 258 85.39 59.42 -26.85
N VAL E 259 85.22 59.96 -28.06
CA VAL E 259 84.40 59.30 -29.09
C VAL E 259 85.18 58.86 -30.33
N GLY E 260 86.51 58.99 -30.26
CA GLY E 260 87.36 58.52 -31.35
C GLY E 260 88.26 59.59 -31.91
N PHE E 261 88.95 59.25 -32.99
CA PHE E 261 89.97 60.13 -33.57
C PHE E 261 89.41 60.94 -34.73
N LEU E 262 89.84 62.20 -34.82
CA LEU E 262 89.74 62.94 -36.05
C LEU E 262 90.98 62.62 -36.89
N PHE E 263 90.80 61.95 -38.02
CA PHE E 263 91.89 61.63 -38.92
C PHE E 263 92.13 62.77 -39.93
N LYS E 264 93.33 63.35 -39.87
CA LYS E 264 93.70 64.49 -40.71
C LYS E 264 94.47 64.07 -41.95
N THR E 265 94.42 64.91 -42.99
CA THR E 265 95.04 64.65 -44.30
C THR E 265 96.50 64.15 -44.20
N SER E 266 97.27 64.85 -43.37
CA SER E 266 98.72 64.60 -43.22
C SER E 266 99.06 63.24 -42.61
N GLY E 267 98.09 62.65 -41.92
CA GLY E 267 98.31 61.42 -41.15
C GLY E 267 98.09 61.65 -39.67
N LYS E 268 98.16 62.90 -39.26
CA LYS E 268 97.95 63.26 -37.86
C LYS E 268 96.53 62.94 -37.37
N MET E 269 96.45 62.71 -36.07
CA MET E 269 95.26 62.21 -35.41
C MET E 269 95.10 62.90 -34.08
N ALA E 270 93.91 63.43 -33.86
CA ALA E 270 93.56 64.02 -32.58
C ALA E 270 92.35 63.31 -31.99
N LEU E 271 92.33 63.15 -30.66
CA LEU E 271 91.14 62.60 -30.02
C LEU E 271 90.05 63.64 -29.86
N HIS E 272 88.80 63.18 -29.89
CA HIS E 272 87.62 64.04 -29.83
C HIS E 272 86.71 63.55 -28.70
N GLY E 273 86.02 64.49 -28.05
CA GLY E 273 85.07 64.18 -26.99
C GLY E 273 83.75 64.89 -27.22
N LEU E 274 82.69 64.37 -26.61
CA LEU E 274 81.37 64.99 -26.65
C LEU E 274 80.87 65.32 -25.23
N PRO E 275 79.94 66.30 -25.13
CA PRO E 275 79.39 66.67 -23.83
C PRO E 275 78.37 65.65 -23.34
N ARG E 276 78.04 65.74 -22.06
CA ARG E 276 77.08 64.82 -21.45
C ARG E 276 76.07 65.57 -20.61
N TYR E 277 74.80 65.16 -20.72
CA TYR E 277 73.73 65.76 -19.95
C TYR E 277 73.31 64.84 -18.79
N PHE E 278 72.82 65.47 -17.73
CA PHE E 278 72.36 64.78 -16.52
C PHE E 278 71.03 65.32 -16.02
N ASN E 279 70.13 64.42 -15.67
CA ASN E 279 69.00 64.77 -14.83
C ASN E 279 68.94 63.83 -13.63
N VAL E 280 69.33 64.35 -12.47
CA VAL E 280 69.40 63.55 -11.25
C VAL E 280 68.19 63.82 -10.35
N THR E 281 67.50 62.74 -9.98
CA THR E 281 66.38 62.85 -9.04
C THR E 281 66.88 62.60 -7.62
N LEU E 282 66.58 63.52 -6.71
CA LEU E 282 66.99 63.39 -5.30
C LEU E 282 65.84 63.47 -4.31
N ARG E 283 65.95 62.69 -3.24
CA ARG E 283 65.00 62.74 -2.14
C ARG E 283 65.68 63.07 -0.80
N LYS E 284 64.88 63.53 0.16
CA LYS E 284 65.37 63.81 1.49
C LYS E 284 65.43 62.52 2.31
N ARG E 285 66.50 62.34 3.07
CA ARG E 285 66.70 61.14 3.88
C ARG E 285 67.21 61.52 5.28
N TRP E 286 66.61 60.93 6.31
CA TRP E 286 67.12 61.09 7.68
C TRP E 286 68.36 60.22 7.85
N VAL E 287 69.39 60.77 8.49
CA VAL E 287 70.61 60.02 8.80
C VAL E 287 71.09 60.32 10.22
N LYS E 288 71.97 59.47 10.73
CA LYS E 288 72.61 59.64 12.03
C LYS E 288 74.05 59.14 11.95
N VAL F 9 -29.56 -14.27 26.20
CA VAL F 9 -30.24 -14.18 24.88
C VAL F 9 -31.18 -15.38 24.70
N GLU F 10 -32.38 -15.25 25.24
CA GLU F 10 -33.37 -16.34 25.24
C GLU F 10 -34.66 -15.89 24.54
N VAL F 11 -35.09 -16.68 23.55
CA VAL F 11 -36.22 -16.30 22.68
C VAL F 11 -37.59 -16.76 23.25
N LEU F 12 -38.47 -15.82 23.50
CA LEU F 12 -39.80 -16.14 24.00
C LEU F 12 -40.82 -16.15 22.86
N SER F 13 -42.05 -15.74 23.16
CA SER F 13 -43.18 -15.87 22.23
C SER F 13 -43.27 -14.72 21.24
N VAL F 14 -43.80 -15.02 20.05
CA VAL F 14 -44.12 -14.03 19.01
C VAL F 14 -45.16 -13.05 19.53
N VAL F 15 -44.90 -11.75 19.37
CA VAL F 15 -45.80 -10.73 19.89
C VAL F 15 -47.11 -10.69 19.10
N THR F 16 -48.23 -10.73 19.81
CA THR F 16 -49.53 -10.53 19.18
C THR F 16 -49.98 -9.09 19.40
N GLY F 17 -50.47 -8.47 18.33
CA GLY F 17 -50.93 -7.09 18.36
C GLY F 17 -51.34 -6.65 16.97
N GLU F 18 -51.93 -5.46 16.88
CA GLU F 18 -52.37 -4.91 15.61
C GLU F 18 -51.19 -4.52 14.73
N ASP F 19 -50.28 -3.73 15.28
CA ASP F 19 -49.10 -3.28 14.54
C ASP F 19 -47.86 -4.14 14.80
N SER F 20 -48.07 -5.45 14.94
CA SER F 20 -46.97 -6.37 15.27
C SER F 20 -46.15 -6.85 14.06
N ILE F 21 -46.63 -6.61 12.85
CA ILE F 21 -45.89 -6.95 11.64
C ILE F 21 -45.53 -5.69 10.86
N THR F 22 -44.28 -5.61 10.39
CA THR F 22 -43.84 -4.47 9.58
C THR F 22 -43.05 -4.90 8.32
N GLN F 23 -43.09 -4.05 7.30
N GLN F 23 -43.06 -4.04 7.32
CA GLN F 23 -42.34 -4.29 6.05
CA GLN F 23 -42.37 -4.27 6.05
C GLN F 23 -41.28 -3.22 5.83
C GLN F 23 -41.28 -3.22 5.82
N ILE F 24 -40.10 -3.67 5.42
CA ILE F 24 -38.98 -2.78 5.12
C ILE F 24 -38.53 -2.98 3.67
N GLU F 25 -38.67 -1.93 2.87
CA GLU F 25 -38.26 -1.94 1.47
C GLU F 25 -36.99 -1.12 1.26
N LEU F 26 -36.05 -1.68 0.50
CA LEU F 26 -34.92 -0.91 0.00
C LEU F 26 -34.27 -1.56 -1.23
N TYR F 27 -33.43 -0.78 -1.91
CA TYR F 27 -32.59 -1.30 -2.98
C TYR F 27 -31.15 -0.91 -2.68
N LEU F 28 -30.21 -1.73 -3.14
CA LEU F 28 -28.80 -1.40 -3.03
C LEU F 28 -28.15 -1.38 -4.39
N ASN F 29 -27.58 -0.24 -4.73
CA ASN F 29 -26.82 -0.09 -5.97
C ASN F 29 -25.46 -0.75 -5.86
N PRO F 30 -24.93 -1.26 -6.97
CA PRO F 30 -23.73 -2.10 -6.88
C PRO F 30 -22.45 -1.28 -6.69
N ARG F 31 -21.46 -1.89 -6.06
CA ARG F 31 -20.20 -1.21 -5.76
C ARG F 31 -19.04 -1.98 -6.37
N MET F 32 -18.84 -1.75 -7.67
CA MET F 32 -17.94 -2.56 -8.48
C MET F 32 -16.52 -2.00 -8.51
N GLY F 33 -16.36 -0.79 -8.00
CA GLY F 33 -15.05 -0.14 -8.02
C GLY F 33 -15.21 1.34 -8.31
N VAL F 34 -16.04 1.64 -9.30
CA VAL F 34 -16.52 3.01 -9.54
C VAL F 34 -17.89 3.10 -8.89
N ASN F 35 -17.87 3.53 -7.63
CA ASN F 35 -19.01 3.33 -6.74
C ASN F 35 -19.96 4.51 -6.64
N SER F 36 -19.62 5.61 -7.31
CA SER F 36 -20.43 6.83 -7.26
C SER F 36 -20.84 7.29 -8.67
N PRO F 37 -22.12 7.65 -8.84
CA PRO F 37 -22.57 8.23 -10.10
C PRO F 37 -22.41 9.75 -10.14
N ASP F 38 -21.92 10.33 -9.03
CA ASP F 38 -21.93 11.79 -8.82
C ASP F 38 -20.58 12.49 -9.04
N LEU F 39 -19.60 11.77 -9.59
CA LEU F 39 -18.28 12.35 -9.89
C LEU F 39 -18.07 12.42 -11.40
N PRO F 40 -18.36 13.59 -12.01
CA PRO F 40 -18.44 13.77 -13.47
C PRO F 40 -17.20 13.28 -14.24
N THR F 41 -16.03 13.41 -13.62
CA THR F 41 -14.76 12.96 -14.21
C THR F 41 -14.73 11.47 -14.53
N THR F 42 -15.26 10.65 -13.62
CA THR F 42 -15.04 9.21 -13.66
C THR F 42 -16.34 8.39 -13.61
N SER F 43 -17.47 9.05 -13.37
CA SER F 43 -18.74 8.36 -13.14
C SER F 43 -19.37 7.67 -14.36
N ASN F 44 -18.80 7.87 -15.54
CA ASN F 44 -19.25 7.15 -16.74
C ASN F 44 -19.15 5.62 -16.56
N TRP F 45 -18.25 5.18 -15.68
CA TRP F 45 -18.02 3.76 -15.43
C TRP F 45 -18.68 3.20 -14.16
N TYR F 46 -19.49 4.03 -13.51
CA TYR F 46 -20.32 3.61 -12.38
C TYR F 46 -21.05 2.27 -12.67
N THR F 47 -20.92 1.33 -11.73
CA THR F 47 -21.45 -0.06 -11.82
C THR F 47 -20.52 -1.01 -12.60
N TYR F 48 -19.32 -0.53 -12.91
CA TYR F 48 -18.27 -1.33 -13.54
C TYR F 48 -16.96 -1.17 -12.78
N THR F 49 -16.00 -2.08 -13.03
CA THR F 49 -14.62 -1.88 -12.61
C THR F 49 -13.92 -1.06 -13.70
N TYR F 50 -12.65 -0.74 -13.48
CA TYR F 50 -11.80 -0.36 -14.60
C TYR F 50 -11.35 -1.64 -15.31
N ASP F 51 -10.35 -1.52 -16.17
CA ASP F 51 -9.91 -2.66 -16.96
C ASP F 51 -9.10 -3.64 -16.13
N LEU F 52 -9.49 -4.90 -16.17
CA LEU F 52 -8.85 -5.92 -15.36
C LEU F 52 -7.79 -6.62 -16.16
N GLN F 53 -6.56 -6.60 -15.62
CA GLN F 53 -5.38 -7.13 -16.30
C GLN F 53 -4.40 -7.73 -15.31
N PRO F 54 -3.82 -8.90 -15.66
CA PRO F 54 -2.64 -9.39 -14.96
C PRO F 54 -1.45 -8.45 -15.24
N LYS F 55 -0.73 -8.07 -14.20
CA LYS F 55 0.34 -7.07 -14.31
C LYS F 55 1.51 -7.54 -15.17
N GLY F 56 1.80 -8.84 -15.11
CA GLY F 56 2.92 -9.41 -15.86
C GLY F 56 4.19 -9.50 -15.02
N SER F 57 4.22 -8.76 -13.92
CA SER F 57 5.35 -8.80 -13.00
C SER F 57 4.84 -8.74 -11.56
N SER F 58 5.68 -9.22 -10.63
N SER F 58 5.66 -9.24 -10.63
CA SER F 58 5.36 -9.28 -9.21
CA SER F 58 5.32 -9.28 -9.21
C SER F 58 5.71 -7.96 -8.51
C SER F 58 5.70 -7.98 -8.52
N PRO F 59 4.88 -7.52 -7.56
CA PRO F 59 3.61 -8.11 -7.13
C PRO F 59 2.40 -7.39 -7.72
N ASP F 60 1.23 -8.03 -7.65
CA ASP F 60 -0.02 -7.35 -8.00
C ASP F 60 -0.25 -6.18 -7.05
N GLN F 61 -0.64 -5.04 -7.63
CA GLN F 61 -0.96 -3.83 -6.86
C GLN F 61 -2.29 -3.26 -7.37
N PRO F 62 -3.40 -3.98 -7.13
CA PRO F 62 -4.67 -3.61 -7.75
C PRO F 62 -5.15 -2.24 -7.27
N ILE F 63 -5.88 -1.54 -8.13
CA ILE F 63 -6.46 -0.25 -7.74
C ILE F 63 -7.85 -0.51 -7.19
N LYS F 64 -8.36 0.41 -6.36
CA LYS F 64 -9.67 0.21 -5.75
C LYS F 64 -10.78 0.07 -6.79
N GLU F 65 -10.58 0.71 -7.94
CA GLU F 65 -11.51 0.66 -9.08
C GLU F 65 -11.66 -0.74 -9.63
N ASN F 66 -10.68 -1.60 -9.33
CA ASN F 66 -10.69 -2.97 -9.82
C ASN F 66 -11.03 -4.00 -8.73
N LEU F 67 -11.63 -3.52 -7.63
CA LEU F 67 -12.03 -4.38 -6.50
C LEU F 67 -13.53 -4.23 -6.14
N PRO F 68 -14.41 -4.96 -6.86
CA PRO F 68 -15.83 -4.96 -6.50
C PRO F 68 -16.02 -5.33 -5.03
N ALA F 69 -16.88 -4.58 -4.35
CA ALA F 69 -17.09 -4.73 -2.92
C ALA F 69 -18.57 -4.99 -2.60
N TYR F 70 -18.83 -5.54 -1.41
CA TYR F 70 -20.18 -5.81 -0.96
C TYR F 70 -20.95 -4.50 -0.77
N SER F 71 -22.26 -4.55 -1.05
CA SER F 71 -23.19 -3.48 -0.70
C SER F 71 -23.75 -3.81 0.68
N VAL F 72 -23.98 -2.78 1.51
CA VAL F 72 -24.63 -2.99 2.81
C VAL F 72 -25.39 -1.76 3.28
N ALA F 73 -26.53 -2.02 3.91
CA ALA F 73 -27.29 -0.98 4.59
C ALA F 73 -27.75 -1.46 5.96
N ARG F 74 -27.67 -0.54 6.92
CA ARG F 74 -28.33 -0.71 8.19
C ARG F 74 -29.62 0.09 8.09
N VAL F 75 -30.75 -0.58 8.27
CA VAL F 75 -32.05 0.08 8.23
C VAL F 75 -32.56 0.24 9.65
N SER F 76 -32.93 1.47 10.00
CA SER F 76 -33.50 1.76 11.30
C SER F 76 -34.96 1.32 11.34
N LEU F 77 -35.30 0.59 12.38
CA LEU F 77 -36.62 0.01 12.55
C LEU F 77 -37.35 0.77 13.65
N PRO F 78 -38.71 0.77 13.62
CA PRO F 78 -39.43 1.49 14.66
C PRO F 78 -38.97 1.08 16.07
N MET F 79 -38.82 2.06 16.95
CA MET F 79 -38.41 1.82 18.34
C MET F 79 -39.45 0.95 19.07
N LEU F 80 -38.98 0.05 19.91
CA LEU F 80 -39.86 -0.88 20.61
C LEU F 80 -39.91 -0.66 22.13
N ASN F 81 -38.76 -0.31 22.71
CA ASN F 81 -38.64 -0.21 24.16
C ASN F 81 -38.35 1.21 24.65
N THR F 88 -35.98 -8.56 29.87
CA THR F 88 -37.01 -8.95 28.91
C THR F 88 -37.45 -7.77 28.05
N LEU F 89 -37.34 -7.93 26.74
CA LEU F 89 -37.72 -6.87 25.80
C LEU F 89 -38.25 -7.41 24.46
N GLN F 90 -38.77 -6.49 23.64
CA GLN F 90 -39.24 -6.81 22.30
C GLN F 90 -38.15 -6.53 21.28
N MET F 91 -38.06 -7.42 20.28
CA MET F 91 -37.16 -7.22 19.15
C MET F 91 -37.88 -7.53 17.84
N TRP F 92 -37.53 -6.78 16.79
CA TRP F 92 -37.96 -7.11 15.43
C TRP F 92 -37.25 -8.39 14.98
N GLU F 93 -38.04 -9.30 14.42
CA GLU F 93 -37.55 -10.57 13.92
C GLU F 93 -37.86 -10.66 12.44
N ALA F 94 -36.82 -10.87 11.64
CA ALA F 94 -36.96 -10.97 10.18
C ALA F 94 -37.37 -12.37 9.78
N ILE F 95 -38.55 -12.51 9.20
CA ILE F 95 -39.16 -13.81 8.95
C ILE F 95 -39.18 -14.23 7.49
N SER F 96 -39.17 -13.25 6.59
CA SER F 96 -39.14 -13.51 5.15
C SER F 96 -38.60 -12.33 4.36
N VAL F 97 -38.08 -12.61 3.17
CA VAL F 97 -37.67 -11.56 2.26
C VAL F 97 -38.06 -11.91 0.84
N LYS F 98 -38.54 -10.89 0.11
CA LYS F 98 -38.59 -10.98 -1.33
C LYS F 98 -37.43 -10.16 -1.85
N THR F 99 -36.57 -10.79 -2.64
CA THR F 99 -35.44 -10.07 -3.24
C THR F 99 -35.31 -10.31 -4.74
N GLU F 100 -34.79 -9.32 -5.46
CA GLU F 100 -34.69 -9.40 -6.91
C GLU F 100 -33.53 -8.58 -7.43
N VAL F 101 -32.81 -9.16 -8.39
CA VAL F 101 -31.76 -8.44 -9.11
C VAL F 101 -32.45 -7.62 -10.21
N VAL F 102 -32.28 -6.31 -10.11
CA VAL F 102 -32.91 -5.31 -10.96
C VAL F 102 -32.07 -4.97 -12.19
N GLY F 103 -32.74 -4.71 -13.31
CA GLY F 103 -32.08 -4.32 -14.54
C GLY F 103 -31.50 -5.48 -15.36
N ILE F 104 -32.02 -6.68 -15.13
CA ILE F 104 -31.47 -7.88 -15.81
C ILE F 104 -31.59 -7.76 -17.33
N SER F 105 -32.71 -7.20 -17.78
CA SER F 105 -32.99 -7.05 -19.21
C SER F 105 -31.98 -6.16 -19.95
N SER F 106 -31.29 -5.28 -19.20
CA SER F 106 -30.31 -4.37 -19.80
C SER F 106 -29.17 -5.11 -20.48
N LEU F 107 -28.92 -6.33 -20.02
CA LEU F 107 -27.86 -7.15 -20.57
C LEU F 107 -28.16 -7.76 -21.94
N ILE F 108 -29.33 -7.44 -22.52
CA ILE F 108 -29.59 -7.89 -23.90
C ILE F 108 -28.90 -6.99 -24.93
N ASN F 109 -28.45 -5.82 -24.48
CA ASN F 109 -27.69 -4.90 -25.31
C ASN F 109 -26.39 -5.51 -25.82
N VAL F 110 -26.31 -5.72 -27.14
CA VAL F 110 -25.11 -6.25 -27.78
C VAL F 110 -24.59 -5.30 -28.88
N HIS F 111 -24.94 -4.03 -28.70
CA HIS F 111 -24.56 -2.97 -29.63
C HIS F 111 -23.93 -1.78 -28.91
N TYR F 112 -23.44 -1.99 -27.68
CA TYR F 112 -22.60 -0.99 -27.03
C TYR F 112 -21.45 -0.61 -27.99
N TRP F 113 -21.16 0.69 -28.10
CA TRP F 113 -20.28 1.21 -29.17
C TRP F 113 -18.87 0.64 -29.14
N ASP F 114 -18.34 0.43 -27.94
CA ASP F 114 -17.00 -0.14 -27.80
C ASP F 114 -17.00 -1.64 -27.46
N MET F 115 -18.09 -2.33 -27.75
CA MET F 115 -18.17 -3.75 -27.43
C MET F 115 -17.39 -4.59 -28.45
N LYS F 116 -16.58 -5.52 -27.96
CA LYS F 116 -15.88 -6.46 -28.85
C LYS F 116 -16.90 -7.25 -29.63
N ARG F 117 -16.77 -7.26 -30.95
CA ARG F 117 -17.61 -8.08 -31.81
C ARG F 117 -17.22 -9.55 -31.67
N VAL F 118 -18.23 -10.42 -31.67
CA VAL F 118 -17.99 -11.84 -31.42
C VAL F 118 -17.17 -12.47 -32.57
N HIS F 119 -17.48 -12.06 -33.79
CA HIS F 119 -16.60 -12.31 -34.96
C HIS F 119 -16.69 -11.09 -35.87
N ASP F 120 -15.96 -11.12 -36.99
CA ASP F 120 -15.94 -9.99 -37.91
C ASP F 120 -17.36 -9.60 -38.33
N TYR F 121 -17.72 -8.35 -38.03
CA TYR F 121 -19.02 -7.76 -38.42
C TYR F 121 -20.20 -8.23 -37.57
N GLY F 122 -19.91 -9.01 -36.53
CA GLY F 122 -20.95 -9.55 -35.66
C GLY F 122 -21.43 -8.59 -34.59
N ALA F 123 -22.41 -9.05 -33.81
CA ALA F 123 -22.88 -8.38 -32.62
C ALA F 123 -21.81 -8.43 -31.52
N GLY F 124 -21.95 -7.58 -30.51
CA GLY F 124 -21.01 -7.56 -29.42
C GLY F 124 -21.15 -8.83 -28.59
N ILE F 125 -20.03 -9.32 -28.07
CA ILE F 125 -20.05 -10.35 -27.04
C ILE F 125 -20.82 -9.78 -25.86
N PRO F 126 -21.95 -10.41 -25.52
CA PRO F 126 -22.80 -9.91 -24.43
C PRO F 126 -22.10 -10.04 -23.08
N VAL F 127 -22.51 -9.21 -22.14
CA VAL F 127 -22.03 -9.28 -20.76
C VAL F 127 -22.21 -10.72 -20.27
N SER F 128 -21.08 -11.34 -19.94
CA SER F 128 -21.00 -12.76 -19.63
C SER F 128 -19.69 -13.07 -18.90
N GLY F 129 -19.55 -14.31 -18.44
CA GLY F 129 -18.36 -14.74 -17.71
C GLY F 129 -18.61 -14.85 -16.22
N VAL F 130 -17.62 -14.40 -15.44
CA VAL F 130 -17.65 -14.47 -13.99
C VAL F 130 -18.91 -13.86 -13.39
N ASN F 131 -19.65 -14.68 -12.65
CA ASN F 131 -20.79 -14.23 -11.86
C ASN F 131 -20.56 -14.51 -10.38
N TYR F 132 -20.98 -13.57 -9.53
CA TYR F 132 -20.98 -13.75 -8.09
C TYR F 132 -22.24 -13.13 -7.51
N HIS F 133 -23.06 -13.96 -6.88
CA HIS F 133 -24.31 -13.47 -6.30
C HIS F 133 -24.49 -13.95 -4.86
N MET F 134 -24.77 -12.99 -3.99
CA MET F 134 -25.15 -13.29 -2.62
C MET F 134 -26.04 -12.20 -2.07
N PHE F 135 -26.88 -12.56 -1.12
CA PHE F 135 -27.54 -11.57 -0.27
C PHE F 135 -27.59 -12.11 1.15
N ALA F 136 -27.74 -11.21 2.11
CA ALA F 136 -27.81 -11.58 3.50
C ALA F 136 -28.76 -10.64 4.23
N ILE F 137 -29.59 -11.21 5.10
CA ILE F 137 -30.44 -10.47 6.04
C ILE F 137 -30.02 -10.88 7.46
N GLY F 138 -29.77 -9.89 8.32
CA GLY F 138 -29.31 -10.15 9.68
C GLY F 138 -29.69 -9.05 10.67
N GLY F 139 -29.64 -9.38 11.96
CA GLY F 139 -29.93 -8.42 13.04
C GLY F 139 -28.69 -7.72 13.57
N GLU F 140 -27.59 -7.92 12.87
CA GLU F 140 -26.28 -7.34 13.18
C GLU F 140 -25.42 -7.50 11.92
N PRO F 141 -24.29 -6.76 11.82
CA PRO F 141 -23.46 -6.85 10.60
C PRO F 141 -23.01 -8.29 10.28
N LEU F 142 -22.95 -8.61 8.99
CA LEU F 142 -22.51 -9.93 8.53
C LEU F 142 -21.05 -10.21 8.94
N ASP F 143 -20.81 -11.41 9.46
CA ASP F 143 -19.44 -11.81 9.79
C ASP F 143 -18.69 -12.27 8.55
N LEU F 144 -17.50 -11.71 8.32
CA LEU F 144 -16.69 -12.05 7.16
C LEU F 144 -15.44 -12.83 7.50
N GLN F 145 -15.12 -13.81 6.66
CA GLN F 145 -13.84 -14.51 6.72
C GLN F 145 -12.97 -14.02 5.55
N GLY F 146 -11.71 -13.70 5.85
CA GLY F 146 -10.76 -13.28 4.82
C GLY F 146 -10.01 -14.46 4.21
N LEU F 147 -9.91 -14.47 2.89
CA LEU F 147 -9.06 -15.45 2.16
C LEU F 147 -8.86 -14.93 0.75
N VAL F 148 -7.61 -14.96 0.29
CA VAL F 148 -7.24 -14.45 -1.03
C VAL F 148 -6.53 -15.49 -1.91
N LEU F 149 -6.65 -15.27 -3.22
CA LEU F 149 -5.98 -16.07 -4.22
C LEU F 149 -4.46 -16.01 -4.07
N ASP F 150 -3.95 -14.82 -3.73
CA ASP F 150 -2.51 -14.59 -3.65
C ASP F 150 -2.20 -13.68 -2.45
N TYR F 151 -1.47 -14.22 -1.48
CA TYR F 151 -1.17 -13.48 -0.26
C TYR F 151 -0.19 -12.33 -0.49
N GLN F 152 0.48 -12.32 -1.65
CA GLN F 152 1.48 -11.32 -1.98
C GLN F 152 0.86 -10.06 -2.61
N THR F 153 -0.42 -10.16 -2.95
CA THR F 153 -1.17 -9.02 -3.45
C THR F 153 -1.06 -7.82 -2.51
N GLN F 154 -0.67 -6.69 -3.07
CA GLN F 154 -0.62 -5.45 -2.28
C GLN F 154 -1.87 -4.62 -2.58
N TYR F 155 -2.90 -4.88 -1.78
CA TYR F 155 -4.16 -4.14 -1.84
C TYR F 155 -3.94 -2.70 -1.40
N PRO F 156 -4.72 -1.75 -1.96
CA PRO F 156 -4.53 -0.36 -1.56
C PRO F 156 -4.72 -0.19 -0.06
N LYS F 157 -3.96 0.73 0.53
CA LYS F 157 -4.12 1.07 1.94
C LYS F 157 -5.43 1.81 2.17
N THR F 158 -5.93 1.77 3.41
CA THR F 158 -7.20 2.40 3.74
C THR F 158 -7.05 3.92 3.85
N THR F 159 -7.83 4.63 3.05
CA THR F 159 -7.80 6.09 2.98
C THR F 159 -9.21 6.67 2.84
N GLY F 162 -10.24 4.17 0.92
CA GLY F 162 -9.77 2.89 0.39
C GLY F 162 -10.42 1.69 1.04
N PRO F 163 -10.17 0.48 0.50
CA PRO F 163 -10.78 -0.75 1.00
C PRO F 163 -10.18 -1.28 2.30
N ILE F 164 -11.01 -1.97 3.09
CA ILE F 164 -10.54 -2.73 4.24
C ILE F 164 -10.19 -4.13 3.76
N THR F 165 -8.94 -4.53 3.95
CA THR F 165 -8.51 -5.88 3.56
C THR F 165 -7.84 -6.59 4.73
N ILE F 166 -7.34 -7.79 4.50
CA ILE F 166 -6.74 -8.61 5.57
C ILE F 166 -5.59 -7.87 6.32
N GLU F 167 -4.76 -7.16 5.57
CA GLU F 167 -3.70 -6.32 6.14
C GLU F 167 -4.26 -5.33 7.16
N THR F 168 -5.36 -4.67 6.78
CA THR F 168 -6.01 -3.67 7.61
C THR F 168 -6.40 -4.23 8.98
N VAL F 169 -6.99 -5.43 8.99
CA VAL F 169 -7.45 -6.04 10.23
C VAL F 169 -6.27 -6.59 11.05
N LEU F 170 -5.32 -7.23 10.37
CA LEU F 170 -4.18 -7.84 11.05
C LEU F 170 -3.17 -6.84 11.61
N GLY F 171 -3.07 -5.67 10.96
CA GLY F 171 -2.07 -4.67 11.34
C GLY F 171 -0.66 -5.06 10.92
N ARG F 172 -0.56 -6.09 10.09
CA ARG F 172 0.72 -6.60 9.55
C ARG F 172 0.50 -7.12 8.11
N LYS F 173 1.58 -7.56 7.46
CA LYS F 173 1.48 -8.16 6.13
C LYS F 173 0.86 -9.57 6.21
N MET F 174 0.12 -9.94 5.16
CA MET F 174 -0.39 -11.30 5.00
C MET F 174 0.77 -12.29 4.88
N THR F 175 0.53 -13.53 5.29
CA THR F 175 1.49 -14.61 5.09
C THR F 175 0.80 -15.69 4.25
N PRO F 176 1.55 -16.73 3.83
CA PRO F 176 0.96 -17.80 3.04
C PRO F 176 -0.33 -18.42 3.60
N LYS F 177 -0.52 -18.39 4.92
CA LYS F 177 -1.74 -18.98 5.49
C LYS F 177 -3.05 -18.28 5.05
N ASN F 178 -2.95 -17.03 4.60
CA ASN F 178 -4.12 -16.28 4.12
C ASN F 178 -4.61 -16.71 2.74
N GLN F 179 -3.97 -17.74 2.18
CA GLN F 179 -4.45 -18.39 0.97
C GLN F 179 -5.37 -19.54 1.37
N GLY F 180 -5.26 -19.94 2.64
CA GLY F 180 -6.19 -20.86 3.32
C GLY F 180 -7.03 -20.09 4.33
N LEU F 181 -7.59 -20.80 5.31
CA LEU F 181 -8.43 -20.18 6.33
C LEU F 181 -7.58 -19.81 7.54
N ASP F 182 -7.56 -18.51 7.84
CA ASP F 182 -6.82 -17.97 8.98
C ASP F 182 -7.82 -17.28 9.91
N PRO F 183 -8.01 -17.86 11.11
CA PRO F 183 -9.01 -17.42 12.10
C PRO F 183 -8.83 -15.96 12.54
N GLN F 184 -7.62 -15.43 12.39
N GLN F 184 -7.61 -15.44 12.37
CA GLN F 184 -7.36 -14.03 12.69
CA GLN F 184 -7.32 -14.04 12.69
C GLN F 184 -7.91 -13.10 11.60
C GLN F 184 -7.85 -13.10 11.59
N ALA F 185 -8.10 -13.64 10.40
CA ALA F 185 -8.59 -12.86 9.26
C ALA F 185 -10.11 -12.82 9.28
N LYS F 186 -10.64 -11.93 10.11
CA LYS F 186 -12.08 -11.83 10.32
C LYS F 186 -12.47 -10.37 10.45
N ALA F 187 -13.59 -10.00 9.85
CA ALA F 187 -14.09 -8.63 9.95
C ALA F 187 -15.60 -8.64 9.98
N LYS F 188 -16.19 -7.45 10.03
CA LYS F 188 -17.64 -7.31 10.02
C LYS F 188 -18.05 -6.40 8.85
N LEU F 189 -19.05 -6.82 8.10
CA LEU F 189 -19.50 -6.04 6.95
C LEU F 189 -20.32 -4.85 7.44
N ASP F 190 -19.61 -3.78 7.81
CA ASP F 190 -20.23 -2.60 8.42
C ASP F 190 -20.18 -1.32 7.59
N LYS F 191 -19.57 -1.39 6.40
CA LYS F 191 -19.46 -0.23 5.51
C LYS F 191 -19.72 -0.57 4.05
N ASP F 192 -20.57 0.25 3.42
CA ASP F 192 -20.94 0.07 2.01
C ASP F 192 -19.75 0.32 1.08
N GLY F 193 -19.53 -0.60 0.16
CA GLY F 193 -18.49 -0.46 -0.87
C GLY F 193 -17.03 -0.52 -0.42
N ASN F 194 -16.78 -1.00 0.79
CA ASN F 194 -15.41 -0.96 1.36
C ASN F 194 -14.72 -2.29 1.59
N TYR F 195 -15.48 -3.38 1.49
CA TYR F 195 -14.94 -4.72 1.71
C TYR F 195 -14.89 -5.49 0.41
N PRO F 196 -13.70 -5.58 -0.21
CA PRO F 196 -13.53 -6.28 -1.48
C PRO F 196 -14.12 -7.69 -1.44
N ILE F 197 -14.85 -8.05 -2.49
CA ILE F 197 -15.43 -9.38 -2.65
C ILE F 197 -14.32 -10.46 -2.75
N GLU F 198 -13.25 -10.15 -3.47
CA GLU F 198 -12.16 -11.11 -3.68
C GLU F 198 -11.32 -11.38 -2.43
N VAL F 199 -11.54 -10.60 -1.39
CA VAL F 199 -10.81 -10.75 -0.14
C VAL F 199 -11.67 -11.42 0.94
N TRP F 200 -12.97 -11.10 0.95
CA TRP F 200 -13.89 -11.49 2.03
C TRP F 200 -15.08 -12.31 1.55
N CYS F 201 -15.46 -13.29 2.38
CA CYS F 201 -16.63 -14.13 2.14
C CYS F 201 -17.32 -14.29 3.48
N PRO F 202 -18.61 -14.68 3.48
CA PRO F 202 -19.28 -14.89 4.79
C PRO F 202 -18.56 -15.93 5.66
N ASP F 203 -18.42 -15.65 6.94
CA ASP F 203 -17.83 -16.57 7.89
C ASP F 203 -18.90 -17.58 8.33
N PRO F 204 -18.72 -18.88 8.01
CA PRO F 204 -19.71 -19.87 8.43
C PRO F 204 -19.62 -20.21 9.92
N SER F 205 -18.47 -19.96 10.53
CA SER F 205 -18.22 -20.25 11.92
C SER F 205 -18.94 -19.26 12.84
N LYS F 206 -19.45 -18.19 12.25
CA LYS F 206 -20.23 -17.20 13.00
C LYS F 206 -21.60 -17.05 12.34
N ASN F 207 -22.11 -15.82 12.29
CA ASN F 207 -23.35 -15.50 11.56
C ASN F 207 -24.63 -16.18 12.04
N GLU F 208 -24.69 -16.49 13.33
CA GLU F 208 -25.88 -17.10 13.91
C GLU F 208 -27.11 -16.22 13.77
N ASN F 209 -26.89 -14.90 13.83
CA ASN F 209 -28.00 -13.94 13.76
C ASN F 209 -28.14 -13.33 12.35
N SER F 210 -27.67 -14.08 11.35
CA SER F 210 -27.87 -13.72 9.94
C SER F 210 -28.15 -14.96 9.11
N ARG F 211 -28.82 -14.73 7.98
CA ARG F 211 -28.98 -15.74 6.96
C ARG F 211 -28.34 -15.19 5.69
N TYR F 212 -27.47 -15.98 5.04
CA TYR F 212 -26.88 -15.60 3.77
C TYR F 212 -27.00 -16.70 2.72
N TYR F 213 -27.08 -16.28 1.46
CA TYR F 213 -27.27 -17.19 0.33
C TYR F 213 -26.41 -16.66 -0.82
N GLY F 214 -25.57 -17.52 -1.40
CA GLY F 214 -24.66 -17.09 -2.45
C GLY F 214 -24.21 -18.16 -3.40
N SER F 215 -23.65 -17.72 -4.55
CA SER F 215 -23.05 -18.62 -5.51
C SER F 215 -21.99 -17.91 -6.33
N ILE F 216 -21.14 -18.70 -6.98
CA ILE F 216 -20.18 -18.14 -7.93
C ILE F 216 -20.26 -18.94 -9.22
N GLN F 217 -19.79 -18.35 -10.30
CA GLN F 217 -19.63 -19.03 -11.57
C GLN F 217 -18.43 -18.42 -12.24
N THR F 218 -17.41 -19.23 -12.52
CA THR F 218 -16.21 -18.76 -13.18
C THR F 218 -16.23 -19.03 -14.68
N GLY F 219 -15.09 -18.94 -15.33
CA GLY F 219 -15.04 -19.06 -16.79
C GLY F 219 -15.09 -17.68 -17.40
N SER F 220 -14.53 -17.55 -18.61
CA SER F 220 -14.37 -16.23 -19.20
C SER F 220 -15.62 -15.68 -19.89
N GLN F 221 -16.32 -16.54 -20.63
CA GLN F 221 -17.51 -16.12 -21.40
C GLN F 221 -18.75 -16.97 -21.07
N THR F 222 -18.75 -17.58 -19.89
CA THR F 222 -19.87 -18.40 -19.39
C THR F 222 -21.17 -17.58 -19.41
N PRO F 223 -22.24 -18.17 -20.00
CA PRO F 223 -23.53 -17.49 -20.05
C PRO F 223 -23.92 -16.96 -18.68
N THR F 224 -24.34 -15.70 -18.61
CA THR F 224 -25.02 -15.19 -17.44
C THR F 224 -26.49 -15.67 -17.56
N VAL F 225 -26.93 -16.40 -16.53
CA VAL F 225 -28.25 -17.02 -16.49
C VAL F 225 -28.91 -16.62 -15.19
N LEU F 226 -29.85 -15.69 -15.30
CA LEU F 226 -30.52 -15.09 -14.15
C LEU F 226 -32.05 -15.15 -14.29
N GLN F 227 -32.73 -15.25 -13.14
CA GLN F 227 -34.19 -15.23 -13.11
C GLN F 227 -34.72 -14.05 -12.29
N PHE F 228 -35.97 -13.69 -12.54
CA PHE F 228 -36.65 -12.61 -11.83
C PHE F 228 -38.14 -12.89 -11.82
N SER F 229 -38.74 -12.77 -10.64
CA SER F 229 -40.17 -12.96 -10.44
C SER F 229 -40.55 -12.30 -9.12
N ASN F 230 -41.74 -11.70 -9.09
CA ASN F 230 -42.23 -11.12 -7.84
C ASN F 230 -43.07 -12.12 -7.00
N THR F 231 -42.93 -13.40 -7.32
CA THR F 231 -43.70 -14.46 -6.65
C THR F 231 -42.81 -15.34 -5.76
N LEU F 232 -41.52 -15.07 -5.73
CA LEU F 232 -40.57 -15.88 -4.99
C LEU F 232 -40.20 -15.25 -3.65
N THR F 233 -40.47 -16.00 -2.57
CA THR F 233 -40.18 -15.58 -1.20
C THR F 233 -39.10 -16.46 -0.56
N THR F 234 -38.22 -15.83 0.21
CA THR F 234 -37.25 -16.56 1.02
C THR F 234 -37.63 -16.49 2.50
N VAL F 235 -37.88 -17.67 3.09
CA VAL F 235 -38.18 -17.82 4.51
C VAL F 235 -36.88 -17.76 5.32
N LEU F 236 -36.84 -16.86 6.30
CA LEU F 236 -35.63 -16.56 7.06
C LEU F 236 -35.55 -17.24 8.44
N LEU F 237 -36.57 -18.01 8.79
CA LEU F 237 -36.61 -18.75 10.05
C LEU F 237 -35.63 -19.92 10.03
N ASP F 238 -34.90 -20.08 11.12
CA ASP F 238 -34.02 -21.23 11.29
C ASP F 238 -34.84 -22.49 11.61
N GLU F 239 -34.15 -23.59 11.93
CA GLU F 239 -34.81 -24.88 12.17
C GLU F 239 -35.68 -24.90 13.42
N ASN F 240 -35.53 -23.88 14.27
CA ASN F 240 -36.34 -23.72 15.48
C ASN F 240 -37.47 -22.71 15.30
N GLY F 241 -37.60 -22.18 14.08
CA GLY F 241 -38.66 -21.23 13.74
C GLY F 241 -38.35 -19.80 14.15
N VAL F 242 -37.07 -19.48 14.24
CA VAL F 242 -36.63 -18.15 14.63
C VAL F 242 -35.82 -17.51 13.50
N GLY F 243 -36.17 -16.27 13.16
CA GLY F 243 -35.42 -15.51 12.17
C GLY F 243 -34.42 -14.60 12.86
N PRO F 244 -33.56 -13.92 12.08
CA PRO F 244 -32.62 -12.94 12.62
C PRO F 244 -33.28 -11.92 13.55
N LEU F 245 -32.65 -11.62 14.67
CA LEU F 245 -33.22 -10.71 15.64
C LEU F 245 -32.46 -9.40 15.66
N CYS F 246 -33.18 -8.30 15.52
CA CYS F 246 -32.58 -7.01 15.25
C CYS F 246 -32.10 -6.26 16.49
N LYS F 247 -30.82 -6.47 16.80
CA LYS F 247 -30.13 -5.83 17.91
C LYS F 247 -30.10 -4.33 17.70
N GLY F 248 -30.53 -3.60 18.72
CA GLY F 248 -30.58 -2.14 18.65
C GLY F 248 -31.45 -1.60 17.53
N ASP F 249 -32.58 -2.27 17.28
CA ASP F 249 -33.54 -1.87 16.23
C ASP F 249 -32.92 -1.61 14.85
N GLY F 250 -31.90 -2.41 14.53
CA GLY F 250 -31.16 -2.28 13.29
C GLY F 250 -31.19 -3.55 12.46
N LEU F 251 -31.71 -3.42 11.26
CA LEU F 251 -31.73 -4.51 10.29
C LEU F 251 -30.55 -4.35 9.31
N PHE F 252 -29.78 -5.40 9.13
CA PHE F 252 -28.62 -5.36 8.26
C PHE F 252 -28.83 -6.10 6.95
N ILE F 253 -28.64 -5.41 5.84
CA ILE F 253 -28.88 -5.99 4.52
C ILE F 253 -27.64 -5.88 3.64
N SER F 254 -27.18 -7.03 3.13
CA SER F 254 -25.93 -7.13 2.41
C SER F 254 -26.09 -7.93 1.13
N CYS F 255 -25.40 -7.49 0.07
CA CYS F 255 -25.45 -8.20 -1.19
C CYS F 255 -24.28 -7.91 -2.11
N ALA F 256 -24.13 -8.76 -3.12
CA ALA F 256 -23.22 -8.55 -4.23
C ALA F 256 -23.79 -9.27 -5.44
N ASP F 257 -23.69 -8.63 -6.61
CA ASP F 257 -24.24 -9.18 -7.84
C ASP F 257 -23.37 -8.78 -9.03
N ILE F 258 -22.28 -9.52 -9.20
CA ILE F 258 -21.45 -9.41 -10.38
C ILE F 258 -22.09 -10.25 -11.47
N VAL F 259 -22.38 -9.64 -12.62
CA VAL F 259 -23.16 -10.30 -13.68
C VAL F 259 -22.34 -10.60 -14.94
N GLY F 260 -21.05 -10.31 -14.90
CA GLY F 260 -20.14 -10.63 -15.99
C GLY F 260 -19.24 -9.49 -16.47
N PHE F 261 -18.47 -9.79 -17.50
CA PHE F 261 -17.53 -8.84 -18.11
C PHE F 261 -18.17 -8.01 -19.21
N LEU F 262 -17.76 -6.74 -19.30
CA LEU F 262 -17.93 -5.95 -20.52
C LEU F 262 -16.69 -6.18 -21.38
N PHE F 263 -16.88 -6.78 -22.55
CA PHE F 263 -15.80 -7.03 -23.48
C PHE F 263 -15.58 -5.82 -24.41
N LYS F 264 -14.43 -5.15 -24.25
CA LYS F 264 -14.13 -3.97 -25.06
C LYS F 264 -13.41 -4.30 -26.37
N THR F 265 -13.57 -3.43 -27.36
CA THR F 265 -12.98 -3.64 -28.69
C THR F 265 -11.49 -3.99 -28.62
N SER F 266 -10.77 -3.29 -27.76
CA SER F 266 -9.32 -3.46 -27.62
C SER F 266 -8.90 -4.82 -27.07
N GLY F 267 -9.85 -5.56 -26.49
CA GLY F 267 -9.55 -6.82 -25.82
C GLY F 267 -9.73 -6.67 -24.32
N LYS F 268 -9.68 -5.42 -23.86
CA LYS F 268 -9.81 -5.11 -22.45
C LYS F 268 -11.20 -5.45 -21.89
N MET F 269 -11.21 -5.82 -20.61
CA MET F 269 -12.40 -6.35 -19.97
C MET F 269 -12.63 -5.72 -18.60
N ALA F 270 -13.89 -5.43 -18.29
CA ALA F 270 -14.27 -4.88 -16.99
C ALA F 270 -15.45 -5.65 -16.45
N LEU F 271 -15.46 -5.94 -15.16
CA LEU F 271 -16.62 -6.57 -14.54
C LEU F 271 -17.72 -5.55 -14.33
N HIS F 272 -18.95 -6.05 -14.30
CA HIS F 272 -20.15 -5.22 -14.24
C HIS F 272 -21.07 -5.83 -13.19
N GLY F 273 -21.80 -4.99 -12.46
CA GLY F 273 -22.77 -5.48 -11.48
C GLY F 273 -24.14 -4.85 -11.64
N LEU F 274 -25.15 -5.48 -11.03
CA LEU F 274 -26.51 -4.92 -11.04
C LEU F 274 -27.02 -4.62 -9.63
N PRO F 275 -27.96 -3.65 -9.50
CA PRO F 275 -28.59 -3.40 -8.20
C PRO F 275 -29.44 -4.59 -7.74
N ARG F 276 -29.86 -4.55 -6.48
CA ARG F 276 -30.72 -5.57 -5.89
C ARG F 276 -31.76 -4.91 -5.02
N TYR F 277 -33.01 -5.35 -5.14
CA TYR F 277 -34.13 -4.85 -4.34
C TYR F 277 -34.46 -5.87 -3.27
N PHE F 278 -34.95 -5.37 -2.14
CA PHE F 278 -35.33 -6.17 -0.99
C PHE F 278 -36.65 -5.69 -0.41
N ASN F 279 -37.54 -6.62 -0.10
CA ASN F 279 -38.70 -6.34 0.74
C ASN F 279 -38.72 -7.36 1.87
N VAL F 280 -38.45 -6.90 3.09
CA VAL F 280 -38.32 -7.78 4.25
C VAL F 280 -39.53 -7.68 5.17
N THR F 281 -40.11 -8.83 5.52
CA THR F 281 -41.21 -8.87 6.49
C THR F 281 -40.67 -9.19 7.88
N LEU F 282 -41.02 -8.33 8.84
CA LEU F 282 -40.58 -8.49 10.23
C LEU F 282 -41.77 -8.54 11.17
N ARG F 283 -41.60 -9.23 12.29
CA ARG F 283 -42.59 -9.26 13.35
C ARG F 283 -41.93 -8.96 14.70
N LYS F 284 -42.72 -8.56 15.68
CA LYS F 284 -42.20 -8.32 17.02
C LYS F 284 -42.09 -9.65 17.76
N ARG F 285 -41.00 -9.82 18.51
CA ARG F 285 -40.70 -11.04 19.26
C ARG F 285 -40.20 -10.70 20.67
N TRP F 286 -40.76 -11.35 21.68
CA TRP F 286 -40.27 -11.21 23.06
C TRP F 286 -38.96 -11.97 23.25
N VAL F 287 -38.00 -11.33 23.92
CA VAL F 287 -36.71 -11.98 24.25
C VAL F 287 -36.23 -11.66 25.68
N LYS F 288 -35.41 -12.56 26.23
CA LYS F 288 -34.83 -12.38 27.57
C LYS F 288 -33.35 -12.02 27.48
N GLU G 10 -59.39 -3.66 0.02
CA GLU G 10 -59.80 -4.74 0.94
C GLU G 10 -60.60 -5.82 0.19
N VAL G 11 -60.13 -7.06 0.30
CA VAL G 11 -60.64 -8.19 -0.48
C VAL G 11 -61.60 -9.03 0.36
N LEU G 12 -62.78 -9.32 -0.20
CA LEU G 12 -63.78 -10.14 0.48
C LEU G 12 -63.82 -11.55 -0.14
N SER G 13 -65.01 -12.15 -0.19
CA SER G 13 -65.13 -13.54 -0.61
C SER G 13 -65.24 -13.73 -2.12
N VAL G 14 -64.82 -14.90 -2.56
CA VAL G 14 -65.02 -15.39 -3.91
C VAL G 14 -66.53 -15.53 -4.17
N VAL G 15 -66.98 -15.06 -5.33
CA VAL G 15 -68.41 -15.09 -5.67
C VAL G 15 -68.85 -16.53 -6.01
N THR G 16 -70.06 -16.88 -5.58
CA THR G 16 -70.66 -18.15 -5.98
C THR G 16 -71.77 -17.92 -7.00
N GLY G 17 -71.94 -18.87 -7.92
CA GLY G 17 -72.94 -18.77 -8.97
C GLY G 17 -72.60 -19.61 -10.18
N GLU G 18 -73.47 -19.57 -11.19
CA GLU G 18 -73.32 -20.39 -12.40
C GLU G 18 -72.13 -19.97 -13.27
N ASP G 19 -72.05 -18.69 -13.59
CA ASP G 19 -70.99 -18.19 -14.47
C ASP G 19 -70.05 -17.24 -13.74
N SER G 20 -69.45 -17.73 -12.66
CA SER G 20 -68.48 -16.95 -11.92
C SER G 20 -67.05 -17.19 -12.40
N ILE G 21 -66.84 -18.26 -13.17
CA ILE G 21 -65.54 -18.54 -13.76
C ILE G 21 -65.56 -18.28 -15.27
N THR G 22 -64.53 -17.61 -15.76
CA THR G 22 -64.38 -17.33 -17.18
C THR G 22 -62.93 -17.56 -17.65
N GLN G 23 -62.76 -17.75 -18.95
CA GLN G 23 -61.43 -17.98 -19.53
C GLN G 23 -61.16 -16.97 -20.63
N ILE G 24 -59.96 -16.40 -20.61
CA ILE G 24 -59.51 -15.44 -21.62
C ILE G 24 -58.33 -16.04 -22.37
N GLU G 25 -58.47 -16.12 -23.69
CA GLU G 25 -57.47 -16.74 -24.56
C GLU G 25 -56.94 -15.72 -25.57
N LEU G 26 -55.62 -15.66 -25.74
CA LEU G 26 -54.99 -14.76 -26.71
C LEU G 26 -53.54 -15.12 -27.01
N TYR G 27 -53.02 -14.53 -28.08
CA TYR G 27 -51.61 -14.62 -28.40
C TYR G 27 -51.06 -13.23 -28.63
N LEU G 28 -49.76 -13.07 -28.41
CA LEU G 28 -49.08 -11.82 -28.71
C LEU G 28 -47.94 -12.16 -29.64
N ASN G 29 -47.91 -11.48 -30.78
CA ASN G 29 -46.80 -11.63 -31.72
C ASN G 29 -45.62 -10.77 -31.27
N PRO G 30 -44.38 -11.26 -31.49
CA PRO G 30 -43.19 -10.58 -31.00
C PRO G 30 -42.91 -9.24 -31.67
N ARG G 31 -42.42 -8.28 -30.87
CA ARG G 31 -42.08 -6.94 -31.31
C ARG G 31 -40.56 -6.71 -31.22
N MET G 32 -39.80 -7.37 -32.10
CA MET G 32 -38.33 -7.35 -32.08
C MET G 32 -37.68 -6.10 -32.66
N GLY G 33 -38.44 -5.30 -33.41
CA GLY G 33 -37.88 -4.12 -34.08
C GLY G 33 -38.49 -3.90 -35.44
N VAL G 34 -38.56 -4.95 -36.24
CA VAL G 34 -39.46 -4.95 -37.39
C VAL G 34 -40.77 -5.60 -36.90
N ASN G 35 -41.73 -4.74 -36.58
CA ASN G 35 -42.86 -5.09 -35.72
C ASN G 35 -44.17 -5.43 -36.43
N SER G 36 -44.31 -4.98 -37.67
CA SER G 36 -45.50 -5.28 -38.46
C SER G 36 -45.15 -6.17 -39.65
N PRO G 37 -46.05 -7.11 -40.00
CA PRO G 37 -45.87 -7.92 -41.21
C PRO G 37 -46.63 -7.37 -42.42
N ASP G 38 -47.11 -6.12 -42.32
CA ASP G 38 -48.03 -5.57 -43.33
C ASP G 38 -47.40 -4.60 -44.34
N LEU G 39 -46.12 -4.29 -44.18
CA LEU G 39 -45.42 -3.36 -45.08
C LEU G 39 -44.58 -4.10 -46.12
N PRO G 40 -44.98 -4.02 -47.40
CA PRO G 40 -44.34 -4.82 -48.47
C PRO G 40 -42.82 -4.67 -48.56
N THR G 41 -42.33 -3.45 -48.31
CA THR G 41 -40.90 -3.14 -48.46
C THR G 41 -40.01 -3.81 -47.40
N THR G 42 -40.45 -3.79 -46.14
CA THR G 42 -39.57 -4.10 -45.02
C THR G 42 -40.03 -5.25 -44.10
N SER G 43 -41.25 -5.75 -44.33
CA SER G 43 -41.84 -6.79 -43.49
C SER G 43 -41.24 -8.19 -43.61
N ASN G 44 -40.31 -8.38 -44.55
CA ASN G 44 -39.58 -9.64 -44.69
CA ASN G 44 -39.59 -9.64 -44.69
C ASN G 44 -38.80 -9.99 -43.41
N TRP G 45 -38.48 -8.96 -42.62
CA TRP G 45 -37.72 -9.14 -41.39
C TRP G 45 -38.59 -9.06 -40.12
N TYR G 46 -39.88 -9.25 -40.30
CA TYR G 46 -40.85 -9.30 -39.21
C TYR G 46 -40.48 -10.42 -38.24
N THR G 47 -40.48 -10.09 -36.95
CA THR G 47 -40.00 -10.95 -35.84
C THR G 47 -38.47 -10.99 -35.70
N TYR G 48 -37.79 -10.06 -36.37
CA TYR G 48 -36.33 -9.90 -36.22
C TYR G 48 -35.96 -8.43 -36.00
N THR G 49 -34.75 -8.22 -35.48
CA THR G 49 -34.12 -6.91 -35.49
C THR G 49 -33.47 -6.70 -36.86
N TYR G 50 -32.98 -5.49 -37.11
CA TYR G 50 -31.99 -5.31 -38.15
C TYR G 50 -30.65 -5.84 -37.61
N ASP G 51 -29.55 -5.49 -38.26
CA ASP G 51 -28.27 -6.07 -37.88
C ASP G 51 -27.69 -5.35 -36.67
N LEU G 52 -27.32 -6.13 -35.67
CA LEU G 52 -26.79 -5.59 -34.42
C LEU G 52 -25.28 -5.68 -34.48
N GLN G 53 -24.64 -4.51 -34.38
CA GLN G 53 -23.22 -4.39 -34.65
C GLN G 53 -22.67 -3.19 -33.92
N PRO G 54 -21.84 -3.44 -32.88
CA PRO G 54 -21.09 -2.38 -32.21
C PRO G 54 -20.35 -1.53 -33.25
N LYS G 55 -20.51 -0.22 -33.15
CA LYS G 55 -19.96 0.71 -34.16
C LYS G 55 -18.43 0.71 -34.15
N GLY G 56 -17.83 0.61 -32.96
CA GLY G 56 -16.39 0.75 -32.79
C GLY G 56 -16.02 2.18 -32.41
N SER G 57 -17.00 3.08 -32.49
N SER G 57 -17.01 3.08 -32.47
CA SER G 57 -16.79 4.47 -32.09
CA SER G 57 -16.82 4.49 -32.16
C SER G 57 -18.05 5.08 -31.50
C SER G 57 -18.06 5.07 -31.50
N SER G 58 -17.86 6.04 -30.61
CA SER G 58 -18.95 6.68 -29.88
C SER G 58 -19.56 7.86 -30.66
N PRO G 59 -20.83 8.21 -30.38
CA PRO G 59 -21.72 7.54 -29.43
C PRO G 59 -22.56 6.48 -30.11
N ASP G 60 -23.19 5.61 -29.34
CA ASP G 60 -24.16 4.67 -29.88
C ASP G 60 -25.47 5.38 -30.11
N GLN G 61 -25.94 5.33 -31.36
CA GLN G 61 -27.21 5.94 -31.73
C GLN G 61 -28.09 4.87 -32.39
N PRO G 62 -28.65 3.94 -31.58
CA PRO G 62 -29.31 2.75 -32.13
C PRO G 62 -30.61 3.09 -32.84
N ILE G 63 -30.93 2.34 -33.90
CA ILE G 63 -32.16 2.53 -34.65
C ILE G 63 -33.30 1.78 -33.95
N LYS G 64 -34.55 2.16 -34.23
CA LYS G 64 -35.70 1.52 -33.57
C LYS G 64 -35.86 0.03 -33.93
N GLU G 65 -35.36 -0.35 -35.10
CA GLU G 65 -35.37 -1.74 -35.57
C GLU G 65 -34.38 -2.65 -34.82
N ASN G 66 -33.51 -2.06 -34.01
CA ASN G 66 -32.52 -2.83 -33.24
C ASN G 66 -32.84 -2.89 -31.74
N LEU G 67 -34.09 -2.55 -31.42
CA LEU G 67 -34.56 -2.48 -30.04
C LEU G 67 -35.81 -3.32 -29.82
N PRO G 68 -35.64 -4.64 -29.61
CA PRO G 68 -36.77 -5.46 -29.14
C PRO G 68 -37.50 -4.80 -27.96
N ALA G 69 -38.82 -4.86 -28.03
CA ALA G 69 -39.67 -4.25 -27.03
C ALA G 69 -40.67 -5.28 -26.50
N TYR G 70 -41.29 -4.98 -25.36
CA TYR G 70 -42.27 -5.90 -24.78
C TYR G 70 -43.57 -5.90 -25.59
N SER G 71 -44.21 -7.07 -25.64
CA SER G 71 -45.56 -7.20 -26.13
C SER G 71 -46.50 -6.91 -24.98
N VAL G 72 -47.69 -6.37 -25.29
CA VAL G 72 -48.73 -6.16 -24.28
C VAL G 72 -50.10 -6.02 -24.95
N ALA G 73 -51.09 -6.65 -24.32
CA ALA G 73 -52.51 -6.43 -24.62
C ALA G 73 -53.27 -6.09 -23.35
N ARG G 74 -54.28 -5.23 -23.48
CA ARG G 74 -55.30 -5.10 -22.46
C ARG G 74 -56.55 -5.75 -22.99
N VAL G 75 -57.04 -6.78 -22.30
CA VAL G 75 -58.24 -7.50 -22.73
C VAL G 75 -59.42 -7.02 -21.90
N SER G 76 -60.50 -6.62 -22.57
CA SER G 76 -61.74 -6.25 -21.91
C SER G 76 -62.44 -7.50 -21.38
N LEU G 77 -62.93 -7.40 -20.15
CA LEU G 77 -63.65 -8.51 -19.52
C LEU G 77 -65.13 -8.18 -19.39
N PRO G 78 -66.00 -9.21 -19.31
CA PRO G 78 -67.43 -8.99 -19.15
C PRO G 78 -67.73 -8.03 -18.00
N MET G 79 -68.52 -6.99 -18.28
CA MET G 79 -68.87 -5.97 -17.29
C MET G 79 -69.60 -6.61 -16.10
N LEU G 80 -69.20 -6.26 -14.89
CA LEU G 80 -69.67 -6.95 -13.69
C LEU G 80 -70.65 -6.16 -12.83
N ASN G 81 -70.47 -4.84 -12.78
CA ASN G 81 -71.24 -4.00 -11.87
C ASN G 81 -72.15 -3.01 -12.60
N GLU G 82 -73.28 -2.72 -11.96
CA GLU G 82 -74.24 -1.79 -12.54
C GLU G 82 -74.65 -0.71 -11.52
N ASP G 83 -75.05 -1.14 -10.32
CA ASP G 83 -75.47 -0.21 -9.26
C ASP G 83 -74.33 0.64 -8.73
N ASP G 87 -69.68 1.07 -2.32
CA ASP G 87 -68.24 0.85 -2.25
C ASP G 87 -67.86 -0.63 -2.43
N THR G 88 -68.85 -1.51 -2.32
CA THR G 88 -68.65 -2.95 -2.52
C THR G 88 -69.08 -3.39 -3.92
N LEU G 89 -68.17 -4.08 -4.61
CA LEU G 89 -68.39 -4.46 -6.00
C LEU G 89 -67.62 -5.74 -6.36
N GLN G 90 -68.01 -6.35 -7.49
CA GLN G 90 -67.35 -7.54 -8.01
C GLN G 90 -66.23 -7.15 -8.98
N MET G 91 -65.11 -7.85 -8.91
CA MET G 91 -64.02 -7.70 -9.86
C MET G 91 -63.59 -9.08 -10.35
N TRP G 92 -63.05 -9.12 -11.57
CA TRP G 92 -62.41 -10.33 -12.04
C TRP G 92 -61.05 -10.52 -11.37
N GLU G 93 -60.79 -11.76 -10.97
CA GLU G 93 -59.56 -12.14 -10.31
C GLU G 93 -58.90 -13.25 -11.13
N ALA G 94 -57.69 -13.00 -11.62
CA ALA G 94 -56.94 -14.00 -12.38
C ALA G 94 -56.34 -15.01 -11.41
N ILE G 95 -56.60 -16.29 -11.63
CA ILE G 95 -56.17 -17.31 -10.65
C ILE G 95 -55.13 -18.27 -11.19
N SER G 96 -55.05 -18.38 -12.51
CA SER G 96 -54.09 -19.26 -13.15
C SER G 96 -53.96 -18.96 -14.65
N VAL G 97 -52.89 -19.48 -15.25
CA VAL G 97 -52.63 -19.30 -16.67
C VAL G 97 -51.82 -20.47 -17.23
N LYS G 98 -52.21 -20.94 -18.41
CA LYS G 98 -51.35 -21.81 -19.20
C LYS G 98 -50.78 -20.89 -20.27
N THR G 99 -49.47 -20.79 -20.29
CA THR G 99 -48.81 -19.99 -21.30
C THR G 99 -47.73 -20.79 -22.02
N GLU G 100 -47.49 -20.45 -23.27
CA GLU G 100 -46.61 -21.24 -24.13
C GLU G 100 -45.97 -20.39 -25.23
N VAL G 101 -44.70 -20.65 -25.48
CA VAL G 101 -44.00 -20.04 -26.60
C VAL G 101 -44.28 -20.86 -27.87
N VAL G 102 -44.88 -20.20 -28.86
CA VAL G 102 -45.35 -20.85 -30.08
C VAL G 102 -44.27 -20.82 -31.18
N GLY G 103 -44.19 -21.89 -31.97
CA GLY G 103 -43.27 -21.95 -33.11
C GLY G 103 -41.83 -22.28 -32.74
N ILE G 104 -41.66 -22.95 -31.61
CA ILE G 104 -40.34 -23.37 -31.14
C ILE G 104 -39.68 -24.31 -32.15
N SER G 105 -40.50 -25.20 -32.74
CA SER G 105 -40.01 -26.20 -33.69
C SER G 105 -39.43 -25.58 -34.96
N SER G 106 -39.77 -24.33 -35.24
CA SER G 106 -39.28 -23.66 -36.45
C SER G 106 -37.77 -23.46 -36.41
N LEU G 107 -37.20 -23.44 -35.20
CA LEU G 107 -35.79 -23.17 -34.99
C LEU G 107 -34.86 -24.35 -35.28
N ILE G 108 -35.40 -25.48 -35.71
CA ILE G 108 -34.54 -26.59 -36.20
C ILE G 108 -34.03 -26.32 -37.62
N ASN G 109 -34.50 -25.24 -38.24
CA ASN G 109 -34.13 -24.86 -39.62
C ASN G 109 -32.71 -24.30 -39.62
N VAL G 110 -31.79 -25.11 -40.13
CA VAL G 110 -30.38 -24.70 -40.27
C VAL G 110 -29.94 -24.50 -41.74
N HIS G 111 -30.90 -24.13 -42.58
CA HIS G 111 -30.69 -23.99 -44.02
C HIS G 111 -31.39 -22.75 -44.56
N TYR G 112 -31.48 -21.71 -43.73
CA TYR G 112 -31.85 -20.38 -44.20
C TYR G 112 -30.86 -19.97 -45.29
N TRP G 113 -31.35 -19.45 -46.40
CA TRP G 113 -30.50 -19.19 -47.60
C TRP G 113 -29.22 -18.40 -47.33
N ASP G 114 -29.29 -17.42 -46.40
CA ASP G 114 -28.14 -16.59 -46.09
C ASP G 114 -27.57 -16.90 -44.70
N MET G 115 -27.64 -18.16 -44.28
CA MET G 115 -27.15 -18.56 -42.97
C MET G 115 -25.64 -18.78 -43.01
N LYS G 116 -24.92 -18.15 -42.09
CA LYS G 116 -23.49 -18.41 -41.92
C LYS G 116 -23.30 -19.88 -41.53
N ARG G 117 -22.32 -20.53 -42.14
CA ARG G 117 -22.10 -21.96 -41.88
C ARG G 117 -21.27 -22.20 -40.62
N VAL G 118 -21.54 -23.31 -39.95
CA VAL G 118 -20.72 -23.74 -38.80
C VAL G 118 -19.25 -23.97 -39.23
N HIS G 119 -19.08 -24.54 -40.42
CA HIS G 119 -17.77 -24.70 -41.09
C HIS G 119 -18.00 -24.87 -42.58
N ASP G 120 -16.92 -24.95 -43.38
CA ASP G 120 -17.05 -25.17 -44.83
C ASP G 120 -17.89 -26.40 -45.16
N TYR G 121 -18.81 -26.25 -46.10
CA TYR G 121 -19.72 -27.31 -46.56
C TYR G 121 -20.76 -27.73 -45.53
N GLY G 122 -20.75 -27.09 -44.36
CA GLY G 122 -21.62 -27.46 -43.26
C GLY G 122 -23.00 -26.81 -43.26
N ALA G 123 -23.81 -27.17 -42.27
CA ALA G 123 -25.10 -26.55 -42.06
C ALA G 123 -24.92 -25.15 -41.48
N GLY G 124 -26.02 -24.41 -41.42
CA GLY G 124 -26.01 -23.09 -40.79
C GLY G 124 -25.93 -23.16 -39.27
N ILE G 125 -25.32 -22.13 -38.68
CA ILE G 125 -25.40 -21.95 -37.24
C ILE G 125 -26.86 -21.76 -36.89
N PRO G 126 -27.41 -22.65 -36.03
CA PRO G 126 -28.81 -22.54 -35.64
C PRO G 126 -29.07 -21.27 -34.84
N VAL G 127 -30.31 -20.77 -34.86
CA VAL G 127 -30.70 -19.64 -34.01
C VAL G 127 -30.28 -19.98 -32.58
N SER G 128 -29.34 -19.21 -32.04
N SER G 128 -29.32 -19.22 -32.06
CA SER G 128 -28.79 -19.45 -30.71
CA SER G 128 -28.69 -19.47 -30.77
C SER G 128 -28.19 -18.17 -30.15
C SER G 128 -28.20 -18.17 -30.15
N GLY G 129 -27.81 -18.21 -28.87
CA GLY G 129 -27.26 -17.03 -28.20
C GLY G 129 -28.20 -16.43 -27.20
N VAL G 130 -28.23 -15.11 -27.13
CA VAL G 130 -29.03 -14.38 -26.15
C VAL G 130 -30.50 -14.81 -26.17
N ASN G 131 -30.99 -15.24 -25.01
CA ASN G 131 -32.42 -15.45 -24.78
C ASN G 131 -32.92 -14.53 -23.68
N TYR G 132 -34.20 -14.18 -23.77
CA TYR G 132 -34.84 -13.40 -22.74
C TYR G 132 -36.30 -13.72 -22.83
N HIS G 133 -36.83 -14.23 -21.73
CA HIS G 133 -38.20 -14.72 -21.70
C HIS G 133 -38.87 -14.21 -20.45
N MET G 134 -40.01 -13.57 -20.64
CA MET G 134 -40.79 -13.11 -19.51
C MET G 134 -42.25 -13.05 -19.90
N PHE G 135 -43.12 -13.35 -18.94
CA PHE G 135 -44.52 -13.03 -19.09
C PHE G 135 -45.04 -12.41 -17.79
N ALA G 136 -46.10 -11.62 -17.93
CA ALA G 136 -46.73 -11.01 -16.78
C ALA G 136 -48.24 -11.01 -17.00
N ILE G 137 -48.97 -11.24 -15.92
CA ILE G 137 -50.43 -11.15 -15.90
C ILE G 137 -50.77 -10.20 -14.75
N GLY G 138 -51.63 -9.22 -15.02
CA GLY G 138 -51.96 -8.20 -14.04
C GLY G 138 -53.31 -7.54 -14.25
N GLY G 139 -53.84 -6.96 -13.20
CA GLY G 139 -55.12 -6.25 -13.29
C GLY G 139 -54.91 -4.79 -13.60
N GLU G 140 -53.67 -4.45 -13.94
CA GLU G 140 -53.28 -3.10 -14.36
C GLU G 140 -51.96 -3.20 -15.15
N PRO G 141 -51.56 -2.11 -15.84
CA PRO G 141 -50.29 -2.17 -16.58
C PRO G 141 -49.14 -2.62 -15.69
N LEU G 142 -48.17 -3.32 -16.28
CA LEU G 142 -46.97 -3.73 -15.57
C LEU G 142 -46.10 -2.52 -15.21
N ASP G 143 -45.67 -2.42 -13.95
CA ASP G 143 -44.74 -1.37 -13.53
C ASP G 143 -43.32 -1.66 -13.98
N LEU G 144 -42.63 -0.62 -14.44
CA LEU G 144 -41.34 -0.76 -15.12
C LEU G 144 -40.27 0.10 -14.45
N GLN G 145 -39.10 -0.50 -14.28
CA GLN G 145 -37.93 0.21 -13.81
C GLN G 145 -36.99 0.37 -15.00
N GLY G 146 -36.41 1.57 -15.13
CA GLY G 146 -35.45 1.85 -16.19
C GLY G 146 -34.03 1.68 -15.70
N LEU G 147 -33.24 0.94 -16.48
CA LEU G 147 -31.80 0.77 -16.23
C LEU G 147 -31.12 0.34 -17.52
N VAL G 148 -30.02 1.01 -17.87
CA VAL G 148 -29.34 0.75 -19.15
C VAL G 148 -27.88 0.35 -18.95
N LEU G 149 -27.36 -0.44 -19.90
CA LEU G 149 -25.93 -0.78 -19.93
C LEU G 149 -25.06 0.49 -20.00
N ASP G 150 -25.46 1.44 -20.84
CA ASP G 150 -24.68 2.66 -21.05
C ASP G 150 -25.60 3.88 -21.09
N TYR G 151 -25.41 4.80 -20.16
CA TYR G 151 -26.26 6.00 -20.07
C TYR G 151 -26.06 6.96 -21.25
N GLN G 152 -24.89 6.89 -21.87
CA GLN G 152 -24.56 7.73 -23.04
C GLN G 152 -25.18 7.20 -24.35
N THR G 153 -25.99 6.14 -24.26
CA THR G 153 -26.72 5.65 -25.42
C THR G 153 -27.77 6.68 -25.81
N GLN G 154 -27.77 7.05 -27.08
CA GLN G 154 -28.76 7.99 -27.58
C GLN G 154 -29.83 7.22 -28.33
N TYR G 155 -30.91 6.93 -27.62
CA TYR G 155 -32.06 6.23 -28.18
C TYR G 155 -32.85 7.18 -29.07
N PRO G 156 -33.53 6.62 -30.10
CA PRO G 156 -34.33 7.48 -30.99
C PRO G 156 -35.44 8.14 -30.20
N LYS G 157 -35.70 9.42 -30.48
CA LYS G 157 -36.74 10.14 -29.76
C LYS G 157 -38.15 9.61 -30.11
N THR G 158 -39.11 9.84 -29.22
CA THR G 158 -40.46 9.28 -29.36
C THR G 158 -41.28 9.97 -30.46
N THR G 159 -40.95 9.66 -31.72
CA THR G 159 -41.70 10.12 -32.89
C THR G 159 -41.61 9.12 -34.03
N GLY G 162 -41.09 5.03 -32.69
CA GLY G 162 -40.62 5.95 -31.66
C GLY G 162 -40.74 5.36 -30.26
N PRO G 163 -39.62 4.82 -29.73
CA PRO G 163 -39.60 4.11 -28.44
C PRO G 163 -39.69 5.06 -27.23
N ILE G 164 -40.33 4.61 -26.17
CA ILE G 164 -40.37 5.36 -24.92
C ILE G 164 -39.20 4.89 -24.06
N THR G 165 -38.27 5.79 -23.76
CA THR G 165 -37.10 5.44 -22.94
C THR G 165 -36.96 6.33 -21.70
N ILE G 166 -35.82 6.23 -21.02
CA ILE G 166 -35.61 6.97 -19.77
C ILE G 166 -35.62 8.47 -20.01
N GLU G 167 -34.97 8.92 -21.08
CA GLU G 167 -34.95 10.34 -21.43
C GLU G 167 -36.37 10.87 -21.61
N THR G 168 -37.20 10.07 -22.27
CA THR G 168 -38.61 10.38 -22.51
C THR G 168 -39.36 10.69 -21.22
N VAL G 169 -39.24 9.83 -20.22
N VAL G 169 -39.25 9.82 -20.23
CA VAL G 169 -39.99 9.99 -18.98
CA VAL G 169 -39.96 9.97 -18.97
C VAL G 169 -39.44 11.09 -18.06
C VAL G 169 -39.44 11.13 -18.12
N LEU G 170 -38.11 11.21 -18.00
CA LEU G 170 -37.47 12.24 -17.15
C LEU G 170 -37.57 13.66 -17.71
N GLY G 171 -37.81 13.76 -19.01
CA GLY G 171 -37.85 15.06 -19.70
C GLY G 171 -36.48 15.70 -19.85
N ARG G 172 -35.44 14.88 -19.70
CA ARG G 172 -34.05 15.31 -19.79
C ARG G 172 -33.14 14.11 -20.06
N LYS G 173 -31.92 14.38 -20.51
CA LYS G 173 -30.95 13.33 -20.79
C LYS G 173 -30.62 12.49 -19.56
N MET G 174 -30.34 11.21 -19.80
CA MET G 174 -29.87 10.29 -18.77
C MET G 174 -28.55 10.77 -18.18
N THR G 175 -28.33 10.44 -16.92
CA THR G 175 -27.06 10.70 -16.24
C THR G 175 -26.47 9.33 -15.83
N PRO G 176 -25.22 9.30 -15.36
CA PRO G 176 -24.61 8.03 -14.92
C PRO G 176 -25.46 7.22 -13.91
N LYS G 177 -26.26 7.88 -13.09
CA LYS G 177 -27.10 7.16 -12.14
C LYS G 177 -28.05 6.15 -12.80
N ASN G 178 -28.32 6.34 -14.10
CA ASN G 178 -29.21 5.47 -14.85
C ASN G 178 -28.55 4.17 -15.35
N GLN G 179 -27.28 3.97 -15.03
CA GLN G 179 -26.64 2.66 -15.18
C GLN G 179 -26.93 1.79 -13.94
N GLY G 180 -27.43 2.44 -12.89
CA GLY G 180 -27.92 1.75 -11.68
C GLY G 180 -29.42 2.00 -11.50
N LEU G 181 -29.93 1.74 -10.31
CA LEU G 181 -31.35 1.92 -10.03
C LEU G 181 -31.64 3.38 -9.68
N ASP G 182 -32.36 4.05 -10.57
CA ASP G 182 -32.79 5.42 -10.32
C ASP G 182 -34.29 5.43 -10.09
N PRO G 183 -34.73 5.74 -8.84
CA PRO G 183 -36.15 5.73 -8.50
C PRO G 183 -37.02 6.61 -9.42
N GLN G 184 -36.42 7.64 -10.03
CA GLN G 184 -37.15 8.49 -10.99
C GLN G 184 -37.39 7.83 -12.34
N ALA G 185 -36.57 6.83 -12.69
CA ALA G 185 -36.69 6.14 -13.99
C ALA G 185 -37.72 5.03 -13.91
N LYS G 186 -38.99 5.43 -13.96
CA LYS G 186 -40.11 4.48 -13.86
C LYS G 186 -41.18 4.79 -14.90
N ALA G 187 -41.80 3.73 -15.40
CA ALA G 187 -42.86 3.87 -16.39
C ALA G 187 -43.90 2.75 -16.24
N LYS G 188 -44.93 2.81 -17.06
CA LYS G 188 -45.97 1.80 -17.08
C LYS G 188 -46.04 1.22 -18.48
N LEU G 189 -46.03 -0.10 -18.55
CA LEU G 189 -46.03 -0.80 -19.82
C LEU G 189 -47.43 -0.79 -20.44
N ASP G 190 -47.78 0.34 -21.06
CA ASP G 190 -49.14 0.54 -21.58
C ASP G 190 -49.22 0.56 -23.10
N LYS G 191 -48.09 0.34 -23.78
CA LYS G 191 -48.06 0.36 -25.23
C LYS G 191 -47.30 -0.84 -25.81
N ASP G 192 -47.94 -1.55 -26.74
CA ASP G 192 -47.37 -2.71 -27.40
C ASP G 192 -46.22 -2.30 -28.33
N GLY G 193 -45.02 -2.82 -28.08
CA GLY G 193 -43.87 -2.60 -28.95
C GLY G 193 -43.24 -1.22 -28.91
N ASN G 194 -43.38 -0.52 -27.79
CA ASN G 194 -42.86 0.85 -27.63
C ASN G 194 -41.83 1.00 -26.51
N TYR G 195 -41.78 0.01 -25.60
CA TYR G 195 -40.87 0.00 -24.45
C TYR G 195 -39.75 -1.04 -24.66
N PRO G 196 -38.53 -0.57 -24.97
CA PRO G 196 -37.46 -1.50 -25.30
C PRO G 196 -36.98 -2.32 -24.11
N ILE G 197 -36.73 -3.60 -24.38
CA ILE G 197 -36.27 -4.55 -23.37
C ILE G 197 -34.98 -4.12 -22.70
N GLU G 198 -34.02 -3.62 -23.46
CA GLU G 198 -32.70 -3.28 -22.90
C GLU G 198 -32.77 -2.02 -22.04
N VAL G 199 -33.91 -1.36 -22.06
CA VAL G 199 -34.09 -0.14 -21.25
C VAL G 199 -34.94 -0.40 -20.01
N TRP G 200 -35.99 -1.19 -20.16
CA TRP G 200 -36.98 -1.37 -19.10
C TRP G 200 -37.07 -2.80 -18.60
N CYS G 201 -37.19 -2.95 -17.28
CA CYS G 201 -37.45 -4.24 -16.65
C CYS G 201 -38.61 -4.10 -15.66
N PRO G 202 -39.17 -5.25 -15.20
CA PRO G 202 -40.22 -5.13 -14.17
C PRO G 202 -39.70 -4.48 -12.89
N ASP G 203 -40.49 -3.57 -12.33
CA ASP G 203 -40.17 -2.90 -11.09
C ASP G 203 -40.62 -3.74 -9.90
N PRO G 204 -39.65 -4.36 -9.19
CA PRO G 204 -40.00 -5.20 -8.05
C PRO G 204 -40.60 -4.40 -6.90
N SER G 205 -40.38 -3.08 -6.90
CA SER G 205 -40.85 -2.22 -5.81
C SER G 205 -42.31 -1.83 -5.96
N LYS G 206 -42.93 -2.26 -7.05
CA LYS G 206 -44.37 -2.07 -7.28
C LYS G 206 -45.00 -3.40 -7.71
N ASN G 207 -45.85 -3.39 -8.72
CA ASN G 207 -46.48 -4.62 -9.24
C ASN G 207 -47.17 -5.52 -8.20
N GLU G 208 -47.80 -4.88 -7.22
CA GLU G 208 -48.57 -5.59 -6.20
C GLU G 208 -49.73 -6.35 -6.83
N ASN G 209 -50.29 -5.77 -7.89
CA ASN G 209 -51.45 -6.33 -8.57
C ASN G 209 -51.11 -6.99 -9.92
N SER G 210 -49.85 -7.39 -10.08
CA SER G 210 -49.43 -8.20 -11.22
C SER G 210 -48.53 -9.34 -10.77
N ARG G 211 -48.44 -10.37 -11.60
CA ARG G 211 -47.47 -11.44 -11.40
C ARG G 211 -46.58 -11.52 -12.62
N TYR G 212 -45.26 -11.50 -12.43
CA TYR G 212 -44.31 -11.65 -13.53
C TYR G 212 -43.25 -12.72 -13.27
N TYR G 213 -42.79 -13.37 -14.33
CA TYR G 213 -41.79 -14.43 -14.27
C TYR G 213 -40.88 -14.23 -15.47
N GLY G 214 -39.57 -14.22 -15.23
CA GLY G 214 -38.65 -13.94 -16.33
C GLY G 214 -37.28 -14.54 -16.18
N SER G 215 -36.53 -14.60 -17.29
CA SER G 215 -35.15 -15.08 -17.26
C SER G 215 -34.36 -14.48 -18.42
N ILE G 216 -33.04 -14.36 -18.22
CA ILE G 216 -32.12 -14.02 -19.31
C ILE G 216 -31.06 -15.11 -19.45
N GLN G 217 -30.57 -15.29 -20.67
CA GLN G 217 -29.42 -16.14 -20.94
C GLN G 217 -28.50 -15.36 -21.90
N THR G 218 -27.24 -15.17 -21.51
CA THR G 218 -26.30 -14.48 -22.41
C THR G 218 -25.33 -15.42 -23.15
N GLY G 219 -24.40 -14.84 -23.87
CA GLY G 219 -23.50 -15.59 -24.75
C GLY G 219 -23.92 -15.42 -26.20
N SER G 220 -23.05 -15.83 -27.11
CA SER G 220 -23.30 -15.59 -28.54
C SER G 220 -23.88 -16.81 -29.28
N GLN G 221 -23.43 -18.01 -28.91
CA GLN G 221 -23.92 -19.23 -29.55
C GLN G 221 -24.47 -20.22 -28.53
N THR G 222 -24.83 -19.69 -27.36
CA THR G 222 -25.40 -20.47 -26.27
C THR G 222 -26.67 -21.17 -26.77
N PRO G 223 -26.77 -22.49 -26.56
CA PRO G 223 -27.97 -23.21 -27.00
C PRO G 223 -29.27 -22.56 -26.52
N THR G 224 -30.21 -22.40 -27.44
CA THR G 224 -31.56 -22.07 -27.08
C THR G 224 -32.23 -23.36 -26.66
N VAL G 225 -32.71 -23.36 -25.43
CA VAL G 225 -33.26 -24.55 -24.77
C VAL G 225 -34.63 -24.15 -24.24
N LEU G 226 -35.67 -24.63 -24.91
CA LEU G 226 -37.04 -24.26 -24.55
C LEU G 226 -37.91 -25.50 -24.41
N GLN G 227 -38.94 -25.38 -23.59
CA GLN G 227 -39.88 -26.47 -23.41
C GLN G 227 -41.27 -26.02 -23.79
N PHE G 228 -42.11 -26.98 -24.17
CA PHE G 228 -43.52 -26.73 -24.45
C PHE G 228 -44.35 -27.93 -24.06
N SER G 229 -45.48 -27.65 -23.39
CA SER G 229 -46.43 -28.68 -22.95
C SER G 229 -47.74 -28.01 -22.56
N ASN G 230 -48.85 -28.54 -23.05
CA ASN G 230 -50.16 -28.06 -22.65
C ASN G 230 -50.62 -28.58 -21.27
N THR G 231 -49.71 -29.19 -20.51
CA THR G 231 -50.01 -29.70 -19.16
C THR G 231 -49.51 -28.76 -18.05
N LEU G 232 -48.88 -27.65 -18.43
CA LEU G 232 -48.27 -26.75 -17.44
C LEU G 232 -49.16 -25.55 -17.12
N THR G 233 -49.58 -25.48 -15.87
CA THR G 233 -50.33 -24.35 -15.33
C THR G 233 -49.48 -23.56 -14.35
N THR G 234 -49.59 -22.23 -14.43
CA THR G 234 -49.01 -21.34 -13.45
C THR G 234 -50.12 -20.78 -12.56
N VAL G 235 -49.94 -20.88 -11.25
CA VAL G 235 -50.92 -20.37 -10.30
C VAL G 235 -50.61 -18.92 -10.00
N LEU G 236 -51.62 -18.07 -10.13
CA LEU G 236 -51.45 -16.61 -10.03
C LEU G 236 -51.74 -16.04 -8.65
N LEU G 237 -52.21 -16.91 -7.74
CA LEU G 237 -52.55 -16.52 -6.37
C LEU G 237 -51.30 -16.17 -5.57
N ASP G 238 -51.41 -15.10 -4.78
CA ASP G 238 -50.33 -14.70 -3.86
C ASP G 238 -50.40 -15.50 -2.56
N GLU G 239 -49.58 -15.10 -1.58
CA GLU G 239 -49.47 -15.80 -0.30
C GLU G 239 -50.79 -15.86 0.47
N ASN G 240 -51.68 -14.92 0.20
CA ASN G 240 -52.99 -14.86 0.86
C ASN G 240 -54.10 -15.52 0.04
N GLY G 241 -53.72 -16.19 -1.04
CA GLY G 241 -54.68 -16.83 -1.95
C GLY G 241 -55.45 -15.88 -2.84
N VAL G 242 -54.87 -14.71 -3.10
CA VAL G 242 -55.50 -13.70 -3.97
C VAL G 242 -54.69 -13.53 -5.26
N GLY G 243 -55.37 -13.62 -6.40
CA GLY G 243 -54.77 -13.30 -7.69
C GLY G 243 -54.89 -11.84 -8.06
N PRO G 244 -54.28 -11.43 -9.20
CA PRO G 244 -54.44 -10.07 -9.72
C PRO G 244 -55.91 -9.69 -9.89
N LEU G 245 -56.28 -8.51 -9.40
CA LEU G 245 -57.64 -7.99 -9.51
C LEU G 245 -57.72 -6.95 -10.64
N CYS G 246 -58.67 -7.14 -11.55
CA CYS G 246 -58.70 -6.38 -12.79
C CYS G 246 -59.50 -5.09 -12.69
N LYS G 247 -58.80 -3.98 -12.52
CA LYS G 247 -59.41 -2.66 -12.38
C LYS G 247 -60.04 -2.22 -13.69
N GLY G 248 -61.30 -1.78 -13.60
CA GLY G 248 -62.06 -1.34 -14.76
C GLY G 248 -62.25 -2.46 -15.78
N ASP G 249 -62.41 -3.68 -15.27
CA ASP G 249 -62.63 -4.87 -16.10
C ASP G 249 -61.65 -5.02 -17.26
N GLY G 250 -60.37 -4.81 -16.96
CA GLY G 250 -59.30 -4.97 -17.93
C GLY G 250 -58.21 -5.88 -17.40
N LEU G 251 -57.85 -6.88 -18.19
CA LEU G 251 -56.76 -7.79 -17.86
C LEU G 251 -55.55 -7.40 -18.71
N PHE G 252 -54.41 -7.17 -18.06
CA PHE G 252 -53.19 -6.78 -18.75
C PHE G 252 -52.23 -7.94 -18.87
N ILE G 253 -51.85 -8.23 -20.11
CA ILE G 253 -50.97 -9.35 -20.41
C ILE G 253 -49.74 -8.84 -21.16
N SER G 254 -48.56 -9.17 -20.64
CA SER G 254 -47.29 -8.68 -21.18
C SER G 254 -46.32 -9.82 -21.38
N CYS G 255 -45.35 -9.65 -22.27
CA CYS G 255 -44.31 -10.66 -22.47
C CYS G 255 -43.15 -10.22 -23.37
N ALA G 256 -42.11 -11.06 -23.41
CA ALA G 256 -41.01 -10.92 -24.36
C ALA G 256 -40.38 -12.30 -24.52
N ASP G 257 -40.03 -12.66 -25.74
CA ASP G 257 -39.42 -13.96 -26.03
C ASP G 257 -38.36 -13.87 -27.12
N ILE G 258 -37.18 -13.38 -26.73
CA ILE G 258 -35.99 -13.34 -27.58
C ILE G 258 -35.37 -14.72 -27.53
N VAL G 259 -35.23 -15.36 -28.69
CA VAL G 259 -34.81 -16.77 -28.79
C VAL G 259 -33.41 -16.97 -29.38
N GLY G 260 -32.69 -15.87 -29.63
CA GLY G 260 -31.31 -15.95 -30.14
C GLY G 260 -31.07 -15.22 -31.46
N PHE G 261 -29.84 -15.32 -31.97
CA PHE G 261 -29.43 -14.64 -33.21
C PHE G 261 -29.63 -15.47 -34.46
N LEU G 262 -29.99 -14.79 -35.54
CA LEU G 262 -29.85 -15.36 -36.87
C LEU G 262 -28.45 -14.95 -37.36
N PHE G 263 -27.61 -15.93 -37.65
CA PHE G 263 -26.24 -15.68 -38.11
C PHE G 263 -26.20 -15.63 -39.64
N LYS G 264 -25.92 -14.45 -40.17
CA LYS G 264 -25.88 -14.24 -41.63
C LYS G 264 -24.48 -14.43 -42.23
N THR G 265 -24.43 -14.94 -43.47
CA THR G 265 -23.18 -15.21 -44.20
C THR G 265 -22.08 -14.15 -44.03
N SER G 266 -22.47 -12.88 -44.06
CA SER G 266 -21.54 -11.77 -43.97
C SER G 266 -20.81 -11.65 -42.63
N GLY G 267 -21.33 -12.32 -41.59
CA GLY G 267 -20.87 -12.12 -40.21
C GLY G 267 -21.87 -11.33 -39.38
N LYS G 268 -22.75 -10.61 -40.07
CA LYS G 268 -23.83 -9.84 -39.44
C LYS G 268 -24.82 -10.75 -38.72
N MET G 269 -25.43 -10.22 -37.66
CA MET G 269 -26.31 -10.99 -36.79
C MET G 269 -27.54 -10.17 -36.39
N ALA G 270 -28.70 -10.82 -36.36
CA ALA G 270 -29.94 -10.17 -35.92
C ALA G 270 -30.61 -11.01 -34.84
N LEU G 271 -31.27 -10.35 -33.89
CA LEU G 271 -32.06 -11.08 -32.88
C LEU G 271 -33.40 -11.53 -33.45
N HIS G 272 -33.92 -12.61 -32.87
CA HIS G 272 -35.16 -13.22 -33.34
C HIS G 272 -36.07 -13.43 -32.13
N GLY G 273 -37.37 -13.29 -32.35
CA GLY G 273 -38.36 -13.48 -31.30
C GLY G 273 -39.47 -14.38 -31.77
N LEU G 274 -40.14 -15.03 -30.82
CA LEU G 274 -41.27 -15.93 -31.10
C LEU G 274 -42.54 -15.45 -30.37
N PRO G 275 -43.74 -15.80 -30.89
CA PRO G 275 -44.96 -15.34 -30.22
C PRO G 275 -45.25 -16.18 -28.98
N ARG G 276 -46.15 -15.67 -28.14
CA ARG G 276 -46.56 -16.38 -26.96
C ARG G 276 -48.08 -16.49 -26.87
N TYR G 277 -48.54 -17.67 -26.46
CA TYR G 277 -49.96 -17.95 -26.24
C TYR G 277 -50.28 -17.88 -24.75
N PHE G 278 -51.49 -17.42 -24.43
CA PHE G 278 -52.03 -17.39 -23.06
C PHE G 278 -53.44 -17.95 -22.98
N ASN G 279 -53.71 -18.71 -21.91
CA ASN G 279 -55.08 -19.07 -21.53
C ASN G 279 -55.21 -18.75 -20.06
N VAL G 280 -55.96 -17.70 -19.74
CA VAL G 280 -56.10 -17.21 -18.37
C VAL G 280 -57.46 -17.58 -17.81
N THR G 281 -57.47 -18.13 -16.60
CA THR G 281 -58.70 -18.45 -15.88
C THR G 281 -58.93 -17.37 -14.82
N LEU G 282 -60.15 -16.84 -14.77
CA LEU G 282 -60.52 -15.81 -13.82
C LEU G 282 -61.82 -16.14 -13.09
N ARG G 283 -61.97 -15.59 -11.89
CA ARG G 283 -63.17 -15.77 -11.11
C ARG G 283 -63.66 -14.44 -10.58
N LYS G 284 -64.95 -14.35 -10.29
CA LYS G 284 -65.53 -13.14 -9.74
C LYS G 284 -65.23 -13.07 -8.24
N ARG G 285 -64.74 -11.91 -7.80
CA ARG G 285 -64.39 -11.70 -6.39
C ARG G 285 -65.02 -10.42 -5.83
N TRP G 286 -65.69 -10.54 -4.68
CA TRP G 286 -66.18 -9.37 -3.95
C TRP G 286 -65.01 -8.59 -3.37
N VAL G 287 -65.04 -7.27 -3.52
CA VAL G 287 -64.00 -6.39 -2.97
C VAL G 287 -64.63 -5.11 -2.39
N LYS G 288 -63.83 -4.31 -1.69
CA LYS G 288 -64.33 -3.12 -1.00
C LYS G 288 -63.96 -1.82 -1.74
N VAL H 9 -70.63 -32.55 -24.49
CA VAL H 9 -70.26 -33.93 -24.04
C VAL H 9 -69.89 -33.94 -22.56
N GLU H 10 -70.64 -34.73 -21.78
CA GLU H 10 -70.45 -34.82 -20.34
C GLU H 10 -69.72 -36.10 -19.96
N VAL H 11 -68.64 -35.95 -19.20
CA VAL H 11 -67.86 -37.10 -18.73
C VAL H 11 -68.51 -37.66 -17.46
N LEU H 12 -68.91 -38.92 -17.51
CA LEU H 12 -69.52 -39.54 -16.34
C LEU H 12 -68.46 -40.30 -15.56
N SER H 13 -68.86 -41.41 -14.94
CA SER H 13 -67.99 -42.14 -14.03
C SER H 13 -67.16 -43.19 -14.75
N VAL H 14 -66.07 -43.61 -14.10
CA VAL H 14 -65.22 -44.67 -14.60
C VAL H 14 -66.01 -45.97 -14.59
N VAL H 15 -65.91 -46.73 -15.66
CA VAL H 15 -66.56 -48.04 -15.75
C VAL H 15 -65.88 -49.03 -14.80
N THR H 16 -66.69 -49.79 -14.07
CA THR H 16 -66.18 -50.81 -13.16
C THR H 16 -66.40 -52.20 -13.76
N GLY H 17 -65.39 -53.06 -13.67
CA GLY H 17 -65.50 -54.42 -14.20
C GLY H 17 -64.20 -55.18 -14.29
N GLU H 18 -64.30 -56.43 -14.71
CA GLU H 18 -63.15 -57.33 -14.83
C GLU H 18 -62.12 -56.84 -15.86
N ASP H 19 -62.61 -56.36 -17.00
CA ASP H 19 -61.74 -55.97 -18.10
C ASP H 19 -61.88 -54.49 -18.44
N SER H 20 -61.82 -53.64 -17.42
CA SER H 20 -62.00 -52.20 -17.60
C SER H 20 -60.72 -51.48 -18.02
N ILE H 21 -59.58 -52.14 -17.83
CA ILE H 21 -58.27 -51.57 -18.12
C ILE H 21 -57.61 -52.32 -19.27
N THR H 22 -57.10 -51.58 -20.24
CA THR H 22 -56.31 -52.17 -21.32
C THR H 22 -54.97 -51.49 -21.55
N GLN H 23 -54.05 -52.23 -22.16
CA GLN H 23 -52.70 -51.78 -22.44
C GLN H 23 -52.49 -51.84 -23.94
N ILE H 24 -52.01 -50.75 -24.54
CA ILE H 24 -51.61 -50.81 -25.94
C ILE H 24 -50.17 -50.33 -26.12
N GLU H 25 -49.36 -51.17 -26.77
CA GLU H 25 -47.96 -50.81 -26.99
C GLU H 25 -47.62 -50.71 -28.47
N LEU H 26 -46.64 -49.86 -28.77
CA LEU H 26 -46.19 -49.62 -30.14
C LEU H 26 -44.92 -48.76 -30.17
N TYR H 27 -44.28 -48.78 -31.33
CA TYR H 27 -43.12 -47.94 -31.60
C TYR H 27 -43.37 -47.19 -32.89
N LEU H 28 -42.76 -46.02 -33.01
CA LEU H 28 -42.77 -45.24 -34.24
C LEU H 28 -41.33 -44.98 -34.68
N ASN H 29 -40.98 -45.42 -35.89
CA ASN H 29 -39.68 -45.12 -36.48
C ASN H 29 -39.60 -43.68 -36.96
N PRO H 30 -38.39 -43.06 -36.89
CA PRO H 30 -38.26 -41.63 -37.22
C PRO H 30 -38.44 -41.33 -38.71
N ARG H 31 -39.01 -40.16 -39.01
CA ARG H 31 -39.20 -39.70 -40.38
C ARG H 31 -38.34 -38.45 -40.62
N MET H 32 -37.05 -38.67 -40.84
CA MET H 32 -36.09 -37.56 -40.91
C MET H 32 -35.98 -36.93 -42.30
N GLY H 33 -36.39 -37.68 -43.32
CA GLY H 33 -36.31 -37.24 -44.70
C GLY H 33 -36.25 -38.45 -45.61
N VAL H 34 -35.28 -39.32 -45.33
CA VAL H 34 -35.30 -40.67 -45.90
C VAL H 34 -36.16 -41.48 -44.92
N ASN H 35 -37.40 -41.74 -45.33
CA ASN H 35 -38.44 -42.21 -44.41
C ASN H 35 -38.80 -43.68 -44.57
N SER H 36 -38.15 -44.35 -45.52
CA SER H 36 -38.38 -45.76 -45.76
C SER H 36 -37.05 -46.51 -45.85
N PRO H 37 -37.00 -47.71 -45.25
CA PRO H 37 -35.82 -48.56 -45.36
C PRO H 37 -35.87 -49.48 -46.59
N ASP H 38 -36.98 -49.43 -47.33
CA ASP H 38 -37.26 -50.40 -48.38
C ASP H 38 -37.05 -49.89 -49.80
N LEU H 39 -36.44 -48.71 -49.93
CA LEU H 39 -36.14 -48.12 -51.23
C LEU H 39 -34.84 -48.69 -51.79
N PRO H 40 -34.82 -49.03 -53.08
CA PRO H 40 -33.76 -49.85 -53.68
C PRO H 40 -32.33 -49.30 -53.53
N THR H 41 -32.18 -47.98 -53.52
CA THR H 41 -30.86 -47.36 -53.53
C THR H 41 -30.59 -46.43 -52.34
N THR H 42 -31.49 -45.48 -52.10
CA THR H 42 -31.25 -44.37 -51.17
C THR H 42 -31.54 -44.67 -49.69
N SER H 43 -31.97 -45.89 -49.40
CA SER H 43 -32.34 -46.28 -48.03
C SER H 43 -31.17 -46.40 -47.03
N ASN H 44 -29.93 -46.33 -47.53
CA ASN H 44 -28.75 -46.31 -46.67
CA ASN H 44 -28.77 -46.33 -46.64
C ASN H 44 -28.82 -45.14 -45.68
N TRP H 45 -29.53 -44.09 -46.07
CA TRP H 45 -29.69 -42.89 -45.24
C TRP H 45 -30.99 -42.84 -44.44
N TYR H 46 -31.69 -43.97 -44.39
CA TYR H 46 -32.86 -44.14 -43.52
C TYR H 46 -32.53 -43.73 -42.08
N THR H 47 -33.40 -42.88 -41.51
CA THR H 47 -33.24 -42.23 -40.19
C THR H 47 -32.32 -41.00 -40.20
N TYR H 48 -32.01 -40.51 -41.40
CA TYR H 48 -31.24 -39.27 -41.58
C TYR H 48 -31.88 -38.36 -42.62
N THR H 49 -31.51 -37.08 -42.58
CA THR H 49 -31.74 -36.16 -43.69
C THR H 49 -30.66 -36.39 -44.76
N TYR H 50 -30.76 -35.62 -45.84
CA TYR H 50 -29.63 -35.45 -46.76
C TYR H 50 -28.73 -34.36 -46.19
N ASP H 51 -27.90 -33.72 -47.00
CA ASP H 51 -26.96 -32.75 -46.46
C ASP H 51 -27.59 -31.37 -46.29
N LEU H 52 -27.50 -30.82 -45.07
CA LEU H 52 -28.13 -29.54 -44.75
C LEU H 52 -27.20 -28.37 -45.02
N GLN H 53 -27.59 -27.48 -45.94
CA GLN H 53 -26.75 -26.37 -46.36
C GLN H 53 -27.57 -25.11 -46.59
N PRO H 54 -26.99 -23.94 -46.24
CA PRO H 54 -27.59 -22.69 -46.75
C PRO H 54 -27.28 -22.53 -48.24
N LYS H 55 -28.30 -22.24 -49.02
CA LYS H 55 -28.19 -22.13 -50.49
C LYS H 55 -27.17 -21.05 -50.90
N GLY H 56 -27.16 -19.91 -50.21
CA GLY H 56 -26.25 -18.81 -50.53
C GLY H 56 -26.88 -17.77 -51.42
N SER H 57 -28.01 -18.11 -52.02
CA SER H 57 -28.82 -17.19 -52.80
C SER H 57 -30.32 -17.43 -52.55
N SER H 58 -31.10 -16.39 -52.78
CA SER H 58 -32.55 -16.41 -52.59
C SER H 58 -33.28 -16.97 -53.82
N PRO H 59 -34.35 -17.77 -53.61
CA PRO H 59 -34.92 -18.22 -52.35
C PRO H 59 -34.47 -19.64 -51.96
N ASP H 60 -34.72 -20.02 -50.71
CA ASP H 60 -34.47 -21.39 -50.25
C ASP H 60 -35.54 -22.33 -50.80
N GLN H 61 -35.09 -23.44 -51.37
CA GLN H 61 -35.97 -24.45 -51.96
C GLN H 61 -35.59 -25.83 -51.42
N PRO H 62 -35.94 -26.12 -50.14
CA PRO H 62 -35.55 -27.39 -49.54
C PRO H 62 -36.18 -28.57 -50.26
N ILE H 63 -35.43 -29.66 -50.38
CA ILE H 63 -35.97 -30.91 -50.88
C ILE H 63 -36.59 -31.61 -49.68
N LYS H 64 -37.47 -32.58 -49.93
CA LYS H 64 -38.19 -33.27 -48.84
C LYS H 64 -37.28 -34.11 -47.94
N GLU H 65 -36.16 -34.58 -48.49
CA GLU H 65 -35.19 -35.37 -47.73
C GLU H 65 -34.50 -34.57 -46.62
N ASN H 66 -34.60 -33.25 -46.69
CA ASN H 66 -34.02 -32.36 -45.68
C ASN H 66 -35.07 -31.76 -44.74
N LEU H 67 -36.24 -32.39 -44.69
CA LEU H 67 -37.35 -31.91 -43.88
C LEU H 67 -37.88 -32.98 -42.92
N PRO H 68 -37.18 -33.19 -41.77
CA PRO H 68 -37.70 -34.06 -40.72
C PRO H 68 -39.16 -33.76 -40.41
N ALA H 69 -39.95 -34.82 -40.26
CA ALA H 69 -41.37 -34.66 -40.04
C ALA H 69 -41.80 -35.44 -38.80
N TYR H 70 -42.98 -35.12 -38.28
CA TYR H 70 -43.53 -35.81 -37.12
C TYR H 70 -43.93 -37.23 -37.48
N SER H 71 -43.70 -38.14 -36.55
CA SER H 71 -44.27 -39.48 -36.63
C SER H 71 -45.65 -39.44 -35.99
N VAL H 72 -46.57 -40.23 -36.52
CA VAL H 72 -47.92 -40.36 -35.94
C VAL H 72 -48.55 -41.70 -36.32
N ALA H 73 -49.31 -42.27 -35.39
CA ALA H 73 -50.12 -43.45 -35.69
C ALA H 73 -51.46 -43.35 -34.96
N ARG H 74 -52.50 -43.85 -35.63
CA ARG H 74 -53.79 -44.08 -34.99
C ARG H 74 -53.88 -45.57 -34.69
N VAL H 75 -54.02 -45.92 -33.41
CA VAL H 75 -54.24 -47.30 -33.02
C VAL H 75 -55.72 -47.57 -32.85
N SER H 76 -56.21 -48.63 -33.50
CA SER H 76 -57.59 -49.09 -33.33
C SER H 76 -57.78 -49.75 -31.96
N LEU H 77 -58.85 -49.36 -31.28
CA LEU H 77 -59.14 -49.89 -29.94
C LEU H 77 -60.39 -50.79 -30.01
N PRO H 78 -60.54 -51.71 -29.03
CA PRO H 78 -61.73 -52.57 -28.94
C PRO H 78 -63.02 -51.77 -28.91
N MET H 79 -63.96 -52.12 -29.77
CA MET H 79 -65.28 -51.47 -29.84
C MET H 79 -66.09 -51.88 -28.61
N LEU H 80 -66.56 -50.87 -27.86
CA LEU H 80 -67.14 -51.09 -26.53
C LEU H 80 -68.65 -51.26 -26.51
N ASN H 81 -69.33 -50.66 -27.47
CA ASN H 81 -70.78 -50.53 -27.43
C ASN H 81 -71.52 -51.36 -28.47
N GLU H 82 -72.50 -52.14 -28.01
CA GLU H 82 -73.36 -52.92 -28.90
C GLU H 82 -74.42 -52.04 -29.58
N ASP H 83 -74.88 -51.01 -28.86
CA ASP H 83 -75.86 -50.07 -29.38
C ASP H 83 -75.21 -48.69 -29.38
N ILE H 84 -75.02 -48.12 -30.57
CA ILE H 84 -74.29 -46.85 -30.73
C ILE H 84 -75.24 -45.66 -30.93
N THR H 85 -76.55 -45.91 -30.81
CA THR H 85 -77.54 -44.85 -30.87
C THR H 85 -77.66 -44.14 -29.51
N CYS H 86 -77.35 -44.88 -28.45
CA CYS H 86 -77.53 -44.43 -27.07
C CYS H 86 -76.90 -43.07 -26.76
N ASP H 87 -77.56 -42.34 -25.85
CA ASP H 87 -77.11 -41.01 -25.43
C ASP H 87 -75.82 -41.12 -24.62
N THR H 88 -75.71 -42.22 -23.87
CA THR H 88 -74.57 -42.46 -22.99
C THR H 88 -73.77 -43.67 -23.49
N LEU H 89 -72.46 -43.50 -23.59
CA LEU H 89 -71.59 -44.53 -24.16
C LEU H 89 -70.30 -44.72 -23.36
N GLN H 90 -69.67 -45.87 -23.55
CA GLN H 90 -68.35 -46.12 -23.00
C GLN H 90 -67.28 -45.63 -23.99
N MET H 91 -66.25 -44.97 -23.46
CA MET H 91 -65.12 -44.51 -24.26
C MET H 91 -63.82 -44.93 -23.59
N TRP H 92 -62.81 -45.26 -24.38
CA TRP H 92 -61.48 -45.50 -23.83
C TRP H 92 -60.86 -44.17 -23.41
N GLU H 93 -60.34 -44.15 -22.19
CA GLU H 93 -59.69 -42.99 -21.61
C GLU H 93 -58.23 -43.35 -21.37
N ALA H 94 -57.31 -42.66 -22.05
CA ALA H 94 -55.88 -42.85 -21.83
C ALA H 94 -55.49 -42.17 -20.51
N ILE H 95 -54.91 -42.94 -19.59
CA ILE H 95 -54.69 -42.45 -18.22
C ILE H 95 -53.23 -42.27 -17.83
N SER H 96 -52.35 -43.04 -18.46
CA SER H 96 -50.91 -42.85 -18.32
C SER H 96 -50.13 -43.46 -19.51
N VAL H 97 -48.84 -43.16 -19.59
CA VAL H 97 -48.00 -43.70 -20.66
C VAL H 97 -46.57 -43.86 -20.17
N LYS H 98 -45.97 -45.00 -20.54
CA LYS H 98 -44.53 -45.21 -20.46
C LYS H 98 -43.98 -45.06 -21.88
N THR H 99 -43.09 -44.10 -22.07
CA THR H 99 -42.52 -43.83 -23.38
C THR H 99 -41.01 -43.71 -23.28
N GLU H 100 -40.31 -44.16 -24.32
CA GLU H 100 -38.85 -44.20 -24.31
C GLU H 100 -38.28 -44.03 -25.70
N VAL H 101 -37.21 -43.24 -25.80
CA VAL H 101 -36.43 -43.13 -27.03
C VAL H 101 -35.50 -44.36 -27.13
N VAL H 102 -35.63 -45.08 -28.22
CA VAL H 102 -34.94 -46.37 -28.42
C VAL H 102 -33.64 -46.15 -29.20
N GLY H 103 -32.61 -46.91 -28.85
CA GLY H 103 -31.36 -46.89 -29.60
C GLY H 103 -30.46 -45.74 -29.19
N ILE H 104 -30.64 -45.22 -27.98
CA ILE H 104 -29.82 -44.12 -27.51
C ILE H 104 -28.34 -44.54 -27.52
N SER H 105 -28.08 -45.77 -27.07
CA SER H 105 -26.70 -46.30 -26.99
C SER H 105 -25.92 -46.29 -28.33
N SER H 106 -26.63 -46.30 -29.44
CA SER H 106 -26.00 -46.34 -30.76
C SER H 106 -25.16 -45.08 -31.01
N LEU H 107 -25.47 -44.01 -30.30
CA LEU H 107 -24.80 -42.73 -30.44
C LEU H 107 -23.40 -42.65 -29.79
N ILE H 108 -22.94 -43.71 -29.12
CA ILE H 108 -21.55 -43.78 -28.66
C ILE H 108 -20.57 -44.05 -29.81
N ASN H 109 -21.10 -44.49 -30.96
CA ASN H 109 -20.29 -44.78 -32.15
C ASN H 109 -19.61 -43.50 -32.64
N VAL H 110 -18.30 -43.40 -32.41
CA VAL H 110 -17.50 -42.26 -32.89
C VAL H 110 -16.50 -42.70 -33.98
N HIS H 111 -16.88 -43.72 -34.75
CA HIS H 111 -16.01 -44.31 -35.77
C HIS H 111 -16.78 -44.69 -37.06
N TYR H 112 -17.83 -43.94 -37.37
CA TYR H 112 -18.48 -44.03 -38.69
C TYR H 112 -17.40 -43.78 -39.75
N TRP H 113 -17.39 -44.58 -40.81
CA TRP H 113 -16.28 -44.57 -41.78
C TRP H 113 -16.00 -43.19 -42.37
N ASP H 114 -17.04 -42.37 -42.47
CA ASP H 114 -16.92 -41.05 -43.09
C ASP H 114 -17.19 -39.92 -42.09
N MET H 115 -16.73 -40.10 -40.85
CA MET H 115 -17.00 -39.13 -39.80
C MET H 115 -15.90 -38.08 -39.73
N LYS H 116 -16.31 -36.81 -39.71
CA LYS H 116 -15.36 -35.72 -39.50
C LYS H 116 -14.70 -35.92 -38.14
N ARG H 117 -13.38 -35.77 -38.09
CA ARG H 117 -12.65 -35.96 -36.83
C ARG H 117 -12.76 -34.71 -35.96
N VAL H 118 -12.60 -34.89 -34.65
CA VAL H 118 -12.54 -33.75 -33.73
C VAL H 118 -11.23 -32.99 -33.92
N HIS H 119 -10.19 -33.71 -34.35
CA HIS H 119 -8.89 -33.15 -34.74
C HIS H 119 -8.08 -34.26 -35.46
N ASP H 120 -6.95 -33.89 -36.07
CA ASP H 120 -6.08 -34.86 -36.75
C ASP H 120 -5.81 -36.09 -35.88
N TYR H 121 -6.02 -37.27 -36.48
CA TYR H 121 -5.82 -38.57 -35.82
C TYR H 121 -6.85 -38.93 -34.74
N GLY H 122 -7.77 -38.01 -34.47
CA GLY H 122 -8.77 -38.20 -33.41
C GLY H 122 -9.96 -39.04 -33.82
N ALA H 123 -10.84 -39.26 -32.86
CA ALA H 123 -12.14 -39.90 -33.10
C ALA H 123 -13.09 -39.00 -33.89
N GLY H 124 -14.17 -39.57 -34.38
CA GLY H 124 -15.21 -38.80 -35.05
C GLY H 124 -15.94 -37.88 -34.08
N ILE H 125 -16.50 -36.78 -34.60
CA ILE H 125 -17.37 -35.94 -33.79
C ILE H 125 -18.66 -36.72 -33.56
N PRO H 126 -19.02 -36.96 -32.29
CA PRO H 126 -20.27 -37.64 -31.99
C PRO H 126 -21.49 -36.89 -32.49
N VAL H 127 -22.55 -37.66 -32.78
CA VAL H 127 -23.86 -37.11 -33.10
C VAL H 127 -24.24 -36.15 -31.96
N SER H 128 -24.44 -34.89 -32.32
CA SER H 128 -24.57 -33.81 -31.36
C SER H 128 -25.11 -32.59 -32.08
N GLY H 129 -25.47 -31.56 -31.31
CA GLY H 129 -26.02 -30.33 -31.88
C GLY H 129 -27.52 -30.22 -31.63
N VAL H 130 -28.24 -29.89 -32.70
CA VAL H 130 -29.67 -29.64 -32.65
C VAL H 130 -30.45 -30.86 -32.18
N ASN H 131 -31.18 -30.69 -31.09
CA ASN H 131 -32.14 -31.69 -30.62
C ASN H 131 -33.54 -31.12 -30.61
N TYR H 132 -34.51 -31.99 -30.89
CA TYR H 132 -35.92 -31.65 -30.77
C TYR H 132 -36.64 -32.91 -30.35
N HIS H 133 -37.32 -32.85 -29.20
CA HIS H 133 -37.99 -34.05 -28.69
C HIS H 133 -39.37 -33.70 -28.20
N MET H 134 -40.36 -34.42 -28.73
CA MET H 134 -41.73 -34.25 -28.28
C MET H 134 -42.50 -35.56 -28.41
N PHE H 135 -43.51 -35.73 -27.57
CA PHE H 135 -44.51 -36.77 -27.80
C PHE H 135 -45.89 -36.27 -27.41
N ALA H 136 -46.90 -36.90 -27.99
CA ALA H 136 -48.29 -36.57 -27.70
C ALA H 136 -49.18 -37.82 -27.69
N ILE H 137 -50.09 -37.85 -26.72
CA ILE H 137 -51.13 -38.90 -26.61
C ILE H 137 -52.46 -38.18 -26.59
N GLY H 138 -53.38 -38.61 -27.44
CA GLY H 138 -54.67 -37.95 -27.55
C GLY H 138 -55.77 -38.80 -28.15
N GLY H 139 -57.00 -38.32 -28.06
CA GLY H 139 -58.17 -39.08 -28.51
C GLY H 139 -58.62 -38.70 -29.91
N GLU H 140 -57.78 -37.92 -30.58
CA GLU H 140 -58.01 -37.37 -31.91
C GLU H 140 -56.64 -36.81 -32.36
N PRO H 141 -56.48 -36.51 -33.67
CA PRO H 141 -55.20 -36.00 -34.15
C PRO H 141 -54.74 -34.75 -33.41
N LEU H 142 -53.42 -34.63 -33.22
CA LEU H 142 -52.83 -33.45 -32.60
C LEU H 142 -53.06 -32.22 -33.47
N ASP H 143 -53.53 -31.14 -32.86
CA ASP H 143 -53.71 -29.86 -33.56
C ASP H 143 -52.37 -29.12 -33.74
N LEU H 144 -52.12 -28.65 -34.95
CA LEU H 144 -50.85 -28.01 -35.29
C LEU H 144 -51.00 -26.53 -35.63
N GLN H 145 -50.03 -25.73 -35.19
CA GLN H 145 -49.92 -24.33 -35.59
C GLN H 145 -48.71 -24.17 -36.50
N GLY H 146 -48.89 -23.47 -37.61
CA GLY H 146 -47.81 -23.21 -38.56
C GLY H 146 -47.05 -21.93 -38.26
N LEU H 147 -45.72 -22.02 -38.30
CA LEU H 147 -44.83 -20.89 -38.14
C LEU H 147 -43.46 -21.29 -38.69
N VAL H 148 -42.90 -20.47 -39.59
CA VAL H 148 -41.59 -20.75 -40.18
C VAL H 148 -40.57 -19.66 -39.87
N LEU H 149 -39.30 -20.05 -39.82
CA LEU H 149 -38.17 -19.10 -39.77
C LEU H 149 -38.20 -18.05 -40.88
N ASP H 150 -38.48 -18.50 -42.10
CA ASP H 150 -38.44 -17.63 -43.28
C ASP H 150 -39.63 -17.93 -44.19
N TYR H 151 -40.53 -16.95 -44.30
CA TYR H 151 -41.78 -17.10 -45.06
C TYR H 151 -41.54 -17.28 -46.56
N GLN H 152 -40.37 -16.84 -47.04
CA GLN H 152 -40.04 -16.96 -48.47
C GLN H 152 -39.49 -18.33 -48.84
N THR H 153 -39.43 -19.24 -47.86
CA THR H 153 -38.99 -20.61 -48.12
C THR H 153 -39.99 -21.26 -49.07
N GLN H 154 -39.49 -21.86 -50.14
CA GLN H 154 -40.35 -22.54 -51.10
C GLN H 154 -40.25 -24.05 -50.90
N TYR H 155 -41.17 -24.61 -50.13
CA TYR H 155 -41.18 -26.06 -49.85
C TYR H 155 -41.74 -26.81 -51.05
N PRO H 156 -41.34 -28.09 -51.25
CA PRO H 156 -41.89 -28.84 -52.38
C PRO H 156 -43.42 -28.92 -52.28
N LYS H 157 -44.10 -28.76 -53.42
CA LYS H 157 -45.57 -28.74 -53.45
C LYS H 157 -46.12 -30.12 -53.13
N THR H 158 -47.17 -30.15 -52.30
CA THR H 158 -47.81 -31.40 -51.88
C THR H 158 -48.29 -32.24 -53.08
N THR H 159 -48.82 -31.57 -54.11
CA THR H 159 -49.30 -32.24 -55.32
C THR H 159 -48.18 -32.90 -56.17
N ASN H 160 -46.93 -32.54 -55.90
N ASN H 160 -46.93 -32.54 -55.90
CA ASN H 160 -45.78 -33.16 -56.55
CA ASN H 160 -45.78 -33.16 -56.56
C ASN H 160 -45.08 -34.18 -55.66
C ASN H 160 -45.09 -34.17 -55.66
N GLY H 161 -45.77 -34.60 -54.60
CA GLY H 161 -45.26 -35.60 -53.67
C GLY H 161 -44.58 -35.01 -52.46
N GLY H 162 -44.73 -33.69 -52.29
CA GLY H 162 -44.08 -33.00 -51.19
C GLY H 162 -44.84 -33.12 -49.88
N PRO H 163 -44.31 -32.50 -48.81
CA PRO H 163 -44.98 -32.53 -47.51
C PRO H 163 -46.09 -31.50 -47.46
N ILE H 164 -46.96 -31.61 -46.46
CA ILE H 164 -48.01 -30.64 -46.21
C ILE H 164 -47.42 -29.47 -45.43
N THR H 165 -47.44 -28.28 -46.04
CA THR H 165 -46.92 -27.08 -45.38
C THR H 165 -47.98 -25.98 -45.31
N ILE H 166 -47.59 -24.79 -44.88
CA ILE H 166 -48.56 -23.69 -44.75
C ILE H 166 -49.23 -23.32 -46.08
N GLU H 167 -48.45 -23.29 -47.16
CA GLU H 167 -49.02 -22.99 -48.50
C GLU H 167 -50.12 -23.99 -48.87
N THR H 168 -49.91 -25.26 -48.58
CA THR H 168 -50.92 -26.30 -48.79
C THR H 168 -52.24 -25.98 -48.12
N VAL H 169 -52.20 -25.55 -46.86
N VAL H 169 -52.18 -25.56 -46.86
CA VAL H 169 -53.43 -25.34 -46.10
CA VAL H 169 -53.37 -25.31 -46.07
C VAL H 169 -54.10 -24.01 -46.42
C VAL H 169 -54.08 -24.04 -46.51
N LEU H 170 -53.31 -22.98 -46.71
CA LEU H 170 -53.86 -21.67 -47.07
C LEU H 170 -54.41 -21.62 -48.50
N GLY H 171 -53.89 -22.50 -49.37
CA GLY H 171 -54.22 -22.49 -50.80
C GLY H 171 -53.59 -21.31 -51.53
N ARG H 172 -52.53 -20.76 -50.94
N ARG H 172 -52.52 -20.76 -50.96
CA ARG H 172 -51.82 -19.59 -51.48
CA ARG H 172 -51.80 -19.61 -51.50
C ARG H 172 -50.46 -19.46 -50.81
C ARG H 172 -50.46 -19.44 -50.79
N LYS H 173 -49.55 -18.73 -51.43
CA LYS H 173 -48.20 -18.50 -50.90
C LYS H 173 -48.21 -17.87 -49.51
N MET H 174 -47.21 -18.21 -48.69
CA MET H 174 -47.02 -17.58 -47.39
C MET H 174 -46.77 -16.08 -47.50
N THR H 175 -47.08 -15.36 -46.42
CA THR H 175 -46.75 -13.93 -46.32
C THR H 175 -45.92 -13.70 -45.05
N PRO H 176 -45.36 -12.47 -44.86
CA PRO H 176 -44.58 -12.16 -43.65
C PRO H 176 -45.22 -12.59 -42.33
N LYS H 177 -46.55 -12.48 -42.23
CA LYS H 177 -47.26 -12.89 -41.01
C LYS H 177 -46.97 -14.33 -40.58
N ASN H 178 -46.57 -15.17 -41.52
CA ASN H 178 -46.25 -16.59 -41.24
C ASN H 178 -44.90 -16.80 -40.52
N GLN H 179 -44.16 -15.71 -40.33
CA GLN H 179 -42.97 -15.73 -39.46
C GLN H 179 -43.41 -15.54 -38.00
N GLY H 180 -44.66 -15.11 -37.82
CA GLY H 180 -45.31 -15.01 -36.51
C GLY H 180 -46.47 -16.00 -36.42
N LEU H 181 -47.40 -15.75 -35.50
CA LEU H 181 -48.53 -16.65 -35.34
C LEU H 181 -49.67 -16.22 -36.26
N ASP H 182 -49.94 -17.03 -37.27
CA ASP H 182 -51.11 -16.82 -38.14
C ASP H 182 -52.20 -17.84 -37.78
N PRO H 183 -53.34 -17.35 -37.25
CA PRO H 183 -54.49 -18.20 -36.89
C PRO H 183 -55.03 -19.05 -38.04
N GLN H 184 -54.70 -18.68 -39.28
CA GLN H 184 -55.13 -19.45 -40.45
C GLN H 184 -54.18 -20.62 -40.76
N ALA H 185 -52.95 -20.54 -40.26
CA ALA H 185 -51.95 -21.57 -40.48
C ALA H 185 -52.15 -22.68 -39.46
N LYS H 186 -53.19 -23.47 -39.68
CA LYS H 186 -53.54 -24.56 -38.77
C LYS H 186 -53.72 -25.86 -39.55
N ALA H 187 -53.35 -26.97 -38.91
CA ALA H 187 -53.52 -28.28 -39.51
C ALA H 187 -53.73 -29.34 -38.43
N LYS H 188 -54.05 -30.56 -38.85
CA LYS H 188 -54.18 -31.68 -37.93
C LYS H 188 -53.16 -32.72 -38.34
N LEU H 189 -52.44 -33.25 -37.36
CA LEU H 189 -51.38 -34.23 -37.61
C LEU H 189 -51.99 -35.59 -37.89
N ASP H 190 -52.33 -35.82 -39.15
CA ASP H 190 -53.09 -37.01 -39.54
C ASP H 190 -52.33 -37.95 -40.48
N LYS H 191 -51.07 -37.61 -40.77
CA LYS H 191 -50.26 -38.42 -41.67
C LYS H 191 -48.81 -38.52 -41.22
N ASP H 192 -48.36 -39.76 -41.06
CA ASP H 192 -46.98 -40.07 -40.68
C ASP H 192 -46.01 -39.58 -41.75
N GLY H 193 -45.05 -38.74 -41.33
CA GLY H 193 -43.98 -38.29 -42.23
C GLY H 193 -44.31 -37.21 -43.27
N ASN H 194 -45.43 -36.50 -43.11
CA ASN H 194 -45.79 -35.44 -44.05
C ASN H 194 -45.93 -34.02 -43.49
N TYR H 195 -45.74 -33.85 -42.19
CA TYR H 195 -45.79 -32.53 -41.57
C TYR H 195 -44.42 -32.14 -41.04
N PRO H 196 -43.70 -31.26 -41.78
CA PRO H 196 -42.36 -30.91 -41.36
C PRO H 196 -42.31 -30.28 -39.97
N ILE H 197 -41.32 -30.70 -39.20
CA ILE H 197 -41.09 -30.17 -37.86
C ILE H 197 -40.75 -28.68 -37.90
N GLU H 198 -40.02 -28.22 -38.93
CA GLU H 198 -39.67 -26.79 -39.02
C GLU H 198 -40.85 -25.88 -39.41
N VAL H 199 -41.98 -26.46 -39.78
CA VAL H 199 -43.15 -25.69 -40.21
C VAL H 199 -44.26 -25.69 -39.16
N TRP H 200 -44.47 -26.85 -38.54
CA TRP H 200 -45.59 -27.09 -37.62
C TRP H 200 -45.16 -27.39 -36.18
N CYS H 201 -45.80 -26.70 -35.24
CA CYS H 201 -45.66 -27.00 -33.81
C CYS H 201 -47.05 -27.32 -33.24
N PRO H 202 -47.11 -27.94 -32.04
CA PRO H 202 -48.43 -28.18 -31.44
C PRO H 202 -49.19 -26.86 -31.16
N ASP H 203 -50.48 -26.85 -31.47
CA ASP H 203 -51.32 -25.67 -31.26
C ASP H 203 -51.81 -25.62 -29.80
N PRO H 204 -51.32 -24.64 -29.02
CA PRO H 204 -51.77 -24.56 -27.62
C PRO H 204 -53.17 -23.97 -27.47
N SER H 205 -53.74 -23.48 -28.56
CA SER H 205 -55.09 -22.90 -28.52
C SER H 205 -56.15 -23.98 -28.70
N LYS H 206 -55.71 -25.19 -29.05
CA LYS H 206 -56.59 -26.34 -29.19
C LYS H 206 -56.08 -27.51 -28.33
N ASN H 207 -56.07 -28.72 -28.90
CA ASN H 207 -55.51 -29.90 -28.21
C ASN H 207 -56.07 -30.18 -26.81
N GLU H 208 -57.35 -29.88 -26.63
CA GLU H 208 -58.07 -30.11 -25.38
C GLU H 208 -58.09 -31.60 -25.02
N ASN H 209 -58.11 -32.44 -26.05
CA ASN H 209 -58.27 -33.88 -25.90
C ASN H 209 -56.98 -34.61 -26.23
N SER H 210 -55.86 -33.90 -26.07
CA SER H 210 -54.51 -34.42 -26.26
C SER H 210 -53.60 -33.90 -25.16
N ARG H 211 -52.56 -34.66 -24.87
CA ARG H 211 -51.51 -34.19 -23.98
C ARG H 211 -50.21 -34.22 -24.77
N TYR H 212 -49.53 -33.08 -24.85
CA TYR H 212 -48.22 -33.06 -25.52
C TYR H 212 -47.10 -32.50 -24.64
N TYR H 213 -45.88 -33.01 -24.87
CA TYR H 213 -44.70 -32.64 -24.08
C TYR H 213 -43.52 -32.56 -25.02
N GLY H 214 -42.81 -31.43 -25.01
CA GLY H 214 -41.66 -31.30 -25.90
C GLY H 214 -40.60 -30.28 -25.51
N SER H 215 -39.44 -30.41 -26.14
CA SER H 215 -38.34 -29.48 -25.92
C SER H 215 -37.55 -29.31 -27.21
N ILE H 216 -36.80 -28.21 -27.29
CA ILE H 216 -35.80 -28.02 -28.32
C ILE H 216 -34.44 -27.74 -27.67
N GLN H 217 -33.38 -28.00 -28.44
CA GLN H 217 -32.01 -27.65 -28.06
C GLN H 217 -31.30 -27.22 -29.34
N THR H 218 -30.80 -25.98 -29.38
CA THR H 218 -30.02 -25.55 -30.55
C THR H 218 -28.51 -25.53 -30.27
N GLY H 219 -27.74 -24.91 -31.17
CA GLY H 219 -26.27 -25.02 -31.16
C GLY H 219 -25.81 -26.14 -32.08
N SER H 220 -24.54 -26.08 -32.49
CA SER H 220 -24.03 -26.98 -33.54
C SER H 220 -23.45 -28.32 -33.03
N GLN H 221 -22.70 -28.29 -31.94
CA GLN H 221 -22.13 -29.51 -31.36
C GLN H 221 -22.53 -29.68 -29.88
N THR H 222 -23.66 -29.08 -29.53
CA THR H 222 -24.23 -29.15 -28.19
C THR H 222 -24.43 -30.62 -27.84
N PRO H 223 -23.94 -31.03 -26.65
CA PRO H 223 -24.07 -32.42 -26.21
C PRO H 223 -25.52 -32.89 -26.28
N THR H 224 -25.70 -34.06 -26.90
CA THR H 224 -26.96 -34.76 -26.84
C THR H 224 -27.00 -35.47 -25.49
N VAL H 225 -27.96 -35.05 -24.66
CA VAL H 225 -28.12 -35.57 -23.30
C VAL H 225 -29.49 -36.23 -23.19
N LEU H 226 -29.50 -37.57 -23.17
CA LEU H 226 -30.76 -38.28 -23.10
C LEU H 226 -30.77 -39.27 -21.95
N GLN H 227 -31.96 -39.48 -21.38
CA GLN H 227 -32.15 -40.48 -20.35
C GLN H 227 -33.04 -41.60 -20.86
N PHE H 228 -32.94 -42.78 -20.23
CA PHE H 228 -33.85 -43.88 -20.51
C PHE H 228 -34.06 -44.75 -19.27
N SER H 229 -35.32 -45.03 -18.97
CA SER H 229 -35.68 -45.90 -17.87
C SER H 229 -37.10 -46.43 -18.01
N ASN H 230 -37.27 -47.72 -17.75
CA ASN H 230 -38.58 -48.35 -17.78
C ASN H 230 -39.37 -48.17 -16.49
N THR H 231 -38.97 -47.18 -15.67
CA THR H 231 -39.64 -46.91 -14.39
C THR H 231 -40.34 -45.56 -14.41
N LEU H 232 -40.14 -44.80 -15.49
CA LEU H 232 -40.76 -43.48 -15.65
C LEU H 232 -42.13 -43.58 -16.30
N THR H 233 -43.11 -42.95 -15.66
CA THR H 233 -44.48 -42.95 -16.14
C THR H 233 -44.98 -41.51 -16.22
N THR H 234 -45.63 -41.18 -17.33
CA THR H 234 -46.31 -39.91 -17.46
C THR H 234 -47.81 -40.10 -17.22
N VAL H 235 -48.33 -39.42 -16.21
CA VAL H 235 -49.77 -39.36 -15.96
C VAL H 235 -50.44 -38.45 -17.00
N LEU H 236 -51.52 -38.93 -17.62
CA LEU H 236 -52.18 -38.19 -18.70
C LEU H 236 -53.49 -37.49 -18.30
N LEU H 237 -53.85 -37.61 -17.03
CA LEU H 237 -55.05 -36.97 -16.50
C LEU H 237 -54.87 -35.46 -16.36
N ASP H 238 -55.90 -34.70 -16.71
CA ASP H 238 -55.86 -33.25 -16.55
C ASP H 238 -56.16 -32.84 -15.11
N GLU H 239 -56.31 -31.54 -14.87
CA GLU H 239 -56.56 -31.02 -13.53
C GLU H 239 -57.89 -31.51 -12.94
N ASN H 240 -58.79 -31.99 -13.79
CA ASN H 240 -60.05 -32.59 -13.34
C ASN H 240 -59.98 -34.12 -13.20
N GLY H 241 -58.78 -34.68 -13.35
CA GLY H 241 -58.57 -36.12 -13.31
C GLY H 241 -59.17 -36.86 -14.49
N VAL H 242 -59.15 -36.22 -15.67
CA VAL H 242 -59.67 -36.83 -16.89
C VAL H 242 -58.58 -36.90 -17.96
N GLY H 243 -58.38 -38.08 -18.52
CA GLY H 243 -57.43 -38.31 -19.61
C GLY H 243 -58.07 -38.11 -20.98
N PRO H 244 -57.25 -38.10 -22.05
CA PRO H 244 -57.81 -38.05 -23.40
C PRO H 244 -58.85 -39.16 -23.66
N LEU H 245 -59.98 -38.77 -24.24
CA LEU H 245 -61.07 -39.67 -24.58
C LEU H 245 -61.05 -39.99 -26.07
N CYS H 246 -61.00 -41.27 -26.39
CA CYS H 246 -60.74 -41.73 -27.74
C CYS H 246 -61.99 -41.74 -28.63
N LYS H 247 -62.19 -40.65 -29.38
CA LYS H 247 -63.30 -40.52 -30.33
C LYS H 247 -63.22 -41.64 -31.36
N GLY H 248 -64.36 -42.29 -31.59
CA GLY H 248 -64.44 -43.35 -32.60
C GLY H 248 -63.47 -44.50 -32.40
N ASP H 249 -63.08 -44.73 -31.15
CA ASP H 249 -62.18 -45.84 -30.77
C ASP H 249 -60.80 -45.73 -31.44
N GLY H 250 -60.32 -44.51 -31.60
CA GLY H 250 -58.99 -44.25 -32.11
C GLY H 250 -58.11 -43.56 -31.06
N LEU H 251 -56.93 -44.13 -30.85
CA LEU H 251 -55.90 -43.51 -30.02
C LEU H 251 -54.77 -42.95 -30.87
N PHE H 252 -54.53 -41.65 -30.73
CA PHE H 252 -53.55 -40.95 -31.54
C PHE H 252 -52.23 -40.73 -30.82
N ILE H 253 -51.15 -41.22 -31.44
CA ILE H 253 -49.82 -41.19 -30.85
C ILE H 253 -48.84 -40.51 -31.80
N SER H 254 -48.23 -39.42 -31.34
CA SER H 254 -47.38 -38.58 -32.16
C SER H 254 -46.02 -38.36 -31.48
N CYS H 255 -44.96 -38.15 -32.28
CA CYS H 255 -43.65 -37.81 -31.74
C CYS H 255 -42.68 -37.28 -32.78
N ALA H 256 -41.53 -36.81 -32.29
CA ALA H 256 -40.38 -36.40 -33.09
C ALA H 256 -39.16 -36.52 -32.16
N ASP H 257 -38.07 -37.07 -32.65
CA ASP H 257 -36.85 -37.13 -31.82
C ASP H 257 -35.62 -36.94 -32.67
N ILE H 258 -35.32 -35.67 -32.95
CA ILE H 258 -34.06 -35.31 -33.57
C ILE H 258 -32.97 -35.29 -32.51
N VAL H 259 -31.94 -36.11 -32.73
CA VAL H 259 -30.87 -36.32 -31.73
C VAL H 259 -29.55 -35.63 -32.10
N GLY H 260 -29.51 -34.93 -33.22
CA GLY H 260 -28.31 -34.19 -33.61
C GLY H 260 -27.75 -34.52 -34.99
N PHE H 261 -26.61 -33.90 -35.30
CA PHE H 261 -26.01 -34.02 -36.62
C PHE H 261 -25.05 -35.18 -36.74
N LEU H 262 -25.08 -35.84 -37.88
CA LEU H 262 -23.95 -36.64 -38.31
C LEU H 262 -22.99 -35.71 -39.05
N PHE H 263 -21.75 -35.65 -38.59
CA PHE H 263 -20.71 -34.79 -39.19
C PHE H 263 -19.82 -35.63 -40.12
N LYS H 264 -19.84 -35.31 -41.41
CA LYS H 264 -19.09 -36.05 -42.43
C LYS H 264 -17.75 -35.37 -42.75
N THR H 265 -16.76 -36.19 -43.10
CA THR H 265 -15.39 -35.75 -43.41
C THR H 265 -15.32 -34.45 -44.19
N SER H 266 -16.17 -34.35 -45.22
CA SER H 266 -16.16 -33.23 -46.17
C SER H 266 -16.62 -31.92 -45.53
N GLY H 267 -17.23 -32.01 -44.36
CA GLY H 267 -17.80 -30.85 -43.69
C GLY H 267 -19.31 -30.83 -43.79
N LYS H 268 -19.86 -31.69 -44.64
CA LYS H 268 -21.29 -31.79 -44.81
C LYS H 268 -21.98 -32.44 -43.60
N MET H 269 -23.23 -32.05 -43.35
CA MET H 269 -23.93 -32.41 -42.11
C MET H 269 -25.37 -32.81 -42.37
N ALA H 270 -25.77 -33.93 -41.76
CA ALA H 270 -27.12 -34.45 -41.85
C ALA H 270 -27.70 -34.66 -40.45
N LEU H 271 -28.95 -34.25 -40.25
CA LEU H 271 -29.66 -34.53 -39.00
C LEU H 271 -30.01 -36.00 -38.88
N HIS H 272 -30.11 -36.49 -37.64
CA HIS H 272 -30.36 -37.89 -37.34
C HIS H 272 -31.49 -38.03 -36.32
N GLY H 273 -32.24 -39.12 -36.40
CA GLY H 273 -33.38 -39.34 -35.50
C GLY H 273 -33.39 -40.73 -34.94
N LEU H 274 -34.10 -40.90 -33.81
CA LEU H 274 -34.27 -42.23 -33.19
C LEU H 274 -35.75 -42.64 -33.05
N PRO H 275 -36.03 -43.96 -33.06
CA PRO H 275 -37.39 -44.45 -32.81
C PRO H 275 -37.88 -44.16 -31.39
N ARG H 276 -39.19 -44.23 -31.19
CA ARG H 276 -39.74 -44.06 -29.85
C ARG H 276 -40.79 -45.12 -29.54
N TYR H 277 -40.72 -45.63 -28.33
CA TYR H 277 -41.63 -46.65 -27.83
C TYR H 277 -42.69 -46.03 -26.93
N PHE H 278 -43.89 -46.62 -26.98
CA PHE H 278 -45.01 -46.21 -26.15
C PHE H 278 -45.70 -47.45 -25.59
N ASN H 279 -46.00 -47.40 -24.29
CA ASN H 279 -46.98 -48.29 -23.69
C ASN H 279 -48.04 -47.45 -22.97
N VAL H 280 -49.23 -47.39 -23.54
CA VAL H 280 -50.29 -46.54 -23.01
C VAL H 280 -51.27 -47.38 -22.20
N THR H 281 -51.63 -46.89 -21.01
CA THR H 281 -52.70 -47.50 -20.24
C THR H 281 -54.01 -46.74 -20.45
N LEU H 282 -55.06 -47.49 -20.80
CA LEU H 282 -56.40 -46.90 -20.96
C LEU H 282 -57.44 -47.60 -20.07
N ARG H 283 -58.44 -46.84 -19.63
CA ARG H 283 -59.59 -47.40 -18.91
C ARG H 283 -60.91 -47.01 -19.61
N LYS H 284 -61.97 -47.77 -19.35
CA LYS H 284 -63.30 -47.46 -19.89
C LYS H 284 -63.95 -46.36 -19.07
N ARG H 285 -64.52 -45.38 -19.75
CA ARG H 285 -65.19 -44.28 -19.08
C ARG H 285 -66.57 -44.04 -19.70
N TRP H 286 -67.57 -43.85 -18.85
CA TRP H 286 -68.91 -43.47 -19.30
C TRP H 286 -68.94 -42.00 -19.69
N VAL H 287 -69.54 -41.71 -20.84
CA VAL H 287 -69.69 -40.35 -21.36
C VAL H 287 -71.10 -40.14 -21.92
N LYS H 288 -71.63 -38.93 -21.81
CA LYS H 288 -72.96 -38.63 -22.32
C LYS H 288 -72.91 -38.05 -23.73
N VAL I 9 -48.10 -65.98 -13.41
CA VAL I 9 -47.38 -65.72 -12.13
C VAL I 9 -48.16 -64.77 -11.23
N GLU I 10 -48.73 -65.30 -10.14
CA GLU I 10 -49.55 -64.52 -9.23
C GLU I 10 -48.77 -64.10 -7.97
N VAL I 11 -48.51 -62.81 -7.85
CA VAL I 11 -47.75 -62.27 -6.73
C VAL I 11 -48.61 -62.17 -5.46
N LEU I 12 -48.26 -62.97 -4.46
CA LEU I 12 -49.00 -62.99 -3.20
C LEU I 12 -48.30 -62.10 -2.17
N SER I 13 -48.44 -62.44 -0.90
CA SER I 13 -47.92 -61.63 0.19
C SER I 13 -46.40 -61.79 0.45
N VAL I 14 -45.83 -60.78 1.10
CA VAL I 14 -44.46 -60.79 1.59
C VAL I 14 -44.32 -61.80 2.74
N VAL I 15 -43.32 -62.68 2.63
CA VAL I 15 -43.06 -63.69 3.65
C VAL I 15 -42.61 -63.04 4.97
N THR I 16 -43.27 -63.39 6.06
CA THR I 16 -42.98 -62.85 7.39
C THR I 16 -41.99 -63.73 8.16
N GLY I 17 -41.30 -63.15 9.13
CA GLY I 17 -40.35 -63.90 9.97
C GLY I 17 -38.97 -63.26 10.03
N GLU I 18 -38.09 -63.89 10.80
CA GLU I 18 -36.76 -63.35 11.08
C GLU I 18 -35.79 -63.40 9.89
N ASP I 19 -35.84 -64.47 9.11
CA ASP I 19 -34.85 -64.70 8.05
C ASP I 19 -35.25 -64.21 6.65
N SER I 20 -36.20 -63.28 6.57
CA SER I 20 -36.84 -62.97 5.30
C SER I 20 -36.09 -61.96 4.39
N ILE I 21 -35.13 -61.22 4.94
CA ILE I 21 -34.37 -60.24 4.17
C ILE I 21 -32.92 -60.71 3.98
N THR I 22 -32.39 -60.53 2.76
CA THR I 22 -30.96 -60.74 2.53
C THR I 22 -30.31 -59.64 1.67
N GLN I 23 -29.00 -59.52 1.79
CA GLN I 23 -28.23 -58.54 1.01
C GLN I 23 -27.23 -59.21 0.08
N ILE I 24 -27.13 -58.66 -1.13
CA ILE I 24 -26.22 -59.17 -2.14
C ILE I 24 -25.34 -58.00 -2.61
N GLU I 25 -24.03 -58.15 -2.43
CA GLU I 25 -23.12 -57.11 -2.86
C GLU I 25 -22.13 -57.63 -3.90
N LEU I 26 -21.76 -56.75 -4.83
CA LEU I 26 -20.77 -57.07 -5.85
C LEU I 26 -20.33 -55.83 -6.60
N TYR I 27 -19.23 -55.99 -7.33
CA TYR I 27 -18.76 -54.98 -8.26
C TYR I 27 -18.63 -55.60 -9.65
N LEU I 28 -18.79 -54.77 -10.69
CA LEU I 28 -18.52 -55.20 -12.05
C LEU I 28 -17.49 -54.29 -12.71
N ASN I 29 -16.36 -54.89 -13.11
CA ASN I 29 -15.31 -54.14 -13.80
C ASN I 29 -15.71 -53.83 -15.26
N PRO I 30 -15.31 -52.64 -15.76
CA PRO I 30 -15.77 -52.25 -17.09
C PRO I 30 -15.21 -53.14 -18.20
N ARG I 31 -15.99 -53.32 -19.25
CA ARG I 31 -15.56 -54.10 -20.41
C ARG I 31 -15.49 -53.22 -21.65
N MET I 32 -14.44 -52.41 -21.71
CA MET I 32 -14.31 -51.34 -22.71
C MET I 32 -13.74 -51.75 -24.07
N GLY I 33 -13.28 -53.00 -24.18
CA GLY I 33 -12.65 -53.47 -25.41
C GLY I 33 -11.42 -54.29 -25.10
N VAL I 34 -10.57 -53.77 -24.21
CA VAL I 34 -9.56 -54.60 -23.57
C VAL I 34 -10.18 -55.04 -22.26
N ASN I 35 -10.66 -56.27 -22.23
CA ASN I 35 -11.57 -56.73 -21.17
C ASN I 35 -10.94 -57.51 -20.02
N SER I 36 -9.66 -57.79 -20.14
CA SER I 36 -8.96 -58.59 -19.16
C SER I 36 -7.70 -57.87 -18.70
N PRO I 37 -7.41 -57.93 -17.38
CA PRO I 37 -6.16 -57.45 -16.82
C PRO I 37 -5.02 -58.48 -16.84
N ASP I 38 -5.31 -59.69 -17.33
CA ASP I 38 -4.40 -60.84 -17.16
C ASP I 38 -3.63 -61.25 -18.43
N LEU I 39 -3.90 -60.56 -19.53
CA LEU I 39 -3.30 -60.89 -20.83
C LEU I 39 -1.87 -60.34 -20.94
N PRO I 40 -0.89 -61.22 -21.27
CA PRO I 40 0.54 -60.90 -21.26
C PRO I 40 0.88 -59.50 -21.80
N THR I 41 0.56 -59.25 -23.06
CA THR I 41 1.01 -58.04 -23.76
C THR I 41 0.02 -56.89 -23.74
N THR I 42 -1.28 -57.20 -23.82
CA THR I 42 -2.33 -56.21 -24.15
C THR I 42 -2.99 -55.49 -22.95
N SER I 43 -2.84 -56.07 -21.76
CA SER I 43 -3.64 -55.66 -20.60
C SER I 43 -3.29 -54.30 -19.98
N ASN I 44 -2.26 -53.65 -20.50
CA ASN I 44 -1.94 -52.29 -20.09
C ASN I 44 -3.10 -51.34 -20.37
N TRP I 45 -3.88 -51.68 -21.40
CA TRP I 45 -5.03 -50.88 -21.81
C TRP I 45 -6.38 -51.34 -21.25
N TYR I 46 -6.33 -52.23 -20.26
CA TYR I 46 -7.50 -52.67 -19.50
C TYR I 46 -8.29 -51.46 -18.98
N THR I 47 -9.60 -51.49 -19.21
CA THR I 47 -10.59 -50.41 -18.92
C THR I 47 -10.60 -49.30 -19.98
N TYR I 48 -10.03 -49.60 -21.15
CA TYR I 48 -9.98 -48.68 -22.29
C TYR I 48 -10.32 -49.43 -23.57
N THR I 49 -10.78 -48.68 -24.59
CA THR I 49 -10.75 -49.17 -25.97
C THR I 49 -9.34 -48.96 -26.53
N TYR I 50 -9.12 -49.41 -27.76
CA TYR I 50 -7.97 -48.93 -28.53
C TYR I 50 -8.30 -47.55 -29.12
N ASP I 51 -7.49 -47.09 -30.06
CA ASP I 51 -7.70 -45.77 -30.64
C ASP I 51 -8.89 -45.77 -31.61
N LEU I 52 -9.81 -44.84 -31.37
CA LEU I 52 -11.03 -44.76 -32.18
C LEU I 52 -10.87 -43.79 -33.34
N GLN I 53 -10.96 -44.32 -34.55
CA GLN I 53 -10.83 -43.52 -35.77
C GLN I 53 -11.88 -43.87 -36.83
N PRO I 54 -12.41 -42.84 -37.51
CA PRO I 54 -13.12 -43.08 -38.77
C PRO I 54 -12.17 -43.68 -39.81
N LYS I 55 -12.57 -44.78 -40.44
CA LYS I 55 -11.72 -45.46 -41.40
C LYS I 55 -11.30 -44.57 -42.58
N GLY I 56 -12.20 -43.70 -43.03
CA GLY I 56 -11.94 -42.82 -44.17
C GLY I 56 -12.42 -43.41 -45.48
N SER I 57 -12.64 -44.72 -45.49
CA SER I 57 -13.22 -45.43 -46.62
C SER I 57 -14.22 -46.48 -46.13
N SER I 58 -15.12 -46.89 -47.03
N SER I 58 -15.14 -46.87 -47.00
CA SER I 58 -16.17 -47.86 -46.73
CA SER I 58 -16.17 -47.86 -46.67
C SER I 58 -15.68 -49.30 -46.95
C SER I 58 -15.68 -49.29 -46.94
N PRO I 59 -16.16 -50.26 -46.13
CA PRO I 59 -17.03 -50.10 -44.96
C PRO I 59 -16.23 -50.06 -43.66
N ASP I 60 -16.84 -49.55 -42.60
CA ASP I 60 -16.26 -49.62 -41.26
C ASP I 60 -16.17 -51.10 -40.85
N GLN I 61 -14.98 -51.50 -40.39
CA GLN I 61 -14.74 -52.88 -39.93
C GLN I 61 -14.14 -52.87 -38.53
N PRO I 62 -14.95 -52.51 -37.51
CA PRO I 62 -14.40 -52.26 -36.17
C PRO I 62 -13.80 -53.49 -35.54
N ILE I 63 -12.72 -53.30 -34.79
CA ILE I 63 -12.11 -54.38 -34.03
C ILE I 63 -12.82 -54.51 -32.68
N LYS I 64 -12.75 -55.68 -32.06
CA LYS I 64 -13.43 -55.92 -30.78
C LYS I 64 -12.92 -54.99 -29.68
N GLU I 65 -11.63 -54.62 -29.75
CA GLU I 65 -11.02 -53.70 -28.77
C GLU I 65 -11.63 -52.31 -28.81
N ASN I 66 -12.34 -51.99 -29.88
CA ASN I 66 -13.00 -50.69 -30.02
C ASN I 66 -14.52 -50.74 -29.78
N LEU I 67 -14.99 -51.82 -29.18
CA LEU I 67 -16.42 -52.02 -28.93
C LEU I 67 -16.74 -52.26 -27.45
N PRO I 68 -16.82 -51.17 -26.65
CA PRO I 68 -17.23 -51.33 -25.25
C PRO I 68 -18.50 -52.15 -25.15
N ALA I 69 -18.56 -53.06 -24.18
CA ALA I 69 -19.69 -53.95 -24.05
C ALA I 69 -20.29 -53.85 -22.66
N TYR I 70 -21.53 -54.32 -22.53
CA TYR I 70 -22.19 -54.35 -21.22
C TYR I 70 -21.49 -55.29 -20.26
N SER I 71 -21.45 -54.89 -18.99
CA SER I 71 -21.08 -55.79 -17.92
C SER I 71 -22.34 -56.53 -17.45
N VAL I 72 -22.20 -57.80 -17.11
CA VAL I 72 -23.33 -58.55 -16.52
C VAL I 72 -22.85 -59.64 -15.59
N ALA I 73 -23.62 -59.87 -14.53
CA ALA I 73 -23.43 -61.00 -13.64
C ALA I 73 -24.76 -61.61 -13.21
N ARG I 74 -24.76 -62.93 -13.10
CA ARG I 74 -25.85 -63.64 -12.43
C ARG I 74 -25.35 -64.14 -11.08
N VAL I 75 -25.95 -63.62 -10.02
CA VAL I 75 -25.59 -64.01 -8.66
C VAL I 75 -26.61 -65.02 -8.12
N SER I 76 -26.12 -66.19 -7.71
CA SER I 76 -26.97 -67.25 -7.16
C SER I 76 -27.45 -66.90 -5.76
N LEU I 77 -28.73 -67.17 -5.49
CA LEU I 77 -29.35 -66.81 -4.23
C LEU I 77 -29.63 -68.05 -3.38
N PRO I 78 -29.70 -67.89 -2.04
CA PRO I 78 -30.07 -68.99 -1.15
C PRO I 78 -31.37 -69.65 -1.63
N MET I 79 -31.34 -70.98 -1.76
CA MET I 79 -32.49 -71.73 -2.26
C MET I 79 -33.64 -71.68 -1.24
N LEU I 80 -34.87 -71.70 -1.75
CA LEU I 80 -36.03 -71.44 -0.91
C LEU I 80 -37.02 -72.59 -0.86
N ASN I 81 -37.16 -73.32 -1.98
CA ASN I 81 -38.15 -74.38 -2.08
C ASN I 81 -37.52 -75.74 -2.37
N THR I 88 -47.79 -72.96 -5.48
CA THR I 88 -47.37 -71.81 -4.70
C THR I 88 -45.97 -72.00 -4.11
N LEU I 89 -45.14 -70.96 -4.22
CA LEU I 89 -43.73 -71.05 -3.79
C LEU I 89 -43.14 -69.70 -3.42
N GLN I 90 -41.95 -69.72 -2.84
CA GLN I 90 -41.24 -68.49 -2.48
C GLN I 90 -40.21 -68.07 -3.52
N MET I 91 -40.05 -66.75 -3.68
CA MET I 91 -39.07 -66.18 -4.60
C MET I 91 -38.44 -64.96 -3.95
N TRP I 92 -37.15 -64.78 -4.19
CA TRP I 92 -36.46 -63.56 -3.78
C TRP I 92 -36.94 -62.39 -4.63
N GLU I 93 -37.26 -61.29 -3.95
CA GLU I 93 -37.73 -60.07 -4.59
C GLU I 93 -36.77 -58.94 -4.30
N ALA I 94 -36.16 -58.39 -5.34
CA ALA I 94 -35.26 -57.25 -5.21
C ALA I 94 -36.05 -55.97 -4.95
N ILE I 95 -35.88 -55.39 -3.77
CA ILE I 95 -36.68 -54.23 -3.38
C ILE I 95 -35.96 -52.89 -3.45
N SER I 96 -34.64 -52.91 -3.29
CA SER I 96 -33.82 -51.71 -3.41
C SER I 96 -32.37 -52.04 -3.73
N VAL I 97 -31.65 -51.06 -4.26
CA VAL I 97 -30.23 -51.18 -4.52
C VAL I 97 -29.53 -49.87 -4.14
N LYS I 98 -28.34 -50.01 -3.56
CA LYS I 98 -27.37 -48.92 -3.48
C LYS I 98 -26.32 -49.23 -4.53
N THR I 99 -26.15 -48.34 -5.50
CA THR I 99 -25.11 -48.54 -6.51
C THR I 99 -24.21 -47.33 -6.64
N GLU I 100 -22.95 -47.57 -6.95
CA GLU I 100 -21.99 -46.48 -7.08
C GLU I 100 -20.96 -46.77 -8.17
N VAL I 101 -20.66 -45.75 -8.98
CA VAL I 101 -19.51 -45.81 -9.87
C VAL I 101 -18.21 -45.61 -9.05
N VAL I 102 -17.30 -46.57 -9.18
CA VAL I 102 -16.07 -46.62 -8.38
C VAL I 102 -14.88 -45.96 -9.11
N GLY I 103 -13.97 -45.36 -8.36
CA GLY I 103 -12.77 -44.75 -8.93
C GLY I 103 -13.00 -43.45 -9.68
N ILE I 104 -14.10 -42.77 -9.38
CA ILE I 104 -14.37 -41.46 -9.98
C ILE I 104 -13.20 -40.48 -9.76
N SER I 105 -12.65 -40.46 -8.55
CA SER I 105 -11.55 -39.57 -8.19
C SER I 105 -10.26 -39.73 -9.04
N SER I 106 -10.08 -40.91 -9.62
CA SER I 106 -8.92 -41.17 -10.46
C SER I 106 -8.85 -40.23 -11.65
N LEU I 107 -10.01 -39.70 -12.04
CA LEU I 107 -10.12 -38.89 -13.25
C LEU I 107 -9.61 -37.45 -13.09
N ILE I 108 -9.10 -37.11 -11.90
CA ILE I 108 -8.51 -35.78 -11.72
C ILE I 108 -7.08 -35.73 -12.25
N ASN I 109 -6.57 -36.89 -12.65
CA ASN I 109 -5.22 -37.01 -13.20
C ASN I 109 -5.12 -36.34 -14.57
N VAL I 110 -4.44 -35.20 -14.60
CA VAL I 110 -4.21 -34.44 -15.83
C VAL I 110 -2.71 -34.39 -16.19
N HIS I 111 -1.99 -35.43 -15.75
CA HIS I 111 -0.55 -35.55 -15.95
C HIS I 111 -0.13 -36.96 -16.44
N TYR I 112 -1.08 -37.74 -16.95
CA TYR I 112 -0.74 -38.99 -17.62
C TYR I 112 0.32 -38.70 -18.70
N TRP I 113 1.35 -39.55 -18.77
CA TRP I 113 2.55 -39.23 -19.53
C TRP I 113 2.29 -38.93 -21.01
N ASP I 114 1.32 -39.62 -21.61
CA ASP I 114 1.01 -39.43 -23.03
C ASP I 114 -0.29 -38.64 -23.26
N MET I 115 -0.61 -37.75 -22.32
CA MET I 115 -1.83 -36.97 -22.40
C MET I 115 -1.62 -35.72 -23.24
N LYS I 116 -2.46 -35.53 -24.25
CA LYS I 116 -2.49 -34.30 -25.04
C LYS I 116 -2.73 -33.10 -24.11
N ARG I 117 -1.91 -32.07 -24.24
CA ARG I 117 -2.00 -30.89 -23.40
C ARG I 117 -3.05 -29.94 -23.98
N VAL I 118 -3.73 -29.20 -23.10
N VAL I 118 -3.74 -29.19 -23.12
CA VAL I 118 -4.80 -28.29 -23.53
CA VAL I 118 -4.81 -28.30 -23.58
C VAL I 118 -4.25 -27.13 -24.36
C VAL I 118 -4.27 -27.08 -24.33
N HIS I 119 -3.00 -26.75 -24.10
CA HIS I 119 -2.25 -25.76 -24.88
C HIS I 119 -0.76 -25.99 -24.53
N ASP I 120 0.15 -25.28 -25.19
CA ASP I 120 1.58 -25.44 -24.97
C ASP I 120 1.95 -25.26 -23.50
N TYR I 121 2.68 -26.24 -22.96
CA TYR I 121 3.17 -26.24 -21.56
C TYR I 121 2.07 -26.41 -20.50
N GLY I 122 0.84 -26.65 -20.94
CA GLY I 122 -0.30 -26.78 -20.04
C GLY I 122 -0.53 -28.19 -19.54
N ALA I 123 -1.56 -28.35 -18.71
CA ALA I 123 -1.93 -29.67 -18.19
C ALA I 123 -2.61 -30.49 -19.27
N GLY I 124 -2.73 -31.79 -19.06
CA GLY I 124 -3.39 -32.68 -20.01
C GLY I 124 -4.89 -32.44 -20.09
N ILE I 125 -5.49 -32.70 -21.25
CA ILE I 125 -6.95 -32.69 -21.39
C ILE I 125 -7.54 -33.81 -20.51
N PRO I 126 -8.32 -33.44 -19.48
CA PRO I 126 -8.83 -34.48 -18.60
C PRO I 126 -9.75 -35.46 -19.34
N VAL I 127 -9.91 -36.66 -18.79
CA VAL I 127 -10.89 -37.60 -19.33
C VAL I 127 -12.27 -36.92 -19.36
N SER I 128 -12.80 -36.76 -20.57
N SER I 128 -12.78 -36.71 -20.58
CA SER I 128 -14.03 -36.03 -20.83
CA SER I 128 -14.01 -35.98 -20.84
C SER I 128 -14.61 -36.46 -22.18
C SER I 128 -14.61 -36.45 -22.17
N GLY I 129 -15.80 -35.95 -22.50
CA GLY I 129 -16.46 -36.28 -23.77
C GLY I 129 -17.60 -37.27 -23.63
N VAL I 130 -17.60 -38.30 -24.46
CA VAL I 130 -18.72 -39.25 -24.51
C VAL I 130 -18.90 -39.98 -23.17
N ASN I 131 -20.09 -39.88 -22.60
CA ASN I 131 -20.46 -40.66 -21.43
C ASN I 131 -21.68 -41.49 -21.74
N TYR I 132 -21.72 -42.69 -21.18
CA TYR I 132 -22.87 -43.57 -21.27
C TYR I 132 -22.93 -44.33 -19.96
N HIS I 133 -24.03 -44.15 -19.23
CA HIS I 133 -24.17 -44.72 -17.88
C HIS I 133 -25.53 -45.39 -17.71
N MET I 134 -25.51 -46.69 -17.46
CA MET I 134 -26.74 -47.41 -17.20
C MET I 134 -26.51 -48.50 -16.17
N PHE I 135 -27.54 -48.81 -15.39
CA PHE I 135 -27.52 -50.04 -14.60
C PHE I 135 -28.91 -50.66 -14.59
N ALA I 136 -28.94 -51.97 -14.38
CA ALA I 136 -30.18 -52.72 -14.37
C ALA I 136 -30.09 -53.84 -13.33
N ILE I 137 -31.20 -54.04 -12.61
CA ILE I 137 -31.36 -55.15 -11.67
C ILE I 137 -32.59 -55.94 -12.12
N GLY I 138 -32.46 -57.26 -12.25
CA GLY I 138 -33.59 -58.07 -12.70
C GLY I 138 -33.59 -59.50 -12.21
N GLY I 139 -34.73 -60.16 -12.37
CA GLY I 139 -34.89 -61.57 -11.98
C GLY I 139 -34.66 -62.53 -13.14
N GLU I 140 -34.08 -62.00 -14.21
CA GLU I 140 -33.79 -62.72 -15.45
C GLU I 140 -32.96 -61.79 -16.32
N PRO I 141 -32.33 -62.31 -17.40
CA PRO I 141 -31.50 -61.42 -18.23
C PRO I 141 -32.28 -60.20 -18.76
N LEU I 142 -31.59 -59.07 -18.84
CA LEU I 142 -32.12 -57.87 -19.46
C LEU I 142 -32.38 -58.08 -20.94
N ASP I 143 -33.57 -57.68 -21.38
CA ASP I 143 -33.95 -57.71 -22.79
C ASP I 143 -33.30 -56.58 -23.58
N LEU I 144 -32.71 -56.92 -24.72
CA LEU I 144 -32.01 -55.95 -25.56
C LEU I 144 -32.66 -55.73 -26.91
N GLN I 145 -32.64 -54.47 -27.36
CA GLN I 145 -33.07 -54.12 -28.70
C GLN I 145 -31.84 -53.66 -29.47
N GLY I 146 -31.72 -54.18 -30.70
CA GLY I 146 -30.64 -53.82 -31.60
C GLY I 146 -30.96 -52.62 -32.47
N LEU I 147 -30.03 -51.67 -32.51
CA LEU I 147 -30.15 -50.50 -33.37
C LEU I 147 -28.76 -49.90 -33.51
N VAL I 148 -28.32 -49.69 -34.75
CA VAL I 148 -26.98 -49.19 -35.05
C VAL I 148 -27.00 -47.90 -35.86
N LEU I 149 -25.91 -47.13 -35.73
CA LEU I 149 -25.74 -45.90 -36.48
C LEU I 149 -25.66 -46.16 -37.99
N ASP I 150 -25.00 -47.26 -38.36
CA ASP I 150 -24.74 -47.56 -39.75
C ASP I 150 -24.89 -49.07 -39.96
N TYR I 151 -25.88 -49.44 -40.77
CA TYR I 151 -26.20 -50.85 -41.02
C TYR I 151 -25.11 -51.52 -41.87
N GLN I 152 -24.30 -50.72 -42.53
CA GLN I 152 -23.22 -51.23 -43.37
C GLN I 152 -21.95 -51.58 -42.58
N THR I 153 -21.90 -51.17 -41.30
CA THR I 153 -20.81 -51.55 -40.41
C THR I 153 -20.63 -53.08 -40.39
N GLN I 154 -19.38 -53.51 -40.58
CA GLN I 154 -19.03 -54.93 -40.55
C GLN I 154 -18.35 -55.28 -39.23
N TYR I 155 -19.17 -55.71 -38.27
CA TYR I 155 -18.68 -56.11 -36.95
C TYR I 155 -18.04 -57.50 -37.04
N PRO I 156 -17.05 -57.79 -36.17
CA PRO I 156 -16.40 -59.11 -36.22
C PRO I 156 -17.41 -60.23 -36.03
N LYS I 157 -17.38 -61.23 -36.92
CA LYS I 157 -18.32 -62.36 -36.88
C LYS I 157 -18.27 -63.13 -35.57
N GLY I 162 -15.53 -62.92 -29.11
CA GLY I 162 -16.16 -62.31 -30.29
C GLY I 162 -17.54 -61.78 -29.96
N PRO I 163 -17.81 -60.50 -30.30
CA PRO I 163 -19.06 -59.83 -29.92
C PRO I 163 -20.29 -60.40 -30.62
N ILE I 164 -21.43 -60.38 -29.92
CA ILE I 164 -22.70 -60.78 -30.50
C ILE I 164 -23.39 -59.50 -30.98
N THR I 165 -23.67 -59.44 -32.28
CA THR I 165 -24.30 -58.24 -32.88
C THR I 165 -25.58 -58.65 -33.62
N ILE I 166 -26.21 -57.71 -34.32
CA ILE I 166 -27.49 -57.98 -34.99
C ILE I 166 -27.39 -59.09 -36.05
N GLU I 167 -26.27 -59.13 -36.77
CA GLU I 167 -26.02 -60.20 -37.75
C GLU I 167 -25.91 -61.57 -37.10
N THR I 168 -25.33 -61.63 -35.90
CA THR I 168 -25.22 -62.87 -35.16
C THR I 168 -26.62 -63.40 -34.87
N VAL I 169 -27.47 -62.54 -34.31
CA VAL I 169 -28.82 -62.93 -33.92
C VAL I 169 -29.70 -63.27 -35.13
N LEU I 170 -29.65 -62.44 -36.16
CA LEU I 170 -30.52 -62.62 -37.33
C LEU I 170 -30.14 -63.82 -38.19
N GLY I 171 -28.85 -64.15 -38.24
CA GLY I 171 -28.35 -65.21 -39.11
C GLY I 171 -28.23 -64.76 -40.55
N ARG I 172 -28.23 -63.44 -40.74
CA ARG I 172 -28.09 -62.79 -42.05
C ARG I 172 -27.65 -61.34 -41.87
N LYS I 173 -27.24 -60.70 -42.96
CA LYS I 173 -26.73 -59.33 -42.93
C LYS I 173 -27.80 -58.31 -42.51
N MET I 174 -27.36 -57.27 -41.81
CA MET I 174 -28.21 -56.11 -41.51
C MET I 174 -28.70 -55.42 -42.78
N THR I 175 -29.90 -54.86 -42.72
CA THR I 175 -30.47 -54.06 -43.81
C THR I 175 -30.70 -52.64 -43.28
N PRO I 176 -31.05 -51.68 -44.16
CA PRO I 176 -31.30 -50.31 -43.67
C PRO I 176 -32.28 -50.18 -42.49
N LYS I 177 -33.22 -51.11 -42.32
CA LYS I 177 -34.16 -51.00 -41.19
C LYS I 177 -33.51 -51.08 -39.78
N ASN I 178 -32.31 -51.65 -39.71
CA ASN I 178 -31.56 -51.77 -38.45
C ASN I 178 -30.90 -50.48 -37.98
N GLN I 179 -31.08 -49.42 -38.77
CA GLN I 179 -30.79 -48.06 -38.33
C GLN I 179 -32.00 -47.49 -37.58
N GLY I 180 -33.13 -48.17 -37.70
CA GLY I 180 -34.32 -47.88 -36.89
C GLY I 180 -34.64 -49.06 -35.99
N LEU I 181 -35.90 -49.17 -35.58
CA LEU I 181 -36.33 -50.27 -34.71
C LEU I 181 -36.87 -51.43 -35.53
N ASP I 182 -36.10 -52.52 -35.55
CA ASP I 182 -36.48 -53.76 -36.24
C ASP I 182 -36.82 -54.78 -35.14
N PRO I 183 -38.10 -55.19 -35.06
CA PRO I 183 -38.56 -56.07 -33.98
C PRO I 183 -37.88 -57.45 -33.94
N GLN I 184 -37.23 -57.85 -35.03
CA GLN I 184 -36.49 -59.11 -35.01
C GLN I 184 -35.08 -58.97 -34.43
N ALA I 185 -34.59 -57.72 -34.33
CA ALA I 185 -33.28 -57.45 -33.74
C ALA I 185 -33.38 -57.38 -32.22
N LYS I 186 -33.42 -58.56 -31.60
CA LYS I 186 -33.56 -58.66 -30.16
C LYS I 186 -32.58 -59.68 -29.59
N ALA I 187 -32.21 -59.48 -28.34
CA ALA I 187 -31.30 -60.40 -27.65
C ALA I 187 -31.49 -60.31 -26.13
N LYS I 188 -30.79 -61.18 -25.42
CA LYS I 188 -30.79 -61.17 -23.97
C LYS I 188 -29.37 -60.99 -23.49
N LEU I 189 -29.20 -60.09 -22.53
CA LEU I 189 -27.90 -59.84 -21.94
C LEU I 189 -27.49 -61.00 -21.02
N ASP I 190 -26.99 -62.08 -21.63
CA ASP I 190 -26.63 -63.27 -20.87
C ASP I 190 -25.12 -63.57 -20.83
N LYS I 191 -24.29 -62.62 -21.27
CA LYS I 191 -22.83 -62.80 -21.29
C LYS I 191 -22.04 -61.52 -21.05
N ASP I 192 -21.11 -61.58 -20.09
CA ASP I 192 -20.26 -60.44 -19.73
C ASP I 192 -19.33 -60.05 -20.89
N GLY I 193 -19.27 -58.76 -21.16
CA GLY I 193 -18.35 -58.22 -22.15
C GLY I 193 -18.52 -58.73 -23.57
N ASN I 194 -19.73 -59.13 -23.93
CA ASN I 194 -20.01 -59.73 -25.24
C ASN I 194 -21.00 -58.98 -26.15
N TYR I 195 -21.87 -58.16 -25.57
CA TYR I 195 -22.87 -57.44 -26.33
C TYR I 195 -22.48 -55.97 -26.37
N PRO I 196 -22.07 -55.46 -27.56
CA PRO I 196 -21.63 -54.07 -27.70
C PRO I 196 -22.70 -53.03 -27.38
N ILE I 197 -22.29 -51.98 -26.69
CA ILE I 197 -23.16 -50.86 -26.33
C ILE I 197 -23.69 -50.10 -27.56
N GLU I 198 -22.87 -49.99 -28.61
CA GLU I 198 -23.25 -49.22 -29.80
C GLU I 198 -24.25 -49.95 -30.69
N VAL I 199 -24.53 -51.20 -30.35
CA VAL I 199 -25.44 -52.05 -31.11
C VAL I 199 -26.73 -52.31 -30.32
N TRP I 200 -26.55 -52.59 -29.02
CA TRP I 200 -27.64 -53.04 -28.16
C TRP I 200 -28.05 -52.01 -27.11
N CYS I 201 -29.36 -51.86 -26.91
CA CYS I 201 -29.90 -51.00 -25.87
C CYS I 201 -30.97 -51.79 -25.09
N PRO I 202 -31.38 -51.31 -23.90
CA PRO I 202 -32.46 -52.05 -23.23
C PRO I 202 -33.76 -51.97 -24.04
N ASP I 203 -34.43 -53.12 -24.21
CA ASP I 203 -35.71 -53.20 -24.90
C ASP I 203 -36.87 -52.78 -23.97
N PRO I 204 -37.51 -51.62 -24.25
CA PRO I 204 -38.57 -51.13 -23.37
C PRO I 204 -39.90 -51.86 -23.55
N SER I 205 -40.02 -52.64 -24.63
CA SER I 205 -41.24 -53.40 -24.92
C SER I 205 -41.30 -54.69 -24.11
N LYS I 206 -40.19 -55.03 -23.47
CA LYS I 206 -40.11 -56.20 -22.63
C LYS I 206 -39.59 -55.78 -21.25
N ASN I 207 -38.64 -56.52 -20.68
CA ASN I 207 -38.05 -56.15 -19.38
C ASN I 207 -39.04 -55.89 -18.24
N GLU I 208 -40.12 -56.68 -18.21
CA GLU I 208 -41.15 -56.54 -17.17
C GLU I 208 -40.61 -56.90 -15.78
N ASN I 209 -39.64 -57.82 -15.77
CA ASN I 209 -39.04 -58.32 -14.55
C ASN I 209 -37.64 -57.75 -14.30
N SER I 210 -37.37 -56.59 -14.89
CA SER I 210 -36.14 -55.85 -14.65
C SER I 210 -36.42 -54.36 -14.43
N ARG I 211 -35.52 -53.71 -13.70
CA ARG I 211 -35.54 -52.26 -13.61
C ARG I 211 -34.22 -51.75 -14.21
N TYR I 212 -34.30 -50.86 -15.19
CA TYR I 212 -33.09 -50.25 -15.73
C TYR I 212 -33.13 -48.72 -15.78
N TYR I 213 -31.96 -48.11 -15.65
CA TYR I 213 -31.82 -46.65 -15.58
C TYR I 213 -30.57 -46.32 -16.36
N GLY I 214 -30.65 -45.32 -17.23
CA GLY I 214 -29.55 -45.01 -18.14
C GLY I 214 -29.52 -43.59 -18.69
N SER I 215 -28.34 -43.18 -19.12
CA SER I 215 -28.18 -41.87 -19.73
C SER I 215 -27.02 -41.87 -20.72
N ILE I 216 -27.08 -40.95 -21.69
CA ILE I 216 -25.95 -40.69 -22.60
C ILE I 216 -25.59 -39.22 -22.58
N GLN I 217 -24.35 -38.95 -22.94
CA GLN I 217 -23.88 -37.59 -23.13
C GLN I 217 -22.87 -37.61 -24.27
N THR I 218 -23.17 -36.88 -25.35
CA THR I 218 -22.27 -36.79 -26.51
C THR I 218 -21.48 -35.47 -26.49
N GLY I 219 -20.68 -35.22 -27.53
CA GLY I 219 -19.70 -34.12 -27.53
C GLY I 219 -18.32 -34.70 -27.30
N SER I 220 -17.29 -34.03 -27.78
CA SER I 220 -15.92 -34.57 -27.70
C SER I 220 -15.19 -34.28 -26.39
N GLN I 221 -15.39 -33.07 -25.86
CA GLN I 221 -14.72 -32.64 -24.63
C GLN I 221 -15.68 -32.23 -23.51
N THR I 222 -16.94 -32.67 -23.65
CA THR I 222 -18.00 -32.43 -22.66
C THR I 222 -17.58 -32.90 -21.26
N PRO I 223 -17.71 -31.99 -20.26
CA PRO I 223 -17.28 -32.34 -18.92
C PRO I 223 -17.94 -33.63 -18.45
N THR I 224 -17.13 -34.51 -17.88
CA THR I 224 -17.65 -35.66 -17.17
C THR I 224 -18.04 -35.20 -15.77
N VAL I 225 -19.34 -35.32 -15.49
CA VAL I 225 -19.93 -34.83 -14.26
C VAL I 225 -20.65 -36.00 -13.61
N LEU I 226 -20.11 -36.46 -12.48
CA LEU I 226 -20.60 -37.66 -11.80
C LEU I 226 -20.66 -37.45 -10.29
N GLN I 227 -21.63 -38.10 -9.65
CA GLN I 227 -21.73 -38.08 -8.18
C GLN I 227 -21.50 -39.44 -7.54
N PHE I 228 -21.12 -39.39 -6.28
CA PHE I 228 -21.00 -40.59 -5.46
C PHE I 228 -21.33 -40.27 -4.00
N SER I 229 -22.19 -41.11 -3.44
CA SER I 229 -22.56 -41.04 -2.03
C SER I 229 -23.11 -42.38 -1.57
N ASN I 230 -22.78 -42.78 -0.34
CA ASN I 230 -23.33 -44.00 0.22
C ASN I 230 -24.70 -43.81 0.87
N THR I 231 -25.32 -42.66 0.62
CA THR I 231 -26.65 -42.37 1.12
C THR I 231 -27.75 -42.46 0.05
N LEU I 232 -27.36 -42.75 -1.19
CA LEU I 232 -28.31 -42.81 -2.31
C LEU I 232 -28.84 -44.23 -2.55
N THR I 233 -30.14 -44.40 -2.37
CA THR I 233 -30.82 -45.68 -2.57
C THR I 233 -31.80 -45.59 -3.75
N THR I 234 -31.80 -46.60 -4.62
CA THR I 234 -32.83 -46.74 -5.64
C THR I 234 -33.85 -47.79 -5.19
N VAL I 235 -35.11 -47.37 -5.07
CA VAL I 235 -36.22 -48.28 -4.79
C VAL I 235 -36.59 -49.03 -6.06
N LEU I 236 -36.58 -50.36 -5.99
CA LEU I 236 -36.81 -51.21 -7.16
C LEU I 236 -38.26 -51.64 -7.34
N LEU I 237 -39.12 -51.25 -6.40
CA LEU I 237 -40.54 -51.62 -6.44
C LEU I 237 -41.28 -50.94 -7.59
N ASP I 238 -42.18 -51.69 -8.24
CA ASP I 238 -43.01 -51.10 -9.29
C ASP I 238 -44.19 -50.30 -8.70
N GLU I 239 -45.05 -49.78 -9.58
CA GLU I 239 -46.22 -49.00 -9.18
C GLU I 239 -47.21 -49.79 -8.31
N ASN I 240 -47.12 -51.12 -8.34
CA ASN I 240 -47.91 -51.99 -7.46
C ASN I 240 -47.18 -52.45 -6.19
N GLY I 241 -45.96 -51.97 -6.00
CA GLY I 241 -45.14 -52.33 -4.84
C GLY I 241 -44.46 -53.69 -4.97
N VAL I 242 -44.13 -54.08 -6.21
CA VAL I 242 -43.47 -55.35 -6.48
C VAL I 242 -42.14 -55.13 -7.22
N GLY I 243 -41.07 -55.69 -6.69
CA GLY I 243 -39.77 -55.62 -7.33
C GLY I 243 -39.55 -56.83 -8.22
N PRO I 244 -38.44 -56.86 -8.97
CA PRO I 244 -38.10 -58.04 -9.79
C PRO I 244 -38.12 -59.32 -8.97
N LEU I 245 -38.66 -60.39 -9.57
CA LEU I 245 -38.74 -61.67 -8.91
C LEU I 245 -37.72 -62.62 -9.54
N CYS I 246 -36.83 -63.16 -8.71
CA CYS I 246 -35.68 -63.91 -9.20
C CYS I 246 -36.03 -65.36 -9.55
N LYS I 247 -36.33 -65.57 -10.83
CA LYS I 247 -36.68 -66.87 -11.36
C LYS I 247 -35.47 -67.78 -11.32
N GLY I 248 -35.66 -68.96 -10.74
CA GLY I 248 -34.57 -69.93 -10.57
C GLY I 248 -33.52 -69.48 -9.57
N ASP I 249 -33.89 -68.54 -8.70
CA ASP I 249 -33.01 -68.03 -7.63
C ASP I 249 -31.75 -67.34 -8.16
N GLY I 250 -31.89 -66.65 -9.29
CA GLY I 250 -30.80 -65.88 -9.88
C GLY I 250 -31.11 -64.39 -9.94
N LEU I 251 -30.23 -63.58 -9.35
CA LEU I 251 -30.31 -62.12 -9.48
C LEU I 251 -29.39 -61.66 -10.62
N PHE I 252 -29.96 -60.91 -11.57
CA PHE I 252 -29.20 -60.43 -12.72
C PHE I 252 -28.86 -58.96 -12.57
N ILE I 253 -27.58 -58.66 -12.70
CA ILE I 253 -27.07 -57.30 -12.54
C ILE I 253 -26.27 -56.90 -13.78
N SER I 254 -26.64 -55.77 -14.39
CA SER I 254 -26.06 -55.36 -15.66
C SER I 254 -25.73 -53.88 -15.61
N CYS I 255 -24.63 -53.48 -16.26
CA CYS I 255 -24.27 -52.06 -16.33
C CYS I 255 -23.26 -51.68 -17.43
N ALA I 256 -23.09 -50.37 -17.59
CA ALA I 256 -22.09 -49.79 -18.48
C ALA I 256 -21.79 -48.39 -17.97
N ASP I 257 -20.50 -48.05 -17.91
CA ASP I 257 -20.10 -46.73 -17.43
C ASP I 257 -18.89 -46.16 -18.19
N ILE I 258 -19.16 -45.68 -19.40
CA ILE I 258 -18.17 -44.96 -20.20
C ILE I 258 -18.03 -43.56 -19.61
N VAL I 259 -16.80 -43.19 -19.23
CA VAL I 259 -16.60 -41.91 -18.51
C VAL I 259 -15.87 -40.84 -19.33
N GLY I 260 -15.56 -41.19 -20.58
CA GLY I 260 -15.01 -40.24 -21.54
C GLY I 260 -13.80 -40.74 -22.27
N PHE I 261 -13.17 -39.83 -23.01
CA PHE I 261 -11.97 -40.12 -23.78
C PHE I 261 -10.69 -39.83 -23.01
N LEU I 262 -9.70 -40.69 -23.22
CA LEU I 262 -8.31 -40.34 -22.95
C LEU I 262 -7.69 -39.72 -24.23
N PHE I 263 -7.31 -38.46 -24.13
CA PHE I 263 -6.74 -37.71 -25.24
C PHE I 263 -5.23 -37.88 -25.26
N LYS I 264 -4.73 -38.64 -26.23
CA LYS I 264 -3.29 -38.89 -26.37
C LYS I 264 -2.57 -37.78 -27.18
N THR I 265 -1.29 -37.58 -26.86
CA THR I 265 -0.41 -36.59 -27.50
C THR I 265 -0.53 -36.53 -29.02
N SER I 266 -0.59 -37.72 -29.65
CA SER I 266 -0.67 -37.85 -31.11
C SER I 266 -1.98 -37.35 -31.73
N GLY I 267 -3.01 -37.15 -30.91
CA GLY I 267 -4.35 -36.79 -31.39
C GLY I 267 -5.31 -37.97 -31.27
N LYS I 268 -4.75 -39.17 -31.18
CA LYS I 268 -5.55 -40.38 -31.01
C LYS I 268 -6.31 -40.34 -29.68
N MET I 269 -7.46 -41.01 -29.68
CA MET I 269 -8.41 -40.93 -28.58
C MET I 269 -8.95 -42.31 -28.29
N ALA I 270 -9.07 -42.63 -27.01
CA ALA I 270 -9.62 -43.91 -26.57
C ALA I 270 -10.68 -43.69 -25.49
N LEU I 271 -11.79 -44.41 -25.59
CA LEU I 271 -12.81 -44.36 -24.55
C LEU I 271 -12.38 -45.14 -23.31
N HIS I 272 -12.82 -44.64 -22.15
CA HIS I 272 -12.46 -45.19 -20.86
C HIS I 272 -13.73 -45.53 -20.07
N GLY I 273 -13.65 -46.54 -19.22
CA GLY I 273 -14.76 -46.93 -18.36
C GLY I 273 -14.32 -47.05 -16.91
N LEU I 274 -15.32 -47.10 -16.01
CA LEU I 274 -15.07 -47.28 -14.58
C LEU I 274 -15.91 -48.42 -14.02
N PRO I 275 -15.44 -49.07 -12.91
CA PRO I 275 -16.25 -50.14 -12.32
C PRO I 275 -17.49 -49.61 -11.63
N ARG I 276 -18.46 -50.49 -11.39
CA ARG I 276 -19.65 -50.10 -10.64
C ARG I 276 -19.90 -51.10 -9.52
N TYR I 277 -20.21 -50.58 -8.33
CA TYR I 277 -20.52 -51.39 -7.15
C TYR I 277 -22.04 -51.43 -6.94
N PHE I 278 -22.54 -52.56 -6.44
CA PHE I 278 -23.95 -52.78 -6.13
C PHE I 278 -24.14 -53.43 -4.75
N ASN I 279 -25.11 -52.92 -3.98
CA ASN I 279 -25.62 -53.62 -2.79
C ASN I 279 -27.13 -53.75 -2.90
N VAL I 280 -27.59 -54.95 -3.23
CA VAL I 280 -29.01 -55.20 -3.46
C VAL I 280 -29.67 -55.80 -2.23
N THR I 281 -30.76 -55.19 -1.78
CA THR I 281 -31.57 -55.76 -0.70
C THR I 281 -32.71 -56.55 -1.32
N LEU I 282 -32.91 -57.76 -0.82
CA LEU I 282 -33.98 -58.62 -1.31
C LEU I 282 -34.79 -59.19 -0.15
N ARG I 283 -36.05 -59.51 -0.42
CA ARG I 283 -36.95 -60.14 0.56
C ARG I 283 -37.66 -61.33 -0.06
N LYS I 284 -38.09 -62.26 0.80
CA LYS I 284 -38.81 -63.44 0.32
C LYS I 284 -40.25 -63.05 0.05
N ARG I 285 -40.82 -63.63 -1.00
CA ARG I 285 -42.15 -63.29 -1.48
C ARG I 285 -42.87 -64.54 -1.95
N TRP I 286 -44.11 -64.73 -1.49
CA TRP I 286 -44.97 -65.82 -1.95
C TRP I 286 -45.47 -65.54 -3.35
N VAL I 287 -45.41 -66.55 -4.21
CA VAL I 287 -45.91 -66.46 -5.59
C VAL I 287 -46.59 -67.75 -6.04
N LYS I 288 -47.54 -67.62 -6.96
CA LYS I 288 -48.32 -68.76 -7.46
C LYS I 288 -48.01 -69.08 -8.92
N GLU J 10 -25.62 -53.77 18.97
CA GLU J 10 -27.03 -53.32 18.84
C GLU J 10 -27.21 -51.90 19.36
N VAL J 11 -28.00 -51.12 18.62
CA VAL J 11 -28.28 -49.72 18.97
C VAL J 11 -29.58 -49.62 19.76
N LEU J 12 -29.48 -49.09 20.97
CA LEU J 12 -30.65 -48.94 21.83
C LEU J 12 -31.21 -47.54 21.69
N SER J 13 -31.86 -47.05 22.74
CA SER J 13 -32.57 -45.79 22.67
C SER J 13 -31.64 -44.58 22.74
N VAL J 14 -32.11 -43.48 22.18
CA VAL J 14 -31.48 -42.18 22.35
C VAL J 14 -31.53 -41.79 23.84
N VAL J 15 -30.39 -41.33 24.36
CA VAL J 15 -30.29 -40.85 25.74
C VAL J 15 -31.09 -39.56 25.93
N THR J 16 -31.82 -39.47 27.04
CA THR J 16 -32.51 -38.24 27.41
C THR J 16 -31.77 -37.54 28.56
N GLY J 17 -31.99 -36.24 28.71
CA GLY J 17 -31.33 -35.46 29.77
C GLY J 17 -30.77 -34.13 29.30
N GLU J 18 -30.31 -33.33 30.27
CA GLU J 18 -29.87 -31.96 30.03
C GLU J 18 -28.72 -31.82 29.04
N ASP J 19 -27.69 -32.65 29.19
CA ASP J 19 -26.51 -32.56 28.34
C ASP J 19 -26.44 -33.74 27.37
N SER J 20 -27.46 -33.89 26.54
CA SER J 20 -27.54 -34.99 25.59
C SER J 20 -27.04 -34.62 24.18
N ILE J 21 -27.12 -33.34 23.84
CA ILE J 21 -26.71 -32.84 22.52
C ILE J 21 -25.43 -32.00 22.63
N THR J 22 -24.51 -32.17 21.68
CA THR J 22 -23.32 -31.33 21.58
C THR J 22 -22.99 -30.95 20.13
N GLN J 23 -22.33 -29.80 19.96
N GLN J 23 -22.32 -29.81 19.97
CA GLN J 23 -21.94 -29.32 18.63
CA GLN J 23 -21.91 -29.29 18.67
C GLN J 23 -20.42 -29.28 18.49
C GLN J 23 -20.40 -29.34 18.53
N ILE J 24 -19.92 -29.77 17.36
CA ILE J 24 -18.50 -29.80 17.06
C ILE J 24 -18.20 -28.94 15.84
N GLU J 25 -17.36 -27.93 16.03
CA GLU J 25 -16.94 -27.02 14.96
C GLU J 25 -15.48 -27.27 14.59
N LEU J 26 -15.18 -27.14 13.31
CA LEU J 26 -13.81 -27.17 12.81
C LEU J 26 -13.74 -26.75 11.35
N TYR J 27 -12.53 -26.46 10.91
CA TYR J 27 -12.25 -26.28 9.48
C TYR J 27 -11.07 -27.13 9.08
N LEU J 28 -11.06 -27.49 7.81
CA LEU J 28 -9.94 -28.21 7.24
C LEU J 28 -9.39 -27.44 6.03
N ASN J 29 -8.12 -27.06 6.13
CA ASN J 29 -7.41 -26.39 5.03
C ASN J 29 -6.99 -27.42 3.98
N PRO J 30 -6.98 -27.02 2.70
CA PRO J 30 -6.78 -27.99 1.62
C PRO J 30 -5.34 -28.53 1.57
N ARG J 31 -5.21 -29.77 1.12
CA ARG J 31 -3.90 -30.37 1.00
C ARG J 31 -3.66 -30.70 -0.47
N MET J 32 -3.23 -29.69 -1.22
CA MET J 32 -3.18 -29.77 -2.67
C MET J 32 -1.86 -30.28 -3.20
N GLY J 33 -0.83 -30.31 -2.36
CA GLY J 33 0.51 -30.72 -2.78
C GLY J 33 1.57 -29.91 -2.06
N VAL J 34 1.40 -28.59 -2.08
CA VAL J 34 2.13 -27.69 -1.18
C VAL J 34 1.22 -27.54 0.04
N ASN J 35 1.49 -28.35 1.06
CA ASN J 35 0.55 -28.58 2.16
C ASN J 35 0.71 -27.71 3.41
N SER J 36 1.90 -27.16 3.63
CA SER J 36 2.18 -26.30 4.78
C SER J 36 2.35 -24.83 4.38
N PRO J 37 1.84 -23.91 5.21
CA PRO J 37 2.07 -22.48 5.00
C PRO J 37 3.29 -21.91 5.73
N ASP J 38 4.05 -22.77 6.42
CA ASP J 38 5.09 -22.32 7.35
C ASP J 38 6.53 -22.53 6.88
N LEU J 39 6.70 -23.23 5.76
CA LEU J 39 8.02 -23.47 5.17
C LEU J 39 8.43 -22.26 4.33
N PRO J 40 9.27 -21.37 4.91
CA PRO J 40 9.49 -20.03 4.35
C PRO J 40 10.26 -20.01 3.02
N THR J 41 10.31 -21.15 2.33
CA THR J 41 10.92 -21.26 1.01
C THR J 41 9.89 -21.55 -0.09
N THR J 42 8.95 -22.47 0.20
CA THR J 42 8.02 -23.01 -0.81
C THR J 42 6.54 -22.67 -0.57
N SER J 43 6.25 -22.02 0.56
CA SER J 43 4.89 -21.83 1.04
C SER J 43 4.02 -20.83 0.27
N ASN J 44 4.62 -20.12 -0.67
CA ASN J 44 3.87 -19.21 -1.53
CA ASN J 44 3.87 -19.21 -1.54
C ASN J 44 2.85 -19.96 -2.41
N TRP J 45 3.08 -21.26 -2.62
CA TRP J 45 2.15 -22.09 -3.39
C TRP J 45 1.19 -22.91 -2.54
N TYR J 46 1.16 -22.62 -1.25
CA TYR J 46 0.21 -23.23 -0.32
C TYR J 46 -1.21 -23.10 -0.87
N THR J 47 -1.95 -24.22 -0.82
CA THR J 47 -3.30 -24.38 -1.39
C THR J 47 -3.27 -24.59 -2.91
N TYR J 48 -2.08 -24.86 -3.46
CA TYR J 48 -1.92 -25.20 -4.87
C TYR J 48 -1.02 -26.40 -5.06
N THR J 49 -1.09 -26.99 -6.25
CA THR J 49 -0.10 -27.95 -6.73
C THR J 49 1.09 -27.20 -7.33
N TYR J 50 2.09 -27.93 -7.82
CA TYR J 50 3.09 -27.35 -8.70
C TYR J 50 2.53 -27.39 -10.12
N ASP J 51 3.37 -27.14 -11.11
CA ASP J 51 2.90 -27.11 -12.50
C ASP J 51 2.65 -28.53 -13.03
N LEU J 52 1.40 -28.76 -13.46
CA LEU J 52 0.94 -30.08 -13.92
C LEU J 52 1.09 -30.20 -15.42
N GLN J 53 1.98 -31.08 -15.85
CA GLN J 53 2.36 -31.13 -17.24
C GLN J 53 2.72 -32.56 -17.62
N PRO J 54 1.94 -33.19 -18.52
CA PRO J 54 2.29 -34.49 -19.07
C PRO J 54 3.68 -34.48 -19.68
N LYS J 55 4.52 -35.42 -19.26
CA LYS J 55 5.93 -35.47 -19.64
C LYS J 55 6.12 -35.72 -21.14
N GLY J 56 5.30 -36.59 -21.71
CA GLY J 56 5.45 -36.96 -23.11
C GLY J 56 6.30 -38.21 -23.25
N SER J 57 6.90 -38.65 -22.15
CA SER J 57 7.64 -39.91 -22.11
C SER J 57 7.25 -40.73 -20.87
N SER J 58 7.32 -42.06 -21.02
CA SER J 58 6.95 -43.00 -19.97
C SER J 58 8.12 -43.42 -19.10
N PRO J 59 7.87 -43.76 -17.81
CA PRO J 59 6.61 -43.69 -17.08
C PRO J 59 6.41 -42.32 -16.42
N ASP J 60 5.17 -42.02 -16.06
CA ASP J 60 4.89 -40.86 -15.24
C ASP J 60 5.49 -41.09 -13.85
N GLN J 61 6.24 -40.11 -13.37
CA GLN J 61 6.81 -40.13 -12.02
C GLN J 61 6.40 -38.87 -11.25
N PRO J 62 5.11 -38.76 -10.88
CA PRO J 62 4.61 -37.49 -10.33
C PRO J 62 5.25 -37.14 -9.00
N ILE J 63 5.45 -35.86 -8.74
CA ILE J 63 6.02 -35.42 -7.47
C ILE J 63 4.94 -35.25 -6.40
N LYS J 64 5.36 -35.19 -5.13
CA LYS J 64 4.43 -35.03 -4.03
C LYS J 64 3.59 -33.76 -4.18
N GLU J 65 4.21 -32.70 -4.69
CA GLU J 65 3.53 -31.40 -4.87
C GLU J 65 2.40 -31.43 -5.92
N ASN J 66 2.35 -32.45 -6.76
CA ASN J 66 1.35 -32.53 -7.82
C ASN J 66 0.26 -33.57 -7.53
N LEU J 67 0.14 -33.94 -6.26
CA LEU J 67 -0.84 -34.94 -5.82
C LEU J 67 -1.74 -34.42 -4.71
N PRO J 68 -2.78 -33.63 -5.05
CA PRO J 68 -3.80 -33.22 -4.08
C PRO J 68 -4.26 -34.42 -3.25
N ALA J 69 -4.40 -34.21 -1.95
CA ALA J 69 -4.72 -35.29 -1.05
C ALA J 69 -5.97 -34.96 -0.23
N TYR J 70 -6.54 -35.97 0.42
CA TYR J 70 -7.70 -35.72 1.30
C TYR J 70 -7.29 -34.99 2.57
N SER J 71 -8.15 -34.08 3.01
CA SER J 71 -8.05 -33.47 4.32
C SER J 71 -8.77 -34.39 5.30
N VAL J 72 -8.18 -34.59 6.48
CA VAL J 72 -8.73 -35.49 7.52
C VAL J 72 -8.40 -34.97 8.91
N ALA J 73 -9.36 -35.10 9.81
CA ALA J 73 -9.11 -34.84 11.22
C ALA J 73 -9.97 -35.76 12.06
N ARG J 74 -9.37 -36.27 13.14
CA ARG J 74 -10.11 -36.98 14.15
C ARG J 74 -10.36 -35.97 15.25
N VAL J 75 -11.64 -35.76 15.56
CA VAL J 75 -12.02 -34.89 16.66
C VAL J 75 -12.28 -35.75 17.90
N SER J 76 -11.55 -35.46 18.97
CA SER J 76 -11.76 -36.10 20.27
C SER J 76 -12.98 -35.53 20.98
N LEU J 77 -13.90 -36.41 21.38
CA LEU J 77 -15.18 -35.98 21.97
C LEU J 77 -15.17 -36.14 23.49
N PRO J 78 -16.12 -35.46 24.20
CA PRO J 78 -16.24 -35.68 25.65
C PRO J 78 -16.50 -37.15 25.97
N MET J 79 -15.66 -37.74 26.82
CA MET J 79 -15.79 -39.15 27.23
C MET J 79 -17.11 -39.38 27.97
N LEU J 80 -17.65 -40.59 27.87
CA LEU J 80 -19.00 -40.87 28.38
C LEU J 80 -19.09 -42.01 29.40
N ASN J 81 -18.12 -42.92 29.35
CA ASN J 81 -18.17 -44.15 30.14
C ASN J 81 -16.91 -44.39 30.95
N ASP J 87 -20.10 -54.60 26.56
CA ASP J 87 -21.28 -54.39 27.42
C ASP J 87 -22.15 -53.25 26.88
N THR J 88 -22.96 -52.65 27.77
CA THR J 88 -23.80 -51.50 27.42
C THR J 88 -23.09 -50.20 27.78
N LEU J 89 -22.97 -49.31 26.80
CA LEU J 89 -22.38 -47.99 27.03
C LEU J 89 -22.98 -46.91 26.13
N GLN J 90 -22.64 -45.65 26.43
CA GLN J 90 -23.09 -44.52 25.63
C GLN J 90 -22.08 -44.16 24.55
N MET J 91 -22.58 -43.87 23.36
CA MET J 91 -21.76 -43.42 22.23
C MET J 91 -22.31 -42.13 21.65
N TRP J 92 -21.41 -41.26 21.20
CA TRP J 92 -21.82 -40.08 20.45
C TRP J 92 -22.32 -40.48 19.05
N GLU J 93 -23.47 -39.94 18.67
CA GLU J 93 -24.08 -40.20 17.36
C GLU J 93 -24.16 -38.90 16.60
N ALA J 94 -23.57 -38.88 15.41
CA ALA J 94 -23.63 -37.69 14.57
C ALA J 94 -24.96 -37.70 13.83
N ILE J 95 -25.76 -36.65 14.03
CA ILE J 95 -27.10 -36.62 13.45
C ILE J 95 -27.28 -35.65 12.28
N SER J 96 -26.51 -34.58 12.26
CA SER J 96 -26.58 -33.59 11.19
C SER J 96 -25.28 -32.80 11.08
N VAL J 97 -25.07 -32.19 9.91
CA VAL J 97 -23.89 -31.35 9.67
C VAL J 97 -24.20 -30.16 8.78
N LYS J 98 -23.67 -29.01 9.16
CA LYS J 98 -23.63 -27.84 8.32
C LYS J 98 -22.20 -27.68 7.81
N THR J 99 -22.03 -27.81 6.50
CA THR J 99 -20.69 -27.72 5.92
C THR J 99 -20.65 -26.72 4.78
N GLU J 100 -19.51 -26.08 4.60
CA GLU J 100 -19.41 -24.99 3.64
C GLU J 100 -18.00 -24.86 3.13
N VAL J 101 -17.86 -24.69 1.82
CA VAL J 101 -16.55 -24.43 1.24
C VAL J 101 -16.23 -22.96 1.46
N VAL J 102 -15.11 -22.68 2.12
CA VAL J 102 -14.79 -21.34 2.54
C VAL J 102 -13.95 -20.57 1.50
N GLY J 103 -14.20 -19.27 1.36
CA GLY J 103 -13.40 -18.44 0.45
C GLY J 103 -13.68 -18.60 -1.03
N ILE J 104 -14.91 -18.95 -1.37
CA ILE J 104 -15.35 -19.07 -2.76
C ILE J 104 -15.18 -17.75 -3.51
N SER J 105 -15.49 -16.66 -2.82
CA SER J 105 -15.43 -15.32 -3.37
C SER J 105 -14.05 -14.91 -3.87
N SER J 106 -13.00 -15.48 -3.28
CA SER J 106 -11.62 -15.19 -3.71
C SER J 106 -11.43 -15.48 -5.20
N LEU J 107 -12.25 -16.38 -5.73
CA LEU J 107 -12.05 -16.86 -7.11
C LEU J 107 -12.55 -15.89 -8.17
N ILE J 108 -13.12 -14.75 -7.77
CA ILE J 108 -13.45 -13.69 -8.73
C ILE J 108 -12.21 -12.92 -9.19
N ASN J 109 -11.06 -13.20 -8.56
CA ASN J 109 -9.77 -12.57 -8.89
C ASN J 109 -9.31 -13.01 -10.28
N VAL J 110 -9.38 -12.07 -11.23
CA VAL J 110 -8.92 -12.31 -12.61
C VAL J 110 -7.73 -11.43 -12.95
N HIS J 111 -6.96 -11.05 -11.93
CA HIS J 111 -5.81 -10.17 -12.09
C HIS J 111 -4.61 -10.61 -11.26
N TYR J 112 -4.49 -11.92 -11.06
CA TYR J 112 -3.25 -12.50 -10.57
C TYR J 112 -2.09 -11.97 -11.44
N TRP J 113 -0.98 -11.57 -10.82
CA TRP J 113 0.11 -10.95 -11.59
C TRP J 113 0.63 -11.81 -12.75
N ASP J 114 0.66 -13.13 -12.58
CA ASP J 114 1.16 -14.05 -13.61
C ASP J 114 0.06 -14.89 -14.29
N MET J 115 -1.14 -14.31 -14.40
CA MET J 115 -2.29 -15.01 -14.98
C MET J 115 -2.29 -14.92 -16.50
N LYS J 116 -2.38 -16.08 -17.16
CA LYS J 116 -2.65 -16.14 -18.59
C LYS J 116 -3.95 -15.38 -18.91
N ARG J 117 -3.90 -14.56 -19.96
CA ARG J 117 -5.06 -13.79 -20.40
C ARG J 117 -6.00 -14.63 -21.25
N VAL J 118 -7.29 -14.29 -21.21
CA VAL J 118 -8.29 -14.91 -22.10
C VAL J 118 -7.97 -14.58 -23.58
N HIS J 119 -7.50 -13.36 -23.81
CA HIS J 119 -6.98 -12.89 -25.10
C HIS J 119 -6.13 -11.64 -24.84
N ASP J 120 -5.47 -11.13 -25.89
CA ASP J 120 -4.61 -9.95 -25.75
C ASP J 120 -5.35 -8.77 -25.13
N TYR J 121 -4.70 -8.15 -24.14
CA TYR J 121 -5.24 -6.99 -23.39
C TYR J 121 -6.38 -7.37 -22.43
N GLY J 122 -6.78 -8.64 -22.43
CA GLY J 122 -7.86 -9.10 -21.56
C GLY J 122 -7.50 -9.35 -20.11
N ALA J 123 -8.51 -9.65 -19.30
CA ALA J 123 -8.31 -10.12 -17.93
C ALA J 123 -7.79 -11.57 -17.94
N GLY J 124 -7.30 -12.04 -16.80
CA GLY J 124 -6.82 -13.42 -16.69
C GLY J 124 -7.91 -14.46 -16.81
N ILE J 125 -7.56 -15.66 -17.27
CA ILE J 125 -8.48 -16.80 -17.22
C ILE J 125 -8.78 -17.11 -15.74
N PRO J 126 -10.06 -17.08 -15.33
CA PRO J 126 -10.37 -17.33 -13.92
C PRO J 126 -10.15 -18.78 -13.52
N VAL J 127 -9.95 -19.01 -12.23
CA VAL J 127 -9.84 -20.36 -11.71
C VAL J 127 -11.06 -21.13 -12.20
N SER J 128 -10.80 -22.21 -12.93
CA SER J 128 -11.83 -22.98 -13.60
C SER J 128 -11.24 -24.30 -14.09
N GLY J 129 -12.10 -25.17 -14.61
CA GLY J 129 -11.66 -26.50 -15.06
C GLY J 129 -12.08 -27.58 -14.10
N VAL J 130 -11.19 -28.55 -13.91
CA VAL J 130 -11.42 -29.70 -13.04
C VAL J 130 -11.79 -29.32 -11.59
N ASN J 131 -13.03 -29.65 -11.21
CA ASN J 131 -13.44 -29.65 -9.81
C ASN J 131 -13.61 -31.07 -9.26
N TYR J 132 -13.32 -31.21 -7.97
CA TYR J 132 -13.60 -32.43 -7.25
C TYR J 132 -13.99 -32.03 -5.84
N HIS J 133 -15.18 -32.41 -5.43
CA HIS J 133 -15.68 -32.03 -4.12
C HIS J 133 -16.29 -33.21 -3.38
N MET J 134 -15.85 -33.41 -2.14
CA MET J 134 -16.40 -34.44 -1.28
C MET J 134 -16.18 -34.09 0.20
N PHE J 135 -17.14 -34.50 1.02
CA PHE J 135 -16.93 -34.52 2.46
C PHE J 135 -17.48 -35.81 3.04
N ALA J 136 -16.96 -36.21 4.19
CA ALA J 136 -17.48 -37.37 4.90
C ALA J 136 -17.50 -37.12 6.40
N ILE J 137 -18.47 -37.75 7.08
CA ILE J 137 -18.57 -37.72 8.52
C ILE J 137 -18.77 -39.15 8.96
N GLY J 138 -17.97 -39.60 9.91
CA GLY J 138 -18.03 -40.97 10.42
C GLY J 138 -17.52 -41.14 11.84
N GLY J 139 -17.79 -42.32 12.41
CA GLY J 139 -17.35 -42.64 13.77
C GLY J 139 -16.06 -43.45 13.79
N GLU J 140 -15.44 -43.54 12.62
CA GLU J 140 -14.16 -44.22 12.42
C GLU J 140 -13.54 -43.70 11.11
N PRO J 141 -12.29 -44.10 10.79
CA PRO J 141 -11.69 -43.62 9.53
C PRO J 141 -12.51 -43.98 8.28
N LEU J 142 -12.45 -43.12 7.26
CA LEU J 142 -13.13 -43.39 5.99
C LEU J 142 -12.43 -44.53 5.27
N ASP J 143 -13.22 -45.49 4.79
CA ASP J 143 -12.67 -46.63 4.04
C ASP J 143 -12.44 -46.22 2.60
N LEU J 144 -11.23 -46.51 2.12
CA LEU J 144 -10.80 -46.12 0.77
C LEU J 144 -10.59 -47.31 -0.16
N GLN J 145 -10.96 -47.12 -1.42
CA GLN J 145 -10.67 -48.08 -2.49
C GLN J 145 -9.69 -47.40 -3.44
N GLY J 146 -8.66 -48.13 -3.83
CA GLY J 146 -7.67 -47.64 -4.78
C GLY J 146 -7.99 -48.01 -6.21
N LEU J 147 -7.87 -47.03 -7.10
CA LEU J 147 -8.03 -47.20 -8.52
C LEU J 147 -7.31 -46.04 -9.19
N VAL J 148 -6.50 -46.34 -10.22
CA VAL J 148 -5.74 -45.32 -10.94
C VAL J 148 -5.99 -45.31 -12.45
N LEU J 149 -5.84 -44.13 -13.03
CA LEU J 149 -5.85 -43.96 -14.47
C LEU J 149 -4.82 -44.89 -15.13
N ASP J 150 -3.60 -44.89 -14.58
CA ASP J 150 -2.49 -45.57 -15.21
C ASP J 150 -1.67 -46.33 -14.16
N TYR J 151 -1.68 -47.65 -14.26
CA TYR J 151 -1.04 -48.51 -13.26
C TYR J 151 0.49 -48.45 -13.32
N GLN J 152 1.03 -48.02 -14.45
CA GLN J 152 2.47 -47.90 -14.66
C GLN J 152 3.06 -46.68 -13.97
N THR J 153 2.19 -45.76 -13.53
CA THR J 153 2.60 -44.55 -12.84
C THR J 153 3.45 -44.84 -11.60
N GLN J 154 4.63 -44.23 -11.55
CA GLN J 154 5.53 -44.38 -10.40
C GLN J 154 5.32 -43.25 -9.39
N TYR J 155 4.48 -43.50 -8.39
CA TYR J 155 4.25 -42.50 -7.33
C TYR J 155 5.45 -42.49 -6.38
N PRO J 156 5.68 -41.37 -5.66
CA PRO J 156 6.82 -41.30 -4.75
C PRO J 156 6.69 -42.32 -3.61
N LYS J 157 7.81 -42.89 -3.18
CA LYS J 157 7.82 -43.84 -2.05
C LYS J 157 7.48 -43.13 -0.73
N THR J 158 6.91 -43.88 0.21
CA THR J 158 6.56 -43.31 1.52
C THR J 158 7.79 -43.23 2.43
N GLY J 162 6.15 -40.06 2.65
CA GLY J 162 5.36 -39.21 1.77
C GLY J 162 3.94 -39.70 1.58
N PRO J 163 3.46 -39.74 0.31
CA PRO J 163 2.11 -40.23 0.06
C PRO J 163 1.96 -41.75 0.16
N ILE J 164 0.79 -42.18 0.58
CA ILE J 164 0.44 -43.60 0.63
C ILE J 164 -0.34 -43.93 -0.64
N THR J 165 0.15 -44.92 -1.38
CA THR J 165 -0.52 -45.31 -2.62
C THR J 165 -0.74 -46.82 -2.66
N ILE J 166 -1.24 -47.32 -3.78
CA ILE J 166 -1.59 -48.74 -3.88
C ILE J 166 -0.36 -49.62 -3.65
N GLU J 167 0.79 -49.21 -4.18
CA GLU J 167 2.06 -49.91 -3.96
C GLU J 167 2.42 -49.97 -2.48
N THR J 168 2.14 -48.89 -1.74
CA THR J 168 2.38 -48.87 -0.30
C THR J 168 1.57 -49.98 0.41
N VAL J 169 0.28 -50.08 0.10
CA VAL J 169 -0.56 -51.05 0.82
C VAL J 169 -0.43 -52.50 0.30
N LEU J 170 -0.02 -52.66 -0.95
CA LEU J 170 0.18 -54.01 -1.49
C LEU J 170 1.54 -54.58 -1.13
N GLY J 171 2.51 -53.69 -0.90
CA GLY J 171 3.90 -54.09 -0.64
C GLY J 171 4.54 -54.69 -1.89
N ARG J 172 3.97 -54.37 -3.05
CA ARG J 172 4.43 -54.83 -4.36
C ARG J 172 3.89 -53.87 -5.41
N LYS J 173 4.36 -54.01 -6.64
CA LYS J 173 3.97 -53.09 -7.72
C LYS J 173 2.55 -53.32 -8.20
N MET J 174 1.93 -52.24 -8.67
CA MET J 174 0.61 -52.29 -9.31
C MET J 174 0.66 -53.16 -10.56
N THR J 175 -0.44 -53.86 -10.82
CA THR J 175 -0.59 -54.63 -12.05
C THR J 175 -1.73 -53.99 -12.85
N PRO J 176 -2.03 -54.51 -14.05
CA PRO J 176 -3.13 -53.89 -14.80
C PRO J 176 -4.51 -53.89 -14.10
N LYS J 177 -4.73 -54.77 -13.11
CA LYS J 177 -6.01 -54.79 -12.39
C LYS J 177 -6.30 -53.52 -11.57
N ASN J 178 -5.26 -52.74 -11.27
CA ASN J 178 -5.44 -51.48 -10.52
C ASN J 178 -6.01 -50.30 -11.32
N GLN J 179 -6.25 -50.55 -12.60
CA GLN J 179 -7.02 -49.64 -13.43
C GLN J 179 -8.51 -49.93 -13.33
N GLY J 180 -8.85 -51.09 -12.77
CA GLY J 180 -10.20 -51.41 -12.35
C GLY J 180 -10.26 -51.62 -10.84
N LEU J 181 -11.30 -52.30 -10.37
CA LEU J 181 -11.46 -52.52 -8.94
C LEU J 181 -10.75 -53.81 -8.51
N ASP J 182 -9.63 -53.62 -7.83
CA ASP J 182 -8.90 -54.70 -7.19
C ASP J 182 -9.29 -54.62 -5.72
N PRO J 183 -9.97 -55.66 -5.21
CA PRO J 183 -10.41 -55.71 -3.81
C PRO J 183 -9.27 -55.63 -2.79
N GLN J 184 -8.04 -55.94 -3.20
CA GLN J 184 -6.87 -55.79 -2.33
C GLN J 184 -6.38 -54.34 -2.18
N ALA J 185 -6.72 -53.49 -3.15
CA ALA J 185 -6.28 -52.08 -3.09
C ALA J 185 -7.18 -51.29 -2.14
N LYS J 186 -7.02 -51.56 -0.84
CA LYS J 186 -7.85 -50.93 0.18
C LYS J 186 -7.00 -50.29 1.28
N ALA J 187 -7.51 -49.19 1.83
CA ALA J 187 -6.82 -48.43 2.89
C ALA J 187 -7.84 -47.69 3.74
N LYS J 188 -7.36 -47.05 4.81
CA LYS J 188 -8.21 -46.25 5.67
C LYS J 188 -7.70 -44.82 5.72
N LEU J 189 -8.61 -43.85 5.53
CA LEU J 189 -8.21 -42.44 5.54
C LEU J 189 -7.91 -41.96 6.97
N ASP J 190 -6.69 -42.24 7.42
CA ASP J 190 -6.27 -41.98 8.79
C ASP J 190 -5.16 -40.93 8.92
N LYS J 191 -4.83 -40.27 7.81
CA LYS J 191 -3.79 -39.24 7.82
C LYS J 191 -4.01 -38.09 6.85
N ASP J 192 -4.05 -36.89 7.41
CA ASP J 192 -4.23 -35.64 6.69
C ASP J 192 -3.11 -35.41 5.66
N GLY J 193 -3.52 -35.16 4.41
CA GLY J 193 -2.59 -34.83 3.33
C GLY J 193 -1.67 -35.93 2.85
N ASN J 194 -1.99 -37.18 3.17
CA ASN J 194 -1.13 -38.33 2.83
C ASN J 194 -1.74 -39.30 1.81
N TYR J 195 -3.03 -39.12 1.52
CA TYR J 195 -3.74 -39.99 0.57
C TYR J 195 -4.18 -39.24 -0.71
N PRO J 196 -3.44 -39.44 -1.83
CA PRO J 196 -3.76 -38.72 -3.06
C PRO J 196 -5.17 -39.02 -3.56
N ILE J 197 -5.87 -37.96 -3.93
CA ILE J 197 -7.21 -38.05 -4.46
C ILE J 197 -7.27 -38.88 -5.77
N GLU J 198 -6.26 -38.78 -6.61
CA GLU J 198 -6.25 -39.49 -7.90
C GLU J 198 -6.00 -41.00 -7.77
N VAL J 199 -5.63 -41.43 -6.57
CA VAL J 199 -5.39 -42.84 -6.27
C VAL J 199 -6.56 -43.45 -5.50
N TRP J 200 -7.13 -42.67 -4.57
CA TRP J 200 -8.10 -43.19 -3.60
C TRP J 200 -9.49 -42.55 -3.73
N CYS J 201 -10.52 -43.38 -3.64
CA CYS J 201 -11.91 -42.91 -3.61
C CYS J 201 -12.59 -43.59 -2.44
N PRO J 202 -13.76 -43.07 -1.96
CA PRO J 202 -14.45 -43.79 -0.90
C PRO J 202 -14.88 -45.19 -1.35
N ASP J 203 -14.74 -46.16 -0.46
CA ASP J 203 -15.09 -47.53 -0.76
C ASP J 203 -16.55 -47.78 -0.38
N PRO J 204 -17.42 -48.01 -1.39
CA PRO J 204 -18.86 -48.16 -1.13
C PRO J 204 -19.24 -49.55 -0.58
N SER J 205 -18.28 -50.47 -0.53
CA SER J 205 -18.50 -51.82 0.01
C SER J 205 -18.24 -51.89 1.52
N LYS J 206 -17.79 -50.77 2.07
CA LYS J 206 -17.60 -50.64 3.51
C LYS J 206 -18.26 -49.34 3.95
N ASN J 207 -17.63 -48.58 4.84
CA ASN J 207 -18.16 -47.28 5.29
C ASN J 207 -19.59 -47.32 5.86
N GLU J 208 -19.93 -48.42 6.52
CA GLU J 208 -21.24 -48.61 7.13
C GLU J 208 -21.45 -47.56 8.22
N ASN J 209 -20.34 -47.12 8.83
CA ASN J 209 -20.39 -46.17 9.93
C ASN J 209 -19.89 -44.78 9.55
N SER J 210 -19.96 -44.45 8.26
CA SER J 210 -19.67 -43.11 7.76
C SER J 210 -20.69 -42.72 6.69
N ARG J 211 -20.93 -41.42 6.55
CA ARG J 211 -21.68 -40.88 5.43
C ARG J 211 -20.74 -40.04 4.57
N TYR J 212 -20.77 -40.27 3.25
CA TYR J 212 -19.97 -39.44 2.35
C TYR J 212 -20.78 -38.94 1.15
N TYR J 213 -20.37 -37.80 0.62
CA TYR J 213 -21.05 -37.13 -0.48
C TYR J 213 -19.96 -36.50 -1.34
N GLY J 214 -20.03 -36.72 -2.64
CA GLY J 214 -19.01 -36.17 -3.51
C GLY J 214 -19.42 -36.06 -4.95
N SER J 215 -18.60 -35.39 -5.74
CA SER J 215 -18.88 -35.16 -7.14
C SER J 215 -17.57 -34.78 -7.85
N ILE J 216 -17.53 -34.98 -9.16
CA ILE J 216 -16.40 -34.55 -9.96
C ILE J 216 -16.91 -33.75 -11.15
N GLN J 217 -16.01 -32.96 -11.73
CA GLN J 217 -16.28 -32.22 -12.93
C GLN J 217 -14.98 -32.17 -13.71
N THR J 218 -14.98 -32.68 -14.93
CA THR J 218 -13.77 -32.61 -15.75
C THR J 218 -13.86 -31.51 -16.83
N GLY J 219 -12.94 -31.49 -17.78
CA GLY J 219 -12.85 -30.35 -18.71
C GLY J 219 -11.80 -29.35 -18.24
N SER J 220 -11.24 -28.58 -19.18
CA SER J 220 -10.06 -27.75 -18.87
C SER J 220 -10.39 -26.35 -18.34
N GLN J 221 -11.41 -25.72 -18.91
CA GLN J 221 -11.85 -24.39 -18.49
C GLN J 221 -13.34 -24.38 -18.07
N THR J 222 -13.84 -25.55 -17.68
CA THR J 222 -15.22 -25.70 -17.20
C THR J 222 -15.52 -24.75 -16.05
N PRO J 223 -16.66 -24.04 -16.11
CA PRO J 223 -17.03 -23.10 -15.05
C PRO J 223 -16.99 -23.76 -13.69
N THR J 224 -16.35 -23.09 -12.74
CA THR J 224 -16.49 -23.45 -11.33
C THR J 224 -17.79 -22.81 -10.83
N VAL J 225 -18.73 -23.68 -10.46
CA VAL J 225 -20.05 -23.28 -10.00
C VAL J 225 -20.26 -23.86 -8.60
N LEU J 226 -20.37 -22.98 -7.60
CA LEU J 226 -20.47 -23.40 -6.21
C LEU J 226 -21.44 -22.49 -5.49
N GLN J 227 -22.12 -23.04 -4.49
CA GLN J 227 -23.01 -22.25 -3.66
C GLN J 227 -22.46 -22.26 -2.23
N PHE J 228 -22.84 -21.23 -1.49
CA PHE J 228 -22.56 -21.13 -0.06
C PHE J 228 -23.79 -20.59 0.64
N SER J 229 -24.20 -21.24 1.74
CA SER J 229 -25.30 -20.74 2.57
C SER J 229 -25.30 -21.38 3.95
N ASN J 230 -25.58 -20.57 4.98
CA ASN J 230 -25.61 -21.06 6.36
C ASN J 230 -26.97 -21.65 6.75
N THR J 231 -27.81 -21.87 5.74
CA THR J 231 -29.14 -22.41 5.93
C THR J 231 -29.22 -23.88 5.52
N LEU J 232 -28.11 -24.42 5.00
CA LEU J 232 -28.09 -25.79 4.49
C LEU J 232 -27.58 -26.82 5.49
N THR J 233 -28.42 -27.81 5.76
CA THR J 233 -28.13 -28.90 6.71
C THR J 233 -28.21 -30.26 6.01
N THR J 234 -27.22 -31.10 6.24
CA THR J 234 -27.28 -32.49 5.80
C THR J 234 -27.63 -33.35 7.00
N VAL J 235 -28.74 -34.08 6.90
CA VAL J 235 -29.12 -35.08 7.89
C VAL J 235 -28.23 -36.29 7.67
N LEU J 236 -27.70 -36.84 8.75
CA LEU J 236 -26.71 -37.90 8.71
C LEU J 236 -27.30 -39.27 9.07
N LEU J 237 -28.57 -39.29 9.48
CA LEU J 237 -29.27 -40.52 9.87
C LEU J 237 -29.50 -41.45 8.69
N ASP J 238 -29.27 -42.75 8.87
CA ASP J 238 -29.52 -43.74 7.81
C ASP J 238 -31.00 -44.13 7.73
N GLU J 239 -31.32 -45.17 6.96
CA GLU J 239 -32.70 -45.60 6.73
C GLU J 239 -33.45 -46.02 8.01
N ASN J 240 -32.69 -46.32 9.06
CA ASN J 240 -33.26 -46.70 10.35
C ASN J 240 -33.22 -45.59 11.40
N GLY J 241 -32.78 -44.41 10.98
CA GLY J 241 -32.72 -43.25 11.88
C GLY J 241 -31.53 -43.25 12.81
N VAL J 242 -30.43 -43.83 12.34
CA VAL J 242 -29.17 -43.91 13.11
C VAL J 242 -28.04 -43.22 12.34
N GLY J 243 -27.41 -42.23 12.98
CA GLY J 243 -26.24 -41.55 12.43
C GLY J 243 -24.97 -42.29 12.80
N PRO J 244 -23.82 -41.87 12.25
CA PRO J 244 -22.55 -42.51 12.58
C PRO J 244 -22.28 -42.56 14.08
N LEU J 245 -21.77 -43.69 14.57
CA LEU J 245 -21.49 -43.85 15.99
C LEU J 245 -20.00 -43.77 16.26
N CYS J 246 -19.62 -42.86 17.14
CA CYS J 246 -18.22 -42.52 17.36
C CYS J 246 -17.50 -43.49 18.30
N LYS J 247 -16.85 -44.49 17.69
CA LYS J 247 -16.07 -45.48 18.44
C LYS J 247 -14.88 -44.82 19.12
N GLY J 248 -14.64 -45.20 20.37
CA GLY J 248 -13.56 -44.65 21.17
C GLY J 248 -13.64 -43.14 21.34
N ASP J 249 -14.84 -42.58 21.18
CA ASP J 249 -15.12 -41.15 21.33
C ASP J 249 -14.39 -40.26 20.31
N GLY J 250 -14.13 -40.83 19.13
CA GLY J 250 -13.51 -40.11 18.03
C GLY J 250 -14.45 -39.89 16.86
N LEU J 251 -14.55 -38.63 16.41
CA LEU J 251 -15.33 -38.26 15.24
C LEU J 251 -14.40 -37.95 14.06
N PHE J 252 -14.63 -38.61 12.93
CA PHE J 252 -13.76 -38.50 11.77
C PHE J 252 -14.37 -37.65 10.67
N ILE J 253 -13.67 -36.57 10.34
CA ILE J 253 -14.15 -35.63 9.33
C ILE J 253 -13.13 -35.54 8.19
N SER J 254 -13.61 -35.82 6.98
CA SER J 254 -12.80 -35.94 5.77
C SER J 254 -13.38 -35.04 4.69
N CYS J 255 -12.53 -34.57 3.76
CA CYS J 255 -13.00 -33.75 2.63
C CYS J 255 -11.95 -33.50 1.55
N ALA J 256 -12.42 -33.14 0.36
CA ALA J 256 -11.56 -32.61 -0.70
C ALA J 256 -12.31 -31.52 -1.44
N ASP J 257 -11.62 -30.44 -1.80
CA ASP J 257 -12.26 -29.36 -2.57
C ASP J 257 -11.34 -28.69 -3.60
N ILE J 258 -11.11 -29.41 -4.69
CA ILE J 258 -10.40 -28.87 -5.86
C ILE J 258 -11.37 -27.98 -6.65
N VAL J 259 -10.94 -26.75 -6.90
CA VAL J 259 -11.83 -25.76 -7.50
C VAL J 259 -11.42 -25.30 -8.92
N GLY J 260 -10.40 -25.93 -9.49
CA GLY J 260 -9.94 -25.58 -10.82
C GLY J 260 -8.48 -25.21 -10.93
N PHE J 261 -8.09 -24.78 -12.12
CA PHE J 261 -6.69 -24.51 -12.40
C PHE J 261 -6.37 -23.04 -12.26
N LEU J 262 -5.16 -22.75 -11.77
CA LEU J 262 -4.56 -21.45 -11.95
C LEU J 262 -3.79 -21.48 -13.26
N PHE J 263 -4.21 -20.64 -14.21
CA PHE J 263 -3.61 -20.57 -15.54
C PHE J 263 -2.50 -19.51 -15.55
N LYS J 264 -1.26 -19.95 -15.70
CA LYS J 264 -0.10 -19.04 -15.71
C LYS J 264 0.26 -18.57 -17.12
N THR J 265 0.84 -17.39 -17.20
CA THR J 265 1.27 -16.78 -18.46
C THR J 265 2.07 -17.74 -19.35
N SER J 266 2.94 -18.54 -18.73
CA SER J 266 3.81 -19.47 -19.45
C SER J 266 3.04 -20.56 -20.20
N GLY J 267 1.79 -20.78 -19.82
CA GLY J 267 1.01 -21.89 -20.34
C GLY J 267 0.80 -22.93 -19.26
N LYS J 268 1.71 -22.94 -18.28
CA LYS J 268 1.62 -23.84 -17.15
C LYS J 268 0.35 -23.65 -16.33
N MET J 269 -0.09 -24.73 -15.69
CA MET J 269 -1.34 -24.78 -14.94
C MET J 269 -1.18 -25.53 -13.64
N ALA J 270 -1.71 -24.95 -12.57
CA ALA J 270 -1.68 -25.58 -11.25
C ALA J 270 -3.09 -25.74 -10.70
N LEU J 271 -3.39 -26.89 -10.11
CA LEU J 271 -4.68 -27.05 -9.40
C LEU J 271 -4.67 -26.26 -8.09
N HIS J 272 -5.86 -25.81 -7.70
CA HIS J 272 -6.09 -24.97 -6.52
C HIS J 272 -7.18 -25.60 -5.69
N GLY J 273 -7.06 -25.49 -4.37
CA GLY J 273 -8.06 -26.01 -3.45
C GLY J 273 -8.53 -24.96 -2.47
N LEU J 274 -9.70 -25.19 -1.87
CA LEU J 274 -10.29 -24.27 -0.90
C LEU J 274 -10.56 -25.00 0.42
N PRO J 275 -10.62 -24.25 1.54
CA PRO J 275 -10.91 -24.87 2.85
C PRO J 275 -12.38 -25.20 3.04
N ARG J 276 -12.66 -26.10 3.99
CA ARG J 276 -14.03 -26.48 4.27
C ARG J 276 -14.34 -26.40 5.75
N TYR J 277 -15.49 -25.80 6.06
CA TYR J 277 -15.96 -25.65 7.43
C TYR J 277 -17.02 -26.70 7.73
N PHE J 278 -17.08 -27.12 9.00
CA PHE J 278 -18.07 -28.10 9.46
C PHE J 278 -18.65 -27.67 10.80
N ASN J 279 -19.95 -27.88 10.96
CA ASN J 279 -20.58 -27.86 12.27
C ASN J 279 -21.42 -29.10 12.42
N VAL J 280 -20.95 -30.02 13.26
CA VAL J 280 -21.58 -31.33 13.41
C VAL J 280 -22.39 -31.35 14.71
N THR J 281 -23.64 -31.76 14.60
CA THR J 281 -24.51 -31.92 15.76
C THR J 281 -24.50 -33.39 16.14
N LEU J 282 -24.20 -33.66 17.41
CA LEU J 282 -24.16 -35.03 17.95
C LEU J 282 -25.08 -35.23 19.13
N ARG J 283 -25.55 -36.45 19.31
CA ARG J 283 -26.39 -36.81 20.45
C ARG J 283 -25.88 -38.09 21.11
N LYS J 284 -26.20 -38.25 22.40
CA LYS J 284 -25.83 -39.44 23.14
C LYS J 284 -26.76 -40.60 22.81
N ARG J 285 -26.18 -41.77 22.55
CA ARG J 285 -26.95 -42.95 22.18
C ARG J 285 -26.52 -44.18 22.95
N TRP J 286 -27.48 -44.90 23.52
CA TRP J 286 -27.23 -46.17 24.20
C TRP J 286 -26.95 -47.27 23.18
N VAL J 287 -25.91 -48.05 23.41
CA VAL J 287 -25.58 -49.20 22.57
C VAL J 287 -25.12 -50.38 23.43
N LYS J 288 -25.08 -51.57 22.86
CA LYS J 288 -24.49 -52.72 23.55
C LYS J 288 -23.65 -53.61 22.64
N VAL K 9 54.72 64.11 16.10
CA VAL K 9 55.47 62.93 16.62
C VAL K 9 55.81 61.96 15.49
N GLU K 10 56.58 62.45 14.52
CA GLU K 10 56.95 61.69 13.33
C GLU K 10 57.68 60.38 13.68
N VAL K 11 57.17 59.28 13.14
CA VAL K 11 57.78 57.97 13.36
C VAL K 11 58.83 57.75 12.27
N LEU K 12 60.07 57.50 12.70
CA LEU K 12 61.14 57.22 11.76
C LEU K 12 61.30 55.71 11.59
N SER K 13 62.53 55.24 11.33
CA SER K 13 62.77 53.83 11.05
C SER K 13 62.94 52.95 12.29
N VAL K 14 62.68 51.66 12.10
CA VAL K 14 62.92 50.61 13.09
C VAL K 14 64.42 50.52 13.35
N VAL K 15 64.82 50.52 14.63
CA VAL K 15 66.22 50.42 15.01
C VAL K 15 66.76 49.02 14.69
N THR K 16 67.93 48.95 14.05
CA THR K 16 68.57 47.66 13.78
C THR K 16 69.79 47.47 14.65
N GLY K 17 69.94 46.26 15.21
CA GLY K 17 71.04 45.94 16.11
C GLY K 17 70.70 44.73 16.97
N GLU K 18 71.66 44.31 17.80
CA GLU K 18 71.54 43.08 18.60
C GLU K 18 70.37 43.04 19.57
N ASP K 19 70.30 44.00 20.49
CA ASP K 19 69.27 44.00 21.51
C ASP K 19 68.18 45.01 21.22
N SER K 20 67.64 44.96 20.01
CA SER K 20 66.57 45.88 19.61
C SER K 20 65.18 45.27 19.77
N ILE K 21 65.12 43.97 20.08
CA ILE K 21 63.87 43.28 20.34
C ILE K 21 63.83 42.78 21.79
N THR K 22 62.72 43.07 22.49
CA THR K 22 62.57 42.62 23.87
C THR K 22 61.18 42.02 24.13
N GLN K 23 61.06 41.26 25.22
N GLN K 23 61.07 41.26 25.22
CA GLN K 23 59.79 40.63 25.60
CA GLN K 23 59.83 40.61 25.63
C GLN K 23 59.41 40.99 27.03
C GLN K 23 59.43 41.08 27.03
N ILE K 24 58.14 41.33 27.21
CA ILE K 24 57.62 41.70 28.53
C ILE K 24 56.49 40.73 28.91
N GLU K 25 56.67 40.03 30.03
CA GLU K 25 55.65 39.13 30.55
C GLU K 25 55.08 39.65 31.86
N LEU K 26 53.77 39.48 32.02
N LEU K 26 53.77 39.46 32.05
CA LEU K 26 53.09 39.72 33.29
CA LEU K 26 53.07 39.89 33.27
C LEU K 26 51.74 39.02 33.29
C LEU K 26 51.60 39.44 33.29
N TYR K 27 51.12 39.00 34.45
CA TYR K 27 49.71 38.62 34.60
C TYR K 27 49.00 39.71 35.40
N LEU K 28 47.68 39.79 35.23
CA LEU K 28 46.86 40.70 35.99
C LEU K 28 45.70 39.95 36.63
N ASN K 29 45.62 40.00 37.96
CA ASN K 29 44.56 39.35 38.72
C ASN K 29 43.28 40.19 38.68
N PRO K 30 42.11 39.54 38.63
CA PRO K 30 40.85 40.26 38.47
C PRO K 30 40.47 41.11 39.68
N ARG K 31 39.79 42.21 39.40
CA ARG K 31 39.35 43.14 40.43
C ARG K 31 37.83 43.22 40.34
N MET K 32 37.17 42.18 40.83
CA MET K 32 35.72 42.05 40.71
C MET K 32 34.94 42.87 41.74
N GLY K 33 35.61 43.31 42.81
CA GLY K 33 34.97 44.04 43.89
C GLY K 33 35.58 43.71 45.24
N VAL K 34 35.85 42.42 45.44
CA VAL K 34 36.76 41.97 46.50
C VAL K 34 38.12 41.81 45.83
N ASN K 35 38.99 42.80 46.03
CA ASN K 35 40.15 42.99 45.18
C ASN K 35 41.48 42.56 45.77
N SER K 36 41.45 42.14 47.04
CA SER K 36 42.65 41.72 47.75
C SER K 36 42.46 40.32 48.35
N PRO K 37 43.48 39.46 48.24
CA PRO K 37 43.40 38.16 48.89
C PRO K 37 43.90 38.20 50.34
N ASP K 38 44.25 39.39 50.82
CA ASP K 38 44.98 39.57 52.07
C ASP K 38 44.22 40.30 53.17
N LEU K 39 42.91 40.43 53.01
CA LEU K 39 42.04 41.06 54.02
C LEU K 39 41.78 40.11 55.18
N PRO K 40 41.40 40.66 56.37
CA PRO K 40 41.15 39.84 57.56
C PRO K 40 40.16 38.69 57.34
N THR K 41 38.91 39.01 56.97
CA THR K 41 37.84 38.00 56.88
C THR K 41 37.17 37.93 55.49
N THR K 42 37.12 39.08 54.81
CA THR K 42 36.38 39.24 53.56
C THR K 42 37.04 38.59 52.32
N SER K 43 38.30 38.18 52.46
CA SER K 43 39.09 37.70 51.32
C SER K 43 38.70 36.35 50.72
N ASN K 44 37.76 35.64 51.34
CA ASN K 44 37.24 34.41 50.77
CA ASN K 44 37.23 34.41 50.78
C ASN K 44 36.53 34.66 49.44
N TRP K 45 36.04 35.88 49.24
CA TRP K 45 35.37 36.28 48.00
C TRP K 45 36.27 36.97 46.98
N TYR K 46 37.59 36.90 47.20
CA TYR K 46 38.57 37.40 46.24
C TYR K 46 38.29 36.81 44.85
N THR K 47 38.26 37.68 43.85
CA THR K 47 37.91 37.36 42.43
C THR K 47 36.40 37.21 42.23
N TYR K 48 35.63 37.68 43.19
CA TYR K 48 34.18 37.70 43.09
C TYR K 48 33.67 39.07 43.54
N THR K 49 32.42 39.36 43.17
CA THR K 49 31.68 40.45 43.77
C THR K 49 30.96 39.91 44.99
N TYR K 50 30.23 40.79 45.68
CA TYR K 50 29.23 40.34 46.65
C TYR K 50 27.94 40.01 45.88
N ASP K 51 26.84 39.84 46.61
CA ASP K 51 25.59 39.42 45.99
C ASP K 51 24.95 40.59 45.27
N LEU K 52 24.62 40.38 43.99
CA LEU K 52 24.06 41.44 43.18
C LEU K 52 22.55 41.36 43.15
N GLN K 53 21.89 42.42 43.64
CA GLN K 53 20.43 42.44 43.69
C GLN K 53 19.88 43.82 43.33
N PRO K 54 18.71 43.86 42.67
CA PRO K 54 18.04 45.15 42.57
C PRO K 54 17.55 45.59 43.95
N LYS K 55 17.84 46.84 44.30
CA LYS K 55 17.45 47.41 45.59
C LYS K 55 15.96 47.27 45.86
N GLY K 56 15.14 47.53 44.83
CA GLY K 56 13.69 47.48 44.95
C GLY K 56 13.07 48.84 45.20
N SER K 57 13.90 49.82 45.52
CA SER K 57 13.47 51.21 45.67
C SER K 57 14.57 52.17 45.23
N SER K 58 14.16 53.33 44.74
N SER K 58 14.16 53.34 44.72
CA SER K 58 15.08 54.35 44.24
CA SER K 58 15.09 54.34 44.22
C SER K 58 15.70 55.16 45.38
C SER K 58 15.69 55.16 45.37
N PRO K 59 16.99 55.51 45.28
CA PRO K 59 17.94 55.20 44.20
C PRO K 59 18.84 53.98 44.48
N ASP K 60 19.40 53.39 43.42
CA ASP K 60 20.44 52.37 43.59
C ASP K 60 21.66 53.00 44.26
N GLN K 61 22.13 52.35 45.32
CA GLN K 61 23.31 52.82 46.02
C GLN K 61 24.31 51.67 46.14
N PRO K 62 24.96 51.31 45.02
CA PRO K 62 25.82 50.12 45.00
C PRO K 62 27.06 50.29 45.89
N ILE K 63 27.59 49.16 46.36
CA ILE K 63 28.78 49.12 47.20
C ILE K 63 29.99 48.74 46.34
N LYS K 64 31.19 49.13 46.78
CA LYS K 64 32.37 48.89 45.95
C LYS K 64 32.60 47.41 45.62
N GLU K 65 32.09 46.51 46.47
CA GLU K 65 32.26 45.07 46.27
C GLU K 65 31.44 44.54 45.10
N ASN K 66 30.44 45.30 44.67
CA ASN K 66 29.57 44.94 43.54
C ASN K 66 29.90 45.71 42.25
N LEU K 67 31.10 46.26 42.18
CA LEU K 67 31.54 47.03 41.01
C LEU K 67 32.85 46.49 40.44
N PRO K 68 32.76 45.42 39.62
CA PRO K 68 33.94 44.96 38.90
C PRO K 68 34.60 46.11 38.13
N ALA K 69 35.93 46.19 38.23
CA ALA K 69 36.71 47.26 37.63
C ALA K 69 37.79 46.69 36.72
N TYR K 70 38.35 47.55 35.87
CA TYR K 70 39.45 47.16 35.00
C TYR K 70 40.73 46.90 35.79
N SER K 71 41.47 45.87 35.35
CA SER K 71 42.82 45.65 35.79
C SER K 71 43.74 46.52 34.92
N VAL K 72 44.82 47.04 35.51
CA VAL K 72 45.84 47.75 34.74
C VAL K 72 47.20 47.74 35.44
N ALA K 73 48.26 47.71 34.64
CA ALA K 73 49.61 47.89 35.15
C ALA K 73 50.44 48.73 34.17
N ARG K 74 51.33 49.54 34.72
CA ARG K 74 52.35 50.22 33.93
C ARG K 74 53.62 49.42 34.12
N VAL K 75 54.18 48.88 33.03
CA VAL K 75 55.46 48.19 33.09
C VAL K 75 56.57 49.15 32.67
N SER K 76 57.57 49.28 33.54
CA SER K 76 58.77 50.06 33.24
C SER K 76 59.64 49.28 32.26
N LEU K 77 60.12 49.97 31.23
CA LEU K 77 60.93 49.35 30.21
C LEU K 77 62.37 49.89 30.28
N PRO K 78 63.35 49.10 29.78
CA PRO K 78 64.74 49.57 29.73
C PRO K 78 64.87 50.96 29.11
N MET K 79 65.59 51.84 29.82
CA MET K 79 65.79 53.23 29.39
C MET K 79 66.58 53.25 28.08
N LEU K 80 66.35 54.29 27.27
CA LEU K 80 66.86 54.30 25.90
C LEU K 80 67.73 55.49 25.52
N ASN K 81 67.48 56.66 26.12
CA ASN K 81 68.02 57.92 25.60
C ASN K 81 68.90 58.73 26.58
N GLU K 82 69.86 59.45 26.02
CA GLU K 82 70.73 60.38 26.78
C GLU K 82 71.17 61.57 25.94
N CYS K 86 69.24 65.92 21.86
CA CYS K 86 68.51 65.39 20.71
C CYS K 86 66.99 65.51 20.87
N ASP K 87 66.33 65.97 19.80
CA ASP K 87 64.88 66.02 19.69
C ASP K 87 64.38 64.77 18.96
N THR K 88 65.35 63.96 18.51
CA THR K 88 65.08 62.65 17.92
C THR K 88 65.61 61.57 18.87
N LEU K 89 64.73 60.62 19.20
CA LEU K 89 65.01 59.64 20.25
C LEU K 89 64.42 58.26 19.95
N GLN K 90 64.93 57.25 20.65
CA GLN K 90 64.39 55.89 20.57
C GLN K 90 63.21 55.70 21.53
N MET K 91 62.22 54.94 21.09
CA MET K 91 61.05 54.58 21.91
C MET K 91 60.73 53.10 21.68
N TRP K 92 60.26 52.43 22.72
CA TRP K 92 59.81 51.05 22.60
C TRP K 92 58.46 50.99 21.88
N GLU K 93 58.39 50.14 20.88
CA GLU K 93 57.20 49.98 20.07
C GLU K 93 56.64 48.58 20.27
N ALA K 94 55.42 48.47 20.79
CA ALA K 94 54.78 47.18 20.99
C ALA K 94 54.25 46.63 19.66
N ILE K 95 54.73 45.47 19.24
CA ILE K 95 54.38 44.98 17.90
C ILE K 95 53.45 43.76 17.88
N SER K 96 53.46 42.98 18.96
CA SER K 96 52.59 41.81 19.08
C SER K 96 52.41 41.39 20.53
N VAL K 97 51.32 40.68 20.80
CA VAL K 97 51.04 40.18 22.14
C VAL K 97 50.41 38.79 22.08
N LYS K 98 50.94 37.90 22.89
CA LYS K 98 50.28 36.63 23.21
C LYS K 98 49.59 36.82 24.53
N THR K 99 48.27 36.72 24.53
CA THR K 99 47.49 36.87 25.75
C THR K 99 46.53 35.71 26.00
N GLU K 100 46.27 35.42 27.28
CA GLU K 100 45.45 34.28 27.66
C GLU K 100 44.72 34.49 28.97
N VAL K 101 43.47 34.03 29.00
CA VAL K 101 42.71 33.95 30.23
C VAL K 101 43.10 32.69 30.97
N VAL K 102 43.54 32.87 32.21
CA VAL K 102 44.11 31.79 33.03
C VAL K 102 43.06 31.20 33.97
N GLY K 103 43.12 29.89 34.18
CA GLY K 103 42.24 29.22 35.11
C GLY K 103 40.83 28.98 34.57
N ILE K 104 40.73 28.87 33.25
CA ILE K 104 39.47 28.56 32.59
C ILE K 104 38.92 27.22 33.08
N SER K 105 39.79 26.23 33.21
CA SER K 105 39.42 24.88 33.60
C SER K 105 38.80 24.77 35.00
N SER K 106 39.03 25.79 35.84
CA SER K 106 38.43 25.82 37.18
C SER K 106 36.92 25.89 37.12
N LEU K 107 36.39 26.40 36.00
CA LEU K 107 34.95 26.58 35.83
C LEU K 107 34.20 25.29 35.51
N ILE K 108 34.90 24.16 35.40
CA ILE K 108 34.20 22.87 35.29
C ILE K 108 33.63 22.43 36.66
N ASN K 109 34.00 23.14 37.75
CA ASN K 109 33.56 22.80 39.11
C ASN K 109 32.08 23.08 39.29
N VAL K 110 31.28 22.02 39.37
CA VAL K 110 29.82 22.19 39.61
C VAL K 110 29.39 21.70 41.00
N HIS K 111 30.32 21.70 41.93
CA HIS K 111 30.09 21.18 43.28
C HIS K 111 30.64 22.11 44.36
N TYR K 112 30.63 23.42 44.09
CA TYR K 112 30.79 24.41 45.15
C TYR K 112 29.75 24.08 46.22
N TRP K 113 30.15 24.10 47.49
CA TRP K 113 29.30 23.59 48.58
C TRP K 113 27.96 24.30 48.71
N ASP K 114 27.90 25.58 48.34
CA ASP K 114 26.67 26.37 48.45
C ASP K 114 26.09 26.75 47.06
N MET K 115 26.24 25.85 46.10
CA MET K 115 25.81 26.10 44.72
C MET K 115 24.33 25.75 44.52
N LYS K 116 23.57 26.67 43.93
CA LYS K 116 22.19 26.41 43.54
C LYS K 116 22.17 25.29 42.50
N ARG K 117 21.32 24.29 42.72
CA ARG K 117 21.30 23.12 41.83
C ARG K 117 20.49 23.42 40.58
N VAL K 118 20.76 22.68 39.52
CA VAL K 118 20.03 22.81 38.26
C VAL K 118 18.59 22.33 38.41
N HIS K 119 18.41 21.32 39.26
CA HIS K 119 17.11 20.76 39.64
C HIS K 119 17.39 19.88 40.86
N ASP K 120 16.32 19.38 41.50
CA ASP K 120 16.45 18.45 42.64
C ASP K 120 17.44 17.33 42.34
N TYR K 121 18.36 17.13 43.27
CA TYR K 121 19.40 16.07 43.21
C TYR K 121 20.49 16.30 42.17
N GLY K 122 20.39 17.42 41.45
CA GLY K 122 21.30 17.74 40.35
C GLY K 122 22.60 18.41 40.77
N ALA K 123 23.50 18.58 39.80
CA ALA K 123 24.75 19.29 40.02
C ALA K 123 24.45 20.78 40.18
N GLY K 124 25.44 21.54 40.63
CA GLY K 124 25.29 22.99 40.71
C GLY K 124 25.16 23.57 39.31
N ILE K 125 24.56 24.76 39.22
CA ILE K 125 24.54 25.54 37.98
C ILE K 125 25.98 26.04 37.81
N PRO K 126 26.61 25.74 36.65
CA PRO K 126 28.01 26.15 36.48
C PRO K 126 28.12 27.65 36.30
N VAL K 127 29.29 28.22 36.59
CA VAL K 127 29.54 29.63 36.32
C VAL K 127 29.12 29.92 34.87
N SER K 128 28.18 30.85 34.71
N SER K 128 28.14 30.81 34.71
CA SER K 128 27.59 31.16 33.40
CA SER K 128 27.51 31.09 33.42
C SER K 128 26.88 32.50 33.48
C SER K 128 26.84 32.47 33.49
N GLY K 129 26.40 32.97 32.34
CA GLY K 129 25.69 34.24 32.28
C GLY K 129 26.52 35.37 31.71
N VAL K 130 26.45 36.54 32.36
CA VAL K 130 27.13 37.73 31.89
C VAL K 130 28.65 37.52 31.78
N ASN K 131 29.16 37.65 30.55
CA ASN K 131 30.59 37.71 30.29
C ASN K 131 30.95 39.09 29.76
N TYR K 132 32.14 39.54 30.12
CA TYR K 132 32.73 40.74 29.60
C TYR K 132 34.22 40.51 29.53
N HIS K 133 34.77 40.61 28.33
CA HIS K 133 36.19 40.34 28.11
C HIS K 133 36.81 41.41 27.25
N MET K 134 37.94 41.92 27.73
CA MET K 134 38.66 42.98 27.04
C MET K 134 40.12 43.00 27.45
N PHE K 135 40.99 43.38 26.52
CA PHE K 135 42.37 43.67 26.87
C PHE K 135 42.87 44.79 25.98
N ALA K 136 43.83 45.55 26.50
CA ALA K 136 44.40 46.67 25.75
C ALA K 136 45.90 46.71 26.00
N ILE K 137 46.63 47.12 24.97
CA ILE K 137 48.07 47.32 25.04
C ILE K 137 48.31 48.70 24.45
N GLY K 138 48.93 49.58 25.23
CA GLY K 138 49.20 50.96 24.79
C GLY K 138 50.50 51.50 25.33
N GLY K 139 50.94 52.64 24.79
CA GLY K 139 52.14 53.33 25.26
C GLY K 139 51.83 54.48 26.20
N GLU K 140 50.60 54.46 26.73
CA GLU K 140 50.07 55.49 27.64
C GLU K 140 48.74 54.93 28.17
N PRO K 141 48.19 55.52 29.27
CA PRO K 141 46.95 54.96 29.82
C PRO K 141 45.83 54.87 28.79
N LEU K 142 45.03 53.81 28.86
CA LEU K 142 43.83 53.68 28.03
C LEU K 142 42.87 54.86 28.29
N ASP K 143 42.37 55.46 27.21
CA ASP K 143 41.35 56.51 27.32
C ASP K 143 39.96 55.90 27.52
N LEU K 144 39.22 56.45 28.47
CA LEU K 144 37.90 55.94 28.84
C LEU K 144 36.77 56.93 28.56
N GLN K 145 35.60 56.37 28.20
CA GLN K 145 34.38 57.14 28.05
C GLN K 145 33.37 56.63 29.07
N GLY K 146 32.71 57.58 29.75
CA GLY K 146 31.70 57.23 30.74
C GLY K 146 30.30 57.15 30.15
N LEU K 147 29.60 56.07 30.47
CA LEU K 147 28.19 55.88 30.13
C LEU K 147 27.59 54.81 31.04
N VAL K 148 26.43 55.11 31.62
CA VAL K 148 25.79 54.21 32.59
C VAL K 148 24.36 53.87 32.17
N LEU K 149 23.87 52.73 32.67
CA LEU K 149 22.47 52.33 32.51
C LEU K 149 21.50 53.35 33.12
N ASP K 150 21.84 53.86 34.30
CA ASP K 150 20.94 54.70 35.09
C ASP K 150 21.74 55.85 35.70
N TYR K 151 21.46 57.07 35.23
CA TYR K 151 22.20 58.26 35.67
C TYR K 151 21.93 58.59 37.14
N GLN K 152 20.83 58.05 37.67
CA GLN K 152 20.42 58.28 39.05
C GLN K 152 21.10 57.34 40.06
N THR K 153 21.89 56.38 39.55
CA THR K 153 22.72 55.54 40.42
C THR K 153 23.63 56.40 41.27
N GLN K 154 23.59 56.17 42.57
CA GLN K 154 24.50 56.87 43.47
C GLN K 154 25.70 55.97 43.79
N TYR K 155 26.78 56.17 43.03
CA TYR K 155 28.00 55.41 43.22
C TYR K 155 28.73 55.90 44.47
N PRO K 156 29.50 55.01 45.14
CA PRO K 156 30.21 55.44 46.34
C PRO K 156 31.25 56.51 46.03
N LYS K 157 31.46 57.42 46.98
CA LYS K 157 32.47 58.48 46.85
C LYS K 157 33.89 57.90 46.92
N THR K 158 34.85 58.61 46.32
CA THR K 158 36.26 58.20 46.33
C THR K 158 36.87 58.27 47.74
N GLY K 162 37.88 54.55 47.39
CA GLY K 162 36.71 54.16 46.61
C GLY K 162 36.92 54.31 45.11
N PRO K 163 35.88 54.00 44.32
CA PRO K 163 35.95 53.97 42.85
C PRO K 163 35.80 55.34 42.17
N ILE K 164 36.42 55.48 41.01
CA ILE K 164 36.32 56.71 40.23
C ILE K 164 35.17 56.53 39.24
N THR K 165 34.16 57.38 39.33
CA THR K 165 33.02 57.28 38.42
C THR K 165 32.77 58.64 37.76
N ILE K 166 31.69 58.77 36.99
CA ILE K 166 31.46 60.01 36.24
C ILE K 166 31.37 61.24 37.17
N GLU K 167 30.63 61.12 38.27
CA GLU K 167 30.51 62.23 39.23
C GLU K 167 31.88 62.74 39.70
N THR K 168 32.79 61.81 39.95
CA THR K 168 34.17 62.12 40.37
C THR K 168 34.86 63.00 39.34
N VAL K 169 34.82 62.57 38.08
CA VAL K 169 35.51 63.24 36.98
C VAL K 169 34.93 64.65 36.73
N LEU K 170 33.61 64.74 36.70
CA LEU K 170 32.93 66.01 36.43
C LEU K 170 32.93 66.96 37.62
N GLY K 171 32.95 66.42 38.84
CA GLY K 171 32.84 67.23 40.04
C GLY K 171 31.45 67.78 40.25
N ARG K 172 30.46 67.09 39.67
CA ARG K 172 29.05 67.43 39.80
C ARG K 172 28.25 66.17 39.48
N LYS K 173 26.99 66.13 39.90
CA LYS K 173 26.15 64.94 39.68
C LYS K 173 25.85 64.69 38.21
N MET K 174 25.65 63.42 37.87
CA MET K 174 25.25 63.03 36.52
C MET K 174 23.87 63.58 36.16
N THR K 175 23.64 63.73 34.85
CA THR K 175 22.34 64.14 34.31
C THR K 175 21.91 63.08 33.30
N PRO K 176 20.66 63.14 32.78
CA PRO K 176 20.22 62.12 31.82
C PRO K 176 21.16 61.88 30.64
N LYS K 177 21.90 62.90 30.23
CA LYS K 177 22.85 62.78 29.12
C LYS K 177 23.93 61.70 29.35
N ASN K 178 24.15 61.30 30.60
CA ASN K 178 25.16 60.29 30.92
C ASN K 178 24.70 58.84 30.70
N GLN K 179 23.45 58.70 30.25
CA GLN K 179 22.95 57.41 29.76
C GLN K 179 23.28 57.29 28.28
N GLY K 180 23.66 58.42 27.68
CA GLY K 180 24.16 58.51 26.33
C GLY K 180 25.62 58.94 26.33
N LEU K 181 26.15 59.27 25.15
CA LEU K 181 27.53 59.73 25.05
C LEU K 181 27.62 61.21 25.39
N ASP K 182 28.24 61.50 26.51
CA ASP K 182 28.56 62.85 26.93
C ASP K 182 30.08 63.03 26.84
N PRO K 183 30.55 63.87 25.89
CA PRO K 183 32.01 64.05 25.67
C PRO K 183 32.80 64.57 26.85
N GLN K 184 32.12 65.16 27.84
CA GLN K 184 32.79 65.62 29.05
C GLN K 184 33.08 64.48 30.03
N ALA K 185 32.42 63.35 29.86
CA ALA K 185 32.58 62.22 30.78
C ALA K 185 33.72 61.30 30.36
N LYS K 186 34.94 61.81 30.47
CA LYS K 186 36.14 61.10 30.01
C LYS K 186 37.17 60.93 31.12
N ALA K 187 37.85 59.79 31.11
CA ALA K 187 38.92 59.52 32.07
C ALA K 187 40.06 58.77 31.40
N LYS K 188 41.18 58.68 32.11
CA LYS K 188 42.28 57.82 31.72
C LYS K 188 42.34 56.65 32.70
N LEU K 189 42.50 55.44 32.17
CA LEU K 189 42.60 54.25 33.00
C LEU K 189 44.00 54.19 33.62
N ASP K 190 44.14 54.88 34.76
CA ASP K 190 45.45 55.02 35.40
C ASP K 190 45.59 54.30 36.74
N LYS K 191 44.51 53.70 37.25
CA LYS K 191 44.57 52.99 38.54
C LYS K 191 43.91 51.62 38.49
N ASP K 192 44.66 50.61 38.95
CA ASP K 192 44.18 49.22 39.02
C ASP K 192 42.96 49.11 39.97
N GLY K 193 41.92 48.39 39.52
CA GLY K 193 40.75 48.10 40.36
C GLY K 193 39.94 49.29 40.89
N ASN K 194 39.99 50.42 40.20
CA ASN K 194 39.27 51.64 40.64
C ASN K 194 38.30 52.24 39.63
N TYR K 195 38.34 51.78 38.37
CA TYR K 195 37.44 52.26 37.33
C TYR K 195 36.42 51.18 36.98
N PRO K 196 35.18 51.30 37.52
CA PRO K 196 34.16 50.27 37.33
C PRO K 196 33.80 50.05 35.86
N ILE K 197 33.71 48.78 35.48
CA ILE K 197 33.36 48.36 34.14
C ILE K 197 31.97 48.88 33.69
N GLU K 198 30.99 48.81 34.59
CA GLU K 198 29.63 49.27 34.26
C GLU K 198 29.53 50.77 34.01
N VAL K 199 30.55 51.53 34.41
CA VAL K 199 30.61 52.99 34.20
C VAL K 199 31.49 53.39 33.00
N TRP K 200 32.64 52.75 32.86
CA TRP K 200 33.65 53.15 31.88
C TRP K 200 33.86 52.14 30.75
N CYS K 201 33.98 52.66 29.52
CA CYS K 201 34.31 51.85 28.35
C CYS K 201 35.45 52.52 27.56
N PRO K 202 36.17 51.75 26.72
CA PRO K 202 37.23 52.38 25.91
C PRO K 202 36.66 53.47 25.00
N ASP K 203 37.36 54.62 24.95
CA ASP K 203 36.93 55.76 24.16
C ASP K 203 37.43 55.71 22.69
N PRO K 204 36.52 55.38 21.75
CA PRO K 204 36.96 55.18 20.36
C PRO K 204 37.45 56.44 19.67
N SER K 205 37.18 57.61 20.27
CA SER K 205 37.56 58.88 19.69
C SER K 205 39.01 59.26 20.02
N LYS K 206 39.58 58.58 21.01
CA LYS K 206 40.99 58.81 21.36
C LYS K 206 41.77 57.53 21.12
N ASN K 207 42.63 57.15 22.06
CA ASN K 207 43.35 55.87 22.02
C ASN K 207 44.16 55.62 20.73
N GLU K 208 44.68 56.69 20.15
CA GLU K 208 45.50 56.56 18.94
C GLU K 208 46.76 55.73 19.22
N ASN K 209 47.21 55.73 20.47
CA ASN K 209 48.44 55.05 20.87
C ASN K 209 48.20 53.79 21.71
N SER K 210 47.00 53.22 21.55
CA SER K 210 46.58 51.98 22.21
C SER K 210 45.87 51.09 21.21
N ARG K 211 45.95 49.80 21.45
CA ARG K 211 45.10 48.85 20.75
C ARG K 211 44.20 48.20 21.79
N TYR K 212 42.90 48.12 21.52
CA TYR K 212 42.01 47.40 22.44
C TYR K 212 41.03 46.48 21.73
N TYR K 213 40.63 45.43 22.44
CA TYR K 213 39.77 44.40 21.88
C TYR K 213 38.86 43.92 22.99
N GLY K 214 37.60 43.73 22.67
CA GLY K 214 36.65 43.33 23.70
C GLY K 214 35.31 42.88 23.18
N SER K 215 34.55 42.25 24.07
CA SER K 215 33.24 41.73 23.76
C SER K 215 32.43 41.68 25.05
N ILE K 216 31.12 41.60 24.89
CA ILE K 216 30.21 41.36 26.01
C ILE K 216 29.27 40.25 25.63
N GLN K 217 28.69 39.62 26.66
CA GLN K 217 27.66 38.62 26.49
C GLN K 217 26.67 38.76 27.63
N THR K 218 25.43 39.15 27.32
CA THR K 218 24.42 39.27 28.38
C THR K 218 23.56 38.00 28.47
N GLY K 219 22.56 38.00 29.35
CA GLY K 219 21.83 36.77 29.72
C GLY K 219 22.21 36.29 31.11
N SER K 220 21.36 35.48 31.73
CA SER K 220 21.58 35.03 33.12
C SER K 220 22.35 33.71 33.24
N GLN K 221 22.05 32.75 32.37
CA GLN K 221 22.72 31.44 32.38
C GLN K 221 23.39 31.11 31.05
N THR K 222 23.62 32.12 30.22
CA THR K 222 24.29 31.96 28.94
C THR K 222 25.64 31.24 29.12
N PRO K 223 25.87 30.18 28.32
CA PRO K 223 27.10 29.40 28.46
C PRO K 223 28.35 30.28 28.39
N THR K 224 29.28 30.07 29.32
CA THR K 224 30.59 30.67 29.22
C THR K 224 31.38 29.79 28.25
N VAL K 225 31.81 30.41 27.16
CA VAL K 225 32.49 29.73 26.08
C VAL K 225 33.79 30.49 25.84
N LEU K 226 34.91 29.85 26.16
CA LEU K 226 36.22 30.50 26.10
C LEU K 226 37.25 29.55 25.53
N GLN K 227 38.23 30.12 24.83
CA GLN K 227 39.34 29.37 24.25
C GLN K 227 40.67 29.75 24.91
N PHE K 228 41.62 28.83 24.86
CA PHE K 228 42.97 29.10 25.31
C PHE K 228 43.97 28.28 24.49
N SER K 229 45.02 28.95 24.01
CA SER K 229 46.11 28.29 23.26
C SER K 229 47.36 29.16 23.30
N ASN K 230 48.52 28.52 23.38
CA ASN K 230 49.77 29.26 23.35
C ASN K 230 50.30 29.56 21.93
N THR K 231 49.45 29.33 20.93
CA THR K 231 49.83 29.54 19.52
C THR K 231 49.17 30.79 18.93
N LEU K 232 48.37 31.49 19.73
CA LEU K 232 47.61 32.62 19.23
C LEU K 232 48.29 33.93 19.55
N THR K 233 48.60 34.69 18.50
CA THR K 233 49.27 35.98 18.58
C THR K 233 48.36 37.10 18.06
N THR K 234 48.33 38.23 18.77
CA THR K 234 47.67 39.43 18.24
C THR K 234 48.76 40.39 17.71
N VAL K 235 48.64 40.80 16.44
CA VAL K 235 49.56 41.81 15.88
C VAL K 235 49.03 43.19 16.32
N LEU K 236 49.93 44.06 16.76
CA LEU K 236 49.55 45.35 17.36
C LEU K 236 49.82 46.55 16.45
N LEU K 237 50.33 46.27 15.25
CA LEU K 237 50.65 47.31 14.28
C LEU K 237 49.38 47.91 13.68
N ASP K 238 49.30 49.24 13.61
CA ASP K 238 48.20 49.89 12.91
C ASP K 238 48.34 49.72 11.39
N GLU K 239 47.42 50.29 10.62
CA GLU K 239 47.42 50.18 9.16
C GLU K 239 48.74 50.64 8.51
N ASN K 240 49.44 51.58 9.15
CA ASN K 240 50.73 52.07 8.64
C ASN K 240 51.94 51.24 9.11
N GLY K 241 51.69 50.15 9.82
CA GLY K 241 52.76 49.26 10.29
C GLY K 241 53.47 49.76 11.55
N VAL K 242 52.76 50.58 12.32
CA VAL K 242 53.29 51.14 13.57
C VAL K 242 52.47 50.64 14.77
N GLY K 243 53.17 50.12 15.78
CA GLY K 243 52.52 49.72 17.02
C GLY K 243 52.53 50.87 18.02
N PRO K 244 51.84 50.69 19.18
CA PRO K 244 51.85 51.68 20.25
C PRO K 244 53.26 52.01 20.70
N LEU K 245 53.52 53.29 20.94
CA LEU K 245 54.83 53.80 21.27
C LEU K 245 54.87 54.24 22.73
N CYS K 246 55.83 53.69 23.46
CA CYS K 246 55.83 53.79 24.91
C CYS K 246 56.44 55.07 25.46
N LYS K 247 55.57 56.04 25.73
CA LYS K 247 55.99 57.35 26.27
C LYS K 247 56.52 57.20 27.69
N GLY K 248 57.70 57.79 27.92
CA GLY K 248 58.37 57.69 29.21
C GLY K 248 58.87 56.29 29.53
N ASP K 249 58.99 55.45 28.50
CA ASP K 249 59.42 54.04 28.64
C ASP K 249 58.45 53.22 29.51
N GLY K 250 57.17 53.55 29.42
CA GLY K 250 56.12 52.85 30.14
C GLY K 250 55.15 52.17 29.19
N LEU K 251 54.90 50.88 29.43
CA LEU K 251 53.94 50.12 28.66
C LEU K 251 52.72 49.88 29.53
N PHE K 252 51.56 50.28 29.02
CA PHE K 252 50.31 50.14 29.75
C PHE K 252 49.51 48.94 29.28
N ILE K 253 49.14 48.10 30.24
CA ILE K 253 48.39 46.90 29.95
C ILE K 253 47.14 46.90 30.80
N SER K 254 45.98 46.78 30.14
CA SER K 254 44.68 46.85 30.79
C SER K 254 43.80 45.67 30.39
N CYS K 255 42.95 45.19 31.30
CA CYS K 255 42.00 44.11 30.96
C CYS K 255 40.84 43.96 31.94
N ALA K 256 39.87 43.16 31.53
CA ALA K 256 38.74 42.76 32.35
C ALA K 256 38.28 41.40 31.84
N ASP K 257 38.00 40.47 32.75
CA ASP K 257 37.51 39.15 32.33
C ASP K 257 36.48 38.58 33.30
N ILE K 258 35.24 39.05 33.15
CA ILE K 258 34.10 38.55 33.91
C ILE K 258 33.60 37.28 33.22
N VAL K 259 33.56 36.17 33.94
CA VAL K 259 33.22 34.87 33.34
C VAL K 259 31.84 34.35 33.73
N GLY K 260 31.07 35.16 34.43
CA GLY K 260 29.69 34.78 34.79
C GLY K 260 29.38 34.75 36.27
N PHE K 261 28.22 34.17 36.60
CA PHE K 261 27.71 34.15 37.97
C PHE K 261 27.97 32.86 38.71
N LEU K 262 28.42 32.98 39.96
CA LEU K 262 28.29 31.92 40.93
C LEU K 262 26.89 31.94 41.51
N PHE K 263 26.13 30.89 41.23
CA PHE K 263 24.75 30.74 41.70
C PHE K 263 24.73 30.04 43.05
N LYS K 264 24.23 30.74 44.06
CA LYS K 264 24.18 30.24 45.43
C LYS K 264 22.79 29.67 45.78
N THR K 265 22.77 28.69 46.69
CA THR K 265 21.55 27.98 47.14
C THR K 265 20.35 28.88 47.43
N SER K 266 20.59 29.99 48.11
CA SER K 266 19.53 30.93 48.49
C SER K 266 18.83 31.62 47.33
N GLY K 267 19.48 31.62 46.16
CA GLY K 267 19.01 32.36 45.01
C GLY K 267 19.94 33.51 44.67
N LYS K 268 20.77 33.90 45.63
CA LYS K 268 21.67 35.02 45.43
C LYS K 268 22.78 34.70 44.42
N MET K 269 23.31 35.74 43.80
CA MET K 269 24.24 35.63 42.68
C MET K 269 25.39 36.61 42.80
N ALA K 270 26.58 36.14 42.47
CA ALA K 270 27.78 36.97 42.49
C ALA K 270 28.51 36.76 41.17
N LEU K 271 28.99 37.85 40.59
CA LEU K 271 29.83 37.78 39.39
C LEU K 271 31.22 37.31 39.75
N HIS K 272 31.91 36.72 38.77
CA HIS K 272 33.22 36.11 39.00
C HIS K 272 34.17 36.44 37.84
N GLY K 273 35.45 36.66 38.16
CA GLY K 273 36.45 36.98 37.17
C GLY K 273 37.63 36.02 37.16
N LEU K 274 38.38 36.02 36.06
CA LEU K 274 39.62 35.24 35.94
C LEU K 274 40.81 36.14 35.55
N PRO K 275 42.05 35.74 35.96
CA PRO K 275 43.26 36.49 35.63
C PRO K 275 43.58 36.38 34.15
N ARG K 276 44.45 37.26 33.68
CA ARG K 276 44.87 37.28 32.30
C ARG K 276 46.37 37.43 32.23
N TYR K 277 46.99 36.59 31.40
CA TYR K 277 48.42 36.61 31.12
C TYR K 277 48.72 37.38 29.84
N PHE K 278 49.89 38.03 29.80
CA PHE K 278 50.35 38.77 28.63
C PHE K 278 51.82 38.48 28.37
N ASN K 279 52.16 38.26 27.10
CA ASN K 279 53.54 38.30 26.62
C ASN K 279 53.66 39.27 25.44
N VAL K 280 54.25 40.44 25.68
CA VAL K 280 54.32 41.48 24.68
C VAL K 280 55.70 41.52 24.01
N THR K 281 55.73 41.51 22.68
CA THR K 281 56.98 41.67 21.95
C THR K 281 57.15 43.15 21.60
N LEU K 282 58.28 43.74 21.96
CA LEU K 282 58.55 45.13 21.62
C LEU K 282 59.85 45.31 20.86
N ARG K 283 59.92 46.41 20.10
CA ARG K 283 61.12 46.72 19.33
C ARG K 283 61.46 48.21 19.46
N LYS K 284 62.73 48.52 19.31
CA LYS K 284 63.20 49.90 19.33
C LYS K 284 62.87 50.60 18.03
N ARG K 285 62.32 51.81 18.15
CA ARG K 285 61.91 52.61 17.01
C ARG K 285 62.44 54.01 17.18
N TRP K 286 63.02 54.56 16.11
CA TRP K 286 63.39 55.98 16.06
C TRP K 286 62.16 56.82 15.82
N VAL K 287 62.03 57.90 16.58
CA VAL K 287 60.95 58.90 16.38
C VAL K 287 61.48 60.30 16.70
N LYS K 288 60.84 61.33 16.13
CA LYS K 288 61.21 62.71 16.45
C LYS K 288 60.06 63.55 17.01
N GLY L 8 70.25 29.30 25.66
CA GLY L 8 71.25 29.53 24.58
C GLY L 8 71.29 28.39 23.57
N VAL L 9 70.22 27.61 23.53
CA VAL L 9 70.08 26.48 22.60
C VAL L 9 69.83 26.97 21.18
N GLU L 10 70.62 26.47 20.23
CA GLU L 10 70.54 26.91 18.83
C GLU L 10 69.95 25.81 17.94
N VAL L 11 68.82 26.12 17.32
CA VAL L 11 68.20 25.20 16.38
C VAL L 11 68.91 25.34 15.04
N LEU L 12 69.48 24.24 14.57
CA LEU L 12 70.16 24.23 13.28
C LEU L 12 69.21 23.79 12.18
N SER L 13 69.72 23.04 11.20
CA SER L 13 68.94 22.67 10.05
C SER L 13 68.25 21.34 10.22
N VAL L 14 67.14 21.18 9.49
CA VAL L 14 66.44 19.93 9.37
C VAL L 14 67.36 18.89 8.73
N VAL L 15 67.36 17.68 9.25
CA VAL L 15 68.18 16.60 8.72
C VAL L 15 67.61 16.12 7.39
N THR L 16 68.49 15.81 6.44
CA THR L 16 68.06 15.29 5.15
C THR L 16 68.51 13.85 4.94
N GLY L 17 67.57 12.98 4.61
CA GLY L 17 67.85 11.57 4.38
C GLY L 17 66.57 10.76 4.28
N GLU L 18 66.73 9.44 4.22
CA GLU L 18 65.58 8.53 4.08
C GLU L 18 64.72 8.49 5.35
N ASP L 19 65.33 8.11 6.47
CA ASP L 19 64.58 7.92 7.70
C ASP L 19 64.52 9.20 8.53
N SER L 20 64.40 10.35 7.86
CA SER L 20 64.35 11.63 8.55
C SER L 20 62.95 11.97 9.09
N ILE L 21 61.92 11.31 8.58
CA ILE L 21 60.55 11.54 9.02
C ILE L 21 59.96 10.28 9.65
N THR L 22 59.25 10.46 10.75
CA THR L 22 58.52 9.36 11.39
C THR L 22 57.12 9.78 11.86
N GLN L 23 56.26 8.77 12.07
CA GLN L 23 54.94 9.01 12.61
C GLN L 23 54.68 8.21 13.89
N ILE L 24 54.02 8.86 14.84
CA ILE L 24 53.69 8.27 16.14
C ILE L 24 52.17 8.29 16.34
N GLU L 25 51.59 7.09 16.40
CA GLU L 25 50.15 6.92 16.64
C GLU L 25 49.89 6.53 18.07
N LEU L 26 48.84 7.10 18.66
CA LEU L 26 48.34 6.67 19.98
C LEU L 26 46.93 7.15 20.27
N TYR L 27 46.31 6.52 21.26
CA TYR L 27 45.02 6.96 21.77
C TYR L 27 45.12 7.07 23.29
N LEU L 28 44.35 7.99 23.85
CA LEU L 28 44.33 8.16 25.29
C LEU L 28 42.89 8.06 25.79
N ASN L 29 42.63 7.08 26.66
CA ASN L 29 41.31 6.93 27.26
C ASN L 29 41.07 7.95 28.35
N PRO L 30 39.82 8.43 28.48
CA PRO L 30 39.57 9.55 29.39
C PRO L 30 39.65 9.15 30.85
N ARG L 31 40.00 10.11 31.71
CA ARG L 31 40.16 9.87 33.15
C ARG L 31 39.21 10.77 33.91
N MET L 32 37.94 10.37 33.92
CA MET L 32 36.88 11.19 34.48
C MET L 32 36.70 11.07 35.99
N GLY L 33 37.34 10.08 36.60
CA GLY L 33 37.21 9.85 38.04
C GLY L 33 37.14 8.38 38.39
N VAL L 34 36.33 7.64 37.63
CA VAL L 34 36.45 6.19 37.54
C VAL L 34 37.37 5.95 36.35
N ASN L 35 38.65 5.72 36.64
CA ASN L 35 39.69 5.81 35.62
C ASN L 35 40.08 4.50 34.96
N SER L 36 39.57 3.39 35.48
CA SER L 36 39.97 2.08 34.98
C SER L 36 38.80 1.17 34.65
N PRO L 37 38.92 0.42 33.54
CA PRO L 37 37.90 -0.55 33.16
C PRO L 37 38.10 -1.94 33.76
N ASP L 38 39.22 -2.15 34.45
CA ASP L 38 39.63 -3.49 34.88
C ASP L 38 39.46 -3.78 36.37
N LEU L 39 38.36 -3.32 36.96
CA LEU L 39 38.08 -3.60 38.37
C LEU L 39 36.74 -4.32 38.51
N THR L 41 33.84 -4.54 39.90
CA THR L 41 33.86 -3.70 41.10
C THR L 41 33.18 -2.34 40.88
N THR L 42 33.93 -1.36 40.36
CA THR L 42 33.42 0.00 40.14
C THR L 42 33.46 0.42 38.68
N SER L 43 34.04 -0.44 37.85
CA SER L 43 34.36 -0.13 36.45
C SER L 43 33.16 0.04 35.53
N ASN L 44 31.96 -0.27 35.99
CA ASN L 44 30.76 0.00 35.20
C ASN L 44 30.62 1.49 34.89
N TRP L 45 31.18 2.33 35.77
CA TRP L 45 31.13 3.78 35.61
C TRP L 45 32.43 4.37 35.00
N TYR L 46 33.21 3.51 34.38
CA TYR L 46 34.40 3.90 33.65
C TYR L 46 34.06 4.92 32.58
N THR L 47 34.86 5.99 32.51
CA THR L 47 34.66 7.15 31.60
C THR L 47 33.57 8.11 32.11
N TYR L 48 33.11 7.91 33.34
CA TYR L 48 32.20 8.85 34.01
C TYR L 48 32.75 9.26 35.38
N THR L 49 32.21 10.36 35.91
CA THR L 49 32.34 10.67 37.33
C THR L 49 31.24 9.92 38.09
N TYR L 50 31.21 10.08 39.40
CA TYR L 50 30.04 9.74 40.19
C TYR L 50 29.12 10.97 40.19
N ASP L 51 28.13 11.00 41.06
CA ASP L 51 27.16 12.09 41.02
C ASP L 51 27.75 13.36 41.62
N LEU L 52 27.60 14.45 40.88
CA LEU L 52 28.15 15.74 41.26
C LEU L 52 27.05 16.55 41.91
N GLN L 53 27.28 16.94 43.16
CA GLN L 53 26.29 17.68 43.91
C GLN L 53 26.96 18.65 44.84
N PRO L 54 26.34 19.83 45.05
CA PRO L 54 26.80 20.71 46.13
C PRO L 54 26.47 20.07 47.48
N LYS L 55 27.43 20.11 48.40
CA LYS L 55 27.27 19.51 49.73
C LYS L 55 26.13 20.17 50.52
N GLY L 56 26.02 21.49 50.44
CA GLY L 56 24.99 22.23 51.18
C GLY L 56 25.51 22.74 52.51
N SER L 57 26.66 22.24 52.93
CA SER L 57 27.36 22.74 54.10
C SER L 57 28.87 22.79 53.81
N SER L 58 29.57 23.67 54.54
N SER L 58 29.57 23.68 54.51
CA SER L 58 31.01 23.86 54.37
CA SER L 58 31.02 23.85 54.31
C SER L 58 31.82 22.88 55.23
C SER L 58 31.82 22.89 55.21
N PRO L 59 32.99 22.41 54.73
CA PRO L 59 33.56 22.68 53.40
C PRO L 59 33.28 21.56 52.42
N ASP L 60 33.39 21.87 51.12
CA ASP L 60 33.37 20.85 50.09
C ASP L 60 34.56 19.91 50.31
N GLN L 61 34.28 18.62 50.22
CA GLN L 61 35.30 17.59 50.36
C GLN L 61 35.15 16.56 49.23
N PRO L 62 35.46 16.97 47.98
CA PRO L 62 35.18 16.10 46.84
C PRO L 62 35.91 14.76 46.90
N ILE L 63 35.26 13.73 46.39
CA ILE L 63 35.87 12.41 46.26
C ILE L 63 36.63 12.36 44.94
N LYS L 64 37.59 11.44 44.86
CA LYS L 64 38.43 11.35 43.66
C LYS L 64 37.65 10.99 42.38
N GLU L 65 36.51 10.32 42.55
CA GLU L 65 35.67 9.89 41.43
C GLU L 65 34.89 11.05 40.83
N ASN L 66 34.87 12.17 41.53
CA ASN L 66 34.23 13.38 41.03
C ASN L 66 35.24 14.41 40.50
N LEU L 67 36.46 13.95 40.21
CA LEU L 67 37.53 14.84 39.73
C LEU L 67 38.16 14.36 38.41
N PRO L 68 37.52 14.70 37.27
CA PRO L 68 38.12 14.42 35.98
C PRO L 68 39.54 14.99 35.93
N ALA L 69 40.46 14.21 35.37
CA ALA L 69 41.87 14.57 35.29
C ALA L 69 42.40 14.54 33.86
N TYR L 70 43.54 15.20 33.62
CA TYR L 70 44.21 15.16 32.32
C TYR L 70 44.70 13.76 32.01
N SER L 71 44.60 13.38 30.73
CA SER L 71 45.24 12.19 30.23
C SER L 71 46.61 12.60 29.75
N VAL L 72 47.58 11.71 29.86
CA VAL L 72 48.93 12.01 29.37
C VAL L 72 49.73 10.75 29.16
N ALA L 73 50.60 10.79 28.16
CA ALA L 73 51.53 9.72 27.89
C ALA L 73 52.85 10.30 27.38
N ARG L 74 53.95 9.65 27.74
CA ARG L 74 55.24 9.93 27.14
C ARG L 74 55.50 8.79 26.18
N VAL L 75 55.77 9.12 24.93
CA VAL L 75 56.05 8.13 23.89
C VAL L 75 57.55 8.12 23.62
N SER L 76 58.15 6.95 23.78
CA SER L 76 59.57 6.77 23.50
C SER L 76 59.78 6.80 22.00
N LEU L 77 60.76 7.59 21.57
CA LEU L 77 61.04 7.82 20.16
C LEU L 77 62.35 7.12 19.80
N PRO L 78 62.55 6.78 18.51
CA PRO L 78 63.82 6.16 18.11
C PRO L 78 65.02 6.95 18.60
N MET L 79 66.00 6.24 19.15
CA MET L 79 67.25 6.84 19.61
C MET L 79 68.04 7.34 18.40
N LEU L 80 68.66 8.51 18.54
CA LEU L 80 69.27 9.20 17.40
C LEU L 80 70.79 9.40 17.51
N ASN L 81 71.30 9.36 18.73
CA ASN L 81 72.72 9.62 18.98
C ASN L 81 73.39 8.52 19.80
N THR L 88 76.32 19.12 19.80
CA THR L 88 75.53 19.13 18.58
C THR L 88 74.90 17.76 18.33
N LEU L 89 73.57 17.71 18.33
CA LEU L 89 72.85 16.45 18.25
C LEU L 89 71.52 16.52 17.48
N GLN L 90 71.09 15.38 16.99
CA GLN L 90 69.78 15.25 16.35
C GLN L 90 68.69 15.09 17.40
N MET L 91 67.60 15.82 17.23
CA MET L 91 66.44 15.72 18.10
C MET L 91 65.22 15.59 17.21
N TRP L 92 64.27 14.75 17.61
CA TRP L 92 63.01 14.70 16.90
C TRP L 92 62.25 16.00 17.11
N GLU L 93 61.62 16.49 16.03
CA GLU L 93 60.84 17.72 16.05
C GLU L 93 59.44 17.39 15.54
N ALA L 94 58.45 17.66 16.37
CA ALA L 94 57.06 17.41 16.04
C ALA L 94 56.56 18.54 15.16
N ILE L 95 56.15 18.21 13.94
CA ILE L 95 55.77 19.25 12.98
C ILE L 95 54.27 19.36 12.76
N SER L 96 53.56 18.24 12.86
CA SER L 96 52.11 18.27 12.72
C SER L 96 51.46 17.14 13.48
N VAL L 97 50.14 17.22 13.64
CA VAL L 97 49.36 16.22 14.35
C VAL L 97 47.95 16.15 13.78
N LYS L 98 47.46 14.94 13.56
CA LYS L 98 46.03 14.74 13.34
C LYS L 98 45.45 14.13 14.61
N THR L 99 44.54 14.87 15.24
CA THR L 99 43.89 14.45 16.48
C THR L 99 42.37 14.44 16.32
N GLU L 100 41.72 13.47 16.96
CA GLU L 100 40.27 13.29 16.86
C GLU L 100 39.70 12.76 18.17
N VAL L 101 38.57 13.29 18.59
CA VAL L 101 37.81 12.75 19.72
C VAL L 101 37.03 11.53 19.20
N VAL L 102 37.24 10.38 19.83
CA VAL L 102 36.67 9.12 19.34
C VAL L 102 35.38 8.76 20.07
N GLY L 103 34.42 8.20 19.32
CA GLY L 103 33.18 7.71 19.91
C GLY L 103 32.12 8.79 20.02
N ILE L 104 32.23 9.83 19.19
CA ILE L 104 31.30 10.95 19.28
C ILE L 104 29.87 10.47 19.01
N SER L 105 29.74 9.50 18.10
CA SER L 105 28.46 8.97 17.67
C SER L 105 27.69 8.23 18.78
N SER L 106 28.41 7.75 19.79
CA SER L 106 27.79 7.08 20.93
C SER L 106 26.81 7.98 21.68
N LEU L 107 26.98 9.28 21.54
CA LEU L 107 26.17 10.25 22.28
C LEU L 107 24.76 10.48 21.70
N ILE L 108 24.41 9.75 20.63
CA ILE L 108 23.03 9.83 20.12
C ILE L 108 22.10 8.97 20.96
N ASN L 109 22.67 8.13 21.84
CA ASN L 109 21.89 7.24 22.73
C ASN L 109 21.05 8.07 23.70
N VAL L 110 19.73 8.03 23.51
CA VAL L 110 18.79 8.72 24.42
C VAL L 110 17.87 7.70 25.12
N HIS L 111 18.38 6.49 25.31
CA HIS L 111 17.63 5.41 25.92
C HIS L 111 18.49 4.65 26.93
N TYR L 112 19.36 5.37 27.63
CA TYR L 112 20.11 4.79 28.74
C TYR L 112 19.09 4.39 29.81
N TRP L 113 19.21 3.17 30.35
CA TRP L 113 18.11 2.61 31.17
C TRP L 113 17.60 3.55 32.27
N ASP L 114 18.51 4.32 32.88
CA ASP L 114 18.14 5.23 33.98
C ASP L 114 18.24 6.72 33.61
N MET L 115 17.94 7.04 32.35
CA MET L 115 18.10 8.41 31.86
C MET L 115 16.89 9.26 32.24
N LYS L 116 17.13 10.43 32.79
CA LYS L 116 16.05 11.41 33.01
C LYS L 116 15.41 11.77 31.66
N ARG L 117 14.09 11.84 31.64
CA ARG L 117 13.37 12.10 30.40
C ARG L 117 13.28 13.60 30.15
N VAL L 118 13.12 13.97 28.88
CA VAL L 118 12.85 15.35 28.48
C VAL L 118 11.49 15.82 29.05
N HIS L 119 10.48 14.97 28.90
CA HIS L 119 9.18 15.14 29.54
C HIS L 119 8.57 13.75 29.70
N ASP L 120 7.40 13.65 30.34
CA ASP L 120 6.74 12.35 30.52
C ASP L 120 6.59 11.60 29.20
N TYR L 121 6.96 10.32 29.21
CA TYR L 121 6.91 9.44 28.02
C TYR L 121 7.94 9.76 26.94
N GLY L 122 8.77 10.77 27.16
CA GLY L 122 9.76 11.17 26.17
C GLY L 122 11.06 10.40 26.21
N ALA L 123 11.94 10.73 25.26
CA ALA L 123 13.31 10.26 25.24
C ALA L 123 14.11 10.81 26.41
N GLY L 124 15.24 10.16 26.70
CA GLY L 124 16.18 10.67 27.69
C GLY L 124 16.86 11.96 27.27
N ILE L 125 17.31 12.74 28.25
CA ILE L 125 18.10 13.93 27.96
C ILE L 125 19.47 13.44 27.49
N PRO L 126 19.88 13.86 26.28
CA PRO L 126 21.17 13.39 25.77
C PRO L 126 22.34 13.99 26.55
N VAL L 127 23.48 13.31 26.50
CA VAL L 127 24.71 13.86 27.08
C VAL L 127 24.93 15.30 26.62
N SER L 128 24.87 16.24 27.56
N SER L 128 24.81 16.24 27.56
CA SER L 128 24.92 17.66 27.24
CA SER L 128 24.83 17.67 27.25
C SER L 128 25.34 18.48 28.46
C SER L 128 25.41 18.46 28.43
N GLY L 129 25.67 19.75 28.21
CA GLY L 129 26.09 20.65 29.27
C GLY L 129 27.55 21.02 29.22
N VAL L 130 28.20 20.92 30.37
CA VAL L 130 29.59 21.35 30.53
C VAL L 130 30.51 20.54 29.62
N ASN L 131 31.20 21.24 28.73
CA ASN L 131 32.27 20.66 27.93
C ASN L 131 33.60 21.33 28.24
N TYR L 132 34.66 20.54 28.12
CA TYR L 132 36.03 21.00 28.26
C TYR L 132 36.87 20.14 27.33
N HIS L 133 37.61 20.79 26.42
CA HIS L 133 38.38 20.08 25.42
C HIS L 133 39.71 20.73 25.23
N MET L 134 40.77 19.94 25.40
CA MET L 134 42.13 20.41 25.14
C MET L 134 43.02 19.26 24.73
N PHE L 135 44.03 19.55 23.92
CA PHE L 135 45.11 18.62 23.69
C PHE L 135 46.41 19.43 23.63
N ALA L 136 47.54 18.73 23.79
CA ALA L 136 48.85 19.36 23.76
C ALA L 136 49.89 18.35 23.31
N ILE L 137 50.85 18.82 22.54
CA ILE L 137 51.99 18.03 22.09
C ILE L 137 53.22 18.83 22.47
N GLY L 138 54.19 18.15 23.11
CA GLY L 138 55.40 18.78 23.61
C GLY L 138 56.59 17.83 23.62
N GLY L 139 57.79 18.40 23.70
CA GLY L 139 59.00 17.60 23.88
C GLY L 139 59.41 17.46 25.33
N GLU L 140 58.52 17.91 26.23
CA GLU L 140 58.66 17.77 27.69
C GLU L 140 57.24 17.87 28.29
N PRO L 141 57.09 17.63 29.60
CA PRO L 141 55.72 17.63 30.12
C PRO L 141 55.05 19.01 30.03
N LEU L 142 53.73 19.02 29.88
CA LEU L 142 52.98 20.27 29.93
C LEU L 142 53.11 20.96 31.29
N ASP L 143 53.50 22.22 31.28
CA ASP L 143 53.53 23.04 32.49
C ASP L 143 52.11 23.47 32.86
N LEU L 144 51.80 23.34 34.16
CA LEU L 144 50.46 23.64 34.67
C LEU L 144 50.46 24.81 35.64
N GLN L 145 49.36 25.57 35.63
CA GLN L 145 49.13 26.61 36.62
C GLN L 145 47.93 26.18 37.47
N GLY L 146 48.07 26.33 38.78
CA GLY L 146 46.97 26.02 39.70
C GLY L 146 46.05 27.21 39.91
N LEU L 147 44.73 26.96 39.86
CA LEU L 147 43.71 27.98 40.12
C LEU L 147 42.40 27.27 40.39
N VAL L 148 41.76 27.57 41.52
CA VAL L 148 40.48 26.93 41.85
C VAL L 148 39.33 27.92 42.05
N LEU L 149 38.10 27.43 41.80
CA LEU L 149 36.87 28.16 42.11
C LEU L 149 36.77 28.55 43.60
N ASP L 150 37.11 27.61 44.48
CA ASP L 150 36.99 27.82 45.93
C ASP L 150 38.25 27.28 46.64
N TYR L 151 38.96 28.17 47.34
CA TYR L 151 40.23 27.81 48.00
C TYR L 151 40.01 26.98 49.27
N GLN L 152 38.81 27.03 49.83
CA GLN L 152 38.49 26.25 51.04
C GLN L 152 38.09 24.82 50.69
N THR L 153 38.07 24.49 49.40
CA THR L 153 37.77 23.12 48.98
C THR L 153 38.85 22.21 49.53
N GLN L 154 38.44 21.13 50.18
CA GLN L 154 39.37 20.17 50.75
C GLN L 154 39.53 18.96 49.84
N TYR L 155 40.51 19.03 48.94
CA TYR L 155 40.80 17.95 48.00
C TYR L 155 41.41 16.76 48.74
N PRO L 156 41.22 15.54 48.22
CA PRO L 156 41.76 14.36 48.90
C PRO L 156 43.28 14.36 48.84
N LYS L 157 43.92 13.59 49.72
CA LYS L 157 45.38 13.52 49.76
C LYS L 157 45.92 12.41 48.86
N THR L 158 47.24 12.36 48.71
CA THR L 158 47.90 11.37 47.86
C THR L 158 48.34 10.14 48.67
N GLY L 162 44.53 9.01 44.14
CA GLY L 162 45.26 10.06 44.82
C GLY L 162 45.65 11.18 43.89
N PRO L 163 44.81 12.24 43.79
CA PRO L 163 45.05 13.38 42.90
C PRO L 163 46.08 14.35 43.47
N ILE L 164 46.88 14.94 42.58
CA ILE L 164 47.85 15.96 42.96
C ILE L 164 47.19 17.31 42.79
N THR L 165 47.09 18.06 43.88
CA THR L 165 46.48 19.39 43.84
C THR L 165 47.44 20.45 44.39
N ILE L 166 46.93 21.66 44.57
CA ILE L 166 47.76 22.79 44.95
C ILE L 166 48.38 22.55 46.32
N GLU L 167 47.57 22.11 47.28
CA GLU L 167 48.12 21.81 48.62
C GLU L 167 49.23 20.75 48.53
N THR L 168 49.04 19.75 47.67
CA THR L 168 50.04 18.70 47.44
C THR L 168 51.39 19.26 47.01
N VAL L 169 51.38 20.16 46.02
CA VAL L 169 52.62 20.73 45.49
C VAL L 169 53.24 21.76 46.42
N LEU L 170 52.42 22.61 47.04
CA LEU L 170 52.91 23.68 47.90
C LEU L 170 53.40 23.19 49.27
N GLY L 171 52.89 22.06 49.71
CA GLY L 171 53.18 21.54 51.06
C GLY L 171 52.55 22.38 52.16
N ARG L 172 51.42 23.02 51.85
CA ARG L 172 50.68 23.85 52.79
C ARG L 172 49.29 24.12 52.22
N LYS L 173 48.39 24.65 53.04
CA LYS L 173 47.01 24.88 52.63
C LYS L 173 46.90 26.00 51.60
N MET L 174 45.87 25.92 50.75
CA MET L 174 45.54 27.04 49.86
C MET L 174 45.08 28.26 50.67
N THR L 175 45.24 29.44 50.09
CA THR L 175 44.73 30.67 50.68
C THR L 175 43.85 31.31 49.60
N PRO L 176 43.17 32.43 49.93
CA PRO L 176 42.35 33.11 48.92
C PRO L 176 43.09 33.40 47.59
N LYS L 177 44.39 33.65 47.65
CA LYS L 177 45.16 33.95 46.45
C LYS L 177 45.15 32.82 45.40
N ASN L 178 44.78 31.62 45.80
CA ASN L 178 44.66 30.51 44.85
C ASN L 178 43.33 30.47 44.10
N GLN L 179 42.48 31.45 44.39
CA GLN L 179 41.32 31.72 43.54
C GLN L 179 41.71 32.64 42.38
N GLY L 180 42.90 33.22 42.47
CA GLY L 180 43.52 33.98 41.38
C GLY L 180 44.78 33.26 40.93
N LEU L 181 45.69 33.99 40.26
CA LEU L 181 46.92 33.38 39.79
C LEU L 181 48.00 33.56 40.85
N ASP L 182 48.39 32.44 41.47
CA ASP L 182 49.50 32.39 42.42
C ASP L 182 50.70 31.73 41.73
N PRO L 183 51.76 32.52 41.46
CA PRO L 183 52.91 31.99 40.70
C PRO L 183 53.58 30.79 41.36
N GLN L 184 53.37 30.60 42.66
CA GLN L 184 53.96 29.47 43.36
C GLN L 184 53.20 28.17 43.08
N ALA L 185 51.93 28.32 42.67
CA ALA L 185 51.07 27.18 42.40
C ALA L 185 51.28 26.64 40.99
N LYS L 186 52.35 25.89 40.80
CA LYS L 186 52.72 25.35 39.49
C LYS L 186 53.11 23.88 39.60
N ALA L 187 53.10 23.17 38.49
CA ALA L 187 53.41 21.73 38.47
C ALA L 187 53.58 21.28 37.02
N LYS L 188 54.04 20.06 36.84
CA LYS L 188 54.16 19.48 35.52
C LYS L 188 53.19 18.32 35.34
N LEU L 189 52.57 18.25 34.17
CA LEU L 189 51.66 17.16 33.84
C LEU L 189 52.47 15.90 33.55
N ASP L 190 52.85 15.19 34.61
CA ASP L 190 53.76 14.05 34.48
C ASP L 190 53.12 12.69 34.77
N LYS L 191 51.85 12.69 35.18
CA LYS L 191 51.13 11.45 35.49
C LYS L 191 49.70 11.46 34.96
N ASP L 192 49.37 10.38 34.24
CA ASP L 192 48.04 10.15 33.67
C ASP L 192 46.98 10.07 34.78
N GLY L 193 45.86 10.76 34.59
CA GLY L 193 44.74 10.70 35.52
C GLY L 193 44.98 11.14 36.95
N ASN L 194 46.07 11.90 37.17
CA ASN L 194 46.43 12.37 38.51
C ASN L 194 46.22 13.86 38.76
N TYR L 195 46.07 14.65 37.69
CA TYR L 195 45.91 16.10 37.84
C TYR L 195 44.48 16.56 37.51
N PRO L 196 43.70 16.92 38.54
CA PRO L 196 42.31 17.36 38.34
C PRO L 196 42.22 18.57 37.42
N ILE L 197 41.29 18.51 36.48
CA ILE L 197 41.09 19.57 35.51
C ILE L 197 40.64 20.85 36.21
N GLU L 198 39.87 20.70 37.29
CA GLU L 198 39.27 21.85 37.96
C GLU L 198 40.30 22.58 38.81
N VAL L 199 41.45 21.95 39.00
CA VAL L 199 42.53 22.55 39.77
C VAL L 199 43.59 23.16 38.85
N TRP L 200 43.87 22.48 37.74
CA TRP L 200 45.05 22.80 36.91
C TRP L 200 44.71 23.19 35.48
N CYS L 201 45.34 24.26 34.99
CA CYS L 201 45.24 24.67 33.58
C CYS L 201 46.64 24.81 32.98
N PRO L 202 46.77 24.78 31.63
CA PRO L 202 48.09 24.99 31.04
C PRO L 202 48.64 26.35 31.43
N ASP L 203 49.94 26.40 31.74
CA ASP L 203 50.63 27.63 32.14
C ASP L 203 51.16 28.40 30.92
N PRO L 204 50.57 29.58 30.62
CA PRO L 204 50.99 30.35 29.44
C PRO L 204 52.29 31.11 29.66
N SER L 205 52.76 31.18 30.90
CA SER L 205 54.06 31.78 31.20
C SER L 205 55.21 30.81 30.95
N LYS L 206 54.91 29.55 30.69
CA LYS L 206 55.93 28.57 30.31
C LYS L 206 55.55 27.88 29.02
N ASN L 207 55.77 26.57 28.94
CA ASN L 207 55.35 25.76 27.78
C ASN L 207 55.94 26.18 26.43
N GLU L 208 57.14 26.77 26.47
CA GLU L 208 57.81 27.22 25.27
C GLU L 208 58.03 26.06 24.30
N ASN L 209 58.16 24.85 24.85
CA ASN L 209 58.44 23.67 24.06
C ASN L 209 57.22 22.76 23.91
N SER L 210 56.04 23.30 24.17
CA SER L 210 54.79 22.59 23.92
C SER L 210 53.80 23.45 23.14
N ARG L 211 52.86 22.79 22.47
CA ARG L 211 51.77 23.49 21.83
C ARG L 211 50.49 22.97 22.45
N TYR L 212 49.64 23.86 22.94
CA TYR L 212 48.35 23.41 23.49
C TYR L 212 47.16 24.20 22.93
N TYR L 213 45.99 23.60 22.98
CA TYR L 213 44.78 24.10 22.33
C TYR L 213 43.58 23.59 23.12
N GLY L 214 42.80 24.50 23.69
CA GLY L 214 41.60 24.07 24.42
C GLY L 214 40.45 25.04 24.44
N SER L 215 39.33 24.60 25.02
CA SER L 215 38.12 25.42 25.13
C SER L 215 37.25 24.92 26.26
N ILE L 216 36.38 25.80 26.75
CA ILE L 216 35.36 25.37 27.70
C ILE L 216 34.00 25.80 27.18
N GLN L 217 32.96 25.14 27.71
CA GLN L 217 31.57 25.47 27.48
C GLN L 217 30.84 25.09 28.75
N THR L 218 30.29 26.08 29.46
CA THR L 218 29.54 25.82 30.69
C THR L 218 28.02 25.80 30.43
N GLY L 219 27.24 25.57 31.48
CA GLY L 219 25.79 25.45 31.36
C GLY L 219 25.39 24.01 31.59
N SER L 220 24.13 23.79 31.96
CA SER L 220 23.70 22.45 32.36
C SER L 220 23.29 21.55 31.21
N GLN L 221 22.49 22.10 30.29
CA GLN L 221 21.97 21.33 29.16
C GLN L 221 22.46 21.87 27.81
N THR L 222 23.52 22.69 27.85
CA THR L 222 24.10 23.28 26.63
C THR L 222 24.44 22.17 25.64
N PRO L 223 23.98 22.30 24.38
CA PRO L 223 24.25 21.26 23.38
C PRO L 223 25.73 20.91 23.27
N THR L 224 26.04 19.63 23.24
CA THR L 224 27.38 19.18 22.92
C THR L 224 27.51 19.22 21.41
N VAL L 225 28.46 20.03 20.93
CA VAL L 225 28.63 20.26 19.50
C VAL L 225 30.08 20.00 19.13
N LEU L 226 30.30 18.88 18.45
CA LEU L 226 31.63 18.38 18.12
C LEU L 226 31.76 17.98 16.65
N GLN L 227 32.96 18.14 16.10
CA GLN L 227 33.25 17.72 14.74
C GLN L 227 34.27 16.62 14.78
N PHE L 228 34.30 15.83 13.72
CA PHE L 228 35.31 14.80 13.50
C PHE L 228 35.54 14.66 12.00
N SER L 229 36.80 14.54 11.60
CA SER L 229 37.22 14.47 10.20
C SER L 229 38.68 14.07 10.11
N ASN L 230 39.00 13.08 9.27
CA ASN L 230 40.39 12.65 9.08
C ASN L 230 41.16 13.54 8.10
N THR L 231 40.58 14.69 7.73
CA THR L 231 41.23 15.65 6.85
C THR L 231 41.76 16.89 7.59
N LEU L 232 41.62 16.93 8.90
CA LEU L 232 42.09 18.07 9.68
C LEU L 232 43.47 17.85 10.27
N THR L 233 44.39 18.75 9.95
CA THR L 233 45.77 18.70 10.43
C THR L 233 46.07 19.94 11.27
N THR L 234 46.73 19.76 12.41
CA THR L 234 47.22 20.89 13.17
C THR L 234 48.74 21.02 13.01
N VAL L 235 49.16 22.17 12.50
CA VAL L 235 50.57 22.48 12.29
C VAL L 235 51.20 22.96 13.60
N LEU L 236 52.30 22.34 14.00
CA LEU L 236 52.90 22.60 15.32
C LEU L 236 54.09 23.56 15.29
N LEU L 237 54.50 23.97 14.09
CA LEU L 237 55.64 24.89 13.97
C LEU L 237 55.28 26.24 14.57
N ASP L 238 56.22 26.85 15.27
CA ASP L 238 56.04 28.21 15.76
C ASP L 238 56.33 29.23 14.65
N GLU L 239 56.31 30.52 15.02
CA GLU L 239 56.53 31.62 14.08
C GLU L 239 57.89 31.55 13.37
N ASN L 240 58.86 30.92 14.02
CA ASN L 240 60.19 30.73 13.45
C ASN L 240 60.29 29.42 12.67
N GLY L 241 59.19 28.68 12.59
CA GLY L 241 59.12 27.43 11.82
C GLY L 241 59.70 26.22 12.53
N VAL L 242 59.72 26.29 13.87
CA VAL L 242 60.27 25.23 14.70
C VAL L 242 59.15 24.59 15.54
N GLY L 243 59.10 23.26 15.53
CA GLY L 243 58.13 22.53 16.33
C GLY L 243 58.73 22.14 17.67
N PRO L 244 57.91 21.60 18.58
CA PRO L 244 58.45 21.14 19.86
C PRO L 244 59.59 20.14 19.65
N LEU L 245 60.65 20.29 20.44
CA LEU L 245 61.84 19.45 20.33
C LEU L 245 61.91 18.45 21.48
N CYS L 246 62.03 17.17 21.14
CA CYS L 246 61.86 16.08 22.10
C CYS L 246 63.14 15.74 22.87
N LYS L 247 63.23 16.33 24.07
CA LYS L 247 64.39 16.20 24.96
C LYS L 247 64.50 14.81 25.56
N GLY L 248 65.55 14.10 25.22
CA GLY L 248 65.72 12.74 25.71
C GLY L 248 64.90 11.74 24.91
N ASP L 249 64.56 12.11 23.68
CA ASP L 249 63.82 11.26 22.74
C ASP L 249 62.43 10.85 23.25
N GLY L 250 61.74 11.80 23.87
CA GLY L 250 60.41 11.55 24.41
C GLY L 250 59.39 12.57 23.93
N LEU L 251 58.23 12.07 23.49
CA LEU L 251 57.16 12.91 23.02
C LEU L 251 56.03 12.92 24.04
N PHE L 252 55.66 14.11 24.51
CA PHE L 252 54.60 14.22 25.50
C PHE L 252 53.30 14.63 24.86
N ILE L 253 52.24 13.87 25.16
CA ILE L 253 50.92 14.10 24.60
C ILE L 253 49.89 14.17 25.72
N SER L 254 49.09 15.24 25.72
CA SER L 254 48.20 15.56 26.82
C SER L 254 46.82 15.95 26.32
N CYS L 255 45.77 15.59 27.05
CA CYS L 255 44.40 15.95 26.63
C CYS L 255 43.35 15.81 27.72
N ALA L 256 42.19 16.40 27.45
CA ALA L 256 41.01 16.25 28.29
C ALA L 256 39.81 16.50 27.39
N ASP L 257 38.81 15.63 27.47
CA ASP L 257 37.61 15.79 26.66
C ASP L 257 36.35 15.46 27.45
N ILE L 258 35.85 16.45 28.20
CA ILE L 258 34.58 16.32 28.87
C ILE L 258 33.49 16.70 27.88
N VAL L 259 32.52 15.79 27.70
CA VAL L 259 31.47 15.94 26.66
C VAL L 259 30.08 16.21 27.22
N GLY L 260 29.99 16.40 28.53
CA GLY L 260 28.71 16.74 29.15
C GLY L 260 28.26 15.77 30.23
N PHE L 261 27.04 16.01 30.74
CA PHE L 261 26.48 15.27 31.86
C PHE L 261 25.61 14.12 31.37
N LEU L 262 25.69 12.99 32.06
CA LEU L 262 24.66 11.96 31.99
C LEU L 262 23.56 12.30 32.99
N PHE L 263 22.34 12.52 32.50
CA PHE L 263 21.24 12.92 33.35
C PHE L 263 20.45 11.71 33.81
N LYS L 264 20.39 11.50 35.13
CA LYS L 264 19.74 10.29 35.66
C LYS L 264 18.32 10.57 36.18
N THR L 265 17.46 9.56 36.14
CA THR L 265 16.02 9.69 36.46
C THR L 265 15.74 10.58 37.68
N SER L 266 16.50 10.35 38.76
CA SER L 266 16.28 11.02 40.03
C SER L 266 16.62 12.50 39.99
N GLY L 267 17.40 12.90 39.00
CA GLY L 267 17.94 14.25 38.95
C GLY L 267 19.45 14.27 39.14
N LYS L 268 20.01 13.16 39.62
CA LYS L 268 21.46 13.04 39.74
C LYS L 268 22.15 13.19 38.38
N MET L 269 23.38 13.67 38.39
CA MET L 269 24.10 14.03 37.17
C MET L 269 25.57 13.68 37.30
N ALA L 270 26.09 12.99 36.28
CA ALA L 270 27.52 12.63 36.25
C ALA L 270 28.16 13.18 34.96
N LEU L 271 29.41 13.64 35.06
CA LEU L 271 30.17 14.06 33.87
C LEU L 271 30.72 12.84 33.12
N HIS L 272 30.89 12.97 31.81
CA HIS L 272 31.28 11.86 30.93
C HIS L 272 32.41 12.35 30.03
N GLY L 273 33.37 11.47 29.74
CA GLY L 273 34.46 11.82 28.84
C GLY L 273 34.54 10.86 27.67
N LEU L 274 35.20 11.32 26.60
CA LEU L 274 35.51 10.49 25.42
C LEU L 274 37.02 10.39 25.17
N PRO L 275 37.50 9.26 24.57
CA PRO L 275 38.92 9.14 24.28
C PRO L 275 39.36 10.01 23.09
N ARG L 276 40.67 10.18 22.95
CA ARG L 276 41.23 11.02 21.91
C ARG L 276 42.37 10.32 21.18
N TYR L 277 42.31 10.35 19.87
CA TYR L 277 43.35 9.77 19.03
C TYR L 277 44.34 10.82 18.52
N PHE L 278 45.59 10.40 18.34
CA PHE L 278 46.66 11.26 17.82
C PHE L 278 47.49 10.52 16.79
N ASN L 279 47.87 11.26 15.76
CA ASN L 279 48.88 10.82 14.82
C ASN L 279 49.81 12.01 14.58
N VAL L 280 50.97 11.96 15.23
CA VAL L 280 51.96 13.04 15.19
C VAL L 280 53.03 12.73 14.15
N THR L 281 53.33 13.72 13.31
CA THR L 281 54.44 13.63 12.37
C THR L 281 55.66 14.34 12.97
N LEU L 282 56.80 13.64 12.96
CA LEU L 282 58.06 14.19 13.48
C LEU L 282 59.18 14.11 12.45
N ARG L 283 60.07 15.10 12.48
CA ARG L 283 61.26 15.09 11.63
C ARG L 283 62.50 15.32 12.49
N LYS L 284 63.65 14.89 11.97
CA LYS L 284 64.92 15.04 12.67
C LYS L 284 65.48 16.44 12.46
N ARG L 285 65.96 17.04 13.55
CA ARG L 285 66.48 18.38 13.52
C ARG L 285 67.83 18.44 14.23
N TRP L 286 68.83 19.02 13.56
CA TRP L 286 70.12 19.29 14.22
C TRP L 286 69.93 20.42 15.24
N VAL L 287 70.45 20.23 16.45
CA VAL L 287 70.48 21.30 17.45
C VAL L 287 71.85 21.35 18.12
N LYS L 288 72.22 22.52 18.65
CA LYS L 288 73.53 22.73 19.27
C LYS L 288 73.41 22.79 20.80
N VAL M 9 52.50 0.63 -1.92
CA VAL M 9 51.69 1.33 -2.98
C VAL M 9 52.36 2.63 -3.41
N GLU M 10 52.71 2.72 -4.70
CA GLU M 10 53.30 3.91 -5.27
C GLU M 10 52.32 4.58 -6.23
N VAL M 11 51.92 5.81 -5.90
CA VAL M 11 51.05 6.60 -6.74
C VAL M 11 51.89 7.27 -7.83
N LEU M 12 51.56 6.99 -9.09
CA LEU M 12 52.26 7.63 -10.20
C LEU M 12 51.49 8.83 -10.75
N SER M 13 51.59 9.07 -12.05
CA SER M 13 51.08 10.29 -12.65
C SER M 13 49.60 10.16 -13.04
N VAL M 14 48.93 11.30 -13.09
CA VAL M 14 47.54 11.37 -13.54
C VAL M 14 47.49 11.01 -15.01
N VAL M 15 46.50 10.21 -15.40
CA VAL M 15 46.35 9.81 -16.80
C VAL M 15 45.88 10.99 -17.66
N THR M 16 46.61 11.25 -18.74
CA THR M 16 46.19 12.24 -19.74
C THR M 16 45.51 11.53 -20.90
N GLY M 17 44.36 12.06 -21.29
CA GLY M 17 43.57 11.47 -22.37
C GLY M 17 42.18 12.08 -22.40
N GLU M 18 41.43 11.73 -23.45
CA GLU M 18 40.09 12.27 -23.65
C GLU M 18 39.16 11.94 -22.49
N ASP M 19 38.96 10.65 -22.22
CA ASP M 19 37.95 10.24 -21.27
C ASP M 19 38.52 9.84 -19.91
N SER M 20 39.49 10.63 -19.44
CA SER M 20 40.18 10.35 -18.18
C SER M 20 39.39 10.78 -16.94
N ILE M 21 38.41 11.65 -17.14
CA ILE M 21 37.57 12.18 -16.06
C ILE M 21 36.14 11.66 -16.16
N THR M 22 35.61 11.18 -15.04
CA THR M 22 34.21 10.76 -15.01
C THR M 22 33.45 11.33 -13.80
N GLN M 23 32.13 11.27 -13.86
CA GLN M 23 31.28 11.72 -12.76
C GLN M 23 30.27 10.66 -12.34
N ILE M 24 30.11 10.50 -11.03
CA ILE M 24 29.20 9.52 -10.45
C ILE M 24 28.16 10.21 -9.55
N GLU M 25 26.88 9.96 -9.82
CA GLU M 25 25.78 10.48 -9.01
C GLU M 25 25.12 9.35 -8.21
N LEU M 26 24.72 9.68 -6.99
CA LEU M 26 24.11 8.72 -6.09
C LEU M 26 23.32 9.44 -5.01
N TYR M 27 22.21 8.85 -4.58
CA TYR M 27 21.53 9.29 -3.37
C TYR M 27 21.40 8.12 -2.40
N LEU M 28 21.42 8.42 -1.11
CA LEU M 28 21.22 7.40 -0.08
C LEU M 28 20.07 7.76 0.84
N ASN M 29 19.04 6.92 0.87
CA ASN M 29 17.93 7.14 1.79
C ASN M 29 18.29 6.73 3.22
N PRO M 30 17.77 7.47 4.21
CA PRO M 30 18.26 7.25 5.57
C PRO M 30 17.75 5.94 6.17
N ARG M 31 18.53 5.37 7.08
CA ARG M 31 18.19 4.12 7.72
C ARG M 31 18.09 4.35 9.22
N MET M 32 16.95 4.92 9.64
CA MET M 32 16.74 5.35 11.01
C MET M 32 16.27 4.24 11.96
N GLY M 33 15.94 3.07 11.42
CA GLY M 33 15.38 1.99 12.23
C GLY M 33 14.28 1.29 11.45
N VAL M 34 13.29 2.06 11.02
CA VAL M 34 12.32 1.56 10.04
C VAL M 34 12.97 1.82 8.69
N ASN M 35 13.61 0.80 8.14
CA ASN M 35 14.59 0.97 7.05
C ASN M 35 14.07 0.85 5.62
N SER M 36 12.84 0.38 5.45
CA SER M 36 12.27 0.21 4.12
C SER M 36 10.86 0.83 4.02
N PRO M 37 10.49 1.30 2.83
CA PRO M 37 9.14 1.81 2.61
C PRO M 37 8.09 0.75 2.19
N ASP M 38 8.49 -0.51 2.04
CA ASP M 38 7.63 -1.53 1.41
C ASP M 38 6.83 -2.46 2.34
N LEU M 39 7.00 -2.31 3.64
CA LEU M 39 6.32 -3.18 4.61
C LEU M 39 5.03 -2.54 5.15
N PRO M 40 3.91 -3.29 5.17
CA PRO M 40 2.61 -2.79 5.62
C PRO M 40 2.57 -2.39 7.09
N THR M 41 1.86 -1.29 7.38
CA THR M 41 1.74 -0.68 8.73
C THR M 41 3.09 -0.30 9.37
N THR M 42 4.10 -1.15 9.19
CA THR M 42 5.45 -0.87 9.65
C THR M 42 6.04 0.37 8.97
N SER M 43 5.93 0.40 7.64
CA SER M 43 6.65 1.37 6.82
C SER M 43 6.06 2.78 6.82
N ASN M 44 4.96 2.97 7.53
CA ASN M 44 4.46 4.32 7.82
C ASN M 44 5.52 5.14 8.53
N TRP M 45 6.39 4.47 9.30
CA TRP M 45 7.45 5.15 10.04
C TRP M 45 8.82 5.18 9.34
N TYR M 46 8.85 4.72 8.09
CA TYR M 46 10.05 4.81 7.26
C TYR M 46 10.68 6.21 7.35
N THR M 47 12.01 6.22 7.54
CA THR M 47 12.84 7.41 7.88
C THR M 47 12.69 7.89 9.33
N TYR M 48 12.06 7.07 10.18
CA TYR M 48 11.99 7.34 11.60
C TYR M 48 12.43 6.14 12.44
N THR M 49 12.71 6.38 13.72
CA THR M 49 12.80 5.31 14.73
C THR M 49 11.39 5.06 15.25
N TYR M 50 11.24 4.03 16.09
CA TYR M 50 10.05 3.91 16.94
C TYR M 50 10.20 4.89 18.12
N ASP M 51 9.39 4.75 19.15
CA ASP M 51 9.49 5.70 20.28
C ASP M 51 10.74 5.40 21.11
N LEU M 52 11.51 6.45 21.38
CA LEU M 52 12.72 6.32 22.18
C LEU M 52 12.46 6.59 23.66
N GLN M 53 12.77 5.61 24.51
CA GLN M 53 12.47 5.73 25.94
C GLN M 53 13.54 5.06 26.78
N PRO M 54 13.91 5.67 27.91
CA PRO M 54 14.67 4.90 28.89
C PRO M 54 13.74 3.86 29.53
N LYS M 55 14.25 2.63 29.69
CA LYS M 55 13.48 1.53 30.23
C LYS M 55 13.03 1.77 31.68
N GLY M 56 13.91 2.39 32.47
CA GLY M 56 13.63 2.61 33.89
C GLY M 56 14.21 1.52 34.78
N SER M 57 14.59 0.42 34.15
CA SER M 57 15.23 -0.71 34.81
C SER M 57 16.23 -1.38 33.87
N SER M 58 17.25 -1.99 34.46
CA SER M 58 18.42 -2.51 33.75
C SER M 58 18.21 -3.99 33.42
N PRO M 59 18.75 -4.47 32.29
CA PRO M 59 19.52 -3.77 31.26
C PRO M 59 18.65 -3.22 30.14
N ASP M 60 19.15 -2.22 29.43
CA ASP M 60 18.54 -1.73 28.20
C ASP M 60 18.61 -2.84 27.15
N GLN M 61 17.49 -3.08 26.48
CA GLN M 61 17.38 -4.08 25.43
C GLN M 61 16.72 -3.46 24.21
N PRO M 62 17.44 -2.52 23.55
CA PRO M 62 16.84 -1.72 22.46
C PRO M 62 16.41 -2.58 21.29
N ILE M 63 15.29 -2.22 20.65
CA ILE M 63 14.84 -2.89 19.44
C ILE M 63 15.52 -2.25 18.21
N LYS M 64 15.67 -3.05 17.15
CA LYS M 64 16.29 -2.58 15.90
C LYS M 64 15.69 -1.31 15.32
N GLU M 65 14.37 -1.13 15.48
CA GLU M 65 13.66 0.06 14.99
C GLU M 65 14.11 1.36 15.68
N ASN M 66 14.77 1.22 16.83
CA ASN M 66 15.30 2.35 17.60
C ASN M 66 16.81 2.51 17.46
N LEU M 67 17.40 1.88 16.44
CA LEU M 67 18.84 2.00 16.21
C LEU M 67 19.22 2.55 14.82
N PRO M 68 19.17 3.90 14.66
CA PRO M 68 19.64 4.51 13.41
C PRO M 68 21.02 3.98 13.04
N ALA M 69 21.16 3.57 11.77
CA ALA M 69 22.37 2.96 11.28
C ALA M 69 22.92 3.75 10.09
N TYR M 70 24.21 3.58 9.81
CA TYR M 70 24.85 4.25 8.66
C TYR M 70 24.26 3.79 7.33
N SER M 71 24.17 4.72 6.39
CA SER M 71 23.87 4.39 5.00
C SER M 71 25.16 4.11 4.26
N VAL M 72 25.15 3.12 3.39
CA VAL M 72 26.33 2.84 2.56
C VAL M 72 25.96 2.24 1.22
N ALA M 73 26.77 2.58 0.21
CA ALA M 73 26.73 1.94 -1.10
C ALA M 73 28.09 1.92 -1.75
N ARG M 74 28.34 0.86 -2.51
CA ARG M 74 29.48 0.78 -3.39
C ARG M 74 28.97 1.02 -4.81
N VAL M 75 29.58 1.98 -5.50
CA VAL M 75 29.25 2.22 -6.91
C VAL M 75 30.31 1.58 -7.83
N SER M 76 29.85 0.75 -8.76
CA SER M 76 30.69 0.17 -9.81
C SER M 76 31.14 1.25 -10.80
N LEU M 77 32.44 1.32 -11.03
CA LEU M 77 33.03 2.34 -11.88
C LEU M 77 33.42 1.70 -13.21
N PRO M 78 33.56 2.51 -14.28
CA PRO M 78 33.94 1.91 -15.57
C PRO M 78 35.21 1.09 -15.43
N MET M 79 35.26 -0.08 -16.06
CA MET M 79 36.43 -0.94 -15.93
C MET M 79 37.60 -0.29 -16.66
N LEU M 80 38.72 -0.17 -15.96
CA LEU M 80 39.90 0.52 -16.49
C LEU M 80 40.95 -0.39 -17.13
N ASN M 81 41.16 -1.56 -16.57
CA ASN M 81 42.27 -2.43 -16.99
C ASN M 81 41.81 -3.75 -17.59
N GLU M 82 42.50 -4.17 -18.64
CA GLU M 82 42.30 -5.49 -19.22
C GLU M 82 43.52 -6.37 -18.92
N ASP M 83 44.56 -6.23 -19.75
CA ASP M 83 45.75 -7.08 -19.65
C ASP M 83 46.96 -6.41 -19.03
N ILE M 84 46.95 -6.25 -17.70
CA ILE M 84 48.14 -5.78 -17.00
C ILE M 84 49.23 -6.85 -17.01
N THR M 85 50.49 -6.41 -17.05
CA THR M 85 51.62 -7.33 -17.14
C THR M 85 52.27 -7.59 -15.78
N CYS M 86 52.36 -6.55 -14.96
CA CYS M 86 53.07 -6.65 -13.68
C CYS M 86 52.24 -6.12 -12.50
N ASP M 87 52.65 -5.01 -11.90
CA ASP M 87 51.92 -4.46 -10.75
C ASP M 87 51.53 -2.99 -10.90
N THR M 88 51.63 -2.48 -12.12
CA THR M 88 51.20 -1.13 -12.47
C THR M 88 49.85 -1.20 -13.17
N LEU M 89 48.93 -0.34 -12.75
CA LEU M 89 47.57 -0.31 -13.29
C LEU M 89 46.92 1.07 -13.09
N GLN M 90 45.83 1.31 -13.82
CA GLN M 90 45.03 2.52 -13.61
C GLN M 90 43.96 2.31 -12.54
N MET M 91 43.78 3.32 -11.69
CA MET M 91 42.71 3.35 -10.69
C MET M 91 41.98 4.70 -10.78
N TRP M 92 40.68 4.67 -10.52
CA TRP M 92 39.90 5.89 -10.38
C TRP M 92 40.26 6.58 -9.07
N GLU M 93 40.49 7.88 -9.16
CA GLU M 93 40.85 8.70 -8.04
C GLU M 93 39.73 9.69 -7.82
N ALA M 94 39.09 9.64 -6.65
CA ALA M 94 38.03 10.58 -6.33
C ALA M 94 38.67 11.90 -5.89
N ILE M 95 38.36 12.97 -6.63
CA ILE M 95 39.07 14.24 -6.44
C ILE M 95 38.22 15.34 -5.82
N SER M 96 36.91 15.28 -6.04
CA SER M 96 35.97 16.18 -5.37
C SER M 96 34.56 15.58 -5.33
N VAL M 97 33.70 16.19 -4.53
CA VAL M 97 32.32 15.76 -4.38
C VAL M 97 31.42 16.96 -4.06
N LYS M 98 30.25 17.01 -4.70
CA LYS M 98 29.16 17.88 -4.23
C LYS M 98 28.19 16.98 -3.50
N THR M 99 27.91 17.30 -2.25
CA THR M 99 26.95 16.53 -1.47
C THR M 99 25.90 17.42 -0.80
N GLU M 100 24.68 16.92 -0.73
CA GLU M 100 23.57 17.72 -0.22
C GLU M 100 22.62 16.84 0.56
N VAL M 101 22.15 17.35 1.69
CA VAL M 101 21.06 16.70 2.39
C VAL M 101 19.76 17.14 1.74
N VAL M 102 18.99 16.16 1.27
CA VAL M 102 17.77 16.41 0.51
C VAL M 102 16.56 16.50 1.45
N GLY M 103 15.58 17.30 1.06
CA GLY M 103 14.30 17.36 1.78
C GLY M 103 14.37 18.15 3.07
N ILE M 104 15.37 19.02 3.18
CA ILE M 104 15.50 19.91 4.34
C ILE M 104 14.27 20.80 4.53
N SER M 105 13.68 21.25 3.42
CA SER M 105 12.46 22.07 3.45
C SER M 105 11.23 21.40 4.09
N SER M 106 11.21 20.06 4.09
CA SER M 106 10.11 19.30 4.66
C SER M 106 9.93 19.58 6.16
N LEU M 107 11.02 19.91 6.83
CA LEU M 107 11.01 20.16 8.28
C LEU M 107 10.37 21.48 8.71
N ILE M 108 9.84 22.26 7.78
CA ILE M 108 9.02 23.43 8.17
C ILE M 108 7.59 23.03 8.60
N ASN M 109 7.25 21.75 8.41
CA ASN M 109 5.92 21.23 8.75
C ASN M 109 5.76 21.15 10.27
N VAL M 110 4.98 22.09 10.83
CA VAL M 110 4.66 22.11 12.26
C VAL M 110 3.18 21.77 12.50
N HIS M 111 2.60 21.01 11.58
CA HIS M 111 1.19 20.63 11.67
C HIS M 111 1.00 19.13 11.39
N TYR M 112 1.99 18.33 11.75
CA TYR M 112 1.82 16.88 11.77
C TYR M 112 0.64 16.57 12.71
N TRP M 113 -0.24 15.67 12.30
CA TRP M 113 -1.53 15.48 12.97
C TRP M 113 -1.43 15.11 14.45
N ASP M 114 -0.37 14.40 14.82
CA ASP M 114 -0.15 13.92 16.19
C ASP M 114 1.08 14.57 16.83
N MET M 115 1.40 15.78 16.40
CA MET M 115 2.54 16.53 16.93
C MET M 115 2.17 17.17 18.27
N LYS M 116 3.07 17.07 19.24
CA LYS M 116 2.95 17.80 20.50
C LYS M 116 3.03 19.31 20.26
N ARG M 117 2.10 20.06 20.85
CA ARG M 117 2.11 21.52 20.73
C ARG M 117 3.21 22.15 21.59
N VAL M 118 3.75 23.28 21.12
CA VAL M 118 4.71 24.04 21.93
C VAL M 118 4.03 24.57 23.21
N HIS M 119 2.75 24.88 23.09
CA HIS M 119 1.88 25.31 24.19
C HIS M 119 0.42 25.19 23.71
N ASP M 120 -0.54 25.33 24.62
CA ASP M 120 -1.95 25.22 24.25
C ASP M 120 -2.31 26.11 23.05
N TYR M 121 -3.02 25.52 22.09
CA TYR M 121 -3.50 26.21 20.88
C TYR M 121 -2.39 26.49 19.86
N GLY M 122 -1.17 26.11 20.21
CA GLY M 122 -0.01 26.44 19.40
C GLY M 122 0.29 25.43 18.31
N ALA M 123 1.25 25.79 17.47
CA ALA M 123 1.79 24.88 16.47
C ALA M 123 2.53 23.73 17.15
N GLY M 124 2.78 22.67 16.39
CA GLY M 124 3.60 21.58 16.85
C GLY M 124 5.03 22.02 17.12
N ILE M 125 5.73 21.25 17.96
CA ILE M 125 7.16 21.42 18.18
C ILE M 125 7.88 20.90 16.95
N PRO M 126 8.61 21.80 16.25
CA PRO M 126 9.32 21.43 15.02
C PRO M 126 10.31 20.31 15.26
N VAL M 127 10.61 19.54 14.22
CA VAL M 127 11.68 18.55 14.29
C VAL M 127 12.97 19.28 14.71
N SER M 128 13.52 18.86 15.85
CA SER M 128 14.62 19.55 16.49
C SER M 128 15.25 18.62 17.53
N GLY M 129 16.36 19.04 18.12
CA GLY M 129 17.07 18.24 19.13
C GLY M 129 18.29 17.58 18.54
N VAL M 130 18.52 16.31 18.89
CA VAL M 130 19.71 15.59 18.45
C VAL M 130 19.88 15.58 16.93
N ASN M 131 21.02 16.10 16.48
CA ASN M 131 21.50 15.95 15.09
C ASN M 131 22.81 15.16 15.01
N TYR M 132 22.97 14.38 13.95
CA TYR M 132 24.23 13.73 13.65
C TYR M 132 24.39 13.70 12.14
N HIS M 133 25.48 14.29 11.66
CA HIS M 133 25.71 14.39 10.21
C HIS M 133 27.10 13.96 9.82
N MET M 134 27.17 12.97 8.96
CA MET M 134 28.46 12.54 8.47
C MET M 134 28.36 12.04 7.03
N PHE M 135 29.41 12.26 6.26
CA PHE M 135 29.54 11.57 4.98
C PHE M 135 30.99 11.17 4.79
N ALA M 136 31.19 10.11 4.02
CA ALA M 136 32.52 9.58 3.75
C ALA M 136 32.60 9.16 2.30
N ILE M 137 33.69 9.55 1.65
CA ILE M 137 34.02 9.08 0.30
C ILE M 137 35.33 8.29 0.40
N GLY M 138 35.34 7.07 -0.11
CA GLY M 138 36.53 6.24 -0.01
C GLY M 138 36.67 5.27 -1.14
N GLY M 139 37.89 4.72 -1.29
CA GLY M 139 38.18 3.74 -2.32
C GLY M 139 38.02 2.31 -1.83
N GLU M 140 37.57 2.18 -0.58
CA GLU M 140 37.29 0.89 0.08
C GLU M 140 36.32 1.17 1.23
N PRO M 141 35.76 0.11 1.88
CA PRO M 141 34.85 0.38 2.99
C PRO M 141 35.46 1.29 4.07
N LEU M 142 34.62 2.16 4.64
CA LEU M 142 35.01 2.99 5.77
C LEU M 142 35.29 2.14 6.99
N ASP M 143 36.41 2.42 7.66
CA ASP M 143 36.79 1.72 8.89
C ASP M 143 36.07 2.28 10.11
N LEU M 144 35.50 1.38 10.91
CA LEU M 144 34.69 1.78 12.06
C LEU M 144 35.34 1.40 13.38
N GLN M 145 35.24 2.28 14.37
CA GLN M 145 35.67 1.98 15.74
C GLN M 145 34.41 1.89 16.62
N GLY M 146 34.33 0.86 17.45
CA GLY M 146 33.19 0.66 18.35
C GLY M 146 33.38 1.31 19.69
N LEU M 147 32.37 2.08 20.11
CA LEU M 147 32.30 2.68 21.44
C LEU M 147 30.84 2.95 21.81
N VAL M 148 30.43 2.47 22.98
CA VAL M 148 29.04 2.63 23.45
C VAL M 148 28.91 3.43 24.74
N LEU M 149 27.79 4.13 24.86
CA LEU M 149 27.46 4.87 26.07
C LEU M 149 27.47 3.96 27.32
N ASP M 150 26.95 2.75 27.16
CA ASP M 150 26.78 1.81 28.26
C ASP M 150 27.03 0.39 27.75
N TYR M 151 28.11 -0.22 28.23
CA TYR M 151 28.54 -1.55 27.78
C TYR M 151 27.55 -2.66 28.17
N GLN M 152 26.60 -2.34 29.06
CA GLN M 152 25.61 -3.33 29.52
C GLN M 152 24.38 -3.39 28.63
N THR M 153 24.29 -2.48 27.66
CA THR M 153 23.21 -2.48 26.68
C THR M 153 23.22 -3.83 25.96
N GLN M 154 22.04 -4.43 25.82
CA GLN M 154 21.91 -5.72 25.14
C GLN M 154 21.26 -5.52 23.76
N TYR M 155 22.11 -5.25 22.77
CA TYR M 155 21.64 -5.01 21.39
C TYR M 155 21.06 -6.29 20.77
N PRO M 156 20.10 -6.14 19.83
CA PRO M 156 19.54 -7.31 19.14
C PRO M 156 20.64 -8.13 18.48
N LYS M 157 20.49 -9.45 18.51
CA LYS M 157 21.48 -10.36 17.93
C LYS M 157 21.45 -10.31 16.40
N THR M 158 22.57 -10.65 15.79
CA THR M 158 22.65 -10.78 14.33
C THR M 158 22.27 -12.20 13.89
N GLY M 162 18.70 -7.83 12.26
CA GLY M 162 19.99 -8.09 12.90
C GLY M 162 21.06 -7.03 12.63
N PRO M 163 21.22 -6.06 13.55
CA PRO M 163 22.35 -5.13 13.46
C PRO M 163 23.66 -5.81 13.86
N ILE M 164 24.75 -5.31 13.31
CA ILE M 164 26.08 -5.73 13.73
C ILE M 164 26.57 -4.74 14.78
N THR M 165 26.91 -5.25 15.97
CA THR M 165 27.45 -4.43 17.04
C THR M 165 28.75 -5.04 17.57
N ILE M 166 29.27 -4.52 18.69
CA ILE M 166 30.58 -4.93 19.20
C ILE M 166 30.63 -6.41 19.56
N GLU M 167 29.60 -6.89 20.25
CA GLU M 167 29.45 -8.29 20.61
C GLU M 167 29.46 -9.21 19.37
N THR M 168 28.84 -8.75 18.28
CA THR M 168 28.89 -9.45 17.00
C THR M 168 30.34 -9.69 16.55
N VAL M 169 31.15 -8.64 16.57
CA VAL M 169 32.52 -8.75 16.05
C VAL M 169 33.48 -9.40 17.03
N LEU M 170 33.24 -9.21 18.33
CA LEU M 170 34.09 -9.80 19.36
C LEU M 170 33.76 -11.27 19.61
N GLY M 171 32.55 -11.70 19.23
CA GLY M 171 32.06 -13.04 19.52
C GLY M 171 31.95 -13.31 21.02
N ARG M 172 31.75 -12.24 21.79
CA ARG M 172 31.65 -12.29 23.24
C ARG M 172 31.07 -10.96 23.74
N LYS M 173 30.56 -10.99 24.97
CA LYS M 173 29.97 -9.83 25.61
C LYS M 173 30.92 -8.65 25.68
N MET M 174 30.37 -7.45 25.61
CA MET M 174 31.12 -6.22 25.90
C MET M 174 31.59 -6.19 27.36
N THR M 175 32.66 -5.45 27.63
CA THR M 175 33.11 -5.23 29.00
C THR M 175 33.16 -3.72 29.27
N PRO M 176 33.49 -3.31 30.51
CA PRO M 176 33.51 -1.86 30.74
C PRO M 176 34.45 -1.07 29.79
N LYS M 177 35.48 -1.71 29.24
CA LYS M 177 36.41 -1.02 28.32
C LYS M 177 35.77 -0.53 27.02
N ASN M 178 34.62 -1.09 26.68
CA ASN M 178 33.88 -0.65 25.49
C ASN M 178 33.12 0.66 25.68
N GLN M 179 33.21 1.23 26.88
CA GLN M 179 32.75 2.60 27.10
C GLN M 179 33.88 3.56 26.75
N GLY M 180 35.09 2.99 26.63
CA GLY M 180 36.25 3.70 26.09
C GLY M 180 36.67 3.12 24.75
N LEU M 181 37.89 3.44 24.32
CA LEU M 181 38.39 2.94 23.04
C LEU M 181 39.06 1.60 23.26
N ASP M 182 38.47 0.57 22.68
CA ASP M 182 38.97 -0.81 22.77
C ASP M 182 39.42 -1.16 21.38
N PRO M 183 40.75 -1.29 21.18
CA PRO M 183 41.32 -1.52 19.84
C PRO M 183 40.83 -2.80 19.18
N GLN M 184 40.18 -3.69 19.94
CA GLN M 184 39.59 -4.89 19.37
C GLN M 184 38.21 -4.63 18.75
N ALA M 185 37.56 -3.55 19.18
CA ALA M 185 36.23 -3.20 18.69
C ALA M 185 36.32 -2.43 17.37
N LYS M 186 36.58 -3.15 16.28
CA LYS M 186 36.75 -2.55 14.96
C LYS M 186 35.90 -3.31 13.96
N ALA M 187 35.50 -2.63 12.89
CA ALA M 187 34.66 -3.21 11.85
C ALA M 187 34.81 -2.40 10.57
N LYS M 188 34.24 -2.91 9.49
CA LYS M 188 34.18 -2.19 8.23
C LYS M 188 32.73 -1.91 7.89
N LEU M 189 32.46 -0.72 7.37
CA LEU M 189 31.11 -0.35 6.98
C LEU M 189 30.80 -0.98 5.61
N ASP M 190 30.36 -2.24 5.64
CA ASP M 190 30.16 -3.02 4.43
C ASP M 190 28.68 -3.36 4.14
N LYS M 191 27.77 -2.92 5.01
CA LYS M 191 26.34 -3.20 4.83
C LYS M 191 25.45 -2.02 5.17
N ASP M 192 24.56 -1.68 4.23
CA ASP M 192 23.61 -0.59 4.39
C ASP M 192 22.61 -0.92 5.51
N GLY M 193 22.46 0.02 6.45
CA GLY M 193 21.44 -0.06 7.48
C GLY M 193 21.63 -1.11 8.57
N ASN M 194 22.85 -1.61 8.72
CA ASN M 194 23.15 -2.67 9.69
C ASN M 194 24.07 -2.26 10.83
N TYR M 195 24.79 -1.16 10.67
CA TYR M 195 25.76 -0.73 11.68
C TYR M 195 25.22 0.49 12.43
N PRO M 196 24.77 0.30 13.68
CA PRO M 196 24.18 1.41 14.44
C PRO M 196 25.16 2.57 14.68
N ILE M 197 24.68 3.77 14.39
CA ILE M 197 25.38 5.01 14.72
C ILE M 197 25.80 5.09 16.20
N GLU M 198 24.96 4.68 17.14
CA GLU M 198 25.31 4.82 18.56
C GLU M 198 26.40 3.85 19.04
N VAL M 199 26.71 2.85 18.22
CA VAL M 199 27.76 1.88 18.51
C VAL M 199 29.06 2.16 17.75
N TRP M 200 28.93 2.65 16.52
CA TRP M 200 30.08 2.76 15.60
C TRP M 200 30.39 4.18 15.19
N CYS M 201 31.68 4.52 15.18
CA CYS M 201 32.14 5.79 14.67
C CYS M 201 33.31 5.55 13.70
N PRO M 202 33.64 6.54 12.86
CA PRO M 202 34.79 6.35 11.98
C PRO M 202 36.05 6.10 12.78
N ASP M 203 36.86 5.13 12.36
CA ASP M 203 38.11 4.83 13.03
C ASP M 203 39.22 5.78 12.52
N PRO M 204 39.75 6.65 13.40
CA PRO M 204 40.75 7.60 12.90
C PRO M 204 42.14 6.99 12.74
N SER M 205 42.33 5.79 13.26
CA SER M 205 43.63 5.12 13.15
C SER M 205 43.77 4.38 11.83
N LYS M 206 42.68 4.30 11.06
CA LYS M 206 42.75 3.72 9.73
C LYS M 206 42.19 4.73 8.71
N ASN M 207 41.41 4.29 7.73
CA ASN M 207 40.77 5.20 6.77
C ASN M 207 41.73 6.10 5.96
N GLU M 208 42.93 5.58 5.69
CA GLU M 208 43.92 6.28 4.86
C GLU M 208 43.40 6.51 3.44
N ASN M 209 42.53 5.61 2.97
CA ASN M 209 41.99 5.67 1.63
C ASN M 209 40.50 6.11 1.58
N SER M 210 40.09 6.83 2.62
CA SER M 210 38.77 7.44 2.66
C SER M 210 38.92 8.85 3.21
N ARG M 211 37.93 9.70 2.96
CA ARG M 211 37.79 11.00 3.61
C ARG M 211 36.42 11.02 4.26
N TYR M 212 36.36 11.32 5.56
CA TYR M 212 35.08 11.51 6.26
C TYR M 212 34.98 12.87 6.97
N TYR M 213 33.77 13.39 7.07
CA TYR M 213 33.47 14.69 7.70
C TYR M 213 32.17 14.52 8.47
N GLY M 214 32.23 14.66 9.79
CA GLY M 214 31.04 14.47 10.61
C GLY M 214 30.86 15.50 11.72
N SER M 215 29.65 15.55 12.25
CA SER M 215 29.37 16.38 13.42
C SER M 215 28.21 15.81 14.22
N ILE M 216 28.16 16.15 15.51
CA ILE M 216 27.01 15.85 16.37
C ILE M 216 26.46 17.14 17.01
N GLN M 217 25.17 17.11 17.33
CA GLN M 217 24.53 18.17 18.11
C GLN M 217 23.61 17.52 19.15
N THR M 218 23.86 17.74 20.43
CA THR M 218 22.94 17.21 21.45
C THR M 218 21.98 18.30 21.96
N GLY M 219 21.44 18.11 23.16
CA GLY M 219 20.34 18.94 23.65
C GLY M 219 19.01 18.36 23.20
N SER M 220 17.92 18.75 23.85
CA SER M 220 16.63 18.11 23.62
C SER M 220 15.82 18.69 22.45
N GLN M 221 15.72 20.01 22.41
CA GLN M 221 14.96 20.69 21.36
C GLN M 221 15.86 21.68 20.64
N THR M 222 17.14 21.35 20.54
CA THR M 222 18.13 22.21 19.92
C THR M 222 17.73 22.46 18.44
N PRO M 223 17.75 23.74 18.02
CA PRO M 223 17.45 24.08 16.62
C PRO M 223 18.22 23.21 15.64
N THR M 224 17.53 22.62 14.68
CA THR M 224 18.17 21.98 13.54
C THR M 224 18.49 23.06 12.51
N VAL M 225 19.79 23.25 12.28
CA VAL M 225 20.31 24.32 11.44
C VAL M 225 21.10 23.71 10.30
N LEU M 226 20.55 23.75 9.09
CA LEU M 226 21.23 23.13 7.95
C LEU M 226 21.27 24.06 6.74
N GLN M 227 22.32 23.90 5.94
CA GLN M 227 22.46 24.63 4.70
C GLN M 227 22.34 23.68 3.50
N PHE M 228 21.92 24.24 2.37
CA PHE M 228 21.88 23.52 1.10
C PHE M 228 22.21 24.46 -0.06
N SER M 229 23.18 24.07 -0.88
CA SER M 229 23.60 24.84 -2.05
C SER M 229 24.32 23.95 -3.05
N ASN M 230 24.00 24.11 -4.34
CA ASN M 230 24.69 23.35 -5.39
C ASN M 230 26.00 23.99 -5.86
N THR M 231 26.48 24.98 -5.11
CA THR M 231 27.74 25.67 -5.39
C THR M 231 28.86 25.21 -4.44
N LEU M 232 28.50 24.42 -3.43
CA LEU M 232 29.47 23.93 -2.43
C LEU M 232 30.16 22.63 -2.86
N THR M 233 31.48 22.68 -2.98
CA THR M 233 32.30 21.54 -3.35
C THR M 233 33.29 21.19 -2.23
N THR M 234 33.50 19.91 -2.01
CA THR M 234 34.53 19.44 -1.10
C THR M 234 35.62 18.81 -1.94
N VAL M 235 36.86 19.30 -1.75
CA VAL M 235 38.02 18.70 -2.37
C VAL M 235 38.49 17.49 -1.56
N LEU M 236 38.76 16.39 -2.25
CA LEU M 236 39.04 15.12 -1.57
C LEU M 236 40.52 14.76 -1.56
N LEU M 237 41.32 15.61 -2.19
CA LEU M 237 42.77 15.40 -2.26
C LEU M 237 43.38 15.52 -0.87
N ASP M 238 44.36 14.66 -0.58
CA ASP M 238 45.09 14.76 0.67
C ASP M 238 46.18 15.86 0.54
N GLU M 239 47.05 15.94 1.54
CA GLU M 239 48.14 16.92 1.58
C GLU M 239 49.17 16.74 0.45
N ASN M 240 49.26 15.52 -0.07
CA ASN M 240 50.13 15.20 -1.21
C ASN M 240 49.45 15.40 -2.57
N GLY M 241 48.19 15.84 -2.55
CA GLY M 241 47.41 16.08 -3.76
C GLY M 241 46.76 14.82 -4.33
N VAL M 242 46.51 13.84 -3.47
CA VAL M 242 45.98 12.54 -3.89
C VAL M 242 44.65 12.25 -3.20
N GLY M 243 43.64 11.90 -4.00
CA GLY M 243 42.36 11.52 -3.45
C GLY M 243 42.27 10.02 -3.25
N PRO M 244 41.15 9.56 -2.67
CA PRO M 244 40.90 8.12 -2.51
C PRO M 244 41.03 7.36 -3.82
N LEU M 245 41.74 6.24 -3.79
CA LEU M 245 41.94 5.39 -4.96
C LEU M 245 41.02 4.18 -4.90
N CYS M 246 40.27 3.95 -5.97
CA CYS M 246 39.19 2.97 -5.97
C CYS M 246 39.65 1.54 -6.28
N LYS M 247 39.91 0.77 -5.22
CA LYS M 247 40.41 -0.59 -5.34
C LYS M 247 39.33 -1.53 -5.91
N GLY M 248 39.68 -2.26 -6.95
CA GLY M 248 38.72 -3.09 -7.67
C GLY M 248 37.64 -2.30 -8.39
N ASP M 249 37.94 -1.05 -8.76
CA ASP M 249 37.01 -0.17 -9.48
C ASP M 249 35.70 0.07 -8.71
N GLY M 250 35.81 0.22 -7.40
CA GLY M 250 34.66 0.44 -6.53
C GLY M 250 34.83 1.69 -5.70
N LEU M 251 33.78 2.51 -5.70
CA LEU M 251 33.75 3.73 -4.93
C LEU M 251 32.73 3.56 -3.80
N PHE M 252 33.20 3.68 -2.56
CA PHE M 252 32.35 3.48 -1.38
C PHE M 252 31.88 4.80 -0.85
N ILE M 253 30.57 4.93 -0.70
CA ILE M 253 29.97 6.17 -0.22
C ILE M 253 29.12 5.82 1.00
N SER M 254 29.36 6.55 2.07
CA SER M 254 28.73 6.31 3.35
C SER M 254 28.23 7.64 3.93
N CYS M 255 27.15 7.57 4.70
CA CYS M 255 26.66 8.76 5.41
C CYS M 255 25.70 8.40 6.54
N ALA M 256 25.34 9.43 7.32
CA ALA M 256 24.23 9.39 8.25
C ALA M 256 23.80 10.84 8.43
N ASP M 257 22.50 11.06 8.49
CA ASP M 257 21.93 12.40 8.71
C ASP M 257 20.68 12.35 9.57
N ILE M 258 20.88 12.40 10.89
CA ILE M 258 19.80 12.48 11.86
C ILE M 258 19.47 13.96 12.04
N VAL M 259 18.19 14.31 11.93
CA VAL M 259 17.83 15.72 11.86
C VAL M 259 17.01 16.24 13.05
N GLY M 260 16.77 15.38 14.03
CA GLY M 260 16.00 15.76 15.22
C GLY M 260 14.91 14.78 15.56
N PHE M 261 14.15 15.11 16.61
CA PHE M 261 12.99 14.31 17.02
C PHE M 261 11.68 14.82 16.42
N LEU M 262 10.78 13.89 16.10
CA LEU M 262 9.36 14.19 15.96
C LEU M 262 8.72 14.01 17.33
N PHE M 263 8.22 15.12 17.88
CA PHE M 263 7.51 15.11 19.15
C PHE M 263 6.03 14.79 18.94
N LYS M 264 5.58 13.73 19.59
CA LYS M 264 4.21 13.26 19.50
C LYS M 264 3.40 13.74 20.71
N THR M 265 2.10 13.93 20.48
CA THR M 265 1.15 14.45 21.49
C THR M 265 1.30 13.79 22.85
N SER M 266 1.46 12.46 22.85
CA SER M 266 1.54 11.66 24.08
C SER M 266 2.77 12.00 24.90
N GLY M 267 3.76 12.62 24.27
CA GLY M 267 5.03 12.90 24.92
C GLY M 267 6.12 12.04 24.32
N LYS M 268 5.71 11.00 23.60
CA LYS M 268 6.68 10.13 22.95
C LYS M 268 7.45 10.83 21.82
N MET M 269 8.65 10.34 21.57
CA MET M 269 9.60 10.99 20.66
C MET M 269 10.31 9.97 19.77
N ALA M 270 10.41 10.30 18.48
CA ALA M 270 11.11 9.46 17.53
C ALA M 270 12.15 10.29 16.78
N LEU M 271 13.35 9.72 16.63
CA LEU M 271 14.36 10.37 15.80
C LEU M 271 13.98 10.29 14.33
N HIS M 272 14.47 11.24 13.53
CA HIS M 272 14.12 11.33 12.12
C HIS M 272 15.37 11.60 11.29
N GLY M 273 15.39 11.07 10.07
CA GLY M 273 16.54 11.24 9.17
C GLY M 273 16.17 11.68 7.77
N LEU M 274 17.14 12.24 7.06
CA LEU M 274 16.94 12.70 5.69
C LEU M 274 17.93 12.03 4.75
N PRO M 275 17.56 11.89 3.46
CA PRO M 275 18.43 11.35 2.41
C PRO M 275 19.57 12.31 2.07
N ARG M 276 20.63 11.76 1.49
CA ARG M 276 21.77 12.58 1.06
C ARG M 276 22.14 12.27 -0.39
N TYR M 277 22.40 13.32 -1.14
CA TYR M 277 22.82 13.20 -2.53
C TYR M 277 24.34 13.39 -2.64
N PHE M 278 24.93 12.69 -3.60
CA PHE M 278 26.36 12.84 -3.91
C PHE M 278 26.58 12.99 -5.41
N ASN M 279 27.53 13.85 -5.77
CA ASN M 279 28.06 13.88 -7.13
C ASN M 279 29.57 13.87 -7.02
N VAL M 280 30.19 12.75 -7.38
CA VAL M 280 31.63 12.60 -7.23
C VAL M 280 32.38 12.70 -8.56
N THR M 281 33.42 13.53 -8.58
CA THR M 281 34.27 13.67 -9.75
C THR M 281 35.47 12.77 -9.55
N LEU M 282 35.72 11.88 -10.50
CA LEU M 282 36.89 11.02 -10.45
C LEU M 282 37.79 11.18 -11.67
N ARG M 283 39.08 10.91 -11.49
CA ARG M 283 40.05 10.91 -12.58
C ARG M 283 40.86 9.61 -12.60
N LYS M 284 41.34 9.24 -13.77
CA LYS M 284 42.19 8.06 -13.88
C LYS M 284 43.59 8.39 -13.39
N ARG M 285 44.13 7.52 -12.53
CA ARG M 285 45.46 7.69 -11.98
C ARG M 285 46.29 6.42 -12.20
N TRP M 286 47.53 6.60 -12.66
CA TRP M 286 48.49 5.49 -12.76
C TRP M 286 48.99 5.12 -11.36
N VAL M 287 49.03 3.81 -11.08
CA VAL M 287 49.36 3.29 -9.75
C VAL M 287 50.23 2.05 -9.86
N LYS M 288 51.19 1.91 -8.94
CA LYS M 288 52.00 0.70 -8.83
C LYS M 288 51.89 0.10 -7.42
N ASN M 289 51.28 -1.07 -7.34
CA ASN M 289 51.16 -1.78 -6.06
C ASN M 289 52.45 -2.50 -5.65
N VAL N 9 25.85 21.05 -25.72
CA VAL N 9 25.77 22.53 -25.60
C VAL N 9 27.12 23.15 -25.19
N GLU N 10 27.93 23.52 -26.19
CA GLU N 10 29.27 24.05 -25.96
C GLU N 10 29.25 25.55 -25.69
N VAL N 11 29.86 25.96 -24.57
CA VAL N 11 30.01 27.36 -24.24
C VAL N 11 31.25 27.88 -24.95
N LEU N 12 31.12 29.05 -25.60
CA LEU N 12 32.25 29.65 -26.28
C LEU N 12 32.67 30.92 -25.55
N SER N 13 33.17 31.90 -26.30
CA SER N 13 33.72 33.11 -25.72
C SER N 13 32.64 34.11 -25.32
N VAL N 14 32.98 34.95 -24.35
CA VAL N 14 32.15 36.08 -23.93
C VAL N 14 32.08 37.13 -25.04
N VAL N 15 30.87 37.64 -25.29
CA VAL N 15 30.65 38.62 -26.35
C VAL N 15 31.24 39.97 -25.94
N THR N 16 32.13 40.51 -26.78
CA THR N 16 32.70 41.83 -26.55
C THR N 16 31.94 42.86 -27.37
N GLY N 17 31.77 44.04 -26.80
CA GLY N 17 31.03 45.11 -27.45
C GLY N 17 30.53 46.14 -26.44
N GLU N 18 29.89 47.19 -26.96
CA GLU N 18 29.44 48.30 -26.14
C GLU N 18 28.33 47.92 -25.15
N ASP N 19 27.39 47.09 -25.60
CA ASP N 19 26.21 46.80 -24.82
C ASP N 19 26.06 45.33 -24.42
N SER N 20 27.17 44.72 -24.01
CA SER N 20 27.22 43.29 -23.74
C SER N 20 26.87 42.94 -22.29
N ILE N 21 26.64 43.96 -21.46
CA ILE N 21 26.29 43.77 -20.06
C ILE N 21 24.95 44.43 -19.77
N THR N 22 24.06 43.69 -19.13
CA THR N 22 22.77 44.24 -18.69
C THR N 22 22.46 43.91 -17.23
N GLN N 23 21.65 44.76 -16.60
CA GLN N 23 21.23 44.53 -15.22
C GLN N 23 19.72 44.31 -15.13
N ILE N 24 19.33 43.31 -14.35
CA ILE N 24 17.94 43.00 -14.11
C ILE N 24 17.64 43.20 -12.63
N GLU N 25 16.58 43.95 -12.35
CA GLU N 25 16.18 44.29 -11.00
C GLU N 25 14.72 43.95 -10.78
N LEU N 26 14.44 43.30 -9.66
CA LEU N 26 13.08 42.96 -9.28
C LEU N 26 13.02 42.66 -7.79
N TYR N 27 11.81 42.54 -7.29
CA TYR N 27 11.56 42.05 -5.95
C TYR N 27 10.46 41.01 -6.04
N LEU N 28 10.45 40.10 -5.09
CA LEU N 28 9.41 39.09 -5.02
C LEU N 28 8.76 39.13 -3.63
N ASN N 29 7.46 39.43 -3.60
CA ASN N 29 6.70 39.41 -2.35
C ASN N 29 6.42 37.97 -1.90
N PRO N 30 6.36 37.74 -0.58
CA PRO N 30 6.29 36.37 -0.09
C PRO N 30 4.92 35.71 -0.31
N ARG N 31 4.93 34.40 -0.48
CA ARG N 31 3.71 33.65 -0.72
C ARG N 31 3.52 32.65 0.42
N MET N 32 3.11 33.18 1.57
CA MET N 32 3.02 32.41 2.81
C MET N 32 1.79 31.54 2.91
N GLY N 33 0.75 31.85 2.14
CA GLY N 33 -0.50 31.11 2.20
C GLY N 33 -1.67 32.03 1.95
N VAL N 34 -1.63 33.19 2.59
CA VAL N 34 -2.44 34.32 2.16
C VAL N 34 -1.56 35.11 1.19
N ASN N 35 -1.84 34.94 -0.09
CA ASN N 35 -0.93 35.31 -1.16
C ASN N 35 -1.23 36.61 -1.89
N SER N 36 -2.40 37.19 -1.62
CA SER N 36 -2.81 38.41 -2.30
C SER N 36 -3.15 39.51 -1.30
N PRO N 37 -2.66 40.74 -1.55
CA PRO N 37 -3.03 41.87 -0.72
C PRO N 37 -4.35 42.52 -1.20
N ASP N 38 -4.96 41.94 -2.23
CA ASP N 38 -6.07 42.58 -2.95
C ASP N 38 -7.43 41.91 -2.77
N LEU N 39 -7.50 40.91 -1.89
CA LEU N 39 -8.76 40.20 -1.64
C LEU N 39 -9.65 41.01 -0.70
N PRO N 40 -10.99 40.98 -0.92
CA PRO N 40 -11.89 41.89 -0.21
C PRO N 40 -11.91 41.69 1.30
N THR N 41 -11.61 40.47 1.75
CA THR N 41 -11.82 40.09 3.14
C THR N 41 -10.60 39.47 3.81
N THR N 42 -9.91 38.57 3.10
CA THR N 42 -8.85 37.76 3.71
C THR N 42 -7.46 38.42 3.73
N SER N 43 -7.33 39.53 3.00
CA SER N 43 -6.03 40.19 2.76
C SER N 43 -5.29 40.79 3.97
N ASN N 44 -5.93 40.86 5.13
N ASN N 44 -5.94 40.86 5.13
CA ASN N 44 -5.27 41.35 6.35
CA ASN N 44 -5.31 41.33 6.36
C ASN N 44 -4.10 40.47 6.81
C ASN N 44 -4.12 40.47 6.80
N TRP N 45 -4.11 39.20 6.39
CA TRP N 45 -3.04 38.26 6.75
C TRP N 45 -2.04 37.96 5.62
N TYR N 46 -2.09 38.79 4.57
CA TYR N 46 -1.07 38.80 3.53
C TYR N 46 0.33 38.77 4.16
N THR N 47 1.18 37.87 3.63
CA THR N 47 2.55 37.60 4.13
C THR N 47 2.56 36.70 5.38
N TYR N 48 1.42 36.13 5.71
CA TYR N 48 1.31 35.19 6.82
C TYR N 48 0.55 33.96 6.40
N THR N 49 0.70 32.89 7.19
CA THR N 49 -0.22 31.76 7.09
C THR N 49 -1.43 32.02 7.99
N TYR N 50 -2.40 31.11 7.95
CA TYR N 50 -3.41 31.01 8.99
C TYR N 50 -2.76 30.28 10.18
N ASP N 51 -3.54 30.01 11.24
CA ASP N 51 -2.99 29.36 12.42
C ASP N 51 -2.56 27.92 12.15
N LEU N 52 -1.34 27.60 12.57
CA LEU N 52 -0.77 26.29 12.33
C LEU N 52 -0.99 25.44 13.57
N GLN N 53 -1.66 24.31 13.38
CA GLN N 53 -2.07 23.43 14.47
C GLN N 53 -2.01 21.96 14.07
N PRO N 54 -1.57 21.09 14.98
CA PRO N 54 -1.82 19.67 14.72
C PRO N 54 -3.30 19.34 14.91
N LYS N 55 -3.87 18.58 13.98
CA LYS N 55 -5.31 18.29 13.99
C LYS N 55 -5.72 17.50 15.21
N GLY N 56 -4.81 16.66 15.71
CA GLY N 56 -5.07 15.83 16.88
C GLY N 56 -5.67 14.49 16.50
N SER N 57 -6.03 14.36 15.23
CA SER N 57 -6.50 13.09 14.68
C SER N 57 -6.09 12.99 13.22
N SER N 58 -6.01 11.74 12.75
CA SER N 58 -5.60 11.40 11.39
C SER N 58 -6.80 11.47 10.43
N PRO N 59 -6.59 11.92 9.18
CA PRO N 59 -5.34 12.45 8.63
C PRO N 59 -5.26 13.97 8.65
N ASP N 60 -4.04 14.50 8.47
CA ASP N 60 -3.86 15.93 8.29
C ASP N 60 -4.41 16.32 6.92
N GLN N 61 -5.21 17.39 6.90
CA GLN N 61 -5.81 17.90 5.68
C GLN N 61 -5.58 19.42 5.62
N PRO N 62 -4.33 19.84 5.34
CA PRO N 62 -4.00 21.26 5.47
C PRO N 62 -4.70 22.12 4.43
N ILE N 63 -5.11 23.31 4.85
CA ILE N 63 -5.68 24.29 3.93
C ILE N 63 -4.52 24.95 3.18
N LYS N 64 -4.81 25.54 2.01
CA LYS N 64 -3.78 26.23 1.24
C LYS N 64 -3.16 27.43 1.98
N GLU N 65 -3.91 28.03 2.92
CA GLU N 65 -3.45 29.18 3.68
C GLU N 65 -2.33 28.81 4.65
N ASN N 66 -2.21 27.52 4.98
CA ASN N 66 -1.18 27.04 5.89
C ASN N 66 0.02 26.42 5.19
N LEU N 67 0.15 26.72 3.89
CA LEU N 67 1.24 26.15 3.09
C LEU N 67 2.07 27.21 2.36
N PRO N 68 3.09 27.77 3.05
CA PRO N 68 4.02 28.67 2.38
C PRO N 68 4.63 28.05 1.13
N ALA N 69 4.69 28.84 0.06
CA ALA N 69 5.16 28.36 -1.21
C ALA N 69 6.31 29.22 -1.73
N TYR N 70 7.06 28.67 -2.68
CA TYR N 70 8.16 29.39 -3.30
C TYR N 70 7.65 30.58 -4.13
N SER N 71 8.38 31.69 -4.05
CA SER N 71 8.15 32.79 -4.95
C SER N 71 8.99 32.55 -6.20
N VAL N 72 8.47 32.94 -7.36
CA VAL N 72 9.20 32.81 -8.63
C VAL N 72 8.74 33.81 -9.67
N ALA N 73 9.71 34.34 -10.42
CA ALA N 73 9.43 35.15 -11.59
C ALA N 73 10.32 34.68 -12.73
N ARG N 74 9.77 34.72 -13.94
CA ARG N 74 10.57 34.61 -15.16
C ARG N 74 10.62 35.98 -15.79
N VAL N 75 11.81 36.59 -15.82
CA VAL N 75 11.99 37.90 -16.43
C VAL N 75 12.39 37.75 -17.89
N SER N 76 11.71 38.48 -18.77
CA SER N 76 12.07 38.51 -20.20
C SER N 76 13.31 39.38 -20.38
N LEU N 77 14.25 38.86 -21.15
CA LEU N 77 15.51 39.54 -21.40
C LEU N 77 15.54 40.01 -22.86
N PRO N 78 16.40 41.00 -23.20
CA PRO N 78 16.47 41.47 -24.59
C PRO N 78 16.82 40.33 -25.54
N MET N 79 16.02 40.19 -26.59
CA MET N 79 16.24 39.14 -27.59
C MET N 79 17.62 39.33 -28.21
N LEU N 80 18.35 38.24 -28.40
CA LEU N 80 19.72 38.34 -28.88
C LEU N 80 19.91 37.89 -30.32
N ASN N 81 19.06 36.97 -30.77
CA ASN N 81 19.26 36.30 -32.04
C ASN N 81 18.11 36.54 -33.02
N GLU N 82 18.28 37.57 -33.87
CA GLU N 82 17.31 37.87 -34.91
C GLU N 82 17.23 36.70 -35.89
N ASP N 83 18.38 36.14 -36.24
CA ASP N 83 18.43 34.93 -37.04
C ASP N 83 19.58 34.05 -36.58
N ILE N 84 19.46 32.74 -36.86
CA ILE N 84 20.47 31.77 -36.46
C ILE N 84 20.82 30.91 -37.68
N THR N 85 22.08 30.97 -38.09
CA THR N 85 22.54 30.31 -39.31
C THR N 85 22.67 28.80 -39.16
N CYS N 86 23.33 28.37 -38.09
CA CYS N 86 23.52 26.96 -37.82
C CYS N 86 23.13 26.65 -36.38
N ASP N 87 24.10 26.30 -35.55
CA ASP N 87 23.82 25.97 -34.15
C ASP N 87 24.48 26.94 -33.18
N THR N 88 25.09 28.00 -33.70
CA THR N 88 25.76 28.98 -32.85
C THR N 88 24.85 30.18 -32.57
N LEU N 89 24.78 30.59 -31.30
CA LEU N 89 23.93 31.70 -30.86
C LEU N 89 24.42 32.35 -29.57
N GLN N 90 23.89 33.54 -29.30
CA GLN N 90 24.21 34.27 -28.09
C GLN N 90 23.15 34.01 -27.03
N MET N 91 23.61 33.85 -25.79
CA MET N 91 22.72 33.75 -24.63
C MET N 91 23.15 34.72 -23.55
N TRP N 92 22.19 35.21 -22.78
CA TRP N 92 22.50 35.96 -21.58
C TRP N 92 23.03 35.00 -20.51
N GLU N 93 24.11 35.39 -19.86
CA GLU N 93 24.75 34.59 -18.83
C GLU N 93 24.76 35.40 -17.54
N ALA N 94 24.11 34.88 -16.51
CA ALA N 94 24.06 35.56 -15.23
C ALA N 94 25.36 35.33 -14.48
N ILE N 95 26.03 36.41 -14.11
CA ILE N 95 27.37 36.32 -13.55
C ILE N 95 27.45 36.70 -12.07
N SER N 96 26.51 37.50 -11.60
CA SER N 96 26.45 37.92 -10.21
C SER N 96 25.09 38.48 -9.83
N VAL N 97 24.81 38.47 -8.54
CA VAL N 97 23.56 38.97 -8.00
C VAL N 97 23.76 39.64 -6.64
N LYS N 98 23.16 40.81 -6.47
CA LYS N 98 22.96 41.37 -5.14
C LYS N 98 21.53 41.08 -4.74
N THR N 99 21.36 40.42 -3.60
CA THR N 99 20.03 40.10 -3.10
C THR N 99 19.91 40.44 -1.61
N GLU N 100 18.69 40.74 -1.18
CA GLU N 100 18.49 41.26 0.17
C GLU N 100 17.07 41.00 0.58
N VAL N 101 16.91 40.55 1.81
CA VAL N 101 15.59 40.38 2.41
C VAL N 101 15.13 41.75 2.89
N VAL N 102 13.96 42.17 2.39
CA VAL N 102 13.46 43.52 2.62
C VAL N 102 12.53 43.54 3.85
N GLY N 103 12.53 44.65 4.56
CA GLY N 103 11.66 44.85 5.71
C GLY N 103 12.09 44.10 6.97
N ILE N 104 13.40 43.83 7.11
CA ILE N 104 13.89 43.13 8.28
C ILE N 104 13.61 43.92 9.55
N SER N 105 13.82 45.24 9.48
CA SER N 105 13.54 46.14 10.60
C SER N 105 12.13 46.02 11.17
N SER N 106 11.15 45.66 10.33
CA SER N 106 9.74 45.56 10.77
C SER N 106 9.56 44.61 11.96
N LEU N 107 10.50 43.70 12.12
CA LEU N 107 10.43 42.63 13.13
C LEU N 107 10.84 43.04 14.55
N ILE N 108 11.18 44.31 14.76
CA ILE N 108 11.38 44.82 16.14
C ILE N 108 10.05 45.18 16.80
N ASN N 109 8.96 45.14 16.03
CA ASN N 109 7.62 45.39 16.56
C ASN N 109 7.27 44.28 17.55
N VAL N 110 7.19 44.66 18.83
CA VAL N 110 6.76 43.74 19.89
C VAL N 110 5.45 44.21 20.56
N HIS N 111 4.59 44.86 19.77
CA HIS N 111 3.36 45.44 20.30
C HIS N 111 2.19 45.26 19.33
N TYR N 112 2.23 44.21 18.52
CA TYR N 112 1.06 43.79 17.75
C TYR N 112 -0.09 43.66 18.75
N TRP N 113 -1.27 44.14 18.38
CA TRP N 113 -2.36 44.27 19.36
C TRP N 113 -2.75 42.93 20.00
N ASP N 114 -2.79 41.87 19.20
CA ASP N 114 -3.12 40.54 19.70
C ASP N 114 -1.88 39.65 19.84
N MET N 115 -0.79 40.22 20.33
CA MET N 115 0.47 39.48 20.46
C MET N 115 0.59 38.83 21.84
N LYS N 116 1.00 37.56 21.88
CA LYS N 116 1.27 36.87 23.15
C LYS N 116 2.49 37.52 23.84
N ARG N 117 2.38 37.79 25.15
CA ARG N 117 3.46 38.42 25.91
C ARG N 117 4.49 37.40 26.37
N VAL N 118 5.74 37.82 26.51
CA VAL N 118 6.78 36.97 27.11
C VAL N 118 6.45 36.58 28.56
N HIS N 119 5.75 37.48 29.27
CA HIS N 119 5.21 37.25 30.61
C HIS N 119 4.21 38.38 30.93
N ASP N 120 3.45 38.24 32.02
CA ASP N 120 2.48 39.26 32.42
C ASP N 120 3.05 40.68 32.46
N TYR N 121 2.37 41.60 31.80
CA TYR N 121 2.74 43.03 31.71
C TYR N 121 3.93 43.33 30.80
N GLY N 122 4.46 42.29 30.16
CA GLY N 122 5.62 42.41 29.30
C GLY N 122 5.29 42.76 27.86
N ALA N 123 6.34 42.90 27.07
CA ALA N 123 6.22 43.12 25.64
C ALA N 123 5.83 41.79 25.00
N GLY N 124 5.41 41.83 23.74
CA GLY N 124 5.05 40.63 23.01
C GLY N 124 6.25 39.82 22.61
N ILE N 125 6.05 38.52 22.41
CA ILE N 125 7.09 37.64 21.86
C ILE N 125 7.37 38.03 20.40
N PRO N 126 8.59 38.50 20.10
CA PRO N 126 8.90 38.90 18.73
C PRO N 126 8.82 37.71 17.78
N VAL N 127 8.52 38.00 16.52
CA VAL N 127 8.55 37.02 15.44
C VAL N 127 9.87 36.26 15.54
N SER N 128 9.75 34.97 15.85
N SER N 128 9.76 34.99 15.90
CA SER N 128 10.89 34.11 16.10
CA SER N 128 10.91 34.10 16.12
C SER N 128 10.49 32.67 15.79
C SER N 128 10.49 32.67 15.80
N GLY N 129 11.46 31.77 15.75
CA GLY N 129 11.19 30.35 15.53
C GLY N 129 11.70 29.86 14.20
N VAL N 130 10.85 29.11 13.50
CA VAL N 130 11.23 28.49 12.23
C VAL N 130 11.59 29.56 11.21
N ASN N 131 12.84 29.53 10.76
CA ASN N 131 13.24 30.26 9.58
C ASN N 131 13.51 29.29 8.44
N TYR N 132 13.20 29.73 7.21
CA TYR N 132 13.62 29.05 5.98
C TYR N 132 13.98 30.10 4.94
N HIS N 133 15.22 30.07 4.49
CA HIS N 133 15.70 31.07 3.55
C HIS N 133 16.42 30.44 2.38
N MET N 134 15.96 30.78 1.17
N MET N 134 15.96 30.77 1.17
CA MET N 134 16.65 30.37 -0.03
CA MET N 134 16.55 30.29 -0.07
C MET N 134 16.40 31.34 -1.17
C MET N 134 16.40 31.33 -1.17
N PHE N 135 17.36 31.38 -2.09
CA PHE N 135 17.18 32.07 -3.35
C PHE N 135 17.92 31.28 -4.43
N ALA N 136 17.43 31.39 -5.66
CA ALA N 136 18.07 30.76 -6.81
C ALA N 136 17.99 31.64 -8.05
N ILE N 137 19.07 31.64 -8.81
CA ILE N 137 19.15 32.30 -10.11
C ILE N 137 19.49 31.23 -11.13
N GLY N 138 18.66 31.13 -12.17
CA GLY N 138 18.88 30.15 -13.23
C GLY N 138 18.41 30.60 -14.60
N GLY N 139 18.85 29.89 -15.62
CA GLY N 139 18.45 30.18 -16.99
C GLY N 139 17.32 29.28 -17.47
N GLU N 140 16.68 28.62 -16.51
CA GLU N 140 15.55 27.73 -16.72
C GLU N 140 14.91 27.53 -15.35
N PRO N 141 13.68 27.00 -15.29
CA PRO N 141 13.02 26.81 -14.00
C PRO N 141 13.85 25.97 -13.02
N LEU N 142 13.79 26.33 -11.73
CA LEU N 142 14.44 25.55 -10.67
C LEU N 142 13.85 24.14 -10.64
N ASP N 143 14.73 23.14 -10.68
CA ASP N 143 14.32 21.75 -10.57
C ASP N 143 14.01 21.44 -9.12
N LEU N 144 12.89 20.78 -8.87
CA LEU N 144 12.44 20.51 -7.50
C LEU N 144 12.35 19.02 -7.22
N GLN N 145 12.65 18.67 -5.98
CA GLN N 145 12.53 17.29 -5.49
C GLN N 145 11.46 17.23 -4.39
N GLY N 146 10.59 16.24 -4.48
CA GLY N 146 9.51 16.08 -3.51
C GLY N 146 9.89 15.21 -2.33
N LEU N 147 9.64 15.74 -1.14
CA LEU N 147 9.86 15.00 0.10
C LEU N 147 9.00 15.62 1.19
N VAL N 148 8.23 14.78 1.87
CA VAL N 148 7.33 15.23 2.94
C VAL N 148 7.59 14.55 4.29
N LEU N 149 7.34 15.29 5.37
CA LEU N 149 7.35 14.76 6.72
C LEU N 149 6.46 13.51 6.87
N ASP N 150 5.23 13.60 6.35
CA ASP N 150 4.22 12.56 6.53
C ASP N 150 3.51 12.30 5.19
N TYR N 151 3.70 11.11 4.63
CA TYR N 151 3.14 10.76 3.34
C TYR N 151 1.61 10.63 3.34
N GLN N 152 1.03 10.51 4.53
CA GLN N 152 -0.43 10.38 4.68
C GLN N 152 -1.11 11.75 4.68
N THR N 153 -0.31 12.81 4.64
CA THR N 153 -0.86 14.18 4.52
C THR N 153 -1.77 14.27 3.28
N GLN N 154 -2.93 14.88 3.44
CA GLN N 154 -3.84 15.02 2.32
C GLN N 154 -3.86 16.46 1.91
N TYR N 155 -2.96 16.81 0.98
CA TYR N 155 -2.84 18.18 0.48
C TYR N 155 -4.04 18.49 -0.41
N PRO N 156 -4.49 19.77 -0.40
CA PRO N 156 -5.66 20.17 -1.20
C PRO N 156 -5.45 19.80 -2.65
N LYS N 157 -6.52 19.48 -3.36
CA LYS N 157 -6.41 19.17 -4.78
C LYS N 157 -6.23 20.42 -5.64
N THR N 158 -5.55 20.23 -6.78
CA THR N 158 -5.27 21.33 -7.70
C THR N 158 -6.50 21.69 -8.54
N GLY N 162 -5.24 26.08 -5.96
CA GLY N 162 -4.76 24.74 -5.62
C GLY N 162 -3.25 24.62 -5.77
N PRO N 163 -2.57 24.11 -4.73
CA PRO N 163 -1.12 23.93 -4.82
C PRO N 163 -0.73 22.63 -5.53
N ILE N 164 0.46 22.63 -6.13
CA ILE N 164 0.99 21.46 -6.82
C ILE N 164 1.84 20.67 -5.85
N THR N 165 1.46 19.41 -5.60
CA THR N 165 2.15 18.56 -4.64
C THR N 165 2.58 17.24 -5.30
N ILE N 166 3.14 16.32 -4.51
CA ILE N 166 3.63 15.06 -5.06
C ILE N 166 2.52 14.24 -5.73
N GLU N 167 1.37 14.13 -5.07
CA GLU N 167 0.23 13.40 -5.65
C GLU N 167 -0.15 13.98 -7.01
N THR N 168 -0.20 15.31 -7.09
CA THR N 168 -0.48 16.03 -8.35
C THR N 168 0.42 15.55 -9.48
N VAL N 169 1.71 15.43 -9.18
CA VAL N 169 2.73 15.07 -10.14
C VAL N 169 2.66 13.58 -10.51
N LEU N 170 2.43 12.72 -9.52
CA LEU N 170 2.44 11.28 -9.75
C LEU N 170 1.15 10.77 -10.40
N GLY N 171 0.06 11.52 -10.22
CA GLY N 171 -1.26 11.10 -10.68
C GLY N 171 -1.87 10.02 -9.80
N ARG N 172 -1.33 9.87 -8.58
CA ARG N 172 -1.76 8.87 -7.61
C ARG N 172 -1.28 9.27 -6.22
N LYS N 173 -1.77 8.57 -5.19
CA LYS N 173 -1.41 8.88 -3.80
C LYS N 173 0.06 8.60 -3.51
N MET N 174 0.63 9.43 -2.62
CA MET N 174 1.95 9.19 -2.05
C MET N 174 2.01 7.84 -1.35
N THR N 175 3.20 7.29 -1.24
CA THR N 175 3.42 6.07 -0.45
C THR N 175 4.52 6.38 0.58
N PRO N 176 4.79 5.46 1.53
CA PRO N 176 5.89 5.72 2.47
C PRO N 176 7.21 6.18 1.85
N LYS N 177 7.52 5.75 0.63
CA LYS N 177 8.77 6.20 -0.04
C LYS N 177 8.91 7.71 -0.23
N ASN N 178 7.79 8.42 -0.19
CA ASN N 178 7.81 9.89 -0.29
C ASN N 178 8.23 10.61 0.98
N GLN N 179 8.48 9.85 2.04
CA GLN N 179 9.14 10.38 3.24
C GLN N 179 10.65 10.34 3.03
N GLY N 180 11.08 9.53 2.06
CA GLY N 180 12.46 9.51 1.57
C GLY N 180 12.58 10.22 0.22
N LEU N 181 13.67 9.95 -0.49
CA LEU N 181 13.86 10.49 -1.83
C LEU N 181 13.33 9.48 -2.85
N ASP N 182 12.17 9.81 -3.42
CA ASP N 182 11.58 9.06 -4.53
C ASP N 182 11.93 9.81 -5.82
N PRO N 183 12.74 9.18 -6.71
CA PRO N 183 13.20 9.82 -7.95
C PRO N 183 12.06 10.18 -8.91
N GLN N 184 10.89 9.58 -8.74
CA GLN N 184 9.74 9.95 -9.56
C GLN N 184 9.06 11.25 -9.12
N ALA N 185 9.28 11.65 -7.87
CA ALA N 185 8.64 12.87 -7.32
C ALA N 185 9.44 14.12 -7.64
N LYS N 186 9.38 14.52 -8.91
CA LYS N 186 10.10 15.70 -9.38
C LYS N 186 9.13 16.68 -10.03
N ALA N 187 9.55 17.95 -10.08
CA ALA N 187 8.78 19.00 -10.74
C ALA N 187 9.69 20.19 -11.09
N LYS N 188 9.13 21.16 -11.79
CA LYS N 188 9.83 22.39 -12.07
C LYS N 188 9.11 23.55 -11.40
N LEU N 189 9.88 24.43 -10.78
CA LEU N 189 9.30 25.63 -10.18
C LEU N 189 8.93 26.65 -11.25
N ASP N 190 7.71 26.51 -11.78
CA ASP N 190 7.25 27.34 -12.89
C ASP N 190 6.03 28.20 -12.56
N LYS N 191 5.59 28.17 -11.31
CA LYS N 191 4.47 29.00 -10.87
C LYS N 191 4.64 29.59 -9.47
N ASP N 192 4.50 30.92 -9.40
CA ASP N 192 4.63 31.68 -8.14
C ASP N 192 3.50 31.31 -7.17
N GLY N 193 3.86 31.09 -5.92
CA GLY N 193 2.89 30.81 -4.86
C GLY N 193 2.14 29.49 -4.94
N ASN N 194 2.64 28.54 -5.74
CA ASN N 194 1.92 27.28 -5.98
C ASN N 194 2.65 26.00 -5.59
N TYR N 195 3.94 26.11 -5.30
CA TYR N 195 4.74 24.95 -4.89
C TYR N 195 5.10 25.03 -3.40
N PRO N 196 4.40 24.24 -2.55
CA PRO N 196 4.60 24.30 -1.09
C PRO N 196 6.02 23.96 -0.68
N ILE N 197 6.56 24.78 0.22
CA ILE N 197 7.90 24.61 0.74
C ILE N 197 8.08 23.30 1.51
N GLU N 198 7.04 22.86 2.22
CA GLU N 198 7.14 21.64 3.04
C GLU N 198 7.11 20.36 2.20
N VAL N 199 6.83 20.51 0.90
CA VAL N 199 6.72 19.39 -0.04
C VAL N 199 7.92 19.34 -0.98
N TRP N 200 8.38 20.51 -1.41
CA TRP N 200 9.38 20.63 -2.45
C TRP N 200 10.69 21.26 -1.99
N CYS N 201 11.81 20.64 -2.34
CA CYS N 201 13.13 21.25 -2.12
C CYS N 201 13.88 21.34 -3.45
N PRO N 202 15.00 22.10 -3.52
CA PRO N 202 15.73 22.05 -4.78
C PRO N 202 16.35 20.66 -4.98
N ASP N 203 16.38 20.22 -6.23
CA ASP N 203 16.90 18.91 -6.60
C ASP N 203 18.37 19.02 -7.00
N PRO N 204 19.27 18.46 -6.17
CA PRO N 204 20.71 18.54 -6.45
C PRO N 204 21.17 17.58 -7.55
N SER N 205 20.30 16.68 -7.99
CA SER N 205 20.68 15.75 -9.06
C SER N 205 20.55 16.41 -10.44
N LYS N 206 19.92 17.59 -10.46
CA LYS N 206 19.72 18.37 -11.67
C LYS N 206 20.19 19.81 -11.38
N ASN N 207 19.43 20.82 -11.79
CA ASN N 207 19.82 22.22 -11.57
C ASN N 207 21.24 22.65 -12.03
N GLU N 208 21.76 21.99 -13.06
CA GLU N 208 23.08 22.32 -13.60
C GLU N 208 23.16 23.76 -14.11
N ASN N 209 22.01 24.29 -14.52
CA ASN N 209 21.90 25.62 -15.11
C ASN N 209 21.25 26.66 -14.18
N SER N 210 21.26 26.38 -12.88
CA SER N 210 20.84 27.33 -11.85
C SER N 210 21.86 27.33 -10.71
N ARG N 211 21.89 28.40 -9.92
CA ARG N 211 22.59 28.38 -8.64
C ARG N 211 21.60 28.68 -7.53
N TYR N 212 21.53 27.78 -6.55
CA TYR N 212 20.69 28.00 -5.37
C TYR N 212 21.47 27.96 -4.05
N TYR N 213 20.95 28.70 -3.07
CA TYR N 213 21.58 28.90 -1.78
C TYR N 213 20.46 28.91 -0.74
N GLY N 214 20.52 27.99 0.22
CA GLY N 214 19.45 27.89 1.21
C GLY N 214 19.88 27.44 2.60
N SER N 215 19.01 27.68 3.57
CA SER N 215 19.21 27.22 4.94
C SER N 215 17.86 27.01 5.63
N ILE N 216 17.89 26.23 6.71
CA ILE N 216 16.75 26.12 7.62
C ILE N 216 17.18 26.36 9.06
N GLN N 217 16.21 26.81 9.86
CA GLN N 217 16.37 26.93 11.31
C GLN N 217 15.06 26.46 11.94
N THR N 218 15.13 25.39 12.73
CA THR N 218 13.95 24.93 13.48
C THR N 218 13.97 25.40 14.94
N GLY N 219 13.01 24.93 15.73
CA GLY N 219 12.80 25.43 17.09
C GLY N 219 11.63 26.39 17.07
N SER N 220 11.02 26.60 18.22
CA SER N 220 9.76 27.36 18.31
C SER N 220 9.96 28.84 18.53
N GLN N 221 10.97 29.20 19.30
CA GLN N 221 11.25 30.62 19.62
C GLN N 221 12.70 30.99 19.33
N THR N 222 13.36 30.16 18.53
CA THR N 222 14.73 30.41 18.10
C THR N 222 14.89 31.83 17.55
N PRO N 223 15.93 32.55 17.99
CA PRO N 223 16.10 33.91 17.46
C PRO N 223 16.12 33.97 15.92
N THR N 224 15.37 34.91 15.35
CA THR N 224 15.54 35.23 13.95
C THR N 224 16.75 36.16 13.88
N VAL N 225 17.76 35.71 13.14
CA VAL N 225 19.03 36.40 13.03
C VAL N 225 19.29 36.61 11.53
N LEU N 226 19.21 37.85 11.10
CA LEU N 226 19.32 38.18 9.68
C LEU N 226 20.20 39.40 9.47
N GLN N 227 20.94 39.40 8.35
CA GLN N 227 21.76 40.54 7.99
C GLN N 227 21.31 41.16 6.67
N PHE N 228 21.69 42.42 6.48
CA PHE N 228 21.36 43.16 5.28
C PHE N 228 22.46 44.19 4.98
N SER N 229 22.91 44.19 3.74
CA SER N 229 23.93 45.15 3.32
C SER N 229 23.92 45.26 1.81
N ASN N 230 24.13 46.47 1.28
CA ASN N 230 24.21 46.66 -0.16
C ASN N 230 25.62 46.51 -0.71
N THR N 231 26.50 45.90 0.10
CA THR N 231 27.88 45.61 -0.30
C THR N 231 28.11 44.12 -0.53
N LEU N 232 27.05 43.31 -0.35
CA LEU N 232 27.16 41.85 -0.50
C LEU N 232 26.76 41.35 -1.89
N THR N 233 27.74 40.81 -2.61
CA THR N 233 27.57 40.28 -3.96
C THR N 233 27.78 38.76 -3.97
N THR N 234 26.90 38.04 -4.65
CA THR N 234 27.07 36.61 -4.87
C THR N 234 27.52 36.36 -6.31
N VAL N 235 28.70 35.77 -6.44
CA VAL N 235 29.23 35.38 -7.74
C VAL N 235 28.50 34.12 -8.20
N LEU N 236 27.99 34.14 -9.42
CA LEU N 236 27.15 33.06 -9.92
C LEU N 236 27.90 32.09 -10.83
N LEU N 237 29.15 32.41 -11.14
CA LEU N 237 29.97 31.58 -12.02
C LEU N 237 30.27 30.24 -11.38
N ASP N 238 30.28 29.18 -12.19
CA ASP N 238 30.70 27.87 -11.71
C ASP N 238 32.24 27.75 -11.70
N GLU N 239 32.74 26.53 -11.52
CA GLU N 239 34.18 26.29 -11.41
C GLU N 239 34.93 26.56 -12.72
N ASN N 240 34.20 26.59 -13.83
CA ASN N 240 34.78 26.88 -15.14
C ASN N 240 34.62 28.32 -15.60
N GLY N 241 34.03 29.16 -14.74
CA GLY N 241 33.80 30.57 -15.05
C GLY N 241 32.54 30.85 -15.84
N VAL N 242 31.55 29.97 -15.71
CA VAL N 242 30.31 30.04 -16.50
C VAL N 242 29.10 30.19 -15.58
N GLY N 243 28.29 31.21 -15.83
CA GLY N 243 27.06 31.43 -15.07
C GLY N 243 25.88 30.74 -15.73
N PRO N 244 24.72 30.73 -15.05
CA PRO N 244 23.50 30.21 -15.68
C PRO N 244 23.27 30.82 -17.05
N LEU N 245 22.93 29.98 -18.03
CA LEU N 245 22.69 30.45 -19.40
C LEU N 245 21.18 30.47 -19.69
N CYS N 246 20.67 31.66 -19.98
CA CYS N 246 19.24 31.89 -20.10
C CYS N 246 18.73 31.42 -21.47
N LYS N 247 18.36 30.14 -21.52
CA LYS N 247 17.84 29.55 -22.74
C LYS N 247 16.43 30.06 -22.99
N GLY N 248 16.16 30.54 -24.21
CA GLY N 248 14.90 31.17 -24.53
C GLY N 248 14.79 32.59 -23.97
N ASP N 249 15.93 33.14 -23.56
CA ASP N 249 16.06 34.54 -23.12
C ASP N 249 15.20 34.89 -21.90
N GLY N 250 14.99 33.92 -21.03
CA GLY N 250 14.25 34.12 -19.77
C GLY N 250 15.13 33.90 -18.56
N LEU N 251 15.07 34.81 -17.60
CA LEU N 251 15.82 34.65 -16.35
C LEU N 251 14.91 34.21 -15.19
N PHE N 252 15.24 33.06 -14.62
CA PHE N 252 14.45 32.47 -13.54
C PHE N 252 14.98 32.78 -12.13
N ILE N 253 14.15 33.48 -11.38
CA ILE N 253 14.48 33.94 -10.06
C ILE N 253 13.43 33.39 -9.08
N SER N 254 13.92 32.68 -8.07
CA SER N 254 13.09 31.93 -7.13
C SER N 254 13.58 32.21 -5.72
N CYS N 255 12.66 32.17 -4.74
CA CYS N 255 13.02 32.37 -3.35
C CYS N 255 11.96 31.95 -2.33
N ALA N 256 12.39 31.91 -1.07
CA ALA N 256 11.54 31.68 0.09
C ALA N 256 12.22 32.31 1.31
N ASP N 257 11.47 33.09 2.08
CA ASP N 257 12.03 33.71 3.28
C ASP N 257 11.02 33.73 4.42
N ILE N 258 10.89 32.58 5.10
CA ILE N 258 10.09 32.44 6.32
C ILE N 258 10.90 32.93 7.51
N VAL N 259 10.41 33.94 8.21
CA VAL N 259 11.19 34.58 9.27
C VAL N 259 10.75 34.28 10.72
N GLY N 260 9.82 33.35 10.90
CA GLY N 260 9.36 32.95 12.24
C GLY N 260 7.86 33.03 12.43
N PHE N 261 7.43 32.89 13.69
CA PHE N 261 6.00 32.88 14.02
C PHE N 261 5.54 34.22 14.57
N LEU N 262 4.35 34.64 14.17
CA LEU N 262 3.59 35.59 14.95
C LEU N 262 2.87 34.80 16.05
N PHE N 263 3.21 35.07 17.30
CA PHE N 263 2.60 34.44 18.48
C PHE N 263 1.40 35.26 18.95
N LYS N 264 0.20 34.71 18.78
CA LYS N 264 -1.03 35.42 19.16
C LYS N 264 -1.41 35.09 20.60
N THR N 265 -2.15 36.00 21.24
CA THR N 265 -2.47 35.94 22.68
C THR N 265 -2.97 34.55 23.15
N SER N 266 -3.89 33.98 22.39
CA SER N 266 -4.55 32.74 22.73
C SER N 266 -3.61 31.53 22.69
N GLY N 267 -2.45 31.72 22.06
CA GLY N 267 -1.51 30.61 21.90
C GLY N 267 -1.35 30.23 20.44
N LYS N 268 -2.32 30.61 19.62
CA LYS N 268 -2.27 30.37 18.18
C LYS N 268 -0.99 30.95 17.58
N MET N 269 -0.47 30.26 16.57
CA MET N 269 0.78 30.66 15.91
C MET N 269 0.66 30.57 14.40
N ALA N 270 1.09 31.63 13.71
CA ALA N 270 1.17 31.66 12.25
C ALA N 270 2.58 32.04 11.78
N LEU N 271 3.05 31.37 10.73
CA LEU N 271 4.31 31.73 10.09
C LEU N 271 4.21 33.04 9.30
N HIS N 272 5.36 33.72 9.12
CA HIS N 272 5.45 35.03 8.49
C HIS N 272 6.62 35.03 7.52
N GLY N 273 6.45 35.69 6.38
CA GLY N 273 7.53 35.82 5.41
C GLY N 273 7.88 37.26 5.12
N LEU N 274 9.05 37.48 4.54
CA LEU N 274 9.43 38.81 4.05
C LEU N 274 9.77 38.77 2.56
N PRO N 275 9.68 39.94 1.87
CA PRO N 275 10.01 39.98 0.46
C PRO N 275 11.51 39.95 0.24
N ARG N 276 11.91 39.64 -0.98
CA ARG N 276 13.31 39.60 -1.31
C ARG N 276 13.57 40.43 -2.57
N TYR N 277 14.61 41.26 -2.53
CA TYR N 277 15.04 42.08 -3.66
C TYR N 277 16.19 41.43 -4.41
N PHE N 278 16.21 41.59 -5.73
CA PHE N 278 17.29 41.07 -6.56
C PHE N 278 17.81 42.13 -7.54
N ASN N 279 19.13 42.13 -7.72
CA ASN N 279 19.75 42.87 -8.81
C ASN N 279 20.79 41.96 -9.43
N VAL N 280 20.48 41.46 -10.63
CA VAL N 280 21.31 40.48 -11.30
C VAL N 280 22.08 41.15 -12.45
N THR N 281 23.37 40.86 -12.54
CA THR N 281 24.18 41.31 -13.67
C THR N 281 24.39 40.15 -14.64
N LEU N 282 24.12 40.41 -15.92
CA LEU N 282 24.26 39.40 -16.96
C LEU N 282 25.15 39.89 -18.09
N ARG N 283 25.76 38.96 -18.81
CA ARG N 283 26.56 39.31 -19.97
C ARG N 283 26.20 38.41 -21.14
N LYS N 284 26.54 38.84 -22.35
CA LYS N 284 26.27 38.05 -23.54
C LYS N 284 27.35 36.99 -23.70
N ARG N 285 26.93 35.78 -24.04
CA ARG N 285 27.86 34.68 -24.20
C ARG N 285 27.59 33.91 -25.49
N TRP N 286 28.63 33.73 -26.29
CA TRP N 286 28.53 32.86 -27.47
C TRP N 286 28.41 31.40 -27.03
N VAL N 287 27.35 30.72 -27.50
CA VAL N 287 27.17 29.31 -27.21
C VAL N 287 26.83 28.55 -28.49
N LYS N 288 27.10 27.24 -28.49
CA LYS N 288 26.88 26.37 -29.64
C LYS N 288 26.04 25.18 -29.23
N ASN N 289 25.07 24.82 -30.07
CA ASN N 289 24.26 23.61 -29.87
C ASN N 289 24.81 22.41 -30.64
N GLU O 10 29.99 60.46 -14.08
CA GLU O 10 31.39 60.28 -14.58
C GLU O 10 32.42 60.50 -13.48
N VAL O 11 32.97 59.39 -12.98
CA VAL O 11 34.00 59.44 -11.95
C VAL O 11 35.38 59.44 -12.62
N LEU O 12 36.15 60.49 -12.37
CA LEU O 12 37.50 60.57 -12.92
C LEU O 12 38.53 60.12 -11.88
N SER O 13 39.67 60.81 -11.82
CA SER O 13 40.78 60.37 -11.00
C SER O 13 40.81 60.99 -9.62
N VAL O 14 41.46 60.28 -8.70
CA VAL O 14 41.75 60.75 -7.35
C VAL O 14 42.64 61.99 -7.43
N VAL O 15 42.27 63.04 -6.68
CA VAL O 15 43.07 64.27 -6.65
C VAL O 15 44.42 64.02 -5.98
N THR O 16 45.48 64.62 -6.52
CA THR O 16 46.80 64.53 -5.91
C THR O 16 47.16 65.85 -5.22
N GLY O 17 47.93 65.77 -4.15
CA GLY O 17 48.32 66.97 -3.40
C GLY O 17 48.34 66.81 -1.89
N GLU O 18 48.82 67.85 -1.22
CA GLU O 18 49.10 67.83 0.23
C GLU O 18 47.87 67.53 1.10
N ASP O 19 46.79 68.29 0.92
CA ASP O 19 45.63 68.18 1.80
C ASP O 19 44.44 67.51 1.13
N SER O 20 44.71 66.51 0.31
CA SER O 20 43.68 65.83 -0.46
C SER O 20 42.94 64.75 0.31
N ILE O 21 43.42 64.44 1.52
CA ILE O 21 42.77 63.48 2.42
C ILE O 21 42.37 64.16 3.73
N THR O 22 41.16 63.88 4.21
CA THR O 22 40.70 64.39 5.49
C THR O 22 39.87 63.38 6.30
N GLN O 23 39.81 63.59 7.61
CA GLN O 23 38.98 62.79 8.49
C GLN O 23 37.92 63.64 9.15
N ILE O 24 36.74 63.05 9.32
CA ILE O 24 35.71 63.67 10.17
C ILE O 24 35.28 62.70 11.27
N GLU O 25 34.98 63.26 12.44
CA GLU O 25 34.51 62.53 13.60
C GLU O 25 33.05 62.85 13.86
N LEU O 26 32.33 61.88 14.43
CA LEU O 26 30.94 62.08 14.81
C LEU O 26 30.50 60.99 15.77
N TYR O 27 29.63 61.36 16.70
CA TYR O 27 28.90 60.36 17.47
C TYR O 27 27.42 60.65 17.35
N LEU O 28 26.63 59.60 17.26
CA LEU O 28 25.19 59.76 17.26
C LEU O 28 24.60 59.06 18.48
N ASN O 29 23.92 59.83 19.31
CA ASN O 29 23.18 59.30 20.44
C ASN O 29 21.88 58.61 20.00
N PRO O 30 21.42 57.59 20.76
CA PRO O 30 20.29 56.81 20.24
C PRO O 30 18.94 57.54 20.33
N ARG O 31 18.07 57.28 19.37
CA ARG O 31 16.74 57.87 19.37
C ARG O 31 15.70 56.76 19.53
N MET O 32 15.58 56.27 20.76
CA MET O 32 14.75 55.11 21.09
C MET O 32 13.28 55.43 21.32
N GLY O 33 12.97 56.71 21.53
CA GLY O 33 11.60 57.17 21.75
C GLY O 33 11.57 58.36 22.69
N VAL O 34 12.32 58.25 23.78
CA VAL O 34 12.64 59.41 24.60
C VAL O 34 13.99 59.88 24.09
N ASN O 35 13.95 60.88 23.21
CA ASN O 35 15.08 61.24 22.35
C ASN O 35 15.92 62.41 22.82
N SER O 36 15.41 63.18 23.77
CA SER O 36 16.17 64.27 24.37
C SER O 36 16.54 63.95 25.82
N PRO O 37 17.73 64.39 26.26
CA PRO O 37 18.07 64.33 27.68
C PRO O 37 17.70 65.61 28.44
N ASP O 38 16.95 66.50 27.79
CA ASP O 38 16.68 67.84 28.36
C ASP O 38 15.20 68.12 28.62
N LEU O 39 14.40 67.07 28.67
CA LEU O 39 12.99 67.19 29.08
C LEU O 39 12.90 66.64 30.50
N PRO O 40 12.98 67.54 31.51
CA PRO O 40 13.14 67.18 32.92
C PRO O 40 12.17 66.11 33.43
N THR O 41 10.89 66.26 33.07
CA THR O 41 9.83 65.36 33.53
C THR O 41 10.01 63.91 33.08
N THR O 42 10.61 63.71 31.89
CA THR O 42 10.66 62.38 31.27
C THR O 42 12.03 61.91 30.76
N SER O 43 13.06 62.73 30.92
CA SER O 43 14.38 62.41 30.37
C SER O 43 15.16 61.34 31.15
N ASN O 44 14.62 60.89 32.28
CA ASN O 44 15.21 59.74 32.99
CA ASN O 44 15.17 59.73 33.00
C ASN O 44 15.18 58.50 32.10
N TRP O 45 14.27 58.51 31.12
CA TRP O 45 14.17 57.42 30.15
C TRP O 45 14.87 57.72 28.80
N TYR O 46 15.69 58.76 28.77
CA TYR O 46 16.53 59.03 27.60
C TYR O 46 17.36 57.77 27.27
N THR O 47 17.33 57.38 26.00
CA THR O 47 17.95 56.13 25.47
C THR O 47 17.09 54.87 25.69
N TYR O 48 15.86 55.07 26.16
CA TYR O 48 14.90 53.97 26.27
C TYR O 48 13.58 54.36 25.61
N THR O 49 12.76 53.34 25.39
CA THR O 49 11.36 53.53 25.05
C THR O 49 10.57 53.60 26.36
N TYR O 50 9.26 53.83 26.23
CA TYR O 50 8.34 53.58 27.33
C TYR O 50 8.06 52.07 27.37
N ASP O 51 7.04 51.67 28.13
CA ASP O 51 6.77 50.25 28.30
C ASP O 51 6.06 49.72 27.07
N LEU O 52 6.64 48.70 26.46
CA LEU O 52 6.10 48.10 25.26
C LEU O 52 5.15 46.98 25.65
N GLN O 53 3.91 47.09 25.18
CA GLN O 53 2.86 46.13 25.51
C GLN O 53 1.94 45.90 24.32
N PRO O 54 1.54 44.64 24.09
CA PRO O 54 0.39 44.40 23.23
C PRO O 54 -0.83 45.02 23.91
N LYS O 55 -1.64 45.76 23.16
CA LYS O 55 -2.77 46.47 23.77
C LYS O 55 -3.85 45.49 24.24
N GLY O 56 -3.97 44.36 23.55
CA GLY O 56 -4.96 43.35 23.89
C GLY O 56 -6.21 43.43 23.05
N SER O 57 -6.44 44.60 22.45
CA SER O 57 -7.59 44.79 21.57
C SER O 57 -7.24 45.67 20.37
N SER O 58 -8.11 45.64 19.36
CA SER O 58 -7.89 46.35 18.12
C SER O 58 -8.37 47.79 18.25
N PRO O 59 -7.63 48.76 17.69
CA PRO O 59 -6.36 48.61 16.98
C PRO O 59 -5.15 49.01 17.83
N ASP O 60 -3.96 48.70 17.34
CA ASP O 60 -2.74 49.22 17.93
C ASP O 60 -2.60 50.69 17.55
N GLN O 61 -2.43 51.53 18.57
CA GLN O 61 -2.19 52.96 18.39
C GLN O 61 -0.93 53.31 19.19
N PRO O 62 0.26 53.02 18.64
CA PRO O 62 1.49 53.19 19.40
C PRO O 62 1.87 54.67 19.60
N ILE O 63 2.35 54.99 20.79
CA ILE O 63 2.83 56.33 21.09
C ILE O 63 4.28 56.52 20.60
N LYS O 64 4.68 57.75 20.34
CA LYS O 64 6.01 58.03 19.80
C LYS O 64 7.16 57.52 20.69
N GLU O 65 6.92 57.48 22.00
CA GLU O 65 7.94 57.02 22.94
C GLU O 65 8.23 55.52 22.79
N ASN O 66 7.34 54.82 22.08
CA ASN O 66 7.52 53.38 21.84
C ASN O 66 7.93 53.05 20.40
N LEU O 67 8.49 54.04 19.72
CA LEU O 67 8.90 53.86 18.35
C LEU O 67 10.34 54.31 18.17
N PRO O 68 11.32 53.42 18.46
CA PRO O 68 12.72 53.67 18.14
C PRO O 68 12.89 54.13 16.69
N ALA O 69 13.69 55.19 16.49
CA ALA O 69 13.92 55.74 15.15
C ALA O 69 15.42 55.78 14.83
N TYR O 70 15.73 55.92 13.54
CA TYR O 70 17.13 55.96 13.12
C TYR O 70 17.76 57.28 13.53
N SER O 71 19.05 57.22 13.84
CA SER O 71 19.81 58.43 14.07
C SER O 71 20.41 58.89 12.76
N VAL O 72 20.51 60.20 12.56
CA VAL O 72 21.09 60.75 11.34
C VAL O 72 21.77 62.08 11.59
N ALA O 73 22.87 62.28 10.87
CA ALA O 73 23.52 63.58 10.79
C ALA O 73 24.04 63.84 9.38
N ARG O 74 23.90 65.09 8.94
CA ARG O 74 24.64 65.59 7.79
C ARG O 74 25.84 66.35 8.31
N VAL O 75 27.03 65.92 7.91
CA VAL O 75 28.26 66.61 8.27
C VAL O 75 28.74 67.50 7.12
N SER O 76 29.01 68.77 7.43
CA SER O 76 29.55 69.70 6.44
C SER O 76 31.05 69.48 6.23
N LEU O 77 31.46 69.37 4.98
CA LEU O 77 32.85 69.11 4.63
C LEU O 77 33.49 70.38 4.05
N PRO O 78 34.84 70.43 4.03
CA PRO O 78 35.51 71.61 3.45
C PRO O 78 35.09 71.88 2.01
N MET O 79 34.69 73.13 1.73
CA MET O 79 34.19 73.52 0.41
C MET O 79 35.29 73.34 -0.64
N LEU O 80 34.91 72.87 -1.83
CA LEU O 80 35.91 72.48 -2.83
C LEU O 80 35.90 73.28 -4.12
N ASN O 81 34.72 73.76 -4.52
CA ASN O 81 34.54 74.40 -5.82
C ASN O 81 33.97 75.81 -5.72
N ASP O 87 31.55 72.15 -15.50
CA ASP O 87 31.01 70.79 -15.57
C ASP O 87 31.85 69.75 -14.83
N THR O 88 33.15 70.04 -14.68
CA THR O 88 34.09 69.13 -14.01
C THR O 88 34.53 69.72 -12.67
N LEU O 89 34.39 68.94 -11.59
CA LEU O 89 34.69 69.41 -10.24
C LEU O 89 35.17 68.33 -9.26
N GLN O 90 35.75 68.77 -8.14
CA GLN O 90 36.20 67.88 -7.08
C GLN O 90 35.05 67.59 -6.12
N MET O 91 34.93 66.33 -5.72
CA MET O 91 33.97 65.91 -4.69
C MET O 91 34.71 65.09 -3.65
N TRP O 92 34.26 65.17 -2.39
CA TRP O 92 34.78 64.32 -1.33
C TRP O 92 34.23 62.92 -1.46
N GLU O 93 35.14 61.95 -1.44
CA GLU O 93 34.78 60.55 -1.56
C GLU O 93 35.11 59.82 -0.25
N ALA O 94 34.09 59.24 0.38
CA ALA O 94 34.29 58.44 1.60
C ALA O 94 34.97 57.12 1.23
N ILE O 95 36.12 56.82 1.85
CA ILE O 95 36.86 55.60 1.48
C ILE O 95 36.91 54.50 2.56
N SER O 96 36.79 54.91 3.82
CA SER O 96 36.79 53.97 4.93
C SER O 96 36.21 54.62 6.18
N VAL O 97 35.74 53.77 7.09
CA VAL O 97 35.21 54.23 8.37
C VAL O 97 35.60 53.28 9.51
N LYS O 98 35.95 53.87 10.64
CA LYS O 98 36.04 53.14 11.90
C LYS O 98 34.81 53.54 12.70
N THR O 99 33.96 52.55 12.98
CA THR O 99 32.76 52.80 13.76
C THR O 99 32.65 51.87 14.96
N GLU O 100 32.12 52.38 16.06
CA GLU O 100 32.01 51.60 17.30
C GLU O 100 30.75 51.93 18.08
N VAL O 101 30.13 50.91 18.67
CA VAL O 101 29.03 51.10 19.59
C VAL O 101 29.65 51.42 20.95
N VAL O 102 29.30 52.60 21.48
CA VAL O 102 29.90 53.12 22.71
C VAL O 102 29.05 52.72 23.92
N GLY O 103 29.69 52.44 25.04
CA GLY O 103 29.00 52.13 26.29
C GLY O 103 28.49 50.71 26.40
N ILE O 104 29.12 49.79 25.66
CA ILE O 104 28.73 48.39 25.71
C ILE O 104 28.86 47.82 27.14
N SER O 105 29.92 48.22 27.84
CA SER O 105 30.22 47.74 29.20
C SER O 105 29.18 48.12 30.25
N SER O 106 28.36 49.13 29.97
CA SER O 106 27.31 49.56 30.90
C SER O 106 26.26 48.48 31.07
N LEU O 107 26.26 47.51 30.16
CA LEU O 107 25.23 46.48 30.13
C LEU O 107 25.48 45.34 31.10
N ILE O 108 26.64 45.34 31.78
CA ILE O 108 26.90 44.34 32.84
C ILE O 108 26.18 44.70 34.14
N ASN O 109 25.61 45.90 34.19
CA ASN O 109 24.78 46.33 35.31
C ASN O 109 23.55 45.43 35.44
N VAL O 110 23.50 44.65 36.53
CA VAL O 110 22.36 43.77 36.81
C VAL O 110 21.72 44.13 38.17
N HIS O 111 21.81 45.41 38.53
CA HIS O 111 21.32 45.87 39.81
C HIS O 111 20.67 47.24 39.64
N TYR O 112 19.96 47.42 38.52
CA TYR O 112 19.09 48.58 38.36
C TYR O 112 18.02 48.44 39.43
N TRP O 113 17.65 49.55 40.10
CA TRP O 113 16.84 49.45 41.33
C TRP O 113 15.50 48.71 41.10
N ASP O 114 14.97 48.79 39.89
CA ASP O 114 13.68 48.18 39.60
C ASP O 114 13.79 47.07 38.56
N MET O 115 14.93 46.39 38.55
CA MET O 115 15.13 45.31 37.61
C MET O 115 14.39 44.08 38.09
N LYS O 116 13.63 43.44 37.20
CA LYS O 116 13.03 42.14 37.50
C LYS O 116 14.17 41.16 37.73
N ARG O 117 14.02 40.28 38.72
CA ARG O 117 15.07 39.31 39.03
C ARG O 117 14.95 38.03 38.18
N VAL O 118 16.07 37.33 38.01
CA VAL O 118 16.07 36.04 37.31
C VAL O 118 15.36 34.96 38.13
N HIS O 119 15.37 35.14 39.46
CA HIS O 119 14.60 34.35 40.42
C HIS O 119 14.68 35.05 41.76
N ASP O 120 13.91 34.59 42.75
CA ASP O 120 13.95 35.13 44.11
C ASP O 120 15.37 35.29 44.63
N TYR O 121 15.69 36.48 45.15
CA TYR O 121 16.99 36.81 45.73
C TYR O 121 18.13 36.95 44.72
N GLY O 122 17.82 36.68 43.45
CA GLY O 122 18.82 36.75 42.38
C GLY O 122 19.11 38.15 41.90
N ALA O 123 20.06 38.25 40.95
CA ALA O 123 20.37 39.50 40.28
C ALA O 123 19.28 39.83 39.25
N GLY O 124 19.30 41.07 38.75
CA GLY O 124 18.39 41.50 37.68
C GLY O 124 18.65 40.76 36.39
N ILE O 125 17.61 40.56 35.59
CA ILE O 125 17.76 40.08 34.22
C ILE O 125 18.51 41.16 33.44
N PRO O 126 19.68 40.82 32.87
CA PRO O 126 20.48 41.83 32.16
C PRO O 126 19.80 42.28 30.86
N VAL O 127 20.18 43.46 30.37
CA VAL O 127 19.65 43.97 29.11
C VAL O 127 19.90 42.91 28.06
N SER O 128 18.81 42.34 27.54
N SER O 128 18.82 42.37 27.50
CA SER O 128 18.87 41.22 26.60
CA SER O 128 18.91 41.28 26.52
C SER O 128 17.64 41.24 25.70
C SER O 128 17.65 41.26 25.67
N GLY O 129 17.59 40.32 24.73
CA GLY O 129 16.44 40.22 23.84
C GLY O 129 16.68 40.84 22.46
N VAL O 130 15.70 41.59 21.99
CA VAL O 130 15.73 42.10 20.63
C VAL O 130 16.87 43.09 20.42
N ASN O 131 17.68 42.82 19.40
CA ASN O 131 18.74 43.72 18.97
C ASN O 131 18.51 44.13 17.51
N TYR O 132 18.88 45.34 17.19
CA TYR O 132 18.91 45.79 15.81
C TYR O 132 20.09 46.71 15.67
N HIS O 133 21.00 46.34 14.78
CA HIS O 133 22.20 47.13 14.59
C HIS O 133 22.43 47.41 13.12
N MET O 134 22.55 48.69 12.81
CA MET O 134 22.87 49.11 11.46
C MET O 134 23.63 50.43 11.44
N PHE O 135 24.43 50.63 10.41
CA PHE O 135 25.00 51.93 10.13
C PHE O 135 25.09 52.15 8.61
N ALA O 136 25.07 53.42 8.22
CA ALA O 136 25.23 53.79 6.81
C ALA O 136 26.11 55.01 6.67
N ILE O 137 26.90 55.02 5.59
CA ILE O 137 27.71 56.15 5.16
C ILE O 137 27.36 56.41 3.69
N GLY O 138 26.89 57.63 3.42
CA GLY O 138 26.51 58.04 2.06
C GLY O 138 26.78 59.51 1.73
N GLY O 139 26.72 59.84 0.44
CA GLY O 139 26.95 61.20 -0.04
C GLY O 139 25.64 61.95 -0.26
N GLU O 140 24.57 61.40 0.35
CA GLU O 140 23.21 61.94 0.27
C GLU O 140 22.40 61.10 1.25
N PRO O 141 21.18 61.56 1.62
CA PRO O 141 20.34 60.81 2.55
C PRO O 141 20.15 59.35 2.14
N LEU O 142 20.11 58.45 3.14
CA LEU O 142 19.83 57.04 2.91
C LEU O 142 18.41 56.87 2.37
N ASP O 143 18.26 56.04 1.33
CA ASP O 143 16.96 55.68 0.79
C ASP O 143 16.27 54.61 1.65
N LEU O 144 15.00 54.86 1.98
CA LEU O 144 14.24 53.98 2.86
C LEU O 144 13.08 53.34 2.12
N GLN O 145 12.80 52.09 2.49
CA GLN O 145 11.62 51.39 2.00
C GLN O 145 10.72 51.12 3.20
N GLY O 146 9.42 51.34 3.01
CA GLY O 146 8.43 51.09 4.06
C GLY O 146 7.87 49.69 4.04
N LEU O 147 7.71 49.10 5.22
CA LEU O 147 7.11 47.78 5.41
C LEU O 147 6.85 47.52 6.89
N VAL O 148 5.61 47.16 7.22
CA VAL O 148 5.22 46.98 8.61
C VAL O 148 4.68 45.59 8.92
N LEU O 149 4.76 45.21 10.18
CA LEU O 149 4.21 43.96 10.65
C LEU O 149 2.69 43.89 10.40
N ASP O 150 2.00 44.99 10.69
CA ASP O 150 0.55 45.04 10.58
C ASP O 150 0.14 46.39 9.99
N TYR O 151 -0.54 46.34 8.84
CA TYR O 151 -0.92 47.57 8.13
C TYR O 151 -2.02 48.33 8.87
N GLN O 152 -2.69 47.65 9.79
CA GLN O 152 -3.77 48.25 10.59
C GLN O 152 -3.28 49.09 11.78
N THR O 153 -1.98 49.03 12.06
CA THR O 153 -1.34 49.85 13.10
C THR O 153 -1.58 51.33 12.80
N GLN O 154 -2.06 52.05 13.81
CA GLN O 154 -2.36 53.47 13.66
C GLN O 154 -1.26 54.27 14.33
N TYR O 155 -0.22 54.56 13.54
CA TYR O 155 0.89 55.37 14.00
C TYR O 155 0.40 56.80 14.23
N PRO O 156 1.03 57.54 15.17
CA PRO O 156 0.55 58.90 15.42
C PRO O 156 0.84 59.85 14.25
N LYS O 157 0.05 60.91 14.13
CA LYS O 157 0.20 61.83 13.00
C LYS O 157 1.40 62.76 13.17
N THR O 158 1.88 63.29 12.05
CA THR O 158 2.96 64.28 12.05
C THR O 158 2.42 65.67 12.37
N GLY O 162 6.34 64.92 15.04
CA GLY O 162 6.02 63.52 15.25
C GLY O 162 6.62 62.61 14.18
N PRO O 163 6.40 61.28 14.30
CA PRO O 163 7.04 60.32 13.41
C PRO O 163 6.52 60.34 11.98
N ILE O 164 7.43 60.12 11.02
CA ILE O 164 7.07 60.02 9.63
C ILE O 164 6.92 58.54 9.28
N THR O 165 5.72 58.14 8.90
CA THR O 165 5.45 56.74 8.59
C THR O 165 4.91 56.61 7.17
N ILE O 166 4.44 55.41 6.79
CA ILE O 166 3.96 55.18 5.42
C ILE O 166 2.77 56.06 5.05
N GLU O 167 1.82 56.19 5.98
CA GLU O 167 0.64 57.03 5.77
C GLU O 167 1.03 58.51 5.53
N THR O 168 2.00 58.99 6.31
CA THR O 168 2.55 60.34 6.12
C THR O 168 2.95 60.55 4.66
N VAL O 169 3.73 59.62 4.12
CA VAL O 169 4.32 59.73 2.79
C VAL O 169 3.28 59.50 1.68
N LEU O 170 2.39 58.54 1.89
CA LEU O 170 1.36 58.25 0.90
C LEU O 170 0.22 59.28 0.89
N GLY O 171 0.02 59.95 2.02
CA GLY O 171 -1.13 60.85 2.18
C GLY O 171 -2.46 60.11 2.12
N ARG O 172 -2.50 58.94 2.79
CA ARG O 172 -3.68 58.07 2.86
C ARG O 172 -3.32 56.83 3.69
N LYS O 173 -4.33 56.17 4.25
CA LYS O 173 -4.12 55.00 5.09
C LYS O 173 -3.40 53.87 4.36
N MET O 174 -2.66 53.08 5.11
CA MET O 174 -2.05 51.86 4.59
C MET O 174 -3.10 50.86 4.17
N THR O 175 -2.74 49.99 3.23
CA THR O 175 -3.56 48.85 2.83
C THR O 175 -2.73 47.58 3.06
N PRO O 176 -3.35 46.40 2.95
CA PRO O 176 -2.61 45.14 3.16
C PRO O 176 -1.27 45.01 2.41
N LYS O 177 -1.12 45.66 1.26
CA LYS O 177 0.15 45.58 0.51
C LYS O 177 1.36 46.13 1.24
N ASN O 178 1.11 46.93 2.27
CA ASN O 178 2.16 47.51 3.10
C ASN O 178 2.74 46.54 4.15
N GLN O 179 2.22 45.32 4.19
CA GLN O 179 2.84 44.22 4.93
C GLN O 179 3.90 43.54 4.05
N GLY O 180 3.89 43.88 2.77
CA GLY O 180 4.91 43.44 1.83
C GLY O 180 5.60 44.68 1.26
N LEU O 181 6.23 44.53 0.10
CA LEU O 181 6.97 45.63 -0.50
C LEU O 181 6.09 46.40 -1.48
N ASP O 182 5.67 47.58 -1.06
CA ASP O 182 4.95 48.51 -1.88
C ASP O 182 5.94 49.55 -2.39
N PRO O 183 6.16 49.60 -3.72
CA PRO O 183 7.13 50.53 -4.30
C PRO O 183 6.82 52.00 -4.05
N GLN O 184 5.60 52.32 -3.64
CA GLN O 184 5.26 53.70 -3.28
C GLN O 184 5.61 54.02 -1.83
N ALA O 185 5.88 53.00 -1.03
CA ALA O 185 6.27 53.19 0.37
C ALA O 185 7.76 53.46 0.45
N LYS O 186 8.14 54.68 0.09
CA LYS O 186 9.54 55.06 0.00
C LYS O 186 9.76 56.44 0.58
N ALA O 187 10.89 56.62 1.25
CA ALA O 187 11.23 57.91 1.84
C ALA O 187 12.74 58.08 1.87
N LYS O 188 13.18 59.23 2.35
CA LYS O 188 14.60 59.49 2.52
C LYS O 188 14.91 59.79 3.98
N LEU O 189 15.96 59.16 4.50
CA LEU O 189 16.36 59.40 5.88
C LEU O 189 17.04 60.77 6.03
N ASP O 190 16.24 61.80 6.22
CA ASP O 190 16.74 63.16 6.24
C ASP O 190 16.47 63.90 7.54
N LYS O 191 15.93 63.17 8.53
CA LYS O 191 15.70 63.77 9.85
C LYS O 191 15.96 62.80 11.00
N ASP O 192 16.74 63.28 11.97
CA ASP O 192 17.16 62.53 13.14
C ASP O 192 15.98 62.17 14.04
N GLY O 193 15.91 60.91 14.44
CA GLY O 193 14.89 60.42 15.37
C GLY O 193 13.44 60.65 14.96
N ASN O 194 13.17 60.59 13.66
N ASN O 194 13.16 60.59 13.67
CA ASN O 194 11.84 60.88 13.12
CA ASN O 194 11.81 60.85 13.16
C ASN O 194 11.26 59.74 12.26
C ASN O 194 11.28 59.80 12.17
N TYR O 195 12.11 58.82 11.84
CA TYR O 195 11.70 57.70 10.99
C TYR O 195 11.77 56.37 11.77
N PRO O 196 10.60 55.82 12.16
CA PRO O 196 10.63 54.63 13.01
C PRO O 196 11.31 53.43 12.37
N ILE O 197 12.11 52.73 13.17
CA ILE O 197 12.82 51.53 12.75
C ILE O 197 11.82 50.47 12.29
N GLU O 198 10.71 50.32 13.01
CA GLU O 198 9.75 49.26 12.71
C GLU O 198 8.93 49.49 11.44
N VAL O 199 9.08 50.68 10.86
CA VAL O 199 8.37 51.02 9.62
C VAL O 199 9.31 51.08 8.41
N TRP O 200 10.54 51.52 8.64
CA TRP O 200 11.45 51.84 7.55
C TRP O 200 12.72 50.99 7.59
N CYS O 201 13.15 50.55 6.42
CA CYS O 201 14.40 49.81 6.28
C CYS O 201 15.15 50.34 5.06
N PRO O 202 16.47 50.09 4.98
CA PRO O 202 17.21 50.61 3.83
C PRO O 202 16.63 50.05 2.53
N ASP O 203 16.54 50.91 1.52
CA ASP O 203 15.99 50.51 0.23
C ASP O 203 17.11 49.94 -0.63
N PRO O 204 17.11 48.61 -0.84
CA PRO O 204 18.14 47.99 -1.66
C PRO O 204 18.02 48.32 -3.16
N SER O 205 16.86 48.83 -3.58
CA SER O 205 16.65 49.21 -4.97
C SER O 205 17.28 50.56 -5.33
N LYS O 206 17.74 51.30 -4.32
CA LYS O 206 18.39 52.60 -4.54
C LYS O 206 19.73 52.59 -3.81
N ASN O 207 20.02 53.65 -3.05
CA ASN O 207 21.24 53.71 -2.23
C ASN O 207 22.56 53.42 -2.96
N GLU O 208 22.65 53.77 -4.24
CA GLU O 208 23.88 53.55 -5.01
C GLU O 208 25.05 54.35 -4.46
N ASN O 209 24.73 55.49 -3.84
CA ASN O 209 25.74 56.41 -3.33
C ASN O 209 25.80 56.36 -1.80
N SER O 210 25.37 55.23 -1.25
CA SER O 210 25.50 54.94 0.18
C SER O 210 26.00 53.51 0.39
N ARG O 211 26.72 53.31 1.49
CA ARG O 211 27.04 51.96 1.95
C ARG O 211 26.33 51.75 3.28
N TYR O 212 25.56 50.67 3.39
CA TYR O 212 24.91 50.34 4.68
C TYR O 212 25.13 48.88 5.07
N TYR O 213 25.09 48.63 6.38
CA TYR O 213 25.41 47.33 6.96
C TYR O 213 24.49 47.15 8.14
N GLY O 214 23.81 46.01 8.22
CA GLY O 214 22.85 45.84 9.32
C GLY O 214 22.52 44.42 9.73
N SER O 215 21.88 44.30 10.89
CA SER O 215 21.51 42.99 11.42
C SER O 215 20.37 43.11 12.40
N ILE O 216 19.64 42.02 12.55
CA ILE O 216 18.58 41.92 13.54
C ILE O 216 18.73 40.62 14.31
N GLN O 217 18.25 40.64 15.55
CA GLN O 217 18.18 39.43 16.37
C GLN O 217 16.92 39.52 17.21
N THR O 218 16.03 38.55 17.02
CA THR O 218 14.79 38.48 17.81
C THR O 218 14.92 37.44 18.93
N GLY O 219 13.81 37.11 19.58
CA GLY O 219 13.83 36.34 20.82
C GLY O 219 13.68 37.29 21.99
N SER O 220 13.25 36.78 23.13
CA SER O 220 12.86 37.64 24.25
C SER O 220 13.97 38.00 25.24
N GLN O 221 14.79 37.01 25.60
CA GLN O 221 15.91 37.20 26.53
C GLN O 221 17.23 36.80 25.86
N THR O 222 17.24 36.81 24.53
CA THR O 222 18.40 36.43 23.74
C THR O 222 19.65 37.25 24.17
N PRO O 223 20.79 36.56 24.37
CA PRO O 223 22.02 37.26 24.76
C PRO O 223 22.36 38.42 23.84
N THR O 224 22.63 39.58 24.43
CA THR O 224 23.22 40.66 23.65
C THR O 224 24.74 40.38 23.54
N VAL O 225 25.22 40.24 22.30
CA VAL O 225 26.60 39.85 22.00
C VAL O 225 27.16 40.91 21.07
N LEU O 226 28.10 41.69 21.59
CA LEU O 226 28.68 42.82 20.87
C LEU O 226 30.19 42.84 21.07
N GLN O 227 30.91 43.27 20.04
CA GLN O 227 32.34 43.39 20.12
C GLN O 227 32.71 44.85 19.95
N PHE O 228 33.90 45.20 20.43
CA PHE O 228 34.43 46.53 20.24
C PHE O 228 35.96 46.44 20.13
N SER O 229 36.52 47.24 19.22
CA SER O 229 37.95 47.29 19.02
C SER O 229 38.27 48.49 18.14
N ASN O 230 39.35 49.18 18.45
CA ASN O 230 39.78 50.31 17.62
C ASN O 230 40.72 49.88 16.49
N THR O 231 40.74 48.58 16.21
CA THR O 231 41.57 48.05 15.13
C THR O 231 40.73 47.67 13.90
N LEU O 232 39.41 47.81 13.99
CA LEU O 232 38.51 47.40 12.92
C LEU O 232 38.07 48.54 11.99
N THR O 233 38.34 48.37 10.71
CA THR O 233 38.02 49.36 9.69
C THR O 233 37.10 48.76 8.61
N THR O 234 36.08 49.52 8.22
CA THR O 234 35.22 49.16 7.07
C THR O 234 35.59 49.96 5.82
N VAL O 235 36.07 49.27 4.79
CA VAL O 235 36.36 49.90 3.50
C VAL O 235 35.04 50.21 2.77
N LEU O 236 34.90 51.45 2.30
CA LEU O 236 33.63 51.93 1.75
C LEU O 236 33.60 51.94 0.21
N LEU O 237 34.71 51.54 -0.40
CA LEU O 237 34.80 51.45 -1.85
C LEU O 237 33.88 50.37 -2.36
N ASP O 238 33.24 50.65 -3.50
CA ASP O 238 32.45 49.65 -4.20
C ASP O 238 33.37 48.76 -5.02
N GLU O 239 32.77 47.89 -5.83
CA GLU O 239 33.50 46.92 -6.65
C GLU O 239 34.37 47.58 -7.75
N ASN O 240 34.13 48.87 -8.01
CA ASN O 240 34.92 49.61 -8.99
C ASN O 240 35.99 50.50 -8.34
N GLY O 241 36.14 50.37 -7.03
CA GLY O 241 37.09 51.18 -6.28
C GLY O 241 36.60 52.58 -5.96
N VAL O 242 35.28 52.79 -6.01
CA VAL O 242 34.72 54.12 -5.77
C VAL O 242 33.88 54.15 -4.49
N GLY O 243 34.18 55.10 -3.61
CA GLY O 243 33.41 55.27 -2.38
C GLY O 243 32.25 56.24 -2.60
N PRO O 244 31.35 56.37 -1.60
CA PRO O 244 30.26 57.34 -1.68
C PRO O 244 30.79 58.74 -2.00
N LEU O 245 30.08 59.41 -2.92
CA LEU O 245 30.47 60.73 -3.40
C LEU O 245 29.57 61.80 -2.79
N CYS O 246 30.20 62.76 -2.12
CA CYS O 246 29.47 63.71 -1.29
C CYS O 246 28.93 64.90 -2.06
N LYS O 247 27.63 64.83 -2.33
CA LYS O 247 26.94 65.87 -3.07
C LYS O 247 26.72 67.08 -2.17
N GLY O 248 27.04 68.26 -2.70
CA GLY O 248 26.93 69.50 -1.94
C GLY O 248 27.87 69.56 -0.75
N ASP O 249 28.93 68.75 -0.80
CA ASP O 249 29.92 68.65 0.26
C ASP O 249 29.28 68.26 1.61
N GLY O 250 28.32 67.33 1.55
CA GLY O 250 27.66 66.81 2.73
C GLY O 250 27.85 65.30 2.88
N LEU O 251 28.38 64.91 4.03
CA LEU O 251 28.48 63.49 4.39
C LEU O 251 27.28 63.10 5.24
N PHE O 252 26.52 62.11 4.78
CA PHE O 252 25.36 61.61 5.53
C PHE O 252 25.67 60.34 6.30
N ILE O 253 25.50 60.42 7.63
CA ILE O 253 25.82 59.30 8.51
C ILE O 253 24.56 58.84 9.27
N SER O 254 24.21 57.57 9.10
CA SER O 254 23.00 57.04 9.72
C SER O 254 23.28 55.77 10.51
N CYS O 255 22.51 55.55 11.59
CA CYS O 255 22.62 54.33 12.39
C CYS O 255 21.41 54.03 13.28
N ALA O 256 21.41 52.82 13.84
CA ALA O 256 20.45 52.39 14.87
C ALA O 256 21.13 51.25 15.60
N ASP O 257 21.07 51.27 16.92
CA ASP O 257 21.65 50.22 17.75
C ASP O 257 20.77 49.91 18.95
N ILE O 258 19.74 49.08 18.73
CA ILE O 258 18.94 48.53 19.82
C ILE O 258 19.67 47.35 20.45
N VAL O 259 19.91 47.42 21.76
CA VAL O 259 20.72 46.42 22.48
C VAL O 259 19.92 45.52 23.42
N GLY O 260 18.59 45.68 23.44
CA GLY O 260 17.72 44.77 24.19
C GLY O 260 16.79 45.45 25.17
N PHE O 261 16.10 44.64 25.98
CA PHE O 261 15.08 45.10 26.91
C PHE O 261 15.62 45.38 28.29
N LEU O 262 15.13 46.45 28.90
CA LEU O 262 15.27 46.63 30.34
C LEU O 262 14.04 45.96 30.96
N PHE O 263 14.28 44.95 31.78
CA PHE O 263 13.22 44.19 32.44
C PHE O 263 12.90 44.81 33.81
N LYS O 264 11.68 45.32 33.95
CA LYS O 264 11.23 45.96 35.18
C LYS O 264 10.49 44.96 36.08
N THR O 265 10.47 45.26 37.38
CA THR O 265 9.90 44.38 38.42
C THR O 265 8.45 43.99 38.15
N SER O 266 7.63 44.95 37.75
CA SER O 266 6.22 44.72 37.45
C SER O 266 6.01 43.70 36.33
N GLY O 267 7.03 43.53 35.49
CA GLY O 267 6.92 42.67 34.31
C GLY O 267 7.06 43.49 33.04
N LYS O 268 6.90 44.81 33.18
CA LYS O 268 6.98 45.72 32.03
C LYS O 268 8.37 45.74 31.38
N MET O 269 8.40 46.02 30.08
CA MET O 269 9.62 45.95 29.31
C MET O 269 9.78 47.15 28.39
N ALA O 270 10.99 47.68 28.36
CA ALA O 270 11.30 48.85 27.53
C ALA O 270 12.57 48.58 26.76
N LEU O 271 12.59 49.00 25.49
CA LEU O 271 13.77 48.78 24.66
C LEU O 271 14.82 49.84 24.98
N HIS O 272 16.09 49.48 24.77
CA HIS O 272 17.23 50.33 25.10
C HIS O 272 18.20 50.37 23.91
N GLY O 273 18.78 51.54 23.68
CA GLY O 273 19.78 51.73 22.64
C GLY O 273 21.08 52.31 23.17
N LEU O 274 22.13 52.19 22.35
CA LEU O 274 23.45 52.72 22.68
C LEU O 274 23.98 53.65 21.57
N PRO O 275 24.84 54.62 21.93
CA PRO O 275 25.40 55.56 20.95
C PRO O 275 26.42 54.90 20.03
N ARG O 276 26.75 55.58 18.94
CA ARG O 276 27.68 55.04 17.98
C ARG O 276 28.63 56.13 17.51
N TYR O 277 29.92 55.80 17.52
CA TYR O 277 30.98 56.69 17.10
C TYR O 277 31.38 56.39 15.66
N PHE O 278 31.73 57.43 14.91
CA PHE O 278 32.25 57.30 13.56
C PHE O 278 33.52 58.13 13.39
N ASN O 279 34.52 57.51 12.78
CA ASN O 279 35.66 58.25 12.23
C ASN O 279 35.80 57.90 10.75
N VAL O 280 35.43 58.84 9.88
CA VAL O 280 35.39 58.60 8.45
C VAL O 280 36.55 59.30 7.74
N THR O 281 37.28 58.53 6.93
CA THR O 281 38.36 59.05 6.09
C THR O 281 37.83 59.32 4.68
N LEU O 282 38.09 60.52 4.18
CA LEU O 282 37.64 60.94 2.85
C LEU O 282 38.80 61.48 2.02
N ARG O 283 38.72 61.25 0.71
CA ARG O 283 39.70 61.79 -0.24
C ARG O 283 38.99 62.64 -1.31
N LYS O 284 39.74 63.55 -1.93
CA LYS O 284 39.20 64.37 -3.02
C LYS O 284 39.23 63.59 -4.34
N ARG O 285 38.13 63.69 -5.10
CA ARG O 285 37.98 62.94 -6.34
C ARG O 285 37.40 63.83 -7.43
N TRP O 286 38.08 63.88 -8.59
CA TRP O 286 37.56 64.59 -9.76
C TRP O 286 36.35 63.85 -10.34
N VAL O 287 35.29 64.61 -10.63
CA VAL O 287 34.11 64.08 -11.30
C VAL O 287 33.62 65.05 -12.38
N LYS O 288 32.76 64.55 -13.28
CA LYS O 288 32.16 65.39 -14.33
C LYS O 288 30.64 65.33 -14.29
N GLU P 10 -35.07 -45.67 34.60
CA GLU P 10 -34.79 -45.21 33.19
C GLU P 10 -35.10 -46.30 32.16
N VAL P 11 -36.23 -46.13 31.48
CA VAL P 11 -36.71 -47.07 30.46
C VAL P 11 -35.98 -46.81 29.14
N LEU P 12 -35.40 -47.86 28.55
CA LEU P 12 -34.74 -47.75 27.26
C LEU P 12 -35.66 -48.29 26.16
N SER P 13 -35.05 -48.88 25.13
CA SER P 13 -35.79 -49.33 23.95
C SER P 13 -36.35 -50.74 24.08
N VAL P 14 -37.46 -50.98 23.40
CA VAL P 14 -38.03 -52.31 23.22
C VAL P 14 -36.97 -53.23 22.59
N VAL P 15 -36.91 -54.46 23.08
CA VAL P 15 -35.99 -55.48 22.58
C VAL P 15 -36.51 -56.02 21.25
N THR P 16 -35.63 -56.11 20.26
CA THR P 16 -36.02 -56.65 18.95
C THR P 16 -35.60 -58.11 18.85
N GLY P 17 -36.34 -58.90 18.06
CA GLY P 17 -36.02 -60.31 17.90
C GLY P 17 -37.24 -61.21 17.76
N GLU P 18 -36.99 -62.49 17.51
CA GLU P 18 -38.03 -63.48 17.22
C GLU P 18 -39.04 -63.65 18.36
N ASP P 19 -38.55 -63.87 19.58
CA ASP P 19 -39.44 -64.17 20.69
C ASP P 19 -39.43 -63.12 21.80
N SER P 20 -39.49 -61.86 21.40
CA SER P 20 -39.51 -60.74 22.33
C SER P 20 -40.93 -60.42 22.82
N ILE P 21 -41.92 -61.05 22.19
CA ILE P 21 -43.31 -60.91 22.58
C ILE P 21 -43.82 -62.26 23.09
N THR P 22 -44.56 -62.22 24.20
CA THR P 22 -45.16 -63.42 24.78
C THR P 22 -46.57 -63.14 25.29
N GLN P 23 -47.37 -64.20 25.44
CA GLN P 23 -48.72 -64.09 25.95
C GLN P 23 -48.92 -64.94 27.20
N ILE P 24 -49.65 -64.39 28.16
CA ILE P 24 -49.93 -65.06 29.43
C ILE P 24 -51.44 -65.18 29.61
N GLU P 25 -51.91 -66.43 29.68
CA GLU P 25 -53.33 -66.77 29.90
C GLU P 25 -53.54 -67.22 31.34
N LEU P 26 -54.69 -66.84 31.92
CA LEU P 26 -55.13 -67.38 33.20
C LEU P 26 -56.55 -66.93 33.56
N TYR P 27 -57.11 -67.58 34.57
CA TYR P 27 -58.38 -67.18 35.15
C TYR P 27 -58.26 -67.16 36.67
N LEU P 28 -59.06 -66.30 37.30
CA LEU P 28 -59.17 -66.25 38.74
C LEU P 28 -60.62 -66.51 39.13
N ASN P 29 -60.82 -67.54 39.93
CA ASN P 29 -62.14 -67.82 40.49
C ASN P 29 -62.44 -66.84 41.63
N PRO P 30 -63.73 -66.49 41.82
CA PRO P 30 -64.03 -65.41 42.77
C PRO P 30 -63.86 -65.85 44.23
N ARG P 31 -63.53 -64.88 45.09
CA ARG P 31 -63.39 -65.16 46.52
C ARG P 31 -64.39 -64.32 47.32
N MET P 32 -65.64 -64.78 47.32
CA MET P 32 -66.76 -64.04 47.92
C MET P 32 -66.91 -64.27 49.42
N GLY P 33 -66.29 -65.32 49.94
CA GLY P 33 -66.45 -65.65 51.35
C GLY P 33 -66.31 -67.14 51.55
N VAL P 34 -67.08 -67.90 50.78
CA VAL P 34 -66.86 -69.33 50.68
C VAL P 34 -65.92 -69.51 49.50
N ASN P 35 -64.63 -69.62 49.84
CA ASN P 35 -63.56 -69.47 48.85
C ASN P 35 -63.00 -70.76 48.24
N SER P 36 -63.46 -71.90 48.73
CA SER P 36 -62.99 -73.18 48.23
C SER P 36 -64.14 -74.12 47.85
N PRO P 37 -63.98 -74.86 46.73
CA PRO P 37 -64.99 -75.82 46.31
C PRO P 37 -64.69 -77.24 46.80
N ASP P 38 -63.70 -77.38 47.68
CA ASP P 38 -63.16 -78.68 48.04
C ASP P 38 -63.45 -79.08 49.49
N LEU P 39 -64.33 -78.31 50.15
CA LEU P 39 -64.66 -78.58 51.55
C LEU P 39 -66.03 -79.27 51.66
N PRO P 40 -66.07 -80.42 52.34
CA PRO P 40 -67.26 -81.30 52.30
C PRO P 40 -68.57 -80.60 52.66
N THR P 41 -68.62 -80.01 53.85
CA THR P 41 -69.90 -79.54 54.41
C THR P 41 -70.29 -78.11 54.04
N THR P 42 -69.37 -77.34 53.46
CA THR P 42 -69.59 -75.90 53.23
C THR P 42 -69.51 -75.43 51.77
N SER P 43 -68.89 -76.23 50.91
CA SER P 43 -68.54 -75.78 49.55
C SER P 43 -69.70 -75.54 48.59
N ASN P 44 -70.90 -76.00 48.95
N ASN P 44 -70.89 -76.00 48.96
CA ASN P 44 -72.08 -75.75 48.12
CA ASN P 44 -72.11 -75.76 48.18
C ASN P 44 -72.33 -74.25 47.90
C ASN P 44 -72.37 -74.27 47.94
N TRP P 45 -71.78 -73.43 48.79
CA TRP P 45 -71.92 -71.98 48.70
C TRP P 45 -70.70 -71.26 48.10
N TYR P 46 -69.77 -72.04 47.57
CA TYR P 46 -68.63 -71.52 46.82
C TYR P 46 -69.09 -70.52 45.76
N THR P 47 -68.36 -69.41 45.66
CA THR P 47 -68.67 -68.22 44.81
C THR P 47 -69.79 -67.33 45.38
N TYR P 48 -70.18 -67.59 46.63
CA TYR P 48 -71.17 -66.76 47.33
C TYR P 48 -70.63 -66.38 48.71
N THR P 49 -71.29 -65.39 49.34
CA THR P 49 -71.13 -65.13 50.76
C THR P 49 -72.19 -65.93 51.51
N TYR P 50 -72.13 -65.94 52.85
CA TYR P 50 -73.28 -66.39 53.61
C TYR P 50 -74.34 -65.26 53.60
N ASP P 51 -75.35 -65.37 54.44
CA ASP P 51 -76.44 -64.40 54.42
C ASP P 51 -76.00 -63.11 55.09
N LEU P 52 -76.19 -62.00 54.39
CA LEU P 52 -75.74 -60.72 54.90
C LEU P 52 -76.89 -60.01 55.60
N GLN P 53 -76.66 -59.61 56.85
CA GLN P 53 -77.67 -58.94 57.64
C GLN P 53 -77.07 -57.90 58.57
N PRO P 54 -77.79 -56.78 58.79
CA PRO P 54 -77.44 -55.92 59.91
C PRO P 54 -77.72 -56.65 61.24
N LYS P 55 -76.78 -56.54 62.19
CA LYS P 55 -76.88 -57.26 63.45
C LYS P 55 -78.03 -56.78 64.34
N GLY P 56 -78.27 -55.47 64.33
CA GLY P 56 -79.36 -54.88 65.12
C GLY P 56 -78.88 -54.25 66.40
N SER P 57 -77.67 -54.62 66.82
CA SER P 57 -77.03 -54.01 67.97
C SER P 57 -75.53 -53.87 67.69
N SER P 58 -74.89 -52.95 68.40
N SER P 58 -74.90 -52.95 68.42
CA SER P 58 -73.47 -52.66 68.21
CA SER P 58 -73.48 -52.66 68.24
C SER P 58 -72.62 -53.61 69.06
C SER P 58 -72.61 -53.61 69.07
N PRO P 59 -71.42 -53.98 68.56
CA PRO P 59 -70.87 -53.64 67.24
C PRO P 59 -71.08 -54.73 66.20
N ASP P 60 -70.84 -54.40 64.93
CA ASP P 60 -70.83 -55.42 63.90
C ASP P 60 -69.61 -56.30 64.07
N GLN P 61 -69.81 -57.61 63.98
CA GLN P 61 -68.71 -58.56 64.09
C GLN P 61 -68.83 -59.53 62.94
N PRO P 62 -68.51 -59.05 61.72
CA PRO P 62 -68.76 -59.84 60.51
C PRO P 62 -67.88 -61.08 60.44
N ILE P 63 -68.40 -62.14 59.82
CA ILE P 63 -67.68 -63.39 59.67
C ILE P 63 -66.90 -63.41 58.34
N LYS P 64 -65.82 -64.19 58.28
CA LYS P 64 -64.99 -64.23 57.06
C LYS P 64 -65.80 -64.57 55.80
N GLU P 65 -66.87 -65.35 55.96
CA GLU P 65 -67.73 -65.76 54.84
C GLU P 65 -68.60 -64.65 54.28
N ASN P 66 -68.73 -63.54 55.02
CA ASN P 66 -69.51 -62.38 54.56
C ASN P 66 -68.64 -61.21 54.08
N LEU P 67 -67.38 -61.51 53.78
CA LEU P 67 -66.40 -60.50 53.36
C LEU P 67 -65.77 -60.88 52.01
N PRO P 68 -66.44 -60.55 50.88
CA PRO P 68 -65.84 -60.76 49.57
C PRO P 68 -64.47 -60.09 49.50
N ALA P 69 -63.51 -60.83 48.96
CA ALA P 69 -62.14 -60.33 48.86
C ALA P 69 -61.65 -60.33 47.41
N TYR P 70 -60.61 -59.54 47.16
CA TYR P 70 -59.95 -59.47 45.86
C TYR P 70 -59.29 -60.80 45.52
N SER P 71 -59.40 -61.20 44.27
CA SER P 71 -58.57 -62.28 43.72
C SER P 71 -57.22 -61.72 43.28
N VAL P 72 -56.17 -62.53 43.38
CA VAL P 72 -54.84 -62.13 42.88
C VAL P 72 -53.96 -63.34 42.57
N ALA P 73 -53.16 -63.24 41.51
CA ALA P 73 -52.14 -64.23 41.20
C ALA P 73 -50.86 -63.54 40.73
N ARG P 74 -49.73 -64.07 41.17
CA ARG P 74 -48.44 -63.71 40.59
C ARG P 74 -48.08 -64.80 39.58
N VAL P 75 -47.85 -64.42 38.33
CA VAL P 75 -47.47 -65.38 37.31
C VAL P 75 -45.98 -65.23 37.01
N SER P 76 -45.25 -66.36 37.08
CA SER P 76 -43.82 -66.36 36.80
C SER P 76 -43.56 -66.36 35.29
N LEU P 77 -42.72 -65.44 34.86
CA LEU P 77 -42.46 -65.23 33.43
C LEU P 77 -41.07 -65.75 33.09
N PRO P 78 -40.83 -66.14 31.81
CA PRO P 78 -39.52 -66.64 31.40
C PRO P 78 -38.37 -65.75 31.88
N MET P 79 -37.32 -66.37 32.39
CA MET P 79 -36.13 -65.66 32.86
C MET P 79 -35.44 -64.96 31.68
N LEU P 80 -35.03 -63.72 31.90
CA LEU P 80 -34.44 -62.91 30.83
C LEU P 80 -32.94 -62.65 31.00
N ASN P 81 -32.51 -62.41 32.23
CA ASN P 81 -31.16 -61.94 32.50
C ASN P 81 -30.22 -62.96 33.14
N GLU P 82 -29.08 -63.17 32.48
CA GLU P 82 -28.05 -64.08 32.98
C GLU P 82 -26.90 -63.31 33.66
N ASP P 83 -27.00 -61.97 33.65
CA ASP P 83 -26.02 -61.06 34.22
C ASP P 83 -24.60 -61.29 33.68
N THR P 88 -28.46 -52.33 33.93
CA THR P 88 -28.94 -52.44 32.54
C THR P 88 -29.36 -53.87 32.19
N LEU P 89 -30.67 -54.08 32.09
CA LEU P 89 -31.24 -55.41 31.88
C LEU P 89 -32.57 -55.39 31.13
N GLN P 90 -33.02 -56.58 30.73
CA GLN P 90 -34.31 -56.76 30.07
C GLN P 90 -35.39 -57.07 31.10
N MET P 91 -36.56 -56.46 30.93
CA MET P 91 -37.73 -56.75 31.77
C MET P 91 -38.94 -56.97 30.87
N TRP P 92 -39.85 -57.82 31.31
CA TRP P 92 -41.13 -57.97 30.61
C TRP P 92 -42.00 -56.75 30.85
N GLU P 93 -42.55 -56.22 29.76
CA GLU P 93 -43.42 -55.06 29.80
C GLU P 93 -44.80 -55.49 29.31
N ALA P 94 -45.82 -55.35 30.17
CA ALA P 94 -47.18 -55.70 29.80
C ALA P 94 -47.78 -54.58 28.96
N ILE P 95 -48.24 -54.91 27.76
CA ILE P 95 -48.64 -53.87 26.81
C ILE P 95 -50.14 -53.83 26.51
N SER P 96 -50.82 -54.96 26.65
CA SER P 96 -52.27 -55.03 26.48
C SER P 96 -52.84 -56.26 27.19
N VAL P 97 -54.13 -56.21 27.47
CA VAL P 97 -54.86 -57.31 28.08
C VAL P 97 -56.25 -57.48 27.45
N LYS P 98 -56.61 -58.72 27.15
CA LYS P 98 -58.01 -59.09 26.92
C LYS P 98 -58.55 -59.71 28.20
N THR P 99 -59.56 -59.10 28.80
CA THR P 99 -60.17 -59.64 30.00
C THR P 99 -61.68 -59.81 29.84
N GLU P 100 -62.23 -60.82 30.52
CA GLU P 100 -63.65 -61.15 30.41
C GLU P 100 -64.16 -61.83 31.67
N VAL P 101 -65.30 -61.34 32.16
CA VAL P 101 -66.03 -61.99 33.24
C VAL P 101 -66.71 -63.22 32.63
N VAL P 102 -66.43 -64.39 33.21
CA VAL P 102 -66.88 -65.68 32.68
C VAL P 102 -68.19 -66.11 33.33
N GLY P 103 -69.01 -66.83 32.58
CA GLY P 103 -70.26 -67.37 33.12
C GLY P 103 -71.36 -66.34 33.35
N ILE P 104 -71.33 -65.25 32.59
CA ILE P 104 -72.36 -64.20 32.70
C ILE P 104 -73.77 -64.78 32.40
N SER P 105 -73.82 -65.75 31.49
CA SER P 105 -75.10 -66.33 31.08
C SER P 105 -75.79 -67.15 32.18
N SER P 106 -75.03 -67.55 33.20
CA SER P 106 -75.60 -68.38 34.29
C SER P 106 -76.67 -67.62 35.07
N LEU P 107 -76.62 -66.29 35.00
CA LEU P 107 -77.51 -65.39 35.74
C LEU P 107 -78.89 -65.18 35.11
N ILE P 108 -79.18 -65.87 34.01
CA ILE P 108 -80.55 -65.90 33.50
C ILE P 108 -81.42 -66.90 34.30
N ASN P 109 -80.75 -67.69 35.15
CA ASN P 109 -81.42 -68.69 35.99
C ASN P 109 -82.32 -68.00 37.00
N VAL P 110 -83.63 -68.14 36.80
CA VAL P 110 -84.61 -67.62 37.76
C VAL P 110 -85.43 -68.72 38.45
N HIS P 111 -84.83 -69.90 38.57
CA HIS P 111 -85.51 -71.05 39.15
C HIS P 111 -84.62 -71.80 40.15
N TYR P 112 -83.78 -71.06 40.88
CA TYR P 112 -83.05 -71.65 42.01
C TYR P 112 -84.10 -72.12 43.02
N TRP P 113 -83.98 -73.35 43.48
CA TRP P 113 -85.06 -73.98 44.25
C TRP P 113 -85.54 -73.19 45.47
N ASP P 114 -84.65 -72.40 46.07
CA ASP P 114 -84.98 -71.61 47.25
C ASP P 114 -84.94 -70.12 46.95
N MET P 115 -85.23 -69.76 45.70
CA MET P 115 -85.19 -68.37 45.27
C MET P 115 -86.49 -67.64 45.64
N LYS P 116 -86.37 -66.43 46.20
CA LYS P 116 -87.54 -65.61 46.43
C LYS P 116 -88.21 -65.29 45.10
N ARG P 117 -89.53 -65.41 45.07
CA ARG P 117 -90.28 -65.08 43.86
C ARG P 117 -90.50 -63.57 43.77
N VAL P 118 -90.60 -63.07 42.54
CA VAL P 118 -90.89 -61.64 42.33
C VAL P 118 -92.31 -61.28 42.82
N HIS P 119 -93.19 -62.29 42.79
CA HIS P 119 -94.55 -62.25 43.34
C HIS P 119 -95.12 -63.66 43.33
N ASP P 120 -96.28 -63.87 43.97
CA ASP P 120 -96.87 -65.20 44.04
C ASP P 120 -96.97 -65.86 42.68
N TYR P 121 -96.53 -67.11 42.62
CA TYR P 121 -96.54 -67.93 41.39
C TYR P 121 -95.51 -67.49 40.34
N GLY P 122 -94.81 -66.40 40.60
CA GLY P 122 -93.82 -65.85 39.66
C GLY P 122 -92.47 -66.56 39.64
N ALA P 123 -91.60 -66.11 38.75
CA ALA P 123 -90.22 -66.58 38.70
C ALA P 123 -89.40 -66.02 39.86
N GLY P 124 -88.21 -66.57 40.06
CA GLY P 124 -87.28 -66.06 41.05
C GLY P 124 -86.79 -64.67 40.69
N ILE P 125 -86.48 -63.88 41.71
CA ILE P 125 -85.78 -62.61 41.51
C ILE P 125 -84.37 -62.95 41.00
N PRO P 126 -84.01 -62.48 39.79
CA PRO P 126 -82.69 -62.82 39.25
C PRO P 126 -81.56 -62.17 40.05
N VAL P 127 -80.37 -62.77 40.03
CA VAL P 127 -79.20 -62.16 40.69
C VAL P 127 -79.08 -60.70 40.25
N SER P 128 -79.12 -59.77 41.21
N SER P 128 -79.21 -59.77 41.21
CA SER P 128 -79.19 -58.34 40.92
CA SER P 128 -79.27 -58.34 40.94
C SER P 128 -78.82 -57.52 42.15
C SER P 128 -78.79 -57.53 42.14
N GLY P 129 -78.62 -56.22 41.95
CA GLY P 129 -78.30 -55.32 43.05
C GLY P 129 -76.88 -54.83 43.03
N VAL P 130 -76.18 -54.99 44.14
CA VAL P 130 -74.83 -54.45 44.29
C VAL P 130 -73.85 -55.14 43.35
N ASN P 131 -73.19 -54.33 42.53
CA ASN P 131 -72.11 -54.78 41.67
C ASN P 131 -70.83 -54.04 42.01
N TYR P 132 -69.71 -54.77 41.89
CA TYR P 132 -68.38 -54.19 42.02
C TYR P 132 -67.47 -55.01 41.10
N HIS P 133 -66.85 -54.30 40.15
CA HIS P 133 -66.03 -54.90 39.13
C HIS P 133 -64.77 -54.08 39.00
N MET P 134 -63.64 -54.77 39.03
CA MET P 134 -62.34 -54.14 38.85
C MET P 134 -61.35 -55.21 38.43
N PHE P 135 -60.35 -54.80 37.66
CA PHE P 135 -59.20 -55.64 37.43
C PHE P 135 -57.99 -54.75 37.37
N ALA P 136 -56.83 -55.35 37.54
CA ALA P 136 -55.56 -54.63 37.52
C ALA P 136 -54.48 -55.54 36.95
N ILE P 137 -53.58 -54.93 36.19
CA ILE P 137 -52.38 -55.59 35.71
C ILE P 137 -51.21 -54.75 36.20
N GLY P 138 -50.23 -55.42 36.81
CA GLY P 138 -49.08 -54.74 37.39
C GLY P 138 -47.79 -55.54 37.37
N GLY P 139 -46.68 -54.84 37.47
CA GLY P 139 -45.38 -55.48 37.57
C GLY P 139 -44.99 -55.69 39.02
N GLU P 140 -45.91 -55.37 39.91
CA GLU P 140 -45.76 -55.58 41.35
C GLU P 140 -47.16 -55.64 41.97
N PRO P 141 -47.25 -55.96 43.27
CA PRO P 141 -48.59 -56.07 43.85
C PRO P 141 -49.34 -54.74 43.81
N LEU P 142 -50.66 -54.81 43.65
CA LEU P 142 -51.50 -53.63 43.69
C LEU P 142 -51.40 -52.96 45.06
N ASP P 143 -51.10 -51.67 45.07
CA ASP P 143 -51.17 -50.88 46.30
C ASP P 143 -52.61 -50.60 46.70
N LEU P 144 -52.88 -50.82 47.99
CA LEU P 144 -54.22 -50.69 48.56
C LEU P 144 -54.31 -49.57 49.58
N GLN P 145 -55.41 -48.83 49.52
CA GLN P 145 -55.79 -47.89 50.57
C GLN P 145 -56.96 -48.47 51.37
N GLY P 146 -56.85 -48.41 52.70
CA GLY P 146 -57.94 -48.84 53.57
C GLY P 146 -58.89 -47.71 53.90
N LEU P 147 -60.19 -48.00 53.84
CA LEU P 147 -61.25 -47.08 54.22
C LEU P 147 -62.49 -47.92 54.39
N VAL P 148 -63.19 -47.71 55.50
CA VAL P 148 -64.38 -48.50 55.84
C VAL P 148 -65.58 -47.60 56.09
N LEU P 149 -66.77 -48.15 55.87
CA LEU P 149 -68.03 -47.48 56.19
C LEU P 149 -68.16 -47.16 57.68
N ASP P 150 -67.82 -48.12 58.54
CA ASP P 150 -67.95 -47.97 60.00
C ASP P 150 -66.64 -48.39 60.70
N TYR P 151 -66.00 -47.44 61.38
CA TYR P 151 -64.73 -47.72 62.07
C TYR P 151 -64.86 -48.63 63.29
N GLN P 152 -66.07 -48.72 63.84
CA GLN P 152 -66.34 -49.55 65.02
C GLN P 152 -66.55 -51.02 64.65
N THR P 153 -66.52 -51.32 63.37
CA THR P 153 -66.63 -52.69 62.88
C THR P 153 -65.47 -53.55 63.40
N GLN P 154 -65.81 -54.68 64.04
CA GLN P 154 -64.82 -55.63 64.53
C GLN P 154 -64.62 -56.79 63.56
N TYR P 155 -63.67 -56.61 62.66
CA TYR P 155 -63.33 -57.63 61.67
C TYR P 155 -62.66 -58.81 62.36
N PRO P 156 -62.78 -60.02 61.79
CA PRO P 156 -62.14 -61.18 62.42
C PRO P 156 -60.64 -60.97 62.49
N LYS P 157 -60.01 -61.45 63.56
CA LYS P 157 -58.55 -61.42 63.67
C LYS P 157 -57.96 -62.45 62.70
N THR P 158 -56.80 -62.11 62.13
CA THR P 158 -56.17 -62.94 61.10
C THR P 158 -55.72 -64.32 61.62
N THR P 159 -56.28 -65.37 61.02
CA THR P 159 -56.01 -66.76 61.40
C THR P 159 -56.01 -67.68 60.19
N GLY P 162 -57.54 -66.08 57.40
CA GLY P 162 -58.15 -64.93 58.06
C GLY P 162 -57.92 -63.66 57.26
N PRO P 163 -58.93 -62.76 57.25
CA PRO P 163 -58.85 -61.52 56.47
C PRO P 163 -57.85 -60.52 57.05
N ILE P 164 -57.14 -59.82 56.17
CA ILE P 164 -56.26 -58.72 56.56
C ILE P 164 -57.03 -57.40 56.44
N THR P 165 -57.19 -56.71 57.56
CA THR P 165 -57.92 -55.45 57.62
C THR P 165 -57.04 -54.35 58.21
N ILE P 166 -57.62 -53.17 58.43
CA ILE P 166 -56.86 -52.02 58.88
C ILE P 166 -56.20 -52.26 60.24
N GLU P 167 -56.95 -52.83 61.17
CA GLU P 167 -56.41 -53.20 62.46
C GLU P 167 -55.20 -54.15 62.29
N THR P 168 -55.34 -55.13 61.40
CA THR P 168 -54.25 -56.08 61.15
C THR P 168 -52.95 -55.40 60.73
N VAL P 169 -53.05 -54.43 59.81
N VAL P 169 -53.06 -54.44 59.81
CA VAL P 169 -51.85 -53.75 59.28
CA VAL P 169 -51.89 -53.74 59.29
C VAL P 169 -51.28 -52.71 60.26
C VAL P 169 -51.30 -52.75 60.29
N LEU P 170 -52.16 -51.96 60.92
CA LEU P 170 -51.74 -50.91 61.84
C LEU P 170 -51.18 -51.46 63.17
N GLY P 171 -51.58 -52.69 63.51
CA GLY P 171 -51.26 -53.26 64.81
C GLY P 171 -51.94 -52.53 65.95
N ARG P 172 -53.04 -51.86 65.63
CA ARG P 172 -53.84 -51.12 66.62
C ARG P 172 -55.24 -50.91 66.04
N LYS P 173 -56.15 -50.40 66.87
CA LYS P 173 -57.55 -50.28 66.50
C LYS P 173 -57.81 -49.13 65.54
N MET P 174 -58.80 -49.34 64.68
CA MET P 174 -59.32 -48.27 63.84
C MET P 174 -59.88 -47.17 64.73
N THR P 175 -59.80 -45.95 64.22
CA THR P 175 -60.36 -44.76 64.86
C THR P 175 -61.24 -44.10 63.81
N PRO P 176 -62.00 -43.04 64.18
CA PRO P 176 -62.90 -42.39 63.20
C PRO P 176 -62.23 -41.96 61.90
N LYS P 177 -60.93 -41.65 61.97
CA LYS P 177 -60.23 -41.20 60.78
C LYS P 177 -60.21 -42.24 59.66
N ASN P 178 -60.44 -43.51 60.02
CA ASN P 178 -60.49 -44.59 59.01
C ASN P 178 -61.79 -44.68 58.21
N GLN P 179 -62.72 -43.77 58.49
CA GLN P 179 -63.91 -43.61 57.66
C GLN P 179 -63.58 -42.64 56.51
N GLY P 180 -62.48 -41.92 56.69
CA GLY P 180 -61.89 -41.12 55.62
C GLY P 180 -60.57 -41.72 55.22
N LEU P 181 -59.74 -40.92 54.54
CA LEU P 181 -58.45 -41.41 54.09
C LEU P 181 -57.38 -41.17 55.16
N ASP P 182 -56.90 -42.27 55.72
CA ASP P 182 -55.79 -42.28 56.66
C ASP P 182 -54.58 -42.83 55.89
N PRO P 183 -53.59 -41.96 55.63
CA PRO P 183 -52.37 -42.34 54.88
C PRO P 183 -51.62 -43.54 55.48
N GLN P 184 -51.79 -43.82 56.77
CA GLN P 184 -51.15 -44.99 57.38
C GLN P 184 -51.91 -46.28 57.10
N ALA P 185 -53.17 -46.16 56.70
CA ALA P 185 -54.00 -47.32 56.39
C ALA P 185 -53.73 -47.80 54.97
N LYS P 186 -52.59 -48.46 54.78
CA LYS P 186 -52.17 -48.93 53.46
C LYS P 186 -51.65 -50.35 53.50
N ALA P 187 -51.69 -51.02 52.35
CA ALA P 187 -51.35 -52.43 52.26
C ALA P 187 -51.03 -52.81 50.82
N LYS P 188 -50.44 -53.98 50.64
CA LYS P 188 -50.16 -54.48 49.30
C LYS P 188 -50.99 -55.73 49.06
N LEU P 189 -51.59 -55.80 47.88
CA LEU P 189 -52.45 -56.92 47.53
C LEU P 189 -51.57 -58.10 47.16
N ASP P 190 -51.13 -58.86 48.18
CA ASP P 190 -50.19 -59.97 47.99
C ASP P 190 -50.77 -61.38 48.21
N LYS P 191 -51.99 -61.46 48.74
CA LYS P 191 -52.60 -62.76 49.06
C LYS P 191 -53.99 -62.90 48.46
N ASP P 192 -54.22 -64.03 47.79
CA ASP P 192 -55.50 -64.31 47.13
C ASP P 192 -56.60 -64.50 48.17
N GLY P 193 -57.71 -63.79 47.99
CA GLY P 193 -58.88 -63.93 48.85
C GLY P 193 -58.74 -63.53 50.31
N ASN P 194 -57.74 -62.71 50.63
CA ASN P 194 -57.46 -62.32 52.01
C ASN P 194 -57.73 -60.85 52.35
N TYR P 195 -57.89 -60.01 51.34
CA TYR P 195 -58.10 -58.58 51.57
C TYR P 195 -59.54 -58.17 51.21
N PRO P 196 -60.39 -57.93 52.23
CA PRO P 196 -61.80 -57.64 51.93
C PRO P 196 -62.02 -56.40 51.07
N ILE P 197 -62.89 -56.53 50.09
CA ILE P 197 -63.28 -55.43 49.21
C ILE P 197 -63.84 -54.23 50.01
N GLU P 198 -64.61 -54.50 51.07
CA GLU P 198 -65.28 -53.44 51.82
C GLU P 198 -64.30 -52.63 52.68
N VAL P 199 -63.08 -53.14 52.80
CA VAL P 199 -62.03 -52.50 53.57
C VAL P 199 -61.00 -51.81 52.65
N TRP P 200 -60.66 -52.48 51.56
CA TRP P 200 -59.53 -52.06 50.71
C TRP P 200 -59.94 -51.64 49.30
N CYS P 201 -59.37 -50.53 48.84
CA CYS P 201 -59.56 -50.04 47.48
C CYS P 201 -58.18 -49.75 46.88
N PRO P 202 -58.10 -49.63 45.53
CA PRO P 202 -56.78 -49.28 44.96
C PRO P 202 -56.31 -47.92 45.44
N ASP P 203 -55.02 -47.84 45.76
CA ASP P 203 -54.39 -46.61 46.23
C ASP P 203 -53.93 -45.80 45.02
N PRO P 204 -54.58 -44.66 44.75
CA PRO P 204 -54.25 -43.83 43.59
C PRO P 204 -53.00 -42.95 43.81
N SER P 205 -52.53 -42.86 45.05
CA SER P 205 -51.30 -42.11 45.36
C SER P 205 -50.06 -42.96 45.12
N LYS P 206 -50.29 -44.22 44.77
CA LYS P 206 -49.22 -45.14 44.43
C LYS P 206 -49.57 -45.82 43.11
N ASN P 207 -49.23 -47.10 42.97
CA ASN P 207 -49.59 -47.89 41.79
C ASN P 207 -49.05 -47.35 40.47
N GLU P 208 -47.92 -46.67 40.55
CA GLU P 208 -47.30 -46.09 39.38
C GLU P 208 -46.87 -47.17 38.38
N ASN P 209 -46.80 -48.42 38.83
CA ASN P 209 -46.38 -49.55 37.98
C ASN P 209 -47.48 -50.62 37.82
N SER P 210 -48.73 -50.19 38.01
CA SER P 210 -49.90 -51.00 37.74
C SER P 210 -50.94 -50.17 37.00
N ARG P 211 -51.84 -50.85 36.31
CA ARG P 211 -53.01 -50.20 35.73
C ARG P 211 -54.24 -50.89 36.29
N TYR P 212 -55.15 -50.10 36.86
CA TYR P 212 -56.41 -50.64 37.37
C TYR P 212 -57.62 -49.88 36.87
N TYR P 213 -58.75 -50.57 36.85
CA TYR P 213 -59.99 -50.12 36.22
C TYR P 213 -61.14 -50.71 37.00
N GLY P 214 -62.00 -49.86 37.56
CA GLY P 214 -63.10 -50.37 38.35
C GLY P 214 -64.35 -49.54 38.38
N SER P 215 -65.42 -50.11 38.94
CA SER P 215 -66.71 -49.44 39.11
C SER P 215 -67.51 -50.08 40.22
N ILE P 216 -68.40 -49.28 40.82
CA ILE P 216 -69.38 -49.80 41.75
C ILE P 216 -70.79 -49.53 41.23
N GLN P 217 -71.74 -50.34 41.69
CA GLN P 217 -73.16 -50.11 41.46
C GLN P 217 -73.87 -50.53 42.77
N THR P 218 -74.51 -49.58 43.43
CA THR P 218 -75.29 -49.89 44.64
C THR P 218 -76.79 -50.03 44.31
N GLY P 219 -77.64 -49.98 45.32
CA GLY P 219 -79.06 -50.35 45.15
C GLY P 219 -79.25 -51.85 45.36
N SER P 220 -80.44 -52.24 45.80
CA SER P 220 -80.72 -53.62 46.25
C SER P 220 -81.08 -54.59 45.12
N GLN P 221 -81.90 -54.14 44.18
CA GLN P 221 -82.32 -54.98 43.06
C GLN P 221 -81.94 -54.36 41.72
N THR P 222 -81.00 -53.42 41.74
CA THR P 222 -80.49 -52.76 40.53
C THR P 222 -80.07 -53.81 39.50
N PRO P 223 -80.51 -53.66 38.22
CA PRO P 223 -80.18 -54.69 37.24
C PRO P 223 -78.68 -54.88 37.10
N THR P 224 -78.26 -56.13 36.97
CA THR P 224 -76.89 -56.47 36.65
C THR P 224 -76.78 -56.41 35.12
N VAL P 225 -75.89 -55.55 34.66
CA VAL P 225 -75.78 -55.19 33.26
C VAL P 225 -74.32 -55.37 32.91
N LEU P 226 -74.04 -56.48 32.23
CA LEU P 226 -72.68 -56.86 31.86
C LEU P 226 -72.55 -57.21 30.38
N GLN P 227 -71.38 -56.90 29.80
CA GLN P 227 -71.10 -57.21 28.42
C GLN P 227 -69.94 -58.19 28.35
N PHE P 228 -69.88 -58.92 27.24
CA PHE P 228 -68.81 -59.86 26.96
C PHE P 228 -68.55 -59.98 25.46
N SER P 229 -67.28 -59.90 25.10
CA SER P 229 -66.85 -59.96 23.71
C SER P 229 -65.37 -60.25 23.68
N ASN P 230 -64.98 -61.19 22.82
CA ASN P 230 -63.57 -61.53 22.63
C ASN P 230 -62.86 -60.57 21.67
N THR P 231 -63.47 -59.41 21.43
CA THR P 231 -62.92 -58.43 20.50
C THR P 231 -62.42 -57.18 21.23
N LEU P 232 -62.66 -57.14 22.54
CA LEU P 232 -62.22 -55.99 23.35
C LEU P 232 -60.83 -56.16 23.96
N THR P 233 -59.96 -55.20 23.66
CA THR P 233 -58.61 -55.15 24.20
C THR P 233 -58.42 -53.87 25.03
N THR P 234 -57.76 -53.99 26.17
CA THR P 234 -57.34 -52.83 26.95
C THR P 234 -55.84 -52.60 26.77
N VAL P 235 -55.49 -51.39 26.33
CA VAL P 235 -54.08 -51.00 26.17
C VAL P 235 -53.50 -50.58 27.52
N LEU P 236 -52.33 -51.11 27.83
CA LEU P 236 -51.73 -50.93 29.17
C LEU P 236 -50.63 -49.88 29.22
N LEU P 237 -50.34 -49.26 28.08
CA LEU P 237 -49.31 -48.23 28.01
C LEU P 237 -49.79 -46.92 28.64
N ASP P 238 -48.87 -46.25 29.33
CA ASP P 238 -49.13 -44.92 29.88
C ASP P 238 -48.91 -43.84 28.82
N GLU P 239 -48.95 -42.57 29.22
CA GLU P 239 -48.80 -41.43 28.30
C GLU P 239 -47.44 -41.37 27.62
N ASN P 240 -46.44 -41.98 28.26
CA ASN P 240 -45.08 -42.06 27.72
C ASN P 240 -44.87 -43.30 26.85
N GLY P 241 -45.90 -44.12 26.71
CA GLY P 241 -45.82 -45.32 25.87
C GLY P 241 -45.18 -46.52 26.55
N VAL P 242 -45.16 -46.52 27.88
CA VAL P 242 -44.59 -47.61 28.69
C VAL P 242 -45.69 -48.33 29.48
N GLY P 243 -45.64 -49.65 29.46
CA GLY P 243 -46.58 -50.46 30.25
C GLY P 243 -45.96 -50.87 31.58
N PRO P 244 -46.72 -51.61 32.42
CA PRO P 244 -46.17 -52.12 33.68
C PRO P 244 -44.96 -53.02 33.44
N LEU P 245 -43.90 -52.79 34.20
CA LEU P 245 -42.66 -53.56 34.07
C LEU P 245 -42.54 -54.58 35.20
N CYS P 246 -42.31 -55.83 34.82
CA CYS P 246 -42.39 -56.92 35.77
C CYS P 246 -41.08 -57.14 36.52
N LYS P 247 -41.03 -56.60 37.73
CA LYS P 247 -39.91 -56.79 38.64
C LYS P 247 -39.80 -58.26 39.03
N GLY P 248 -38.57 -58.77 38.98
CA GLY P 248 -38.30 -60.16 39.30
C GLY P 248 -39.05 -61.16 38.43
N ASP P 249 -39.34 -60.76 37.20
CA ASP P 249 -40.04 -61.61 36.21
C ASP P 249 -41.39 -62.12 36.71
N GLY P 250 -42.09 -61.29 37.49
CA GLY P 250 -43.42 -61.64 37.97
C GLY P 250 -44.50 -60.65 37.56
N LEU P 251 -45.63 -61.19 37.09
CA LEU P 251 -46.76 -60.38 36.65
C LEU P 251 -47.89 -60.51 37.65
N PHE P 252 -48.40 -59.37 38.10
CA PHE P 252 -49.47 -59.38 39.09
C PHE P 252 -50.82 -59.09 38.47
N ILE P 253 -51.75 -60.02 38.66
CA ILE P 253 -53.09 -59.91 38.12
C ILE P 253 -54.07 -59.97 39.28
N SER P 254 -54.88 -58.91 39.41
CA SER P 254 -55.86 -58.77 40.48
C SER P 254 -57.24 -58.46 39.92
N CYS P 255 -58.30 -58.96 40.57
CA CYS P 255 -59.68 -58.62 40.17
C CYS P 255 -60.74 -58.84 41.25
N ALA P 256 -61.94 -58.31 40.97
CA ALA P 256 -63.09 -58.49 41.83
C ALA P 256 -64.32 -58.35 40.95
N ASP P 257 -65.23 -59.30 41.03
CA ASP P 257 -66.45 -59.23 40.23
C ASP P 257 -67.68 -59.69 41.00
N ILE P 258 -68.21 -58.80 41.83
CA ILE P 258 -69.47 -59.04 42.53
C ILE P 258 -70.59 -58.67 41.56
N VAL P 259 -71.45 -59.65 41.26
CA VAL P 259 -72.51 -59.50 40.26
C VAL P 259 -73.92 -59.35 40.84
N GLY P 260 -74.03 -59.19 42.16
CA GLY P 260 -75.34 -59.04 42.79
C GLY P 260 -75.75 -60.04 43.88
N PHE P 261 -77.01 -59.95 44.32
CA PHE P 261 -77.56 -60.80 45.37
C PHE P 261 -78.32 -62.00 44.85
N LEU P 262 -78.10 -63.14 45.50
CA LEU P 262 -79.04 -64.25 45.41
C LEU P 262 -80.09 -64.02 46.48
N PHE P 263 -81.32 -63.78 46.05
CA PHE P 263 -82.43 -63.56 46.99
C PHE P 263 -83.07 -64.90 47.37
N LYS P 264 -83.03 -65.21 48.66
CA LYS P 264 -83.59 -66.48 49.14
C LYS P 264 -85.03 -66.34 49.62
N THR P 265 -85.79 -67.43 49.55
CA THR P 265 -87.22 -67.45 49.88
C THR P 265 -87.53 -66.75 51.20
N SER P 266 -86.67 -66.96 52.21
CA SER P 266 -86.88 -66.41 53.54
C SER P 266 -86.78 -64.89 53.61
N GLY P 267 -86.13 -64.28 52.62
CA GLY P 267 -85.78 -62.87 52.68
C GLY P 267 -84.26 -62.70 52.78
N LYS P 268 -83.57 -63.77 53.15
CA LYS P 268 -82.12 -63.68 53.27
C LYS P 268 -81.43 -63.47 51.92
N MET P 269 -80.34 -62.72 51.96
CA MET P 269 -79.62 -62.32 50.75
C MET P 269 -78.12 -62.59 50.89
N ALA P 270 -77.54 -63.16 49.84
CA ALA P 270 -76.11 -63.43 49.78
C ALA P 270 -75.53 -62.86 48.48
N LEU P 271 -74.38 -62.19 48.57
CA LEU P 271 -73.72 -61.72 47.36
C LEU P 271 -73.12 -62.89 46.55
N HIS P 272 -72.98 -62.68 45.24
CA HIS P 272 -72.50 -63.73 44.32
C HIS P 272 -71.41 -63.09 43.45
N GLY P 273 -70.44 -63.89 43.03
CA GLY P 273 -69.33 -63.44 42.21
C GLY P 273 -69.09 -64.36 41.02
N LEU P 274 -68.41 -63.85 39.99
CA LEU P 274 -68.08 -64.64 38.80
C LEU P 274 -66.57 -64.68 38.54
N PRO P 275 -66.07 -65.75 37.89
CA PRO P 275 -64.64 -65.83 37.51
C PRO P 275 -64.27 -64.82 36.43
N ARG P 276 -62.99 -64.50 36.35
CA ARG P 276 -62.49 -63.60 35.31
C ARG P 276 -61.29 -64.20 34.60
N TYR P 277 -61.27 -64.02 33.29
CA TYR P 277 -60.23 -64.52 32.42
C TYR P 277 -59.36 -63.34 31.96
N PHE P 278 -58.08 -63.61 31.73
CA PHE P 278 -57.12 -62.63 31.23
C PHE P 278 -56.19 -63.27 30.20
N ASN P 279 -55.90 -62.51 29.14
CA ASN P 279 -54.86 -62.84 28.17
C ASN P 279 -53.97 -61.61 28.03
N VAL P 280 -52.81 -61.65 28.66
CA VAL P 280 -51.92 -60.50 28.70
C VAL P 280 -50.79 -60.65 27.68
N THR P 281 -50.61 -59.62 26.85
CA THR P 281 -49.50 -59.55 25.91
C THR P 281 -48.36 -58.76 26.55
N LEU P 282 -47.17 -59.34 26.53
CA LEU P 282 -45.97 -58.70 27.07
C LEU P 282 -44.84 -58.69 26.05
N ARG P 283 -44.00 -57.66 26.12
CA ARG P 283 -42.79 -57.57 25.32
C ARG P 283 -41.55 -57.31 26.19
N LYS P 284 -40.37 -57.69 25.69
CA LYS P 284 -39.12 -57.47 26.41
C LYS P 284 -38.68 -56.02 26.24
N ARG P 285 -38.30 -55.38 27.35
CA ARG P 285 -37.88 -53.99 27.32
C ARG P 285 -36.53 -53.81 28.00
N TRP P 286 -35.60 -53.11 27.35
CA TRP P 286 -34.33 -52.72 27.97
C TRP P 286 -34.58 -51.66 29.04
N VAL P 287 -34.00 -51.88 30.22
CA VAL P 287 -34.16 -50.96 31.36
C VAL P 287 -32.82 -50.71 32.04
N LYS P 288 -32.61 -49.46 32.44
CA LYS P 288 -31.33 -49.02 33.02
C LYS P 288 -31.32 -49.21 34.54
N GLU Q 10 -51.34 -70.11 9.07
CA GLU Q 10 -50.59 -68.94 8.52
C GLU Q 10 -51.33 -68.26 7.37
N VAL Q 11 -51.60 -66.97 7.56
CA VAL Q 11 -52.41 -66.17 6.64
C VAL Q 11 -51.55 -65.45 5.61
N LEU Q 12 -51.84 -65.65 4.33
CA LEU Q 12 -51.15 -64.94 3.26
C LEU Q 12 -51.98 -63.74 2.79
N SER Q 13 -52.03 -63.50 1.48
CA SER Q 13 -52.71 -62.32 0.94
C SER Q 13 -54.17 -62.60 0.57
N VAL Q 14 -54.97 -61.52 0.55
CA VAL Q 14 -56.36 -61.55 0.11
C VAL Q 14 -56.44 -61.78 -1.39
N VAL Q 15 -57.28 -62.73 -1.81
CA VAL Q 15 -57.41 -63.09 -3.23
C VAL Q 15 -58.07 -61.95 -4.02
N THR Q 16 -57.48 -61.57 -5.14
CA THR Q 16 -58.09 -60.56 -5.99
C THR Q 16 -58.71 -61.19 -7.23
N GLY Q 17 -59.94 -60.79 -7.54
CA GLY Q 17 -60.66 -61.35 -8.67
C GLY Q 17 -62.11 -60.94 -8.71
N GLU Q 18 -62.78 -61.29 -9.81
CA GLU Q 18 -64.18 -60.93 -10.05
C GLU Q 18 -65.07 -61.36 -8.89
N ASP Q 19 -65.16 -62.67 -8.69
CA ASP Q 19 -66.05 -63.22 -7.67
C ASP Q 19 -65.28 -63.57 -6.40
N SER Q 20 -64.51 -62.62 -5.89
CA SER Q 20 -63.72 -62.86 -4.69
C SER Q 20 -64.48 -62.50 -3.40
N ILE Q 21 -65.58 -61.75 -3.56
CA ILE Q 21 -66.45 -61.38 -2.43
C ILE Q 21 -67.83 -62.04 -2.58
N THR Q 22 -68.36 -62.54 -1.46
CA THR Q 22 -69.70 -63.13 -1.45
C THR Q 22 -70.47 -62.68 -0.21
N GLN Q 23 -71.80 -62.78 -0.27
CA GLN Q 23 -72.64 -62.49 0.87
C GLN Q 23 -73.47 -63.70 1.28
N ILE Q 24 -73.59 -63.92 2.57
CA ILE Q 24 -74.37 -65.05 3.12
C ILE Q 24 -75.48 -64.50 4.02
N GLU Q 25 -76.73 -64.83 3.68
CA GLU Q 25 -77.90 -64.43 4.45
C GLU Q 25 -78.54 -65.60 5.18
N LEU Q 26 -78.99 -65.31 6.40
CA LEU Q 26 -79.88 -66.23 7.13
C LEU Q 26 -80.52 -65.57 8.34
N TYR Q 27 -81.55 -66.22 8.83
CA TYR Q 27 -82.13 -65.87 10.11
C TYR Q 27 -82.09 -67.11 10.98
N LEU Q 28 -82.02 -66.90 12.29
CA LEU Q 28 -82.19 -67.97 13.25
C LEU Q 28 -83.38 -67.67 14.13
N ASN Q 29 -84.34 -68.59 14.13
CA ASN Q 29 -85.45 -68.57 15.07
C ASN Q 29 -85.03 -69.00 16.49
N PRO Q 30 -85.60 -68.34 17.51
CA PRO Q 30 -85.15 -68.56 18.89
C PRO Q 30 -85.55 -69.94 19.43
N ARG Q 31 -84.70 -70.49 20.29
CA ARG Q 31 -84.92 -71.81 20.90
C ARG Q 31 -85.05 -71.66 22.41
N MET Q 32 -86.20 -71.13 22.81
CA MET Q 32 -86.47 -70.75 24.20
C MET Q 32 -86.89 -71.92 25.10
N GLY Q 33 -87.11 -73.09 24.51
CA GLY Q 33 -87.58 -74.23 25.28
C GLY Q 33 -88.67 -74.98 24.55
N VAL Q 34 -89.74 -74.27 24.18
CA VAL Q 34 -90.66 -74.77 23.16
C VAL Q 34 -90.05 -74.37 21.81
N ASN Q 35 -89.34 -75.32 21.20
CA ASN Q 35 -88.40 -75.01 20.11
C ASN Q 35 -88.94 -75.19 18.69
N SER Q 36 -90.03 -75.92 18.56
CA SER Q 36 -90.63 -76.18 17.25
C SER Q 36 -92.02 -75.59 17.13
N PRO Q 37 -92.37 -75.06 15.94
CA PRO Q 37 -93.71 -74.55 15.65
C PRO Q 37 -94.66 -75.60 15.09
N ASP Q 38 -94.15 -76.80 14.84
CA ASP Q 38 -94.88 -77.84 14.09
C ASP Q 38 -95.53 -78.91 14.96
N LEU Q 39 -95.34 -78.82 16.28
CA LEU Q 39 -95.86 -79.83 17.20
C LEU Q 39 -97.38 -79.77 17.36
N PRO Q 40 -98.05 -80.94 17.42
CA PRO Q 40 -99.52 -81.03 17.38
C PRO Q 40 -100.27 -80.11 18.35
N THR Q 41 -99.97 -80.18 19.64
CA THR Q 41 -100.77 -79.47 20.65
C THR Q 41 -99.99 -78.49 21.54
N THR Q 42 -98.66 -78.57 21.48
CA THR Q 42 -97.81 -77.82 22.40
C THR Q 42 -97.17 -76.56 21.79
N SER Q 43 -97.28 -76.42 20.46
CA SER Q 43 -96.55 -75.36 19.72
C SER Q 43 -97.02 -73.93 19.91
N ASN Q 44 -98.11 -73.69 20.64
N ASN Q 44 -98.10 -73.76 20.67
CA ASN Q 44 -98.57 -72.30 20.85
CA ASN Q 44 -98.69 -72.47 20.98
C ASN Q 44 -97.57 -71.48 21.67
C ASN Q 44 -97.78 -71.59 21.86
N TRP Q 45 -96.73 -72.18 22.44
CA TRP Q 45 -95.72 -71.49 23.24
C TRP Q 45 -94.35 -71.45 22.56
N TYR Q 46 -94.37 -71.72 21.24
CA TYR Q 46 -93.19 -71.53 20.39
C TYR Q 46 -92.65 -70.10 20.59
N THR Q 47 -91.33 -70.01 20.77
CA THR Q 47 -90.58 -68.79 21.16
C THR Q 47 -90.71 -68.37 22.64
N TYR Q 48 -91.30 -69.24 23.46
CA TYR Q 48 -91.37 -69.05 24.92
C TYR Q 48 -90.87 -70.29 25.66
N THR Q 49 -90.56 -70.08 26.93
CA THR Q 49 -90.39 -71.16 27.89
C THR Q 49 -91.76 -71.59 28.42
N TYR Q 50 -91.80 -72.59 29.28
CA TYR Q 50 -92.99 -72.80 30.11
C TYR Q 50 -92.87 -71.88 31.33
N ASP Q 51 -93.69 -72.12 32.35
CA ASP Q 51 -93.71 -71.25 33.50
C ASP Q 51 -92.49 -71.49 34.37
N LEU Q 52 -91.80 -70.41 34.71
CA LEU Q 52 -90.56 -70.50 35.48
C LEU Q 52 -90.85 -70.24 36.95
N GLN Q 53 -90.56 -71.24 37.76
CA GLN Q 53 -90.85 -71.19 39.19
C GLN Q 53 -89.73 -71.78 40.03
N PRO Q 54 -89.34 -71.06 41.09
CA PRO Q 54 -88.52 -71.72 42.10
C PRO Q 54 -89.40 -72.74 42.82
N LYS Q 55 -88.90 -73.97 42.95
CA LYS Q 55 -89.75 -75.05 43.47
C LYS Q 55 -90.19 -74.86 44.93
N GLY Q 56 -89.32 -74.29 45.76
CA GLY Q 56 -89.63 -74.07 47.17
C GLY Q 56 -88.96 -75.12 48.04
N SER Q 57 -88.58 -76.23 47.41
CA SER Q 57 -87.87 -77.31 48.06
C SER Q 57 -86.88 -77.92 47.09
N SER Q 58 -85.86 -78.54 47.66
CA SER Q 58 -84.81 -79.22 46.92
C SER Q 58 -85.36 -80.50 46.30
N PRO Q 59 -84.85 -80.88 45.11
CA PRO Q 59 -83.93 -80.11 44.30
C PRO Q 59 -84.62 -79.38 43.13
N ASP Q 60 -83.85 -78.59 42.41
CA ASP Q 60 -84.30 -78.02 41.15
C ASP Q 60 -84.02 -79.02 40.04
N GLN Q 61 -85.09 -79.52 39.42
CA GLN Q 61 -85.01 -80.39 38.25
C GLN Q 61 -85.78 -79.74 37.12
N PRO Q 62 -85.13 -78.80 36.41
CA PRO Q 62 -85.83 -78.02 35.39
C PRO Q 62 -86.14 -78.85 34.15
N ILE Q 63 -87.35 -78.67 33.62
CA ILE Q 63 -87.75 -79.33 32.38
C ILE Q 63 -87.07 -78.64 31.21
N LYS Q 64 -86.86 -79.38 30.12
CA LYS Q 64 -86.22 -78.81 28.93
C LYS Q 64 -86.91 -77.55 28.37
N GLU Q 65 -88.24 -77.49 28.49
CA GLU Q 65 -89.04 -76.35 28.04
C GLU Q 65 -88.78 -75.06 28.80
N ASN Q 66 -88.00 -75.15 29.89
CA ASN Q 66 -87.65 -73.98 30.71
C ASN Q 66 -86.18 -73.64 30.64
N LEU Q 67 -85.50 -74.22 29.65
CA LEU Q 67 -84.10 -73.96 29.43
C LEU Q 67 -83.87 -73.35 28.05
N PRO Q 68 -83.98 -72.00 27.94
CA PRO Q 68 -83.52 -71.32 26.72
C PRO Q 68 -82.11 -71.79 26.29
N ALA Q 69 -81.98 -72.04 25.00
CA ALA Q 69 -80.75 -72.60 24.44
C ALA Q 69 -80.28 -71.74 23.26
N TYR Q 70 -79.00 -71.81 22.94
CA TYR Q 70 -78.45 -71.06 21.82
C TYR Q 70 -78.99 -71.56 20.47
N SER Q 71 -79.15 -70.64 19.55
CA SER Q 71 -79.40 -70.97 18.16
C SER Q 71 -78.07 -71.13 17.43
N VAL Q 72 -77.99 -72.11 16.53
CA VAL Q 72 -76.80 -72.26 15.71
C VAL Q 72 -77.11 -72.79 14.31
N ALA Q 73 -76.37 -72.28 13.33
CA ALA Q 73 -76.40 -72.79 11.97
C ALA Q 73 -74.99 -72.87 11.38
N ARG Q 74 -74.75 -73.94 10.65
CA ARG Q 74 -73.57 -74.04 9.81
C ARG Q 74 -74.02 -73.82 8.38
N VAL Q 75 -73.45 -72.82 7.72
CA VAL Q 75 -73.81 -72.53 6.34
C VAL Q 75 -72.68 -72.98 5.42
N SER Q 76 -73.02 -73.83 4.45
CA SER Q 76 -72.08 -74.28 3.45
C SER Q 76 -71.77 -73.18 2.44
N LEU Q 77 -70.49 -72.96 2.20
CA LEU Q 77 -70.02 -71.92 1.31
C LEU Q 77 -69.51 -72.56 0.02
N PRO Q 78 -69.33 -71.75 -1.06
CA PRO Q 78 -68.85 -72.33 -2.32
C PRO Q 78 -67.46 -72.97 -2.19
N MET Q 79 -67.28 -74.15 -2.80
CA MET Q 79 -66.00 -74.87 -2.79
C MET Q 79 -64.92 -74.03 -3.48
N LEU Q 80 -63.70 -74.07 -2.93
CA LEU Q 80 -62.59 -73.28 -3.45
C LEU Q 80 -61.40 -74.11 -3.88
N ASN Q 81 -61.22 -75.28 -3.27
CA ASN Q 81 -60.06 -76.11 -3.53
C ASN Q 81 -60.44 -77.53 -3.93
N THR Q 88 -51.25 -75.05 0.98
CA THR Q 88 -51.56 -73.70 0.49
C THR Q 88 -52.87 -73.65 -0.28
N LEU Q 89 -53.82 -72.85 0.20
CA LEU Q 89 -55.18 -72.88 -0.32
C LEU Q 89 -55.99 -71.61 -0.01
N GLN Q 90 -57.10 -71.45 -0.73
CA GLN Q 90 -58.02 -70.34 -0.52
C GLN Q 90 -59.08 -70.72 0.52
N MET Q 91 -59.33 -69.81 1.46
CA MET Q 91 -60.39 -69.99 2.46
C MET Q 91 -61.25 -68.73 2.46
N TRP Q 92 -62.55 -68.91 2.71
CA TRP Q 92 -63.44 -67.78 2.92
C TRP Q 92 -63.14 -67.13 4.25
N GLU Q 93 -63.10 -65.80 4.25
CA GLU Q 93 -62.77 -65.00 5.42
C GLU Q 93 -63.93 -64.04 5.66
N ALA Q 94 -64.63 -64.21 6.79
CA ALA Q 94 -65.74 -63.31 7.13
C ALA Q 94 -65.17 -61.99 7.58
N ILE Q 95 -65.63 -60.89 6.98
CA ILE Q 95 -65.01 -59.59 7.25
C ILE Q 95 -65.96 -58.63 7.93
N SER Q 96 -67.25 -58.85 7.76
CA SER Q 96 -68.27 -57.97 8.34
C SER Q 96 -69.64 -58.64 8.36
N VAL Q 97 -70.51 -58.13 9.22
CA VAL Q 97 -71.86 -58.66 9.34
C VAL Q 97 -72.85 -57.54 9.71
N LYS Q 98 -74.01 -57.58 9.07
CA LYS Q 98 -75.15 -56.78 9.47
C LYS Q 98 -76.07 -57.76 10.14
N THR Q 99 -76.37 -57.51 11.41
CA THR Q 99 -77.21 -58.41 12.18
C THR Q 99 -78.33 -57.63 12.86
N GLU Q 100 -79.52 -58.22 12.94
CA GLU Q 100 -80.66 -57.53 13.51
C GLU Q 100 -81.56 -58.50 14.25
N VAL Q 101 -82.05 -58.04 15.40
CA VAL Q 101 -83.13 -58.72 16.09
C VAL Q 101 -84.44 -58.36 15.40
N VAL Q 102 -85.11 -59.39 14.89
CA VAL Q 102 -86.36 -59.24 14.13
C VAL Q 102 -87.57 -59.31 15.07
N GLY Q 103 -88.62 -58.55 14.77
CA GLY Q 103 -89.87 -58.59 15.52
C GLY Q 103 -89.88 -57.79 16.80
N ILE Q 104 -88.96 -56.83 16.90
CA ILE Q 104 -88.88 -55.98 18.07
C ILE Q 104 -90.19 -55.21 18.31
N SER Q 105 -90.78 -54.72 17.22
CA SER Q 105 -92.06 -54.00 17.26
C SER Q 105 -93.21 -54.77 17.94
N SER Q 106 -93.15 -56.10 17.89
CA SER Q 106 -94.21 -56.95 18.44
C SER Q 106 -94.38 -56.81 19.95
N LEU Q 107 -93.33 -56.36 20.64
CA LEU Q 107 -93.36 -56.19 22.09
C LEU Q 107 -94.09 -54.93 22.56
N ILE Q 108 -94.68 -54.15 21.64
CA ILE Q 108 -95.55 -53.05 22.08
C ILE Q 108 -96.92 -53.59 22.53
N ASN Q 109 -97.18 -54.88 22.24
CA ASN Q 109 -98.46 -55.51 22.59
C ASN Q 109 -98.58 -55.60 24.10
N VAL Q 110 -99.51 -54.81 24.66
CA VAL Q 110 -99.80 -54.84 26.10
C VAL Q 110 -101.23 -55.36 26.41
N HIS Q 111 -101.74 -56.21 25.53
CA HIS Q 111 -103.11 -56.70 25.61
C HIS Q 111 -103.19 -58.19 25.22
N TYR Q 112 -102.15 -58.95 25.52
CA TYR Q 112 -102.24 -60.40 25.49
C TYR Q 112 -103.39 -60.84 26.41
N TRP Q 113 -104.25 -61.75 25.95
CA TRP Q 113 -105.53 -62.03 26.63
C TRP Q 113 -105.36 -62.49 28.08
N ASP Q 114 -104.26 -63.18 28.35
CA ASP Q 114 -103.97 -63.66 29.69
C ASP Q 114 -102.80 -62.91 30.33
N MET Q 115 -102.69 -61.62 30.05
CA MET Q 115 -101.60 -60.81 30.56
C MET Q 115 -101.94 -60.23 31.92
N LYS Q 116 -101.00 -60.31 32.87
CA LYS Q 116 -101.14 -59.66 34.17
C LYS Q 116 -101.14 -58.14 33.97
N ARG Q 117 -102.08 -57.45 34.62
CA ARG Q 117 -102.18 -56.01 34.50
C ARG Q 117 -101.16 -55.31 35.40
N VAL Q 118 -100.73 -54.11 34.99
CA VAL Q 118 -99.86 -53.28 35.83
C VAL Q 118 -100.57 -52.88 37.13
N HIS Q 119 -101.90 -52.78 37.06
CA HIS Q 119 -102.77 -52.48 38.18
C HIS Q 119 -104.22 -52.64 37.70
N ASP Q 120 -105.18 -52.58 38.63
CA ASP Q 120 -106.61 -52.63 38.29
C ASP Q 120 -106.98 -51.76 37.08
N TYR Q 121 -107.56 -52.39 36.07
CA TYR Q 121 -108.09 -51.74 34.85
C TYR Q 121 -107.02 -51.27 33.86
N GLY Q 122 -105.75 -51.39 34.24
CA GLY Q 122 -104.68 -50.95 33.36
C GLY Q 122 -104.30 -51.96 32.30
N ALA Q 123 -103.34 -51.58 31.45
CA ALA Q 123 -102.84 -52.47 30.41
C ALA Q 123 -101.99 -53.58 31.00
N GLY Q 124 -101.65 -54.58 30.19
CA GLY Q 124 -100.76 -55.64 30.62
C GLY Q 124 -99.32 -55.16 30.86
N ILE Q 125 -98.62 -55.81 31.78
CA ILE Q 125 -97.19 -55.57 31.97
C ILE Q 125 -96.45 -55.99 30.70
N PRO Q 126 -95.76 -55.03 30.06
CA PRO Q 126 -95.04 -55.29 28.82
C PRO Q 126 -93.99 -56.37 29.02
N VAL Q 127 -93.62 -57.07 27.95
CA VAL Q 127 -92.49 -57.99 28.01
C VAL Q 127 -91.25 -57.20 28.44
N SER Q 128 -90.67 -57.60 29.56
CA SER Q 128 -89.59 -56.87 30.23
C SER Q 128 -88.93 -57.78 31.25
N GLY Q 129 -87.79 -57.33 31.77
CA GLY Q 129 -87.03 -58.10 32.76
C GLY Q 129 -85.74 -58.64 32.18
N VAL Q 130 -85.49 -59.92 32.41
CA VAL Q 130 -84.23 -60.53 32.02
C VAL Q 130 -84.05 -60.46 30.51
N ASN Q 131 -82.90 -59.91 30.10
CA ASN Q 131 -82.47 -59.94 28.72
C ASN Q 131 -81.12 -60.61 28.62
N TYR Q 132 -80.91 -61.32 27.52
CA TYR Q 132 -79.61 -61.89 27.21
C TYR Q 132 -79.51 -61.85 25.70
N HIS Q 133 -78.48 -61.17 25.20
CA HIS Q 133 -78.31 -60.99 23.77
C HIS Q 133 -76.87 -61.25 23.40
N MET Q 134 -76.67 -62.26 22.56
CA MET Q 134 -75.37 -62.54 22.01
C MET Q 134 -75.47 -62.97 20.55
N PHE Q 135 -74.43 -62.69 19.76
CA PHE Q 135 -74.27 -63.33 18.46
C PHE Q 135 -72.81 -63.65 18.22
N ALA Q 136 -72.55 -64.69 17.43
CA ALA Q 136 -71.19 -65.08 17.10
C ALA Q 136 -71.06 -65.48 15.63
N ILE Q 137 -69.95 -65.08 15.02
CA ILE Q 137 -69.62 -65.50 13.66
C ILE Q 137 -68.25 -66.18 13.73
N GLY Q 138 -68.14 -67.38 13.18
CA GLY Q 138 -66.88 -68.11 13.22
C GLY Q 138 -66.63 -69.07 12.08
N GLY Q 139 -65.36 -69.46 11.91
CA GLY Q 139 -64.98 -70.43 10.89
C GLY Q 139 -65.00 -71.85 11.42
N GLU Q 140 -65.58 -72.00 12.60
CA GLU Q 140 -65.71 -73.29 13.31
C GLU Q 140 -66.72 -73.11 14.47
N PRO Q 141 -67.18 -74.22 15.07
CA PRO Q 141 -68.13 -74.07 16.18
C PRO Q 141 -67.63 -73.12 17.28
N LEU Q 142 -68.55 -72.38 17.87
CA LEU Q 142 -68.25 -71.55 19.03
C LEU Q 142 -67.80 -72.42 20.21
N ASP Q 143 -66.68 -72.06 20.83
CA ASP Q 143 -66.20 -72.77 22.03
C ASP Q 143 -66.98 -72.30 23.26
N LEU Q 144 -67.43 -73.25 24.08
CA LEU Q 144 -68.26 -72.95 25.25
C LEU Q 144 -67.61 -73.35 26.57
N GLN Q 145 -67.80 -72.50 27.57
CA GLN Q 145 -67.38 -72.76 28.95
C GLN Q 145 -68.63 -73.00 29.80
N GLY Q 146 -68.61 -74.08 30.58
CA GLY Q 146 -69.72 -74.44 31.46
C GLY Q 146 -69.60 -73.77 32.81
N LEU Q 147 -70.67 -73.11 33.25
CA LEU Q 147 -70.77 -72.52 34.58
C LEU Q 147 -72.24 -72.30 34.93
N VAL Q 148 -72.63 -72.79 36.11
CA VAL Q 148 -74.02 -72.76 36.55
C VAL Q 148 -74.18 -72.05 37.88
N LEU Q 149 -75.37 -71.48 38.08
CA LEU Q 149 -75.76 -70.84 39.32
C LEU Q 149 -75.67 -71.78 40.53
N ASP Q 150 -76.09 -73.03 40.32
CA ASP Q 150 -76.18 -74.03 41.39
C ASP Q 150 -75.78 -75.40 40.86
N TYR Q 151 -74.65 -75.91 41.34
CA TYR Q 151 -74.12 -77.19 40.86
C TYR Q 151 -75.03 -78.38 41.19
N GLN Q 152 -76.00 -78.16 42.07
CA GLN Q 152 -76.92 -79.23 42.47
C GLN Q 152 -78.17 -79.28 41.58
N THR Q 153 -78.26 -78.35 40.65
CA THR Q 153 -79.35 -78.38 39.67
C THR Q 153 -79.31 -79.68 38.89
N GLN Q 154 -80.46 -80.36 38.81
CA GLN Q 154 -80.55 -81.62 38.06
C GLN Q 154 -81.15 -81.38 36.67
N TYR Q 155 -80.27 -81.11 35.71
CA TYR Q 155 -80.67 -80.90 34.32
C TYR Q 155 -81.19 -82.21 33.71
N PRO Q 156 -82.08 -82.13 32.69
CA PRO Q 156 -82.62 -83.35 32.09
C PRO Q 156 -81.55 -84.26 31.51
N LYS Q 157 -81.75 -85.56 31.63
CA LYS Q 157 -80.90 -86.55 30.97
C LYS Q 157 -81.08 -86.45 29.46
N THR Q 158 -80.02 -86.73 28.71
CA THR Q 158 -80.03 -86.54 27.25
C THR Q 158 -80.71 -87.70 26.49
N THR Q 159 -81.63 -87.33 25.60
CA THR Q 159 -82.16 -88.22 24.56
C THR Q 159 -82.82 -87.40 23.44
N GLY Q 162 -82.55 -84.53 24.40
CA GLY Q 162 -82.51 -83.57 25.50
C GLY Q 162 -81.31 -82.63 25.43
N PRO Q 163 -81.24 -81.67 26.39
CA PRO Q 163 -80.18 -80.67 26.41
C PRO Q 163 -78.82 -81.22 26.83
N ILE Q 164 -77.76 -80.68 26.27
CA ILE Q 164 -76.39 -81.03 26.65
C ILE Q 164 -75.90 -80.05 27.73
N THR Q 165 -75.58 -80.60 28.89
CA THR Q 165 -75.10 -79.81 30.03
C THR Q 165 -73.76 -80.37 30.55
N ILE Q 166 -73.29 -79.83 31.66
CA ILE Q 166 -71.97 -80.19 32.20
C ILE Q 166 -71.86 -81.67 32.54
N GLU Q 167 -72.89 -82.21 33.17
CA GLU Q 167 -72.95 -83.63 33.49
C GLU Q 167 -72.86 -84.49 32.21
N THR Q 168 -73.53 -84.08 31.15
CA THR Q 168 -73.48 -84.79 29.87
C THR Q 168 -72.03 -84.87 29.42
N VAL Q 169 -71.35 -83.74 29.47
CA VAL Q 169 -69.98 -83.62 28.97
C VAL Q 169 -68.97 -84.36 29.85
N LEU Q 170 -69.08 -84.19 31.16
CA LEU Q 170 -68.11 -84.78 32.09
C LEU Q 170 -68.31 -86.28 32.28
N GLY Q 171 -69.52 -86.77 32.01
CA GLY Q 171 -69.86 -88.19 32.23
C GLY Q 171 -70.03 -88.52 33.70
N ARG Q 172 -70.35 -87.50 34.49
CA ARG Q 172 -70.46 -87.60 35.94
C ARG Q 172 -71.17 -86.36 36.45
N LYS Q 173 -71.68 -86.41 37.69
CA LYS Q 173 -72.35 -85.27 38.29
C LYS Q 173 -71.41 -84.08 38.45
N MET Q 174 -71.96 -82.87 38.42
CA MET Q 174 -71.18 -81.68 38.75
C MET Q 174 -70.78 -81.71 40.21
N THR Q 175 -69.78 -80.91 40.55
CA THR Q 175 -69.37 -80.70 41.94
C THR Q 175 -69.39 -79.17 42.17
N PRO Q 176 -69.13 -78.71 43.42
CA PRO Q 176 -69.23 -77.27 43.67
C PRO Q 176 -68.37 -76.37 42.77
N LYS Q 177 -67.30 -76.92 42.21
CA LYS Q 177 -66.39 -76.14 41.34
C LYS Q 177 -67.07 -75.68 40.05
N ASN Q 178 -68.18 -76.30 39.69
CA ASN Q 178 -68.93 -75.87 38.51
C ASN Q 178 -69.78 -74.64 38.73
N GLN Q 179 -69.74 -74.09 39.96
CA GLN Q 179 -70.29 -72.75 40.20
C GLN Q 179 -69.22 -71.69 39.91
N GLY Q 180 -67.96 -72.14 39.80
CA GLY Q 180 -66.87 -71.31 39.27
C GLY Q 180 -66.41 -71.81 37.90
N LEU Q 181 -65.17 -71.49 37.53
CA LEU Q 181 -64.66 -71.89 36.22
C LEU Q 181 -63.92 -73.21 36.33
N ASP Q 182 -64.53 -74.26 35.80
CA ASP Q 182 -63.93 -75.58 35.73
C ASP Q 182 -63.41 -75.82 34.32
N PRO Q 183 -62.07 -75.87 34.16
CA PRO Q 183 -61.47 -76.03 32.84
C PRO Q 183 -61.91 -77.33 32.13
N GLN Q 184 -62.45 -78.28 32.88
CA GLN Q 184 -62.97 -79.51 32.30
C GLN Q 184 -64.37 -79.34 31.73
N ALA Q 185 -65.11 -78.35 32.22
CA ALA Q 185 -66.47 -78.10 31.74
C ALA Q 185 -66.45 -77.28 30.46
N LYS Q 186 -66.14 -77.94 29.34
CA LYS Q 186 -66.02 -77.29 28.03
C LYS Q 186 -66.76 -78.07 26.94
N ALA Q 187 -67.29 -77.33 25.97
CA ALA Q 187 -68.06 -77.90 24.87
C ALA Q 187 -67.94 -77.05 23.61
N LYS Q 188 -68.44 -77.59 22.50
CA LYS Q 188 -68.56 -76.84 21.26
C LYS Q 188 -70.04 -76.71 20.92
N LEU Q 189 -70.44 -75.51 20.51
CA LEU Q 189 -71.81 -75.25 20.10
C LEU Q 189 -72.03 -75.85 18.70
N ASP Q 190 -72.41 -77.12 18.68
CA ASP Q 190 -72.55 -77.85 17.42
C ASP Q 190 -73.99 -78.29 17.11
N LYS Q 191 -74.92 -77.90 17.99
CA LYS Q 191 -76.31 -78.30 17.82
C LYS Q 191 -77.27 -77.19 18.26
N ASP Q 192 -78.14 -76.82 17.33
CA ASP Q 192 -79.14 -75.77 17.52
C ASP Q 192 -80.09 -76.16 18.62
N GLY Q 193 -80.33 -75.26 19.57
CA GLY Q 193 -81.33 -75.45 20.62
C GLY Q 193 -81.09 -76.59 21.61
N ASN Q 194 -79.82 -76.97 21.77
CA ASN Q 194 -79.44 -78.07 22.67
C ASN Q 194 -78.51 -77.66 23.82
N TYR Q 195 -77.88 -76.50 23.72
CA TYR Q 195 -76.98 -76.04 24.76
C TYR Q 195 -77.64 -74.90 25.51
N PRO Q 196 -78.11 -75.17 26.75
CA PRO Q 196 -78.78 -74.16 27.57
C PRO Q 196 -77.90 -72.94 27.87
N ILE Q 197 -78.50 -71.77 27.70
CA ILE Q 197 -77.85 -70.50 27.98
C ILE Q 197 -77.38 -70.43 29.44
N GLU Q 198 -78.18 -70.93 30.37
CA GLU Q 198 -77.85 -70.84 31.80
C GLU Q 198 -76.71 -71.77 32.22
N VAL Q 199 -76.34 -72.70 31.34
CA VAL Q 199 -75.26 -73.63 31.64
C VAL Q 199 -73.94 -73.25 30.94
N TRP Q 200 -74.04 -72.78 29.70
CA TRP Q 200 -72.89 -72.53 28.83
C TRP Q 200 -72.75 -71.06 28.43
N CYS Q 201 -71.51 -70.57 28.41
CA CYS Q 201 -71.19 -69.24 27.91
C CYS Q 201 -70.00 -69.35 26.96
N PRO Q 202 -69.72 -68.30 26.17
CA PRO Q 202 -68.55 -68.37 25.30
C PRO Q 202 -67.27 -68.52 26.11
N ASP Q 203 -66.39 -69.41 25.66
CA ASP Q 203 -65.12 -69.65 26.32
C ASP Q 203 -64.08 -68.65 25.83
N PRO Q 204 -63.70 -67.67 26.66
CA PRO Q 204 -62.75 -66.65 26.18
C PRO Q 204 -61.33 -67.16 26.01
N SER Q 205 -61.04 -68.35 26.55
CA SER Q 205 -59.70 -68.92 26.45
C SER Q 205 -59.46 -69.63 25.12
N LYS Q 206 -60.52 -69.75 24.33
CA LYS Q 206 -60.41 -70.29 22.97
C LYS Q 206 -61.05 -69.30 21.98
N ASN Q 207 -61.84 -69.81 21.03
CA ASN Q 207 -62.52 -68.95 20.05
C ASN Q 207 -61.61 -67.97 19.30
N GLU Q 208 -60.40 -68.40 18.98
CA GLU Q 208 -59.45 -67.56 18.22
C GLU Q 208 -59.99 -67.25 16.82
N ASN Q 209 -60.74 -68.21 16.28
CA ASN Q 209 -61.30 -68.17 14.94
C ASN Q 209 -62.81 -67.82 14.93
N SER Q 210 -63.27 -67.17 15.99
CA SER Q 210 -64.65 -66.67 16.06
C SER Q 210 -64.66 -65.27 16.66
N ARG Q 211 -65.73 -64.54 16.37
CA ARG Q 211 -65.97 -63.25 17.02
C ARG Q 211 -67.31 -63.40 17.69
N TYR Q 212 -67.40 -63.03 18.96
CA TYR Q 212 -68.67 -63.05 19.68
C TYR Q 212 -68.88 -61.76 20.46
N TYR Q 213 -70.16 -61.40 20.65
CA TYR Q 213 -70.55 -60.11 21.22
C TYR Q 213 -71.80 -60.37 22.02
N GLY Q 214 -71.78 -60.03 23.31
CA GLY Q 214 -72.91 -60.35 24.16
C GLY Q 214 -73.17 -59.41 25.30
N SER Q 215 -74.38 -59.51 25.86
CA SER Q 215 -74.76 -58.73 27.04
C SER Q 215 -75.77 -59.47 27.90
N ILE Q 216 -75.85 -59.10 29.17
CA ILE Q 216 -76.97 -59.51 30.03
C ILE Q 216 -77.59 -58.29 30.71
N GLN Q 217 -78.86 -58.44 31.07
CA GLN Q 217 -79.58 -57.49 31.90
C GLN Q 217 -80.46 -58.30 32.86
N THR Q 218 -80.29 -58.10 34.16
CA THR Q 218 -81.14 -58.80 35.15
C THR Q 218 -82.21 -57.84 35.72
N GLY Q 219 -82.90 -58.25 36.78
CA GLY Q 219 -84.08 -57.53 37.28
C GLY Q 219 -85.34 -58.13 36.68
N SER Q 220 -86.48 -57.89 37.33
CA SER Q 220 -87.72 -58.61 36.97
C SER Q 220 -88.57 -57.90 35.92
N GLN Q 221 -88.64 -56.58 36.02
CA GLN Q 221 -89.47 -55.78 35.14
C GLN Q 221 -88.62 -54.71 34.44
N THR Q 222 -87.31 -54.93 34.42
CA THR Q 222 -86.35 -53.99 33.81
C THR Q 222 -86.72 -53.72 32.35
N PRO Q 223 -86.79 -52.44 31.95
CA PRO Q 223 -87.13 -52.13 30.56
C PRO Q 223 -86.30 -52.90 29.54
N THR Q 224 -86.96 -53.54 28.59
CA THR Q 224 -86.32 -54.06 27.40
C THR Q 224 -86.10 -52.86 26.48
N VAL Q 225 -84.83 -52.57 26.21
CA VAL Q 225 -84.41 -51.45 25.38
C VAL Q 225 -83.55 -51.98 24.23
N LEU Q 226 -84.11 -51.99 23.02
CA LEU Q 226 -83.42 -52.53 21.87
C LEU Q 226 -83.47 -51.57 20.69
N GLN Q 227 -82.45 -51.65 19.83
CA GLN Q 227 -82.40 -50.88 18.61
C GLN Q 227 -82.42 -51.78 17.38
N PHE Q 228 -82.85 -51.18 16.27
CA PHE Q 228 -82.80 -51.80 14.96
C PHE Q 228 -82.52 -50.74 13.90
N SER Q 229 -81.53 -51.00 13.08
CA SER Q 229 -81.19 -50.18 11.92
C SER Q 229 -80.44 -51.02 10.90
N ASN Q 230 -80.78 -50.83 9.62
CA ASN Q 230 -80.04 -51.49 8.54
C ASN Q 230 -78.79 -50.74 8.10
N THR Q 231 -78.38 -49.75 8.89
CA THR Q 231 -77.18 -48.99 8.62
C THR Q 231 -76.04 -49.45 9.52
N LEU Q 232 -76.32 -50.42 10.40
CA LEU Q 232 -75.35 -50.88 11.38
C LEU Q 232 -74.56 -52.12 10.95
N THR Q 233 -73.24 -51.96 10.91
CA THR Q 233 -72.32 -53.00 10.46
C THR Q 233 -71.31 -53.32 11.56
N THR Q 234 -71.01 -54.61 11.72
CA THR Q 234 -69.97 -55.03 12.63
C THR Q 234 -68.79 -55.49 11.80
N VAL Q 235 -67.63 -54.88 12.04
CA VAL Q 235 -66.38 -55.30 11.43
C VAL Q 235 -65.86 -56.52 12.19
N LEU Q 236 -65.54 -57.57 11.44
CA LEU Q 236 -65.18 -58.86 12.01
C LEU Q 236 -63.66 -59.13 12.05
N LEU Q 237 -62.88 -58.17 11.55
CA LEU Q 237 -61.43 -58.30 11.50
C LEU Q 237 -60.82 -58.15 12.88
N ASP Q 238 -59.78 -58.93 13.15
CA ASP Q 238 -59.01 -58.76 14.38
C ASP Q 238 -57.98 -57.62 14.23
N GLU Q 239 -57.14 -57.46 15.24
CA GLU Q 239 -56.15 -56.39 15.28
C GLU Q 239 -55.08 -56.52 14.20
N ASN Q 240 -55.01 -57.69 13.55
CA ASN Q 240 -54.09 -57.93 12.45
C ASN Q 240 -54.74 -57.77 11.08
N GLY Q 241 -56.04 -57.49 11.07
CA GLY Q 241 -56.80 -57.30 9.83
C GLY Q 241 -57.33 -58.59 9.24
N VAL Q 242 -57.49 -59.60 10.10
CA VAL Q 242 -57.93 -60.92 9.68
C VAL Q 242 -59.24 -61.31 10.34
N GLY Q 243 -60.24 -61.62 9.52
CA GLY Q 243 -61.51 -62.12 10.04
C GLY Q 243 -61.47 -63.62 10.20
N PRO Q 244 -62.55 -64.20 10.76
CA PRO Q 244 -62.68 -65.66 10.90
C PRO Q 244 -62.45 -66.39 9.57
N LEU Q 245 -61.70 -67.48 9.61
CA LEU Q 245 -61.38 -68.26 8.42
C LEU Q 245 -62.16 -69.55 8.44
N CYS Q 246 -62.97 -69.76 7.41
CA CYS Q 246 -63.92 -70.87 7.39
C CYS Q 246 -63.27 -72.21 7.03
N LYS Q 247 -62.99 -73.01 8.08
CA LYS Q 247 -62.46 -74.36 7.90
C LYS Q 247 -63.52 -75.25 7.29
N GLY Q 248 -63.14 -76.02 6.28
CA GLY Q 248 -64.05 -76.90 5.56
C GLY Q 248 -65.18 -76.18 4.84
N ASP Q 249 -64.96 -74.89 4.54
CA ASP Q 249 -65.95 -74.03 3.87
C ASP Q 249 -67.32 -74.02 4.58
N GLY Q 250 -67.28 -74.04 5.91
CA GLY Q 250 -68.48 -73.86 6.70
C GLY Q 250 -68.36 -72.58 7.51
N LEU Q 251 -69.43 -71.79 7.48
CA LEU Q 251 -69.51 -70.58 8.30
C LEU Q 251 -70.42 -70.89 9.46
N PHE Q 252 -69.95 -70.59 10.68
CA PHE Q 252 -70.74 -70.84 11.89
C PHE Q 252 -71.35 -69.57 12.45
N ILE Q 253 -72.66 -69.60 12.60
CA ILE Q 253 -73.42 -68.46 13.07
C ILE Q 253 -74.20 -68.92 14.29
N SER Q 254 -74.07 -68.15 15.37
CA SER Q 254 -74.65 -68.50 16.67
C SER Q 254 -75.27 -67.26 17.29
N CYS Q 255 -76.37 -67.43 18.02
CA CYS Q 255 -76.94 -66.33 18.78
C CYS Q 255 -77.88 -66.78 19.90
N ALA Q 256 -78.31 -65.81 20.71
CA ALA Q 256 -79.39 -65.95 21.66
C ALA Q 256 -79.92 -64.55 21.91
N ASP Q 257 -81.25 -64.41 21.99
CA ASP Q 257 -81.91 -63.13 22.21
C ASP Q 257 -83.17 -63.28 23.06
N ILE Q 258 -82.96 -63.38 24.37
CA ILE Q 258 -84.02 -63.35 25.38
C ILE Q 258 -84.42 -61.90 25.61
N VAL Q 259 -85.71 -61.61 25.48
CA VAL Q 259 -86.17 -60.22 25.49
C VAL Q 259 -87.04 -59.83 26.70
N GLY Q 260 -87.27 -60.79 27.59
CA GLY Q 260 -88.00 -60.54 28.83
C GLY Q 260 -89.06 -61.56 29.12
N PHE Q 261 -89.87 -61.27 30.14
CA PHE Q 261 -90.91 -62.18 30.59
C PHE Q 261 -92.27 -61.83 30.01
N LEU Q 262 -93.01 -62.86 29.62
CA LEU Q 262 -94.46 -62.71 29.48
C LEU Q 262 -95.11 -62.91 30.86
N PHE Q 263 -95.71 -61.85 31.41
CA PHE Q 263 -96.38 -61.91 32.71
C PHE Q 263 -97.85 -62.32 32.56
N LYS Q 264 -98.18 -63.50 33.06
CA LYS Q 264 -99.55 -64.06 32.99
C LYS Q 264 -100.40 -63.73 34.23
N THR Q 265 -101.71 -63.62 34.02
CA THR Q 265 -102.68 -63.24 35.07
C THR Q 265 -102.49 -63.92 36.43
N SER Q 266 -102.26 -65.23 36.41
CA SER Q 266 -102.06 -66.02 37.63
C SER Q 266 -100.87 -65.55 38.45
N GLY Q 267 -99.89 -64.92 37.79
CA GLY Q 267 -98.64 -64.58 38.44
C GLY Q 267 -97.48 -65.36 37.84
N LYS Q 268 -97.80 -66.42 37.11
CA LYS Q 268 -96.80 -67.17 36.38
C LYS Q 268 -96.09 -66.33 35.29
N MET Q 269 -94.87 -66.74 34.97
CA MET Q 269 -93.99 -65.98 34.09
C MET Q 269 -93.23 -66.94 33.19
N ALA Q 270 -93.17 -66.61 31.90
CA ALA Q 270 -92.36 -67.39 30.94
C ALA Q 270 -91.38 -66.45 30.27
N LEU Q 271 -90.15 -66.91 30.03
CA LEU Q 271 -89.21 -66.11 29.24
C LEU Q 271 -89.57 -66.13 27.75
N HIS Q 272 -89.14 -65.10 27.02
CA HIS Q 272 -89.51 -64.96 25.61
C HIS Q 272 -88.28 -64.56 24.81
N GLY Q 273 -88.21 -65.03 23.57
CA GLY Q 273 -87.12 -64.67 22.66
C GLY Q 273 -87.55 -64.17 21.29
N LEU Q 274 -86.60 -63.58 20.57
CA LEU Q 274 -86.86 -63.06 19.22
C LEU Q 274 -85.84 -63.65 18.23
N PRO Q 275 -86.23 -63.78 16.94
CA PRO Q 275 -85.31 -64.28 15.93
C PRO Q 275 -84.25 -63.26 15.62
N ARG Q 276 -83.18 -63.71 14.99
CA ARG Q 276 -82.12 -62.79 14.58
C ARG Q 276 -81.78 -63.02 13.12
N TYR Q 277 -81.53 -61.92 12.41
CA TYR Q 277 -81.13 -61.94 11.01
C TYR Q 277 -79.64 -61.67 10.88
N PHE Q 278 -79.01 -62.29 9.88
CA PHE Q 278 -77.60 -62.05 9.58
C PHE Q 278 -77.37 -61.86 8.09
N ASN Q 279 -76.49 -60.91 7.77
CA ASN Q 279 -75.91 -60.79 6.44
C ASN Q 279 -74.40 -60.69 6.58
N VAL Q 280 -73.70 -61.78 6.25
CA VAL Q 280 -72.25 -61.83 6.40
C VAL Q 280 -71.57 -61.61 5.05
N THR Q 281 -70.62 -60.67 5.01
CA THR Q 281 -69.76 -60.46 3.85
C THR Q 281 -68.46 -61.25 4.02
N LEU Q 282 -68.15 -62.08 3.03
CA LEU Q 282 -66.94 -62.87 3.04
C LEU Q 282 -66.02 -62.58 1.85
N ARG Q 283 -64.73 -62.80 2.03
CA ARG Q 283 -63.75 -62.64 0.96
C ARG Q 283 -62.80 -63.85 0.87
N LYS Q 284 -62.26 -64.10 -0.31
CA LYS Q 284 -61.31 -65.19 -0.49
C LYS Q 284 -59.93 -64.76 0.03
N ARG Q 285 -59.33 -65.61 0.85
CA ARG Q 285 -58.02 -65.34 1.44
C ARG Q 285 -57.09 -66.53 1.20
N TRP Q 286 -55.88 -66.24 0.70
CA TRP Q 286 -54.83 -67.24 0.59
C TRP Q 286 -54.29 -67.57 1.98
N VAL Q 287 -54.17 -68.87 2.26
CA VAL Q 287 -53.62 -69.37 3.52
C VAL Q 287 -52.64 -70.51 3.25
N LYS Q 288 -51.85 -70.87 4.27
CA LYS Q 288 -50.97 -72.04 4.20
C LYS Q 288 -51.33 -73.05 5.28
N VAL R 9 -79.36 -52.56 -11.45
CA VAL R 9 -79.17 -51.07 -11.42
C VAL R 9 -77.71 -50.69 -11.13
N GLU R 10 -77.09 -49.99 -12.09
CA GLU R 10 -75.71 -49.54 -11.93
C GLU R 10 -75.66 -48.03 -11.66
N VAL R 11 -75.12 -47.65 -10.52
CA VAL R 11 -75.04 -46.26 -10.12
C VAL R 11 -73.80 -45.63 -10.77
N LEU R 12 -74.02 -44.55 -11.51
CA LEU R 12 -72.93 -43.82 -12.16
C LEU R 12 -72.60 -42.55 -11.37
N SER R 13 -72.18 -41.51 -12.09
CA SER R 13 -71.71 -40.28 -11.47
C SER R 13 -72.87 -39.40 -11.00
N VAL R 14 -72.57 -38.56 -10.01
CA VAL R 14 -73.46 -37.50 -9.57
C VAL R 14 -73.61 -36.44 -10.67
N VAL R 15 -74.84 -35.97 -10.85
CA VAL R 15 -75.13 -34.95 -11.85
C VAL R 15 -74.61 -33.58 -11.40
N THR R 16 -73.78 -32.96 -12.24
CA THR R 16 -73.20 -31.66 -11.93
C THR R 16 -74.00 -30.51 -12.55
N GLY R 17 -73.89 -29.33 -11.93
CA GLY R 17 -74.50 -28.12 -12.48
C GLY R 17 -75.42 -27.43 -11.49
N GLU R 18 -76.23 -26.50 -12.00
CA GLU R 18 -77.18 -25.76 -11.20
C GLU R 18 -78.47 -26.56 -10.99
N ASP R 19 -79.05 -26.41 -9.81
CA ASP R 19 -80.35 -27.02 -9.45
C ASP R 19 -80.33 -28.55 -9.45
N SER R 20 -79.16 -29.12 -9.21
CA SER R 20 -79.02 -30.56 -9.05
C SER R 20 -79.34 -30.97 -7.61
N ILE R 21 -79.60 -29.99 -6.74
CA ILE R 21 -79.96 -30.23 -5.34
C ILE R 21 -81.36 -29.71 -5.05
N THR R 22 -82.17 -30.56 -4.40
CA THR R 22 -83.49 -30.15 -3.93
C THR R 22 -83.73 -30.61 -2.48
N GLN R 23 -84.64 -29.93 -1.79
CA GLN R 23 -85.03 -30.26 -0.42
C GLN R 23 -86.53 -30.54 -0.31
N ILE R 24 -86.86 -31.62 0.40
CA ILE R 24 -88.23 -32.05 0.62
C ILE R 24 -88.57 -31.93 2.10
N GLU R 25 -89.56 -31.08 2.40
CA GLU R 25 -90.08 -30.88 3.74
C GLU R 25 -91.44 -31.55 3.91
N LEU R 26 -91.64 -32.24 5.03
CA LEU R 26 -92.97 -32.71 5.41
C LEU R 26 -93.03 -33.11 6.87
N TYR R 27 -94.25 -33.23 7.37
CA TYR R 27 -94.48 -33.79 8.68
C TYR R 27 -95.48 -34.93 8.54
N LEU R 28 -95.42 -35.85 9.48
CA LEU R 28 -96.37 -36.95 9.53
C LEU R 28 -97.02 -36.99 10.92
N ASN R 29 -98.34 -36.89 10.94
CA ASN R 29 -99.09 -36.95 12.18
C ASN R 29 -99.24 -38.40 12.60
N PRO R 30 -99.27 -38.67 13.92
CA PRO R 30 -99.27 -40.06 14.41
C PRO R 30 -100.57 -40.81 14.12
N ARG R 31 -100.45 -42.11 13.86
CA ARG R 31 -101.62 -42.96 13.63
C ARG R 31 -101.71 -44.03 14.73
N MET R 32 -102.21 -43.60 15.88
CA MET R 32 -102.23 -44.44 17.09
C MET R 32 -103.41 -45.40 17.16
N GLY R 33 -104.43 -45.15 16.36
CA GLY R 33 -105.67 -45.94 16.42
C GLY R 33 -106.90 -45.07 16.20
N VAL R 34 -106.91 -43.90 16.84
CA VAL R 34 -107.83 -42.85 16.46
C VAL R 34 -106.99 -41.97 15.53
N ASN R 35 -107.21 -42.13 14.23
CA ASN R 35 -106.28 -41.66 13.19
C ASN R 35 -106.62 -40.34 12.51
N SER R 36 -107.86 -39.89 12.69
CA SER R 36 -108.32 -38.65 12.10
C SER R 36 -108.76 -37.68 13.19
N PRO R 37 -108.51 -36.37 12.98
CA PRO R 37 -109.04 -35.32 13.83
C PRO R 37 -110.40 -34.81 13.35
N ASP R 38 -110.91 -35.38 12.26
CA ASP R 38 -112.07 -34.81 11.55
C ASP R 38 -113.38 -35.60 11.71
N LEU R 39 -113.50 -36.38 12.77
CA LEU R 39 -114.73 -37.12 13.04
C LEU R 39 -115.30 -36.67 14.39
N PRO R 40 -116.20 -35.66 14.37
CA PRO R 40 -116.65 -34.92 15.57
C PRO R 40 -116.96 -35.78 16.80
N THR R 41 -117.53 -36.97 16.57
CA THR R 41 -117.98 -37.84 17.67
C THR R 41 -116.87 -38.69 18.32
N THR R 42 -115.77 -38.93 17.60
CA THR R 42 -114.71 -39.83 18.08
C THR R 42 -113.30 -39.19 18.15
N SER R 43 -113.15 -38.02 17.52
CA SER R 43 -111.84 -37.42 17.31
C SER R 43 -111.18 -36.77 18.53
N ASN R 44 -111.89 -36.69 19.65
CA ASN R 44 -111.28 -36.20 20.88
C ASN R 44 -110.05 -37.02 21.30
N TRP R 45 -109.99 -38.27 20.85
CA TRP R 45 -108.88 -39.16 21.17
C TRP R 45 -107.80 -39.30 20.09
N TYR R 46 -107.85 -38.39 19.12
CA TYR R 46 -106.82 -38.31 18.09
C TYR R 46 -105.41 -38.21 18.70
N THR R 47 -104.51 -39.07 18.22
CA THR R 47 -103.11 -39.27 18.70
C THR R 47 -103.02 -40.24 19.89
N TYR R 48 -104.14 -40.90 20.19
CA TYR R 48 -104.19 -41.90 21.26
C TYR R 48 -104.84 -43.16 20.76
N THR R 49 -104.58 -44.24 21.47
CA THR R 49 -105.38 -45.46 21.37
C THR R 49 -106.62 -45.32 22.26
N TYR R 50 -107.50 -46.31 22.19
CA TYR R 50 -108.48 -46.50 23.25
C TYR R 50 -107.81 -47.27 24.41
N ASP R 51 -108.61 -47.71 25.37
CA ASP R 51 -108.06 -48.30 26.57
C ASP R 51 -107.53 -49.70 26.28
N LEU R 52 -106.28 -49.93 26.65
CA LEU R 52 -105.61 -51.20 26.38
C LEU R 52 -105.74 -52.10 27.58
N GLN R 53 -106.31 -53.29 27.36
CA GLN R 53 -106.56 -54.24 28.44
C GLN R 53 -106.38 -55.69 27.98
N PRO R 54 -105.79 -56.54 28.83
CA PRO R 54 -105.94 -58.00 28.61
C PRO R 54 -107.41 -58.40 28.75
N LYS R 55 -107.94 -59.14 27.79
CA LYS R 55 -109.37 -59.51 27.75
C LYS R 55 -109.76 -60.38 28.94
N GLY R 56 -108.88 -61.30 29.32
CA GLY R 56 -109.13 -62.19 30.45
C GLY R 56 -109.58 -63.57 30.02
N SER R 57 -110.00 -63.68 28.75
CA SER R 57 -110.38 -64.96 28.16
C SER R 57 -109.91 -65.00 26.71
N SER R 58 -109.76 -66.21 26.18
N SER R 58 -109.72 -66.21 26.18
CA SER R 58 -109.31 -66.43 24.81
CA SER R 58 -109.27 -66.37 24.80
C SER R 58 -110.49 -66.32 23.84
C SER R 58 -110.46 -66.33 23.85
N PRO R 59 -110.25 -65.80 22.63
CA PRO R 59 -109.01 -65.18 22.12
C PRO R 59 -109.04 -63.66 22.21
N ASP R 60 -107.89 -63.02 22.01
CA ASP R 60 -107.81 -61.58 21.92
C ASP R 60 -108.40 -61.18 20.56
N GLN R 61 -109.18 -60.11 20.58
CA GLN R 61 -109.89 -59.61 19.41
C GLN R 61 -109.75 -58.09 19.47
N PRO R 62 -108.52 -57.58 19.22
CA PRO R 62 -108.30 -56.15 19.40
C PRO R 62 -109.16 -55.30 18.46
N ILE R 63 -109.53 -54.12 18.94
CA ILE R 63 -110.20 -53.15 18.10
C ILE R 63 -109.14 -52.32 17.36
N LYS R 64 -109.52 -51.79 16.20
CA LYS R 64 -108.61 -50.99 15.39
C LYS R 64 -108.09 -49.75 16.12
N GLU R 65 -108.86 -49.27 17.10
CA GLU R 65 -108.46 -48.10 17.90
C GLU R 65 -107.33 -48.44 18.86
N ASN R 66 -107.04 -49.73 19.00
CA ASN R 66 -105.99 -50.19 19.91
C ASN R 66 -104.76 -50.74 19.16
N LEU R 67 -104.67 -50.39 17.88
CA LEU R 67 -103.60 -50.82 17.02
C LEU R 67 -102.82 -49.66 16.38
N PRO R 68 -101.88 -49.05 17.14
CA PRO R 68 -100.98 -48.07 16.53
C PRO R 68 -100.31 -48.60 15.25
N ALA R 69 -100.27 -47.76 14.23
CA ALA R 69 -99.78 -48.15 12.92
C ALA R 69 -98.70 -47.18 12.46
N TYR R 70 -97.91 -47.60 11.46
CA TYR R 70 -96.89 -46.73 10.89
C TYR R 70 -97.50 -45.57 10.10
N SER R 71 -96.90 -44.40 10.25
CA SER R 71 -97.16 -43.27 9.37
C SER R 71 -96.34 -43.45 8.09
N VAL R 72 -96.92 -43.09 6.96
CA VAL R 72 -96.17 -43.13 5.70
C VAL R 72 -96.70 -42.15 4.67
N ALA R 73 -95.78 -41.49 3.97
CA ALA R 73 -96.13 -40.66 2.81
C ALA R 73 -95.19 -40.98 1.66
N ARG R 74 -95.71 -40.89 0.45
CA ARG R 74 -94.87 -40.87 -0.75
C ARG R 74 -94.90 -39.46 -1.32
N VAL R 75 -93.75 -38.81 -1.41
CA VAL R 75 -93.65 -37.46 -1.98
C VAL R 75 -93.15 -37.56 -3.40
N SER R 76 -93.95 -36.99 -4.32
CA SER R 76 -93.59 -36.89 -5.73
C SER R 76 -92.48 -35.86 -5.94
N LEU R 77 -91.45 -36.27 -6.65
CA LEU R 77 -90.30 -35.42 -6.90
C LEU R 77 -90.35 -34.79 -8.29
N PRO R 78 -89.62 -33.67 -8.49
CA PRO R 78 -89.54 -33.10 -9.84
C PRO R 78 -89.09 -34.15 -10.86
N MET R 79 -89.86 -34.26 -11.95
CA MET R 79 -89.56 -35.19 -13.04
C MET R 79 -88.20 -34.87 -13.65
N LEU R 80 -87.44 -35.92 -13.94
CA LEU R 80 -86.05 -35.76 -14.35
C LEU R 80 -85.76 -36.20 -15.78
N ASN R 81 -86.62 -37.08 -16.30
CA ASN R 81 -86.37 -37.71 -17.59
C ASN R 81 -87.56 -37.56 -18.55
N GLU R 82 -87.44 -36.59 -19.45
CA GLU R 82 -88.50 -36.39 -20.43
C GLU R 82 -88.41 -37.43 -21.52
N ASP R 83 -87.20 -37.89 -21.80
CA ASP R 83 -86.95 -38.91 -22.80
C ASP R 83 -85.80 -39.80 -22.32
N ILE R 84 -85.99 -41.11 -22.45
CA ILE R 84 -84.94 -42.07 -22.11
C ILE R 84 -84.65 -42.93 -23.32
N THR R 85 -83.50 -42.68 -23.96
CA THR R 85 -83.18 -43.26 -25.26
C THR R 85 -82.71 -44.71 -25.16
N CYS R 86 -82.00 -45.04 -24.09
CA CYS R 86 -81.55 -46.41 -23.84
C CYS R 86 -81.90 -46.84 -22.42
N ASP R 87 -80.88 -47.21 -21.63
CA ASP R 87 -81.11 -47.67 -20.27
C ASP R 87 -80.61 -46.70 -19.19
N THR R 88 -79.95 -45.62 -19.63
CA THR R 88 -79.39 -44.63 -18.69
C THR R 88 -80.42 -43.55 -18.35
N LEU R 89 -80.48 -43.17 -17.07
CA LEU R 89 -81.41 -42.15 -16.61
C LEU R 89 -80.96 -41.49 -15.30
N GLN R 90 -81.58 -40.35 -15.00
CA GLN R 90 -81.32 -39.67 -13.74
C GLN R 90 -82.36 -40.08 -12.69
N MET R 91 -81.91 -40.24 -11.46
CA MET R 91 -82.78 -40.48 -10.32
C MET R 91 -82.37 -39.54 -9.20
N TRP R 92 -83.34 -39.12 -8.39
CA TRP R 92 -83.02 -38.39 -7.17
C TRP R 92 -82.46 -39.36 -6.14
N GLU R 93 -81.39 -38.93 -5.47
CA GLU R 93 -80.73 -39.74 -4.46
C GLU R 93 -80.79 -39.01 -3.12
N ALA R 94 -81.44 -39.62 -2.13
CA ALA R 94 -81.54 -39.04 -0.81
C ALA R 94 -80.18 -39.15 -0.11
N ILE R 95 -79.65 -38.03 0.38
CA ILE R 95 -78.27 -38.02 0.90
C ILE R 95 -78.17 -37.65 2.37
N SER R 96 -79.15 -36.90 2.87
CA SER R 96 -79.24 -36.55 4.28
C SER R 96 -80.67 -36.25 4.69
N VAL R 97 -80.93 -36.24 6.00
CA VAL R 97 -82.23 -35.88 6.55
C VAL R 97 -82.08 -35.24 7.93
N LYS R 98 -82.73 -34.10 8.13
CA LYS R 98 -82.97 -33.63 9.48
C LYS R 98 -84.39 -34.06 9.85
N THR R 99 -84.53 -34.76 10.97
CA THR R 99 -85.83 -35.22 11.43
C THR R 99 -86.01 -34.91 12.92
N GLU R 100 -87.24 -34.72 13.34
CA GLU R 100 -87.48 -34.29 14.70
C GLU R 100 -88.87 -34.71 15.17
N VAL R 101 -88.94 -35.29 16.35
CA VAL R 101 -90.25 -35.56 16.96
C VAL R 101 -90.81 -34.24 17.50
N VAL R 102 -92.01 -33.90 17.04
CA VAL R 102 -92.62 -32.62 17.35
C VAL R 102 -93.57 -32.73 18.54
N GLY R 103 -93.65 -31.67 19.34
CA GLY R 103 -94.59 -31.61 20.46
C GLY R 103 -94.12 -32.31 21.73
N ILE R 104 -92.81 -32.54 21.84
CA ILE R 104 -92.23 -33.20 23.01
C ILE R 104 -92.56 -32.45 24.31
N SER R 105 -92.44 -31.12 24.27
CA SER R 105 -92.73 -30.28 25.42
C SER R 105 -94.13 -30.51 26.00
N SER R 106 -95.11 -30.81 25.16
CA SER R 106 -96.50 -31.05 25.59
C SER R 106 -96.60 -32.09 26.71
N LEU R 107 -95.62 -32.98 26.79
CA LEU R 107 -95.63 -34.06 27.76
C LEU R 107 -95.26 -33.63 29.20
N ILE R 108 -94.99 -32.34 29.42
CA ILE R 108 -94.83 -31.86 30.80
C ILE R 108 -96.18 -31.63 31.51
N ASN R 109 -97.28 -31.74 30.75
CA ASN R 109 -98.61 -31.61 31.30
C ASN R 109 -98.87 -32.79 32.24
N VAL R 110 -99.00 -32.50 33.53
CA VAL R 110 -99.31 -33.53 34.54
C VAL R 110 -100.62 -33.21 35.27
N HIS R 111 -101.54 -32.58 34.53
CA HIS R 111 -102.82 -32.12 35.07
C HIS R 111 -103.95 -32.30 34.04
N TYR R 112 -103.83 -33.36 33.23
CA TYR R 112 -104.93 -33.84 32.43
C TYR R 112 -106.09 -34.14 33.39
N TRP R 113 -107.30 -33.80 33.00
CA TRP R 113 -108.43 -33.76 33.92
C TRP R 113 -108.77 -35.12 34.53
N ASP R 114 -108.60 -36.19 33.76
CA ASP R 114 -108.82 -37.56 34.24
C ASP R 114 -107.51 -38.33 34.42
N MET R 115 -106.48 -37.64 34.88
CA MET R 115 -105.17 -38.28 35.04
C MET R 115 -105.06 -39.01 36.38
N LYS R 116 -104.66 -40.29 36.35
CA LYS R 116 -104.30 -41.00 37.58
C LYS R 116 -103.17 -40.25 38.29
N ARG R 117 -103.28 -40.12 39.60
CA ARG R 117 -102.28 -39.41 40.37
C ARG R 117 -101.17 -40.35 40.85
N VAL R 118 -99.97 -39.80 41.07
N VAL R 118 -99.97 -39.80 41.03
CA VAL R 118 -98.83 -40.57 41.57
CA VAL R 118 -98.86 -40.59 41.57
C VAL R 118 -99.03 -40.99 43.03
C VAL R 118 -99.22 -41.09 42.97
N HIS R 119 -99.81 -40.20 43.77
CA HIS R 119 -100.28 -40.53 45.12
C HIS R 119 -101.42 -39.56 45.46
N ASP R 120 -102.08 -39.76 46.62
CA ASP R 120 -103.16 -38.87 47.06
C ASP R 120 -102.72 -37.40 47.09
N TYR R 121 -103.51 -36.55 46.44
CA TYR R 121 -103.31 -35.09 46.37
C TYR R 121 -102.17 -34.65 45.45
N GLY R 122 -101.57 -35.61 44.75
CA GLY R 122 -100.41 -35.33 43.89
C GLY R 122 -100.76 -34.95 42.45
N ALA R 123 -99.73 -34.63 41.68
CA ALA R 123 -99.88 -34.41 40.25
C ALA R 123 -100.22 -35.71 39.55
N GLY R 124 -100.55 -35.64 38.25
CA GLY R 124 -100.82 -36.84 37.47
C GLY R 124 -99.56 -37.60 37.13
N ILE R 125 -99.67 -38.90 36.91
CA ILE R 125 -98.54 -39.67 36.35
C ILE R 125 -98.31 -39.17 34.92
N PRO R 126 -97.09 -38.69 34.63
CA PRO R 126 -96.80 -38.15 33.29
C PRO R 126 -96.79 -39.26 32.24
N VAL R 127 -97.02 -38.88 30.98
CA VAL R 127 -96.98 -39.82 29.87
C VAL R 127 -95.62 -40.49 29.98
N SER R 128 -95.64 -41.78 30.26
N SER R 128 -95.63 -41.78 30.29
CA SER R 128 -94.42 -42.57 30.43
CA SER R 128 -94.42 -42.57 30.48
C SER R 128 -94.73 -44.01 30.06
C SER R 128 -94.73 -44.01 30.10
N GLY R 129 -93.69 -44.84 30.03
CA GLY R 129 -93.85 -46.26 29.77
C GLY R 129 -93.32 -46.72 28.42
N VAL R 130 -94.16 -47.43 27.69
CA VAL R 130 -93.76 -48.01 26.42
C VAL R 130 -93.50 -46.93 25.37
N ASN R 131 -92.26 -46.88 24.89
CA ASN R 131 -91.89 -46.07 23.73
C ASN R 131 -91.48 -46.95 22.56
N TYR R 132 -91.80 -46.49 21.36
CA TYR R 132 -91.35 -47.12 20.13
C TYR R 132 -91.12 -45.99 19.14
N HIS R 133 -89.87 -45.86 18.67
CA HIS R 133 -89.50 -44.79 17.74
C HIS R 133 -88.74 -45.31 16.54
N MET R 134 -89.21 -44.97 15.36
CA MET R 134 -88.52 -45.35 14.12
C MET R 134 -88.82 -44.36 13.01
N PHE R 135 -87.83 -44.08 12.18
CA PHE R 135 -88.08 -43.39 10.91
C PHE R 135 -87.31 -44.10 9.82
N ALA R 136 -87.76 -43.90 8.59
CA ALA R 136 -87.15 -44.48 7.42
C ALA R 136 -87.31 -43.53 6.23
N ILE R 137 -86.27 -43.50 5.42
CA ILE R 137 -86.25 -42.76 4.17
C ILE R 137 -85.85 -43.79 3.11
N GLY R 138 -86.64 -43.85 2.04
CA GLY R 138 -86.37 -44.81 0.97
C GLY R 138 -86.81 -44.32 -0.40
N GLY R 139 -86.36 -45.04 -1.44
CA GLY R 139 -86.73 -44.73 -2.82
C GLY R 139 -87.81 -45.67 -3.33
N GLU R 140 -88.40 -46.42 -2.39
CA GLU R 140 -89.50 -47.35 -2.65
C GLU R 140 -90.12 -47.65 -1.27
N PRO R 141 -91.31 -48.31 -1.23
CA PRO R 141 -91.92 -48.68 0.05
C PRO R 141 -90.98 -49.45 1.00
N LEU R 142 -91.10 -49.17 2.29
CA LEU R 142 -90.36 -49.93 3.31
C LEU R 142 -90.84 -51.37 3.24
N ASP R 143 -89.89 -52.31 3.20
CA ASP R 143 -90.24 -53.73 3.26
C ASP R 143 -90.52 -54.13 4.71
N LEU R 144 -91.60 -54.88 4.92
CA LEU R 144 -92.00 -55.27 6.28
C LEU R 144 -91.94 -56.77 6.52
N GLN R 145 -91.60 -57.14 7.75
CA GLN R 145 -91.65 -58.51 8.21
C GLN R 145 -92.71 -58.61 9.29
N GLY R 146 -93.51 -59.67 9.21
CA GLY R 146 -94.57 -59.91 10.18
C GLY R 146 -94.13 -60.86 11.28
N LEU R 147 -94.38 -60.45 12.52
CA LEU R 147 -94.10 -61.27 13.69
C LEU R 147 -94.99 -60.75 14.82
N VAL R 148 -95.70 -61.66 15.48
CA VAL R 148 -96.63 -61.29 16.55
C VAL R 148 -96.31 -62.00 17.87
N LEU R 149 -96.66 -61.34 18.96
CA LEU R 149 -96.55 -61.91 20.30
C LEU R 149 -97.35 -63.20 20.43
N ASP R 150 -98.53 -63.22 19.83
CA ASP R 150 -99.48 -64.30 19.98
C ASP R 150 -100.17 -64.59 18.63
N TYR R 151 -99.87 -65.75 18.04
CA TYR R 151 -100.43 -66.12 16.74
C TYR R 151 -101.94 -66.34 16.76
N GLN R 152 -102.49 -66.55 17.96
CA GLN R 152 -103.93 -66.75 18.14
C GLN R 152 -104.72 -65.45 18.19
N THR R 153 -104.02 -64.31 18.15
CA THR R 153 -104.67 -63.00 18.13
C THR R 153 -105.58 -62.89 16.88
N GLN R 154 -106.82 -62.46 17.10
CA GLN R 154 -107.77 -62.25 16.00
C GLN R 154 -107.87 -60.77 15.69
N TYR R 155 -107.05 -60.31 14.75
CA TYR R 155 -107.06 -58.90 14.33
C TYR R 155 -108.32 -58.61 13.49
N PRO R 156 -108.78 -57.34 13.47
CA PRO R 156 -109.96 -56.99 12.66
C PRO R 156 -109.71 -57.24 11.18
N LYS R 157 -110.71 -57.75 10.47
CA LYS R 157 -110.54 -58.09 9.05
C LYS R 157 -110.40 -56.86 8.16
N THR R 158 -109.58 -56.98 7.13
CA THR R 158 -109.45 -55.92 6.12
C THR R 158 -110.68 -55.91 5.21
N GLY R 162 -109.88 -51.47 6.89
CA GLY R 162 -109.30 -52.04 8.11
C GLY R 162 -107.78 -52.19 8.06
N PRO R 163 -107.17 -52.75 9.13
CA PRO R 163 -105.72 -52.91 9.16
C PRO R 163 -105.26 -54.13 8.37
N ILE R 164 -104.04 -54.07 7.85
CA ILE R 164 -103.46 -55.18 7.10
C ILE R 164 -102.52 -55.95 8.03
N THR R 165 -102.76 -57.25 8.15
CA THR R 165 -102.04 -58.09 9.10
C THR R 165 -101.59 -59.39 8.42
N ILE R 166 -100.93 -60.28 9.15
CA ILE R 166 -100.37 -61.50 8.55
C ILE R 166 -101.44 -62.30 7.77
N GLU R 167 -102.58 -62.56 8.41
CA GLU R 167 -103.70 -63.24 7.77
C GLU R 167 -104.13 -62.55 6.46
N THR R 168 -104.17 -61.22 6.47
CA THR R 168 -104.49 -60.45 5.26
C THR R 168 -103.59 -60.83 4.09
N VAL R 169 -102.28 -60.91 4.33
N VAL R 169 -102.28 -60.85 4.32
CA VAL R 169 -101.30 -61.16 3.27
CA VAL R 169 -101.31 -61.17 3.28
C VAL R 169 -101.05 -62.64 2.98
C VAL R 169 -101.34 -62.66 2.91
N LEU R 170 -101.34 -63.52 3.93
CA LEU R 170 -101.24 -64.97 3.72
C LEU R 170 -102.51 -65.58 3.10
N GLY R 171 -103.65 -64.88 3.24
CA GLY R 171 -104.93 -65.39 2.76
C GLY R 171 -105.45 -66.57 3.58
N ARG R 172 -104.91 -66.74 4.80
CA ARG R 172 -105.28 -67.81 5.72
C ARG R 172 -104.82 -67.47 7.14
N LYS R 173 -105.40 -68.16 8.13
CA LYS R 173 -105.03 -67.98 9.55
C LYS R 173 -103.53 -68.09 9.82
N MET R 174 -103.05 -67.33 10.80
CA MET R 174 -101.70 -67.50 11.33
C MET R 174 -101.54 -68.87 12.00
N THR R 175 -100.30 -69.35 12.06
CA THR R 175 -99.96 -70.58 12.77
C THR R 175 -98.90 -70.24 13.82
N PRO R 176 -98.45 -71.23 14.62
CA PRO R 176 -97.38 -70.97 15.60
C PRO R 176 -96.12 -70.32 15.00
N LYS R 177 -95.83 -70.62 13.72
CA LYS R 177 -94.73 -70.00 12.94
C LYS R 177 -94.61 -68.49 13.11
N ASN R 178 -95.76 -67.83 13.23
CA ASN R 178 -95.84 -66.37 13.17
C ASN R 178 -95.49 -65.68 14.47
N GLN R 179 -95.17 -66.47 15.50
CA GLN R 179 -94.56 -65.94 16.72
C GLN R 179 -93.04 -65.84 16.52
N GLY R 180 -92.55 -66.55 15.50
CA GLY R 180 -91.17 -66.42 15.04
C GLY R 180 -91.12 -65.76 13.67
N LEU R 181 -89.99 -65.93 12.98
CA LEU R 181 -89.83 -65.35 11.64
C LEU R 181 -90.33 -66.32 10.57
N ASP R 182 -91.46 -65.97 9.96
CA ASP R 182 -92.02 -66.72 8.82
C ASP R 182 -91.71 -65.92 7.56
N PRO R 183 -90.92 -66.50 6.62
CA PRO R 183 -90.54 -65.77 5.39
C PRO R 183 -91.70 -65.44 4.44
N GLN R 184 -92.86 -66.08 4.64
CA GLN R 184 -94.05 -65.75 3.88
C GLN R 184 -94.80 -64.55 4.44
N ALA R 185 -94.54 -64.23 5.70
CA ALA R 185 -95.20 -63.08 6.34
C ALA R 185 -94.44 -61.80 6.01
N LYS R 186 -94.62 -61.33 4.77
CA LYS R 186 -93.96 -60.14 4.26
C LYS R 186 -94.97 -59.20 3.60
N ALA R 187 -94.78 -57.92 3.83
CA ALA R 187 -95.58 -56.87 3.20
C ALA R 187 -94.71 -55.66 2.84
N LYS R 188 -95.30 -54.70 2.11
CA LYS R 188 -94.66 -53.42 1.83
C LYS R 188 -95.49 -52.32 2.50
N LEU R 189 -94.82 -51.41 3.20
CA LEU R 189 -95.50 -50.29 3.84
C LEU R 189 -96.04 -49.29 2.82
N ASP R 190 -97.20 -49.60 2.26
CA ASP R 190 -97.76 -48.79 1.17
C ASP R 190 -98.96 -47.90 1.53
N LYS R 191 -99.47 -48.00 2.76
CA LYS R 191 -100.60 -47.17 3.19
C LYS R 191 -100.46 -46.60 4.59
N ASP R 192 -100.71 -45.28 4.71
CA ASP R 192 -100.61 -44.59 5.98
C ASP R 192 -101.66 -45.09 6.97
N GLY R 193 -101.21 -45.42 8.17
CA GLY R 193 -102.12 -45.79 9.25
C GLY R 193 -102.83 -47.12 9.13
N ASN R 194 -102.32 -48.01 8.27
CA ASN R 194 -102.97 -49.30 7.99
C ASN R 194 -102.18 -50.53 8.44
N TYR R 195 -100.88 -50.38 8.72
CA TYR R 195 -100.02 -51.51 9.12
C TYR R 195 -99.68 -51.42 10.61
N PRO R 196 -100.33 -52.26 11.43
CA PRO R 196 -100.09 -52.26 12.88
C PRO R 196 -98.61 -52.47 13.26
N ILE R 197 -98.14 -51.61 14.15
CA ILE R 197 -96.80 -51.70 14.71
C ILE R 197 -96.54 -53.05 15.39
N GLU R 198 -97.52 -53.57 16.14
CA GLU R 198 -97.32 -54.81 16.90
C GLU R 198 -97.28 -56.06 16.01
N VAL R 199 -97.60 -55.88 14.73
CA VAL R 199 -97.60 -56.97 13.75
C VAL R 199 -96.39 -56.88 12.79
N TRP R 200 -96.05 -55.67 12.38
CA TRP R 200 -95.02 -55.45 11.34
C TRP R 200 -93.78 -54.68 11.83
N CYS R 201 -92.61 -55.20 11.48
CA CYS R 201 -91.35 -54.52 11.71
C CYS R 201 -90.57 -54.42 10.39
N PRO R 202 -89.55 -53.53 10.30
CA PRO R 202 -88.80 -53.46 9.05
C PRO R 202 -88.12 -54.80 8.72
N ASP R 203 -88.10 -55.16 7.46
CA ASP R 203 -87.47 -56.41 7.04
C ASP R 203 -85.99 -56.18 6.71
N PRO R 204 -85.07 -56.69 7.57
CA PRO R 204 -83.63 -56.48 7.36
C PRO R 204 -83.10 -57.31 6.19
N SER R 205 -83.87 -58.30 5.75
CA SER R 205 -83.49 -59.14 4.62
C SER R 205 -83.78 -58.46 3.28
N LYS R 206 -84.46 -57.31 3.32
CA LYS R 206 -84.65 -56.51 2.11
C LYS R 206 -84.19 -55.09 2.40
N ASN R 207 -85.04 -54.10 2.08
CA ASN R 207 -84.75 -52.69 2.31
C ASN R 207 -83.39 -52.17 1.82
N GLU R 208 -82.89 -52.75 0.73
CA GLU R 208 -81.60 -52.34 0.15
C GLU R 208 -81.62 -50.85 -0.22
N ASN R 209 -82.79 -50.37 -0.60
CA ASN R 209 -82.95 -49.02 -1.10
C ASN R 209 -83.67 -48.10 -0.12
N SER R 210 -83.63 -48.46 1.17
CA SER R 210 -84.13 -47.59 2.22
C SER R 210 -83.15 -47.55 3.36
N ARG R 211 -83.18 -46.47 4.15
CA ARG R 211 -82.48 -46.43 5.43
C ARG R 211 -83.49 -46.36 6.57
N TYR R 212 -83.38 -47.25 7.56
CA TYR R 212 -84.27 -47.14 8.74
C TYR R 212 -83.53 -47.19 10.07
N TYR R 213 -84.09 -46.49 11.05
CA TYR R 213 -83.48 -46.38 12.38
C TYR R 213 -84.60 -46.49 13.40
N GLY R 214 -84.44 -47.38 14.37
CA GLY R 214 -85.52 -47.67 15.29
C GLY R 214 -85.07 -48.08 16.67
N SER R 215 -85.98 -47.94 17.63
CA SER R 215 -85.76 -48.39 19.01
C SER R 215 -87.09 -48.71 19.69
N ILE R 216 -87.01 -49.57 20.70
CA ILE R 216 -88.13 -49.83 21.62
C ILE R 216 -87.68 -49.62 23.07
N GLN R 217 -88.65 -49.36 23.94
CA GLN R 217 -88.48 -49.28 25.38
C GLN R 217 -89.77 -49.82 25.98
N THR R 218 -89.67 -50.90 26.74
CA THR R 218 -90.84 -51.47 27.44
C THR R 218 -90.82 -51.07 28.91
N GLY R 219 -91.71 -51.67 29.71
CA GLY R 219 -91.93 -51.21 31.08
C GLY R 219 -93.19 -50.34 31.09
N SER R 220 -93.83 -50.22 32.26
CA SER R 220 -95.12 -49.54 32.36
C SER R 220 -95.03 -48.03 32.63
N GLN R 221 -94.08 -47.64 33.48
CA GLN R 221 -93.90 -46.22 33.80
C GLN R 221 -92.48 -45.75 33.52
N THR R 222 -91.75 -46.50 32.71
CA THR R 222 -90.40 -46.13 32.25
C THR R 222 -90.38 -44.68 31.75
N PRO R 223 -89.42 -43.88 32.24
CA PRO R 223 -89.32 -42.50 31.78
C PRO R 223 -89.22 -42.40 30.27
N THR R 224 -90.03 -41.52 29.71
CA THR R 224 -89.90 -41.13 28.32
C THR R 224 -88.77 -40.08 28.26
N VAL R 225 -87.69 -40.45 27.57
CA VAL R 225 -86.50 -39.61 27.44
C VAL R 225 -86.24 -39.32 25.95
N LEU R 226 -86.44 -38.08 25.55
CA LEU R 226 -86.34 -37.70 24.15
C LEU R 226 -85.54 -36.42 24.00
N GLN R 227 -84.83 -36.28 22.87
CA GLN R 227 -84.07 -35.07 22.54
C GLN R 227 -84.61 -34.40 21.29
N PHE R 228 -84.46 -33.08 21.23
CA PHE R 228 -84.82 -32.33 20.05
C PHE R 228 -83.81 -31.23 19.78
N SER R 229 -83.34 -31.18 18.54
CA SER R 229 -82.40 -30.14 18.10
C SER R 229 -82.36 -30.05 16.59
N ASN R 230 -82.33 -28.80 16.09
CA ASN R 230 -82.29 -28.57 14.65
C ASN R 230 -80.87 -28.64 14.07
N THR R 231 -79.92 -29.10 14.87
CA THR R 231 -78.51 -29.20 14.44
C THR R 231 -78.15 -30.64 14.08
N LEU R 232 -79.09 -31.55 14.27
CA LEU R 232 -78.84 -32.98 14.10
C LEU R 232 -79.17 -33.44 12.70
N THR R 233 -78.17 -33.91 11.97
CA THR R 233 -78.34 -34.39 10.62
C THR R 233 -77.98 -35.87 10.52
N THR R 234 -78.79 -36.62 9.79
CA THR R 234 -78.52 -38.04 9.53
C THR R 234 -78.09 -38.21 8.07
N VAL R 235 -76.90 -38.75 7.88
CA VAL R 235 -76.36 -39.01 6.56
C VAL R 235 -76.97 -40.32 6.05
N LEU R 236 -77.55 -40.27 4.86
CA LEU R 236 -78.26 -41.43 4.32
C LEU R 236 -77.44 -42.30 3.39
N LEU R 237 -76.20 -41.88 3.15
CA LEU R 237 -75.32 -42.59 2.24
C LEU R 237 -74.89 -43.93 2.82
N ASP R 238 -74.88 -44.97 1.98
CA ASP R 238 -74.37 -46.28 2.39
C ASP R 238 -72.83 -46.35 2.42
N GLU R 239 -72.32 -47.57 2.58
CA GLU R 239 -70.88 -47.83 2.65
C GLU R 239 -70.12 -47.42 1.38
N ASN R 240 -70.82 -47.44 0.24
CA ASN R 240 -70.25 -47.01 -1.05
C ASN R 240 -70.56 -45.55 -1.40
N GLY R 241 -71.12 -44.79 -0.45
CA GLY R 241 -71.46 -43.39 -0.67
C GLY R 241 -72.68 -43.16 -1.56
N VAL R 242 -73.66 -44.07 -1.47
CA VAL R 242 -74.87 -44.03 -2.28
C VAL R 242 -76.10 -44.03 -1.38
N GLY R 243 -76.95 -43.02 -1.53
CA GLY R 243 -78.18 -42.95 -0.75
C GLY R 243 -79.30 -43.64 -1.49
N PRO R 244 -80.47 -43.82 -0.81
CA PRO R 244 -81.65 -44.39 -1.47
C PRO R 244 -81.92 -43.70 -2.81
N LEU R 245 -82.20 -44.49 -3.84
CA LEU R 245 -82.51 -43.98 -5.17
C LEU R 245 -84.02 -44.07 -5.46
N CYS R 246 -84.63 -42.92 -5.74
CA CYS R 246 -86.09 -42.82 -5.88
C CYS R 246 -86.58 -43.29 -7.24
N LYS R 247 -86.95 -44.57 -7.31
CA LYS R 247 -87.40 -45.17 -8.57
C LYS R 247 -88.82 -44.72 -8.87
N GLY R 248 -89.01 -44.11 -10.03
CA GLY R 248 -90.31 -43.54 -10.38
C GLY R 248 -90.53 -42.16 -9.79
N ASP R 249 -89.44 -41.55 -9.31
CA ASP R 249 -89.44 -40.17 -8.82
C ASP R 249 -90.34 -39.96 -7.60
N GLY R 250 -90.34 -40.96 -6.70
CA GLY R 250 -91.08 -40.89 -5.44
C GLY R 250 -90.18 -41.13 -4.23
N LEU R 251 -90.25 -40.22 -3.26
CA LEU R 251 -89.54 -40.36 -2.00
C LEU R 251 -90.46 -40.91 -0.89
N PHE R 252 -90.08 -42.05 -0.33
CA PHE R 252 -90.88 -42.72 0.69
C PHE R 252 -90.42 -42.36 2.09
N ILE R 253 -91.35 -41.91 2.91
CA ILE R 253 -91.03 -41.49 4.27
C ILE R 253 -91.98 -42.19 5.23
N SER R 254 -91.42 -42.85 6.25
CA SER R 254 -92.19 -43.70 7.15
C SER R 254 -91.72 -43.44 8.56
N CYS R 255 -92.64 -43.48 9.52
CA CYS R 255 -92.25 -43.41 10.93
C CYS R 255 -93.28 -43.98 11.91
N ALA R 256 -92.86 -44.07 13.17
CA ALA R 256 -93.73 -44.39 14.30
C ALA R 256 -93.12 -43.74 15.51
N ASP R 257 -93.93 -43.06 16.32
CA ASP R 257 -93.41 -42.42 17.55
C ASP R 257 -94.33 -42.55 18.77
N ILE R 258 -94.35 -43.75 19.34
CA ILE R 258 -95.13 -43.97 20.55
C ILE R 258 -94.32 -43.43 21.73
N VAL R 259 -94.94 -42.55 22.51
CA VAL R 259 -94.21 -41.85 23.57
C VAL R 259 -94.64 -42.20 25.02
N GLY R 260 -95.48 -43.23 25.18
CA GLY R 260 -95.89 -43.70 26.50
C GLY R 260 -97.39 -43.76 26.68
N PHE R 261 -97.80 -44.12 27.91
CA PHE R 261 -99.20 -44.23 28.30
C PHE R 261 -99.77 -42.96 28.93
N LEU R 262 -100.99 -42.62 28.54
CA LEU R 262 -101.83 -41.74 29.34
C LEU R 262 -102.52 -42.61 30.42
N PHE R 263 -102.18 -42.33 31.67
CA PHE R 263 -102.75 -43.04 32.80
C PHE R 263 -103.99 -42.31 33.29
N LYS R 264 -105.14 -42.99 33.19
CA LYS R 264 -106.41 -42.41 33.57
C LYS R 264 -106.81 -42.85 34.98
N THR R 265 -107.63 -42.04 35.65
CA THR R 265 -107.97 -42.21 37.06
C THR R 265 -108.33 -43.65 37.44
N SER R 266 -109.18 -44.28 36.63
CA SER R 266 -109.72 -45.60 36.94
C SER R 266 -108.64 -46.68 36.97
N GLY R 267 -107.51 -46.39 36.32
CA GLY R 267 -106.46 -47.37 36.13
C GLY R 267 -106.27 -47.69 34.66
N LYS R 268 -107.26 -47.29 33.86
CA LYS R 268 -107.22 -47.53 32.44
C LYS R 268 -106.12 -46.73 31.74
N MET R 269 -105.57 -47.33 30.69
CA MET R 269 -104.38 -46.82 30.03
C MET R 269 -104.52 -46.82 28.52
N ALA R 270 -104.08 -45.73 27.90
CA ALA R 270 -104.04 -45.60 26.46
C ALA R 270 -102.65 -45.14 26.05
N LEU R 271 -102.14 -45.71 24.96
CA LEU R 271 -100.87 -45.26 24.37
C LEU R 271 -101.08 -43.96 23.62
N HIS R 272 -100.00 -43.18 23.52
CA HIS R 272 -100.01 -41.86 22.90
C HIS R 272 -98.82 -41.73 21.95
N GLY R 273 -99.00 -40.97 20.87
CA GLY R 273 -97.93 -40.70 19.91
C GLY R 273 -97.78 -39.23 19.60
N LEU R 274 -96.65 -38.89 18.97
CA LEU R 274 -96.36 -37.52 18.55
C LEU R 274 -96.01 -37.49 17.05
N PRO R 275 -96.19 -36.32 16.40
CA PRO R 275 -95.86 -36.21 14.98
C PRO R 275 -94.36 -36.15 14.78
N ARG R 276 -93.92 -36.33 13.53
CA ARG R 276 -92.52 -36.25 13.20
C ARG R 276 -92.33 -35.37 11.99
N TYR R 277 -91.30 -34.54 12.04
CA TYR R 277 -90.95 -33.64 10.93
C TYR R 277 -89.73 -34.16 10.20
N PHE R 278 -89.68 -33.91 8.90
CA PHE R 278 -88.54 -34.31 8.07
C PHE R 278 -88.15 -33.17 7.13
N ASN R 279 -86.84 -33.00 6.95
CA ASN R 279 -86.30 -32.19 5.86
C ASN R 279 -85.23 -33.01 5.16
N VAL R 280 -85.57 -33.57 4.00
CA VAL R 280 -84.66 -34.43 3.25
C VAL R 280 -83.95 -33.63 2.16
N THR R 281 -82.63 -33.84 2.04
CA THR R 281 -81.85 -33.29 0.94
C THR R 281 -81.59 -34.39 -0.09
N LEU R 282 -81.80 -34.06 -1.36
CA LEU R 282 -81.61 -34.99 -2.45
C LEU R 282 -80.77 -34.37 -3.56
N ARG R 283 -80.07 -35.20 -4.31
CA ARG R 283 -79.26 -34.77 -5.43
C ARG R 283 -79.53 -35.68 -6.61
N LYS R 284 -79.28 -35.18 -7.81
CA LYS R 284 -79.47 -35.97 -9.02
C LYS R 284 -78.31 -36.94 -9.22
N ARG R 285 -78.63 -38.15 -9.68
CA ARG R 285 -77.65 -39.22 -9.84
C ARG R 285 -77.91 -39.98 -11.14
N TRP R 286 -76.86 -40.14 -11.95
CA TRP R 286 -76.95 -40.94 -13.15
C TRP R 286 -76.97 -42.42 -12.79
N VAL R 287 -77.94 -43.15 -13.31
CA VAL R 287 -78.01 -44.60 -13.12
C VAL R 287 -78.26 -45.31 -14.45
N LYS R 288 -77.83 -46.56 -14.55
CA LYS R 288 -78.04 -47.38 -15.75
C LYS R 288 -78.95 -48.57 -15.45
N ASN R 289 -79.83 -48.89 -16.40
CA ASN R 289 -80.87 -49.94 -16.31
C ASN R 289 -82.04 -49.61 -15.39
N VAL S 9 -80.69 -13.04 1.99
CA VAL S 9 -79.46 -13.03 2.84
C VAL S 9 -78.33 -13.86 2.23
N GLU S 10 -77.45 -13.20 1.46
CA GLU S 10 -76.25 -13.83 0.93
C GLU S 10 -75.07 -13.57 1.88
N VAL S 11 -74.37 -14.64 2.27
CA VAL S 11 -73.31 -14.57 3.27
C VAL S 11 -71.94 -14.44 2.62
N LEU S 12 -71.24 -13.34 2.93
CA LEU S 12 -69.89 -13.11 2.41
C LEU S 12 -68.82 -13.52 3.43
N SER S 13 -67.67 -12.86 3.36
CA SER S 13 -66.52 -13.24 4.19
C SER S 13 -66.63 -12.74 5.63
N VAL S 14 -65.92 -13.42 6.53
CA VAL S 14 -65.74 -12.97 7.89
C VAL S 14 -64.88 -11.70 7.90
N VAL S 15 -65.32 -10.69 8.65
CA VAL S 15 -64.61 -9.42 8.75
C VAL S 15 -63.27 -9.59 9.48
N THR S 16 -62.23 -8.96 8.97
CA THR S 16 -60.92 -8.96 9.63
C THR S 16 -60.64 -7.58 10.21
N GLY S 17 -59.98 -7.57 11.37
CA GLY S 17 -59.66 -6.32 12.07
C GLY S 17 -59.61 -6.52 13.58
N GLU S 18 -59.05 -5.55 14.29
CA GLU S 18 -58.86 -5.65 15.74
C GLU S 18 -60.13 -6.02 16.49
N ASP S 19 -61.18 -5.23 16.31
CA ASP S 19 -62.39 -5.37 17.13
C ASP S 19 -63.52 -6.12 16.42
N SER S 20 -63.20 -7.24 15.78
CA SER S 20 -64.23 -8.03 15.07
C SER S 20 -64.96 -9.08 15.92
N ILE S 21 -64.39 -9.42 17.08
CA ILE S 21 -64.99 -10.42 17.97
C ILE S 21 -65.48 -9.79 19.28
N THR S 22 -66.68 -10.18 19.71
CA THR S 22 -67.20 -9.75 21.01
C THR S 22 -67.86 -10.90 21.79
N GLN S 23 -67.94 -10.73 23.12
CA GLN S 23 -68.60 -11.69 24.00
C GLN S 23 -69.79 -11.07 24.72
N ILE S 24 -70.87 -11.83 24.82
CA ILE S 24 -72.09 -11.41 25.50
C ILE S 24 -72.39 -12.39 26.64
N GLU S 25 -72.54 -11.86 27.85
CA GLU S 25 -72.88 -12.68 29.02
C GLU S 25 -74.26 -12.29 29.53
N LEU S 26 -75.03 -13.29 29.91
CA LEU S 26 -76.29 -13.06 30.59
C LEU S 26 -76.79 -14.31 31.30
N TYR S 27 -77.79 -14.10 32.16
CA TYR S 27 -78.49 -15.18 32.83
C TYR S 27 -79.98 -14.97 32.69
N LEU S 28 -80.72 -16.06 32.54
CA LEU S 28 -82.17 -16.00 32.55
C LEU S 28 -82.72 -16.75 33.77
N ASN S 29 -83.42 -16.03 34.63
CA ASN S 29 -84.13 -16.63 35.75
C ASN S 29 -85.40 -17.36 35.30
N PRO S 30 -85.74 -18.50 35.97
CA PRO S 30 -86.84 -19.39 35.55
C PRO S 30 -88.23 -18.75 35.63
N ARG S 31 -89.10 -19.14 34.70
CA ARG S 31 -90.46 -18.60 34.62
C ARG S 31 -91.47 -19.74 34.76
N MET S 32 -91.59 -20.23 35.99
CA MET S 32 -92.31 -21.48 36.25
C MET S 32 -93.81 -21.30 36.49
N GLY S 33 -94.23 -20.04 36.66
CA GLY S 33 -95.63 -19.71 36.96
C GLY S 33 -95.72 -18.60 37.98
N VAL S 34 -94.90 -18.71 39.03
CA VAL S 34 -94.68 -17.59 39.95
C VAL S 34 -93.39 -16.94 39.47
N ASN S 35 -93.55 -15.90 38.66
CA ASN S 35 -92.43 -15.41 37.83
C ASN S 35 -91.62 -14.27 38.40
N SER S 36 -92.17 -13.60 39.40
CA SER S 36 -91.47 -12.48 40.02
C SER S 36 -91.19 -12.71 41.50
N PRO S 37 -90.01 -12.23 41.98
CA PRO S 37 -89.67 -12.19 43.41
C PRO S 37 -90.11 -10.87 44.08
N ASP S 38 -90.73 -9.98 43.32
CA ASP S 38 -91.04 -8.61 43.77
C ASP S 38 -92.47 -8.43 44.28
N LEU S 39 -93.25 -9.52 44.24
CA LEU S 39 -94.64 -9.52 44.69
C LEU S 39 -94.72 -9.48 46.21
N PRO S 40 -95.79 -8.89 46.77
CA PRO S 40 -95.83 -8.64 48.22
C PRO S 40 -96.18 -9.88 49.07
N THR S 41 -96.88 -10.84 48.48
CA THR S 41 -97.44 -11.97 49.23
C THR S 41 -97.07 -13.34 48.63
N THR S 42 -97.07 -13.42 47.31
CA THR S 42 -97.01 -14.70 46.61
C THR S 42 -95.60 -15.13 46.19
N SER S 43 -94.61 -14.26 46.41
CA SER S 43 -93.26 -14.46 45.87
C SER S 43 -92.40 -15.52 46.53
N ASN S 44 -92.91 -16.12 47.61
N ASN S 44 -92.90 -16.14 47.61
CA ASN S 44 -92.24 -17.25 48.26
CA ASN S 44 -92.21 -17.24 48.25
C ASN S 44 -92.13 -18.47 47.34
C ASN S 44 -92.17 -18.50 47.38
N TRP S 45 -93.02 -18.55 46.36
CA TRP S 45 -93.01 -19.67 45.40
C TRP S 45 -92.35 -19.34 44.07
N TYR S 46 -91.62 -18.23 44.05
CA TYR S 46 -90.81 -17.85 42.89
C TYR S 46 -89.84 -18.99 42.54
N THR S 47 -89.81 -19.33 41.25
CA THR S 47 -89.10 -20.50 40.66
C THR S 47 -89.88 -21.81 40.78
N TYR S 48 -91.14 -21.73 41.24
CA TYR S 48 -92.02 -22.90 41.35
C TYR S 48 -93.37 -22.63 40.68
N THR S 49 -94.12 -23.71 40.48
CA THR S 49 -95.54 -23.62 40.17
C THR S 49 -96.28 -23.67 41.49
N TYR S 50 -97.60 -23.53 41.42
CA TYR S 50 -98.47 -23.95 42.52
C TYR S 50 -98.64 -25.46 42.45
N ASP S 51 -99.62 -25.98 43.17
CA ASP S 51 -99.84 -27.42 43.23
C ASP S 51 -100.53 -27.94 41.98
N LEU S 52 -99.86 -28.88 41.32
CA LEU S 52 -100.36 -29.49 40.09
C LEU S 52 -101.23 -30.68 40.42
N GLN S 53 -102.46 -30.64 39.92
CA GLN S 53 -103.45 -31.66 40.21
C GLN S 53 -104.35 -31.88 39.01
N PRO S 54 -104.72 -33.14 38.74
CA PRO S 54 -105.84 -33.37 37.84
C PRO S 54 -107.14 -32.95 38.51
N LYS S 55 -108.00 -32.27 37.75
CA LYS S 55 -109.23 -31.70 38.27
C LYS S 55 -110.24 -32.78 38.67
N GLY S 56 -110.28 -33.86 37.89
CA GLY S 56 -111.24 -34.94 38.14
C GLY S 56 -112.46 -34.88 37.26
N SER S 57 -112.77 -33.68 36.78
CA SER S 57 -113.86 -33.46 35.82
C SER S 57 -113.38 -32.53 34.70
N SER S 58 -114.05 -32.59 33.55
N SER S 58 -114.00 -32.61 33.53
CA SER S 58 -113.68 -31.85 32.35
CA SER S 58 -113.57 -31.81 32.38
C SER S 58 -114.49 -30.55 32.22
C SER S 58 -114.45 -30.56 32.24
N PRO S 59 -113.90 -29.48 31.66
CA PRO S 59 -112.54 -29.33 31.11
C PRO S 59 -111.53 -28.84 32.13
N ASP S 60 -110.26 -29.17 31.88
CA ASP S 60 -109.16 -28.62 32.62
C ASP S 60 -109.11 -27.11 32.39
N GLN S 61 -109.04 -26.34 33.48
CA GLN S 61 -108.93 -24.90 33.42
C GLN S 61 -107.70 -24.44 34.24
N PRO S 62 -106.49 -24.75 33.75
CA PRO S 62 -105.26 -24.47 34.52
C PRO S 62 -105.07 -22.99 34.81
N ILE S 63 -104.49 -22.69 35.96
CA ILE S 63 -104.18 -21.31 36.32
C ILE S 63 -102.78 -20.96 35.82
N LYS S 64 -102.50 -19.66 35.68
CA LYS S 64 -101.20 -19.25 35.11
C LYS S 64 -99.99 -19.68 35.96
N GLU S 65 -100.18 -19.81 37.27
CA GLU S 65 -99.08 -20.20 38.17
C GLU S 65 -98.70 -21.66 38.01
N ASN S 66 -99.51 -22.39 37.23
CA ASN S 66 -99.29 -23.82 36.99
C ASN S 66 -98.83 -24.09 35.57
N LEU S 67 -98.42 -23.02 34.90
CA LEU S 67 -97.98 -23.11 33.52
C LEU S 67 -96.58 -22.55 33.32
N PRO S 68 -95.53 -23.38 33.55
CA PRO S 68 -94.15 -22.97 33.31
C PRO S 68 -93.96 -22.55 31.85
N ALA S 69 -93.23 -21.45 31.65
CA ALA S 69 -93.05 -20.84 30.34
C ALA S 69 -91.58 -20.70 30.01
N TYR S 70 -91.29 -20.48 28.72
CA TYR S 70 -89.91 -20.24 28.27
C TYR S 70 -89.39 -18.91 28.79
N SER S 71 -88.09 -18.87 29.07
CA SER S 71 -87.43 -17.62 29.38
C SER S 71 -86.87 -17.11 28.07
N VAL S 72 -86.83 -15.78 27.91
CA VAL S 72 -86.26 -15.19 26.70
C VAL S 72 -85.77 -13.78 26.96
N ALA S 73 -84.67 -13.44 26.29
CA ALA S 73 -84.22 -12.05 26.21
C ALA S 73 -83.65 -11.74 24.82
N ARG S 74 -83.78 -10.49 24.44
CA ARG S 74 -83.13 -9.95 23.25
C ARG S 74 -82.05 -8.99 23.73
N VAL S 75 -80.78 -9.33 23.45
CA VAL S 75 -79.66 -8.46 23.81
C VAL S 75 -79.29 -7.55 22.65
N SER S 76 -79.20 -6.25 22.94
CA SER S 76 -78.73 -5.24 21.99
C SER S 76 -77.21 -5.29 21.82
N LEU S 77 -76.77 -5.42 20.58
CA LEU S 77 -75.37 -5.56 20.23
C LEU S 77 -74.79 -4.23 19.74
N PRO S 78 -73.46 -4.06 19.75
CA PRO S 78 -72.87 -2.83 19.21
C PRO S 78 -73.27 -2.60 17.75
N MET S 79 -73.72 -1.39 17.46
CA MET S 79 -74.17 -0.99 16.11
C MET S 79 -73.02 -1.10 15.11
N LEU S 80 -73.32 -1.58 13.91
CA LEU S 80 -72.28 -1.87 12.91
C LEU S 80 -72.27 -0.99 11.65
N ASN S 81 -73.43 -0.49 11.25
CA ASN S 81 -73.56 0.28 10.02
C ASN S 81 -74.20 1.64 10.24
N THR S 88 -75.25 -4.44 1.17
CA THR S 88 -74.02 -5.00 1.73
C THR S 88 -73.69 -4.38 3.10
N LEU S 89 -73.59 -5.22 4.13
CA LEU S 89 -73.37 -4.72 5.48
C LEU S 89 -72.81 -5.77 6.44
N GLN S 90 -72.34 -5.29 7.59
CA GLN S 90 -71.85 -6.18 8.65
C GLN S 90 -73.00 -6.57 9.57
N MET S 91 -73.04 -7.85 9.90
CA MET S 91 -73.94 -8.38 10.92
C MET S 91 -73.11 -9.14 11.92
N TRP S 92 -73.55 -9.16 13.18
CA TRP S 92 -72.92 -10.01 14.18
C TRP S 92 -73.33 -11.46 13.96
N GLU S 93 -72.35 -12.36 14.05
CA GLU S 93 -72.54 -13.79 13.83
C GLU S 93 -72.18 -14.55 15.09
N ALA S 94 -73.18 -15.15 15.73
CA ALA S 94 -72.94 -15.98 16.91
C ALA S 94 -72.23 -17.26 16.47
N ILE S 95 -71.05 -17.53 17.03
CA ILE S 95 -70.25 -18.70 16.59
C ILE S 95 -70.11 -19.80 17.62
N SER S 96 -70.29 -19.43 18.90
CA SER S 96 -70.21 -20.38 20.01
C SER S 96 -70.84 -19.82 21.27
N VAL S 97 -71.16 -20.73 22.19
CA VAL S 97 -71.80 -20.36 23.46
C VAL S 97 -71.36 -21.31 24.57
N LYS S 98 -71.04 -20.75 25.72
CA LYS S 98 -70.92 -21.57 26.93
C LYS S 98 -72.16 -21.30 27.76
N THR S 99 -72.88 -22.37 28.08
CA THR S 99 -74.13 -22.24 28.82
C THR S 99 -74.15 -23.23 29.99
N GLU S 100 -74.74 -22.82 31.10
CA GLU S 100 -74.76 -23.66 32.30
C GLU S 100 -76.02 -23.46 33.11
N VAL S 101 -76.60 -24.56 33.59
CA VAL S 101 -77.71 -24.43 34.56
C VAL S 101 -77.10 -24.09 35.92
N VAL S 102 -77.51 -22.96 36.49
CA VAL S 102 -76.97 -22.47 37.76
C VAL S 102 -77.76 -23.01 38.95
N GLY S 103 -77.07 -23.24 40.07
CA GLY S 103 -77.71 -23.61 41.33
C GLY S 103 -78.09 -25.07 41.42
N ILE S 104 -77.42 -25.91 40.65
CA ILE S 104 -77.72 -27.34 40.63
C ILE S 104 -77.54 -27.95 42.04
N SER S 105 -76.46 -27.56 42.71
CA SER S 105 -76.18 -28.00 44.09
C SER S 105 -77.30 -27.72 45.14
N SER S 106 -78.18 -26.76 44.86
CA SER S 106 -79.27 -26.45 45.79
C SER S 106 -80.22 -27.64 45.93
N LEU S 107 -80.17 -28.54 44.94
CA LEU S 107 -81.07 -29.69 44.93
C LEU S 107 -80.69 -30.84 45.88
N ILE S 108 -79.54 -30.74 46.55
CA ILE S 108 -79.21 -31.74 47.56
C ILE S 108 -80.03 -31.57 48.85
N ASN S 109 -80.71 -30.43 48.98
CA ASN S 109 -81.52 -30.14 50.17
C ASN S 109 -82.72 -31.09 50.26
N VAL S 110 -82.73 -31.90 51.31
CA VAL S 110 -83.79 -32.90 51.54
C VAL S 110 -84.39 -32.69 52.94
N HIS S 111 -84.43 -31.43 53.34
CA HIS S 111 -84.93 -31.06 54.65
C HIS S 111 -85.68 -29.76 54.52
N TYR S 112 -86.37 -29.60 53.39
CA TYR S 112 -87.35 -28.54 53.24
C TYR S 112 -88.42 -28.80 54.29
N TRP S 113 -88.84 -27.74 55.00
CA TRP S 113 -89.64 -27.91 56.21
C TRP S 113 -90.94 -28.68 55.98
N ASP S 114 -91.56 -28.49 54.81
CA ASP S 114 -92.82 -29.14 54.48
C ASP S 114 -92.65 -30.27 53.45
N MET S 115 -91.50 -30.94 53.47
CA MET S 115 -91.20 -31.97 52.47
C MET S 115 -91.81 -33.33 52.83
N LYS S 116 -92.49 -33.96 51.88
CA LYS S 116 -92.91 -35.34 52.05
C LYS S 116 -91.67 -36.21 52.28
N ARG S 117 -91.76 -37.14 53.22
CA ARG S 117 -90.65 -38.04 53.51
C ARG S 117 -90.68 -39.26 52.59
N VAL S 118 -89.49 -39.85 52.37
CA VAL S 118 -89.39 -41.11 51.64
C VAL S 118 -90.08 -42.24 52.43
N HIS S 119 -90.02 -42.14 53.76
CA HIS S 119 -90.66 -43.07 54.70
C HIS S 119 -90.60 -42.46 56.11
N ASP S 120 -91.34 -43.07 57.05
CA ASP S 120 -91.39 -42.55 58.42
C ASP S 120 -89.98 -42.31 58.98
N TYR S 121 -89.77 -41.12 59.54
CA TYR S 121 -88.49 -40.69 60.12
C TYR S 121 -87.36 -40.43 59.11
N GLY S 122 -87.66 -40.59 57.82
CA GLY S 122 -86.66 -40.42 56.78
C GLY S 122 -86.51 -39.00 56.31
N ALA S 123 -85.54 -38.76 55.42
CA ALA S 123 -85.37 -37.46 54.78
C ALA S 123 -86.49 -37.20 53.77
N GLY S 124 -86.57 -35.96 53.30
CA GLY S 124 -87.51 -35.58 52.24
C GLY S 124 -87.22 -36.30 50.93
N ILE S 125 -88.26 -36.50 50.13
CA ILE S 125 -88.08 -36.90 48.73
C ILE S 125 -87.38 -35.72 48.03
N PRO S 126 -86.18 -35.97 47.46
CA PRO S 126 -85.50 -34.83 46.82
C PRO S 126 -86.23 -34.38 45.55
N VAL S 127 -85.90 -33.19 45.07
CA VAL S 127 -86.44 -32.68 43.81
C VAL S 127 -86.10 -33.66 42.70
N SER S 128 -87.13 -34.18 42.03
CA SER S 128 -86.97 -35.24 41.04
C SER S 128 -88.23 -35.40 40.19
N GLY S 129 -88.17 -36.29 39.20
CA GLY S 129 -89.32 -36.50 38.30
C GLY S 129 -89.15 -35.76 36.99
N VAL S 130 -90.20 -35.03 36.60
CA VAL S 130 -90.25 -34.34 35.31
C VAL S 130 -89.14 -33.31 35.14
N ASN S 131 -88.33 -33.54 34.12
CA ASN S 131 -87.33 -32.59 33.65
C ASN S 131 -87.63 -32.17 32.23
N TYR S 132 -87.41 -30.89 31.95
CA TYR S 132 -87.45 -30.34 30.60
C TYR S 132 -86.35 -29.28 30.50
N HIS S 133 -85.44 -29.48 29.56
CA HIS S 133 -84.27 -28.61 29.42
C HIS S 133 -84.03 -28.27 27.97
N MET S 134 -84.02 -26.97 27.71
CA MET S 134 -83.79 -26.50 26.37
C MET S 134 -83.15 -25.13 26.39
N PHE S 135 -82.32 -24.86 25.41
CA PHE S 135 -81.78 -23.53 25.19
C PHE S 135 -81.63 -23.28 23.70
N ALA S 136 -81.66 -22.00 23.33
CA ALA S 136 -81.58 -21.60 21.93
C ALA S 136 -80.87 -20.27 21.81
N ILE S 137 -80.06 -20.17 20.75
CA ILE S 137 -79.36 -18.93 20.40
C ILE S 137 -79.72 -18.67 18.94
N GLY S 138 -80.20 -17.47 18.66
CA GLY S 138 -80.57 -17.08 17.30
C GLY S 138 -80.46 -15.58 17.05
N GLY S 139 -80.56 -15.20 15.79
CA GLY S 139 -80.51 -13.78 15.38
C GLY S 139 -81.88 -13.16 15.19
N GLU S 140 -82.89 -13.85 15.67
CA GLU S 140 -84.29 -13.42 15.62
C GLU S 140 -85.05 -14.33 16.59
N PRO S 141 -86.34 -14.02 16.85
CA PRO S 141 -87.08 -14.86 17.82
C PRO S 141 -87.18 -16.32 17.38
N LEU S 142 -87.17 -17.22 18.36
CA LEU S 142 -87.37 -18.65 18.12
C LEU S 142 -88.79 -18.89 17.57
N ASP S 143 -88.89 -19.70 16.52
CA ASP S 143 -90.17 -20.08 15.96
C ASP S 143 -90.76 -21.25 16.75
N LEU S 144 -92.05 -21.13 17.08
CA LEU S 144 -92.72 -22.12 17.91
C LEU S 144 -93.85 -22.83 17.18
N GLN S 145 -93.97 -24.13 17.48
CA GLN S 145 -95.07 -24.95 17.01
C GLN S 145 -95.96 -25.26 18.22
N GLY S 146 -97.27 -25.06 18.06
CA GLY S 146 -98.21 -25.39 19.12
C GLY S 146 -98.70 -26.82 19.03
N LEU S 147 -98.72 -27.51 20.18
CA LEU S 147 -99.28 -28.86 20.26
C LEU S 147 -99.56 -29.19 21.72
N VAL S 148 -100.79 -29.59 22.03
CA VAL S 148 -101.14 -29.88 23.42
C VAL S 148 -101.55 -31.33 23.66
N LEU S 149 -101.39 -31.76 24.92
CA LEU S 149 -101.83 -33.07 25.36
C LEU S 149 -103.32 -33.23 25.13
N ASP S 150 -104.06 -32.16 25.41
CA ASP S 150 -105.52 -32.20 25.38
C ASP S 150 -106.08 -30.90 24.82
N TYR S 151 -106.71 -30.98 23.65
CA TYR S 151 -107.25 -29.79 22.97
C TYR S 151 -108.38 -29.09 23.73
N GLN S 152 -109.02 -29.82 24.65
CA GLN S 152 -110.16 -29.28 25.39
C GLN S 152 -109.77 -28.44 26.60
N THR S 153 -108.48 -28.49 26.96
CA THR S 153 -107.92 -27.62 27.99
C THR S 153 -108.27 -26.16 27.71
N GLN S 154 -108.69 -25.44 28.74
CA GLN S 154 -109.08 -24.05 28.58
C GLN S 154 -108.11 -23.18 29.33
N TYR S 155 -107.12 -22.68 28.59
CA TYR S 155 -106.04 -21.91 29.18
C TYR S 155 -106.56 -20.52 29.53
N PRO S 156 -105.93 -19.86 30.53
CA PRO S 156 -106.35 -18.49 30.86
C PRO S 156 -106.25 -17.62 29.62
N LYS S 157 -107.11 -16.61 29.53
CA LYS S 157 -107.06 -15.66 28.42
C LYS S 157 -105.87 -14.71 28.56
N THR S 158 -105.53 -14.05 27.45
CA THR S 158 -104.44 -13.08 27.40
C THR S 158 -104.87 -11.74 28.00
N GLY S 162 -101.00 -12.64 31.29
CA GLY S 162 -101.81 -13.66 30.61
C GLY S 162 -101.01 -14.40 29.55
N PRO S 163 -101.08 -15.74 29.57
CA PRO S 163 -100.28 -16.56 28.63
C PRO S 163 -100.80 -16.49 27.19
N ILE S 164 -99.87 -16.60 26.24
CA ILE S 164 -100.22 -16.76 24.84
C ILE S 164 -100.25 -18.25 24.53
N THR S 165 -101.41 -18.72 24.09
CA THR S 165 -101.55 -20.13 23.75
C THR S 165 -102.11 -20.25 22.33
N ILE S 166 -102.49 -21.46 21.92
CA ILE S 166 -102.92 -21.69 20.55
C ILE S 166 -104.21 -20.92 20.19
N GLU S 167 -105.18 -20.84 21.10
CA GLU S 167 -106.39 -20.05 20.88
C GLU S 167 -106.09 -18.56 20.71
N THR S 168 -105.09 -18.06 21.43
CA THR S 168 -104.63 -16.69 21.28
C THR S 168 -104.24 -16.39 19.83
N VAL S 169 -103.51 -17.31 19.20
CA VAL S 169 -102.96 -17.06 17.87
C VAL S 169 -103.95 -17.32 16.72
N LEU S 170 -104.83 -18.32 16.91
CA LEU S 170 -105.82 -18.66 15.88
C LEU S 170 -107.05 -17.74 15.91
N GLY S 171 -107.25 -17.07 17.06
CA GLY S 171 -108.40 -16.22 17.28
C GLY S 171 -109.69 -17.02 17.38
N ARG S 172 -109.56 -18.28 17.75
CA ARG S 172 -110.69 -19.21 17.88
C ARG S 172 -110.25 -20.43 18.70
N LYS S 173 -111.23 -21.22 19.14
CA LYS S 173 -110.99 -22.40 19.95
C LYS S 173 -110.13 -23.45 19.24
N MET S 174 -109.37 -24.22 20.03
CA MET S 174 -108.64 -25.38 19.52
C MET S 174 -109.59 -26.47 19.04
N THR S 175 -109.11 -27.34 18.17
CA THR S 175 -109.88 -28.53 17.74
C THR S 175 -109.02 -29.80 17.94
N PRO S 176 -109.61 -31.00 17.77
CA PRO S 176 -108.80 -32.21 17.88
C PRO S 176 -107.42 -32.16 17.17
N LYS S 177 -107.33 -31.52 16.00
CA LYS S 177 -106.06 -31.48 15.26
C LYS S 177 -104.89 -30.85 16.02
N ASN S 178 -105.20 -30.08 17.06
CA ASN S 178 -104.19 -29.47 17.94
C ASN S 178 -103.56 -30.44 18.94
N GLN S 179 -104.01 -31.69 18.92
CA GLN S 179 -103.35 -32.79 19.64
C GLN S 179 -102.23 -33.37 18.77
N GLY S 180 -102.25 -33.01 17.49
CA GLY S 180 -101.16 -33.30 16.54
C GLY S 180 -100.56 -32.01 15.99
N LEU S 181 -99.84 -32.12 14.87
CA LEU S 181 -99.21 -30.94 14.26
C LEU S 181 -100.20 -30.21 13.35
N ASP S 182 -100.61 -29.03 13.80
CA ASP S 182 -101.45 -28.11 13.03
C ASP S 182 -100.55 -26.98 12.53
N PRO S 183 -100.37 -26.86 11.19
CA PRO S 183 -99.45 -25.84 10.67
C PRO S 183 -99.90 -24.41 10.95
N GLN S 184 -101.17 -24.21 11.30
CA GLN S 184 -101.63 -22.87 11.69
C GLN S 184 -101.22 -22.48 13.11
N ALA S 185 -100.89 -23.48 13.94
CA ALA S 185 -100.57 -23.25 15.36
C ALA S 185 -99.09 -22.87 15.51
N LYS S 186 -98.80 -21.63 15.15
CA LYS S 186 -97.44 -21.14 15.09
C LYS S 186 -97.34 -19.78 15.75
N ALA S 187 -96.21 -19.55 16.41
CA ALA S 187 -95.95 -18.29 17.09
C ALA S 187 -94.43 -18.04 17.12
N LYS S 188 -94.05 -16.84 17.53
CA LYS S 188 -92.65 -16.52 17.75
C LYS S 188 -92.40 -16.26 19.23
N LEU S 189 -91.35 -16.84 19.77
CA LEU S 189 -91.02 -16.63 21.18
C LEU S 189 -90.44 -15.24 21.41
N ASP S 190 -91.33 -14.27 21.64
CA ASP S 190 -90.93 -12.86 21.73
C ASP S 190 -91.20 -12.20 23.08
N LYS S 191 -91.73 -12.96 24.05
CA LYS S 191 -92.03 -12.42 25.38
C LYS S 191 -91.60 -13.38 26.51
N ASP S 192 -90.89 -12.81 27.49
CA ASP S 192 -90.39 -13.58 28.62
C ASP S 192 -91.57 -14.00 29.47
N GLY S 193 -91.61 -15.30 29.80
CA GLY S 193 -92.60 -15.85 30.73
C GLY S 193 -94.03 -15.96 30.24
N ASN S 194 -94.27 -15.77 28.94
CA ASN S 194 -95.62 -15.72 28.38
C ASN S 194 -96.04 -16.92 27.52
N TYR S 195 -95.10 -17.78 27.18
CA TYR S 195 -95.38 -18.93 26.31
C TYR S 195 -95.22 -20.26 27.03
N PRO S 196 -96.36 -20.89 27.40
CA PRO S 196 -96.30 -22.13 28.18
C PRO S 196 -95.57 -23.25 27.43
N ILE S 197 -94.72 -23.95 28.17
CA ILE S 197 -93.92 -25.05 27.64
C ILE S 197 -94.82 -26.20 27.19
N GLU S 198 -95.92 -26.42 27.93
CA GLU S 198 -96.82 -27.53 27.61
C GLU S 198 -97.63 -27.29 26.34
N VAL S 199 -97.64 -26.05 25.87
CA VAL S 199 -98.35 -25.66 24.65
C VAL S 199 -97.40 -25.50 23.44
N TRP S 200 -96.21 -24.93 23.67
CA TRP S 200 -95.30 -24.59 22.56
C TRP S 200 -93.98 -25.35 22.60
N CYS S 201 -93.56 -25.85 21.42
CA CYS S 201 -92.22 -26.43 21.25
C CYS S 201 -91.51 -25.70 20.10
N PRO S 202 -90.18 -25.87 19.97
CA PRO S 202 -89.53 -25.26 18.80
C PRO S 202 -90.09 -25.82 17.50
N ASP S 203 -90.19 -24.95 16.50
CA ASP S 203 -90.69 -25.32 15.20
C ASP S 203 -89.51 -25.70 14.32
N PRO S 204 -89.37 -26.99 14.00
CA PRO S 204 -88.27 -27.47 13.18
C PRO S 204 -88.43 -27.17 11.69
N SER S 205 -89.64 -26.78 11.27
CA SER S 205 -89.88 -26.39 9.87
C SER S 205 -89.37 -24.99 9.60
N LYS S 206 -89.05 -24.25 10.66
CA LYS S 206 -88.51 -22.90 10.51
C LYS S 206 -87.19 -22.80 11.27
N ASN S 207 -86.95 -21.70 11.98
CA ASN S 207 -85.73 -21.55 12.80
C ASN S 207 -84.40 -21.73 12.06
N GLU S 208 -84.33 -21.35 10.79
CA GLU S 208 -83.07 -21.47 10.05
C GLU S 208 -81.96 -20.57 10.61
N ASN S 209 -82.37 -19.48 11.25
CA ASN S 209 -81.44 -18.53 11.85
C ASN S 209 -81.33 -18.69 13.38
N SER S 210 -81.62 -19.90 13.86
CA SER S 210 -81.49 -20.21 15.27
C SER S 210 -80.91 -21.61 15.47
N ARG S 211 -80.26 -21.81 16.61
CA ARG S 211 -79.83 -23.13 17.02
C ARG S 211 -80.52 -23.43 18.35
N TYR S 212 -81.16 -24.59 18.44
CA TYR S 212 -81.79 -25.00 19.68
C TYR S 212 -81.45 -26.44 20.05
N TYR S 213 -81.42 -26.72 21.35
CA TYR S 213 -81.03 -28.01 21.88
C TYR S 213 -81.90 -28.27 23.10
N GLY S 214 -82.54 -29.44 23.13
CA GLY S 214 -83.43 -29.76 24.23
C GLY S 214 -83.66 -31.22 24.50
N SER S 215 -84.30 -31.48 25.64
CA SER S 215 -84.59 -32.83 26.08
C SER S 215 -85.75 -32.80 27.07
N ILE S 216 -86.39 -33.96 27.20
CA ILE S 216 -87.39 -34.16 28.23
C ILE S 216 -87.13 -35.46 28.98
N GLN S 217 -87.63 -35.51 30.21
CA GLN S 217 -87.58 -36.70 31.02
C GLN S 217 -88.89 -36.76 31.81
N THR S 218 -89.68 -37.81 31.57
CA THR S 218 -90.93 -38.00 32.33
C THR S 218 -90.77 -39.04 33.45
N GLY S 219 -91.89 -39.47 34.05
CA GLY S 219 -91.88 -40.26 35.27
C GLY S 219 -92.06 -39.33 36.46
N SER S 220 -92.47 -39.87 37.59
CA SER S 220 -92.80 -39.05 38.77
C SER S 220 -91.63 -38.78 39.71
N GLN S 221 -90.80 -39.80 39.94
CA GLN S 221 -89.68 -39.68 40.88
C GLN S 221 -88.36 -39.98 40.20
N THR S 222 -88.35 -39.88 38.87
CA THR S 222 -87.15 -40.08 38.07
C THR S 222 -86.02 -39.16 38.55
N PRO S 223 -84.82 -39.73 38.75
CA PRO S 223 -83.68 -38.94 39.19
C PRO S 223 -83.40 -37.76 38.26
N THR S 224 -83.32 -36.57 38.87
CA THR S 224 -82.76 -35.42 38.19
C THR S 224 -81.25 -35.61 38.12
N VAL S 225 -80.75 -35.66 36.88
CA VAL S 225 -79.35 -35.94 36.60
C VAL S 225 -78.80 -34.84 35.68
N LEU S 226 -77.94 -34.00 36.24
CA LEU S 226 -77.44 -32.82 35.54
C LEU S 226 -75.94 -32.64 35.74
N GLN S 227 -75.27 -32.12 34.72
CA GLN S 227 -73.85 -31.78 34.79
C GLN S 227 -73.63 -30.28 34.70
N PHE S 228 -72.47 -29.84 35.18
CA PHE S 228 -72.03 -28.45 35.09
C PHE S 228 -70.51 -28.43 35.02
N SER S 229 -69.99 -27.66 34.08
CA SER S 229 -68.55 -27.49 33.88
C SER S 229 -68.31 -26.24 33.05
N ASN S 230 -67.29 -25.45 33.41
CA ASN S 230 -66.95 -24.25 32.65
C ASN S 230 -65.99 -24.52 31.49
N THR S 231 -65.87 -25.80 31.12
CA THR S 231 -65.01 -26.20 30.02
C THR S 231 -65.80 -26.61 28.76
N LEU S 232 -67.12 -26.56 28.86
CA LEU S 232 -68.00 -27.02 27.79
C LEU S 232 -68.51 -25.90 26.87
N THR S 233 -68.16 -26.00 25.60
CA THR S 233 -68.56 -25.02 24.58
C THR S 233 -69.44 -25.68 23.52
N THR S 234 -70.53 -25.00 23.17
CA THR S 234 -71.36 -25.44 22.05
C THR S 234 -71.05 -24.61 20.80
N VAL S 235 -70.64 -25.27 19.72
CA VAL S 235 -70.39 -24.59 18.44
C VAL S 235 -71.72 -24.35 17.71
N LEU S 236 -71.93 -23.09 17.30
CA LEU S 236 -73.18 -22.61 16.74
C LEU S 236 -73.19 -22.53 15.21
N LEU S 237 -72.04 -22.81 14.58
CA LEU S 237 -71.96 -22.82 13.13
C LEU S 237 -72.77 -23.96 12.53
N ASP S 238 -73.41 -23.72 11.39
CA ASP S 238 -74.11 -24.77 10.66
C ASP S 238 -73.15 -25.54 9.76
N GLU S 239 -73.70 -26.35 8.85
CA GLU S 239 -72.88 -27.18 7.96
C GLU S 239 -71.98 -26.39 7.01
N ASN S 240 -72.35 -25.14 6.76
CA ASN S 240 -71.58 -24.25 5.88
C ASN S 240 -70.63 -23.34 6.63
N GLY S 241 -70.53 -23.53 7.94
CA GLY S 241 -69.66 -22.71 8.78
C GLY S 241 -70.27 -21.36 9.11
N VAL S 242 -71.59 -21.29 9.07
CA VAL S 242 -72.28 -20.03 9.36
C VAL S 242 -73.14 -20.18 10.62
N GLY S 243 -72.98 -19.22 11.53
CA GLY S 243 -73.79 -19.17 12.73
C GLY S 243 -74.97 -18.23 12.54
N PRO S 244 -75.86 -18.17 13.54
CA PRO S 244 -76.99 -17.24 13.51
C PRO S 244 -76.55 -15.80 13.26
N LEU S 245 -77.32 -15.08 12.44
CA LEU S 245 -76.98 -13.72 12.05
C LEU S 245 -77.98 -12.73 12.62
N CYS S 246 -77.44 -11.78 13.37
CA CYS S 246 -78.27 -10.93 14.23
C CYS S 246 -78.92 -9.77 13.49
N LYS S 247 -80.19 -9.98 13.15
CA LYS S 247 -81.00 -8.99 12.46
C LYS S 247 -81.35 -7.90 13.45
N GLY S 248 -81.21 -6.66 13.00
CA GLY S 248 -81.48 -5.50 13.84
C GLY S 248 -80.46 -5.30 14.95
N ASP S 249 -79.30 -5.95 14.80
CA ASP S 249 -78.26 -6.03 15.84
C ASP S 249 -78.84 -6.55 17.17
N GLY S 250 -79.69 -7.56 17.07
CA GLY S 250 -80.32 -8.16 18.24
C GLY S 250 -80.04 -9.65 18.37
N LEU S 251 -79.55 -10.04 19.54
CA LEU S 251 -79.30 -11.45 19.83
C LEU S 251 -80.43 -12.05 20.69
N PHE S 252 -81.04 -13.13 20.20
CA PHE S 252 -82.15 -13.76 20.91
C PHE S 252 -81.72 -15.01 21.65
N ILE S 253 -81.99 -15.02 22.95
CA ILE S 253 -81.55 -16.13 23.80
C ILE S 253 -82.74 -16.68 24.58
N SER S 254 -82.94 -17.99 24.47
CA SER S 254 -84.13 -18.64 25.05
C SER S 254 -83.79 -19.90 25.80
N CYS S 255 -84.60 -20.21 26.83
CA CYS S 255 -84.39 -21.46 27.55
C CYS S 255 -85.59 -21.83 28.41
N ALA S 256 -85.50 -23.05 28.94
CA ALA S 256 -86.40 -23.57 29.95
C ALA S 256 -85.65 -24.66 30.67
N ASP S 257 -85.79 -24.69 31.99
CA ASP S 257 -85.10 -25.70 32.80
C ASP S 257 -85.95 -26.16 33.99
N ILE S 258 -86.89 -27.06 33.72
CA ILE S 258 -87.69 -27.68 34.78
C ILE S 258 -86.86 -28.84 35.33
N VAL S 259 -86.64 -28.84 36.65
CA VAL S 259 -85.70 -29.79 37.24
C VAL S 259 -86.37 -30.87 38.13
N GLY S 260 -87.71 -30.88 38.15
CA GLY S 260 -88.48 -31.86 38.93
C GLY S 260 -89.49 -31.26 39.88
N PHE S 261 -90.07 -32.12 40.71
CA PHE S 261 -91.10 -31.73 41.68
C PHE S 261 -90.54 -31.51 43.08
N LEU S 262 -91.08 -30.51 43.76
CA LEU S 262 -91.00 -30.42 45.20
C LEU S 262 -92.21 -31.20 45.77
N PHE S 263 -91.93 -32.33 46.42
CA PHE S 263 -92.94 -33.17 47.05
C PHE S 263 -93.28 -32.66 48.46
N LYS S 264 -94.51 -32.20 48.65
CA LYS S 264 -94.93 -31.62 49.94
C LYS S 264 -95.62 -32.66 50.82
N THR S 265 -95.61 -32.42 52.13
CA THR S 265 -96.16 -33.32 53.14
C THR S 265 -97.56 -33.85 52.80
N SER S 266 -98.46 -32.94 52.41
CA SER S 266 -99.88 -33.29 52.14
C SER S 266 -100.05 -34.26 50.97
N GLY S 267 -99.03 -34.32 50.12
CA GLY S 267 -99.10 -35.10 48.89
C GLY S 267 -99.06 -34.17 47.70
N LYS S 268 -99.35 -32.89 47.94
CA LYS S 268 -99.31 -31.86 46.90
C LYS S 268 -97.93 -31.77 46.26
N MET S 269 -97.91 -31.40 44.98
CA MET S 269 -96.67 -31.39 44.22
C MET S 269 -96.57 -30.16 43.35
N ALA S 270 -95.37 -29.56 43.32
CA ALA S 270 -95.12 -28.39 42.50
C ALA S 270 -93.85 -28.52 41.67
N LEU S 271 -93.90 -28.12 40.40
CA LEU S 271 -92.69 -28.17 39.56
C LEU S 271 -91.75 -27.04 39.93
N HIS S 272 -90.45 -27.26 39.70
CA HIS S 272 -89.41 -26.31 40.10
C HIS S 272 -88.44 -26.12 38.94
N GLY S 273 -87.93 -24.90 38.81
CA GLY S 273 -86.96 -24.59 37.76
C GLY S 273 -85.71 -23.93 38.31
N LEU S 274 -84.65 -23.94 37.50
CA LEU S 274 -83.39 -23.26 37.82
C LEU S 274 -82.99 -22.26 36.72
N PRO S 275 -82.17 -21.24 37.07
CA PRO S 275 -81.67 -20.27 36.09
C PRO S 275 -80.64 -20.88 35.17
N ARG S 276 -80.35 -20.19 34.08
CA ARG S 276 -79.35 -20.61 33.11
C ARG S 276 -78.48 -19.43 32.71
N TYR S 277 -77.16 -19.65 32.70
CA TYR S 277 -76.17 -18.65 32.30
C TYR S 277 -75.70 -18.90 30.88
N PHE S 278 -75.45 -17.80 30.16
CA PHE S 278 -74.95 -17.82 28.79
C PHE S 278 -73.75 -16.89 28.63
N ASN S 279 -72.71 -17.40 27.98
CA ASN S 279 -71.66 -16.56 27.44
C ASN S 279 -71.54 -16.87 25.96
N VAL S 280 -71.98 -15.93 25.11
CA VAL S 280 -71.99 -16.14 23.66
C VAL S 280 -70.85 -15.37 22.96
N THR S 281 -70.09 -16.08 22.13
CA THR S 281 -69.05 -15.46 21.31
C THR S 281 -69.57 -15.13 19.91
N LEU S 282 -69.44 -13.86 19.50
CA LEU S 282 -69.86 -13.40 18.18
C LEU S 282 -68.75 -12.70 17.40
N ARG S 283 -68.77 -12.85 16.09
CA ARG S 283 -67.84 -12.17 15.20
C ARG S 283 -68.61 -11.38 14.15
N LYS S 284 -67.97 -10.39 13.54
CA LYS S 284 -68.56 -9.61 12.47
C LYS S 284 -68.49 -10.37 11.14
N ARG S 285 -69.56 -10.26 10.36
CA ARG S 285 -69.67 -10.98 9.10
C ARG S 285 -70.27 -10.05 8.04
N TRP S 286 -69.65 -10.01 6.85
CA TRP S 286 -70.20 -9.23 5.73
C TRP S 286 -71.34 -10.02 5.12
N VAL S 287 -72.48 -9.36 4.92
CA VAL S 287 -73.62 -9.97 4.22
C VAL S 287 -74.17 -9.04 3.15
N LYS S 288 -74.78 -9.64 2.13
CA LYS S 288 -75.32 -8.90 0.98
C LYS S 288 -76.83 -8.69 1.13
N VAL T 9 -53.67 -10.51 32.79
CA VAL T 9 -52.25 -10.97 32.71
C VAL T 9 -51.96 -11.62 31.35
N GLU T 10 -51.12 -10.94 30.55
CA GLU T 10 -50.75 -11.37 29.20
C GLU T 10 -49.81 -12.60 29.20
N VAL T 11 -50.27 -13.67 28.58
CA VAL T 11 -49.58 -14.97 28.60
C VAL T 11 -48.52 -15.08 27.49
N LEU T 12 -47.31 -15.48 27.87
CA LEU T 12 -46.22 -15.64 26.90
C LEU T 12 -45.92 -17.10 26.61
N SER T 13 -44.65 -17.41 26.42
CA SER T 13 -44.23 -18.77 26.08
C SER T 13 -44.01 -19.67 27.28
N VAL T 14 -44.25 -20.96 27.08
CA VAL T 14 -43.91 -22.01 28.02
C VAL T 14 -42.40 -21.95 28.28
N VAL T 15 -42.00 -22.10 29.53
CA VAL T 15 -40.58 -22.12 29.89
C VAL T 15 -39.96 -23.47 29.50
N THR T 16 -38.74 -23.45 28.99
CA THR T 16 -37.99 -24.69 28.74
C THR T 16 -36.85 -24.85 29.74
N GLY T 17 -36.40 -26.10 29.92
CA GLY T 17 -35.32 -26.40 30.86
C GLY T 17 -35.65 -27.62 31.72
N GLU T 18 -34.65 -28.10 32.46
CA GLU T 18 -34.77 -29.34 33.24
C GLU T 18 -36.03 -29.40 34.13
N ASP T 19 -36.09 -28.58 35.16
CA ASP T 19 -37.19 -28.64 36.12
C ASP T 19 -38.26 -27.58 35.87
N SER T 20 -38.77 -27.54 34.65
CA SER T 20 -39.88 -26.63 34.31
C SER T 20 -41.24 -27.28 34.57
N ILE T 21 -41.21 -28.57 34.90
CA ILE T 21 -42.41 -29.35 35.19
C ILE T 21 -42.36 -29.89 36.62
N THR T 22 -43.46 -29.73 37.34
CA THR T 22 -43.57 -30.28 38.69
C THR T 22 -44.91 -30.99 38.89
N GLN T 23 -44.95 -31.84 39.91
N GLN T 23 -44.96 -31.89 39.86
CA GLN T 23 -46.11 -32.65 40.24
CA GLN T 23 -46.19 -32.62 40.16
C GLN T 23 -46.58 -32.27 41.64
C GLN T 23 -46.61 -32.36 41.61
N ILE T 24 -47.89 -32.05 41.81
CA ILE T 24 -48.43 -31.76 43.13
C ILE T 24 -49.52 -32.77 43.48
N GLU T 25 -49.35 -33.39 44.65
CA GLU T 25 -50.27 -34.42 45.13
C GLU T 25 -50.91 -34.05 46.45
N LEU T 26 -52.17 -34.46 46.60
CA LEU T 26 -52.90 -34.38 47.86
C LEU T 26 -54.21 -35.14 47.75
N TYR T 27 -54.88 -35.26 48.89
CA TYR T 27 -56.24 -35.80 48.96
C TYR T 27 -56.99 -34.85 49.87
N LEU T 28 -58.30 -34.76 49.69
CA LEU T 28 -59.11 -33.98 50.62
C LEU T 28 -60.20 -34.85 51.22
N ASN T 29 -60.25 -34.89 52.55
CA ASN T 29 -61.28 -35.62 53.26
C ASN T 29 -62.60 -34.88 53.21
N PRO T 30 -63.72 -35.62 53.12
CA PRO T 30 -65.02 -34.97 52.92
C PRO T 30 -65.46 -34.17 54.14
N ARG T 31 -66.21 -33.09 53.90
CA ARG T 31 -66.75 -32.28 54.99
C ARG T 31 -68.29 -32.31 54.96
N MET T 32 -68.86 -33.40 55.45
CA MET T 32 -70.29 -33.63 55.36
C MET T 32 -71.11 -32.96 56.47
N GLY T 33 -70.45 -32.51 57.53
CA GLY T 33 -71.16 -31.96 58.67
C GLY T 33 -70.43 -32.28 59.96
N VAL T 34 -70.10 -33.55 60.15
CA VAL T 34 -69.15 -33.97 61.18
C VAL T 34 -67.82 -34.01 60.47
N ASN T 35 -67.05 -32.95 60.67
CA ASN T 35 -65.89 -32.62 59.82
C ASN T 35 -64.53 -32.97 60.41
N SER T 36 -64.52 -33.38 61.66
CA SER T 36 -63.29 -33.77 62.33
C SER T 36 -63.38 -35.20 62.85
N PRO T 37 -62.28 -35.96 62.72
CA PRO T 37 -62.25 -37.31 63.27
C PRO T 37 -61.79 -37.35 64.75
N ASP T 38 -61.50 -36.19 65.33
CA ASP T 38 -60.83 -36.12 66.64
C ASP T 38 -61.67 -35.46 67.75
N LEU T 39 -62.94 -35.22 67.48
CA LEU T 39 -63.85 -34.61 68.46
C LEU T 39 -64.16 -35.53 69.63
N PRO T 40 -64.44 -34.95 70.83
CA PRO T 40 -64.76 -35.67 72.06
C PRO T 40 -65.55 -36.98 71.88
N THR T 41 -66.75 -36.88 71.31
CA THR T 41 -67.68 -38.03 71.27
C THR T 41 -68.42 -38.20 69.93
N THR T 42 -68.62 -37.09 69.21
CA THR T 42 -69.44 -37.06 68.00
C THR T 42 -68.72 -37.56 66.73
N SER T 43 -67.40 -37.70 66.82
CA SER T 43 -66.57 -38.09 65.68
C SER T 43 -66.86 -39.45 65.08
N ASN T 44 -67.66 -40.28 65.75
CA ASN T 44 -68.05 -41.58 65.21
CA ASN T 44 -68.04 -41.58 65.19
C ASN T 44 -68.81 -41.40 63.88
N TRP T 45 -69.35 -40.20 63.67
CA TRP T 45 -70.12 -39.86 62.46
C TRP T 45 -69.34 -39.05 61.41
N TYR T 46 -68.04 -38.91 61.62
CA TYR T 46 -67.12 -38.29 60.65
C TYR T 46 -67.31 -38.87 59.24
N THR T 47 -67.42 -37.98 58.25
CA THR T 47 -67.75 -38.29 56.83
C THR T 47 -69.25 -38.54 56.60
N TYR T 48 -70.06 -38.26 57.63
CA TYR T 48 -71.51 -38.34 57.54
C TYR T 48 -72.13 -37.04 58.04
N THR T 49 -73.41 -36.84 57.72
CA THR T 49 -74.21 -35.78 58.32
C THR T 49 -74.88 -36.37 59.56
N TYR T 50 -75.68 -35.57 60.24
CA TYR T 50 -76.61 -36.10 61.22
C TYR T 50 -77.87 -36.53 60.46
N ASP T 51 -78.96 -36.79 61.18
CA ASP T 51 -80.18 -37.25 60.52
C ASP T 51 -80.92 -36.13 59.82
N LEU T 52 -81.22 -36.35 58.56
CA LEU T 52 -81.86 -35.35 57.72
C LEU T 52 -83.37 -35.55 57.75
N GLN T 53 -84.09 -34.49 58.13
CA GLN T 53 -85.53 -34.56 58.32
C GLN T 53 -86.19 -33.24 58.00
N PRO T 54 -87.36 -33.31 57.34
CA PRO T 54 -88.24 -32.14 57.26
C PRO T 54 -88.77 -31.81 58.65
N LYS T 55 -88.67 -30.55 59.05
CA LYS T 55 -89.11 -30.11 60.37
C LYS T 55 -90.60 -30.36 60.60
N GLY T 56 -91.41 -30.17 59.56
CA GLY T 56 -92.86 -30.32 59.69
C GLY T 56 -93.55 -29.01 60.03
N SER T 57 -92.76 -28.00 60.41
CA SER T 57 -93.26 -26.65 60.67
C SER T 57 -92.23 -25.62 60.21
N SER T 58 -92.68 -24.40 59.98
N SER T 58 -92.69 -24.40 59.97
CA SER T 58 -91.85 -23.33 59.43
CA SER T 58 -91.84 -23.34 59.44
C SER T 58 -91.29 -22.47 60.56
C SER T 58 -91.27 -22.50 60.58
N PRO T 59 -90.03 -21.99 60.42
CA PRO T 59 -89.11 -22.21 59.29
C PRO T 59 -88.12 -23.35 59.53
N ASP T 60 -87.45 -23.78 58.46
CA ASP T 60 -86.30 -24.68 58.61
C ASP T 60 -85.16 -23.93 59.30
N GLN T 61 -84.55 -24.60 60.27
CA GLN T 61 -83.40 -24.06 61.00
C GLN T 61 -82.36 -25.16 61.09
N PRO T 62 -81.71 -25.51 59.95
CA PRO T 62 -80.82 -26.68 59.90
C PRO T 62 -79.58 -26.52 60.78
N ILE T 63 -79.10 -27.64 61.32
CA ILE T 63 -77.87 -27.62 62.13
C ILE T 63 -76.67 -27.79 61.22
N LYS T 64 -75.52 -27.28 61.68
CA LYS T 64 -74.32 -27.30 60.87
C LYS T 64 -73.91 -28.71 60.48
N GLU T 65 -74.26 -29.69 61.31
CA GLU T 65 -73.95 -31.11 61.04
C GLU T 65 -74.78 -31.70 59.91
N ASN T 66 -75.80 -30.97 59.47
CA ASN T 66 -76.66 -31.41 58.38
C ASN T 66 -76.41 -30.63 57.10
N LEU T 67 -75.26 -29.98 57.01
CA LEU T 67 -74.92 -29.15 55.85
C LEU T 67 -73.57 -29.56 55.24
N PRO T 68 -73.58 -30.57 54.35
CA PRO T 68 -72.32 -30.90 53.69
C PRO T 68 -71.73 -29.67 52.99
N ALA T 69 -70.41 -29.54 53.05
CA ALA T 69 -69.71 -28.38 52.53
C ALA T 69 -68.56 -28.79 51.60
N TYR T 70 -68.13 -27.87 50.76
CA TYR T 70 -66.98 -28.10 49.86
C TYR T 70 -65.68 -28.28 50.63
N SER T 71 -64.82 -29.20 50.15
CA SER T 71 -63.43 -29.31 50.57
C SER T 71 -62.62 -28.33 49.76
N VAL T 72 -61.64 -27.69 50.40
CA VAL T 72 -60.71 -26.79 49.73
C VAL T 72 -59.34 -26.92 50.35
N ALA T 73 -58.31 -26.84 49.52
CA ALA T 73 -56.94 -26.62 49.99
C ALA T 73 -56.23 -25.66 49.05
N ARG T 74 -55.36 -24.83 49.63
CA ARG T 74 -54.42 -24.04 48.86
C ARG T 74 -53.04 -24.69 49.03
N VAL T 75 -52.47 -25.17 47.93
CA VAL T 75 -51.11 -25.71 47.96
C VAL T 75 -50.09 -24.64 47.58
N SER T 76 -49.10 -24.44 48.44
CA SER T 76 -48.00 -23.52 48.15
C SER T 76 -47.02 -24.17 47.20
N LEU T 77 -46.63 -23.43 46.17
CA LEU T 77 -45.77 -23.93 45.11
C LEU T 77 -44.40 -23.31 45.21
N PRO T 78 -43.37 -23.98 44.64
CA PRO T 78 -42.02 -23.45 44.74
C PRO T 78 -41.95 -22.04 44.16
N MET T 79 -41.40 -21.12 44.95
CA MET T 79 -41.25 -19.71 44.56
C MET T 79 -40.44 -19.60 43.26
N LEU T 80 -40.90 -18.73 42.36
CA LEU T 80 -40.29 -18.62 41.04
C LEU T 80 -39.61 -17.27 40.78
N ASN T 81 -40.13 -16.22 41.39
CA ASN T 81 -39.64 -14.86 41.15
C ASN T 81 -39.15 -14.19 42.42
N CYS T 86 -38.26 -7.69 38.01
CA CYS T 86 -38.53 -7.45 36.59
C CYS T 86 -39.96 -6.92 36.36
N ASP T 87 -40.57 -7.34 35.26
CA ASP T 87 -41.95 -6.97 34.91
C ASP T 87 -42.64 -8.20 34.29
N THR T 88 -41.83 -8.97 33.57
CA THR T 88 -42.23 -10.29 33.10
C THR T 88 -41.83 -11.31 34.17
N LEU T 89 -42.78 -12.18 34.54
CA LEU T 89 -42.55 -13.15 35.59
C LEU T 89 -42.86 -14.57 35.11
N GLN T 90 -42.38 -15.55 35.87
CA GLN T 90 -42.78 -16.94 35.67
C GLN T 90 -43.92 -17.28 36.63
N MET T 91 -44.87 -18.08 36.15
CA MET T 91 -45.99 -18.55 36.95
C MET T 91 -46.16 -20.03 36.70
N TRP T 92 -46.63 -20.75 37.71
CA TRP T 92 -47.00 -22.14 37.52
C TRP T 92 -48.34 -22.25 36.81
N GLU T 93 -48.39 -23.14 35.82
CA GLU T 93 -49.57 -23.37 35.00
C GLU T 93 -50.00 -24.83 35.15
N ALA T 94 -51.22 -25.03 35.66
CA ALA T 94 -51.72 -26.39 35.83
C ALA T 94 -52.20 -26.87 34.46
N ILE T 95 -51.65 -27.98 33.97
CA ILE T 95 -51.97 -28.42 32.63
C ILE T 95 -52.81 -29.69 32.56
N SER T 96 -52.76 -30.50 33.62
CA SER T 96 -53.56 -31.71 33.71
C SER T 96 -53.66 -32.20 35.14
N VAL T 97 -54.61 -33.10 35.37
CA VAL T 97 -54.84 -33.66 36.71
C VAL T 97 -55.37 -35.08 36.60
N LYS T 98 -54.82 -35.99 37.40
CA LYS T 98 -55.46 -37.27 37.67
C LYS T 98 -56.17 -37.14 39.00
N THR T 99 -57.49 -37.29 39.00
CA THR T 99 -58.25 -37.27 40.23
C THR T 99 -59.07 -38.55 40.40
N GLU T 100 -59.31 -38.92 41.66
CA GLU T 100 -60.04 -40.13 42.00
C GLU T 100 -60.77 -40.00 43.31
N VAL T 101 -61.98 -40.53 43.35
CA VAL T 101 -62.72 -40.69 44.59
C VAL T 101 -62.22 -41.96 45.29
N VAL T 102 -61.74 -41.80 46.52
CA VAL T 102 -61.13 -42.90 47.26
C VAL T 102 -62.13 -43.58 48.18
N GLY T 103 -62.01 -44.90 48.31
CA GLY T 103 -62.84 -45.67 49.23
C GLY T 103 -64.18 -46.09 48.67
N ILE T 104 -64.29 -46.11 47.35
CA ILE T 104 -65.53 -46.53 46.68
C ILE T 104 -65.95 -47.95 47.12
N SER T 105 -64.98 -48.86 47.20
CA SER T 105 -65.24 -50.26 47.54
C SER T 105 -65.89 -50.44 48.92
N SER T 106 -65.71 -49.46 49.80
CA SER T 106 -66.30 -49.48 51.13
C SER T 106 -67.82 -49.54 51.09
N LEU T 107 -68.39 -49.01 50.01
CA LEU T 107 -69.83 -48.94 49.84
C LEU T 107 -70.52 -50.28 49.52
N ILE T 108 -69.76 -51.35 49.35
CA ILE T 108 -70.40 -52.68 49.21
C ILE T 108 -70.94 -53.24 50.54
N ASN T 109 -70.58 -52.59 51.66
CA ASN T 109 -71.01 -53.00 53.01
C ASN T 109 -72.52 -52.87 53.19
N VAL T 110 -73.22 -54.01 53.18
CA VAL T 110 -74.67 -54.03 53.43
C VAL T 110 -75.04 -54.64 54.80
N HIS T 111 -74.11 -54.56 55.75
CA HIS T 111 -74.29 -55.16 57.08
C HIS T 111 -73.84 -54.22 58.21
N TYR T 112 -74.07 -52.91 58.03
CA TYR T 112 -73.92 -51.94 59.10
C TYR T 112 -74.90 -52.29 60.22
N TRP T 113 -74.44 -52.29 61.48
CA TRP T 113 -75.22 -52.89 62.57
C TRP T 113 -76.63 -52.31 62.68
N ASP T 114 -76.74 -51.00 62.46
CA ASP T 114 -78.01 -50.28 62.53
C ASP T 114 -78.59 -49.97 61.13
N MET T 115 -78.34 -50.84 60.14
CA MET T 115 -78.83 -50.60 58.78
C MET T 115 -80.27 -51.07 58.60
N LYS T 116 -81.13 -50.17 58.13
CA LYS T 116 -82.47 -50.55 57.69
C LYS T 116 -82.40 -51.63 56.62
N ARG T 117 -83.18 -52.70 56.79
CA ARG T 117 -83.23 -53.81 55.84
C ARG T 117 -84.08 -53.49 54.61
N VAL T 118 -83.74 -54.14 53.49
CA VAL T 118 -84.53 -53.98 52.28
C VAL T 118 -85.90 -54.68 52.44
N HIS T 119 -85.91 -55.75 53.23
CA HIS T 119 -87.12 -56.44 53.67
C HIS T 119 -86.75 -57.35 54.83
N ASP T 120 -87.75 -57.98 55.45
CA ASP T 120 -87.54 -58.93 56.54
C ASP T 120 -86.47 -59.97 56.22
N TYR T 121 -85.52 -60.12 57.14
CA TYR T 121 -84.41 -61.10 57.05
C TYR T 121 -83.34 -60.77 55.97
N GLY T 122 -83.55 -59.71 55.22
CA GLY T 122 -82.64 -59.33 54.14
C GLY T 122 -81.47 -58.48 54.58
N ALA T 123 -80.62 -58.13 53.60
CA ALA T 123 -79.48 -57.26 53.84
C ALA T 123 -79.92 -55.81 54.03
N GLY T 124 -79.00 -54.97 54.49
CA GLY T 124 -79.28 -53.55 54.65
C GLY T 124 -79.38 -52.85 53.31
N ILE T 125 -80.17 -51.78 53.25
CA ILE T 125 -80.21 -50.93 52.08
C ILE T 125 -78.82 -50.32 51.86
N PRO T 126 -78.20 -50.59 50.69
CA PRO T 126 -76.88 -50.00 50.48
C PRO T 126 -76.91 -48.48 50.38
N VAL T 127 -75.76 -47.86 50.65
CA VAL T 127 -75.57 -46.41 50.46
C VAL T 127 -75.96 -46.07 49.02
N SER T 128 -76.98 -45.23 48.89
CA SER T 128 -77.58 -44.93 47.60
C SER T 128 -78.40 -43.67 47.75
N GLY T 129 -78.85 -43.15 46.63
CA GLY T 129 -79.72 -41.99 46.65
C GLY T 129 -79.00 -40.80 46.08
N VAL T 130 -79.09 -39.68 46.79
CA VAL T 130 -78.52 -38.42 46.33
C VAL T 130 -76.99 -38.49 46.21
N ASN T 131 -76.49 -38.22 45.01
CA ASN T 131 -75.06 -38.00 44.78
C ASN T 131 -74.82 -36.57 44.28
N TYR T 132 -73.67 -36.03 44.65
CA TYR T 132 -73.17 -34.76 44.17
C TYR T 132 -71.65 -34.89 44.05
N HIS T 133 -71.13 -34.72 42.84
CA HIS T 133 -69.70 -34.84 42.60
C HIS T 133 -69.17 -33.67 41.82
N MET T 134 -68.12 -33.05 42.34
CA MET T 134 -67.45 -31.97 41.62
C MET T 134 -66.04 -31.83 42.12
N PHE T 135 -65.16 -31.43 41.23
CA PHE T 135 -63.82 -31.05 41.61
C PHE T 135 -63.44 -29.84 40.78
N ALA T 136 -62.48 -29.08 41.30
CA ALA T 136 -62.01 -27.90 40.60
C ALA T 136 -60.52 -27.73 40.86
N ILE T 137 -59.82 -27.26 39.83
CA ILE T 137 -58.42 -26.86 39.90
C ILE T 137 -58.30 -25.43 39.38
N GLY T 138 -57.77 -24.53 40.20
CA GLY T 138 -57.65 -23.10 39.83
C GLY T 138 -56.40 -22.42 40.37
N GLY T 139 -56.09 -21.24 39.82
CA GLY T 139 -54.92 -20.47 40.26
C GLY T 139 -55.29 -19.45 41.31
N GLU T 140 -56.52 -19.57 41.81
CA GLU T 140 -57.11 -18.69 42.81
C GLU T 140 -58.37 -19.38 43.34
N PRO T 141 -59.03 -18.78 44.35
CA PRO T 141 -60.22 -19.45 44.91
C PRO T 141 -61.38 -19.56 43.90
N LEU T 142 -62.04 -20.72 43.89
CA LEU T 142 -63.21 -20.93 43.03
C LEU T 142 -64.29 -19.89 43.37
N ASP T 143 -64.88 -19.30 42.34
CA ASP T 143 -65.94 -18.34 42.54
C ASP T 143 -67.25 -19.08 42.75
N LEU T 144 -68.06 -18.59 43.68
CA LEU T 144 -69.32 -19.23 44.03
C LEU T 144 -70.52 -18.33 43.82
N GLN T 145 -71.61 -18.96 43.42
CA GLN T 145 -72.90 -18.31 43.27
C GLN T 145 -73.85 -18.90 44.29
N GLY T 146 -74.54 -18.02 45.02
CA GLY T 146 -75.55 -18.45 45.95
C GLY T 146 -76.92 -18.66 45.33
N LEU T 147 -77.53 -19.80 45.66
CA LEU T 147 -78.92 -20.12 45.30
C LEU T 147 -79.43 -21.26 46.20
N VAL T 148 -80.62 -21.08 46.77
CA VAL T 148 -81.17 -22.05 47.72
C VAL T 148 -82.59 -22.49 47.36
N LEU T 149 -82.95 -23.69 47.81
CA LEU T 149 -84.29 -24.23 47.60
C LEU T 149 -85.36 -23.34 48.24
N ASP T 150 -85.04 -22.80 49.41
CA ASP T 150 -86.01 -22.05 50.20
C ASP T 150 -85.34 -20.85 50.84
N TYR T 151 -85.68 -19.65 50.36
CA TYR T 151 -85.03 -18.45 50.87
C TYR T 151 -85.34 -18.21 52.36
N GLN T 152 -86.40 -18.84 52.84
CA GLN T 152 -86.81 -18.71 54.24
C GLN T 152 -86.00 -19.58 55.20
N THR T 153 -85.24 -20.53 54.68
CA THR T 153 -84.35 -21.37 55.49
C THR T 153 -83.50 -20.48 56.38
N GLN T 154 -83.47 -20.82 57.67
CA GLN T 154 -82.68 -20.07 58.65
C GLN T 154 -81.40 -20.83 59.00
N TYR T 155 -80.36 -20.51 58.25
CA TYR T 155 -79.04 -21.14 58.41
C TYR T 155 -78.35 -20.68 59.71
N PRO T 156 -77.48 -21.54 60.27
CA PRO T 156 -76.73 -21.10 61.46
C PRO T 156 -75.90 -19.87 61.15
N LYS T 157 -75.72 -19.00 62.13
CA LYS T 157 -74.80 -17.86 62.03
C LYS T 157 -73.35 -18.36 61.98
N THR T 158 -72.49 -17.59 61.31
CA THR T 158 -71.08 -17.96 61.12
C THR T 158 -70.29 -18.04 62.44
N THR T 159 -70.62 -17.16 63.37
CA THR T 159 -69.98 -17.15 64.69
C THR T 159 -70.56 -18.25 65.59
N PRO T 163 -70.66 -21.88 59.36
CA PRO T 163 -70.90 -21.88 57.91
C PRO T 163 -71.18 -20.48 57.35
N ILE T 164 -70.60 -20.21 56.18
CA ILE T 164 -70.84 -18.95 55.47
C ILE T 164 -71.98 -19.17 54.45
N THR T 165 -73.05 -18.38 54.59
CA THR T 165 -74.19 -18.47 53.67
C THR T 165 -74.53 -17.11 53.04
N ILE T 166 -75.64 -17.05 52.31
CA ILE T 166 -76.00 -15.83 51.55
C ILE T 166 -76.21 -14.65 52.49
N GLU T 167 -76.95 -14.88 53.58
CA GLU T 167 -77.16 -13.85 54.61
C GLU T 167 -75.82 -13.33 55.15
N THR T 168 -74.86 -14.24 55.35
CA THR T 168 -73.51 -13.88 55.79
C THR T 168 -72.84 -12.86 54.86
N VAL T 169 -72.92 -13.10 53.55
N VAL T 169 -72.93 -13.09 53.56
CA VAL T 169 -72.26 -12.27 52.57
CA VAL T 169 -72.22 -12.24 52.59
C VAL T 169 -72.96 -10.93 52.39
C VAL T 169 -72.96 -10.96 52.21
N LEU T 170 -74.28 -10.95 52.37
CA LEU T 170 -75.09 -9.77 52.10
C LEU T 170 -75.20 -8.83 53.30
N GLY T 171 -75.10 -9.40 54.50
CA GLY T 171 -75.30 -8.67 55.75
C GLY T 171 -76.75 -8.35 56.07
N ARG T 172 -77.66 -9.09 55.41
N ARG T 172 -77.67 -9.08 55.43
CA ARG T 172 -79.12 -8.91 55.52
CA ARG T 172 -79.11 -8.95 55.67
C ARG T 172 -79.81 -10.21 55.14
C ARG T 172 -79.80 -10.23 55.19
N LYS T 173 -81.05 -10.40 55.60
CA LYS T 173 -81.85 -11.60 55.28
C LYS T 173 -81.99 -11.87 53.78
N MET T 174 -82.06 -13.15 53.41
CA MET T 174 -82.39 -13.55 52.05
C MET T 174 -83.80 -13.13 51.69
N THR T 175 -84.01 -12.80 50.42
CA THR T 175 -85.34 -12.47 49.89
C THR T 175 -85.72 -13.50 48.82
N PRO T 176 -86.99 -13.49 48.36
CA PRO T 176 -87.39 -14.50 47.36
C PRO T 176 -86.45 -14.66 46.16
N LYS T 177 -85.79 -13.58 45.75
CA LYS T 177 -84.88 -13.64 44.60
C LYS T 177 -83.73 -14.64 44.76
N ASN T 178 -83.45 -15.06 45.99
CA ASN T 178 -82.37 -16.03 46.25
C ASN T 178 -82.73 -17.49 46.00
N GLN T 179 -83.96 -17.70 45.52
CA GLN T 179 -84.36 -19.01 44.99
C GLN T 179 -84.03 -19.06 43.50
N GLY T 180 -83.75 -17.88 42.95
CA GLY T 180 -83.22 -17.72 41.60
C GLY T 180 -81.81 -17.16 41.66
N LEU T 181 -81.29 -16.68 40.53
CA LEU T 181 -79.94 -16.13 40.50
C LEU T 181 -79.91 -14.66 40.95
N ASP T 182 -79.41 -14.43 42.16
CA ASP T 182 -79.19 -13.08 42.66
C ASP T 182 -77.69 -12.79 42.52
N PRO T 183 -77.32 -11.83 41.66
CA PRO T 183 -75.90 -11.53 41.36
C PRO T 183 -75.14 -10.95 42.55
N GLN T 184 -75.87 -10.47 43.54
N GLN T 184 -75.88 -10.47 43.54
CA GLN T 184 -75.25 -9.97 44.77
CA GLN T 184 -75.30 -9.98 44.79
C GLN T 184 -74.81 -11.12 45.69
C GLN T 184 -74.78 -11.13 45.66
N ALA T 185 -75.38 -12.31 45.48
CA ALA T 185 -75.05 -13.50 46.29
C ALA T 185 -73.89 -14.28 45.70
N LYS T 186 -72.68 -13.75 45.91
CA LYS T 186 -71.47 -14.39 45.39
C LYS T 186 -70.42 -14.48 46.48
N ALA T 187 -69.59 -15.52 46.42
CA ALA T 187 -68.55 -15.75 47.41
C ALA T 187 -67.30 -16.32 46.76
N LYS T 188 -66.22 -16.33 47.52
CA LYS T 188 -65.03 -17.08 47.15
C LYS T 188 -64.86 -18.31 48.05
N LEU T 189 -64.54 -19.45 47.44
CA LEU T 189 -64.35 -20.67 48.18
C LEU T 189 -62.94 -20.66 48.79
N ASP T 190 -62.82 -20.03 49.96
CA ASP T 190 -61.53 -19.83 50.61
C ASP T 190 -61.35 -20.57 51.94
N LYS T 191 -62.39 -21.28 52.38
CA LYS T 191 -62.35 -22.03 53.64
C LYS T 191 -62.91 -23.46 53.56
N ASP T 192 -62.11 -24.42 54.05
CA ASP T 192 -62.48 -25.84 54.10
C ASP T 192 -63.68 -26.07 55.03
N GLY T 193 -64.69 -26.78 54.53
CA GLY T 193 -65.88 -27.13 55.31
C GLY T 193 -66.74 -25.98 55.80
N ASN T 194 -66.59 -24.80 55.18
CA ASN T 194 -67.32 -23.60 55.59
C ASN T 194 -68.47 -23.18 54.65
N TYR T 195 -68.44 -23.66 53.41
CA TYR T 195 -69.42 -23.25 52.38
C TYR T 195 -70.36 -24.39 52.03
N PRO T 196 -71.60 -24.36 52.56
CA PRO T 196 -72.57 -25.43 52.32
C PRO T 196 -72.87 -25.65 50.83
N ILE T 197 -72.81 -26.92 50.42
CA ILE T 197 -73.11 -27.31 49.05
C ILE T 197 -74.53 -26.87 48.62
N GLU T 198 -75.52 -27.03 49.50
CA GLU T 198 -76.92 -26.68 49.18
C GLU T 198 -77.15 -25.17 49.05
N VAL T 199 -76.14 -24.37 49.38
CA VAL T 199 -76.26 -22.92 49.29
C VAL T 199 -75.46 -22.40 48.10
N TRP T 200 -74.29 -23.00 47.86
CA TRP T 200 -73.31 -22.46 46.93
C TRP T 200 -72.97 -23.39 45.77
N CYS T 201 -72.93 -22.83 44.57
CA CYS T 201 -72.52 -23.54 43.37
C CYS T 201 -71.41 -22.73 42.66
N PRO T 202 -70.61 -23.37 41.80
CA PRO T 202 -69.60 -22.61 41.05
C PRO T 202 -70.26 -21.50 40.22
N ASP T 203 -69.63 -20.33 40.21
CA ASP T 203 -70.13 -19.19 39.46
C ASP T 203 -69.61 -19.24 38.02
N PRO T 204 -70.49 -19.60 37.05
CA PRO T 204 -70.07 -19.73 35.66
C PRO T 204 -69.73 -18.40 35.00
N SER T 205 -70.11 -17.28 35.65
CA SER T 205 -69.88 -15.95 35.11
C SER T 205 -68.49 -15.42 35.44
N LYS T 206 -67.80 -16.10 36.35
CA LYS T 206 -66.40 -15.79 36.65
C LYS T 206 -65.60 -17.08 36.42
N ASN T 207 -64.72 -17.44 37.36
CA ASN T 207 -63.91 -18.67 37.25
C ASN T 207 -63.11 -18.82 35.94
N GLU T 208 -62.62 -17.70 35.42
CA GLU T 208 -61.81 -17.72 34.19
C GLU T 208 -60.47 -18.44 34.41
N ASN T 209 -60.00 -18.37 35.65
CA ASN T 209 -58.71 -18.95 36.02
C ASN T 209 -58.86 -20.22 36.87
N SER T 210 -60.00 -20.89 36.71
CA SER T 210 -60.23 -22.23 37.24
C SER T 210 -60.87 -23.12 36.18
N ARG T 211 -60.78 -24.43 36.39
CA ARG T 211 -61.55 -25.43 35.65
C ARG T 211 -62.33 -26.28 36.63
N TYR T 212 -63.64 -26.40 36.43
CA TYR T 212 -64.50 -27.18 37.32
C TYR T 212 -65.39 -28.15 36.53
N TYR T 213 -65.70 -29.28 37.15
CA TYR T 213 -66.48 -30.36 36.53
C TYR T 213 -67.37 -30.97 37.62
N GLY T 214 -68.67 -31.02 37.37
CA GLY T 214 -69.57 -31.52 38.40
C GLY T 214 -70.85 -32.12 37.88
N SER T 215 -71.56 -32.80 38.78
CA SER T 215 -72.82 -33.45 38.45
C SER T 215 -73.64 -33.67 39.72
N ILE T 216 -74.94 -33.82 39.55
CA ILE T 216 -75.84 -34.19 40.62
C ILE T 216 -76.68 -35.37 40.18
N GLN T 217 -77.17 -36.12 41.17
CA GLN T 217 -78.08 -37.24 40.98
C GLN T 217 -79.05 -37.23 42.15
N THR T 218 -80.33 -36.96 41.88
CA THR T 218 -81.37 -36.98 42.92
C THR T 218 -82.10 -38.32 42.96
N GLY T 219 -83.20 -38.39 43.70
CA GLY T 219 -83.85 -39.66 44.01
C GLY T 219 -83.35 -40.20 45.34
N SER T 220 -84.19 -40.97 46.02
CA SER T 220 -83.90 -41.44 47.38
C SER T 220 -83.04 -42.70 47.44
N GLN T 221 -83.29 -43.66 46.55
CA GLN T 221 -82.53 -44.92 46.57
C GLN T 221 -81.83 -45.17 45.25
N THR T 222 -81.57 -44.09 44.52
CA THR T 222 -80.93 -44.14 43.20
C THR T 222 -79.55 -44.77 43.31
N PRO T 223 -79.24 -45.75 42.43
CA PRO T 223 -77.94 -46.40 42.58
C PRO T 223 -76.77 -45.41 42.54
N THR T 224 -75.82 -45.59 43.44
CA THR T 224 -74.55 -44.88 43.36
C THR T 224 -73.70 -45.70 42.39
N VAL T 225 -73.29 -45.04 41.31
CA VAL T 225 -72.57 -45.67 40.22
C VAL T 225 -71.32 -44.82 40.02
N LEU T 226 -70.17 -45.37 40.41
CA LEU T 226 -68.92 -44.61 40.30
C LEU T 226 -67.87 -45.49 39.66
N GLN T 227 -66.91 -44.84 39.00
CA GLN T 227 -65.78 -45.53 38.39
C GLN T 227 -64.49 -45.06 39.05
N PHE T 228 -63.45 -45.88 38.94
CA PHE T 228 -62.13 -45.52 39.44
C PHE T 228 -61.07 -46.19 38.57
N SER T 229 -60.06 -45.40 38.19
CA SER T 229 -58.99 -45.88 37.32
C SER T 229 -57.82 -44.93 37.39
N ASN T 230 -56.61 -45.48 37.52
CA ASN T 230 -55.39 -44.67 37.50
C ASN T 230 -54.90 -44.31 36.09
N THR T 231 -55.76 -44.53 35.09
CA THR T 231 -55.44 -44.21 33.69
C THR T 231 -56.23 -43.01 33.16
N LEU T 232 -57.06 -42.41 34.01
CA LEU T 232 -57.89 -41.27 33.60
C LEU T 232 -57.25 -39.92 33.91
N THR T 233 -56.92 -39.19 32.86
CA THR T 233 -56.37 -37.82 32.96
C THR T 233 -57.35 -36.77 32.45
N THR T 234 -57.53 -35.69 33.22
CA THR T 234 -58.26 -34.51 32.78
C THR T 234 -57.29 -33.41 32.36
N VAL T 235 -57.34 -33.03 31.08
CA VAL T 235 -56.55 -31.92 30.56
C VAL T 235 -57.18 -30.59 31.01
N LEU T 236 -56.36 -29.69 31.53
CA LEU T 236 -56.83 -28.44 32.12
C LEU T 236 -56.65 -27.22 31.22
N LEU T 237 -56.01 -27.43 30.08
CA LEU T 237 -55.80 -26.36 29.10
C LEU T 237 -57.13 -25.86 28.54
N ASP T 238 -57.28 -24.54 28.44
CA ASP T 238 -58.45 -23.95 27.78
C ASP T 238 -58.30 -23.98 26.26
N GLU T 239 -59.28 -23.43 25.54
CA GLU T 239 -59.25 -23.39 24.06
C GLU T 239 -57.93 -22.84 23.47
N ASN T 240 -57.33 -21.86 24.13
CA ASN T 240 -56.04 -21.28 23.71
C ASN T 240 -54.80 -22.09 24.11
N GLY T 241 -55.01 -23.21 24.80
CA GLY T 241 -53.90 -24.03 25.26
C GLY T 241 -53.26 -23.49 26.54
N VAL T 242 -54.07 -22.80 27.34
CA VAL T 242 -53.60 -22.18 28.57
C VAL T 242 -54.32 -22.79 29.77
N GLY T 243 -53.53 -23.17 30.77
CA GLY T 243 -54.10 -23.69 32.01
C GLY T 243 -54.29 -22.62 33.06
N PRO T 244 -54.92 -22.98 34.18
CA PRO T 244 -54.99 -22.02 35.29
C PRO T 244 -53.58 -21.56 35.65
N LEU T 245 -53.43 -20.27 35.92
CA LEU T 245 -52.14 -19.70 36.29
C LEU T 245 -52.13 -19.35 37.76
N CYS T 246 -51.10 -19.80 38.47
CA CYS T 246 -51.10 -19.72 39.93
C CYS T 246 -50.59 -18.38 40.46
N LYS T 247 -51.54 -17.50 40.77
CA LYS T 247 -51.27 -16.18 41.34
C LYS T 247 -50.75 -16.36 42.76
N GLY T 248 -49.57 -15.79 43.01
CA GLY T 248 -48.92 -15.91 44.31
C GLY T 248 -48.41 -17.31 44.62
N ASP T 249 -48.11 -18.08 43.57
CA ASP T 249 -47.60 -19.45 43.71
C ASP T 249 -48.49 -20.33 44.59
N GLY T 250 -49.80 -20.16 44.41
CA GLY T 250 -50.78 -20.94 45.17
C GLY T 250 -51.70 -21.67 44.21
N LEU T 251 -51.83 -22.98 44.42
CA LEU T 251 -52.75 -23.78 43.66
C LEU T 251 -53.97 -24.11 44.52
N PHE T 252 -55.15 -23.78 44.01
CA PHE T 252 -56.40 -24.05 44.71
C PHE T 252 -57.09 -25.31 44.20
N ILE T 253 -57.47 -26.15 45.15
CA ILE T 253 -58.10 -27.41 44.79
C ILE T 253 -59.36 -27.60 45.61
N SER T 254 -60.47 -27.86 44.92
CA SER T 254 -61.76 -27.91 45.58
C SER T 254 -62.54 -29.14 45.13
N CYS T 255 -63.40 -29.66 46.01
CA CYS T 255 -64.26 -30.79 45.64
C CYS T 255 -65.41 -31.04 46.61
N ALA T 256 -66.30 -31.93 46.21
CA ALA T 256 -67.38 -32.46 47.04
C ALA T 256 -67.78 -33.78 46.41
N ASP T 257 -68.05 -34.76 47.25
CA ASP T 257 -68.45 -36.08 46.77
C ASP T 257 -69.40 -36.74 47.75
N ILE T 258 -70.68 -36.42 47.61
CA ILE T 258 -71.76 -37.05 48.36
C ILE T 258 -72.10 -38.36 47.65
N VAL T 259 -72.07 -39.48 48.36
CA VAL T 259 -72.23 -40.80 47.70
C VAL T 259 -73.55 -41.52 48.02
N GLY T 260 -74.43 -40.83 48.74
CA GLY T 260 -75.72 -41.42 49.08
C GLY T 260 -76.04 -41.33 50.55
N PHE T 261 -77.20 -41.88 50.91
CA PHE T 261 -77.64 -41.93 52.29
C PHE T 261 -77.22 -43.22 52.95
N LEU T 262 -76.93 -43.15 54.25
CA LEU T 262 -76.95 -44.32 55.10
C LEU T 262 -78.39 -44.48 55.65
N PHE T 263 -79.00 -45.63 55.39
CA PHE T 263 -80.35 -45.89 55.88
C PHE T 263 -80.29 -46.62 57.23
N LYS T 264 -80.80 -45.97 58.27
CA LYS T 264 -80.80 -46.56 59.62
C LYS T 264 -82.12 -47.29 59.94
N THR T 265 -82.04 -48.26 60.84
CA THR T 265 -83.19 -49.06 61.29
C THR T 265 -84.44 -48.23 61.56
N SER T 266 -84.29 -47.16 62.34
CA SER T 266 -85.42 -46.31 62.75
C SER T 266 -86.18 -45.70 61.59
N GLY T 267 -85.55 -45.68 60.41
CA GLY T 267 -86.08 -44.95 59.27
C GLY T 267 -85.28 -43.69 59.02
N LYS T 268 -84.41 -43.34 59.95
CA LYS T 268 -83.62 -42.13 59.85
C LYS T 268 -82.51 -42.23 58.83
N MET T 269 -82.13 -41.09 58.25
CA MET T 269 -81.20 -41.08 57.12
C MET T 269 -80.16 -39.98 57.25
N ALA T 270 -78.92 -40.36 56.95
CA ALA T 270 -77.82 -39.42 56.89
C ALA T 270 -77.09 -39.52 55.55
N LEU T 271 -76.58 -38.41 55.07
CA LEU T 271 -75.73 -38.41 53.88
C LEU T 271 -74.29 -38.79 54.21
N HIS T 272 -73.59 -39.34 53.22
CA HIS T 272 -72.24 -39.84 53.39
C HIS T 272 -71.39 -39.34 52.23
N GLY T 273 -70.12 -39.08 52.51
CA GLY T 273 -69.21 -38.57 51.47
C GLY T 273 -67.95 -39.40 51.47
N LEU T 274 -67.16 -39.27 50.40
CA LEU T 274 -65.91 -39.98 50.26
C LEU T 274 -64.79 -39.00 49.94
N PRO T 275 -63.52 -39.37 50.25
CA PRO T 275 -62.37 -38.49 50.00
C PRO T 275 -61.99 -38.46 48.52
N ARG T 276 -61.25 -37.42 48.14
CA ARG T 276 -60.77 -37.32 46.77
C ARG T 276 -59.27 -37.08 46.70
N TYR T 277 -58.62 -37.86 45.83
CA TYR T 277 -57.19 -37.72 45.56
C TYR T 277 -56.94 -36.92 44.28
N PHE T 278 -55.83 -36.21 44.24
CA PHE T 278 -55.42 -35.37 43.12
C PHE T 278 -53.93 -35.53 42.85
N ASN T 279 -53.58 -35.69 41.58
CA ASN T 279 -52.21 -35.52 41.12
C ASN T 279 -52.22 -34.51 39.97
N VAL T 280 -51.76 -33.30 40.26
CA VAL T 280 -51.80 -32.19 39.33
C VAL T 280 -50.43 -31.98 38.69
N THR T 281 -50.37 -31.96 37.36
CA THR T 281 -49.15 -31.62 36.65
C THR T 281 -49.13 -30.13 36.34
N LEU T 282 -48.03 -29.48 36.71
CA LEU T 282 -47.86 -28.07 36.44
C LEU T 282 -46.59 -27.78 35.65
N ARG T 283 -46.61 -26.68 34.90
CA ARG T 283 -45.42 -26.25 34.16
C ARG T 283 -45.17 -24.76 34.38
N LYS T 284 -43.93 -24.35 34.17
CA LYS T 284 -43.58 -22.94 34.27
C LYS T 284 -43.96 -22.21 32.98
N ARG T 285 -44.61 -21.06 33.14
CA ARG T 285 -45.09 -20.25 32.04
C ARG T 285 -44.67 -18.80 32.25
N TRP T 286 -44.13 -18.18 31.19
CA TRP T 286 -43.80 -16.75 31.20
C TRP T 286 -45.08 -15.94 31.05
N VAL T 287 -45.22 -14.90 31.87
CA VAL T 287 -46.37 -14.00 31.81
C VAL T 287 -45.93 -12.53 31.93
N LYS T 288 -46.75 -11.63 31.39
CA LYS T 288 -46.44 -10.20 31.44
C LYS T 288 -47.19 -9.48 32.56
#